data_2L5X
#
_entry.id   2L5X
#
loop_
_entity.id
_entity.type
_entity.pdbx_description
1 polymer 'Interleukin-1 alpha'
2 polymer 'Protein S100-A13'
#
loop_
_entity_poly.entity_id
_entity_poly.type
_entity_poly.pdbx_seq_one_letter_code
_entity_poly.pdbx_strand_id
1 'polypeptide(L)'
;NVKYNFMRIIKYEFILNDALNQSIIRANDQYLTAAALHNLDEAVKFDMGAYKSSKDDAKITVILRISKTQLYVTAQDEDQ
PVLLKEMPEIPKTITGSETNLLFFWETHGTKNYFTSVAHPNLFIATKQDYWVCLAGGPPSITDFQILENQA
;
A,D
2 'polypeptide(L)'
;MAAEPLTELEESIETVVTTFFTFARQEGRKDSLSVNEFKELVTQQLPHLLKDVGSLDEKMKSLDVNQDSELKFNEYWRLI
GELAKEIRKKKDLKIRKK
;
B,C
#
# COMPACT_ATOMS: atom_id res chain seq x y z
N ASN A 1 10.87 -1.32 32.72
CA ASN A 1 9.95 -2.22 31.98
C ASN A 1 10.17 -3.64 32.48
N VAL A 2 9.51 -4.62 31.87
CA VAL A 2 9.74 -6.00 32.24
C VAL A 2 10.78 -6.58 31.30
N LYS A 3 11.87 -7.04 31.87
CA LYS A 3 12.92 -7.65 31.10
C LYS A 3 12.87 -9.16 31.23
N TYR A 4 13.24 -9.84 30.17
CA TYR A 4 13.39 -11.28 30.24
C TYR A 4 14.87 -11.53 30.37
N ASN A 5 15.28 -12.01 31.52
CA ASN A 5 16.68 -11.99 31.89
C ASN A 5 17.30 -13.34 31.63
N PHE A 6 18.51 -13.32 31.11
CA PHE A 6 19.17 -14.55 30.71
C PHE A 6 19.38 -15.45 31.91
N MET A 7 18.98 -16.69 31.73
CA MET A 7 18.91 -17.67 32.79
C MET A 7 20.21 -18.47 32.87
N ARG A 8 20.53 -19.25 31.84
CA ARG A 8 21.77 -20.02 31.88
C ARG A 8 22.22 -20.46 30.50
N ILE A 9 23.54 -20.53 30.35
CA ILE A 9 24.19 -21.00 29.14
C ILE A 9 24.26 -22.53 29.13
N ILE A 10 23.63 -23.13 28.15
CA ILE A 10 23.62 -24.56 27.99
C ILE A 10 24.84 -24.95 27.16
N LYS A 11 24.62 -25.69 26.11
CA LYS A 11 25.70 -26.27 25.34
C LYS A 11 25.86 -25.48 24.06
N TYR A 12 27.01 -25.60 23.42
CA TYR A 12 27.33 -24.72 22.33
C TYR A 12 28.11 -25.43 21.24
N GLU A 13 27.96 -24.89 20.03
CA GLU A 13 28.57 -25.43 18.81
C GLU A 13 28.28 -26.92 18.62
N PHE A 14 27.14 -27.35 19.14
CA PHE A 14 26.66 -28.70 18.92
C PHE A 14 25.53 -28.69 17.89
N ILE A 15 25.47 -29.72 17.06
CA ILE A 15 24.51 -29.73 15.98
C ILE A 15 23.39 -30.74 16.22
N LEU A 16 22.18 -30.33 15.88
CA LEU A 16 21.00 -31.16 16.02
C LEU A 16 20.60 -31.73 14.66
N ASN A 17 20.29 -33.02 14.68
CA ASN A 17 19.81 -33.74 13.52
C ASN A 17 18.49 -34.40 13.89
N ASP A 18 17.59 -34.50 12.94
CA ASP A 18 16.22 -34.92 13.22
C ASP A 18 16.06 -36.41 13.02
N ALA A 19 14.86 -36.92 13.13
CA ALA A 19 14.60 -38.35 12.94
C ALA A 19 14.91 -38.79 11.50
N LEU A 20 15.01 -37.83 10.58
CA LEU A 20 15.42 -38.12 9.20
C LEU A 20 16.92 -38.31 9.20
N ASN A 21 17.50 -37.82 10.28
CA ASN A 21 18.93 -37.80 10.51
C ASN A 21 19.61 -36.99 9.43
N GLN A 22 19.48 -35.68 9.56
CA GLN A 22 20.09 -34.76 8.64
C GLN A 22 20.69 -33.60 9.40
N SER A 23 21.95 -33.36 9.19
CA SER A 23 22.63 -32.27 9.84
C SER A 23 22.14 -30.96 9.31
N ILE A 24 21.83 -30.04 10.19
CA ILE A 24 21.35 -28.74 9.76
C ILE A 24 22.49 -27.96 9.12
N ILE A 25 22.58 -28.02 7.80
CA ILE A 25 23.75 -27.54 7.09
C ILE A 25 23.52 -26.12 6.58
N ARG A 26 24.60 -25.34 6.55
CA ARG A 26 24.53 -23.95 6.16
C ARG A 26 24.59 -23.82 4.64
N ALA A 27 23.47 -23.43 4.05
CA ALA A 27 23.43 -23.19 2.61
C ALA A 27 23.64 -21.71 2.34
N ASN A 28 23.04 -20.89 3.20
CA ASN A 28 23.16 -19.44 3.09
C ASN A 28 22.97 -18.80 4.47
N ASP A 29 23.17 -17.48 4.55
CA ASP A 29 23.01 -16.76 5.82
C ASP A 29 21.55 -16.34 6.04
N GLN A 30 20.65 -17.03 5.35
CA GLN A 30 19.21 -16.75 5.46
C GLN A 30 18.42 -18.04 5.25
N TYR A 31 18.96 -18.92 4.41
CA TYR A 31 18.33 -20.21 4.11
C TYR A 31 19.23 -21.38 4.53
N LEU A 32 18.63 -22.37 5.17
CA LEU A 32 19.35 -23.54 5.63
C LEU A 32 18.60 -24.82 5.26
N THR A 33 19.33 -25.79 4.74
CA THR A 33 18.77 -27.07 4.33
C THR A 33 19.40 -28.19 5.15
N ALA A 34 18.61 -29.19 5.49
CA ALA A 34 19.11 -30.28 6.28
C ALA A 34 19.67 -31.38 5.38
N ALA A 35 20.91 -31.74 5.64
CA ALA A 35 21.59 -32.78 4.91
C ALA A 35 22.66 -33.38 5.80
N ALA A 36 22.85 -34.68 5.74
CA ALA A 36 23.85 -35.33 6.58
C ALA A 36 25.23 -34.74 6.29
N LEU A 37 25.95 -34.32 7.33
CA LEU A 37 27.20 -33.64 7.15
C LEU A 37 28.24 -34.57 6.54
N HIS A 38 29.14 -33.96 5.79
CA HIS A 38 30.19 -34.69 5.12
C HIS A 38 31.47 -33.89 5.16
N ASN A 39 31.36 -32.61 5.45
CA ASN A 39 32.53 -31.80 5.76
C ASN A 39 32.61 -31.53 7.27
N LEU A 40 31.58 -32.01 7.99
CA LEU A 40 31.49 -31.90 9.46
C LEU A 40 31.42 -30.46 9.93
N ASP A 41 32.49 -29.70 9.77
CA ASP A 41 32.42 -28.27 10.00
C ASP A 41 31.81 -27.68 8.75
N GLU A 42 30.52 -27.92 8.65
CA GLU A 42 29.74 -27.62 7.46
C GLU A 42 28.34 -27.21 7.85
N ALA A 43 27.86 -27.80 8.92
CA ALA A 43 26.59 -27.45 9.51
C ALA A 43 26.79 -26.26 10.44
N VAL A 44 25.72 -25.53 10.71
CA VAL A 44 25.79 -24.36 11.54
C VAL A 44 25.83 -24.79 12.99
N LYS A 45 26.78 -24.27 13.73
CA LYS A 45 26.93 -24.71 15.09
C LYS A 45 26.18 -23.78 15.98
N PHE A 46 25.19 -24.34 16.64
CA PHE A 46 24.33 -23.56 17.47
C PHE A 46 24.70 -23.69 18.93
N ASP A 47 24.24 -22.72 19.67
CA ASP A 47 24.46 -22.61 21.11
C ASP A 47 23.19 -22.08 21.73
N MET A 48 22.88 -22.62 22.88
CA MET A 48 21.63 -22.31 23.53
C MET A 48 21.86 -21.36 24.68
N GLY A 49 21.06 -20.31 24.71
CA GLY A 49 21.10 -19.35 25.78
C GLY A 49 19.71 -19.06 26.28
N ALA A 50 19.44 -19.40 27.52
CA ALA A 50 18.08 -19.36 28.02
C ALA A 50 17.76 -17.98 28.52
N TYR A 51 16.50 -17.61 28.41
CA TYR A 51 16.03 -16.34 28.92
C TYR A 51 14.86 -16.66 29.82
N LYS A 52 14.47 -15.76 30.70
CA LYS A 52 13.42 -16.10 31.61
C LYS A 52 12.38 -15.01 31.74
N SER A 53 11.16 -15.41 31.41
CA SER A 53 9.96 -14.69 31.76
C SER A 53 8.94 -15.77 32.09
N SER A 54 7.88 -15.45 32.82
CA SER A 54 6.90 -16.48 33.11
C SER A 54 5.84 -16.50 32.02
N LYS A 55 6.31 -16.47 30.78
CA LYS A 55 5.43 -16.59 29.64
C LYS A 55 5.85 -17.74 28.72
N ASP A 56 6.41 -18.81 29.28
CA ASP A 56 6.75 -19.95 28.45
C ASP A 56 5.51 -20.79 28.23
N ASP A 57 5.60 -22.09 28.51
CA ASP A 57 4.44 -22.89 28.82
C ASP A 57 4.67 -23.65 30.13
N ALA A 58 5.40 -24.76 30.01
CA ALA A 58 5.85 -25.55 31.15
C ALA A 58 7.35 -25.87 31.03
N LYS A 59 8.05 -25.11 30.21
CA LYS A 59 9.43 -25.42 29.80
C LYS A 59 10.20 -24.14 29.57
N ILE A 60 11.49 -24.20 29.83
CA ILE A 60 12.31 -23.00 29.86
C ILE A 60 12.93 -22.81 28.49
N THR A 61 13.13 -21.56 28.12
CA THR A 61 13.31 -21.21 26.74
C THR A 61 14.69 -20.63 26.49
N VAL A 62 15.30 -21.04 25.38
CA VAL A 62 16.65 -20.62 25.04
C VAL A 62 16.68 -20.09 23.60
N ILE A 63 17.75 -19.37 23.24
CA ILE A 63 17.88 -18.82 21.92
C ILE A 63 18.93 -19.59 21.17
N LEU A 64 18.66 -19.93 19.93
CA LEU A 64 19.59 -20.71 19.13
C LEU A 64 20.35 -19.82 18.16
N ARG A 65 21.65 -19.78 18.38
CA ARG A 65 22.55 -18.88 17.67
C ARG A 65 23.80 -19.63 17.24
N ILE A 66 24.44 -19.19 16.17
CA ILE A 66 25.65 -19.81 15.73
C ILE A 66 26.80 -19.26 16.58
N SER A 67 27.58 -20.16 17.17
CA SER A 67 28.57 -19.79 18.19
C SER A 67 29.45 -18.61 17.79
N LYS A 68 29.64 -18.37 16.51
CA LYS A 68 30.52 -17.30 16.05
C LYS A 68 29.77 -15.99 15.88
N THR A 69 28.70 -16.01 15.09
CA THR A 69 27.91 -14.80 14.86
C THR A 69 26.52 -14.96 15.45
N GLN A 70 25.74 -13.92 15.53
CA GLN A 70 24.47 -14.09 16.19
C GLN A 70 23.39 -14.24 15.15
N LEU A 71 23.36 -15.45 14.59
CA LEU A 71 22.36 -15.85 13.60
C LEU A 71 21.30 -16.70 14.30
N TYR A 72 20.12 -16.13 14.51
CA TYR A 72 19.08 -16.86 15.20
C TYR A 72 18.08 -17.37 14.20
N VAL A 73 17.53 -18.54 14.43
CA VAL A 73 16.41 -18.95 13.60
C VAL A 73 15.14 -18.42 14.23
N THR A 74 14.42 -17.62 13.44
CA THR A 74 13.18 -17.03 13.90
C THR A 74 11.97 -17.80 13.37
N ALA A 75 10.92 -17.85 14.18
CA ALA A 75 9.70 -18.53 13.79
C ALA A 75 8.81 -17.59 12.98
N GLN A 76 8.64 -17.92 11.70
CA GLN A 76 7.84 -17.10 10.80
C GLN A 76 6.33 -17.35 10.99
N ASP A 77 5.77 -18.22 10.16
CA ASP A 77 4.34 -18.55 10.24
C ASP A 77 4.02 -19.75 9.35
N GLU A 78 3.38 -20.76 9.95
CA GLU A 78 3.02 -21.98 9.22
C GLU A 78 4.25 -22.64 8.64
N ASP A 79 4.18 -23.03 7.36
CA ASP A 79 5.27 -23.69 6.67
C ASP A 79 6.08 -22.71 5.81
N GLN A 80 6.75 -21.77 6.47
CA GLN A 80 7.57 -20.78 5.76
C GLN A 80 9.00 -20.87 6.29
N PRO A 81 9.98 -21.13 5.40
CA PRO A 81 11.39 -21.28 5.76
C PRO A 81 11.92 -20.19 6.67
N VAL A 82 12.52 -20.65 7.75
CA VAL A 82 13.12 -19.80 8.77
C VAL A 82 14.14 -18.84 8.19
N LEU A 83 14.05 -17.58 8.59
CA LEU A 83 14.96 -16.56 8.13
C LEU A 83 16.06 -16.34 9.16
N LEU A 84 17.28 -16.62 8.76
CA LEU A 84 18.43 -16.47 9.64
C LEU A 84 18.81 -14.99 9.78
N LYS A 85 18.53 -14.43 10.95
CA LYS A 85 18.83 -13.02 11.21
C LYS A 85 20.20 -12.86 11.87
N GLU A 86 20.95 -11.85 11.43
CA GLU A 86 22.28 -11.60 11.98
C GLU A 86 22.34 -10.23 12.66
N MET A 87 22.58 -10.24 13.96
CA MET A 87 22.68 -9.00 14.74
C MET A 87 23.89 -9.05 15.67
N PRO A 88 24.84 -8.10 15.51
CA PRO A 88 26.04 -8.03 16.34
C PRO A 88 25.74 -8.05 17.84
N GLU A 89 26.40 -8.97 18.53
CA GLU A 89 26.34 -9.11 19.99
C GLU A 89 24.97 -9.61 20.49
N ILE A 90 25.03 -10.58 21.41
CA ILE A 90 23.84 -11.17 22.03
C ILE A 90 23.21 -10.24 23.05
N PRO A 91 21.90 -10.00 22.94
CA PRO A 91 21.14 -9.21 23.91
C PRO A 91 21.10 -9.90 25.27
N LYS A 92 21.13 -9.10 26.33
CA LYS A 92 21.08 -9.62 27.70
C LYS A 92 19.67 -9.47 28.24
N THR A 93 18.94 -8.54 27.65
CA THR A 93 17.59 -8.23 28.04
C THR A 93 16.69 -8.25 26.81
N ILE A 94 15.71 -9.12 26.85
CA ILE A 94 14.92 -9.45 25.68
C ILE A 94 13.61 -8.67 25.69
N THR A 95 13.31 -8.02 24.57
CA THR A 95 12.08 -7.24 24.42
C THR A 95 11.02 -8.01 23.62
N GLY A 96 9.98 -7.30 23.19
CA GLY A 96 8.93 -7.93 22.41
C GLY A 96 9.15 -7.75 20.91
N SER A 97 10.19 -8.37 20.40
CA SER A 97 10.53 -8.29 18.98
C SER A 97 11.34 -9.51 18.57
N GLU A 98 12.00 -10.11 19.55
CA GLU A 98 12.82 -11.29 19.31
C GLU A 98 12.10 -12.56 19.77
N THR A 99 10.77 -12.46 19.88
CA THR A 99 9.93 -13.58 20.33
C THR A 99 9.89 -14.73 19.32
N ASN A 100 10.47 -14.51 18.14
CA ASN A 100 10.48 -15.53 17.09
C ASN A 100 11.66 -16.47 17.25
N LEU A 101 12.81 -15.91 17.64
CA LEU A 101 14.02 -16.70 17.82
C LEU A 101 14.06 -17.36 19.20
N LEU A 102 12.91 -17.39 19.87
CA LEU A 102 12.81 -18.01 21.20
C LEU A 102 12.26 -19.41 21.05
N PHE A 103 12.72 -20.36 21.87
CA PHE A 103 12.33 -21.75 21.63
C PHE A 103 12.04 -22.52 22.89
N PHE A 104 10.82 -23.01 22.93
CA PHE A 104 10.32 -23.83 24.01
C PHE A 104 10.71 -25.26 23.75
N TRP A 105 11.75 -25.73 24.43
CA TRP A 105 12.27 -27.05 24.14
C TRP A 105 11.71 -28.11 25.09
N GLU A 106 10.95 -29.04 24.53
CA GLU A 106 10.39 -30.14 25.28
C GLU A 106 11.20 -31.41 24.99
N THR A 107 11.97 -31.86 25.97
CA THR A 107 12.85 -33.00 25.78
C THR A 107 12.23 -34.28 26.35
N HIS A 108 12.22 -35.32 25.53
CA HIS A 108 11.70 -36.63 25.95
C HIS A 108 12.77 -37.69 25.79
N GLY A 109 13.47 -38.00 26.88
CA GLY A 109 14.53 -39.00 26.83
C GLY A 109 15.67 -38.60 25.93
N THR A 110 15.64 -39.10 24.71
CA THR A 110 16.68 -38.81 23.72
C THR A 110 16.19 -37.78 22.71
N LYS A 111 14.93 -37.93 22.29
CA LYS A 111 14.35 -37.03 21.32
C LYS A 111 13.89 -35.75 22.00
N ASN A 112 13.72 -34.72 21.21
CA ASN A 112 13.33 -33.42 21.73
C ASN A 112 12.59 -32.62 20.69
N TYR A 113 11.69 -31.77 21.15
CA TYR A 113 10.92 -30.91 20.26
C TYR A 113 11.36 -29.47 20.40
N PHE A 114 11.06 -28.67 19.40
CA PHE A 114 11.32 -27.23 19.44
C PHE A 114 10.05 -26.47 19.10
N THR A 115 9.41 -25.98 20.15
CA THR A 115 8.14 -25.27 20.04
C THR A 115 8.37 -23.76 19.93
N SER A 116 7.65 -23.12 19.03
CA SER A 116 7.74 -21.67 18.88
C SER A 116 7.05 -20.95 20.03
N VAL A 117 7.76 -20.03 20.67
CA VAL A 117 7.20 -19.22 21.74
C VAL A 117 6.34 -18.10 21.16
N ALA A 118 6.58 -17.74 19.90
CA ALA A 118 5.81 -16.70 19.22
C ALA A 118 4.40 -17.20 18.91
N HIS A 119 4.33 -18.19 18.02
CA HIS A 119 3.05 -18.80 17.66
C HIS A 119 3.08 -20.26 18.08
N PRO A 120 2.19 -20.64 19.01
CA PRO A 120 2.13 -21.99 19.61
C PRO A 120 2.09 -23.13 18.59
N ASN A 121 1.27 -22.97 17.56
CA ASN A 121 1.03 -24.06 16.59
C ASN A 121 2.25 -24.32 15.71
N LEU A 122 3.32 -23.57 15.91
CA LEU A 122 4.51 -23.71 15.11
C LEU A 122 5.50 -24.65 15.79
N PHE A 123 6.08 -25.50 14.97
CA PHE A 123 7.04 -26.50 15.40
C PHE A 123 8.07 -26.65 14.30
N ILE A 124 9.32 -26.91 14.64
CA ILE A 124 10.38 -26.91 13.64
C ILE A 124 10.46 -28.28 12.95
N ALA A 125 9.94 -28.33 11.72
CA ALA A 125 9.82 -29.57 10.96
C ALA A 125 11.01 -29.80 10.06
N THR A 126 11.24 -31.05 9.71
CA THR A 126 12.38 -31.40 8.90
C THR A 126 11.94 -32.06 7.59
N LYS A 127 12.49 -31.54 6.51
CA LYS A 127 12.16 -31.97 5.16
C LYS A 127 13.31 -32.81 4.59
N GLN A 128 12.99 -33.71 3.67
CA GLN A 128 13.99 -34.55 3.02
C GLN A 128 14.79 -33.79 1.96
N ASP A 129 14.15 -32.81 1.32
CA ASP A 129 14.78 -32.11 0.20
C ASP A 129 14.81 -30.60 0.40
N TYR A 130 13.82 -30.09 1.13
CA TYR A 130 13.69 -28.65 1.35
C TYR A 130 14.39 -28.16 2.61
N TRP A 131 14.24 -26.86 2.84
CA TRP A 131 14.83 -26.17 3.98
C TRP A 131 14.14 -26.58 5.29
N VAL A 132 14.92 -26.63 6.38
CA VAL A 132 14.35 -26.94 7.68
C VAL A 132 13.49 -25.78 8.13
N CYS A 133 12.19 -25.95 8.04
CA CYS A 133 11.26 -24.87 8.33
C CYS A 133 10.57 -25.06 9.68
N LEU A 134 9.39 -24.50 9.79
CA LEU A 134 8.54 -24.67 10.94
C LEU A 134 7.22 -25.05 10.35
N ALA A 135 6.30 -25.58 11.12
CA ALA A 135 5.11 -26.13 10.53
C ALA A 135 4.05 -26.41 11.55
N GLY A 136 2.89 -26.70 11.04
CA GLY A 136 1.99 -27.51 11.75
C GLY A 136 2.22 -28.85 11.14
N GLY A 137 2.27 -29.84 11.95
CA GLY A 137 2.82 -31.09 11.48
C GLY A 137 1.82 -32.19 11.12
N PRO A 138 1.55 -32.35 9.81
CA PRO A 138 1.15 -33.60 9.22
C PRO A 138 2.33 -34.21 8.44
N PRO A 139 2.42 -35.55 8.38
CA PRO A 139 3.61 -36.39 8.10
C PRO A 139 5.01 -35.74 7.84
N SER A 140 5.20 -34.45 8.11
CA SER A 140 6.52 -33.86 8.18
C SER A 140 7.16 -34.29 9.50
N ILE A 141 8.45 -34.56 9.49
CA ILE A 141 9.10 -35.01 10.71
C ILE A 141 9.48 -33.82 11.57
N THR A 142 8.60 -33.43 12.45
CA THR A 142 8.90 -32.35 13.36
C THR A 142 9.52 -32.93 14.64
N ASP A 143 10.32 -33.98 14.44
CA ASP A 143 11.14 -34.59 15.48
C ASP A 143 12.54 -34.03 15.44
N PHE A 144 13.21 -34.00 16.56
CA PHE A 144 14.64 -33.77 16.57
C PHE A 144 15.34 -34.66 17.57
N GLN A 145 16.66 -34.66 17.46
CA GLN A 145 17.55 -35.45 18.27
C GLN A 145 18.90 -34.77 18.23
N ILE A 146 19.60 -34.66 19.33
CA ILE A 146 20.86 -33.93 19.29
C ILE A 146 22.02 -34.90 19.13
N LEU A 147 22.64 -34.86 17.95
CA LEU A 147 23.83 -35.64 17.70
C LEU A 147 25.05 -34.76 17.46
N GLU A 148 26.07 -34.95 18.26
CA GLU A 148 27.28 -34.17 18.13
C GLU A 148 28.23 -34.84 17.11
N ASN A 149 29.08 -34.04 16.50
CA ASN A 149 30.12 -34.55 15.63
C ASN A 149 31.38 -34.85 16.45
N GLN A 150 32.34 -35.51 15.84
CA GLN A 150 33.56 -35.90 16.55
C GLN A 150 34.45 -34.68 16.77
N ALA A 151 34.76 -34.00 15.68
CA ALA A 151 35.60 -32.81 15.71
C ALA A 151 35.49 -32.05 14.40
N MET B 1 18.60 -14.94 -4.18
CA MET B 1 17.96 -14.46 -2.93
C MET B 1 18.02 -12.94 -2.84
N ALA B 2 18.28 -12.30 -3.98
CA ALA B 2 18.38 -10.84 -4.03
C ALA B 2 17.62 -10.26 -5.21
N ALA B 3 16.60 -9.47 -4.91
CA ALA B 3 15.87 -8.71 -5.90
C ALA B 3 16.76 -7.68 -6.58
N GLU B 4 17.26 -8.00 -7.76
CA GLU B 4 18.01 -7.04 -8.56
C GLU B 4 17.03 -6.04 -9.17
N PRO B 5 17.50 -4.90 -9.72
CA PRO B 5 16.63 -3.82 -10.21
C PRO B 5 15.41 -4.33 -10.97
N LEU B 6 14.28 -3.65 -10.82
CA LEU B 6 13.03 -4.17 -11.29
C LEU B 6 12.34 -3.28 -12.32
N THR B 7 11.22 -3.79 -12.82
CA THR B 7 10.31 -3.07 -13.71
C THR B 7 9.70 -1.86 -12.96
N GLU B 8 8.84 -1.06 -13.60
CA GLU B 8 8.51 0.25 -13.06
C GLU B 8 7.58 0.19 -11.83
N LEU B 9 6.47 -0.53 -11.92
CA LEU B 9 5.60 -0.61 -10.76
C LEU B 9 6.31 -1.34 -9.63
N GLU B 10 7.25 -2.17 -10.02
CA GLU B 10 8.11 -2.84 -9.05
C GLU B 10 9.06 -1.84 -8.46
N GLU B 11 9.59 -0.96 -9.31
CA GLU B 11 10.52 0.06 -8.87
C GLU B 11 9.86 0.83 -7.77
N SER B 12 8.57 1.06 -7.94
CA SER B 12 7.83 1.81 -6.94
C SER B 12 7.55 0.99 -5.68
N ILE B 13 7.19 -0.29 -5.81
CA ILE B 13 6.91 -1.11 -4.61
C ILE B 13 8.16 -1.70 -3.94
N GLU B 14 9.17 -2.07 -4.73
CA GLU B 14 10.47 -2.52 -4.19
C GLU B 14 11.07 -1.43 -3.31
N THR B 15 11.04 -0.22 -3.82
CA THR B 15 11.49 0.95 -3.09
C THR B 15 10.85 1.04 -1.69
N VAL B 16 9.60 0.63 -1.59
CA VAL B 16 8.90 0.62 -0.31
C VAL B 16 9.53 -0.41 0.62
N VAL B 17 10.01 -1.50 0.03
CA VAL B 17 10.56 -2.61 0.79
C VAL B 17 11.88 -2.24 1.42
N THR B 18 12.78 -1.71 0.61
CA THR B 18 14.15 -1.50 1.00
C THR B 18 14.26 -0.60 2.22
N THR B 19 13.51 0.49 2.21
CA THR B 19 13.51 1.42 3.32
C THR B 19 13.01 0.70 4.58
N PHE B 20 11.83 0.15 4.42
CA PHE B 20 11.16 -0.71 5.39
C PHE B 20 12.14 -1.74 6.01
N PHE B 21 12.82 -2.50 5.14
CA PHE B 21 13.74 -3.57 5.53
C PHE B 21 14.92 -3.07 6.34
N THR B 22 15.35 -1.85 6.05
CA THR B 22 16.47 -1.24 6.76
C THR B 22 16.14 -1.15 8.26
N PHE B 23 14.89 -0.87 8.57
CA PHE B 23 14.46 -0.77 9.95
C PHE B 23 14.06 -2.15 10.49
N ALA B 24 13.37 -2.92 9.66
CA ALA B 24 12.98 -4.28 10.04
C ALA B 24 14.20 -5.12 10.43
N ARG B 25 15.32 -4.90 9.77
CA ARG B 25 16.55 -5.65 10.05
C ARG B 25 17.29 -5.12 11.29
N GLN B 26 16.96 -3.89 11.71
CA GLN B 26 17.60 -3.27 12.87
C GLN B 26 17.46 -4.12 14.14
N GLU B 27 16.23 -4.34 14.59
CA GLU B 27 15.98 -5.12 15.80
C GLU B 27 15.59 -6.56 15.47
N GLY B 28 15.01 -7.25 16.45
CA GLY B 28 14.60 -8.64 16.28
C GLY B 28 13.67 -8.84 15.08
N ARG B 29 13.85 -9.96 14.38
CA ARG B 29 13.06 -10.28 13.20
C ARG B 29 13.33 -9.25 12.08
N LYS B 30 14.26 -9.59 11.18
CA LYS B 30 14.63 -8.69 10.08
C LYS B 30 13.54 -8.57 9.03
N ASP B 31 12.41 -9.23 9.26
CA ASP B 31 11.29 -9.18 8.32
C ASP B 31 10.11 -8.43 8.91
N SER B 32 10.28 -7.87 10.11
CA SER B 32 9.21 -7.13 10.77
C SER B 32 9.77 -6.03 11.69
N LEU B 33 9.00 -4.94 11.80
CA LEU B 33 9.38 -3.80 12.67
C LEU B 33 8.71 -3.96 14.01
N SER B 34 9.40 -3.58 15.08
CA SER B 34 8.85 -3.70 16.43
C SER B 34 8.04 -2.44 16.78
N VAL B 35 7.51 -2.41 18.00
CA VAL B 35 6.72 -1.27 18.46
C VAL B 35 7.63 -0.05 18.66
N ASN B 36 8.93 -0.30 18.79
CA ASN B 36 9.88 0.77 18.99
C ASN B 36 10.28 1.42 17.67
N GLU B 37 10.31 0.64 16.59
CA GLU B 37 10.67 1.16 15.27
C GLU B 37 9.48 1.92 14.67
N PHE B 38 8.28 1.51 15.05
CA PHE B 38 7.06 2.12 14.61
C PHE B 38 7.00 3.46 15.29
N LYS B 39 7.24 3.43 16.58
CA LYS B 39 7.25 4.63 17.39
C LYS B 39 8.34 5.58 16.90
N GLU B 40 9.51 5.04 16.54
CA GLU B 40 10.59 5.91 16.05
C GLU B 40 10.18 6.64 14.77
N LEU B 41 9.57 5.93 13.83
CA LEU B 41 9.21 6.52 12.57
C LEU B 41 8.02 7.44 12.74
N VAL B 42 7.07 7.02 13.54
CA VAL B 42 5.87 7.77 13.74
C VAL B 42 6.22 9.10 14.42
N THR B 43 6.99 9.01 15.48
CA THR B 43 7.52 10.16 16.18
C THR B 43 8.48 11.01 15.30
N GLN B 44 9.49 10.36 14.73
CA GLN B 44 10.56 11.04 14.02
C GLN B 44 10.24 11.27 12.54
N GLN B 45 9.86 10.21 11.85
CA GLN B 45 9.68 10.26 10.39
C GLN B 45 8.28 10.74 10.00
N LEU B 46 7.30 10.55 10.86
CA LEU B 46 5.90 10.75 10.48
C LEU B 46 5.27 12.09 10.94
N PRO B 47 5.89 12.93 11.81
CA PRO B 47 5.26 14.21 12.22
C PRO B 47 4.71 15.01 11.04
N HIS B 48 5.41 14.96 9.92
CA HIS B 48 4.97 15.62 8.72
C HIS B 48 3.84 14.83 8.04
N LEU B 49 3.99 13.52 7.99
CA LEU B 49 3.00 12.65 7.36
C LEU B 49 1.79 12.41 8.27
N LEU B 50 1.99 11.57 9.27
CA LEU B 50 0.96 11.20 10.22
C LEU B 50 1.03 12.10 11.43
N LYS B 51 0.31 13.20 11.30
CA LYS B 51 0.11 14.17 12.37
C LYS B 51 -0.59 13.59 13.59
N ASP B 52 0.02 12.58 14.12
CA ASP B 52 -0.44 11.89 15.31
C ASP B 52 0.71 11.07 15.85
N VAL B 53 1.76 11.78 16.19
CA VAL B 53 3.01 11.18 16.63
C VAL B 53 2.91 10.77 18.09
N GLY B 54 1.85 11.18 18.75
CA GLY B 54 1.65 10.84 20.13
C GLY B 54 1.10 9.44 20.29
N SER B 55 -0.21 9.30 20.13
CA SER B 55 -0.90 8.05 20.37
C SER B 55 -0.76 7.09 19.19
N LEU B 56 0.48 6.77 18.88
CA LEU B 56 0.81 5.74 17.90
C LEU B 56 -0.01 4.48 18.17
N ASP B 57 -0.33 4.29 19.45
CA ASP B 57 -1.02 3.12 19.95
C ASP B 57 -2.18 2.71 19.07
N GLU B 58 -3.11 3.62 18.79
CA GLU B 58 -4.36 3.26 18.09
C GLU B 58 -4.08 2.54 16.77
N LYS B 59 -3.17 3.11 16.02
CA LYS B 59 -2.80 2.60 14.71
C LYS B 59 -2.03 1.32 14.89
N MET B 60 -1.12 1.34 15.85
CA MET B 60 -0.36 0.16 16.23
C MET B 60 -1.29 -1.01 16.50
N LYS B 61 -2.31 -0.79 17.33
CA LYS B 61 -3.26 -1.85 17.69
C LYS B 61 -3.97 -2.40 16.47
N SER B 62 -4.29 -1.53 15.52
CA SER B 62 -5.01 -1.93 14.32
C SER B 62 -4.15 -2.83 13.44
N LEU B 63 -2.85 -2.59 13.47
CA LEU B 63 -1.87 -3.34 12.68
C LEU B 63 -1.43 -4.58 13.44
N ASP B 64 -1.08 -4.35 14.69
CA ASP B 64 -0.64 -5.36 15.65
C ASP B 64 -1.69 -6.44 15.87
N VAL B 65 -2.92 -6.17 15.42
CA VAL B 65 -4.19 -6.77 15.92
C VAL B 65 -4.11 -8.21 16.45
N ASN B 66 -3.25 -9.05 15.88
CA ASN B 66 -3.10 -10.41 16.34
C ASN B 66 -2.24 -10.47 17.63
N GLN B 67 -1.91 -9.30 18.21
CA GLN B 67 -1.09 -9.23 19.44
C GLN B 67 0.23 -9.83 19.05
N ASP B 68 0.62 -9.36 17.87
CA ASP B 68 1.87 -9.66 17.22
C ASP B 68 2.50 -8.30 16.96
N SER B 69 3.34 -7.85 17.90
CA SER B 69 3.99 -6.54 17.84
C SER B 69 4.95 -6.40 16.66
N GLU B 70 4.87 -7.34 15.74
CA GLU B 70 5.72 -7.33 14.57
C GLU B 70 4.92 -6.86 13.35
N LEU B 71 5.22 -5.63 12.92
CA LEU B 71 4.62 -5.06 11.75
C LEU B 71 5.12 -5.79 10.50
N LYS B 72 4.53 -6.96 10.26
CA LYS B 72 5.01 -7.85 9.22
C LYS B 72 4.23 -7.83 7.92
N PHE B 73 4.40 -8.95 7.19
CA PHE B 73 3.81 -9.20 5.88
C PHE B 73 2.37 -8.74 5.76
N ASN B 74 2.22 -7.49 5.34
CA ASN B 74 0.91 -6.89 5.09
C ASN B 74 -0.09 -6.95 6.27
N GLU B 75 0.43 -7.08 7.47
CA GLU B 75 -0.29 -6.57 8.66
C GLU B 75 -0.02 -5.07 8.78
N TYR B 76 1.25 -4.70 8.62
CA TYR B 76 1.69 -3.31 8.58
C TYR B 76 0.92 -2.56 7.50
N TRP B 77 0.77 -3.24 6.38
CA TRP B 77 0.21 -2.71 5.14
C TRP B 77 -0.94 -1.74 5.32
N ARG B 78 -1.84 -1.99 6.25
CA ARG B 78 -2.95 -1.10 6.45
C ARG B 78 -2.43 0.32 6.59
N LEU B 79 -1.44 0.49 7.47
CA LEU B 79 -0.82 1.80 7.67
C LEU B 79 -0.16 2.25 6.39
N ILE B 80 0.54 1.34 5.71
CA ILE B 80 1.25 1.65 4.47
C ILE B 80 0.28 2.22 3.44
N GLY B 81 -0.94 1.74 3.47
CA GLY B 81 -1.94 2.23 2.57
C GLY B 81 -2.47 3.55 3.02
N GLU B 82 -2.66 3.65 4.33
CA GLU B 82 -3.04 4.90 4.92
C GLU B 82 -1.96 5.93 4.60
N LEU B 83 -0.70 5.47 4.52
CA LEU B 83 0.45 6.34 4.24
C LEU B 83 0.36 6.97 2.86
N ALA B 84 0.28 6.12 1.84
CA ALA B 84 0.24 6.57 0.45
C ALA B 84 -1.00 7.41 0.18
N LYS B 85 -2.05 7.16 0.92
CA LYS B 85 -3.27 7.91 0.80
C LYS B 85 -3.13 9.26 1.48
N GLU B 86 -2.64 9.23 2.72
CA GLU B 86 -2.48 10.44 3.55
C GLU B 86 -1.63 11.50 2.84
N ILE B 87 -0.52 11.08 2.26
CA ILE B 87 0.34 12.01 1.51
C ILE B 87 -0.48 12.72 0.43
N ARG B 88 -1.48 12.04 -0.10
CA ARG B 88 -2.29 12.62 -1.16
C ARG B 88 -3.48 13.39 -0.62
N LYS B 89 -4.38 12.76 0.10
CA LYS B 89 -5.56 13.48 0.58
C LYS B 89 -5.54 13.67 2.07
N LYS B 90 -4.39 14.12 2.59
CA LYS B 90 -4.23 14.35 4.05
C LYS B 90 -5.45 15.06 4.62
N LYS B 91 -5.58 16.32 4.26
CA LYS B 91 -6.82 17.06 4.35
C LYS B 91 -6.94 17.85 3.07
N ASP B 92 -6.29 17.29 2.04
CA ASP B 92 -6.22 17.88 0.71
C ASP B 92 -7.57 17.90 -0.03
N LEU B 93 -8.51 18.64 0.51
CA LEU B 93 -9.81 18.83 -0.11
C LEU B 93 -10.02 20.33 -0.20
N LYS B 94 -8.89 21.02 -0.05
CA LYS B 94 -8.80 22.46 -0.11
C LYS B 94 -7.35 22.84 -0.39
N ILE B 95 -6.42 22.20 0.34
CA ILE B 95 -4.97 22.43 0.19
C ILE B 95 -4.15 21.76 1.32
N ARG B 96 -3.01 21.15 0.94
CA ARG B 96 -2.13 20.47 1.92
C ARG B 96 -0.70 20.36 1.37
N LYS B 97 -0.56 20.40 0.05
CA LYS B 97 0.75 20.37 -0.61
C LYS B 97 1.04 21.76 -1.16
N LYS B 98 2.25 22.31 -0.96
CA LYS B 98 2.48 23.67 -1.40
C LYS B 98 3.96 24.01 -1.35
N MET C 1 1.11 23.97 -4.61
CA MET C 1 0.34 22.75 -4.97
C MET C 1 1.28 21.67 -5.50
N ALA C 2 2.50 21.66 -4.98
CA ALA C 2 3.52 20.70 -5.41
C ALA C 2 4.31 20.14 -4.22
N ALA C 3 4.18 18.84 -4.03
CA ALA C 3 4.99 18.10 -3.07
C ALA C 3 6.46 18.12 -3.46
N GLU C 4 7.22 19.00 -2.85
CA GLU C 4 8.67 19.01 -3.02
C GLU C 4 9.27 17.84 -2.24
N PRO C 5 10.56 17.48 -2.47
CA PRO C 5 11.18 16.28 -1.88
C PRO C 5 10.81 16.08 -0.40
N LEU C 6 10.67 14.83 0.00
CA LEU C 6 10.10 14.53 1.28
C LEU C 6 11.03 13.75 2.20
N THR C 7 10.53 13.54 3.42
CA THR C 7 11.17 12.69 4.42
C THR C 7 11.19 11.23 3.93
N GLU C 8 11.74 10.29 4.70
CA GLU C 8 12.09 8.99 4.14
C GLU C 8 10.87 8.10 3.88
N LEU C 9 10.00 7.90 4.85
CA LEU C 9 8.81 7.09 4.60
C LEU C 9 7.94 7.75 3.56
N GLU C 10 8.06 9.06 3.48
CA GLU C 10 7.39 9.81 2.43
C GLU C 10 8.07 9.54 1.11
N GLU C 11 9.39 9.49 1.13
CA GLU C 11 10.16 9.22 -0.06
C GLU C 11 9.66 7.94 -0.65
N SER C 12 9.36 7.01 0.23
CA SER C 12 8.88 5.71 -0.23
C SER C 12 7.43 5.76 -0.73
N ILE C 13 6.54 6.48 -0.04
CA ILE C 13 5.15 6.56 -0.47
C ILE C 13 4.88 7.59 -1.59
N GLU C 14 5.57 8.73 -1.56
CA GLU C 14 5.50 9.71 -2.65
C GLU C 14 5.90 9.07 -3.97
N THR C 15 6.98 8.33 -3.93
CA THR C 15 7.46 7.58 -5.08
C THR C 15 6.35 6.72 -5.70
N VAL C 16 5.48 6.18 -4.86
CA VAL C 16 4.36 5.38 -5.32
C VAL C 16 3.37 6.25 -6.09
N VAL C 17 3.27 7.50 -5.68
CA VAL C 17 2.31 8.44 -6.24
C VAL C 17 2.71 8.84 -7.65
N THR C 18 3.95 9.26 -7.78
CA THR C 18 4.42 9.89 -9.01
C THR C 18 4.27 8.96 -10.20
N THR C 19 4.65 7.70 -10.03
CA THR C 19 4.53 6.73 -11.10
C THR C 19 3.06 6.56 -11.46
N PHE C 20 2.31 6.24 -10.43
CA PHE C 20 0.83 6.17 -10.46
C PHE C 20 0.21 7.34 -11.24
N PHE C 21 0.57 8.57 -10.82
CA PHE C 21 0.00 9.81 -11.40
C PHE C 21 0.36 9.98 -12.86
N THR C 22 1.54 9.53 -13.25
CA THR C 22 1.97 9.61 -14.64
C THR C 22 0.97 8.88 -15.55
N PHE C 23 0.43 7.79 -15.06
CA PHE C 23 -0.55 7.03 -15.82
C PHE C 23 -1.96 7.56 -15.59
N ALA C 24 -2.26 7.90 -14.34
CA ALA C 24 -3.56 8.49 -13.98
C ALA C 24 -3.84 9.75 -14.80
N ARG C 25 -2.80 10.52 -15.09
CA ARG C 25 -2.94 11.76 -15.85
C ARG C 25 -3.06 11.51 -17.37
N GLN C 26 -2.65 10.32 -17.83
CA GLN C 26 -2.70 9.98 -19.26
C GLN C 26 -4.10 10.11 -19.84
N GLU C 27 -5.04 9.28 -19.39
CA GLU C 27 -6.41 9.30 -19.91
C GLU C 27 -7.32 10.16 -19.03
N GLY C 28 -8.64 9.99 -19.20
CA GLY C 28 -9.62 10.75 -18.43
C GLY C 28 -9.41 10.64 -16.94
N ARG C 29 -9.64 11.75 -16.24
CA ARG C 29 -9.46 11.82 -14.79
C ARG C 29 -7.98 11.62 -14.44
N LYS C 30 -7.24 12.73 -14.32
CA LYS C 30 -5.82 12.67 -14.02
C LYS C 30 -5.55 12.25 -12.58
N ASP C 31 -6.60 11.95 -11.83
CA ASP C 31 -6.46 11.54 -10.44
C ASP C 31 -6.71 10.04 -10.28
N SER C 32 -7.07 9.37 -11.36
CA SER C 32 -7.34 7.93 -11.30
C SER C 32 -7.00 7.23 -12.61
N LEU C 33 -6.63 5.96 -12.50
CA LEU C 33 -6.29 5.13 -13.67
C LEU C 33 -7.54 4.40 -14.15
N SER C 34 -7.69 4.23 -15.45
CA SER C 34 -8.85 3.53 -15.99
C SER C 34 -8.59 2.04 -16.13
N VAL C 35 -9.54 1.32 -16.72
CA VAL C 35 -9.41 -0.12 -16.93
C VAL C 35 -8.36 -0.43 -17.98
N ASN C 36 -8.05 0.57 -18.82
CA ASN C 36 -7.05 0.40 -19.87
C ASN C 36 -5.65 0.55 -19.29
N GLU C 37 -5.49 1.46 -18.33
CA GLU C 37 -4.20 1.69 -17.70
C GLU C 37 -3.86 0.57 -16.71
N PHE C 38 -4.89 -0.07 -16.18
CA PHE C 38 -4.72 -1.16 -15.26
C PHE C 38 -4.30 -2.34 -16.09
N LYS C 39 -5.05 -2.55 -17.15
CA LYS C 39 -4.77 -3.64 -18.07
C LYS C 39 -3.39 -3.46 -18.70
N GLU C 40 -3.02 -2.22 -19.04
CA GLU C 40 -1.70 -1.99 -19.63
C GLU C 40 -0.59 -2.38 -18.67
N LEU C 41 -0.70 -1.98 -17.41
CA LEU C 41 0.33 -2.26 -16.45
C LEU C 41 0.33 -3.72 -16.06
N VAL C 42 -0.84 -4.28 -15.90
CA VAL C 42 -0.99 -5.65 -15.49
C VAL C 42 -0.41 -6.55 -16.57
N THR C 43 -0.83 -6.30 -17.80
CA THR C 43 -0.29 -6.99 -18.97
C THR C 43 1.20 -6.71 -19.19
N GLN C 44 1.58 -5.43 -19.25
CA GLN C 44 2.91 -5.02 -19.64
C GLN C 44 3.87 -4.94 -18.44
N GLN C 45 3.46 -4.23 -17.39
CA GLN C 45 4.35 -3.94 -16.26
C GLN C 45 4.33 -5.07 -15.22
N LEU C 46 3.24 -5.81 -15.14
CA LEU C 46 3.03 -6.75 -14.04
C LEU C 46 3.36 -8.23 -14.34
N PRO C 47 3.61 -8.70 -15.59
CA PRO C 47 3.91 -10.12 -15.86
C PRO C 47 4.94 -10.68 -14.88
N HIS C 48 5.91 -9.85 -14.52
CA HIS C 48 6.93 -10.25 -13.57
C HIS C 48 6.38 -10.23 -12.14
N LEU C 49 5.62 -9.18 -11.82
CA LEU C 49 5.04 -9.02 -10.49
C LEU C 49 3.81 -9.91 -10.30
N LEU C 50 2.70 -9.47 -10.90
CA LEU C 50 1.44 -10.17 -10.80
C LEU C 50 1.28 -11.12 -11.96
N LYS C 51 1.77 -12.32 -11.73
CA LYS C 51 1.66 -13.45 -12.64
C LYS C 51 0.20 -13.85 -12.89
N ASP C 52 -0.54 -12.91 -13.37
CA ASP C 52 -1.93 -13.08 -13.73
C ASP C 52 -2.33 -11.92 -14.61
N VAL C 53 -1.64 -11.85 -15.74
CA VAL C 53 -1.80 -10.75 -16.68
C VAL C 53 -3.04 -10.95 -17.54
N GLY C 54 -3.63 -12.14 -17.44
CA GLY C 54 -4.82 -12.43 -18.20
C GLY C 54 -6.05 -11.84 -17.57
N SER C 55 -6.58 -12.55 -16.58
CA SER C 55 -7.84 -12.18 -15.94
C SER C 55 -7.65 -11.06 -14.92
N LEU C 56 -7.14 -9.94 -15.40
CA LEU C 56 -7.06 -8.72 -14.61
C LEU C 56 -8.39 -8.43 -13.92
N ASP C 57 -9.46 -8.89 -14.58
CA ASP C 57 -10.83 -8.67 -14.15
C ASP C 57 -11.03 -8.85 -12.66
N GLU C 58 -10.64 -10.00 -12.13
CA GLU C 58 -10.95 -10.35 -10.73
C GLU C 58 -10.46 -9.26 -9.76
N LYS C 59 -9.23 -8.86 -9.97
CA LYS C 59 -8.57 -7.87 -9.14
C LYS C 59 -9.20 -6.51 -9.38
N MET C 60 -9.42 -6.23 -10.66
CA MET C 60 -10.10 -5.03 -11.09
C MET C 60 -11.42 -4.89 -10.35
N LYS C 61 -12.24 -5.94 -10.35
CA LYS C 61 -13.55 -5.92 -9.70
C LYS C 61 -13.43 -5.62 -8.21
N SER C 62 -12.40 -6.17 -7.58
CA SER C 62 -12.20 -5.99 -6.15
C SER C 62 -11.86 -4.53 -5.81
N LEU C 63 -11.17 -3.88 -6.74
CA LEU C 63 -10.76 -2.49 -6.59
C LEU C 63 -11.87 -1.55 -7.06
N ASP C 64 -12.36 -1.86 -8.24
CA ASP C 64 -13.46 -1.16 -8.92
C ASP C 64 -14.74 -1.13 -8.10
N VAL C 65 -14.78 -1.98 -7.06
CA VAL C 65 -16.01 -2.52 -6.43
C VAL C 65 -17.25 -1.61 -6.45
N ASN C 66 -17.07 -0.30 -6.35
CA ASN C 66 -18.20 0.62 -6.40
C ASN C 66 -18.68 0.85 -7.84
N GLN C 67 -18.21 0.01 -8.80
CA GLN C 67 -18.59 0.13 -10.21
C GLN C 67 -18.06 1.47 -10.64
N ASP C 68 -16.83 1.71 -10.17
CA ASP C 68 -16.06 2.91 -10.47
C ASP C 68 -14.77 2.47 -11.15
N SER C 69 -14.73 2.52 -12.48
CA SER C 69 -13.56 2.11 -13.26
C SER C 69 -12.29 2.84 -12.81
N GLU C 70 -12.48 4.01 -12.23
CA GLU C 70 -11.38 4.84 -11.76
C GLU C 70 -10.76 4.30 -10.47
N LEU C 71 -9.51 3.84 -10.59
CA LEU C 71 -8.75 3.31 -9.49
C LEU C 71 -8.20 4.47 -8.65
N LYS C 72 -9.11 5.03 -7.86
CA LYS C 72 -8.85 6.24 -7.10
C LYS C 72 -8.29 6.04 -5.70
N PHE C 73 -8.44 7.11 -4.91
CA PHE C 73 -7.97 7.22 -3.54
C PHE C 73 -8.22 5.98 -2.70
N ASN C 74 -7.21 5.12 -2.64
CA ASN C 74 -7.21 3.90 -1.84
C ASN C 74 -8.41 2.96 -2.06
N GLU C 75 -9.04 3.07 -3.22
CA GLU C 75 -9.76 1.91 -3.79
C GLU C 75 -8.74 1.01 -4.49
N TYR C 76 -7.86 1.64 -5.28
CA TYR C 76 -6.74 0.97 -5.93
C TYR C 76 -5.90 0.23 -4.90
N TRP C 77 -5.72 0.92 -3.79
CA TRP C 77 -4.82 0.52 -2.68
C TRP C 77 -4.79 -0.97 -2.42
N ARG C 78 -5.93 -1.65 -2.45
CA ARG C 78 -5.95 -3.07 -2.18
C ARG C 78 -4.89 -3.75 -3.03
N LEU C 79 -4.90 -3.44 -4.33
CA LEU C 79 -3.91 -4.00 -5.25
C LEU C 79 -2.52 -3.53 -4.86
N ILE C 80 -2.40 -2.23 -4.52
CA ILE C 80 -1.11 -1.65 -4.15
C ILE C 80 -0.51 -2.40 -2.97
N GLY C 81 -1.37 -2.89 -2.09
CA GLY C 81 -0.90 -3.65 -0.97
C GLY C 81 -0.56 -5.04 -1.36
N GLU C 82 -1.39 -5.60 -2.24
CA GLU C 82 -1.11 -6.89 -2.81
C GLU C 82 0.22 -6.79 -3.56
N LEU C 83 0.51 -5.62 -4.12
CA LEU C 83 1.74 -5.39 -4.89
C LEU C 83 2.97 -5.50 -4.01
N ALA C 84 3.03 -4.68 -2.97
CA ALA C 84 4.19 -4.64 -2.08
C ALA C 84 4.37 -5.98 -1.36
N LYS C 85 3.28 -6.71 -1.18
CA LYS C 85 3.34 -8.00 -0.56
C LYS C 85 3.85 -9.04 -1.55
N GLU C 86 3.27 -9.03 -2.74
CA GLU C 86 3.61 -9.99 -3.80
C GLU C 86 5.09 -9.97 -4.12
N ILE C 87 5.66 -8.78 -4.27
CA ILE C 87 7.10 -8.67 -4.52
C ILE C 87 7.90 -9.41 -3.45
N ARG C 88 7.37 -9.45 -2.24
CA ARG C 88 8.06 -10.10 -1.14
C ARG C 88 7.70 -11.58 -1.04
N LYS C 89 6.46 -11.92 -0.82
CA LYS C 89 6.13 -13.34 -0.64
C LYS C 89 5.47 -13.94 -1.87
N LYS C 90 5.90 -13.51 -3.05
CA LYS C 90 5.34 -14.03 -4.32
C LYS C 90 5.22 -15.55 -4.27
N LYS C 91 6.37 -16.19 -4.31
CA LYS C 91 6.52 -17.58 -3.90
C LYS C 91 7.81 -17.63 -3.08
N ASP C 92 8.19 -16.49 -2.51
CA ASP C 92 9.45 -16.42 -1.76
C ASP C 92 9.50 -17.28 -0.48
N LEU C 93 8.56 -18.22 -0.33
CA LEU C 93 8.61 -19.12 0.82
C LEU C 93 9.52 -20.31 0.47
N LYS C 94 10.48 -20.01 -0.40
CA LYS C 94 11.48 -20.95 -0.87
C LYS C 94 12.54 -20.20 -1.68
N ILE C 95 12.08 -19.39 -2.65
CA ILE C 95 12.97 -18.57 -3.50
C ILE C 95 12.20 -17.93 -4.67
N ARG C 96 12.47 -16.64 -4.92
CA ARG C 96 11.81 -15.90 -6.01
C ARG C 96 12.70 -14.74 -6.51
N LYS C 97 13.56 -14.24 -5.63
CA LYS C 97 14.49 -13.16 -5.99
C LYS C 97 15.85 -13.78 -6.30
N LYS C 98 16.56 -13.31 -7.35
CA LYS C 98 17.83 -13.93 -7.70
C LYS C 98 18.53 -13.11 -8.78
N ASN D 1 -16.61 -1.32 -30.37
CA ASN D 1 -17.12 -1.09 -28.99
C ASN D 1 -18.29 -0.12 -29.06
N VAL D 2 -18.83 0.28 -27.93
CA VAL D 2 -19.88 1.28 -27.92
C VAL D 2 -19.26 2.64 -27.74
N LYS D 3 -19.50 3.52 -28.70
CA LYS D 3 -18.99 4.87 -28.63
C LYS D 3 -20.09 5.83 -28.24
N TYR D 4 -19.74 6.86 -27.51
CA TYR D 4 -20.67 7.92 -27.23
C TYR D 4 -20.33 9.04 -28.18
N ASN D 5 -21.21 9.29 -29.12
CA ASN D 5 -20.85 10.10 -30.27
C ASN D 5 -21.34 11.51 -30.09
N PHE D 6 -20.51 12.46 -30.47
CA PHE D 6 -20.81 13.86 -30.23
C PHE D 6 -22.09 14.26 -30.97
N MET D 7 -22.97 14.88 -30.21
CA MET D 7 -24.31 15.20 -30.66
C MET D 7 -24.36 16.58 -31.29
N ARG D 8 -24.10 17.64 -30.52
CA ARG D 8 -24.14 18.97 -31.10
C ARG D 8 -23.39 19.99 -30.26
N ILE D 9 -22.81 20.96 -30.96
CA ILE D 9 -22.11 22.08 -30.36
C ILE D 9 -23.09 23.17 -29.94
N ILE D 10 -23.14 23.46 -28.66
CA ILE D 10 -23.99 24.48 -28.13
C ILE D 10 -23.23 25.80 -28.18
N LYS D 11 -23.16 26.48 -27.07
CA LYS D 11 -22.64 27.83 -27.01
C LYS D 11 -21.24 27.77 -26.43
N TYR D 12 -20.45 28.81 -26.65
CA TYR D 12 -19.05 28.75 -26.33
C TYR D 12 -18.52 30.08 -25.83
N GLU D 13 -17.47 29.97 -25.01
CA GLU D 13 -16.83 31.12 -24.36
C GLU D 13 -17.81 31.99 -23.60
N PHE D 14 -18.89 31.38 -23.13
CA PHE D 14 -19.84 32.05 -22.28
C PHE D 14 -19.65 31.60 -20.83
N ILE D 15 -19.83 32.51 -19.90
CA ILE D 15 -19.56 32.21 -18.49
C ILE D 15 -20.85 32.08 -17.67
N LEU D 16 -20.85 31.09 -16.80
CA LEU D 16 -21.96 30.84 -15.91
C LEU D 16 -21.67 31.37 -14.51
N ASN D 17 -22.66 32.03 -13.95
CA ASN D 17 -22.62 32.56 -12.60
C ASN D 17 -23.81 32.02 -11.84
N ASP D 18 -23.66 31.78 -10.57
CA ASP D 18 -24.66 31.07 -9.79
C ASP D 18 -25.59 32.05 -9.10
N ALA D 19 -26.50 31.57 -8.27
CA ALA D 19 -27.43 32.44 -7.55
C ALA D 19 -26.70 33.38 -6.58
N LEU D 20 -25.44 33.05 -6.25
CA LEU D 20 -24.61 33.93 -5.44
C LEU D 20 -24.13 35.06 -6.33
N ASN D 21 -24.25 34.79 -7.62
CA ASN D 21 -23.79 35.65 -8.68
C ASN D 21 -22.30 35.88 -8.57
N GLN D 22 -21.57 34.86 -8.97
CA GLN D 22 -20.12 34.90 -8.96
C GLN D 22 -19.58 34.28 -10.22
N SER D 23 -18.79 35.03 -10.94
CA SER D 23 -18.19 34.54 -12.15
C SER D 23 -17.17 33.46 -11.84
N ILE D 24 -17.24 32.38 -12.56
CA ILE D 24 -16.30 31.29 -12.33
C ILE D 24 -14.92 31.72 -12.82
N ILE D 25 -14.09 32.21 -11.90
CA ILE D 25 -12.85 32.86 -12.27
C ILE D 25 -11.68 31.89 -12.17
N ARG D 26 -10.71 32.09 -13.05
CA ARG D 26 -9.57 31.21 -13.14
C ARG D 26 -8.51 31.60 -12.12
N ALA D 27 -8.33 30.78 -11.11
CA ALA D 27 -7.29 31.01 -10.12
C ALA D 27 -6.04 30.23 -10.49
N ASN D 28 -6.27 29.00 -10.97
CA ASN D 28 -5.19 28.10 -11.38
C ASN D 28 -5.71 27.13 -12.44
N ASP D 29 -4.82 26.29 -12.97
CA ASP D 29 -5.21 25.30 -13.98
C ASP D 29 -5.71 24.01 -13.32
N GLN D 30 -6.04 24.10 -12.03
CA GLN D 30 -6.55 22.96 -11.29
C GLN D 30 -7.54 23.45 -10.23
N TYR D 31 -7.35 24.68 -9.77
CA TYR D 31 -8.22 25.29 -8.77
C TYR D 31 -8.91 26.54 -9.32
N LEU D 32 -10.22 26.64 -9.11
CA LEU D 32 -10.99 27.77 -9.55
C LEU D 32 -11.92 28.26 -8.44
N THR D 33 -11.95 29.58 -8.25
CA THR D 33 -12.77 30.20 -7.23
C THR D 33 -13.79 31.12 -7.89
N ALA D 34 -14.99 31.18 -7.33
CA ALA D 34 -16.02 32.02 -7.90
C ALA D 34 -15.96 33.41 -7.29
N ALA D 35 -15.87 34.39 -8.16
CA ALA D 35 -15.83 35.79 -7.76
C ALA D 35 -16.36 36.63 -8.91
N ALA D 36 -17.12 37.66 -8.61
CA ALA D 36 -17.68 38.52 -9.65
C ALA D 36 -16.55 39.11 -10.49
N LEU D 37 -16.65 38.98 -11.82
CA LEU D 37 -15.57 39.40 -12.68
C LEU D 37 -15.39 40.90 -12.62
N HIS D 38 -14.16 41.32 -12.83
CA HIS D 38 -13.81 42.72 -12.80
C HIS D 38 -12.78 43.01 -13.89
N ASN D 39 -12.15 41.97 -14.39
CA ASN D 39 -11.33 42.10 -15.59
C ASN D 39 -12.07 41.50 -16.80
N LEU D 40 -13.25 40.92 -16.53
CA LEU D 40 -14.13 40.35 -17.56
C LEU D 40 -13.49 39.16 -18.27
N ASP D 41 -12.45 39.40 -19.05
CA ASP D 41 -11.67 38.31 -19.58
C ASP D 41 -10.73 37.88 -18.47
N GLU D 42 -11.35 37.23 -17.51
CA GLU D 42 -10.72 36.88 -16.25
C GLU D 42 -11.25 35.54 -15.76
N ALA D 43 -12.51 35.30 -16.06
CA ALA D 43 -13.15 34.04 -15.78
C ALA D 43 -12.85 33.07 -16.92
N VAL D 44 -12.95 31.78 -16.64
CA VAL D 44 -12.66 30.77 -17.63
C VAL D 44 -13.84 30.65 -18.56
N LYS D 45 -13.58 30.70 -19.85
CA LYS D 45 -14.66 30.67 -20.78
C LYS D 45 -14.90 29.27 -21.22
N PHE D 46 -16.08 28.80 -20.91
CA PHE D 46 -16.43 27.44 -21.19
C PHE D 46 -17.28 27.32 -22.44
N ASP D 47 -17.27 26.13 -22.96
CA ASP D 47 -18.01 25.75 -24.15
C ASP D 47 -18.56 24.36 -23.95
N MET D 48 -19.76 24.17 -24.42
CA MET D 48 -20.46 22.93 -24.19
C MET D 48 -20.44 22.07 -25.43
N GLY D 49 -20.09 20.82 -25.25
CA GLY D 49 -20.10 19.86 -26.33
C GLY D 49 -20.77 18.60 -25.88
N ALA D 50 -21.88 18.27 -26.50
CA ALA D 50 -22.71 17.18 -26.01
C ALA D 50 -22.23 15.87 -26.57
N TYR D 51 -22.42 14.82 -25.81
CA TYR D 51 -22.08 13.48 -26.24
C TYR D 51 -23.32 12.65 -26.06
N LYS D 52 -23.42 11.51 -26.70
CA LYS D 52 -24.64 10.77 -26.58
C LYS D 52 -24.41 9.29 -26.34
N SER D 53 -24.96 8.85 -25.22
CA SER D 53 -25.17 7.46 -24.91
C SER D 53 -26.51 7.42 -24.19
N SER D 54 -27.17 6.28 -24.14
CA SER D 54 -28.44 6.24 -23.42
C SER D 54 -28.21 5.89 -21.96
N LYS D 55 -27.21 6.55 -21.38
CA LYS D 55 -26.92 6.41 -19.96
C LYS D 55 -26.96 7.74 -19.24
N ASP D 56 -27.80 8.68 -19.69
CA ASP D 56 -27.90 9.95 -18.98
C ASP D 56 -28.83 9.78 -17.78
N ASP D 57 -29.84 10.64 -17.67
CA ASP D 57 -31.04 10.31 -16.93
C ASP D 57 -32.26 10.58 -17.79
N ALA D 58 -32.65 11.86 -17.84
CA ALA D 58 -33.71 12.35 -18.71
C ALA D 58 -33.25 13.59 -19.49
N LYS D 59 -31.94 13.79 -19.56
CA LYS D 59 -31.34 15.05 -20.04
C LYS D 59 -30.05 14.75 -20.75
N ILE D 60 -29.72 15.57 -21.74
CA ILE D 60 -28.60 15.29 -22.63
C ILE D 60 -27.37 15.99 -22.09
N THR D 61 -26.23 15.38 -22.31
CA THR D 61 -25.06 15.68 -21.54
C THR D 61 -23.96 16.28 -22.40
N VAL D 62 -23.29 17.29 -21.87
CA VAL D 62 -22.26 18.00 -22.60
C VAL D 62 -20.99 18.11 -21.75
N ILE D 63 -19.87 18.43 -22.37
CA ILE D 63 -18.60 18.55 -21.67
C ILE D 63 -18.24 20.02 -21.58
N LEU D 64 -17.80 20.44 -20.41
CA LEU D 64 -17.46 21.84 -20.21
C LEU D 64 -15.95 22.03 -20.25
N ARG D 65 -15.53 22.80 -21.25
CA ARG D 65 -14.13 23.00 -21.56
C ARG D 65 -13.86 24.47 -21.83
N ILE D 66 -12.64 24.92 -21.60
CA ILE D 66 -12.29 26.29 -21.88
C ILE D 66 -12.00 26.41 -23.37
N SER D 67 -12.66 27.35 -24.02
CA SER D 67 -12.65 27.45 -25.48
C SER D 67 -11.26 27.35 -26.11
N LYS D 68 -10.21 27.71 -25.37
CA LYS D 68 -8.87 27.70 -25.91
C LYS D 68 -8.17 26.36 -25.70
N THR D 69 -8.13 25.90 -24.45
CA THR D 69 -7.49 24.62 -24.14
C THR D 69 -8.53 23.64 -23.64
N GLN D 70 -8.19 22.38 -23.50
CA GLN D 70 -9.22 21.46 -23.12
C GLN D 70 -9.11 21.16 -21.64
N LEU D 71 -9.58 22.14 -20.87
CA LEU D 71 -9.63 22.06 -19.42
C LEU D 71 -11.05 21.72 -19.00
N TYR D 72 -11.28 20.49 -18.56
CA TYR D 72 -12.61 20.08 -18.19
C TYR D 72 -12.72 20.08 -16.68
N VAL D 73 -13.88 20.44 -16.16
CA VAL D 73 -14.09 20.24 -14.74
C VAL D 73 -14.63 18.83 -14.53
N THR D 74 -13.92 18.05 -13.74
CA THR D 74 -14.33 16.68 -13.46
C THR D 74 -14.97 16.55 -12.08
N ALA D 75 -15.76 15.49 -11.91
CA ALA D 75 -16.42 15.22 -10.64
C ALA D 75 -15.62 14.21 -9.84
N GLN D 76 -15.12 14.64 -8.68
CA GLN D 76 -14.31 13.78 -7.83
C GLN D 76 -15.18 12.88 -6.95
N ASP D 77 -15.58 13.39 -5.78
CA ASP D 77 -16.40 12.62 -4.84
C ASP D 77 -16.99 13.52 -3.76
N GLU D 78 -18.29 13.78 -3.85
CA GLU D 78 -18.99 14.64 -2.90
C GLU D 78 -18.33 16.01 -2.84
N ASP D 79 -18.13 16.53 -1.62
CA ASP D 79 -17.52 17.85 -1.44
C ASP D 79 -15.99 17.81 -1.59
N GLN D 80 -15.54 17.47 -2.80
CA GLN D 80 -14.12 17.42 -3.09
C GLN D 80 -13.84 18.36 -4.26
N PRO D 81 -12.86 19.27 -4.10
CA PRO D 81 -12.50 20.28 -5.11
C PRO D 81 -12.36 19.74 -6.52
N VAL D 82 -13.02 20.42 -7.45
CA VAL D 82 -12.99 20.07 -8.87
C VAL D 82 -11.57 20.11 -9.42
N LEU D 83 -11.25 19.09 -10.19
CA LEU D 83 -9.93 18.98 -10.78
C LEU D 83 -9.97 19.32 -12.26
N LEU D 84 -9.33 20.43 -12.61
CA LEU D 84 -9.29 20.88 -14.00
C LEU D 84 -8.24 20.09 -14.79
N LYS D 85 -8.71 19.19 -15.65
CA LYS D 85 -7.82 18.35 -16.45
C LYS D 85 -7.47 19.03 -17.78
N GLU D 86 -6.25 18.81 -18.25
CA GLU D 86 -5.81 19.40 -19.50
C GLU D 86 -5.24 18.34 -20.45
N MET D 87 -5.96 18.09 -21.55
CA MET D 87 -5.53 17.12 -22.54
C MET D 87 -5.76 17.67 -23.96
N PRO D 88 -4.68 17.71 -24.76
CA PRO D 88 -4.70 18.22 -26.14
C PRO D 88 -5.80 17.61 -27.00
N GLU D 89 -6.59 18.50 -27.60
CA GLU D 89 -7.66 18.14 -28.54
C GLU D 89 -8.84 17.44 -27.88
N ILE D 90 -10.04 17.88 -28.25
CA ILE D 90 -11.30 17.31 -27.74
C ILE D 90 -11.61 15.95 -28.37
N PRO D 91 -11.89 14.95 -27.53
CA PRO D 91 -12.32 13.63 -28.00
C PRO D 91 -13.67 13.69 -28.72
N LYS D 92 -13.82 12.87 -29.75
CA LYS D 92 -15.06 12.80 -30.51
C LYS D 92 -15.88 11.60 -30.06
N THR D 93 -15.18 10.64 -29.48
CA THR D 93 -15.77 9.41 -29.01
C THR D 93 -15.33 9.17 -27.57
N ILE D 94 -16.30 9.10 -26.69
CA ILE D 94 -16.06 9.12 -25.27
C ILE D 94 -16.09 7.71 -24.70
N THR D 95 -14.99 7.38 -24.05
CA THR D 95 -14.85 6.10 -23.44
C THR D 95 -15.34 6.17 -22.03
N GLY D 96 -15.02 5.16 -21.23
CA GLY D 96 -15.45 5.13 -19.84
C GLY D 96 -14.44 5.69 -18.86
N SER D 97 -13.41 6.36 -19.38
CA SER D 97 -12.37 6.94 -18.51
C SER D 97 -12.66 8.41 -18.24
N GLU D 98 -13.39 9.03 -19.17
CA GLU D 98 -13.73 10.45 -19.06
C GLU D 98 -15.17 10.63 -18.60
N THR D 99 -15.64 9.75 -17.72
CA THR D 99 -17.01 9.80 -17.23
C THR D 99 -17.17 10.81 -16.08
N ASN D 100 -16.07 11.45 -15.69
CA ASN D 100 -16.09 12.41 -14.59
C ASN D 100 -16.36 13.83 -15.11
N LEU D 101 -15.91 14.11 -16.32
CA LEU D 101 -16.09 15.45 -16.91
C LEU D 101 -17.37 15.53 -17.74
N LEU D 102 -18.31 14.64 -17.45
CA LEU D 102 -19.59 14.61 -18.18
C LEU D 102 -20.64 15.30 -17.34
N PHE D 103 -21.59 16.03 -17.96
CA PHE D 103 -22.50 16.84 -17.17
C PHE D 103 -23.92 16.82 -17.68
N PHE D 104 -24.79 16.39 -16.79
CA PHE D 104 -26.21 16.31 -17.03
C PHE D 104 -26.80 17.68 -16.71
N TRP D 105 -27.09 18.45 -17.73
CA TRP D 105 -27.54 19.82 -17.50
C TRP D 105 -29.07 19.93 -17.54
N GLU D 106 -29.64 20.28 -16.40
CA GLU D 106 -31.06 20.48 -16.29
C GLU D 106 -31.37 21.98 -16.25
N THR D 107 -31.94 22.50 -17.32
CA THR D 107 -32.19 23.93 -17.45
C THR D 107 -33.64 24.27 -17.11
N HIS D 108 -33.81 25.25 -16.24
CA HIS D 108 -35.14 25.72 -15.86
C HIS D 108 -35.27 27.21 -16.14
N GLY D 109 -35.86 27.54 -17.28
CA GLY D 109 -36.02 28.93 -17.66
C GLY D 109 -34.69 29.65 -17.85
N THR D 110 -34.27 30.37 -16.82
CA THR D 110 -33.01 31.10 -16.87
C THR D 110 -31.93 30.36 -16.10
N LYS D 111 -32.29 29.80 -14.96
CA LYS D 111 -31.35 29.08 -14.12
C LYS D 111 -31.14 27.68 -14.66
N ASN D 112 -30.06 27.07 -14.27
CA ASN D 112 -29.71 25.75 -14.74
C ASN D 112 -28.85 25.02 -13.73
N TYR D 113 -28.96 23.71 -13.72
CA TYR D 113 -28.18 22.88 -12.81
C TYR D 113 -27.15 22.08 -13.59
N PHE D 114 -26.13 21.62 -12.88
CA PHE D 114 -25.11 20.76 -13.46
C PHE D 114 -24.95 19.51 -12.62
N THR D 115 -25.57 18.44 -13.08
CA THR D 115 -25.58 17.17 -12.38
C THR D 115 -24.43 16.28 -12.86
N SER D 116 -23.76 15.62 -11.92
CA SER D 116 -22.68 14.70 -12.27
C SER D 116 -23.24 13.40 -12.84
N VAL D 117 -22.74 13.00 -14.00
CA VAL D 117 -23.13 11.75 -14.63
C VAL D 117 -22.40 10.58 -13.96
N ALA D 118 -21.27 10.86 -13.32
CA ALA D 118 -20.50 9.82 -12.64
C ALA D 118 -21.24 9.34 -11.39
N HIS D 119 -21.37 10.23 -10.41
CA HIS D 119 -22.09 9.92 -9.18
C HIS D 119 -23.32 10.83 -9.11
N PRO D 120 -24.52 10.21 -9.10
CA PRO D 120 -25.81 10.94 -9.14
C PRO D 120 -25.97 12.01 -8.06
N ASN D 121 -25.56 11.71 -6.84
CA ASN D 121 -25.79 12.59 -5.69
C ASN D 121 -24.91 13.83 -5.75
N LEU D 122 -24.08 13.95 -6.78
CA LEU D 122 -23.18 15.07 -6.91
C LEU D 122 -23.81 16.16 -7.77
N PHE D 123 -23.62 17.38 -7.32
CA PHE D 123 -24.15 18.55 -7.98
C PHE D 123 -23.13 19.67 -7.78
N ILE D 124 -22.99 20.55 -8.75
CA ILE D 124 -21.93 21.55 -8.70
C ILE D 124 -22.37 22.77 -7.88
N ALA D 125 -21.86 22.85 -6.65
CA ALA D 125 -22.28 23.86 -5.69
C ALA D 125 -21.39 25.07 -5.73
N THR D 126 -21.90 26.20 -5.27
CA THR D 126 -21.15 27.43 -5.31
C THR D 126 -20.97 28.00 -3.91
N LYS D 127 -19.73 28.33 -3.62
CA LYS D 127 -19.33 28.84 -2.31
C LYS D 127 -19.04 30.33 -2.40
N GLN D 128 -19.21 31.04 -1.29
CA GLN D 128 -18.95 32.48 -1.22
C GLN D 128 -17.45 32.79 -1.16
N ASP D 129 -16.68 31.89 -0.56
CA ASP D 129 -15.26 32.16 -0.34
C ASP D 129 -14.37 31.06 -0.90
N TYR D 130 -14.89 29.84 -0.94
CA TYR D 130 -14.09 28.71 -1.40
C TYR D 130 -14.26 28.43 -2.88
N TRP D 131 -13.53 27.42 -3.35
CA TRP D 131 -13.54 27.01 -4.75
C TRP D 131 -14.89 26.42 -5.15
N VAL D 132 -15.26 26.61 -6.42
CA VAL D 132 -16.49 26.06 -6.94
C VAL D 132 -16.34 24.55 -7.06
N CYS D 133 -16.96 23.83 -6.14
CA CYS D 133 -16.79 22.39 -6.08
C CYS D 133 -18.03 21.67 -6.59
N LEU D 134 -18.22 20.46 -6.08
CA LEU D 134 -19.38 19.65 -6.36
C LEU D 134 -19.84 19.22 -5.01
N ALA D 135 -21.04 18.74 -4.86
CA ALA D 135 -21.54 18.50 -3.54
C ALA D 135 -22.81 17.69 -3.56
N GLY D 136 -23.18 17.26 -2.39
CA GLY D 136 -24.53 17.01 -2.11
C GLY D 136 -24.97 18.27 -1.45
N GLY D 137 -26.12 18.74 -1.79
CA GLY D 137 -26.44 20.10 -1.44
C GLY D 137 -27.37 20.29 -0.25
N PRO D 138 -26.80 20.63 0.92
CA PRO D 138 -27.46 21.39 1.95
C PRO D 138 -26.89 22.82 1.97
N PRO D 139 -27.73 23.82 2.32
CA PRO D 139 -27.63 25.26 2.02
C PRO D 139 -26.45 25.83 1.16
N SER D 140 -25.66 25.00 0.49
CA SER D 140 -24.75 25.45 -0.54
C SER D 140 -25.56 25.76 -1.78
N ILE D 141 -25.20 26.81 -2.51
CA ILE D 141 -25.98 27.19 -3.68
C ILE D 141 -25.53 26.37 -4.87
N THR D 142 -26.18 25.24 -5.08
CA THR D 142 -25.87 24.43 -6.24
C THR D 142 -26.79 24.85 -7.40
N ASP D 143 -27.04 26.15 -7.46
CA ASP D 143 -27.75 26.81 -8.57
C ASP D 143 -26.74 27.38 -9.55
N PHE D 144 -27.13 27.45 -10.81
CA PHE D 144 -26.37 28.24 -11.76
C PHE D 144 -27.29 29.02 -12.68
N GLN D 145 -26.67 29.92 -13.42
CA GLN D 145 -27.33 30.81 -14.34
C GLN D 145 -26.27 31.26 -15.34
N ILE D 146 -26.58 31.31 -16.62
CA ILE D 146 -25.53 31.66 -17.56
C ILE D 146 -25.60 33.15 -17.90
N LEU D 147 -24.60 33.88 -17.42
CA LEU D 147 -24.47 35.28 -17.75
C LEU D 147 -23.22 35.56 -18.58
N GLU D 148 -23.41 36.13 -19.76
CA GLU D 148 -22.29 36.45 -20.62
C GLU D 148 -21.72 37.82 -20.27
N ASN D 149 -20.45 38.03 -20.59
CA ASN D 149 -19.84 39.34 -20.44
C ASN D 149 -20.01 40.13 -21.74
N GLN D 150 -19.68 41.40 -21.70
CA GLN D 150 -19.86 42.26 -22.86
C GLN D 150 -18.80 41.96 -23.92
N ALA D 151 -17.54 42.03 -23.50
CA ALA D 151 -16.41 41.75 -24.38
C ALA D 151 -15.15 41.55 -23.55
N ASN A 1 10.83 -1.49 33.08
CA ASN A 1 9.92 -2.41 32.34
C ASN A 1 10.15 -3.82 32.83
N VAL A 2 9.51 -4.81 32.23
CA VAL A 2 9.75 -6.18 32.59
C VAL A 2 10.81 -6.75 31.67
N LYS A 3 11.90 -7.21 32.24
CA LYS A 3 12.97 -7.80 31.48
C LYS A 3 12.93 -9.31 31.61
N TYR A 4 13.30 -9.99 30.55
CA TYR A 4 13.47 -11.42 30.62
C TYR A 4 14.96 -11.67 30.74
N ASN A 5 15.36 -12.14 31.90
CA ASN A 5 16.77 -12.10 32.27
C ASN A 5 17.40 -13.44 32.01
N PHE A 6 18.61 -13.41 31.50
CA PHE A 6 19.30 -14.63 31.10
C PHE A 6 19.50 -15.52 32.30
N MET A 7 19.11 -16.77 32.12
CA MET A 7 19.06 -17.75 33.19
C MET A 7 20.37 -18.53 33.26
N ARG A 8 20.70 -19.31 32.24
CA ARG A 8 21.94 -20.05 32.29
C ARG A 8 22.41 -20.51 30.90
N ILE A 9 23.72 -20.56 30.76
CA ILE A 9 24.38 -21.02 29.56
C ILE A 9 24.47 -22.55 29.55
N ILE A 10 23.84 -23.16 28.56
CA ILE A 10 23.86 -24.59 28.40
C ILE A 10 25.08 -24.95 27.57
N LYS A 11 24.87 -25.71 26.53
CA LYS A 11 25.96 -26.28 25.76
C LYS A 11 26.12 -25.48 24.49
N TYR A 12 27.27 -25.60 23.85
CA TYR A 12 27.58 -24.71 22.74
C TYR A 12 28.37 -25.41 21.66
N GLU A 13 28.22 -24.88 20.45
CA GLU A 13 28.84 -25.41 19.24
C GLU A 13 28.57 -26.90 19.05
N PHE A 14 27.43 -27.34 19.56
CA PHE A 14 26.96 -28.71 19.35
C PHE A 14 25.84 -28.70 18.32
N ILE A 15 25.80 -29.73 17.48
CA ILE A 15 24.83 -29.77 16.40
C ILE A 15 23.72 -30.79 16.65
N LEU A 16 22.51 -30.39 16.30
CA LEU A 16 21.35 -31.23 16.44
C LEU A 16 20.95 -31.81 15.08
N ASN A 17 20.65 -33.09 15.10
CA ASN A 17 20.18 -33.82 13.93
C ASN A 17 18.87 -34.50 14.31
N ASP A 18 17.98 -34.62 13.35
CA ASP A 18 16.61 -35.04 13.63
C ASP A 18 16.48 -36.55 13.44
N ALA A 19 15.27 -37.07 13.54
CA ALA A 19 15.04 -38.50 13.35
C ALA A 19 15.36 -38.94 11.90
N LEU A 20 15.43 -37.98 10.99
CA LEU A 20 15.86 -38.26 9.62
C LEU A 20 17.35 -38.44 9.62
N ASN A 21 17.93 -37.94 10.71
CA ASN A 21 19.35 -37.91 10.93
C ASN A 21 20.03 -37.08 9.85
N GLN A 22 19.88 -35.78 9.98
CA GLN A 22 20.48 -34.85 9.06
C GLN A 22 21.07 -33.69 9.82
N SER A 23 22.34 -33.43 9.61
CA SER A 23 23.00 -32.33 10.27
C SER A 23 22.49 -31.02 9.72
N ILE A 24 22.17 -30.12 10.60
CA ILE A 24 21.68 -28.82 10.18
C ILE A 24 22.81 -28.03 9.54
N ILE A 25 22.90 -28.09 8.22
CA ILE A 25 24.07 -27.59 7.51
C ILE A 25 23.83 -26.17 7.00
N ARG A 26 24.89 -25.38 6.96
CA ARG A 26 24.81 -24.00 6.58
C ARG A 26 24.86 -23.86 5.06
N ALA A 27 23.75 -23.48 4.46
CA ALA A 27 23.71 -23.25 3.03
C ALA A 27 23.90 -21.77 2.75
N ASN A 28 23.30 -20.95 3.61
CA ASN A 28 23.39 -19.49 3.51
C ASN A 28 23.16 -18.87 4.88
N ASP A 29 23.28 -17.54 4.97
CA ASP A 29 23.08 -16.83 6.23
C ASP A 29 21.59 -16.47 6.42
N GLN A 30 20.74 -17.15 5.67
CA GLN A 30 19.30 -16.93 5.73
C GLN A 30 18.56 -18.24 5.45
N TYR A 31 19.22 -19.12 4.68
CA TYR A 31 18.65 -20.42 4.32
C TYR A 31 19.56 -21.56 4.77
N LEU A 32 18.98 -22.56 5.42
CA LEU A 32 19.71 -23.72 5.89
C LEU A 32 18.98 -25.01 5.52
N THR A 33 19.74 -25.96 5.01
CA THR A 33 19.20 -27.26 4.60
C THR A 33 19.83 -28.37 5.43
N ALA A 34 19.04 -29.38 5.77
CA ALA A 34 19.56 -30.46 6.58
C ALA A 34 20.13 -31.55 5.68
N ALA A 35 21.38 -31.89 5.95
CA ALA A 35 22.08 -32.93 5.24
C ALA A 35 23.15 -33.51 6.14
N ALA A 36 23.36 -34.81 6.09
CA ALA A 36 24.36 -35.44 6.94
C ALA A 36 25.73 -34.83 6.65
N LEU A 37 26.43 -34.41 7.71
CA LEU A 37 27.68 -33.70 7.53
C LEU A 37 28.73 -34.62 6.93
N HIS A 38 29.62 -34.02 6.19
CA HIS A 38 30.69 -34.73 5.53
C HIS A 38 31.98 -33.92 5.57
N ASN A 39 31.84 -32.63 5.86
CA ASN A 39 33.00 -31.81 6.17
C ASN A 39 33.06 -31.53 7.68
N LEU A 40 32.04 -32.01 8.40
CA LEU A 40 31.93 -31.91 9.86
C LEU A 40 31.83 -30.47 10.34
N ASP A 41 32.89 -29.70 10.18
CA ASP A 41 32.80 -28.26 10.40
C ASP A 41 32.19 -27.68 9.14
N GLU A 42 30.91 -27.93 9.03
CA GLU A 42 30.14 -27.67 7.83
C GLU A 42 28.72 -27.26 8.21
N ALA A 43 28.24 -27.86 9.28
CA ALA A 43 26.97 -27.51 9.86
C ALA A 43 27.14 -26.31 10.78
N VAL A 44 26.06 -25.60 11.03
CA VAL A 44 26.11 -24.43 11.86
C VAL A 44 26.15 -24.85 13.30
N LYS A 45 27.08 -24.32 14.06
CA LYS A 45 27.23 -24.74 15.41
C LYS A 45 26.45 -23.82 16.30
N PHE A 46 25.47 -24.39 16.94
CA PHE A 46 24.59 -23.62 17.77
C PHE A 46 24.95 -23.73 19.24
N ASP A 47 24.47 -22.77 19.97
CA ASP A 47 24.66 -22.64 21.40
C ASP A 47 23.39 -22.14 22.02
N MET A 48 23.08 -22.67 23.17
CA MET A 48 21.82 -22.37 23.79
C MET A 48 22.04 -21.41 24.95
N GLY A 49 21.21 -20.37 24.97
CA GLY A 49 21.23 -19.41 26.03
C GLY A 49 19.84 -19.14 26.52
N ALA A 50 19.56 -19.47 27.75
CA ALA A 50 18.20 -19.44 28.24
C ALA A 50 17.85 -18.06 28.74
N TYR A 51 16.60 -17.71 28.62
CA TYR A 51 16.10 -16.45 29.11
C TYR A 51 14.93 -16.78 30.01
N LYS A 52 14.52 -15.88 30.88
CA LYS A 52 13.46 -16.23 31.78
C LYS A 52 12.40 -15.15 31.90
N SER A 53 11.20 -15.56 31.56
CA SER A 53 9.99 -14.86 31.89
C SER A 53 8.97 -15.94 32.22
N SER A 54 7.92 -15.64 32.94
CA SER A 54 6.93 -16.68 33.23
C SER A 54 5.88 -16.73 32.13
N LYS A 55 6.36 -16.68 30.89
CA LYS A 55 5.50 -16.82 29.73
C LYS A 55 5.93 -17.96 28.84
N ASP A 56 6.51 -19.03 29.40
CA ASP A 56 6.87 -20.17 28.57
C ASP A 56 5.64 -21.04 28.35
N ASP A 57 5.75 -22.33 28.64
CA ASP A 57 4.59 -23.14 28.96
C ASP A 57 4.83 -23.88 30.26
N ALA A 58 5.57 -24.99 30.15
CA ALA A 58 6.02 -25.77 31.31
C ALA A 58 7.53 -26.07 31.20
N LYS A 59 8.22 -25.31 30.38
CA LYS A 59 9.61 -25.61 29.98
C LYS A 59 10.36 -24.32 29.76
N ILE A 60 11.66 -24.36 30.03
CA ILE A 60 12.46 -23.15 30.05
C ILE A 60 13.08 -22.96 28.69
N THR A 61 13.27 -21.71 28.31
CA THR A 61 13.47 -21.36 26.93
C THR A 61 14.84 -20.76 26.69
N VAL A 62 15.46 -21.17 25.59
CA VAL A 62 16.80 -20.73 25.25
C VAL A 62 16.84 -20.20 23.81
N ILE A 63 17.91 -19.48 23.46
CA ILE A 63 18.04 -18.92 22.14
C ILE A 63 19.12 -19.69 21.40
N LEU A 64 18.85 -20.04 20.17
CA LEU A 64 19.80 -20.82 19.39
C LEU A 64 20.56 -19.92 18.42
N ARG A 65 21.86 -19.86 18.63
CA ARG A 65 22.75 -18.96 17.93
C ARG A 65 24.01 -19.69 17.51
N ILE A 66 24.65 -19.24 16.45
CA ILE A 66 25.89 -19.86 16.03
C ILE A 66 27.02 -19.29 16.89
N SER A 67 27.80 -20.17 17.48
CA SER A 67 28.77 -19.80 18.51
C SER A 67 29.65 -18.59 18.12
N LYS A 68 29.85 -18.36 16.82
CA LYS A 68 30.72 -17.28 16.37
C LYS A 68 29.95 -15.98 16.18
N THR A 69 28.89 -16.01 15.39
CA THR A 69 28.08 -14.82 15.15
C THR A 69 26.69 -15.00 15.72
N GLN A 70 25.89 -13.97 15.79
CA GLN A 70 24.63 -14.16 16.44
C GLN A 70 23.55 -14.33 15.41
N LEU A 71 23.54 -15.53 14.83
CA LEU A 71 22.55 -15.94 13.84
C LEU A 71 21.51 -16.81 14.53
N TYR A 72 20.32 -16.26 14.73
CA TYR A 72 19.28 -16.99 15.43
C TYR A 72 18.29 -17.52 14.41
N VAL A 73 17.74 -18.69 14.65
CA VAL A 73 16.65 -19.13 13.81
C VAL A 73 15.36 -18.61 14.42
N THR A 74 14.63 -17.83 13.63
CA THR A 74 13.36 -17.25 14.09
C THR A 74 12.16 -18.04 13.57
N ALA A 75 11.00 -17.74 14.13
CA ALA A 75 9.76 -18.40 13.73
C ALA A 75 8.90 -17.44 12.93
N GLN A 76 8.49 -17.87 11.74
CA GLN A 76 7.68 -17.02 10.87
C GLN A 76 6.19 -17.30 11.06
N ASP A 77 5.66 -18.32 10.37
CA ASP A 77 4.24 -18.67 10.46
C ASP A 77 3.99 -20.04 9.85
N GLU A 78 3.78 -21.04 10.72
CA GLU A 78 3.54 -22.42 10.29
C GLU A 78 4.66 -22.90 9.39
N ASP A 79 4.31 -23.53 8.26
CA ASP A 79 5.28 -24.06 7.30
C ASP A 79 5.91 -22.94 6.44
N GLN A 80 6.77 -22.17 7.07
CA GLN A 80 7.48 -21.10 6.38
C GLN A 80 8.95 -21.17 6.77
N PRO A 81 9.85 -21.18 5.77
CA PRO A 81 11.29 -21.31 5.98
C PRO A 81 11.87 -20.36 7.03
N VAL A 82 12.61 -20.95 7.97
CA VAL A 82 13.28 -20.22 9.03
C VAL A 82 14.20 -19.14 8.48
N LEU A 83 14.12 -17.96 9.08
CA LEU A 83 14.94 -16.84 8.66
C LEU A 83 16.07 -16.60 9.65
N LEU A 84 17.30 -16.83 9.20
CA LEU A 84 18.48 -16.64 10.03
C LEU A 84 18.85 -15.16 10.13
N LYS A 85 18.67 -14.60 11.33
CA LYS A 85 18.96 -13.18 11.57
C LYS A 85 20.32 -13.00 12.24
N GLU A 86 21.11 -12.05 11.75
CA GLU A 86 22.43 -11.78 12.32
C GLU A 86 22.47 -10.41 12.99
N MET A 87 22.71 -10.41 14.31
CA MET A 87 22.80 -9.16 15.06
C MET A 87 23.98 -9.22 16.02
N PRO A 88 24.94 -8.28 15.86
CA PRO A 88 26.15 -8.19 16.69
C PRO A 88 25.86 -8.21 18.19
N GLU A 89 26.52 -9.14 18.88
CA GLU A 89 26.47 -9.27 20.33
C GLU A 89 25.11 -9.78 20.84
N ILE A 90 25.18 -10.74 21.76
CA ILE A 90 23.99 -11.33 22.38
C ILE A 90 23.35 -10.41 23.42
N PRO A 91 22.04 -10.17 23.30
CA PRO A 91 21.29 -9.39 24.27
C PRO A 91 21.26 -10.08 25.65
N LYS A 92 21.29 -9.28 26.70
CA LYS A 92 21.26 -9.78 28.07
C LYS A 92 19.85 -9.64 28.62
N THR A 93 19.11 -8.71 28.03
CA THR A 93 17.76 -8.41 28.43
C THR A 93 16.86 -8.44 27.21
N ILE A 94 15.88 -9.31 27.25
CA ILE A 94 15.08 -9.64 26.09
C ILE A 94 13.77 -8.86 26.11
N THR A 95 13.51 -8.18 25.01
CA THR A 95 12.41 -7.26 24.89
C THR A 95 11.33 -7.84 23.97
N GLY A 96 10.33 -7.01 23.65
CA GLY A 96 9.24 -7.44 22.79
C GLY A 96 9.56 -7.20 21.32
N SER A 97 10.71 -7.70 20.87
CA SER A 97 11.13 -7.55 19.49
C SER A 97 11.74 -8.84 18.97
N GLU A 98 12.38 -9.59 19.88
CA GLU A 98 13.01 -10.85 19.53
C GLU A 98 12.24 -12.03 20.11
N THR A 99 10.92 -12.02 19.93
CA THR A 99 10.06 -13.09 20.45
C THR A 99 9.90 -14.24 19.44
N ASN A 100 10.55 -14.11 18.29
CA ASN A 100 10.47 -15.13 17.25
C ASN A 100 11.61 -16.14 17.35
N LEU A 101 12.76 -15.67 17.85
CA LEU A 101 13.94 -16.53 17.99
C LEU A 101 13.99 -17.21 19.37
N LEU A 102 12.85 -17.29 20.03
CA LEU A 102 12.78 -17.92 21.34
C LEU A 102 12.28 -19.35 21.20
N PHE A 103 12.78 -20.29 22.01
CA PHE A 103 12.46 -21.68 21.75
C PHE A 103 12.20 -22.47 23.01
N PHE A 104 11.01 -23.03 23.06
CA PHE A 104 10.54 -23.86 24.13
C PHE A 104 11.00 -25.28 23.85
N TRP A 105 12.04 -25.70 24.53
CA TRP A 105 12.63 -27.00 24.24
C TRP A 105 12.13 -28.08 25.18
N GLU A 106 11.40 -29.04 24.61
CA GLU A 106 10.90 -30.18 25.36
C GLU A 106 11.75 -31.41 25.05
N THR A 107 12.54 -31.83 26.03
CA THR A 107 13.47 -32.93 25.83
C THR A 107 12.91 -34.24 26.39
N HIS A 108 12.94 -35.29 25.57
CA HIS A 108 12.48 -36.60 25.99
C HIS A 108 13.60 -37.61 25.81
N GLY A 109 14.30 -37.92 26.90
CA GLY A 109 15.41 -38.86 26.85
C GLY A 109 16.54 -38.40 25.93
N THR A 110 16.52 -38.90 24.71
CA THR A 110 17.55 -38.55 23.73
C THR A 110 17.01 -37.54 22.73
N LYS A 111 15.76 -37.74 22.31
CA LYS A 111 15.13 -36.86 21.34
C LYS A 111 14.62 -35.61 22.04
N ASN A 112 14.40 -34.58 21.25
CA ASN A 112 13.96 -33.30 21.78
C ASN A 112 13.18 -32.54 20.74
N TYR A 113 12.25 -31.72 21.21
CA TYR A 113 11.45 -30.89 20.32
C TYR A 113 11.82 -29.42 20.49
N PHE A 114 11.48 -28.63 19.48
CA PHE A 114 11.68 -27.20 19.53
C PHE A 114 10.37 -26.47 19.21
N THR A 115 9.71 -26.03 20.26
CA THR A 115 8.42 -25.37 20.15
C THR A 115 8.59 -23.85 20.06
N SER A 116 7.83 -23.24 19.16
CA SER A 116 7.86 -21.78 19.02
C SER A 116 7.13 -21.10 20.18
N VAL A 117 7.82 -20.16 20.81
CA VAL A 117 7.22 -19.38 21.89
C VAL A 117 6.31 -18.28 21.33
N ALA A 118 6.55 -17.93 20.08
CA ALA A 118 5.73 -16.93 19.39
C ALA A 118 4.33 -17.47 19.12
N HIS A 119 4.27 -18.46 18.23
CA HIS A 119 3.02 -19.12 17.89
C HIS A 119 3.11 -20.58 18.34
N PRO A 120 2.23 -20.98 19.28
CA PRO A 120 2.23 -22.31 19.90
C PRO A 120 2.22 -23.48 18.91
N ASN A 121 1.40 -23.37 17.87
CA ASN A 121 1.19 -24.48 16.93
C ASN A 121 2.43 -24.72 16.04
N LEU A 122 3.47 -23.92 16.23
CA LEU A 122 4.67 -24.04 15.43
C LEU A 122 5.68 -24.93 16.12
N PHE A 123 6.29 -25.78 15.32
CA PHE A 123 7.28 -26.73 15.76
C PHE A 123 8.32 -26.87 14.67
N ILE A 124 9.58 -27.09 15.01
CA ILE A 124 10.63 -27.06 14.00
C ILE A 124 10.77 -28.43 13.33
N ALA A 125 10.25 -28.52 12.11
CA ALA A 125 10.17 -29.78 11.38
C ALA A 125 11.37 -29.98 10.48
N THR A 126 11.64 -31.25 10.14
CA THR A 126 12.79 -31.56 9.33
C THR A 126 12.37 -32.25 8.05
N LYS A 127 12.90 -31.74 6.95
CA LYS A 127 12.59 -32.21 5.62
C LYS A 127 13.76 -33.02 5.06
N GLN A 128 13.47 -33.94 4.15
CA GLN A 128 14.50 -34.77 3.52
C GLN A 128 15.27 -33.99 2.45
N ASP A 129 14.59 -33.05 1.78
CA ASP A 129 15.20 -32.35 0.66
C ASP A 129 15.18 -30.84 0.82
N TYR A 130 14.17 -30.34 1.54
CA TYR A 130 14.00 -28.91 1.72
C TYR A 130 14.69 -28.37 2.96
N TRP A 131 14.56 -27.07 3.15
CA TRP A 131 15.15 -26.37 4.29
C TRP A 131 14.46 -26.74 5.60
N VAL A 132 15.24 -26.76 6.68
CA VAL A 132 14.69 -27.06 8.00
C VAL A 132 13.80 -25.90 8.45
N CYS A 133 12.50 -26.11 8.37
CA CYS A 133 11.56 -25.04 8.65
C CYS A 133 10.90 -25.24 10.01
N LEU A 134 9.70 -24.70 10.12
CA LEU A 134 8.86 -24.87 11.28
C LEU A 134 7.55 -25.28 10.71
N ALA A 135 6.64 -25.81 11.50
CA ALA A 135 5.46 -26.40 10.93
C ALA A 135 4.42 -26.68 11.97
N GLY A 136 3.25 -27.00 11.47
CA GLY A 136 2.37 -27.83 12.18
C GLY A 136 2.63 -29.17 11.60
N GLY A 137 2.70 -30.16 12.42
CA GLY A 137 3.28 -31.40 11.96
C GLY A 137 2.30 -32.51 11.61
N PRO A 138 2.02 -32.70 10.31
CA PRO A 138 1.63 -33.97 9.73
C PRO A 138 2.81 -34.56 8.95
N PRO A 139 2.94 -35.90 8.90
CA PRO A 139 4.15 -36.71 8.63
C PRO A 139 5.53 -36.04 8.35
N SER A 140 5.69 -34.75 8.59
CA SER A 140 7.00 -34.14 8.65
C SER A 140 7.66 -34.53 9.96
N ILE A 141 8.96 -34.77 9.95
CA ILE A 141 9.62 -35.20 11.16
C ILE A 141 9.99 -34.00 12.01
N THR A 142 9.11 -33.61 12.89
CA THR A 142 9.40 -32.52 13.78
C THR A 142 10.05 -33.07 15.08
N ASP A 143 10.86 -34.09 14.88
CA ASP A 143 11.70 -34.69 15.91
C ASP A 143 13.09 -34.10 15.85
N PHE A 144 13.77 -34.04 16.97
CA PHE A 144 15.20 -33.78 16.96
C PHE A 144 15.94 -34.65 17.96
N GLN A 145 17.25 -34.62 17.84
CA GLN A 145 18.16 -35.40 18.65
C GLN A 145 19.49 -34.68 18.59
N ILE A 146 20.20 -34.54 19.69
CA ILE A 146 21.44 -33.79 19.62
C ILE A 146 22.62 -34.74 19.45
N LEU A 147 23.22 -34.69 18.27
CA LEU A 147 24.43 -35.47 18.02
C LEU A 147 25.63 -34.56 17.76
N GLU A 148 26.67 -34.72 18.55
CA GLU A 148 27.86 -33.93 18.40
C GLU A 148 28.80 -34.57 17.38
N ASN A 149 29.64 -33.76 16.75
CA ASN A 149 30.68 -34.28 15.87
C ASN A 149 31.94 -34.54 16.69
N GLN A 150 32.92 -35.18 16.07
CA GLN A 150 34.14 -35.54 16.77
C GLN A 150 35.02 -34.30 16.97
N ALA A 151 35.31 -33.62 15.87
CA ALA A 151 36.13 -32.42 15.89
C ALA A 151 35.99 -31.68 14.56
N MET B 1 18.91 -14.43 -4.32
CA MET B 1 18.11 -13.93 -3.17
C MET B 1 18.12 -12.42 -3.10
N ALA B 2 18.33 -11.77 -4.25
CA ALA B 2 18.38 -10.31 -4.28
C ALA B 2 17.62 -9.74 -5.46
N ALA B 3 16.57 -8.99 -5.15
CA ALA B 3 15.83 -8.24 -6.15
C ALA B 3 16.69 -7.16 -6.81
N GLU B 4 17.22 -7.46 -7.98
CA GLU B 4 17.94 -6.46 -8.76
C GLU B 4 16.94 -5.49 -9.37
N PRO B 5 17.37 -4.31 -9.90
CA PRO B 5 16.47 -3.26 -10.39
C PRO B 5 15.28 -3.80 -11.17
N LEU B 6 14.13 -3.16 -11.02
CA LEU B 6 12.90 -3.72 -11.52
C LEU B 6 12.19 -2.83 -12.54
N THR B 7 11.11 -3.39 -13.07
CA THR B 7 10.17 -2.68 -13.95
C THR B 7 9.51 -1.50 -13.20
N GLU B 8 8.63 -0.73 -13.84
CA GLU B 8 8.26 0.57 -13.29
C GLU B 8 7.32 0.45 -12.08
N LEU B 9 6.23 -0.30 -12.19
CA LEU B 9 5.35 -0.43 -11.03
C LEU B 9 6.07 -1.14 -9.90
N GLU B 10 7.04 -1.94 -10.29
CA GLU B 10 7.91 -2.60 -9.33
C GLU B 10 8.82 -1.57 -8.71
N GLU B 11 9.33 -0.66 -9.54
CA GLU B 11 10.21 0.39 -9.07
C GLU B 11 9.51 1.12 -7.96
N SER B 12 8.22 1.30 -8.15
CA SER B 12 7.44 2.02 -7.16
C SER B 12 7.18 1.16 -5.90
N ILE B 13 6.86 -0.13 -6.05
CA ILE B 13 6.60 -0.96 -4.88
C ILE B 13 7.86 -1.52 -4.21
N GLU B 14 8.89 -1.86 -4.98
CA GLU B 14 10.19 -2.25 -4.43
C GLU B 14 10.74 -1.16 -3.52
N THR B 15 10.68 0.05 -4.02
CA THR B 15 11.08 1.23 -3.28
C THR B 15 10.43 1.28 -1.88
N VAL B 16 9.19 0.83 -1.80
CA VAL B 16 8.47 0.77 -0.53
C VAL B 16 9.12 -0.25 0.39
N VAL B 17 9.66 -1.31 -0.20
CA VAL B 17 10.23 -2.42 0.55
C VAL B 17 11.53 -2.01 1.21
N THR B 18 12.41 -1.45 0.41
CA THR B 18 13.78 -1.19 0.83
C THR B 18 13.84 -0.30 2.06
N THR B 19 13.05 0.76 2.04
CA THR B 19 13.01 1.68 3.18
C THR B 19 12.51 0.93 4.42
N PHE B 20 11.35 0.34 4.23
CA PHE B 20 10.71 -0.57 5.19
C PHE B 20 11.71 -1.56 5.81
N PHE B 21 12.42 -2.30 4.93
CA PHE B 21 13.37 -3.35 5.35
C PHE B 21 14.54 -2.79 6.14
N THR B 22 14.95 -1.57 5.85
CA THR B 22 16.03 -0.92 6.57
C THR B 22 15.70 -0.85 8.06
N PHE B 23 14.44 -0.62 8.37
CA PHE B 23 14.01 -0.54 9.76
C PHE B 23 13.66 -1.92 10.29
N ALA B 24 12.99 -2.72 9.46
CA ALA B 24 12.63 -4.10 9.82
C ALA B 24 13.87 -4.89 10.21
N ARG B 25 14.99 -4.65 9.52
CA ARG B 25 16.24 -5.36 9.78
C ARG B 25 16.99 -4.79 11.01
N GLN B 26 16.61 -3.58 11.43
CA GLN B 26 17.26 -2.93 12.57
C GLN B 26 17.18 -3.77 13.85
N GLU B 27 15.97 -4.03 14.33
CA GLU B 27 15.77 -4.80 15.55
C GLU B 27 15.45 -6.27 15.25
N GLY B 28 14.87 -6.97 16.24
CA GLY B 28 14.51 -8.36 16.08
C GLY B 28 13.58 -8.61 14.91
N ARG B 29 13.76 -9.76 14.25
CA ARG B 29 12.96 -10.12 13.08
C ARG B 29 13.19 -9.11 11.96
N LYS B 30 14.17 -9.40 11.09
CA LYS B 30 14.51 -8.50 10.00
C LYS B 30 13.45 -8.45 8.90
N ASP B 31 12.37 -9.21 9.09
CA ASP B 31 11.30 -9.23 8.10
C ASP B 31 10.07 -8.45 8.57
N SER B 32 10.12 -7.91 9.79
CA SER B 32 8.99 -7.16 10.32
C SER B 32 9.45 -6.09 11.31
N LEU B 33 8.69 -5.00 11.38
CA LEU B 33 9.00 -3.89 12.30
C LEU B 33 8.27 -4.11 13.60
N SER B 34 8.91 -3.77 14.72
CA SER B 34 8.31 -3.94 16.03
C SER B 34 7.47 -2.72 16.41
N VAL B 35 6.92 -2.73 17.62
CA VAL B 35 6.11 -1.62 18.10
C VAL B 35 6.95 -0.40 18.38
N ASN B 36 8.27 -0.58 18.45
CA ASN B 36 9.20 0.51 18.70
C ASN B 36 9.57 1.22 17.39
N GLU B 37 9.68 0.44 16.31
CA GLU B 37 10.03 1.01 15.01
C GLU B 37 8.83 1.73 14.40
N PHE B 38 7.63 1.31 14.80
CA PHE B 38 6.41 1.92 14.33
C PHE B 38 6.32 3.25 15.02
N LYS B 39 6.52 3.20 16.32
CA LYS B 39 6.48 4.39 17.14
C LYS B 39 7.57 5.36 16.71
N GLU B 40 8.76 4.85 16.37
CA GLU B 40 9.84 5.74 15.93
C GLU B 40 9.46 6.48 14.66
N LEU B 41 8.90 5.78 13.68
CA LEU B 41 8.56 6.39 12.42
C LEU B 41 7.35 7.29 12.56
N VAL B 42 6.39 6.84 13.33
CA VAL B 42 5.16 7.57 13.51
C VAL B 42 5.47 8.89 14.21
N THR B 43 6.22 8.78 15.30
CA THR B 43 6.72 9.94 16.03
C THR B 43 7.67 10.81 15.19
N GLN B 44 8.72 10.19 14.64
CA GLN B 44 9.79 10.89 13.98
C GLN B 44 9.52 11.14 12.49
N GLN B 45 9.17 10.09 11.76
CA GLN B 45 9.03 10.16 10.31
C GLN B 45 7.63 10.62 9.89
N LEU B 46 6.64 10.41 10.71
CA LEU B 46 5.25 10.60 10.31
C LEU B 46 4.59 11.92 10.74
N PRO B 47 5.16 12.76 11.66
CA PRO B 47 4.51 14.02 12.07
C PRO B 47 3.97 14.82 10.89
N HIS B 48 4.72 14.80 9.79
CA HIS B 48 4.30 15.47 8.58
C HIS B 48 3.19 14.69 7.87
N LEU B 49 3.37 13.38 7.79
CA LEU B 49 2.41 12.49 7.12
C LEU B 49 1.18 12.23 7.99
N LEU B 50 1.36 11.37 8.98
CA LEU B 50 0.31 10.99 9.89
C LEU B 50 0.33 11.86 11.12
N LYS B 51 -0.40 12.95 11.00
CA LYS B 51 -0.64 13.90 12.06
C LYS B 51 -1.37 13.29 13.25
N ASP B 52 -0.76 12.28 13.79
CA ASP B 52 -1.26 11.57 14.96
C ASP B 52 -0.11 10.75 15.51
N VAL B 53 0.93 11.48 15.89
CA VAL B 53 2.17 10.89 16.37
C VAL B 53 2.04 10.44 17.81
N GLY B 54 0.94 10.84 18.44
CA GLY B 54 0.71 10.47 19.82
C GLY B 54 0.18 9.06 19.93
N SER B 55 -1.13 8.91 19.74
CA SER B 55 -1.80 7.64 19.92
C SER B 55 -1.61 6.71 18.75
N LEU B 56 -0.35 6.40 18.46
CA LEU B 56 0.01 5.40 17.48
C LEU B 56 -0.80 4.12 17.71
N ASP B 57 -1.14 3.91 18.98
CA ASP B 57 -1.84 2.72 19.44
C ASP B 57 -2.97 2.30 18.51
N GLU B 58 -3.89 3.20 18.22
CA GLU B 58 -5.12 2.84 17.49
C GLU B 58 -4.79 2.15 16.16
N LYS B 59 -3.86 2.74 15.43
CA LYS B 59 -3.45 2.26 14.14
C LYS B 59 -2.67 0.97 14.32
N MET B 60 -1.79 0.99 15.31
CA MET B 60 -1.01 -0.17 15.68
C MET B 60 -1.94 -1.36 15.91
N LYS B 61 -2.98 -1.17 16.71
CA LYS B 61 -3.93 -2.24 17.04
C LYS B 61 -4.59 -2.80 15.78
N SER B 62 -4.90 -1.91 14.84
CA SER B 62 -5.58 -2.30 13.61
C SER B 62 -4.68 -3.17 12.74
N LEU B 63 -3.38 -2.91 12.82
CA LEU B 63 -2.38 -3.65 12.04
C LEU B 63 -1.93 -4.90 12.80
N ASP B 64 -1.62 -4.67 14.06
CA ASP B 64 -1.20 -5.69 15.02
C ASP B 64 -2.24 -6.79 15.20
N VAL B 65 -3.46 -6.52 14.71
CA VAL B 65 -4.73 -7.15 15.15
C VAL B 65 -4.65 -8.61 15.67
N ASN B 66 -3.82 -9.44 15.03
CA ASN B 66 -3.67 -10.83 15.42
C ASN B 66 -2.75 -11.00 16.63
N GLN B 67 -2.65 -9.92 17.42
CA GLN B 67 -1.80 -9.88 18.61
C GLN B 67 -0.33 -10.04 18.27
N ASP B 68 0.01 -9.76 17.00
CA ASP B 68 1.37 -9.85 16.52
C ASP B 68 2.00 -8.48 16.52
N SER B 69 2.94 -8.26 17.44
CA SER B 69 3.63 -6.99 17.54
C SER B 69 4.35 -6.65 16.24
N GLU B 70 4.79 -7.68 15.52
CA GLU B 70 5.50 -7.49 14.27
C GLU B 70 4.56 -7.11 13.13
N LEU B 71 4.88 -5.99 12.48
CA LEU B 71 4.11 -5.50 11.38
C LEU B 71 4.52 -6.20 10.09
N LYS B 72 4.04 -7.44 9.99
CA LYS B 72 4.43 -8.36 8.92
C LYS B 72 3.69 -8.18 7.60
N PHE B 73 3.87 -9.21 6.76
CA PHE B 73 3.32 -9.30 5.41
C PHE B 73 1.87 -8.85 5.31
N ASN B 74 1.71 -7.60 4.88
CA ASN B 74 0.41 -6.98 4.63
C ASN B 74 -0.60 -7.05 5.80
N GLU B 75 -0.08 -7.21 7.01
CA GLU B 75 -0.81 -6.71 8.20
C GLU B 75 -0.53 -5.21 8.33
N TYR B 76 0.75 -4.86 8.19
CA TYR B 76 1.20 -3.46 8.17
C TYR B 76 0.44 -2.69 7.11
N TRP B 77 0.30 -3.36 5.98
CA TRP B 77 -0.26 -2.81 4.73
C TRP B 77 -1.39 -1.82 4.93
N ARG B 78 -2.31 -2.09 5.85
CA ARG B 78 -3.41 -1.19 6.05
C ARG B 78 -2.88 0.23 6.22
N LEU B 79 -1.89 0.38 7.10
CA LEU B 79 -1.26 1.67 7.32
C LEU B 79 -0.58 2.15 6.04
N ILE B 80 0.10 1.23 5.36
CA ILE B 80 0.83 1.55 4.13
C ILE B 80 -0.13 2.14 3.09
N GLY B 81 -1.36 1.67 3.12
CA GLY B 81 -2.35 2.19 2.22
C GLY B 81 -2.87 3.51 2.69
N GLU B 82 -3.06 3.60 4.00
CA GLU B 82 -3.43 4.84 4.60
C GLU B 82 -2.34 5.86 4.30
N LEU B 83 -1.09 5.39 4.22
CA LEU B 83 0.07 6.26 3.97
C LEU B 83 -0.02 6.90 2.59
N ALA B 84 -0.08 6.07 1.55
CA ALA B 84 -0.11 6.54 0.18
C ALA B 84 -1.35 7.40 -0.09
N LYS B 85 -2.40 7.14 0.65
CA LYS B 85 -3.62 7.91 0.53
C LYS B 85 -3.47 9.25 1.22
N GLU B 86 -2.98 9.20 2.47
CA GLU B 86 -2.82 10.39 3.31
C GLU B 86 -1.96 11.44 2.63
N ILE B 87 -0.84 11.03 2.05
CA ILE B 87 0.01 11.96 1.32
C ILE B 87 -0.78 12.70 0.24
N ARG B 88 -1.78 12.04 -0.34
CA ARG B 88 -2.55 12.62 -1.42
C ARG B 88 -3.75 13.45 -0.94
N LYS B 89 -4.65 12.86 -0.16
CA LYS B 89 -5.84 13.56 0.31
C LYS B 89 -5.85 13.80 1.83
N LYS B 90 -4.66 14.06 2.39
CA LYS B 90 -4.51 14.29 3.85
C LYS B 90 -5.67 15.11 4.39
N LYS B 91 -5.69 16.37 4.01
CA LYS B 91 -6.87 17.22 4.08
C LYS B 91 -6.91 17.99 2.79
N ASP B 92 -6.30 17.38 1.77
CA ASP B 92 -6.18 17.99 0.44
C ASP B 92 -7.51 18.11 -0.33
N LEU B 93 -8.54 18.61 0.34
CA LEU B 93 -9.82 18.87 -0.29
C LEU B 93 -9.93 20.39 -0.42
N LYS B 94 -8.76 21.01 -0.27
CA LYS B 94 -8.59 22.45 -0.38
C LYS B 94 -7.12 22.76 -0.69
N ILE B 95 -6.20 22.20 0.13
CA ILE B 95 -4.77 22.38 -0.06
C ILE B 95 -3.95 21.85 1.13
N ARG B 96 -2.98 20.97 0.85
CA ARG B 96 -2.09 20.42 1.90
C ARG B 96 -0.77 19.94 1.34
N LYS B 97 -0.30 20.67 0.31
CA LYS B 97 0.97 20.46 -0.39
C LYS B 97 1.40 21.85 -0.87
N LYS B 98 2.67 22.24 -0.71
CA LYS B 98 3.01 23.63 -0.98
C LYS B 98 4.49 23.89 -0.68
N MET C 1 0.26 23.71 -4.25
CA MET C 1 -0.44 22.58 -4.95
C MET C 1 0.56 21.56 -5.46
N ALA C 2 1.78 21.60 -4.91
CA ALA C 2 2.83 20.67 -5.33
C ALA C 2 3.62 20.12 -4.15
N ALA C 3 3.52 18.81 -3.98
CA ALA C 3 4.33 18.08 -3.02
C ALA C 3 5.81 18.14 -3.37
N GLU C 4 6.54 19.03 -2.73
CA GLU C 4 7.98 19.10 -2.86
C GLU C 4 8.60 17.92 -2.09
N PRO C 5 9.90 17.60 -2.31
CA PRO C 5 10.55 16.41 -1.72
C PRO C 5 10.16 16.18 -0.26
N LEU C 6 10.03 14.91 0.12
CA LEU C 6 9.45 14.57 1.38
C LEU C 6 10.38 13.81 2.31
N THR C 7 9.86 13.57 3.51
CA THR C 7 10.51 12.72 4.51
C THR C 7 10.58 11.26 4.00
N GLU C 8 11.14 10.33 4.77
CA GLU C 8 11.54 9.04 4.20
C GLU C 8 10.35 8.12 3.89
N LEU C 9 9.47 7.89 4.84
CA LEU C 9 8.31 7.05 4.55
C LEU C 9 7.44 7.70 3.51
N GLU C 10 7.53 9.01 3.44
CA GLU C 10 6.85 9.76 2.39
C GLU C 10 7.56 9.54 1.09
N GLU C 11 8.90 9.53 1.15
CA GLU C 11 9.70 9.30 -0.05
C GLU C 11 9.24 8.00 -0.67
N SER C 12 8.95 7.05 0.18
CA SER C 12 8.53 5.75 -0.30
C SER C 12 7.08 5.77 -0.83
N ILE C 13 6.15 6.46 -0.15
CA ILE C 13 4.76 6.49 -0.61
C ILE C 13 4.49 7.54 -1.71
N GLU C 14 5.16 8.70 -1.64
CA GLU C 14 5.08 9.70 -2.72
C GLU C 14 5.51 9.09 -4.04
N THR C 15 6.62 8.39 -3.99
CA THR C 15 7.15 7.66 -5.14
C THR C 15 6.08 6.78 -5.81
N VAL C 16 5.20 6.21 -4.99
CA VAL C 16 4.11 5.38 -5.49
C VAL C 16 3.12 6.23 -6.27
N VAL C 17 2.97 7.48 -5.84
CA VAL C 17 2.00 8.40 -6.40
C VAL C 17 2.41 8.83 -7.79
N THR C 18 3.65 9.29 -7.90
CA THR C 18 4.13 9.95 -9.09
C THR C 18 4.03 9.04 -10.31
N THR C 19 4.43 7.79 -10.14
CA THR C 19 4.38 6.83 -11.24
C THR C 19 2.92 6.63 -11.64
N PHE C 20 2.14 6.28 -10.64
CA PHE C 20 0.68 6.15 -10.69
C PHE C 20 0.04 7.33 -11.45
N PHE C 21 0.35 8.56 -11.01
CA PHE C 21 -0.22 9.80 -11.57
C PHE C 21 0.17 10.01 -13.03
N THR C 22 1.36 9.55 -13.40
CA THR C 22 1.82 9.69 -14.77
C THR C 22 0.84 8.98 -15.73
N PHE C 23 0.28 7.88 -15.30
CA PHE C 23 -0.68 7.14 -16.10
C PHE C 23 -2.10 7.68 -15.89
N ALA C 24 -2.42 7.98 -14.64
CA ALA C 24 -3.72 8.55 -14.30
C ALA C 24 -3.99 9.84 -15.08
N ARG C 25 -2.95 10.63 -15.31
CA ARG C 25 -3.07 11.90 -16.03
C ARG C 25 -3.18 11.71 -17.55
N GLN C 26 -2.75 10.55 -18.05
CA GLN C 26 -2.77 10.27 -19.49
C GLN C 26 -4.18 10.41 -20.09
N GLU C 27 -5.09 9.51 -19.71
CA GLU C 27 -6.46 9.54 -20.22
C GLU C 27 -7.36 10.40 -19.33
N GLY C 28 -8.68 10.28 -19.54
CA GLY C 28 -9.64 11.06 -18.77
C GLY C 28 -9.49 10.86 -17.27
N ARG C 29 -9.63 11.96 -16.53
CA ARG C 29 -9.51 11.96 -15.07
C ARG C 29 -8.06 11.64 -14.66
N LYS C 30 -7.29 12.69 -14.36
CA LYS C 30 -5.89 12.51 -13.96
C LYS C 30 -5.78 12.06 -12.50
N ASP C 31 -6.92 11.74 -11.88
CA ASP C 31 -6.93 11.29 -10.50
C ASP C 31 -7.10 9.78 -10.43
N SER C 32 -7.60 9.18 -11.50
CA SER C 32 -7.83 7.75 -11.53
C SER C 32 -7.45 7.13 -12.87
N LEU C 33 -7.02 5.88 -12.81
CA LEU C 33 -6.64 5.12 -14.03
C LEU C 33 -7.86 4.35 -14.52
N SER C 34 -8.02 4.24 -15.83
CA SER C 34 -9.15 3.52 -16.40
C SER C 34 -8.84 2.04 -16.54
N VAL C 35 -9.77 1.29 -17.13
CA VAL C 35 -9.58 -0.15 -17.33
C VAL C 35 -8.55 -0.42 -18.42
N ASN C 36 -8.23 0.62 -19.20
CA ASN C 36 -7.25 0.49 -20.28
C ASN C 36 -5.84 0.64 -19.73
N GLU C 37 -5.67 1.53 -18.74
CA GLU C 37 -4.37 1.77 -18.13
C GLU C 37 -4.02 0.64 -17.17
N PHE C 38 -5.06 0.00 -16.61
CA PHE C 38 -4.87 -1.09 -15.70
C PHE C 38 -4.41 -2.26 -16.55
N LYS C 39 -5.14 -2.46 -17.62
CA LYS C 39 -4.83 -3.53 -18.56
C LYS C 39 -3.44 -3.32 -19.16
N GLU C 40 -3.09 -2.06 -19.48
CA GLU C 40 -1.76 -1.79 -20.04
C GLU C 40 -0.66 -2.17 -19.06
N LEU C 41 -0.80 -1.81 -17.80
CA LEU C 41 0.23 -2.08 -16.82
C LEU C 41 0.25 -3.55 -16.47
N VAL C 42 -0.92 -4.14 -16.34
CA VAL C 42 -1.04 -5.51 -15.95
C VAL C 42 -0.43 -6.39 -17.03
N THR C 43 -0.84 -6.12 -18.27
CA THR C 43 -0.27 -6.78 -19.44
C THR C 43 1.23 -6.47 -19.63
N GLN C 44 1.57 -5.17 -19.66
CA GLN C 44 2.91 -4.72 -20.02
C GLN C 44 3.85 -4.65 -18.80
N GLN C 45 3.41 -3.97 -17.75
CA GLN C 45 4.27 -3.69 -16.60
C GLN C 45 4.26 -4.83 -15.57
N LEU C 46 3.18 -5.60 -15.54
CA LEU C 46 2.97 -6.56 -14.46
C LEU C 46 3.34 -8.03 -14.77
N PRO C 47 3.61 -8.46 -16.04
CA PRO C 47 3.95 -9.87 -16.31
C PRO C 47 4.97 -10.43 -15.34
N HIS C 48 5.93 -9.59 -14.95
CA HIS C 48 6.94 -9.98 -13.98
C HIS C 48 6.35 -10.00 -12.57
N LEU C 49 5.57 -8.98 -12.24
CA LEU C 49 4.97 -8.85 -10.92
C LEU C 49 3.75 -9.77 -10.76
N LEU C 50 2.65 -9.34 -11.36
CA LEU C 50 1.40 -10.07 -11.31
C LEU C 50 1.28 -11.00 -12.48
N LYS C 51 1.79 -12.19 -12.26
CA LYS C 51 1.72 -13.31 -13.19
C LYS C 51 0.27 -13.73 -13.48
N ASP C 52 -0.48 -12.80 -13.96
CA ASP C 52 -1.87 -13.00 -14.34
C ASP C 52 -2.27 -11.82 -15.20
N VAL C 53 -1.57 -11.72 -16.33
CA VAL C 53 -1.74 -10.61 -17.24
C VAL C 53 -2.96 -10.82 -18.13
N GLY C 54 -3.52 -12.02 -18.07
CA GLY C 54 -4.69 -12.32 -18.86
C GLY C 54 -5.95 -11.77 -18.22
N SER C 55 -6.49 -12.51 -17.25
CA SER C 55 -7.75 -12.17 -16.62
C SER C 55 -7.61 -11.07 -15.59
N LEU C 56 -7.11 -9.92 -16.03
CA LEU C 56 -7.07 -8.72 -15.23
C LEU C 56 -8.42 -8.47 -14.56
N ASP C 57 -9.46 -8.94 -15.24
CA ASP C 57 -10.85 -8.75 -14.84
C ASP C 57 -11.06 -8.96 -13.35
N GLU C 58 -10.65 -10.12 -12.82
CA GLU C 58 -10.98 -10.49 -11.44
C GLU C 58 -10.53 -9.42 -10.45
N LYS C 59 -9.30 -8.99 -10.62
CA LYS C 59 -8.68 -8.00 -9.77
C LYS C 59 -9.34 -6.65 -10.00
N MET C 60 -9.54 -6.36 -11.28
CA MET C 60 -10.24 -5.16 -11.69
C MET C 60 -11.57 -5.05 -10.97
N LYS C 61 -12.36 -6.13 -10.99
CA LYS C 61 -13.69 -6.14 -10.37
C LYS C 61 -13.60 -5.86 -8.87
N SER C 62 -12.56 -6.40 -8.24
CA SER C 62 -12.39 -6.25 -6.80
C SER C 62 -12.09 -4.79 -6.44
N LEU C 63 -11.40 -4.10 -7.34
CA LEU C 63 -11.02 -2.70 -7.16
C LEU C 63 -12.15 -1.78 -7.64
N ASP C 64 -12.61 -2.09 -8.84
CA ASP C 64 -13.71 -1.38 -9.51
C ASP C 64 -15.00 -1.40 -8.71
N VAL C 65 -15.04 -2.27 -7.69
CA VAL C 65 -16.27 -2.86 -7.08
C VAL C 65 -17.53 -1.97 -7.11
N ASN C 66 -17.38 -0.66 -6.99
CA ASN C 66 -18.52 0.25 -7.04
C ASN C 66 -19.01 0.46 -8.48
N GLN C 67 -18.44 -0.29 -9.45
CA GLN C 67 -18.80 -0.17 -10.86
C GLN C 67 -18.44 1.24 -11.25
N ASP C 68 -17.23 1.54 -10.79
CA ASP C 68 -16.53 2.76 -11.05
C ASP C 68 -15.21 2.33 -11.69
N SER C 69 -15.19 2.34 -13.03
CA SER C 69 -14.01 1.90 -13.81
C SER C 69 -12.80 2.81 -13.61
N GLU C 70 -12.83 3.57 -12.54
CA GLU C 70 -11.75 4.48 -12.21
C GLU C 70 -11.05 4.02 -10.95
N LEU C 71 -9.83 3.52 -11.11
CA LEU C 71 -9.02 3.07 -10.04
C LEU C 71 -8.53 4.26 -9.22
N LYS C 72 -9.43 4.77 -8.38
CA LYS C 72 -9.21 6.00 -7.65
C LYS C 72 -8.70 5.85 -6.22
N PHE C 73 -8.91 6.94 -5.47
CA PHE C 73 -8.51 7.09 -4.09
C PHE C 73 -8.74 5.86 -3.24
N ASN C 74 -7.70 5.02 -3.18
CA ASN C 74 -7.69 3.81 -2.37
C ASN C 74 -8.86 2.84 -2.58
N GLU C 75 -9.49 2.92 -3.75
CA GLU C 75 -10.17 1.73 -4.32
C GLU C 75 -9.12 0.86 -5.00
N TYR C 76 -8.25 1.50 -5.79
CA TYR C 76 -7.10 0.86 -6.42
C TYR C 76 -6.25 0.16 -5.37
N TRP C 77 -6.10 0.85 -4.26
CA TRP C 77 -5.20 0.49 -3.16
C TRP C 77 -5.14 -1.00 -2.87
N ARG C 78 -6.26 -1.71 -2.91
CA ARG C 78 -6.24 -3.13 -2.63
C ARG C 78 -5.16 -3.79 -3.46
N LEU C 79 -5.17 -3.50 -4.77
CA LEU C 79 -4.16 -4.03 -5.67
C LEU C 79 -2.78 -3.52 -5.28
N ILE C 80 -2.70 -2.23 -4.94
CA ILE C 80 -1.44 -1.60 -4.57
C ILE C 80 -0.82 -2.32 -3.37
N GLY C 81 -1.67 -2.83 -2.50
CA GLY C 81 -1.20 -3.56 -1.36
C GLY C 81 -0.82 -4.95 -1.75
N GLU C 82 -1.62 -5.53 -2.62
CA GLU C 82 -1.30 -6.82 -3.18
C GLU C 82 0.04 -6.69 -3.91
N LEU C 83 0.30 -5.52 -4.49
CA LEU C 83 1.52 -5.26 -5.25
C LEU C 83 2.75 -5.35 -4.36
N ALA C 84 2.78 -4.51 -3.32
CA ALA C 84 3.93 -4.44 -2.42
C ALA C 84 4.14 -5.76 -1.68
N LYS C 85 3.07 -6.51 -1.52
CA LYS C 85 3.15 -7.81 -0.88
C LYS C 85 3.71 -8.83 -1.86
N GLU C 86 3.12 -8.85 -3.06
CA GLU C 86 3.50 -9.82 -4.11
C GLU C 86 4.99 -9.77 -4.42
N ILE C 87 5.53 -8.57 -4.57
CA ILE C 87 6.96 -8.41 -4.80
C ILE C 87 7.78 -9.12 -3.72
N ARG C 88 7.24 -9.17 -2.51
CA ARG C 88 7.94 -9.78 -1.40
C ARG C 88 7.62 -11.27 -1.28
N LYS C 89 6.37 -11.63 -1.07
CA LYS C 89 6.05 -13.05 -0.90
C LYS C 89 5.31 -13.60 -2.09
N LYS C 90 5.82 -13.31 -3.29
CA LYS C 90 5.19 -13.81 -4.54
C LYS C 90 4.90 -15.30 -4.43
N LYS C 91 5.97 -16.08 -4.44
CA LYS C 91 5.95 -17.46 -3.97
C LYS C 91 7.22 -17.63 -3.16
N ASP C 92 7.70 -16.48 -2.66
CA ASP C 92 8.93 -16.40 -1.89
C ASP C 92 8.85 -17.04 -0.50
N LEU C 93 8.81 -18.37 -0.50
CA LEU C 93 8.83 -19.17 0.72
C LEU C 93 9.83 -20.28 0.45
N LYS C 94 10.69 -19.98 -0.50
CA LYS C 94 11.75 -20.85 -0.97
C LYS C 94 12.70 -20.05 -1.86
N ILE C 95 12.12 -19.20 -2.72
CA ILE C 95 12.87 -18.34 -3.65
C ILE C 95 11.94 -17.78 -4.75
N ARG C 96 12.11 -16.50 -5.09
CA ARG C 96 11.31 -15.85 -6.14
C ARG C 96 11.92 -14.51 -6.56
N LYS C 97 13.19 -14.34 -6.23
CA LYS C 97 13.96 -13.14 -6.52
C LYS C 97 15.43 -13.49 -6.39
N LYS C 98 16.23 -13.04 -7.33
CA LYS C 98 17.53 -13.62 -7.58
C LYS C 98 18.27 -12.85 -8.66
N ASN D 1 -17.70 -1.22 -30.28
CA ASN D 1 -18.13 -0.98 -28.89
C ASN D 1 -19.28 0.02 -28.91
N VAL D 2 -19.76 0.44 -27.74
CA VAL D 2 -20.79 1.45 -27.69
C VAL D 2 -20.12 2.81 -27.53
N LYS D 3 -20.37 3.68 -28.48
CA LYS D 3 -19.84 5.02 -28.43
C LYS D 3 -20.90 6.00 -28.00
N TYR D 4 -20.47 7.02 -27.28
CA TYR D 4 -21.38 8.11 -26.96
C TYR D 4 -21.04 9.23 -27.92
N ASN D 5 -21.95 9.50 -28.82
CA ASN D 5 -21.64 10.30 -29.99
C ASN D 5 -22.08 11.73 -29.77
N PHE D 6 -21.26 12.65 -30.21
CA PHE D 6 -21.51 14.06 -29.94
C PHE D 6 -22.80 14.49 -30.62
N MET D 7 -23.63 15.14 -29.82
CA MET D 7 -24.97 15.48 -30.21
C MET D 7 -25.03 16.87 -30.83
N ARG D 8 -24.71 17.92 -30.07
CA ARG D 8 -24.73 19.25 -30.65
C ARG D 8 -23.92 20.25 -29.85
N ILE D 9 -23.36 21.21 -30.58
CA ILE D 9 -22.60 22.31 -30.01
C ILE D 9 -23.53 23.42 -29.54
N ILE D 10 -23.50 23.70 -28.26
CA ILE D 10 -24.31 24.75 -27.69
C ILE D 10 -23.51 26.05 -27.77
N LYS D 11 -23.39 26.73 -26.66
CA LYS D 11 -22.82 28.06 -26.64
C LYS D 11 -21.40 27.97 -26.12
N TYR D 12 -20.60 28.99 -26.38
CA TYR D 12 -19.18 28.89 -26.12
C TYR D 12 -18.59 30.20 -25.65
N GLU D 13 -17.51 30.07 -24.89
CA GLU D 13 -16.80 31.20 -24.27
C GLU D 13 -17.74 32.11 -23.47
N PHE D 14 -18.80 31.51 -22.95
CA PHE D 14 -19.70 32.21 -22.05
C PHE D 14 -19.45 31.75 -20.61
N ILE D 15 -19.56 32.66 -19.66
CA ILE D 15 -19.23 32.36 -18.28
C ILE D 15 -20.47 32.26 -17.40
N LEU D 16 -20.46 31.27 -16.53
CA LEU D 16 -21.53 31.05 -15.58
C LEU D 16 -21.15 31.56 -14.20
N ASN D 17 -22.10 32.25 -13.59
CA ASN D 17 -21.98 32.77 -12.24
C ASN D 17 -23.15 32.26 -11.43
N ASP D 18 -22.93 32.02 -10.16
CA ASP D 18 -23.91 31.33 -9.32
C ASP D 18 -24.79 32.34 -8.60
N ALA D 19 -25.67 31.87 -7.74
CA ALA D 19 -26.54 32.76 -6.97
C ALA D 19 -25.73 33.68 -6.03
N LEU D 20 -24.48 33.33 -5.77
CA LEU D 20 -23.58 34.19 -5.00
C LEU D 20 -23.12 35.31 -5.90
N ASN D 21 -23.31 35.03 -7.18
CA ASN D 21 -22.89 35.89 -8.27
C ASN D 21 -21.38 36.07 -8.23
N GLN D 22 -20.70 35.04 -8.66
CA GLN D 22 -19.25 35.05 -8.72
C GLN D 22 -18.79 34.41 -10.01
N SER D 23 -18.00 35.14 -10.77
CA SER D 23 -17.48 34.63 -12.02
C SER D 23 -16.48 33.54 -11.75
N ILE D 24 -16.61 32.46 -12.46
CA ILE D 24 -15.69 31.35 -12.28
C ILE D 24 -14.32 31.74 -12.83
N ILE D 25 -13.44 32.20 -11.96
CA ILE D 25 -12.21 32.83 -12.39
C ILE D 25 -11.05 31.83 -12.35
N ARG D 26 -10.13 32.00 -13.27
CA ARG D 26 -9.01 31.09 -13.42
C ARG D 26 -7.89 31.47 -12.45
N ALA D 27 -7.68 30.63 -11.45
CA ALA D 27 -6.59 30.84 -10.52
C ALA D 27 -5.39 30.02 -10.94
N ASN D 28 -5.66 28.82 -11.42
CA ASN D 28 -4.64 27.90 -11.90
C ASN D 28 -5.24 26.95 -12.93
N ASP D 29 -4.39 26.16 -13.59
CA ASP D 29 -4.85 25.19 -14.58
C ASP D 29 -5.28 23.89 -13.91
N GLN D 30 -5.57 23.98 -12.61
CA GLN D 30 -5.99 22.83 -11.83
C GLN D 30 -7.04 23.25 -10.79
N TYR D 31 -6.79 24.41 -10.17
CA TYR D 31 -7.69 24.96 -9.16
C TYR D 31 -8.35 26.25 -9.65
N LEU D 32 -9.65 26.36 -9.42
CA LEU D 32 -10.42 27.52 -9.83
C LEU D 32 -11.27 28.03 -8.67
N THR D 33 -11.25 29.35 -8.48
CA THR D 33 -12.01 29.99 -7.42
C THR D 33 -13.03 30.95 -8.03
N ALA D 34 -14.20 31.04 -7.43
CA ALA D 34 -15.24 31.91 -7.95
C ALA D 34 -15.10 33.30 -7.34
N ALA D 35 -15.02 34.28 -8.21
CA ALA D 35 -14.92 35.67 -7.81
C ALA D 35 -15.47 36.54 -8.93
N ALA D 36 -16.19 37.59 -8.59
CA ALA D 36 -16.77 38.47 -9.61
C ALA D 36 -15.66 39.02 -10.48
N LEU D 37 -15.81 38.91 -11.80
CA LEU D 37 -14.76 39.31 -12.71
C LEU D 37 -14.53 40.80 -12.66
N HIS D 38 -13.31 41.17 -12.92
CA HIS D 38 -12.92 42.57 -12.91
C HIS D 38 -11.92 42.84 -14.03
N ASN D 39 -11.34 41.77 -14.57
CA ASN D 39 -10.57 41.88 -15.80
C ASN D 39 -11.37 41.32 -16.98
N LEU D 40 -12.56 40.78 -16.66
CA LEU D 40 -13.51 40.22 -17.65
C LEU D 40 -12.94 39.03 -18.39
N ASP D 41 -11.93 39.24 -19.22
CA ASP D 41 -11.20 38.12 -19.79
C ASP D 41 -10.23 37.66 -18.71
N GLU D 42 -10.82 37.02 -17.73
CA GLU D 42 -10.16 36.65 -16.51
C GLU D 42 -10.70 35.33 -16.00
N ALA D 43 -11.98 35.13 -16.24
CA ALA D 43 -12.65 33.88 -15.94
C ALA D 43 -12.43 32.91 -17.09
N VAL D 44 -12.55 31.63 -16.82
CA VAL D 44 -12.34 30.61 -17.82
C VAL D 44 -13.56 30.53 -18.70
N LYS D 45 -13.35 30.57 -19.99
CA LYS D 45 -14.47 30.59 -20.88
C LYS D 45 -14.78 29.19 -21.32
N PHE D 46 -15.95 28.75 -20.94
CA PHE D 46 -16.35 27.40 -21.22
C PHE D 46 -17.26 27.33 -22.43
N ASP D 47 -17.31 26.13 -22.95
CA ASP D 47 -18.11 25.78 -24.11
C ASP D 47 -18.70 24.41 -23.89
N MET D 48 -19.93 24.26 -24.31
CA MET D 48 -20.65 23.04 -24.05
C MET D 48 -20.71 22.19 -25.31
N GLY D 49 -20.39 20.92 -25.14
CA GLY D 49 -20.48 19.98 -26.22
C GLY D 49 -21.18 18.73 -25.75
N ALA D 50 -22.31 18.44 -26.32
CA ALA D 50 -23.15 17.38 -25.81
C ALA D 50 -22.74 16.05 -26.38
N TYR D 51 -22.93 15.00 -25.62
CA TYR D 51 -22.65 13.66 -26.07
C TYR D 51 -23.91 12.86 -25.83
N LYS D 52 -24.07 11.73 -26.47
CA LYS D 52 -25.31 11.02 -26.30
C LYS D 52 -25.11 9.53 -26.07
N SER D 53 -25.62 9.11 -24.93
CA SER D 53 -25.87 7.73 -24.62
C SER D 53 -27.16 7.73 -23.84
N SER D 54 -27.87 6.61 -23.77
CA SER D 54 -29.10 6.59 -23.00
C SER D 54 -28.81 6.23 -21.55
N LYS D 55 -27.77 6.86 -21.01
CA LYS D 55 -27.43 6.71 -19.61
C LYS D 55 -27.39 8.04 -18.88
N ASP D 56 -28.22 9.00 -19.28
CA ASP D 56 -28.26 10.27 -18.57
C ASP D 56 -29.14 10.12 -17.33
N ASP D 57 -30.12 11.01 -17.17
CA ASP D 57 -31.30 10.71 -16.37
C ASP D 57 -32.54 11.03 -17.19
N ALA D 58 -32.89 12.32 -17.22
CA ALA D 58 -33.96 12.84 -18.04
C ALA D 58 -33.51 14.07 -18.83
N LYS D 59 -32.20 14.24 -18.96
CA LYS D 59 -31.59 15.48 -19.47
C LYS D 59 -30.32 15.15 -20.22
N ILE D 60 -30.02 15.95 -21.22
CA ILE D 60 -28.95 15.64 -22.16
C ILE D 60 -27.68 16.30 -21.68
N THR D 61 -26.57 15.66 -21.95
CA THR D 61 -25.34 15.92 -21.23
C THR D 61 -24.28 16.50 -22.14
N VAL D 62 -23.56 17.49 -21.64
CA VAL D 62 -22.53 18.17 -22.41
C VAL D 62 -21.23 18.23 -21.61
N ILE D 63 -20.12 18.52 -22.28
CA ILE D 63 -18.82 18.59 -21.64
C ILE D 63 -18.41 20.05 -21.56
N LEU D 64 -17.90 20.45 -20.41
CA LEU D 64 -17.52 21.83 -20.21
C LEU D 64 -16.00 21.99 -20.33
N ARG D 65 -15.61 22.75 -21.33
CA ARG D 65 -14.22 22.90 -21.71
C ARG D 65 -13.91 24.37 -21.97
N ILE D 66 -12.67 24.78 -21.79
CA ILE D 66 -12.30 26.13 -22.09
C ILE D 66 -12.07 26.25 -23.60
N SER D 67 -12.71 27.22 -24.21
CA SER D 67 -12.77 27.32 -25.67
C SER D 67 -11.41 27.19 -26.36
N LYS D 68 -10.33 27.50 -25.67
CA LYS D 68 -9.01 27.46 -26.27
C LYS D 68 -8.35 26.10 -26.09
N THR D 69 -8.25 25.63 -24.85
CA THR D 69 -7.65 24.33 -24.56
C THR D 69 -8.69 23.38 -24.02
N GLN D 70 -8.39 22.12 -23.90
CA GLN D 70 -9.43 21.22 -23.48
C GLN D 70 -9.27 20.91 -22.01
N LEU D 71 -9.67 21.90 -21.21
CA LEU D 71 -9.66 21.81 -19.76
C LEU D 71 -11.07 21.52 -19.28
N TYR D 72 -11.32 20.30 -18.84
CA TYR D 72 -12.65 19.92 -18.42
C TYR D 72 -12.69 19.93 -16.91
N VAL D 73 -13.81 20.31 -16.33
CA VAL D 73 -13.96 20.11 -14.91
C VAL D 73 -14.54 18.72 -14.68
N THR D 74 -13.80 17.92 -13.93
CA THR D 74 -14.22 16.57 -13.63
C THR D 74 -14.82 16.48 -12.22
N ALA D 75 -15.80 15.62 -12.06
CA ALA D 75 -16.44 15.42 -10.77
C ALA D 75 -15.70 14.36 -9.97
N GLN D 76 -15.05 14.79 -8.90
CA GLN D 76 -14.27 13.88 -8.06
C GLN D 76 -15.18 13.01 -7.17
N ASP D 77 -15.51 13.51 -5.99
CA ASP D 77 -16.37 12.77 -5.05
C ASP D 77 -16.80 13.66 -3.90
N GLU D 78 -18.12 13.91 -3.80
CA GLU D 78 -18.68 14.76 -2.75
C GLU D 78 -18.05 16.14 -2.80
N ASP D 79 -17.68 16.67 -1.63
CA ASP D 79 -17.09 18.01 -1.55
C ASP D 79 -15.58 17.96 -1.78
N GLN D 80 -15.18 17.58 -2.99
CA GLN D 80 -13.77 17.52 -3.35
C GLN D 80 -13.51 18.47 -4.51
N PRO D 81 -12.49 19.34 -4.38
CA PRO D 81 -12.14 20.34 -5.39
C PRO D 81 -11.96 19.75 -6.79
N VAL D 82 -12.71 20.32 -7.73
CA VAL D 82 -12.67 19.93 -9.13
C VAL D 82 -11.26 19.97 -9.69
N LEU D 83 -10.88 18.93 -10.41
CA LEU D 83 -9.56 18.86 -11.01
C LEU D 83 -9.64 19.18 -12.49
N LEU D 84 -8.96 20.24 -12.92
CA LEU D 84 -8.97 20.66 -14.31
C LEU D 84 -7.94 19.87 -15.12
N LYS D 85 -8.44 19.02 -16.02
CA LYS D 85 -7.56 18.18 -16.86
C LYS D 85 -7.38 18.80 -18.24
N GLU D 86 -6.17 18.67 -18.78
CA GLU D 86 -5.89 19.22 -20.10
C GLU D 86 -5.38 18.13 -21.05
N MET D 87 -6.18 17.83 -22.08
CA MET D 87 -5.83 16.83 -23.06
C MET D 87 -6.05 17.36 -24.48
N PRO D 88 -4.99 17.34 -25.31
CA PRO D 88 -5.03 17.83 -26.69
C PRO D 88 -6.18 17.24 -27.51
N GLU D 89 -6.97 18.13 -28.12
CA GLU D 89 -8.07 17.78 -29.02
C GLU D 89 -9.25 17.12 -28.29
N ILE D 90 -10.45 17.59 -28.65
CA ILE D 90 -11.70 17.07 -28.09
C ILE D 90 -12.07 15.71 -28.68
N PRO D 91 -12.37 14.74 -27.81
CA PRO D 91 -12.83 13.41 -28.24
C PRO D 91 -14.20 13.49 -28.92
N LYS D 92 -14.41 12.66 -29.92
CA LYS D 92 -15.67 12.61 -30.64
C LYS D 92 -16.50 11.44 -30.14
N THR D 93 -15.81 10.47 -29.56
CA THR D 93 -16.42 9.27 -29.05
C THR D 93 -15.95 9.05 -27.61
N ILE D 94 -16.90 9.03 -26.71
CA ILE D 94 -16.62 9.07 -25.29
C ILE D 94 -16.66 7.67 -24.70
N THR D 95 -15.57 7.32 -24.07
CA THR D 95 -15.45 6.05 -23.43
C THR D 95 -15.67 6.23 -21.96
N GLY D 96 -15.71 5.11 -21.24
CA GLY D 96 -15.91 5.13 -19.80
C GLY D 96 -14.79 5.81 -19.02
N SER D 97 -13.69 6.12 -19.70
CA SER D 97 -12.55 6.79 -19.07
C SER D 97 -12.90 8.23 -18.73
N GLU D 98 -13.67 8.86 -19.61
CA GLU D 98 -14.10 10.24 -19.43
C GLU D 98 -15.58 10.29 -19.04
N THR D 99 -15.86 10.12 -17.75
CA THR D 99 -17.23 10.14 -17.25
C THR D 99 -17.43 11.18 -16.16
N ASN D 100 -16.34 11.80 -15.74
CA ASN D 100 -16.40 12.83 -14.69
C ASN D 100 -16.60 14.21 -15.29
N LEU D 101 -16.07 14.41 -16.49
CA LEU D 101 -16.18 15.69 -17.18
C LEU D 101 -17.52 15.79 -17.92
N LEU D 102 -18.42 14.86 -17.63
CA LEU D 102 -19.73 14.85 -18.26
C LEU D 102 -20.75 15.52 -17.35
N PHE D 103 -21.73 16.25 -17.89
CA PHE D 103 -22.58 17.04 -17.03
C PHE D 103 -24.04 17.03 -17.45
N PHE D 104 -24.84 16.57 -16.50
CA PHE D 104 -26.28 16.50 -16.65
C PHE D 104 -26.86 17.85 -16.27
N TRP D 105 -27.21 18.64 -17.26
CA TRP D 105 -27.66 20.00 -16.98
C TRP D 105 -29.17 20.10 -16.92
N GLU D 106 -29.67 20.44 -15.73
CA GLU D 106 -31.09 20.63 -15.52
C GLU D 106 -31.39 22.13 -15.44
N THR D 107 -32.04 22.65 -16.46
CA THR D 107 -32.29 24.08 -16.55
C THR D 107 -33.72 24.42 -16.11
N HIS D 108 -33.84 25.39 -15.21
CA HIS D 108 -35.15 25.85 -14.74
C HIS D 108 -35.28 27.33 -15.00
N GLY D 109 -35.96 27.68 -16.09
CA GLY D 109 -36.15 29.08 -16.43
C GLY D 109 -34.85 29.81 -16.71
N THR D 110 -34.36 30.51 -15.70
CA THR D 110 -33.11 31.25 -15.81
C THR D 110 -31.97 30.50 -15.13
N LYS D 111 -32.26 29.92 -13.97
CA LYS D 111 -31.26 29.20 -13.22
C LYS D 111 -31.08 27.81 -13.79
N ASN D 112 -29.97 27.20 -13.47
CA ASN D 112 -29.65 25.88 -14.00
C ASN D 112 -28.73 25.15 -13.04
N TYR D 113 -28.83 23.82 -13.05
CA TYR D 113 -27.98 23.00 -12.22
C TYR D 113 -27.00 22.21 -13.07
N PHE D 114 -25.94 21.75 -12.44
CA PHE D 114 -24.96 20.90 -13.10
C PHE D 114 -24.74 19.64 -12.29
N THR D 115 -25.38 18.57 -12.73
CA THR D 115 -25.34 17.29 -12.05
C THR D 115 -24.23 16.41 -12.61
N SER D 116 -23.49 15.74 -11.73
CA SER D 116 -22.43 14.83 -12.16
C SER D 116 -23.02 13.54 -12.71
N VAL D 117 -22.59 13.16 -13.91
CA VAL D 117 -23.02 11.91 -14.53
C VAL D 117 -22.25 10.73 -13.93
N ALA D 118 -21.09 11.02 -13.35
CA ALA D 118 -20.28 9.98 -12.71
C ALA D 118 -20.99 9.51 -11.44
N HIS D 119 -21.44 10.47 -10.63
CA HIS D 119 -22.17 10.19 -9.41
C HIS D 119 -23.34 11.16 -9.30
N PRO D 120 -24.58 10.62 -9.30
CA PRO D 120 -25.83 11.40 -9.28
C PRO D 120 -25.92 12.45 -8.18
N ASN D 121 -25.48 12.10 -6.97
CA ASN D 121 -25.65 12.97 -5.80
C ASN D 121 -24.71 14.18 -5.86
N LEU D 122 -23.91 14.27 -6.90
CA LEU D 122 -22.97 15.36 -7.04
C LEU D 122 -23.58 16.49 -7.86
N PHE D 123 -23.33 17.69 -7.39
CA PHE D 123 -23.82 18.91 -7.99
C PHE D 123 -22.76 19.98 -7.82
N ILE D 124 -22.61 20.88 -8.77
CA ILE D 124 -21.50 21.82 -8.73
C ILE D 124 -21.87 23.05 -7.87
N ALA D 125 -21.33 23.07 -6.65
CA ALA D 125 -21.67 24.08 -5.65
C ALA D 125 -20.72 25.25 -5.69
N THR D 126 -21.18 26.40 -5.20
CA THR D 126 -20.37 27.59 -5.24
C THR D 126 -20.13 28.12 -3.83
N LYS D 127 -18.87 28.39 -3.57
CA LYS D 127 -18.41 28.86 -2.27
C LYS D 127 -18.07 30.34 -2.33
N GLN D 128 -18.17 31.03 -1.20
CA GLN D 128 -17.84 32.45 -1.11
C GLN D 128 -16.33 32.70 -1.09
N ASP D 129 -15.58 31.76 -0.53
CA ASP D 129 -14.15 31.96 -0.34
C ASP D 129 -13.32 30.84 -0.96
N TYR D 130 -13.89 29.64 -1.01
CA TYR D 130 -13.17 28.49 -1.53
C TYR D 130 -13.38 28.24 -3.01
N TRP D 131 -12.70 27.22 -3.52
CA TRP D 131 -12.77 26.82 -4.92
C TRP D 131 -14.14 26.28 -5.27
N VAL D 132 -14.59 26.55 -6.51
CA VAL D 132 -15.87 26.05 -6.97
C VAL D 132 -15.79 24.54 -7.13
N CYS D 133 -16.37 23.83 -6.18
CA CYS D 133 -16.27 22.38 -6.15
C CYS D 133 -17.55 21.71 -6.59
N LEU D 134 -17.76 20.50 -6.11
CA LEU D 134 -18.96 19.76 -6.33
C LEU D 134 -19.37 19.32 -4.96
N ALA D 135 -20.58 18.88 -4.75
CA ALA D 135 -21.03 18.65 -3.40
C ALA D 135 -22.32 17.88 -3.38
N GLY D 136 -22.65 17.45 -2.19
CA GLY D 136 -24.00 17.25 -1.85
C GLY D 136 -24.35 18.50 -1.15
N GLY D 137 -25.50 19.02 -1.42
CA GLY D 137 -25.75 20.39 -1.04
C GLY D 137 -26.61 20.61 0.20
N PRO D 138 -25.97 20.89 1.34
CA PRO D 138 -26.54 21.67 2.42
C PRO D 138 -25.92 23.08 2.42
N PRO D 139 -26.70 24.11 2.83
CA PRO D 139 -26.55 25.55 2.53
C PRO D 139 -25.40 26.09 1.63
N SER D 140 -24.68 25.24 0.91
CA SER D 140 -23.81 25.67 -0.16
C SER D 140 -24.67 26.03 -1.36
N ILE D 141 -24.31 27.06 -2.09
CA ILE D 141 -25.13 27.48 -3.22
C ILE D 141 -24.78 26.68 -4.43
N THR D 142 -25.48 25.57 -4.62
CA THR D 142 -25.26 24.78 -5.81
C THR D 142 -26.22 25.25 -6.92
N ASP D 143 -26.42 26.55 -6.95
CA ASP D 143 -27.15 27.25 -8.01
C ASP D 143 -26.19 27.79 -9.03
N PHE D 144 -26.63 27.91 -10.27
CA PHE D 144 -25.90 28.68 -11.25
C PHE D 144 -26.83 29.51 -12.11
N GLN D 145 -26.22 30.39 -12.87
CA GLN D 145 -26.88 31.32 -13.75
C GLN D 145 -25.86 31.73 -14.80
N ILE D 146 -26.22 31.82 -16.05
CA ILE D 146 -25.22 32.15 -17.04
C ILE D 146 -25.25 33.64 -17.35
N LEU D 147 -24.20 34.32 -16.93
CA LEU D 147 -24.03 35.74 -17.24
C LEU D 147 -22.82 35.97 -18.14
N GLU D 148 -23.04 36.56 -19.28
CA GLU D 148 -21.97 36.85 -20.21
C GLU D 148 -21.33 38.20 -19.87
N ASN D 149 -20.06 38.37 -20.24
CA ASN D 149 -19.39 39.65 -20.11
C ASN D 149 -19.60 40.46 -21.38
N GLN D 150 -19.22 41.72 -21.35
CA GLN D 150 -19.43 42.60 -22.50
C GLN D 150 -18.44 42.27 -23.61
N ALA D 151 -17.15 42.29 -23.25
CA ALA D 151 -16.08 41.98 -24.19
C ALA D 151 -14.79 41.73 -23.43
N ASN A 1 12.05 -1.10 32.87
CA ASN A 1 11.09 -1.99 32.16
C ASN A 1 11.29 -3.41 32.66
N VAL A 2 10.58 -4.38 32.09
CA VAL A 2 10.79 -5.75 32.46
C VAL A 2 11.79 -6.37 31.50
N LYS A 3 12.89 -6.86 32.04
CA LYS A 3 13.91 -7.50 31.24
C LYS A 3 13.82 -9.00 31.39
N TYR A 4 14.14 -9.70 30.33
CA TYR A 4 14.26 -11.14 30.40
C TYR A 4 15.73 -11.43 30.49
N ASN A 5 16.17 -11.91 31.63
CA ASN A 5 17.58 -11.92 31.96
C ASN A 5 18.16 -13.29 31.70
N PHE A 6 19.35 -13.30 31.14
CA PHE A 6 19.98 -14.55 30.73
C PHE A 6 20.20 -15.44 31.94
N MET A 7 19.75 -16.68 31.78
CA MET A 7 19.70 -17.64 32.87
C MET A 7 20.98 -18.47 32.90
N ARG A 8 21.25 -19.26 31.87
CA ARG A 8 22.47 -20.06 31.89
C ARG A 8 22.87 -20.53 30.49
N ILE A 9 24.18 -20.64 30.32
CA ILE A 9 24.79 -21.13 29.09
C ILE A 9 24.81 -22.66 29.10
N ILE A 10 24.14 -23.25 28.13
CA ILE A 10 24.10 -24.68 27.99
C ILE A 10 25.29 -25.10 27.13
N LYS A 11 25.01 -25.85 26.09
CA LYS A 11 26.06 -26.47 25.30
C LYS A 11 26.20 -25.69 24.01
N TYR A 12 27.33 -25.85 23.33
CA TYR A 12 27.63 -24.98 22.22
C TYR A 12 28.37 -25.71 21.12
N GLU A 13 28.19 -25.18 19.91
CA GLU A 13 28.76 -25.75 18.68
C GLU A 13 28.43 -27.24 18.51
N PHE A 14 27.29 -27.64 19.07
CA PHE A 14 26.77 -28.98 18.87
C PHE A 14 25.62 -28.94 17.88
N ILE A 15 25.51 -29.97 17.05
CA ILE A 15 24.51 -29.98 16.00
C ILE A 15 23.38 -30.96 16.29
N LEU A 16 22.18 -30.53 15.98
CA LEU A 16 20.98 -31.32 16.16
C LEU A 16 20.52 -31.90 14.82
N ASN A 17 20.17 -33.17 14.86
CA ASN A 17 19.65 -33.89 13.72
C ASN A 17 18.32 -34.51 14.13
N ASP A 18 17.39 -34.61 13.22
CA ASP A 18 16.03 -34.98 13.53
C ASP A 18 15.84 -36.48 13.35
N ALA A 19 14.61 -36.96 13.51
CA ALA A 19 14.33 -38.38 13.33
C ALA A 19 14.58 -38.84 11.88
N LEU A 20 14.66 -37.90 10.95
CA LEU A 20 15.03 -38.20 9.57
C LEU A 20 16.53 -38.43 9.53
N ASN A 21 17.15 -37.94 10.60
CA ASN A 21 18.58 -37.95 10.77
C ASN A 21 19.25 -37.17 9.67
N GLN A 22 19.15 -35.87 9.79
CA GLN A 22 19.76 -34.95 8.84
C GLN A 22 20.40 -33.81 9.58
N SER A 23 21.68 -33.61 9.33
CA SER A 23 22.40 -32.53 9.95
C SER A 23 21.91 -31.20 9.41
N ILE A 24 21.66 -30.28 10.30
CA ILE A 24 21.20 -28.97 9.87
C ILE A 24 22.35 -28.22 9.19
N ILE A 25 22.39 -28.29 7.86
CA ILE A 25 23.55 -27.84 7.12
C ILE A 25 23.34 -26.43 6.60
N ARG A 26 24.43 -25.68 6.53
CA ARG A 26 24.38 -24.29 6.14
C ARG A 26 24.40 -24.18 4.62
N ALA A 27 23.27 -23.75 4.05
CA ALA A 27 23.20 -23.53 2.61
C ALA A 27 23.44 -22.06 2.33
N ASN A 28 22.88 -21.21 3.19
CA ASN A 28 23.01 -19.77 3.07
C ASN A 28 22.86 -19.13 4.45
N ASP A 29 23.06 -17.82 4.55
CA ASP A 29 22.93 -17.10 5.81
C ASP A 29 21.48 -16.69 6.06
N GLN A 30 20.56 -17.30 5.32
CA GLN A 30 19.13 -17.02 5.45
C GLN A 30 18.33 -18.30 5.22
N TYR A 31 18.88 -19.19 4.39
CA TYR A 31 18.23 -20.46 4.07
C TYR A 31 19.11 -21.64 4.49
N LEU A 32 18.51 -22.59 5.20
CA LEU A 32 19.21 -23.78 5.66
C LEU A 32 18.43 -25.04 5.32
N THR A 33 19.12 -26.03 4.79
CA THR A 33 18.53 -27.30 4.41
C THR A 33 19.13 -28.43 5.23
N ALA A 34 18.32 -29.41 5.60
CA ALA A 34 18.82 -30.50 6.39
C ALA A 34 19.33 -31.62 5.50
N ALA A 35 20.56 -32.01 5.73
CA ALA A 35 21.21 -33.07 4.99
C ALA A 35 22.28 -33.69 5.87
N ALA A 36 22.44 -34.99 5.82
CA ALA A 36 23.44 -35.67 6.63
C ALA A 36 24.82 -35.11 6.30
N LEU A 37 25.58 -34.71 7.32
CA LEU A 37 26.85 -34.05 7.11
C LEU A 37 27.84 -35.01 6.48
N HIS A 38 28.73 -34.44 5.71
CA HIS A 38 29.75 -35.21 5.01
C HIS A 38 31.06 -34.44 5.01
N ASN A 39 30.98 -33.14 5.30
CA ASN A 39 32.19 -32.36 5.57
C ASN A 39 32.30 -32.08 7.06
N LEU A 40 31.29 -32.53 7.82
CA LEU A 40 31.23 -32.41 9.29
C LEU A 40 31.20 -30.95 9.75
N ASP A 41 32.29 -30.22 9.55
CA ASP A 41 32.26 -28.79 9.76
C ASP A 41 31.64 -28.19 8.52
N GLU A 42 30.34 -28.40 8.46
CA GLU A 42 29.54 -28.11 7.28
C GLU A 42 28.15 -27.65 7.70
N ALA A 43 27.69 -28.22 8.79
CA ALA A 43 26.45 -27.82 9.41
C ALA A 43 26.70 -26.63 10.32
N VAL A 44 25.65 -25.86 10.60
CA VAL A 44 25.77 -24.69 11.42
C VAL A 44 25.84 -25.10 12.86
N LYS A 45 26.81 -24.61 13.58
CA LYS A 45 26.99 -25.03 14.94
C LYS A 45 26.29 -24.07 15.84
N PHE A 46 25.30 -24.60 16.52
CA PHE A 46 24.48 -23.79 17.38
C PHE A 46 24.89 -23.91 18.83
N ASP A 47 24.47 -22.93 19.56
CA ASP A 47 24.71 -22.81 20.99
C ASP A 47 23.48 -22.24 21.64
N MET A 48 23.18 -22.76 22.81
CA MET A 48 21.97 -22.41 23.48
C MET A 48 22.25 -21.44 24.61
N GLY A 49 21.47 -20.38 24.65
CA GLY A 49 21.56 -19.41 25.72
C GLY A 49 20.19 -19.09 26.23
N ALA A 50 19.94 -19.40 27.48
CA ALA A 50 18.60 -19.32 28.02
C ALA A 50 18.33 -17.92 28.52
N TYR A 51 17.08 -17.53 28.44
CA TYR A 51 16.65 -16.23 28.94
C TYR A 51 15.50 -16.52 29.88
N LYS A 52 15.15 -15.60 30.75
CA LYS A 52 14.10 -15.91 31.68
C LYS A 52 13.10 -14.79 31.83
N SER A 53 11.87 -15.15 31.54
CA SER A 53 10.69 -14.40 31.90
C SER A 53 9.66 -15.45 32.27
N SER A 54 8.63 -15.10 33.02
CA SER A 54 7.62 -16.10 33.35
C SER A 54 6.53 -16.11 32.29
N LYS A 55 6.97 -16.09 31.03
CA LYS A 55 6.06 -16.21 29.91
C LYS A 55 6.43 -17.37 29.00
N ASP A 56 6.98 -18.45 29.56
CA ASP A 56 7.27 -19.60 28.72
C ASP A 56 6.01 -20.43 28.56
N ASP A 57 6.07 -21.73 28.85
CA ASP A 57 4.89 -22.49 29.20
C ASP A 57 5.15 -23.24 30.51
N ALA A 58 5.84 -24.37 30.38
CA ALA A 58 6.30 -25.16 31.52
C ALA A 58 7.78 -25.52 31.37
N LYS A 59 8.49 -24.78 30.52
CA LYS A 59 9.84 -25.14 30.08
C LYS A 59 10.64 -23.88 29.83
N ILE A 60 11.94 -23.96 30.05
CA ILE A 60 12.79 -22.79 30.04
C ILE A 60 13.38 -22.63 28.65
N THR A 61 13.60 -21.40 28.27
CA THR A 61 13.76 -21.06 26.88
C THR A 61 15.14 -20.51 26.59
N VAL A 62 15.71 -20.96 25.47
CA VAL A 62 17.06 -20.56 25.09
C VAL A 62 17.07 -20.06 23.65
N ILE A 63 18.15 -19.37 23.25
CA ILE A 63 18.27 -18.83 21.92
C ILE A 63 19.28 -19.64 21.15
N LEU A 64 18.96 -19.98 19.92
CA LEU A 64 19.86 -20.81 19.12
C LEU A 64 20.62 -19.95 18.11
N ARG A 65 21.93 -19.93 18.30
CA ARG A 65 22.81 -19.07 17.56
C ARG A 65 24.03 -19.85 17.11
N ILE A 66 24.67 -19.44 16.01
CA ILE A 66 25.85 -20.10 15.56
C ILE A 66 27.04 -19.57 16.39
N SER A 67 27.80 -20.47 16.95
CA SER A 67 28.83 -20.12 17.94
C SER A 67 29.73 -18.96 17.52
N LYS A 68 29.89 -18.75 16.22
CA LYS A 68 30.79 -17.71 15.74
C LYS A 68 30.07 -16.37 15.56
N THR A 69 28.98 -16.38 14.79
CA THR A 69 28.21 -15.15 14.58
C THR A 69 26.84 -15.28 15.20
N GLN A 70 26.09 -14.21 15.28
CA GLN A 70 24.83 -14.35 15.98
C GLN A 70 23.71 -14.48 14.97
N LEU A 71 23.64 -15.69 14.42
CA LEU A 71 22.62 -16.08 13.46
C LEU A 71 21.56 -16.89 14.19
N TYR A 72 20.39 -16.30 14.43
CA TYR A 72 19.34 -16.98 15.15
C TYR A 72 18.32 -17.48 14.18
N VAL A 73 17.73 -18.63 14.44
CA VAL A 73 16.59 -19.03 13.65
C VAL A 73 15.34 -18.46 14.29
N THR A 74 14.63 -17.64 13.53
CA THR A 74 13.40 -17.01 13.99
C THR A 74 12.16 -17.71 13.41
N ALA A 75 11.08 -17.69 14.17
CA ALA A 75 9.82 -18.29 13.74
C ALA A 75 9.03 -17.30 12.89
N GLN A 76 8.71 -17.69 11.66
CA GLN A 76 7.96 -16.82 10.75
C GLN A 76 6.45 -17.01 10.90
N ASP A 77 5.88 -17.91 10.11
CA ASP A 77 4.44 -18.16 10.17
C ASP A 77 4.14 -19.62 9.79
N GLU A 78 4.16 -20.49 10.79
CA GLU A 78 3.93 -21.93 10.61
C GLU A 78 4.82 -22.46 9.50
N ASP A 79 4.22 -23.18 8.54
CA ASP A 79 4.96 -23.76 7.41
C ASP A 79 5.58 -22.66 6.52
N GLN A 80 6.75 -22.18 6.94
CA GLN A 80 7.49 -21.15 6.23
C GLN A 80 8.93 -21.21 6.75
N PRO A 81 9.90 -21.36 5.84
CA PRO A 81 11.32 -21.50 6.19
C PRO A 81 11.85 -20.46 7.18
N VAL A 82 12.42 -20.98 8.27
CA VAL A 82 13.06 -20.17 9.30
C VAL A 82 14.04 -19.17 8.71
N LEU A 83 13.96 -17.94 9.19
CA LEU A 83 14.82 -16.87 8.71
C LEU A 83 16.02 -16.69 9.63
N LEU A 84 17.21 -16.83 9.07
CA LEU A 84 18.44 -16.68 9.84
C LEU A 84 18.84 -15.21 9.93
N LYS A 85 18.65 -14.63 11.11
CA LYS A 85 18.98 -13.23 11.35
C LYS A 85 20.35 -13.09 11.99
N GLU A 86 21.11 -12.08 11.57
CA GLU A 86 22.44 -11.83 12.13
C GLU A 86 22.54 -10.46 12.76
N MET A 87 23.00 -10.43 14.01
CA MET A 87 23.18 -9.19 14.74
C MET A 87 24.42 -9.27 15.63
N PRO A 88 25.42 -8.39 15.41
CA PRO A 88 26.66 -8.38 16.19
C PRO A 88 26.44 -8.35 17.70
N GLU A 89 27.08 -9.30 18.39
CA GLU A 89 27.00 -9.45 19.86
C GLU A 89 25.62 -9.91 20.34
N ILE A 90 25.65 -10.88 21.25
CA ILE A 90 24.43 -11.44 21.86
C ILE A 90 23.82 -10.50 22.89
N PRO A 91 22.51 -10.23 22.77
CA PRO A 91 21.77 -9.43 23.74
C PRO A 91 21.71 -10.11 25.11
N LYS A 92 21.76 -9.33 26.17
CA LYS A 92 21.69 -9.84 27.52
C LYS A 92 20.28 -9.66 28.07
N THR A 93 19.58 -8.71 27.47
CA THR A 93 18.23 -8.36 27.86
C THR A 93 17.35 -8.35 26.63
N ILE A 94 16.34 -9.19 26.66
CA ILE A 94 15.54 -9.49 25.49
C ILE A 94 14.26 -8.68 25.49
N THR A 95 13.98 -8.01 24.37
CA THR A 95 12.77 -7.18 24.23
C THR A 95 11.66 -7.95 23.54
N GLY A 96 10.62 -7.22 23.13
CA GLY A 96 9.50 -7.81 22.43
C GLY A 96 9.67 -7.76 20.92
N SER A 97 10.91 -7.92 20.47
CA SER A 97 11.23 -7.89 19.06
C SER A 97 11.94 -9.18 18.65
N GLU A 98 12.59 -9.80 19.62
CA GLU A 98 13.32 -11.04 19.38
C GLU A 98 12.55 -12.24 19.93
N THR A 99 11.23 -12.14 19.89
CA THR A 99 10.35 -13.20 20.40
C THR A 99 10.23 -14.37 19.41
N ASN A 100 10.88 -14.25 18.26
CA ASN A 100 10.82 -15.29 17.24
C ASN A 100 11.99 -16.27 17.36
N LEU A 101 13.13 -15.75 17.82
CA LEU A 101 14.33 -16.58 17.98
C LEU A 101 14.39 -17.22 19.36
N LEU A 102 13.26 -17.24 20.05
CA LEU A 102 13.17 -17.84 21.38
C LEU A 102 12.62 -19.26 21.26
N PHE A 103 13.09 -20.19 22.09
CA PHE A 103 12.71 -21.58 21.86
C PHE A 103 12.44 -22.34 23.15
N PHE A 104 11.22 -22.84 23.19
CA PHE A 104 10.72 -23.64 24.29
C PHE A 104 11.13 -25.09 24.05
N TRP A 105 12.17 -25.53 24.73
CA TRP A 105 12.69 -26.86 24.45
C TRP A 105 12.16 -27.90 25.42
N GLU A 106 11.39 -28.84 24.88
CA GLU A 106 10.85 -29.94 25.64
C GLU A 106 11.65 -31.21 25.37
N THR A 107 12.43 -31.64 26.35
CA THR A 107 13.32 -32.77 26.17
C THR A 107 12.71 -34.05 26.75
N HIS A 108 12.70 -35.11 25.96
CA HIS A 108 12.19 -36.41 26.40
C HIS A 108 13.27 -37.46 26.24
N GLY A 109 13.97 -37.77 27.33
CA GLY A 109 15.03 -38.75 27.28
C GLY A 109 16.17 -38.36 26.36
N THR A 110 16.14 -38.88 25.14
CA THR A 110 17.16 -38.59 24.15
C THR A 110 16.66 -37.59 23.12
N LYS A 111 15.40 -37.74 22.72
CA LYS A 111 14.80 -36.85 21.75
C LYS A 111 14.34 -35.57 22.41
N ASN A 112 14.16 -34.55 21.61
CA ASN A 112 13.77 -33.25 22.13
C ASN A 112 13.01 -32.47 21.07
N TYR A 113 12.12 -31.61 21.53
CA TYR A 113 11.34 -30.78 20.63
C TYR A 113 11.76 -29.32 20.75
N PHE A 114 11.45 -28.53 19.74
CA PHE A 114 11.71 -27.10 19.75
C PHE A 114 10.43 -26.35 19.43
N THR A 115 9.79 -25.85 20.47
CA THR A 115 8.53 -25.15 20.36
C THR A 115 8.75 -23.64 20.24
N SER A 116 8.01 -23.00 19.33
CA SER A 116 8.10 -21.56 19.16
C SER A 116 7.40 -20.83 20.30
N VAL A 117 8.12 -19.90 20.92
CA VAL A 117 7.56 -19.08 21.99
C VAL A 117 6.70 -17.97 21.41
N ALA A 118 6.93 -17.62 20.13
CA ALA A 118 6.14 -16.59 19.46
C ALA A 118 4.70 -17.05 19.31
N HIS A 119 4.51 -18.12 18.53
CA HIS A 119 3.19 -18.70 18.32
C HIS A 119 3.23 -20.16 18.76
N PRO A 120 2.36 -20.53 19.72
CA PRO A 120 2.31 -21.88 20.33
C PRO A 120 2.23 -23.02 19.32
N ASN A 121 1.38 -22.87 18.30
CA ASN A 121 1.09 -23.95 17.37
C ASN A 121 2.27 -24.23 16.43
N LEU A 122 3.35 -23.49 16.60
CA LEU A 122 4.52 -23.65 15.75
C LEU A 122 5.51 -24.59 16.40
N PHE A 123 6.06 -25.44 15.57
CA PHE A 123 7.03 -26.45 15.97
C PHE A 123 8.03 -26.61 14.83
N ILE A 124 9.28 -26.89 15.13
CA ILE A 124 10.30 -26.90 14.09
C ILE A 124 10.35 -28.27 13.41
N ALA A 125 9.79 -28.31 12.20
CA ALA A 125 9.63 -29.57 11.46
C ALA A 125 10.78 -29.81 10.52
N THR A 126 11.00 -31.07 10.16
CA THR A 126 12.11 -31.43 9.31
C THR A 126 11.61 -32.09 8.04
N LYS A 127 12.13 -31.58 6.93
CA LYS A 127 11.75 -32.03 5.59
C LYS A 127 12.87 -32.87 4.99
N GLN A 128 12.51 -33.77 4.08
CA GLN A 128 13.49 -34.63 3.40
C GLN A 128 14.25 -33.87 2.31
N ASP A 129 13.60 -32.91 1.69
CA ASP A 129 14.19 -32.21 0.54
C ASP A 129 14.23 -30.70 0.74
N TYR A 130 13.27 -30.17 1.48
CA TYR A 130 13.17 -28.72 1.68
C TYR A 130 13.92 -28.25 2.91
N TRP A 131 13.87 -26.94 3.11
CA TRP A 131 14.54 -26.27 4.22
C TRP A 131 13.89 -26.63 5.56
N VAL A 132 14.70 -26.66 6.62
CA VAL A 132 14.20 -26.95 7.95
C VAL A 132 13.36 -25.76 8.44
N CYS A 133 12.06 -25.92 8.40
CA CYS A 133 11.17 -24.82 8.72
C CYS A 133 10.54 -25.00 10.10
N LEU A 134 9.36 -24.41 10.26
CA LEU A 134 8.56 -24.54 11.43
C LEU A 134 7.22 -24.92 10.92
N ALA A 135 6.32 -25.41 11.73
CA ALA A 135 5.10 -25.95 11.21
C ALA A 135 4.09 -26.21 12.29
N GLY A 136 2.90 -26.49 11.83
CA GLY A 136 2.02 -27.28 12.58
C GLY A 136 2.22 -28.63 12.00
N GLY A 137 2.28 -29.61 12.81
CA GLY A 137 2.79 -30.88 12.34
C GLY A 137 1.76 -31.95 12.03
N PRO A 138 1.43 -32.13 10.74
CA PRO A 138 0.98 -33.40 10.18
C PRO A 138 2.11 -34.02 9.35
N PRO A 139 2.19 -35.37 9.31
CA PRO A 139 3.35 -36.23 9.00
C PRO A 139 4.74 -35.61 8.67
N SER A 140 4.96 -34.33 8.90
CA SER A 140 6.30 -33.75 8.91
C SER A 140 6.99 -34.16 10.20
N ILE A 141 8.28 -34.44 10.14
CA ILE A 141 8.97 -34.90 11.33
C ILE A 141 9.41 -33.71 12.15
N THR A 142 8.57 -33.28 13.07
CA THR A 142 8.93 -32.20 13.95
C THR A 142 9.61 -32.78 15.21
N ASP A 143 10.38 -33.83 14.99
CA ASP A 143 11.23 -34.45 16.00
C ASP A 143 12.64 -33.91 15.88
N PHE A 144 13.37 -33.87 16.98
CA PHE A 144 14.80 -33.65 16.91
C PHE A 144 15.54 -34.55 17.88
N GLN A 145 16.84 -34.57 17.73
CA GLN A 145 17.75 -35.36 18.51
C GLN A 145 19.11 -34.69 18.39
N ILE A 146 19.87 -34.58 19.45
CA ILE A 146 21.13 -33.87 19.34
C ILE A 146 22.27 -34.86 19.14
N LEU A 147 22.83 -34.85 17.94
CA LEU A 147 24.00 -35.65 17.64
C LEU A 147 25.22 -34.79 17.34
N GLU A 148 26.27 -34.99 18.09
CA GLU A 148 27.49 -34.23 17.89
C GLU A 148 28.37 -34.92 16.85
N ASN A 149 29.21 -34.14 16.19
CA ASN A 149 30.21 -34.68 15.28
C ASN A 149 31.49 -34.99 16.04
N GLN A 150 32.42 -35.66 15.39
CA GLN A 150 33.65 -36.06 16.05
C GLN A 150 34.57 -34.86 16.21
N ALA A 151 34.85 -34.20 15.10
CA ALA A 151 35.71 -33.02 15.08
C ALA A 151 35.54 -32.28 13.76
N MET B 1 18.68 -14.80 -4.09
CA MET B 1 18.17 -14.31 -2.78
C MET B 1 18.20 -12.79 -2.72
N ALA B 2 18.50 -12.15 -3.85
CA ALA B 2 18.58 -10.70 -3.92
C ALA B 2 17.82 -10.14 -5.12
N ALA B 3 16.79 -9.36 -4.83
CA ALA B 3 16.05 -8.62 -5.84
C ALA B 3 16.93 -7.58 -6.51
N GLU B 4 17.46 -7.91 -7.68
CA GLU B 4 18.20 -6.94 -8.48
C GLU B 4 17.20 -5.97 -9.12
N PRO B 5 17.66 -4.81 -9.67
CA PRO B 5 16.77 -3.76 -10.18
C PRO B 5 15.56 -4.30 -10.96
N LEU B 6 14.42 -3.64 -10.82
CA LEU B 6 13.20 -4.19 -11.30
C LEU B 6 12.51 -3.33 -12.35
N THR B 7 11.41 -3.86 -12.86
CA THR B 7 10.49 -3.17 -13.76
C THR B 7 9.84 -1.97 -13.04
N GLU B 8 8.98 -1.19 -13.70
CA GLU B 8 8.62 0.12 -13.17
C GLU B 8 7.68 0.03 -11.96
N LEU B 9 6.57 -0.69 -12.06
CA LEU B 9 5.69 -0.78 -10.90
C LEU B 9 6.40 -1.48 -9.76
N GLU B 10 7.36 -2.30 -10.12
CA GLU B 10 8.21 -2.95 -9.14
C GLU B 10 9.15 -1.93 -8.55
N GLU B 11 9.66 -1.04 -9.39
CA GLU B 11 10.57 0.00 -8.96
C GLU B 11 9.88 0.78 -7.87
N SER B 12 8.59 0.97 -8.06
CA SER B 12 7.82 1.72 -7.08
C SER B 12 7.55 0.91 -5.80
N ILE B 13 7.20 -0.38 -5.93
CA ILE B 13 6.92 -1.20 -4.74
C ILE B 13 8.19 -1.76 -4.05
N GLU B 14 9.21 -2.12 -4.82
CA GLU B 14 10.51 -2.53 -4.26
C GLU B 14 11.07 -1.42 -3.37
N THR B 15 11.03 -0.22 -3.90
CA THR B 15 11.45 0.97 -3.18
C THR B 15 10.79 1.06 -1.79
N VAL B 16 9.54 0.62 -1.69
CA VAL B 16 8.82 0.60 -0.43
C VAL B 16 9.46 -0.40 0.52
N VAL B 17 9.98 -1.48 -0.05
CA VAL B 17 10.54 -2.57 0.72
C VAL B 17 11.83 -2.18 1.38
N THR B 18 12.73 -1.64 0.57
CA THR B 18 14.11 -1.39 0.98
C THR B 18 14.17 -0.48 2.19
N THR B 19 13.41 0.59 2.15
CA THR B 19 13.37 1.54 3.27
C THR B 19 12.86 0.83 4.52
N PHE B 20 11.69 0.24 4.34
CA PHE B 20 11.04 -0.63 5.32
C PHE B 20 12.03 -1.63 5.96
N PHE B 21 12.73 -2.39 5.11
CA PHE B 21 13.66 -3.44 5.54
C PHE B 21 14.84 -2.89 6.32
N THR B 22 15.29 -1.69 5.97
CA THR B 22 16.39 -1.05 6.67
C THR B 22 16.06 -0.90 8.16
N PHE B 23 14.80 -0.62 8.46
CA PHE B 23 14.37 -0.47 9.84
C PHE B 23 13.97 -1.82 10.42
N ALA B 24 13.28 -2.63 9.62
CA ALA B 24 12.89 -3.99 10.04
C ALA B 24 14.10 -4.80 10.48
N ARG B 25 15.23 -4.58 9.80
CA ARG B 25 16.48 -5.29 10.09
C ARG B 25 17.20 -4.72 11.32
N GLN B 26 16.84 -3.51 11.73
CA GLN B 26 17.47 -2.86 12.89
C GLN B 26 17.41 -3.73 14.15
N GLU B 27 16.21 -4.06 14.60
CA GLU B 27 16.04 -4.89 15.80
C GLU B 27 15.70 -6.33 15.43
N GLY B 28 15.17 -7.08 16.40
CA GLY B 28 14.81 -8.48 16.18
C GLY B 28 13.83 -8.65 15.04
N ARG B 29 13.97 -9.76 14.30
CA ARG B 29 13.12 -10.05 13.15
C ARG B 29 13.34 -9.01 12.06
N LYS B 30 14.30 -9.29 11.16
CA LYS B 30 14.64 -8.35 10.09
C LYS B 30 13.57 -8.33 8.99
N ASP B 31 12.52 -9.12 9.15
CA ASP B 31 11.45 -9.18 8.17
C ASP B 31 10.29 -8.26 8.55
N SER B 32 10.24 -7.84 9.81
CA SER B 32 9.16 -6.98 10.30
C SER B 32 9.66 -5.95 11.30
N LEU B 33 8.96 -4.82 11.37
CA LEU B 33 9.31 -3.74 12.32
C LEU B 33 8.61 -4.01 13.64
N SER B 34 9.25 -3.68 14.75
CA SER B 34 8.66 -3.90 16.07
C SER B 34 7.90 -2.64 16.53
N VAL B 35 7.46 -2.65 17.79
CA VAL B 35 6.74 -1.52 18.36
C VAL B 35 7.65 -0.31 18.51
N ASN B 36 8.95 -0.56 18.59
CA ASN B 36 9.92 0.52 18.73
C ASN B 36 10.24 1.16 17.40
N GLU B 37 10.27 0.36 16.33
CA GLU B 37 10.56 0.87 15.00
C GLU B 37 9.34 1.60 14.41
N PHE B 38 8.15 1.19 14.84
CA PHE B 38 6.93 1.80 14.41
C PHE B 38 6.87 3.14 15.09
N LYS B 39 7.11 3.11 16.38
CA LYS B 39 7.12 4.31 17.19
C LYS B 39 8.21 5.26 16.72
N GLU B 40 9.38 4.73 16.35
CA GLU B 40 10.46 5.59 15.85
C GLU B 40 10.05 6.33 14.59
N LEU B 41 9.44 5.63 13.65
CA LEU B 41 9.07 6.22 12.38
C LEU B 41 7.88 7.14 12.56
N VAL B 42 6.93 6.71 13.36
CA VAL B 42 5.72 7.46 13.56
C VAL B 42 6.08 8.79 14.24
N THR B 43 6.85 8.69 15.31
CA THR B 43 7.39 9.84 16.01
C THR B 43 8.33 10.68 15.14
N GLN B 44 9.35 10.05 14.56
CA GLN B 44 10.42 10.73 13.85
C GLN B 44 10.10 10.97 12.38
N GLN B 45 9.71 9.91 11.67
CA GLN B 45 9.53 9.96 10.22
C GLN B 45 8.13 10.44 9.83
N LEU B 46 7.15 10.24 10.69
CA LEU B 46 5.76 10.45 10.32
C LEU B 46 5.11 11.79 10.78
N PRO B 47 5.73 12.63 11.65
CA PRO B 47 5.11 13.90 12.07
C PRO B 47 4.55 14.70 10.89
N HIS B 48 5.25 14.65 9.77
CA HIS B 48 4.81 15.32 8.56
C HIS B 48 3.68 14.54 7.91
N LEU B 49 3.84 13.22 7.84
CA LEU B 49 2.84 12.35 7.21
C LEU B 49 1.64 12.12 8.12
N LEU B 50 1.84 11.26 9.11
CA LEU B 50 0.81 10.90 10.06
C LEU B 50 0.88 11.78 11.27
N LYS B 51 0.16 12.88 11.16
CA LYS B 51 -0.04 13.86 12.22
C LYS B 51 -0.74 13.26 13.44
N ASP B 52 -0.12 12.26 13.97
CA ASP B 52 -0.59 11.56 15.16
C ASP B 52 0.57 10.73 15.69
N VAL B 53 1.62 11.45 16.04
CA VAL B 53 2.86 10.85 16.47
C VAL B 53 2.77 10.42 17.92
N GLY B 54 1.71 10.84 18.59
CA GLY B 54 1.52 10.49 19.97
C GLY B 54 0.97 9.09 20.13
N SER B 55 -0.35 8.95 19.97
CA SER B 55 -1.03 7.69 20.19
C SER B 55 -0.89 6.74 19.02
N LEU B 56 0.35 6.42 18.70
CA LEU B 56 0.67 5.40 17.72
C LEU B 56 -0.14 4.14 17.99
N ASP B 57 -0.45 3.95 19.26
CA ASP B 57 -1.15 2.76 19.77
C ASP B 57 -2.31 2.36 18.88
N GLU B 58 -3.23 3.26 18.61
CA GLU B 58 -4.48 2.91 17.91
C GLU B 58 -4.21 2.19 16.58
N LYS B 59 -3.30 2.77 15.82
CA LYS B 59 -2.93 2.27 14.52
C LYS B 59 -2.16 0.98 14.69
N MET B 60 -1.24 1.00 15.65
CA MET B 60 -0.48 -0.17 16.02
C MET B 60 -1.41 -1.35 16.29
N LYS B 61 -2.42 -1.14 17.13
CA LYS B 61 -3.37 -2.19 17.49
C LYS B 61 -4.09 -2.75 16.25
N SER B 62 -4.41 -1.86 15.32
CA SER B 62 -5.14 -2.26 14.12
C SER B 62 -4.27 -3.16 13.23
N LEU B 63 -2.97 -2.91 13.26
CA LEU B 63 -2.00 -3.67 12.46
C LEU B 63 -1.54 -4.91 13.23
N ASP B 64 -1.19 -4.68 14.47
CA ASP B 64 -0.76 -5.70 15.43
C ASP B 64 -1.80 -6.79 15.64
N VAL B 65 -3.03 -6.50 15.19
CA VAL B 65 -4.30 -7.11 15.68
C VAL B 65 -4.21 -8.55 16.21
N ASN B 66 -3.42 -9.41 15.56
CA ASN B 66 -3.30 -10.81 15.98
C ASN B 66 -2.44 -10.94 17.25
N GLN B 67 -2.34 -9.83 17.98
CA GLN B 67 -1.57 -9.74 19.22
C GLN B 67 -0.07 -9.90 18.94
N ASP B 68 0.27 -9.90 17.66
CA ASP B 68 1.63 -10.01 17.20
C ASP B 68 2.16 -8.60 16.93
N SER B 69 3.12 -8.17 17.74
CA SER B 69 3.69 -6.83 17.64
C SER B 69 4.66 -6.67 16.46
N GLU B 70 4.57 -7.55 15.48
CA GLU B 70 5.44 -7.49 14.32
C GLU B 70 4.67 -6.98 13.11
N LEU B 71 5.14 -5.87 12.53
CA LEU B 71 4.50 -5.30 11.39
C LEU B 71 4.96 -6.03 10.12
N LYS B 72 4.41 -7.23 9.94
CA LYS B 72 4.85 -8.14 8.87
C LYS B 72 4.08 -8.06 7.56
N PHE B 73 4.23 -9.15 6.79
CA PHE B 73 3.64 -9.31 5.46
C PHE B 73 2.18 -8.92 5.39
N ASN B 74 1.97 -7.67 4.98
CA ASN B 74 0.65 -7.11 4.77
C ASN B 74 -0.33 -7.21 5.96
N GLU B 75 0.22 -7.35 7.16
CA GLU B 75 -0.51 -6.88 8.36
C GLU B 75 -0.27 -5.37 8.50
N TYR B 76 0.99 -4.97 8.34
CA TYR B 76 1.40 -3.57 8.31
C TYR B 76 0.60 -2.82 7.27
N TRP B 77 0.44 -3.48 6.14
CA TRP B 77 -0.15 -2.95 4.91
C TRP B 77 -1.32 -1.99 5.13
N ARG B 78 -2.20 -2.30 6.07
CA ARG B 78 -3.34 -1.43 6.30
C ARG B 78 -2.84 0.00 6.46
N LEU B 79 -1.84 0.17 7.32
CA LEU B 79 -1.24 1.49 7.54
C LEU B 79 -0.62 1.99 6.26
N ILE B 80 0.08 1.10 5.55
CA ILE B 80 0.77 1.45 4.31
C ILE B 80 -0.22 2.01 3.29
N GLY B 81 -1.43 1.51 3.34
CA GLY B 81 -2.46 2.00 2.46
C GLY B 81 -3.02 3.29 2.95
N GLU B 82 -3.18 3.37 4.26
CA GLU B 82 -3.58 4.59 4.89
C GLU B 82 -2.53 5.65 4.57
N LEU B 83 -1.26 5.22 4.46
CA LEU B 83 -0.14 6.13 4.19
C LEU B 83 -0.27 6.78 2.82
N ALA B 84 -0.35 5.95 1.78
CA ALA B 84 -0.41 6.42 0.40
C ALA B 84 -1.69 7.24 0.16
N LYS B 85 -2.72 6.94 0.93
CA LYS B 85 -3.95 7.66 0.83
C LYS B 85 -3.83 9.02 1.54
N GLU B 86 -3.33 8.97 2.77
CA GLU B 86 -3.18 10.17 3.61
C GLU B 86 -2.38 11.25 2.91
N ILE B 87 -1.25 10.88 2.31
CA ILE B 87 -0.44 11.84 1.56
C ILE B 87 -1.28 12.56 0.51
N ARG B 88 -2.28 11.87 -0.03
CA ARG B 88 -3.11 12.43 -1.06
C ARG B 88 -4.27 13.25 -0.47
N LYS B 89 -5.18 12.62 0.24
CA LYS B 89 -6.35 13.36 0.74
C LYS B 89 -6.24 13.70 2.21
N LYS B 90 -5.01 13.96 2.69
CA LYS B 90 -4.78 14.29 4.11
C LYS B 90 -5.82 15.30 4.61
N LYS B 91 -5.68 16.51 4.12
CA LYS B 91 -6.74 17.51 4.14
C LYS B 91 -6.71 18.18 2.79
N ASP B 92 -6.11 17.47 1.81
CA ASP B 92 -5.95 18.00 0.45
C ASP B 92 -7.28 18.21 -0.26
N LEU B 93 -8.38 17.88 0.41
CA LEU B 93 -9.70 18.11 -0.15
C LEU B 93 -9.90 19.62 -0.26
N LYS B 94 -8.97 20.35 0.37
CA LYS B 94 -8.93 21.80 0.36
C LYS B 94 -7.49 22.25 0.10
N ILE B 95 -6.53 21.59 0.77
CA ILE B 95 -5.08 21.88 0.62
C ILE B 95 -4.27 21.23 1.76
N ARG B 96 -3.13 20.59 1.42
CA ARG B 96 -2.25 19.95 2.42
C ARG B 96 -0.87 19.63 1.83
N LYS B 97 -0.48 20.42 0.84
CA LYS B 97 0.79 20.28 0.14
C LYS B 97 0.93 21.48 -0.78
N LYS B 98 2.12 22.04 -0.83
CA LYS B 98 2.29 23.41 -1.30
C LYS B 98 3.76 23.81 -1.28
N MET C 1 0.29 23.51 -4.32
CA MET C 1 -0.41 22.33 -4.89
C MET C 1 0.61 21.31 -5.41
N ALA C 2 1.85 21.43 -4.95
CA ALA C 2 2.91 20.52 -5.39
C ALA C 2 3.70 19.97 -4.21
N ALA C 3 3.62 18.66 -4.04
CA ALA C 3 4.44 17.93 -3.08
C ALA C 3 5.93 18.02 -3.44
N GLU C 4 6.64 18.91 -2.78
CA GLU C 4 8.09 18.99 -2.93
C GLU C 4 8.71 17.82 -2.16
N PRO C 5 10.01 17.52 -2.38
CA PRO C 5 10.68 16.32 -1.80
C PRO C 5 10.29 16.09 -0.34
N LEU C 6 10.18 14.82 0.04
CA LEU C 6 9.61 14.48 1.29
C LEU C 6 10.55 13.71 2.22
N THR C 7 10.04 13.47 3.42
CA THR C 7 10.68 12.62 4.43
C THR C 7 10.78 11.17 3.91
N GLU C 8 11.34 10.24 4.66
CA GLU C 8 11.77 8.96 4.09
C GLU C 8 10.58 8.02 3.78
N LEU C 9 9.71 7.77 4.74
CA LEU C 9 8.56 6.91 4.45
C LEU C 9 7.68 7.57 3.40
N GLU C 10 7.75 8.88 3.34
CA GLU C 10 7.07 9.63 2.30
C GLU C 10 7.77 9.42 1.00
N GLU C 11 9.10 9.42 1.04
CA GLU C 11 9.91 9.20 -0.15
C GLU C 11 9.47 7.91 -0.78
N SER C 12 9.20 6.95 0.08
CA SER C 12 8.78 5.64 -0.41
C SER C 12 7.33 5.65 -0.94
N ILE C 13 6.40 6.32 -0.25
CA ILE C 13 5.01 6.35 -0.72
C ILE C 13 4.73 7.39 -1.80
N GLU C 14 5.38 8.56 -1.75
CA GLU C 14 5.29 9.57 -2.81
C GLU C 14 5.72 8.96 -4.14
N THR C 15 6.84 8.27 -4.10
CA THR C 15 7.37 7.56 -5.25
C THR C 15 6.30 6.67 -5.91
N VAL C 16 5.44 6.07 -5.09
CA VAL C 16 4.36 5.25 -5.60
C VAL C 16 3.36 6.09 -6.36
N VAL C 17 3.20 7.33 -5.93
CA VAL C 17 2.22 8.24 -6.50
C VAL C 17 2.61 8.68 -7.89
N THR C 18 3.84 9.16 -7.99
CA THR C 18 4.32 9.82 -9.19
C THR C 18 4.23 8.92 -10.41
N THR C 19 4.64 7.68 -10.24
CA THR C 19 4.59 6.72 -11.34
C THR C 19 3.13 6.50 -11.74
N PHE C 20 2.37 6.14 -10.73
CA PHE C 20 0.91 6.00 -10.80
C PHE C 20 0.25 7.17 -11.55
N PHE C 21 0.55 8.40 -11.11
CA PHE C 21 -0.05 9.62 -11.67
C PHE C 21 0.28 9.82 -13.14
N THR C 22 1.46 9.39 -13.55
CA THR C 22 1.86 9.48 -14.94
C THR C 22 0.87 8.73 -15.84
N PHE C 23 0.36 7.61 -15.34
CA PHE C 23 -0.61 6.83 -16.08
C PHE C 23 -2.03 7.32 -15.81
N ALA C 24 -2.31 7.66 -14.57
CA ALA C 24 -3.62 8.20 -14.18
C ALA C 24 -3.96 9.45 -14.99
N ARG C 25 -2.93 10.25 -15.27
CA ARG C 25 -3.08 11.50 -16.03
C ARG C 25 -3.26 11.24 -17.53
N GLN C 26 -2.82 10.09 -18.02
CA GLN C 26 -2.93 9.74 -19.44
C GLN C 26 -4.35 9.88 -19.96
N GLU C 27 -5.26 9.05 -19.44
CA GLU C 27 -6.66 9.09 -19.88
C GLU C 27 -7.49 9.98 -18.97
N GLY C 28 -8.82 9.94 -19.16
CA GLY C 28 -9.74 10.75 -18.38
C GLY C 28 -9.52 10.61 -16.88
N ARG C 29 -9.68 11.73 -16.16
CA ARG C 29 -9.49 11.76 -14.71
C ARG C 29 -8.02 11.50 -14.37
N LYS C 30 -7.26 12.58 -14.15
CA LYS C 30 -5.83 12.47 -13.86
C LYS C 30 -5.58 11.93 -12.45
N ASP C 31 -6.65 11.65 -11.72
CA ASP C 31 -6.52 11.13 -10.36
C ASP C 31 -6.91 9.65 -10.28
N SER C 32 -7.19 9.05 -11.44
CA SER C 32 -7.57 7.64 -11.49
C SER C 32 -7.19 7.01 -12.82
N LEU C 33 -6.90 5.71 -12.79
CA LEU C 33 -6.54 4.98 -14.00
C LEU C 33 -7.77 4.30 -14.60
N SER C 34 -7.76 4.11 -15.91
CA SER C 34 -8.87 3.46 -16.60
C SER C 34 -8.66 1.95 -16.64
N VAL C 35 -9.63 1.23 -17.19
CA VAL C 35 -9.53 -0.23 -17.30
C VAL C 35 -8.50 -0.62 -18.34
N ASN C 36 -8.09 0.33 -19.18
CA ASN C 36 -7.10 0.07 -20.22
C ASN C 36 -5.68 0.26 -19.68
N GLU C 37 -5.52 1.16 -18.70
CA GLU C 37 -4.19 1.40 -18.12
C GLU C 37 -3.81 0.28 -17.15
N PHE C 38 -4.82 -0.28 -16.51
CA PHE C 38 -4.65 -1.37 -15.59
C PHE C 38 -4.23 -2.55 -16.42
N LYS C 39 -4.97 -2.77 -17.49
CA LYS C 39 -4.68 -3.85 -18.41
C LYS C 39 -3.31 -3.67 -19.03
N GLU C 40 -2.93 -2.43 -19.37
CA GLU C 40 -1.61 -2.19 -19.94
C GLU C 40 -0.50 -2.58 -18.97
N LEU C 41 -0.62 -2.20 -17.72
CA LEU C 41 0.42 -2.47 -16.75
C LEU C 41 0.40 -3.93 -16.37
N VAL C 42 -0.77 -4.49 -16.23
CA VAL C 42 -0.91 -5.86 -15.81
C VAL C 42 -0.33 -6.77 -16.89
N THR C 43 -0.74 -6.51 -18.13
CA THR C 43 -0.20 -7.19 -19.30
C THR C 43 1.29 -6.91 -19.51
N GLN C 44 1.66 -5.63 -19.56
CA GLN C 44 3.00 -5.21 -19.94
C GLN C 44 3.96 -5.14 -18.73
N GLN C 45 3.55 -4.43 -17.68
CA GLN C 45 4.42 -4.15 -16.55
C GLN C 45 4.40 -5.28 -15.50
N LEU C 46 3.31 -6.03 -15.45
CA LEU C 46 3.10 -6.96 -14.35
C LEU C 46 3.42 -8.44 -14.64
N PRO C 47 3.68 -8.90 -15.91
CA PRO C 47 3.99 -10.33 -16.17
C PRO C 47 5.01 -10.89 -15.19
N HIS C 48 5.99 -10.06 -14.82
CA HIS C 48 7.00 -10.47 -13.86
C HIS C 48 6.43 -10.45 -12.45
N LEU C 49 5.67 -9.41 -12.12
CA LEU C 49 5.08 -9.25 -10.80
C LEU C 49 3.85 -10.14 -10.61
N LEU C 50 2.75 -9.70 -11.21
CA LEU C 50 1.49 -10.40 -11.13
C LEU C 50 1.33 -11.34 -12.29
N LYS C 51 1.82 -12.55 -12.07
CA LYS C 51 1.72 -13.67 -12.97
C LYS C 51 0.27 -14.07 -13.24
N ASP C 52 -0.48 -13.13 -13.73
CA ASP C 52 -1.87 -13.30 -14.09
C ASP C 52 -2.26 -12.14 -14.97
N VAL C 53 -1.56 -12.07 -16.09
CA VAL C 53 -1.72 -10.96 -17.03
C VAL C 53 -2.94 -11.16 -17.90
N GLY C 54 -3.53 -12.34 -17.81
CA GLY C 54 -4.72 -12.64 -18.58
C GLY C 54 -5.97 -12.06 -17.95
N SER C 55 -6.50 -12.77 -16.97
CA SER C 55 -7.76 -12.40 -16.33
C SER C 55 -7.58 -11.28 -15.31
N LEU C 56 -7.07 -10.16 -15.78
CA LEU C 56 -6.99 -8.94 -14.99
C LEU C 56 -8.33 -8.67 -14.31
N ASP C 57 -9.39 -9.12 -14.98
CA ASP C 57 -10.76 -8.89 -14.55
C ASP C 57 -10.97 -9.09 -13.07
N GLU C 58 -10.58 -10.25 -12.54
CA GLU C 58 -10.90 -10.59 -11.14
C GLU C 58 -10.42 -9.51 -10.17
N LYS C 59 -9.18 -9.11 -10.37
CA LYS C 59 -8.54 -8.12 -9.52
C LYS C 59 -9.17 -6.77 -9.77
N MET C 60 -9.38 -6.48 -11.05
CA MET C 60 -10.06 -5.27 -11.47
C MET C 60 -11.38 -5.14 -10.74
N LYS C 61 -12.20 -6.19 -10.75
CA LYS C 61 -13.52 -6.17 -10.11
C LYS C 61 -13.41 -5.87 -8.61
N SER C 62 -12.38 -6.43 -7.98
CA SER C 62 -12.18 -6.26 -6.55
C SER C 62 -11.85 -4.79 -6.21
N LEU C 63 -11.16 -4.14 -7.13
CA LEU C 63 -10.75 -2.74 -6.96
C LEU C 63 -11.86 -1.81 -7.45
N ASP C 64 -12.35 -2.11 -8.63
CA ASP C 64 -13.43 -1.41 -9.31
C ASP C 64 -14.72 -1.39 -8.50
N VAL C 65 -14.76 -2.24 -7.47
CA VAL C 65 -16.00 -2.79 -6.84
C VAL C 65 -17.24 -1.88 -6.87
N ASN C 66 -17.07 -0.57 -6.76
CA ASN C 66 -18.19 0.35 -6.81
C ASN C 66 -18.72 0.52 -8.25
N GLN C 67 -18.20 -0.29 -9.20
CA GLN C 67 -18.60 -0.22 -10.61
C GLN C 67 -18.20 1.16 -11.06
N ASP C 68 -16.97 1.47 -10.64
CA ASP C 68 -16.28 2.70 -10.98
C ASP C 68 -14.98 2.28 -11.65
N SER C 69 -14.92 2.42 -12.99
CA SER C 69 -13.73 2.02 -13.76
C SER C 69 -12.50 2.84 -13.40
N GLU C 70 -12.69 3.81 -12.52
CA GLU C 70 -11.61 4.66 -12.07
C GLU C 70 -10.93 4.08 -10.83
N LEU C 71 -9.69 3.65 -10.98
CA LEU C 71 -8.92 3.13 -9.89
C LEU C 71 -8.35 4.28 -9.05
N LYS C 72 -9.24 4.86 -8.26
CA LYS C 72 -8.95 6.07 -7.50
C LYS C 72 -8.33 5.86 -6.12
N PHE C 73 -8.42 6.95 -5.34
CA PHE C 73 -7.88 7.05 -3.99
C PHE C 73 -8.16 5.82 -3.13
N ASN C 74 -7.15 4.97 -3.05
CA ASN C 74 -7.17 3.76 -2.23
C ASN C 74 -8.35 2.81 -2.45
N GLU C 75 -8.96 2.90 -3.61
CA GLU C 75 -9.68 1.73 -4.17
C GLU C 75 -8.64 0.83 -4.85
N TYR C 76 -7.76 1.44 -5.63
CA TYR C 76 -6.62 0.76 -6.26
C TYR C 76 -5.79 0.05 -5.20
N TRP C 77 -5.62 0.76 -4.10
CA TRP C 77 -4.75 0.37 -2.98
C TRP C 77 -4.71 -1.12 -2.69
N ARG C 78 -5.85 -1.79 -2.72
CA ARG C 78 -5.86 -3.21 -2.43
C ARG C 78 -4.80 -3.90 -3.25
N LEU C 79 -4.80 -3.61 -4.56
CA LEU C 79 -3.79 -4.18 -5.46
C LEU C 79 -2.41 -3.70 -5.06
N ILE C 80 -2.30 -2.41 -4.73
CA ILE C 80 -1.03 -1.81 -4.36
C ILE C 80 -0.42 -2.53 -3.16
N GLY C 81 -1.29 -3.01 -2.29
CA GLY C 81 -0.84 -3.76 -1.15
C GLY C 81 -0.49 -5.16 -1.52
N GLU C 82 -1.31 -5.72 -2.39
CA GLU C 82 -1.01 -7.01 -2.93
C GLU C 82 0.33 -6.94 -3.67
N LEU C 83 0.62 -5.77 -4.25
CA LEU C 83 1.86 -5.54 -5.01
C LEU C 83 3.08 -5.65 -4.11
N ALA C 84 3.12 -4.81 -3.08
CA ALA C 84 4.27 -4.75 -2.17
C ALA C 84 4.44 -6.07 -1.43
N LYS C 85 3.36 -6.80 -1.26
CA LYS C 85 3.41 -8.09 -0.62
C LYS C 85 3.94 -9.14 -1.58
N GLU C 86 3.36 -9.15 -2.79
CA GLU C 86 3.72 -10.13 -3.82
C GLU C 86 5.21 -10.12 -4.12
N ILE C 87 5.78 -8.92 -4.28
CA ILE C 87 7.22 -8.81 -4.51
C ILE C 87 8.01 -9.53 -3.43
N ARG C 88 7.47 -9.56 -2.22
CA ARG C 88 8.15 -10.18 -1.11
C ARG C 88 7.79 -11.66 -0.97
N LYS C 89 6.54 -12.01 -0.76
CA LYS C 89 6.22 -13.42 -0.57
C LYS C 89 5.59 -14.06 -1.79
N LYS C 90 6.02 -13.63 -2.98
CA LYS C 90 5.48 -14.17 -4.25
C LYS C 90 5.36 -15.69 -4.18
N LYS C 91 6.51 -16.33 -4.18
CA LYS C 91 6.66 -17.71 -3.74
C LYS C 91 7.93 -17.74 -2.92
N ASP C 92 8.30 -16.58 -2.39
CA ASP C 92 9.53 -16.46 -1.61
C ASP C 92 9.46 -17.14 -0.25
N LEU C 93 9.47 -18.46 -0.31
CA LEU C 93 9.50 -19.34 0.84
C LEU C 93 10.32 -20.54 0.37
N LYS C 94 10.92 -20.31 -0.79
CA LYS C 94 11.77 -21.25 -1.49
C LYS C 94 12.78 -20.43 -2.31
N ILE C 95 12.27 -19.38 -2.99
CA ILE C 95 13.09 -18.46 -3.81
C ILE C 95 12.21 -17.68 -4.82
N ARG C 96 12.57 -16.41 -5.10
CA ARG C 96 11.83 -15.57 -6.06
C ARG C 96 12.62 -14.31 -6.45
N LYS C 97 13.71 -14.06 -5.76
CA LYS C 97 14.60 -12.93 -6.05
C LYS C 97 15.99 -13.53 -6.27
N LYS C 98 16.76 -13.10 -7.28
CA LYS C 98 18.02 -13.76 -7.53
C LYS C 98 18.83 -12.99 -8.55
N ASN D 1 -16.19 -1.23 -29.84
CA ASN D 1 -16.77 -0.98 -28.50
C ASN D 1 -17.92 0.00 -28.65
N VAL D 2 -18.52 0.42 -27.54
CA VAL D 2 -19.56 1.43 -27.61
C VAL D 2 -18.94 2.80 -27.41
N LYS D 3 -19.10 3.66 -28.39
CA LYS D 3 -18.58 5.00 -28.30
C LYS D 3 -19.69 5.98 -27.99
N TYR D 4 -19.37 7.00 -27.25
CA TYR D 4 -20.31 8.09 -27.03
C TYR D 4 -19.89 9.19 -27.97
N ASN D 5 -20.71 9.45 -28.96
CA ASN D 5 -20.29 10.23 -30.10
C ASN D 5 -20.77 11.66 -29.95
N PHE D 6 -19.91 12.59 -30.31
CA PHE D 6 -20.21 14.00 -30.10
C PHE D 6 -21.43 14.39 -30.91
N MET D 7 -22.34 15.05 -30.21
CA MET D 7 -23.65 15.37 -30.73
C MET D 7 -23.65 16.75 -31.37
N ARG D 8 -23.43 17.81 -30.60
CA ARG D 8 -23.42 19.14 -31.20
C ARG D 8 -22.70 20.16 -30.33
N ILE D 9 -22.06 21.11 -31.01
CA ILE D 9 -21.38 22.23 -30.39
C ILE D 9 -22.38 23.33 -30.04
N ILE D 10 -22.48 23.63 -28.76
CA ILE D 10 -23.35 24.68 -28.28
C ILE D 10 -22.57 25.99 -28.32
N LYS D 11 -22.56 26.68 -27.21
CA LYS D 11 -22.01 28.02 -27.14
C LYS D 11 -20.65 27.96 -26.49
N TYR D 12 -19.84 28.98 -26.67
CA TYR D 12 -18.46 28.91 -26.27
C TYR D 12 -17.94 30.23 -25.77
N GLU D 13 -16.93 30.13 -24.89
CA GLU D 13 -16.30 31.27 -24.23
C GLU D 13 -17.33 32.17 -23.52
N PHE D 14 -18.43 31.56 -23.11
CA PHE D 14 -19.42 32.26 -22.31
C PHE D 14 -19.31 31.83 -20.86
N ILE D 15 -19.53 32.75 -19.93
CA ILE D 15 -19.34 32.47 -18.52
C ILE D 15 -20.66 32.37 -17.77
N LEU D 16 -20.73 31.39 -16.88
CA LEU D 16 -21.88 31.16 -16.05
C LEU D 16 -21.65 31.69 -14.64
N ASN D 17 -22.67 32.38 -14.14
CA ASN D 17 -22.68 32.92 -12.80
C ASN D 17 -23.93 32.41 -12.10
N ASP D 18 -23.84 32.18 -10.81
CA ASP D 18 -24.89 31.50 -10.08
C ASP D 18 -25.85 32.50 -9.46
N ALA D 19 -26.81 32.03 -8.67
CA ALA D 19 -27.76 32.92 -8.02
C ALA D 19 -27.07 33.86 -7.01
N LEU D 20 -25.84 33.53 -6.61
CA LEU D 20 -25.03 34.41 -5.77
C LEU D 20 -24.49 35.52 -6.64
N ASN D 21 -24.55 35.23 -7.94
CA ASN D 21 -24.03 36.08 -8.98
C ASN D 21 -22.54 36.28 -8.80
N GLN D 22 -21.80 35.26 -9.14
CA GLN D 22 -20.36 35.28 -9.06
C GLN D 22 -19.76 34.63 -10.29
N SER D 23 -18.92 35.36 -10.97
CA SER D 23 -18.26 34.85 -12.15
C SER D 23 -17.28 33.76 -11.76
N ILE D 24 -17.32 32.67 -12.47
CA ILE D 24 -16.41 31.58 -12.18
C ILE D 24 -15.00 31.98 -12.60
N ILE D 25 -14.22 32.47 -11.65
CA ILE D 25 -12.95 33.11 -11.96
C ILE D 25 -11.80 32.13 -11.79
N ARG D 26 -10.78 32.30 -12.62
CA ARG D 26 -9.65 31.41 -12.64
C ARG D 26 -8.63 31.80 -11.57
N ALA D 27 -8.51 30.98 -10.54
CA ALA D 27 -7.52 31.21 -9.50
C ALA D 27 -6.28 30.41 -9.79
N ASN D 28 -6.50 29.19 -10.27
CA ASN D 28 -5.42 28.28 -10.64
C ASN D 28 -5.93 27.28 -11.67
N ASP D 29 -5.02 26.45 -12.21
CA ASP D 29 -5.39 25.44 -13.19
C ASP D 29 -5.88 24.17 -12.52
N GLN D 30 -6.21 24.28 -11.23
CA GLN D 30 -6.69 23.14 -10.45
C GLN D 30 -7.80 23.59 -9.50
N TYR D 31 -7.64 24.80 -8.95
CA TYR D 31 -8.62 25.36 -8.03
C TYR D 31 -9.24 26.64 -8.59
N LEU D 32 -10.56 26.70 -8.56
CA LEU D 32 -11.31 27.85 -9.05
C LEU D 32 -12.28 28.36 -7.99
N THR D 33 -12.30 29.67 -7.81
CA THR D 33 -13.17 30.32 -6.84
C THR D 33 -14.14 31.25 -7.56
N ALA D 34 -15.36 31.32 -7.07
CA ALA D 34 -16.35 32.18 -7.70
C ALA D 34 -16.30 33.57 -7.10
N ALA D 35 -16.15 34.56 -7.96
CA ALA D 35 -16.12 35.95 -7.57
C ALA D 35 -16.57 36.80 -8.75
N ALA D 36 -17.32 37.84 -8.48
CA ALA D 36 -17.80 38.70 -9.56
C ALA D 36 -16.63 39.27 -10.33
N LEU D 37 -16.65 39.13 -11.66
CA LEU D 37 -15.52 39.54 -12.46
C LEU D 37 -15.31 41.04 -12.40
N HIS D 38 -14.07 41.44 -12.54
CA HIS D 38 -13.70 42.83 -12.49
C HIS D 38 -12.61 43.11 -13.51
N ASN D 39 -11.97 42.05 -13.99
CA ASN D 39 -11.07 42.18 -15.13
C ASN D 39 -11.75 41.57 -16.38
N LEU D 40 -12.95 41.02 -16.18
CA LEU D 40 -13.79 40.45 -17.26
C LEU D 40 -13.13 39.25 -17.92
N ASP D 41 -12.04 39.47 -18.64
CA ASP D 41 -11.25 38.37 -19.13
C ASP D 41 -10.38 37.93 -17.97
N GLU D 42 -11.05 37.29 -17.05
CA GLU D 42 -10.50 36.94 -15.75
C GLU D 42 -11.08 35.60 -15.28
N ALA D 43 -12.33 35.39 -15.65
CA ALA D 43 -13.00 34.13 -15.41
C ALA D 43 -12.65 33.16 -16.53
N VAL D 44 -12.80 31.87 -16.25
CA VAL D 44 -12.46 30.86 -17.22
C VAL D 44 -13.58 30.75 -18.21
N LYS D 45 -13.25 30.79 -19.49
CA LYS D 45 -14.28 30.77 -20.49
C LYS D 45 -14.51 29.37 -20.93
N PHE D 46 -15.71 28.92 -20.68
CA PHE D 46 -16.07 27.56 -20.98
C PHE D 46 -16.84 27.47 -22.27
N ASP D 47 -16.83 26.26 -22.78
CA ASP D 47 -17.50 25.89 -24.01
C ASP D 47 -18.09 24.51 -23.85
N MET D 48 -19.26 24.34 -24.38
CA MET D 48 -19.98 23.11 -24.19
C MET D 48 -19.91 22.25 -25.44
N GLY D 49 -19.59 20.99 -25.23
CA GLY D 49 -19.55 20.03 -26.30
C GLY D 49 -20.27 18.78 -25.89
N ALA D 50 -21.34 18.46 -26.57
CA ALA D 50 -22.22 17.39 -26.13
C ALA D 50 -21.73 16.07 -26.67
N TYR D 51 -21.97 15.03 -25.90
CA TYR D 51 -21.63 13.68 -26.31
C TYR D 51 -22.90 12.86 -26.19
N LYS D 52 -22.98 11.73 -26.84
CA LYS D 52 -24.21 11.01 -26.79
C LYS D 52 -24.02 9.53 -26.53
N SER D 53 -24.64 9.10 -25.44
CA SER D 53 -24.89 7.71 -25.14
C SER D 53 -26.26 7.69 -24.50
N SER D 54 -26.95 6.56 -24.48
CA SER D 54 -28.25 6.54 -23.84
C SER D 54 -28.11 6.20 -22.37
N LYS D 55 -27.14 6.85 -21.73
CA LYS D 55 -26.93 6.71 -20.31
C LYS D 55 -26.99 8.05 -19.59
N ASP D 56 -27.79 8.99 -20.08
CA ASP D 56 -27.92 10.26 -19.38
C ASP D 56 -28.92 10.11 -18.24
N ASP D 57 -29.92 10.98 -18.19
CA ASP D 57 -31.16 10.68 -17.51
C ASP D 57 -32.32 10.96 -18.45
N ALA D 58 -32.69 12.25 -18.52
CA ALA D 58 -33.69 12.75 -19.45
C ALA D 58 -33.17 13.98 -20.20
N LYS D 59 -31.86 14.16 -20.20
CA LYS D 59 -31.22 15.40 -20.66
C LYS D 59 -29.88 15.09 -21.28
N ILE D 60 -29.49 15.89 -22.25
CA ILE D 60 -28.32 15.59 -23.07
C ILE D 60 -27.12 16.28 -22.47
N THR D 61 -25.98 15.65 -22.63
CA THR D 61 -24.84 15.94 -21.79
C THR D 61 -23.69 16.52 -22.59
N VAL D 62 -23.04 17.53 -22.02
CA VAL D 62 -21.95 18.22 -22.70
C VAL D 62 -20.73 18.31 -21.77
N ILE D 63 -19.56 18.61 -22.33
CA ILE D 63 -18.35 18.71 -21.57
C ILE D 63 -17.96 20.17 -21.45
N LEU D 64 -17.58 20.59 -20.27
CA LEU D 64 -17.24 21.98 -20.05
C LEU D 64 -15.72 22.16 -20.00
N ARG D 65 -15.24 22.91 -20.98
CA ARG D 65 -13.83 23.09 -21.21
C ARG D 65 -13.52 24.55 -21.46
N ILE D 66 -12.30 24.98 -21.16
CA ILE D 66 -11.92 26.35 -21.43
C ILE D 66 -11.54 26.46 -22.90
N SER D 67 -12.14 27.42 -23.59
CA SER D 67 -12.05 27.51 -25.05
C SER D 67 -10.63 27.38 -25.60
N LYS D 68 -9.63 27.73 -24.80
CA LYS D 68 -8.25 27.70 -25.26
C LYS D 68 -7.59 26.34 -25.01
N THR D 69 -7.62 25.89 -23.76
CA THR D 69 -7.02 24.60 -23.40
C THR D 69 -8.10 23.64 -22.96
N GLN D 70 -7.79 22.38 -22.80
CA GLN D 70 -8.85 21.47 -22.48
C GLN D 70 -8.84 21.18 -21.00
N LEU D 71 -9.33 22.16 -20.25
CA LEU D 71 -9.46 22.08 -18.81
C LEU D 71 -10.91 21.78 -18.46
N TYR D 72 -11.19 20.55 -18.04
CA TYR D 72 -12.55 20.16 -17.75
C TYR D 72 -12.74 20.17 -16.26
N VAL D 73 -13.92 20.55 -15.79
CA VAL D 73 -14.20 20.36 -14.39
C VAL D 73 -14.78 18.96 -14.21
N THR D 74 -14.09 18.17 -13.41
CA THR D 74 -14.49 16.79 -13.15
C THR D 74 -15.10 16.65 -11.75
N ALA D 75 -16.10 15.77 -11.64
CA ALA D 75 -16.76 15.53 -10.35
C ALA D 75 -15.90 14.59 -9.51
N GLN D 76 -15.42 15.09 -8.38
CA GLN D 76 -14.57 14.29 -7.50
C GLN D 76 -15.40 13.32 -6.65
N ASP D 77 -15.87 13.79 -5.51
CA ASP D 77 -16.67 12.96 -4.60
C ASP D 77 -17.37 13.84 -3.57
N GLU D 78 -18.56 14.34 -3.94
CA GLU D 78 -19.35 15.21 -3.08
C GLU D 78 -18.55 16.44 -2.70
N ASP D 79 -18.56 16.80 -1.40
CA ASP D 79 -17.84 17.98 -0.91
C ASP D 79 -16.32 17.87 -1.14
N GLN D 80 -15.91 18.35 -2.32
CA GLN D 80 -14.51 18.34 -2.74
C GLN D 80 -14.40 19.08 -4.08
N PRO D 81 -13.72 20.26 -4.11
CA PRO D 81 -13.57 21.10 -5.31
C PRO D 81 -13.29 20.33 -6.59
N VAL D 82 -13.89 20.81 -7.69
CA VAL D 82 -13.73 20.18 -9.01
C VAL D 82 -12.27 20.19 -9.44
N LEU D 83 -11.78 19.03 -9.85
CA LEU D 83 -10.41 18.90 -10.30
C LEU D 83 -10.30 19.25 -11.78
N LEU D 84 -9.67 20.39 -12.05
CA LEU D 84 -9.49 20.86 -13.42
C LEU D 84 -8.39 20.07 -14.13
N LYS D 85 -8.82 19.16 -15.02
CA LYS D 85 -7.89 18.32 -15.77
C LYS D 85 -7.51 18.96 -17.09
N GLU D 86 -6.30 18.70 -17.57
CA GLU D 86 -5.83 19.27 -18.83
C GLU D 86 -5.28 18.19 -19.76
N MET D 87 -5.83 18.13 -20.97
CA MET D 87 -5.39 17.17 -21.97
C MET D 87 -5.47 17.77 -23.37
N PRO D 88 -4.36 17.80 -24.11
CA PRO D 88 -4.31 18.36 -25.46
C PRO D 88 -5.34 17.75 -26.41
N GLU D 89 -6.16 18.62 -27.00
CA GLU D 89 -7.21 18.25 -27.97
C GLU D 89 -8.40 17.55 -27.30
N ILE D 90 -9.60 17.99 -27.70
CA ILE D 90 -10.87 17.43 -27.21
C ILE D 90 -11.18 16.07 -27.82
N PRO D 91 -11.47 15.08 -26.98
CA PRO D 91 -11.89 13.75 -27.45
C PRO D 91 -13.23 13.81 -28.19
N LYS D 92 -13.37 12.97 -29.20
CA LYS D 92 -14.59 12.91 -29.98
C LYS D 92 -15.42 11.71 -29.53
N THR D 93 -14.73 10.76 -28.93
CA THR D 93 -15.33 9.52 -28.46
C THR D 93 -14.91 9.31 -27.02
N ILE D 94 -15.90 9.24 -26.15
CA ILE D 94 -15.69 9.28 -24.73
C ILE D 94 -15.72 7.86 -24.15
N THR D 95 -14.70 7.56 -23.35
CA THR D 95 -14.58 6.26 -22.70
C THR D 95 -15.31 6.26 -21.35
N GLY D 96 -14.94 5.34 -20.46
CA GLY D 96 -15.58 5.27 -19.16
C GLY D 96 -14.76 5.89 -18.05
N SER D 97 -13.72 6.64 -18.41
CA SER D 97 -12.86 7.29 -17.42
C SER D 97 -13.08 8.80 -17.41
N GLU D 98 -13.79 9.30 -18.41
CA GLU D 98 -14.06 10.72 -18.53
C GLU D 98 -15.49 11.05 -18.10
N THR D 99 -16.10 10.14 -17.32
CA THR D 99 -17.48 10.32 -16.85
C THR D 99 -17.60 11.43 -15.79
N ASN D 100 -16.46 11.93 -15.34
CA ASN D 100 -16.44 12.99 -14.33
C ASN D 100 -16.63 14.37 -14.95
N LEU D 101 -16.08 14.57 -16.15
CA LEU D 101 -16.18 15.86 -16.85
C LEU D 101 -17.42 15.94 -17.72
N LEU D 102 -18.34 15.00 -17.53
CA LEU D 102 -19.58 14.96 -18.30
C LEU D 102 -20.68 15.64 -17.51
N PHE D 103 -21.61 16.35 -18.17
CA PHE D 103 -22.56 17.14 -17.41
C PHE D 103 -23.96 17.10 -18.00
N PHE D 104 -24.86 16.66 -17.13
CA PHE D 104 -26.27 16.56 -17.43
C PHE D 104 -26.90 17.91 -17.13
N TRP D 105 -27.15 18.68 -18.17
CA TRP D 105 -27.63 20.04 -17.97
C TRP D 105 -29.15 20.13 -18.07
N GLU D 106 -29.78 20.47 -16.95
CA GLU D 106 -31.22 20.65 -16.90
C GLU D 106 -31.55 22.15 -16.87
N THR D 107 -32.08 22.65 -17.97
CA THR D 107 -32.34 24.08 -18.11
C THR D 107 -33.80 24.39 -17.83
N HIS D 108 -34.03 25.38 -16.97
CA HIS D 108 -35.39 25.82 -16.65
C HIS D 108 -35.52 27.31 -16.94
N GLY D 109 -36.07 27.64 -18.09
CA GLY D 109 -36.24 29.03 -18.48
C GLY D 109 -34.92 29.77 -18.62
N THR D 110 -34.54 30.48 -17.57
CA THR D 110 -33.31 31.24 -17.56
C THR D 110 -32.24 30.52 -16.74
N LYS D 111 -32.65 29.95 -15.61
CA LYS D 111 -31.73 29.24 -14.75
C LYS D 111 -31.48 27.85 -15.28
N ASN D 112 -30.39 27.25 -14.84
CA ASN D 112 -30.01 25.94 -15.30
C ASN D 112 -29.19 25.22 -14.24
N TYR D 113 -29.28 23.90 -14.24
CA TYR D 113 -28.53 23.09 -13.30
C TYR D 113 -27.44 22.31 -14.03
N PHE D 114 -26.45 21.87 -13.29
CA PHE D 114 -25.39 21.02 -13.83
C PHE D 114 -25.25 19.76 -12.98
N THR D 115 -25.83 18.68 -13.47
CA THR D 115 -25.85 17.41 -12.77
C THR D 115 -24.68 16.54 -13.20
N SER D 116 -24.02 15.90 -12.23
CA SER D 116 -22.93 14.99 -12.53
C SER D 116 -23.44 13.68 -13.12
N VAL D 117 -22.88 13.30 -14.26
CA VAL D 117 -23.23 12.04 -14.91
C VAL D 117 -22.51 10.87 -14.22
N ALA D 118 -21.43 11.19 -13.50
CA ALA D 118 -20.69 10.17 -12.76
C ALA D 118 -21.53 9.69 -11.58
N HIS D 119 -22.06 10.66 -10.83
CA HIS D 119 -22.92 10.39 -9.69
C HIS D 119 -24.10 11.36 -9.72
N PRO D 120 -25.33 10.83 -9.86
CA PRO D 120 -26.58 11.61 -9.98
C PRO D 120 -26.77 12.66 -8.88
N ASN D 121 -26.48 12.31 -7.64
CA ASN D 121 -26.77 13.17 -6.50
C ASN D 121 -25.83 14.38 -6.45
N LEU D 122 -24.92 14.48 -7.41
CA LEU D 122 -23.96 15.56 -7.44
C LEU D 122 -24.47 16.70 -8.31
N PHE D 123 -24.27 17.89 -7.81
CA PHE D 123 -24.69 19.11 -8.47
C PHE D 123 -23.63 20.18 -8.18
N ILE D 124 -23.39 21.08 -9.10
CA ILE D 124 -22.28 22.02 -8.93
C ILE D 124 -22.75 23.24 -8.13
N ALA D 125 -22.34 23.26 -6.86
CA ALA D 125 -22.78 24.28 -5.90
C ALA D 125 -21.83 25.44 -5.83
N THR D 126 -22.34 26.59 -5.40
CA THR D 126 -21.53 27.78 -5.35
C THR D 126 -21.44 28.30 -3.92
N LYS D 127 -20.21 28.57 -3.51
CA LYS D 127 -19.89 29.03 -2.17
C LYS D 127 -19.54 30.52 -2.20
N GLN D 128 -19.76 31.20 -1.08
CA GLN D 128 -19.45 32.63 -0.95
C GLN D 128 -17.95 32.86 -0.77
N ASP D 129 -17.27 31.91 -0.13
CA ASP D 129 -15.86 32.12 0.21
C ASP D 129 -14.98 30.99 -0.30
N TYR D 130 -15.52 29.80 -0.46
CA TYR D 130 -14.73 28.67 -0.91
C TYR D 130 -14.87 28.42 -2.40
N TRP D 131 -13.99 27.55 -2.90
CA TRP D 131 -13.96 27.18 -4.31
C TRP D 131 -15.31 26.61 -4.74
N VAL D 132 -15.72 26.97 -5.95
CA VAL D 132 -16.98 26.49 -6.49
C VAL D 132 -16.88 24.99 -6.71
N CYS D 133 -17.50 24.21 -5.84
CA CYS D 133 -17.38 22.78 -5.89
C CYS D 133 -18.66 22.13 -6.42
N LEU D 134 -18.88 20.90 -6.01
CA LEU D 134 -20.06 20.16 -6.33
C LEU D 134 -20.59 19.75 -4.99
N ALA D 135 -21.80 19.25 -4.89
CA ALA D 135 -22.37 19.05 -3.60
C ALA D 135 -23.63 18.22 -3.67
N GLY D 136 -24.06 17.82 -2.50
CA GLY D 136 -25.43 17.58 -2.30
C GLY D 136 -25.90 18.84 -1.68
N GLY D 137 -27.03 19.30 -2.09
CA GLY D 137 -27.37 20.67 -1.77
C GLY D 137 -28.37 20.88 -0.64
N PRO D 138 -27.85 21.23 0.55
CA PRO D 138 -28.56 22.02 1.54
C PRO D 138 -27.99 23.45 1.56
N PRO D 139 -28.85 24.45 1.86
CA PRO D 139 -28.73 25.89 1.53
C PRO D 139 -27.52 26.44 0.72
N SER D 140 -26.70 25.60 0.12
CA SER D 140 -25.74 26.04 -0.88
C SER D 140 -26.48 26.33 -2.17
N ILE D 141 -26.09 27.36 -2.89
CA ILE D 141 -26.80 27.71 -4.11
C ILE D 141 -26.29 26.88 -5.27
N THR D 142 -26.93 25.75 -5.48
CA THR D 142 -26.57 24.92 -6.61
C THR D 142 -27.42 25.32 -7.83
N ASP D 143 -27.67 26.62 -7.92
CA ASP D 143 -28.32 27.26 -9.07
C ASP D 143 -27.27 27.80 -10.01
N PHE D 144 -27.59 27.87 -11.29
CA PHE D 144 -26.79 28.64 -12.22
C PHE D 144 -27.66 29.41 -13.19
N GLN D 145 -27.00 30.28 -13.91
CA GLN D 145 -27.61 31.16 -14.89
C GLN D 145 -26.51 31.59 -15.84
N ILE D 146 -26.74 31.62 -17.13
CA ILE D 146 -25.66 31.96 -18.02
C ILE D 146 -25.71 33.44 -18.38
N LEU D 147 -24.74 34.18 -17.88
CA LEU D 147 -24.59 35.58 -18.22
C LEU D 147 -23.30 35.84 -18.99
N GLU D 148 -23.43 36.40 -20.19
CA GLU D 148 -22.28 36.70 -20.99
C GLU D 148 -21.73 38.08 -20.65
N ASN D 149 -20.44 38.29 -20.89
CA ASN D 149 -19.83 39.60 -20.74
C ASN D 149 -19.94 40.37 -22.05
N GLN D 150 -19.61 41.64 -22.03
CA GLN D 150 -19.74 42.47 -23.21
C GLN D 150 -18.63 42.16 -24.21
N ALA D 151 -17.40 42.24 -23.73
CA ALA D 151 -16.22 41.95 -24.54
C ALA D 151 -15.00 41.77 -23.65
N ASN A 1 11.62 -0.98 32.53
CA ASN A 1 10.68 -1.87 31.80
C ASN A 1 10.86 -3.29 32.33
N VAL A 2 10.16 -4.25 31.74
CA VAL A 2 10.35 -5.63 32.13
C VAL A 2 11.38 -6.26 31.21
N LYS A 3 12.45 -6.75 31.78
CA LYS A 3 13.48 -7.40 31.01
C LYS A 3 13.38 -8.91 31.17
N TYR A 4 13.72 -9.62 30.12
CA TYR A 4 13.84 -11.05 30.21
C TYR A 4 15.31 -11.35 30.33
N ASN A 5 15.71 -11.82 31.50
CA ASN A 5 17.11 -11.84 31.86
C ASN A 5 17.69 -13.21 31.63
N PHE A 6 18.89 -13.24 31.10
CA PHE A 6 19.52 -14.50 30.71
C PHE A 6 19.70 -15.39 31.94
N MET A 7 19.26 -16.61 31.78
CA MET A 7 19.17 -17.57 32.86
C MET A 7 20.44 -18.40 32.94
N ARG A 8 20.73 -19.21 31.92
CA ARG A 8 21.95 -20.01 31.97
C ARG A 8 22.38 -20.50 30.61
N ILE A 9 23.70 -20.61 30.46
CA ILE A 9 24.33 -21.12 29.25
C ILE A 9 24.34 -22.65 29.27
N ILE A 10 23.69 -23.24 28.29
CA ILE A 10 23.65 -24.68 28.16
C ILE A 10 24.85 -25.11 27.33
N LYS A 11 24.60 -25.87 26.29
CA LYS A 11 25.66 -26.50 25.54
C LYS A 11 25.83 -25.73 24.25
N TYR A 12 26.98 -25.90 23.60
CA TYR A 12 27.33 -25.05 22.48
C TYR A 12 28.08 -25.79 21.42
N GLU A 13 27.95 -25.28 20.19
CA GLU A 13 28.53 -25.86 18.98
C GLU A 13 28.20 -27.34 18.83
N PHE A 14 27.04 -27.73 19.35
CA PHE A 14 26.52 -29.07 19.16
C PHE A 14 25.39 -29.04 18.13
N ILE A 15 25.29 -30.07 17.31
CA ILE A 15 24.33 -30.08 16.23
C ILE A 15 23.18 -31.05 16.50
N LEU A 16 21.98 -30.61 16.16
CA LEU A 16 20.78 -31.40 16.31
C LEU A 16 20.35 -31.98 14.97
N ASN A 17 20.01 -33.25 15.01
CA ASN A 17 19.49 -33.98 13.87
C ASN A 17 18.16 -34.59 14.25
N ASP A 18 17.26 -34.70 13.31
CA ASP A 18 15.88 -35.06 13.59
C ASP A 18 15.68 -36.55 13.42
N ALA A 19 14.45 -37.03 13.55
CA ALA A 19 14.16 -38.45 13.38
C ALA A 19 14.44 -38.92 11.95
N LEU A 20 14.56 -37.97 11.00
CA LEU A 20 14.97 -38.30 9.64
C LEU A 20 16.46 -38.54 9.63
N ASN A 21 17.06 -38.05 10.71
CA ASN A 21 18.48 -38.07 10.93
C ASN A 21 19.18 -37.30 9.83
N GLN A 22 19.09 -35.99 9.94
CA GLN A 22 19.73 -35.09 9.00
C GLN A 22 20.36 -33.94 9.75
N SER A 23 21.64 -33.74 9.53
CA SER A 23 22.35 -32.67 10.15
C SER A 23 21.90 -31.35 9.59
N ILE A 24 21.62 -30.41 10.47
CA ILE A 24 21.18 -29.10 10.01
C ILE A 24 22.35 -28.37 9.36
N ILE A 25 22.42 -28.45 8.03
CA ILE A 25 23.61 -28.02 7.32
C ILE A 25 23.42 -26.60 6.78
N ARG A 26 24.51 -25.86 6.73
CA ARG A 26 24.49 -24.47 6.32
C ARG A 26 24.54 -24.37 4.80
N ALA A 27 23.44 -23.95 4.20
CA ALA A 27 23.39 -23.73 2.77
C ALA A 27 23.65 -22.28 2.47
N ASN A 28 23.07 -21.42 3.30
CA ASN A 28 23.22 -19.97 3.17
C ASN A 28 23.06 -19.31 4.54
N ASP A 29 23.24 -17.99 4.60
CA ASP A 29 23.10 -17.25 5.85
C ASP A 29 21.64 -16.84 6.09
N GLN A 30 20.73 -17.47 5.35
CA GLN A 30 19.31 -17.19 5.47
C GLN A 30 18.51 -18.48 5.27
N TYR A 31 19.04 -19.36 4.41
CA TYR A 31 18.39 -20.64 4.11
C TYR A 31 19.26 -21.81 4.57
N LEU A 32 18.65 -22.77 5.25
CA LEU A 32 19.34 -23.95 5.73
C LEU A 32 18.55 -25.21 5.39
N THR A 33 19.26 -26.22 4.89
CA THR A 33 18.67 -27.48 4.51
C THR A 33 19.26 -28.60 5.35
N ALA A 34 18.45 -29.57 5.72
CA ALA A 34 18.92 -30.67 6.53
C ALA A 34 19.46 -31.78 5.65
N ALA A 35 20.68 -32.18 5.92
CA ALA A 35 21.34 -33.26 5.20
C ALA A 35 22.40 -33.85 6.10
N ALA A 36 22.56 -35.17 6.07
CA ALA A 36 23.54 -35.82 6.92
C ALA A 36 24.93 -35.27 6.61
N LEU A 37 25.66 -34.86 7.65
CA LEU A 37 26.94 -34.21 7.44
C LEU A 37 27.94 -35.17 6.84
N HIS A 38 28.84 -34.61 6.08
CA HIS A 38 29.88 -35.38 5.42
C HIS A 38 31.18 -34.62 5.44
N ASN A 39 31.11 -33.32 5.71
CA ASN A 39 32.31 -32.54 5.98
C ASN A 39 32.39 -32.24 7.49
N LEU A 40 31.36 -32.68 8.22
CA LEU A 40 31.28 -32.53 9.69
C LEU A 40 31.24 -31.08 10.14
N ASP A 41 32.33 -30.35 9.96
CA ASP A 41 32.30 -28.92 10.15
C ASP A 41 31.70 -28.34 8.88
N GLU A 42 30.40 -28.55 8.80
CA GLU A 42 29.63 -28.26 7.60
C GLU A 42 28.23 -27.79 7.99
N ALA A 43 27.75 -28.36 9.08
CA ALA A 43 26.49 -27.95 9.67
C ALA A 43 26.73 -26.75 10.57
N VAL A 44 25.68 -25.99 10.82
CA VAL A 44 25.78 -24.80 11.63
C VAL A 44 25.82 -25.20 13.08
N LYS A 45 26.78 -24.69 13.81
CA LYS A 45 26.93 -25.10 15.17
C LYS A 45 26.21 -24.13 16.05
N PHE A 46 25.21 -24.66 16.73
CA PHE A 46 24.37 -23.83 17.55
C PHE A 46 24.75 -23.93 19.01
N ASP A 47 24.32 -22.94 19.73
CA ASP A 47 24.53 -22.80 21.15
C ASP A 47 23.29 -22.23 21.77
N MET A 48 22.97 -22.74 22.94
CA MET A 48 21.74 -22.38 23.58
C MET A 48 22.00 -21.40 24.71
N GLY A 49 21.22 -20.34 24.73
CA GLY A 49 21.29 -19.37 25.78
C GLY A 49 19.92 -19.03 26.28
N ALA A 50 19.64 -19.34 27.51
CA ALA A 50 18.30 -19.24 28.03
C ALA A 50 18.00 -17.84 28.50
N TYR A 51 16.76 -17.45 28.39
CA TYR A 51 16.32 -16.15 28.87
C TYR A 51 15.15 -16.42 29.79
N LYS A 52 14.79 -15.49 30.64
CA LYS A 52 13.73 -15.79 31.57
C LYS A 52 12.72 -14.67 31.68
N SER A 53 11.49 -15.04 31.36
CA SER A 53 10.30 -14.28 31.70
C SER A 53 9.26 -15.33 32.06
N SER A 54 8.21 -14.97 32.78
CA SER A 54 7.21 -15.96 33.10
C SER A 54 6.14 -15.99 32.02
N LYS A 55 6.60 -15.98 30.77
CA LYS A 55 5.72 -16.11 29.63
C LYS A 55 6.10 -17.28 28.75
N ASP A 56 6.64 -18.36 29.33
CA ASP A 56 6.94 -19.53 28.51
C ASP A 56 5.68 -20.36 28.32
N ASP A 57 5.75 -21.65 28.63
CA ASP A 57 4.56 -22.41 28.97
C ASP A 57 4.79 -23.13 30.29
N ALA A 58 5.49 -24.27 30.19
CA ALA A 58 5.92 -25.05 31.35
C ALA A 58 7.41 -25.40 31.24
N LYS A 59 8.12 -24.68 30.39
CA LYS A 59 9.49 -25.04 29.98
C LYS A 59 10.29 -23.79 29.72
N ILE A 60 11.59 -23.87 29.97
CA ILE A 60 12.44 -22.69 29.98
C ILE A 60 13.05 -22.55 28.60
N THR A 61 13.28 -21.32 28.20
CA THR A 61 13.47 -20.99 26.80
C THR A 61 14.86 -20.47 26.53
N VAL A 62 15.45 -20.91 25.44
CA VAL A 62 16.81 -20.52 25.08
C VAL A 62 16.85 -20.03 23.63
N ILE A 63 17.92 -19.36 23.25
CA ILE A 63 18.07 -18.82 21.92
C ILE A 63 19.10 -19.65 21.17
N LEU A 64 18.81 -20.00 19.95
CA LEU A 64 19.72 -20.82 19.17
C LEU A 64 20.49 -19.98 18.17
N ARG A 65 21.80 -19.96 18.38
CA ARG A 65 22.70 -19.11 17.65
C ARG A 65 23.93 -19.90 17.23
N ILE A 66 24.58 -19.50 16.14
CA ILE A 66 25.79 -20.16 15.72
C ILE A 66 26.95 -19.62 16.56
N SER A 67 27.71 -20.52 17.16
CA SER A 67 28.71 -20.16 18.16
C SER A 67 29.62 -19.01 17.74
N LYS A 68 29.82 -18.81 16.44
CA LYS A 68 30.71 -17.77 15.96
C LYS A 68 30.00 -16.44 15.76
N THR A 69 28.92 -16.45 14.98
CA THR A 69 28.15 -15.23 14.73
C THR A 69 26.78 -15.35 15.32
N GLN A 70 26.02 -14.28 15.38
CA GLN A 70 24.75 -14.40 16.05
C GLN A 70 23.66 -14.56 15.03
N LEU A 71 23.59 -15.76 14.49
CA LEU A 71 22.58 -16.15 13.52
C LEU A 71 21.52 -16.97 14.23
N TYR A 72 20.35 -16.38 14.43
CA TYR A 72 19.29 -17.05 15.15
C TYR A 72 18.27 -17.56 14.16
N VAL A 73 17.69 -18.71 14.43
CA VAL A 73 16.56 -19.11 13.61
C VAL A 73 15.30 -18.53 14.22
N THR A 74 14.59 -17.74 13.44
CA THR A 74 13.35 -17.11 13.89
C THR A 74 12.12 -17.84 13.37
N ALA A 75 11.03 -17.76 14.12
CA ALA A 75 9.78 -18.40 13.74
C ALA A 75 8.93 -17.43 12.91
N GLN A 76 8.64 -17.82 11.67
CA GLN A 76 7.86 -16.98 10.78
C GLN A 76 6.35 -17.19 10.98
N ASP A 77 5.77 -18.11 10.22
CA ASP A 77 4.32 -18.39 10.33
C ASP A 77 3.98 -19.67 9.58
N GLU A 78 3.61 -20.70 10.35
CA GLU A 78 3.25 -22.00 9.79
C GLU A 78 4.40 -22.56 8.97
N ASP A 79 4.08 -23.08 7.79
CA ASP A 79 5.09 -23.66 6.90
C ASP A 79 5.80 -22.60 6.05
N GLN A 80 6.69 -21.86 6.68
CA GLN A 80 7.47 -20.83 5.99
C GLN A 80 8.92 -20.93 6.43
N PRO A 81 9.85 -21.09 5.47
CA PRO A 81 11.29 -21.25 5.74
C PRO A 81 11.86 -20.25 6.73
N VAL A 82 12.52 -20.81 7.74
CA VAL A 82 13.18 -20.03 8.78
C VAL A 82 14.17 -19.04 8.21
N LEU A 83 14.12 -17.82 8.72
CA LEU A 83 15.02 -16.76 8.26
C LEU A 83 16.14 -16.56 9.27
N LEU A 84 17.35 -16.86 8.84
CA LEU A 84 18.52 -16.72 9.70
C LEU A 84 18.94 -15.25 9.81
N LYS A 85 18.70 -14.67 10.99
CA LYS A 85 19.03 -13.27 11.25
C LYS A 85 20.42 -13.11 11.83
N GLU A 86 21.11 -12.05 11.48
CA GLU A 86 22.46 -11.81 11.99
C GLU A 86 22.59 -10.42 12.60
N MET A 87 22.98 -10.37 13.87
CA MET A 87 23.16 -9.10 14.57
C MET A 87 24.37 -9.18 15.51
N PRO A 88 25.33 -8.26 15.32
CA PRO A 88 26.57 -8.20 16.11
C PRO A 88 26.33 -8.21 17.63
N GLU A 89 27.00 -9.15 18.29
CA GLU A 89 26.98 -9.28 19.75
C GLU A 89 25.62 -9.75 20.30
N ILE A 90 25.70 -10.71 21.22
CA ILE A 90 24.52 -11.28 21.88
C ILE A 90 23.93 -10.33 22.93
N PRO A 91 22.62 -10.07 22.86
CA PRO A 91 21.92 -9.28 23.85
C PRO A 91 21.90 -9.95 25.22
N LYS A 92 21.99 -9.15 26.27
CA LYS A 92 21.99 -9.65 27.64
C LYS A 92 20.60 -9.48 28.24
N THR A 93 19.87 -8.54 27.66
CA THR A 93 18.53 -8.20 28.11
C THR A 93 17.59 -8.21 26.91
N ILE A 94 16.60 -9.07 26.98
CA ILE A 94 15.77 -9.38 25.84
C ILE A 94 14.46 -8.58 25.90
N THR A 95 14.19 -7.90 24.81
CA THR A 95 13.10 -6.95 24.71
C THR A 95 11.98 -7.51 23.84
N GLY A 96 11.06 -6.63 23.45
CA GLY A 96 9.93 -7.02 22.62
C GLY A 96 10.25 -6.96 21.14
N SER A 97 11.51 -7.20 20.80
CA SER A 97 11.94 -7.18 19.40
C SER A 97 12.31 -8.59 18.96
N GLU A 98 12.96 -9.32 19.86
CA GLU A 98 13.36 -10.70 19.57
C GLU A 98 12.45 -11.68 20.30
N THR A 99 11.39 -12.11 19.61
CA THR A 99 10.45 -13.06 20.18
C THR A 99 10.23 -14.26 19.25
N ASN A 100 10.85 -14.22 18.08
CA ASN A 100 10.72 -15.30 17.10
C ASN A 100 11.85 -16.31 17.25
N LEU A 101 13.02 -15.82 17.67
CA LEU A 101 14.19 -16.67 17.85
C LEU A 101 14.20 -17.30 19.24
N LEU A 102 13.06 -17.23 19.92
CA LEU A 102 12.96 -17.82 21.26
C LEU A 102 12.39 -19.23 21.15
N PHE A 103 12.82 -20.17 21.99
CA PHE A 103 12.43 -21.55 21.77
C PHE A 103 12.12 -22.29 23.05
N PHE A 104 10.90 -22.78 23.10
CA PHE A 104 10.38 -23.55 24.20
C PHE A 104 10.76 -25.00 23.96
N TRP A 105 11.78 -25.47 24.65
CA TRP A 105 12.30 -26.80 24.39
C TRP A 105 11.73 -27.83 25.36
N GLU A 106 10.96 -28.76 24.81
CA GLU A 106 10.39 -29.84 25.58
C GLU A 106 11.17 -31.12 25.32
N THR A 107 11.93 -31.57 26.31
CA THR A 107 12.81 -32.72 26.14
C THR A 107 12.17 -33.98 26.73
N HIS A 108 12.14 -35.05 25.94
CA HIS A 108 11.61 -36.33 26.39
C HIS A 108 12.68 -37.41 26.24
N GLY A 109 13.36 -37.71 27.34
CA GLY A 109 14.41 -38.72 27.31
C GLY A 109 15.55 -38.36 26.39
N THR A 110 15.53 -38.88 25.18
CA THR A 110 16.56 -38.62 24.20
C THR A 110 16.07 -37.60 23.16
N LYS A 111 14.82 -37.74 22.75
CA LYS A 111 14.25 -36.85 21.76
C LYS A 111 13.81 -35.56 22.42
N ASN A 112 13.65 -34.54 21.62
CA ASN A 112 13.28 -33.23 22.11
C ASN A 112 12.54 -32.45 21.04
N TYR A 113 11.67 -31.56 21.49
CA TYR A 113 10.90 -30.72 20.58
C TYR A 113 11.36 -29.27 20.70
N PHE A 114 11.06 -28.49 19.67
CA PHE A 114 11.34 -27.07 19.69
C PHE A 114 10.08 -26.29 19.34
N THR A 115 9.45 -25.78 20.38
CA THR A 115 8.18 -25.04 20.25
C THR A 115 8.44 -23.55 20.11
N SER A 116 7.72 -22.91 19.20
CA SER A 116 7.84 -21.46 19.02
C SER A 116 7.14 -20.71 20.16
N VAL A 117 7.88 -19.79 20.78
CA VAL A 117 7.32 -18.96 21.84
C VAL A 117 6.47 -17.83 21.23
N ALA A 118 6.73 -17.51 19.97
CA ALA A 118 5.97 -16.46 19.28
C ALA A 118 4.54 -16.95 19.01
N HIS A 119 4.41 -17.91 18.11
CA HIS A 119 3.13 -18.50 17.78
C HIS A 119 3.13 -19.96 18.24
N PRO A 120 2.21 -20.29 19.17
CA PRO A 120 2.13 -21.63 19.79
C PRO A 120 2.05 -22.79 18.80
N ASN A 121 1.25 -22.64 17.75
CA ASN A 121 0.98 -23.74 16.81
C ASN A 121 2.19 -24.04 15.93
N LEU A 122 3.28 -23.31 16.12
CA LEU A 122 4.47 -23.49 15.32
C LEU A 122 5.43 -24.44 16.01
N PHE A 123 5.98 -25.32 15.21
CA PHE A 123 6.92 -26.33 15.67
C PHE A 123 7.95 -26.53 14.56
N ILE A 124 9.20 -26.82 14.90
CA ILE A 124 10.26 -26.85 13.91
C ILE A 124 10.31 -28.23 13.24
N ALA A 125 9.79 -28.29 12.02
CA ALA A 125 9.63 -29.55 11.28
C ALA A 125 10.81 -29.82 10.39
N THR A 126 11.02 -31.09 10.06
CA THR A 126 12.15 -31.48 9.24
C THR A 126 11.69 -32.14 7.96
N LYS A 127 12.25 -31.67 6.87
CA LYS A 127 11.92 -32.12 5.53
C LYS A 127 13.04 -33.00 4.97
N GLN A 128 12.70 -33.91 4.07
CA GLN A 128 13.68 -34.77 3.44
C GLN A 128 14.49 -34.06 2.36
N ASP A 129 13.88 -33.08 1.71
CA ASP A 129 14.53 -32.41 0.57
C ASP A 129 14.58 -30.90 0.74
N TYR A 130 13.61 -30.36 1.46
CA TYR A 130 13.50 -28.91 1.64
C TYR A 130 14.23 -28.41 2.89
N TRP A 131 14.11 -27.10 3.10
CA TRP A 131 14.75 -26.43 4.23
C TRP A 131 14.06 -26.77 5.54
N VAL A 132 14.83 -26.82 6.63
CA VAL A 132 14.27 -27.08 7.94
C VAL A 132 13.44 -25.88 8.38
N CYS A 133 12.14 -26.02 8.30
CA CYS A 133 11.24 -24.91 8.58
C CYS A 133 10.56 -25.07 9.93
N LEU A 134 9.39 -24.47 10.04
CA LEU A 134 8.54 -24.59 11.20
C LEU A 134 7.21 -24.95 10.63
N ALA A 135 6.29 -25.43 11.43
CA ALA A 135 5.07 -25.95 10.85
C ALA A 135 4.02 -26.19 11.89
N GLY A 136 2.85 -26.45 11.39
CA GLY A 136 1.93 -27.23 12.12
C GLY A 136 2.13 -28.59 11.55
N GLY A 137 2.15 -29.57 12.37
CA GLY A 137 2.66 -30.84 11.92
C GLY A 137 1.63 -31.91 11.59
N PRO A 138 1.34 -32.09 10.28
CA PRO A 138 0.89 -33.34 9.72
C PRO A 138 2.05 -33.99 8.94
N PRO A 139 2.11 -35.35 8.91
CA PRO A 139 3.28 -36.22 8.64
C PRO A 139 4.69 -35.63 8.36
N SER A 140 4.92 -34.33 8.60
CA SER A 140 6.26 -33.78 8.64
C SER A 140 6.90 -34.19 9.96
N ILE A 141 8.18 -34.50 9.95
CA ILE A 141 8.82 -34.94 11.17
C ILE A 141 9.25 -33.75 12.00
N THR A 142 8.38 -33.32 12.89
CA THR A 142 8.73 -32.23 13.77
C THR A 142 9.34 -32.80 15.06
N ASP A 143 10.10 -33.87 14.88
CA ASP A 143 10.92 -34.49 15.92
C ASP A 143 12.33 -33.97 15.85
N PHE A 144 13.01 -33.94 16.97
CA PHE A 144 14.45 -33.74 16.96
C PHE A 144 15.14 -34.64 17.97
N GLN A 145 16.45 -34.66 17.85
CA GLN A 145 17.33 -35.48 18.66
C GLN A 145 18.70 -34.82 18.61
N ILE A 146 19.41 -34.71 19.69
CA ILE A 146 20.69 -34.03 19.63
C ILE A 146 21.82 -35.03 19.47
N LEU A 147 22.43 -35.02 18.30
CA LEU A 147 23.59 -35.86 18.04
C LEU A 147 24.83 -35.00 17.78
N GLU A 148 25.86 -35.21 18.58
CA GLU A 148 27.09 -34.47 18.41
C GLU A 148 28.00 -35.18 17.41
N ASN A 149 28.88 -34.41 16.78
CA ASN A 149 29.89 -34.98 15.90
C ASN A 149 31.15 -35.29 16.72
N GLN A 150 32.09 -35.98 16.11
CA GLN A 150 33.29 -36.39 16.82
C GLN A 150 34.23 -35.19 17.00
N ALA A 151 34.55 -34.54 15.90
CA ALA A 151 35.42 -33.38 15.91
C ALA A 151 35.31 -32.64 14.58
N MET B 1 18.69 -14.84 -4.74
CA MET B 1 18.05 -14.35 -3.50
C MET B 1 18.11 -12.83 -3.43
N ALA B 2 18.45 -12.19 -4.54
CA ALA B 2 18.56 -10.74 -4.58
C ALA B 2 17.79 -10.14 -5.74
N ALA B 3 16.77 -9.35 -5.42
CA ALA B 3 16.03 -8.57 -6.39
C ALA B 3 16.93 -7.53 -7.06
N GLU B 4 17.42 -7.85 -8.25
CA GLU B 4 18.17 -6.88 -9.05
C GLU B 4 17.17 -5.86 -9.64
N PRO B 5 17.65 -4.71 -10.17
CA PRO B 5 16.76 -3.62 -10.64
C PRO B 5 15.54 -4.13 -11.39
N LEU B 6 14.42 -3.44 -11.23
CA LEU B 6 13.16 -3.95 -11.70
C LEU B 6 12.47 -3.05 -12.71
N THR B 7 11.35 -3.56 -13.20
CA THR B 7 10.43 -2.82 -14.09
C THR B 7 9.82 -1.63 -13.32
N GLU B 8 8.96 -0.82 -13.94
CA GLU B 8 8.64 0.50 -13.37
C GLU B 8 7.72 0.40 -12.15
N LEU B 9 6.61 -0.30 -12.24
CA LEU B 9 5.74 -0.40 -11.07
C LEU B 9 6.46 -1.14 -9.96
N GLU B 10 7.39 -1.97 -10.35
CA GLU B 10 8.26 -2.66 -9.41
C GLU B 10 9.22 -1.66 -8.81
N GLU B 11 9.74 -0.78 -9.65
CA GLU B 11 10.67 0.24 -9.21
C GLU B 11 10.02 1.00 -8.09
N SER B 12 8.73 1.22 -8.25
CA SER B 12 8.00 1.96 -7.23
C SER B 12 7.74 1.13 -5.98
N ILE B 13 7.36 -0.15 -6.12
CA ILE B 13 7.09 -0.99 -4.94
C ILE B 13 8.35 -1.58 -4.30
N GLU B 14 9.36 -1.95 -5.10
CA GLU B 14 10.66 -2.40 -4.56
C GLU B 14 11.25 -1.34 -3.67
N THR B 15 11.23 -0.11 -4.16
CA THR B 15 11.68 1.05 -3.42
C THR B 15 11.07 1.12 -2.02
N VAL B 16 9.81 0.71 -1.91
CA VAL B 16 9.12 0.68 -0.63
C VAL B 16 9.75 -0.36 0.28
N VAL B 17 10.23 -1.44 -0.32
CA VAL B 17 10.78 -2.57 0.41
C VAL B 17 12.10 -2.20 1.05
N THR B 18 12.99 -1.67 0.23
CA THR B 18 14.38 -1.46 0.62
C THR B 18 14.49 -0.57 1.85
N THR B 19 13.74 0.51 1.86
CA THR B 19 13.75 1.43 2.99
C THR B 19 13.26 0.70 4.23
N PHE B 20 12.07 0.14 4.07
CA PHE B 20 11.42 -0.73 5.05
C PHE B 20 12.40 -1.77 5.63
N PHE B 21 13.06 -2.53 4.76
CA PHE B 21 13.98 -3.61 5.16
C PHE B 21 15.19 -3.10 5.92
N THR B 22 15.63 -1.89 5.61
CA THR B 22 16.75 -1.29 6.31
C THR B 22 16.47 -1.19 7.81
N PHE B 23 15.21 -0.91 8.14
CA PHE B 23 14.81 -0.80 9.53
C PHE B 23 14.40 -2.17 10.07
N ALA B 24 13.69 -2.94 9.26
CA ALA B 24 13.29 -4.30 9.64
C ALA B 24 14.50 -5.14 10.02
N ARG B 25 15.62 -4.95 9.33
CA ARG B 25 16.84 -5.72 9.59
C ARG B 25 17.63 -5.16 10.80
N GLN B 26 17.34 -3.93 11.20
CA GLN B 26 18.04 -3.29 12.32
C GLN B 26 17.93 -4.08 13.63
N GLU B 27 16.71 -4.21 14.16
CA GLU B 27 16.49 -4.92 15.42
C GLU B 27 16.09 -6.38 15.18
N GLY B 28 15.52 -7.01 16.22
CA GLY B 28 15.11 -8.40 16.13
C GLY B 28 14.16 -8.66 14.97
N ARG B 29 14.33 -9.82 14.33
CA ARG B 29 13.52 -10.21 13.17
C ARG B 29 13.77 -9.23 12.02
N LYS B 30 14.68 -9.61 11.13
CA LYS B 30 15.05 -8.76 9.99
C LYS B 30 13.96 -8.70 8.93
N ASP B 31 12.83 -9.35 9.18
CA ASP B 31 11.72 -9.36 8.24
C ASP B 31 10.51 -8.59 8.79
N SER B 32 10.66 -7.98 9.95
CA SER B 32 9.56 -7.23 10.55
C SER B 32 10.06 -6.12 11.47
N LEU B 33 9.28 -5.04 11.53
CA LEU B 33 9.60 -3.89 12.40
C LEU B 33 8.91 -4.07 13.74
N SER B 34 9.56 -3.63 14.82
CA SER B 34 8.99 -3.76 16.15
C SER B 34 8.21 -2.50 16.54
N VAL B 35 7.73 -2.45 17.79
CA VAL B 35 6.99 -1.30 18.29
C VAL B 35 7.90 -0.10 18.47
N ASN B 36 9.18 -0.36 18.64
CA ASN B 36 10.17 0.70 18.82
C ASN B 36 10.49 1.36 17.48
N GLU B 37 10.48 0.57 16.41
CA GLU B 37 10.76 1.09 15.06
C GLU B 37 9.54 1.81 14.51
N PHE B 38 8.36 1.44 14.98
CA PHE B 38 7.14 2.07 14.55
C PHE B 38 7.09 3.40 15.25
N LYS B 39 7.33 3.35 16.54
CA LYS B 39 7.34 4.53 17.37
C LYS B 39 8.44 5.49 16.90
N GLU B 40 9.61 4.95 16.53
CA GLU B 40 10.69 5.82 16.05
C GLU B 40 10.29 6.57 14.79
N LEU B 41 9.68 5.89 13.84
CA LEU B 41 9.32 6.50 12.59
C LEU B 41 8.13 7.42 12.78
N VAL B 42 7.18 6.99 13.56
CA VAL B 42 5.97 7.75 13.77
C VAL B 42 6.33 9.05 14.48
N THR B 43 7.11 8.94 15.53
CA THR B 43 7.64 10.08 16.26
C THR B 43 8.60 10.94 15.40
N GLN B 44 9.61 10.30 14.81
CA GLN B 44 10.69 10.98 14.12
C GLN B 44 10.37 11.24 12.64
N GLN B 45 9.97 10.19 11.93
CA GLN B 45 9.80 10.27 10.48
C GLN B 45 8.40 10.76 10.08
N LEU B 46 7.43 10.57 10.95
CA LEU B 46 6.03 10.78 10.57
C LEU B 46 5.40 12.11 11.05
N PRO B 47 6.02 12.95 11.94
CA PRO B 47 5.41 14.22 12.37
C PRO B 47 4.85 15.03 11.21
N HIS B 48 5.56 15.00 10.09
CA HIS B 48 5.12 15.68 8.89
C HIS B 48 3.99 14.92 8.22
N LEU B 49 4.13 13.60 8.13
CA LEU B 49 3.13 12.74 7.49
C LEU B 49 1.93 12.51 8.39
N LEU B 50 2.12 11.63 9.37
CA LEU B 50 1.09 11.27 10.32
C LEU B 50 1.16 12.14 11.54
N LYS B 51 0.45 13.24 11.44
CA LYS B 51 0.26 14.20 12.51
C LYS B 51 -0.44 13.59 13.73
N ASP B 52 0.16 12.57 14.24
CA ASP B 52 -0.31 11.87 15.43
C ASP B 52 0.83 11.02 15.94
N VAL B 53 1.89 11.73 16.30
CA VAL B 53 3.14 11.11 16.72
C VAL B 53 3.04 10.68 18.17
N GLY B 54 1.98 11.09 18.84
CA GLY B 54 1.77 10.71 20.23
C GLY B 54 1.22 9.31 20.35
N SER B 55 -0.10 9.19 20.20
CA SER B 55 -0.79 7.94 20.40
C SER B 55 -0.65 7.00 19.22
N LEU B 56 0.59 6.68 18.89
CA LEU B 56 0.90 5.66 17.90
C LEU B 56 0.08 4.40 18.14
N ASP B 57 -0.23 4.20 19.43
CA ASP B 57 -0.94 3.01 19.91
C ASP B 57 -2.11 2.63 19.01
N GLU B 58 -3.02 3.54 18.75
CA GLU B 58 -4.27 3.21 18.05
C GLU B 58 -4.00 2.51 16.72
N LYS B 59 -3.08 3.10 15.96
CA LYS B 59 -2.71 2.60 14.65
C LYS B 59 -1.95 1.30 14.80
N MET B 60 -1.04 1.30 15.77
CA MET B 60 -0.28 0.13 16.13
C MET B 60 -1.22 -1.04 16.38
N LYS B 61 -2.24 -0.84 17.21
CA LYS B 61 -3.19 -1.89 17.56
C LYS B 61 -3.91 -2.43 16.32
N SER B 62 -4.23 -1.53 15.39
CA SER B 62 -4.95 -1.91 14.18
C SER B 62 -4.09 -2.80 13.28
N LEU B 63 -2.79 -2.56 13.31
CA LEU B 63 -1.82 -3.31 12.51
C LEU B 63 -1.38 -4.57 13.27
N ASP B 64 -1.03 -4.36 14.51
CA ASP B 64 -0.60 -5.39 15.45
C ASP B 64 -1.65 -6.48 15.66
N VAL B 65 -2.88 -6.17 15.20
CA VAL B 65 -4.16 -6.77 15.69
C VAL B 65 -4.08 -8.24 16.20
N ASN B 66 -3.22 -9.06 15.60
CA ASN B 66 -3.07 -10.44 16.05
C ASN B 66 -2.20 -10.53 17.31
N GLN B 67 -1.82 -9.37 17.90
CA GLN B 67 -0.97 -9.32 19.09
C GLN B 67 0.33 -9.95 18.67
N ASP B 68 0.76 -9.41 17.54
CA ASP B 68 1.99 -9.70 16.88
C ASP B 68 2.57 -8.33 16.53
N SER B 69 3.36 -7.80 17.47
CA SER B 69 3.95 -6.47 17.35
C SER B 69 4.93 -6.33 16.18
N GLU B 70 4.95 -7.33 15.31
CA GLU B 70 5.81 -7.30 14.16
C GLU B 70 5.06 -6.79 12.93
N LEU B 71 5.40 -5.58 12.50
CA LEU B 71 4.81 -4.99 11.34
C LEU B 71 5.26 -5.74 10.09
N LYS B 72 4.62 -6.89 9.86
CA LYS B 72 5.03 -7.80 8.81
C LYS B 72 4.23 -7.76 7.52
N PHE B 73 4.33 -8.89 6.79
CA PHE B 73 3.70 -9.10 5.50
C PHE B 73 2.25 -8.65 5.43
N ASN B 74 2.06 -7.40 5.04
CA ASN B 74 0.75 -6.79 4.84
C ASN B 74 -0.21 -6.85 6.03
N GLU B 75 0.33 -7.00 7.22
CA GLU B 75 -0.36 -6.51 8.43
C GLU B 75 -0.08 -5.01 8.55
N TYR B 76 1.19 -4.65 8.38
CA TYR B 76 1.64 -3.25 8.34
C TYR B 76 0.85 -2.49 7.30
N TRP B 77 0.66 -3.16 6.17
CA TRP B 77 0.07 -2.61 4.94
C TRP B 77 -1.05 -1.63 5.17
N ARG B 78 -1.95 -1.89 6.12
CA ARG B 78 -3.05 -0.99 6.35
C ARG B 78 -2.51 0.42 6.49
N LEU B 79 -1.50 0.58 7.35
CA LEU B 79 -0.87 1.87 7.55
C LEU B 79 -0.23 2.35 6.26
N ILE B 80 0.44 1.43 5.56
CA ILE B 80 1.13 1.75 4.30
C ILE B 80 0.14 2.33 3.29
N GLY B 81 -1.08 1.87 3.36
CA GLY B 81 -2.11 2.38 2.48
C GLY B 81 -2.62 3.69 2.96
N GLU B 82 -2.78 3.78 4.28
CA GLU B 82 -3.13 5.02 4.89
C GLU B 82 -2.04 6.05 4.56
N LEU B 83 -0.80 5.58 4.44
CA LEU B 83 0.34 6.45 4.15
C LEU B 83 0.22 7.10 2.77
N ALA B 84 0.12 6.26 1.74
CA ALA B 84 0.05 6.73 0.37
C ALA B 84 -1.19 7.57 0.13
N LYS B 85 -2.23 7.32 0.90
CA LYS B 85 -3.45 8.08 0.81
C LYS B 85 -3.28 9.43 1.50
N GLU B 86 -2.76 9.38 2.73
CA GLU B 86 -2.58 10.58 3.56
C GLU B 86 -1.74 11.63 2.86
N ILE B 87 -0.64 11.22 2.25
CA ILE B 87 0.19 12.15 1.49
C ILE B 87 -0.64 12.89 0.43
N ARG B 88 -1.63 12.19 -0.14
CA ARG B 88 -2.42 12.77 -1.22
C ARG B 88 -3.64 13.55 -0.75
N LYS B 89 -4.44 13.00 0.16
CA LYS B 89 -5.65 13.69 0.61
C LYS B 89 -5.60 14.03 2.12
N LYS B 90 -4.40 14.31 2.62
CA LYS B 90 -4.16 14.68 4.04
C LYS B 90 -5.23 15.64 4.53
N LYS B 91 -5.15 16.86 4.02
CA LYS B 91 -6.27 17.81 4.05
C LYS B 91 -6.28 18.45 2.68
N ASP B 92 -5.72 17.75 1.70
CA ASP B 92 -5.58 18.28 0.34
C ASP B 92 -6.90 18.69 -0.33
N LEU B 93 -8.05 18.55 0.35
CA LEU B 93 -9.30 19.01 -0.22
C LEU B 93 -9.38 20.54 -0.12
N LYS B 94 -8.40 21.09 0.59
CA LYS B 94 -8.24 22.53 0.75
C LYS B 94 -6.80 22.90 0.44
N ILE B 95 -5.85 22.17 1.06
CA ILE B 95 -4.40 22.36 0.86
C ILE B 95 -3.58 21.77 2.02
N ARG B 96 -2.49 21.11 1.67
CA ARG B 96 -1.57 20.52 2.65
C ARG B 96 -0.20 20.25 2.04
N LYS B 97 0.28 21.21 1.29
CA LYS B 97 1.58 21.17 0.63
C LYS B 97 1.69 22.41 -0.22
N LYS B 98 2.85 23.04 -0.21
CA LYS B 98 2.95 24.45 -0.61
C LYS B 98 4.39 24.91 -0.51
N MET C 1 0.27 23.66 -4.06
CA MET C 1 -0.44 22.54 -4.73
C MET C 1 0.55 21.51 -5.28
N ALA C 2 1.81 21.65 -4.88
CA ALA C 2 2.86 20.74 -5.33
C ALA C 2 3.68 20.18 -4.18
N ALA C 3 3.60 18.86 -4.02
CA ALA C 3 4.44 18.13 -3.09
C ALA C 3 5.92 18.22 -3.48
N GLU C 4 6.64 19.11 -2.83
CA GLU C 4 8.09 19.19 -3.01
C GLU C 4 8.74 18.02 -2.27
N PRO C 5 10.03 17.71 -2.51
CA PRO C 5 10.71 16.52 -1.96
C PRO C 5 10.35 16.26 -0.49
N LEU C 6 10.25 14.99 -0.12
CA LEU C 6 9.71 14.64 1.15
C LEU C 6 10.66 13.86 2.04
N THR C 7 10.18 13.60 3.25
CA THR C 7 10.84 12.75 4.23
C THR C 7 10.93 11.30 3.69
N GLU C 8 11.52 10.36 4.43
CA GLU C 8 11.93 9.09 3.83
C GLU C 8 10.74 8.16 3.53
N LEU C 9 9.88 7.89 4.51
CA LEU C 9 8.73 7.04 4.23
C LEU C 9 7.83 7.70 3.21
N GLU C 10 7.90 9.02 3.17
CA GLU C 10 7.19 9.77 2.14
C GLU C 10 7.87 9.58 0.82
N GLU C 11 9.20 9.58 0.84
CA GLU C 11 9.98 9.38 -0.36
C GLU C 11 9.54 8.09 -1.00
N SER C 12 9.27 7.12 -0.15
CA SER C 12 8.85 5.83 -0.64
C SER C 12 7.39 5.83 -1.14
N ILE C 13 6.48 6.49 -0.43
CA ILE C 13 5.08 6.52 -0.86
C ILE C 13 4.78 7.58 -1.94
N GLU C 14 5.41 8.74 -1.88
CA GLU C 14 5.30 9.77 -2.93
C GLU C 14 5.72 9.18 -4.27
N THR C 15 6.84 8.48 -4.26
CA THR C 15 7.35 7.79 -5.42
C THR C 15 6.27 6.90 -6.08
N VAL C 16 5.42 6.29 -5.25
CA VAL C 16 4.33 5.47 -5.74
C VAL C 16 3.32 6.32 -6.49
N VAL C 17 3.16 7.56 -6.03
CA VAL C 17 2.17 8.47 -6.56
C VAL C 17 2.53 8.92 -7.95
N THR C 18 3.76 9.41 -8.08
CA THR C 18 4.21 10.09 -9.28
C THR C 18 4.10 9.20 -10.51
N THR C 19 4.52 7.96 -10.37
CA THR C 19 4.45 7.01 -11.48
C THR C 19 2.98 6.79 -11.85
N PHE C 20 2.24 6.42 -10.83
CA PHE C 20 0.77 6.28 -10.86
C PHE C 20 0.10 7.45 -11.59
N PHE C 21 0.41 8.68 -11.13
CA PHE C 21 -0.19 9.91 -11.66
C PHE C 21 0.14 10.14 -13.12
N THR C 22 1.33 9.75 -13.54
CA THR C 22 1.75 9.89 -14.92
C THR C 22 0.79 9.15 -15.85
N PHE C 23 0.29 8.00 -15.39
CA PHE C 23 -0.65 7.22 -16.17
C PHE C 23 -2.08 7.68 -15.91
N ALA C 24 -2.39 7.97 -14.65
CA ALA C 24 -3.71 8.47 -14.28
C ALA C 24 -4.06 9.74 -15.06
N ARG C 25 -3.05 10.57 -15.32
CA ARG C 25 -3.23 11.82 -16.06
C ARG C 25 -3.35 11.58 -17.57
N GLN C 26 -2.87 10.43 -18.04
CA GLN C 26 -2.91 10.08 -19.47
C GLN C 26 -4.32 10.18 -20.05
N GLU C 27 -5.25 9.39 -19.52
CA GLU C 27 -6.64 9.40 -19.99
C GLU C 27 -7.54 10.23 -19.09
N GLY C 28 -8.87 10.05 -19.24
CA GLY C 28 -9.83 10.79 -18.45
C GLY C 28 -9.62 10.64 -16.96
N ARG C 29 -9.85 11.73 -16.22
CA ARG C 29 -9.65 11.75 -14.77
C ARG C 29 -8.18 11.54 -14.44
N LYS C 30 -7.45 12.64 -14.25
CA LYS C 30 -6.02 12.58 -13.95
C LYS C 30 -5.76 12.11 -12.51
N ASP C 31 -6.84 11.77 -11.81
CA ASP C 31 -6.74 11.30 -10.44
C ASP C 31 -6.79 9.77 -10.36
N SER C 32 -7.23 9.13 -11.44
CA SER C 32 -7.35 7.68 -11.46
C SER C 32 -7.00 7.09 -12.82
N LEU C 33 -6.55 5.84 -12.82
CA LEU C 33 -6.21 5.15 -14.07
C LEU C 33 -7.46 4.44 -14.61
N SER C 34 -7.60 4.40 -15.92
CA SER C 34 -8.76 3.76 -16.54
C SER C 34 -8.58 2.25 -16.62
N VAL C 35 -9.59 1.55 -17.15
CA VAL C 35 -9.52 0.10 -17.30
C VAL C 35 -8.46 -0.29 -18.30
N ASN C 36 -8.17 0.62 -19.22
CA ASN C 36 -7.17 0.35 -20.24
C ASN C 36 -5.75 0.56 -19.71
N GLU C 37 -5.60 1.46 -18.73
CA GLU C 37 -4.28 1.71 -18.14
C GLU C 37 -3.89 0.58 -17.18
N PHE C 38 -4.90 0.00 -16.55
CA PHE C 38 -4.72 -1.09 -15.64
C PHE C 38 -4.29 -2.26 -16.46
N LYS C 39 -5.03 -2.48 -17.54
CA LYS C 39 -4.73 -3.55 -18.47
C LYS C 39 -3.35 -3.35 -19.09
N GLU C 40 -2.99 -2.11 -19.42
CA GLU C 40 -1.66 -1.86 -19.99
C GLU C 40 -0.55 -2.26 -19.02
N LEU C 41 -0.68 -1.88 -17.76
CA LEU C 41 0.36 -2.15 -16.79
C LEU C 41 0.35 -3.62 -16.42
N VAL C 42 -0.81 -4.19 -16.28
CA VAL C 42 -0.95 -5.56 -15.88
C VAL C 42 -0.36 -6.45 -16.96
N THR C 43 -0.77 -6.19 -18.19
CA THR C 43 -0.22 -6.86 -19.37
C THR C 43 1.27 -6.56 -19.57
N GLN C 44 1.63 -5.28 -19.62
CA GLN C 44 2.97 -4.85 -19.98
C GLN C 44 3.92 -4.79 -18.78
N GLN C 45 3.50 -4.09 -17.73
CA GLN C 45 4.38 -3.80 -16.59
C GLN C 45 4.36 -4.94 -15.56
N LEU C 46 3.27 -5.69 -15.50
CA LEU C 46 3.06 -6.65 -14.41
C LEU C 46 3.39 -8.12 -14.72
N PRO C 47 3.65 -8.57 -15.98
CA PRO C 47 3.99 -9.99 -16.25
C PRO C 47 5.01 -10.55 -15.28
N HIS C 48 5.97 -9.72 -14.90
CA HIS C 48 6.98 -10.12 -13.94
C HIS C 48 6.41 -10.12 -12.52
N LEU C 49 5.64 -9.08 -12.20
CA LEU C 49 5.05 -8.93 -10.87
C LEU C 49 3.83 -9.83 -10.69
N LEU C 50 2.72 -9.40 -11.29
CA LEU C 50 1.46 -10.10 -11.22
C LEU C 50 1.32 -11.05 -12.39
N LYS C 51 1.82 -12.24 -12.16
CA LYS C 51 1.72 -13.37 -13.08
C LYS C 51 0.27 -13.78 -13.36
N ASP C 52 -0.47 -12.83 -13.83
CA ASP C 52 -1.86 -13.01 -14.20
C ASP C 52 -2.26 -11.85 -15.07
N VAL C 53 -1.56 -11.76 -16.19
CA VAL C 53 -1.73 -10.65 -17.13
C VAL C 53 -2.95 -10.86 -18.00
N GLY C 54 -3.53 -12.04 -17.92
CA GLY C 54 -4.71 -12.34 -18.70
C GLY C 54 -5.96 -11.77 -18.07
N SER C 55 -6.49 -12.49 -17.08
CA SER C 55 -7.75 -12.13 -16.45
C SER C 55 -7.59 -11.02 -15.42
N LEU C 56 -7.08 -9.89 -15.88
CA LEU C 56 -7.01 -8.67 -15.08
C LEU C 56 -8.35 -8.42 -14.41
N ASP C 57 -9.41 -8.87 -15.07
CA ASP C 57 -10.79 -8.66 -14.66
C ASP C 57 -11.00 -8.86 -13.17
N GLU C 58 -10.60 -10.02 -12.64
CA GLU C 58 -10.92 -10.38 -11.25
C GLU C 58 -10.45 -9.30 -10.28
N LYS C 59 -9.22 -8.88 -10.46
CA LYS C 59 -8.58 -7.90 -9.61
C LYS C 59 -9.21 -6.56 -9.86
N MET C 60 -9.42 -6.25 -11.13
CA MET C 60 -10.12 -5.05 -11.55
C MET C 60 -11.44 -4.93 -10.82
N LYS C 61 -12.24 -5.99 -10.83
CA LYS C 61 -13.57 -5.98 -10.20
C LYS C 61 -13.46 -5.69 -8.71
N SER C 62 -12.43 -6.24 -8.07
CA SER C 62 -12.23 -6.08 -6.64
C SER C 62 -11.91 -4.62 -6.29
N LEU C 63 -11.23 -3.96 -7.20
CA LEU C 63 -10.83 -2.56 -7.02
C LEU C 63 -11.93 -1.63 -7.51
N ASP C 64 -12.42 -1.93 -8.70
CA ASP C 64 -13.51 -1.22 -9.37
C ASP C 64 -14.79 -1.21 -8.56
N VAL C 65 -14.85 -2.07 -7.53
CA VAL C 65 -16.07 -2.64 -6.91
C VAL C 65 -17.33 -1.73 -6.94
N ASN C 66 -17.15 -0.42 -6.82
CA ASN C 66 -18.27 0.51 -6.87
C ASN C 66 -18.78 0.69 -8.31
N GLN C 67 -18.20 -0.04 -9.28
CA GLN C 67 -18.60 0.05 -10.69
C GLN C 67 -18.20 1.44 -11.12
N ASP C 68 -17.04 1.77 -10.58
CA ASP C 68 -16.32 2.99 -10.85
C ASP C 68 -14.97 2.52 -11.31
N SER C 69 -14.84 2.40 -12.63
CA SER C 69 -13.63 1.90 -13.28
C SER C 69 -12.41 2.80 -13.09
N GLU C 70 -12.52 3.71 -12.15
CA GLU C 70 -11.44 4.62 -11.86
C GLU C 70 -10.68 4.16 -10.63
N LEU C 71 -9.45 3.69 -10.83
CA LEU C 71 -8.60 3.26 -9.77
C LEU C 71 -8.17 4.47 -8.93
N LYS C 72 -9.09 4.91 -8.08
CA LYS C 72 -8.91 6.16 -7.33
C LYS C 72 -8.38 6.01 -5.92
N PHE C 73 -8.62 7.10 -5.16
CA PHE C 73 -8.19 7.25 -3.78
C PHE C 73 -8.43 6.02 -2.92
N ASN C 74 -7.41 5.17 -2.87
CA ASN C 74 -7.41 3.97 -2.05
C ASN C 74 -8.59 3.01 -2.24
N GLU C 75 -9.23 3.09 -3.39
CA GLU C 75 -9.94 1.92 -3.95
C GLU C 75 -8.91 1.02 -4.64
N TYR C 76 -8.04 1.64 -5.43
CA TYR C 76 -6.90 0.98 -6.08
C TYR C 76 -6.06 0.27 -5.04
N TRP C 77 -5.88 0.98 -3.94
CA TRP C 77 -4.98 0.59 -2.83
C TRP C 77 -4.92 -0.88 -2.54
N ARG C 78 -6.06 -1.57 -2.56
CA ARG C 78 -6.06 -2.99 -2.27
C ARG C 78 -5.00 -3.67 -3.11
N LEU C 79 -5.01 -3.39 -4.42
CA LEU C 79 -4.02 -3.94 -5.33
C LEU C 79 -2.64 -3.45 -4.95
N ILE C 80 -2.54 -2.16 -4.63
CA ILE C 80 -1.25 -1.54 -4.27
C ILE C 80 -0.63 -2.27 -3.08
N GLY C 81 -1.48 -2.75 -2.20
CA GLY C 81 -1.01 -3.49 -1.06
C GLY C 81 -0.65 -4.89 -1.44
N GLU C 82 -1.47 -5.46 -2.30
CA GLU C 82 -1.18 -6.75 -2.85
C GLU C 82 0.15 -6.66 -3.60
N LEU C 83 0.41 -5.49 -4.19
CA LEU C 83 1.64 -5.26 -4.97
C LEU C 83 2.88 -5.35 -4.09
N ALA C 84 2.94 -4.51 -3.06
CA ALA C 84 4.09 -4.45 -2.17
C ALA C 84 4.29 -5.77 -1.43
N LYS C 85 3.22 -6.49 -1.23
CA LYS C 85 3.29 -7.79 -0.60
C LYS C 85 3.81 -8.83 -1.57
N GLU C 86 3.22 -8.86 -2.76
CA GLU C 86 3.56 -9.83 -3.81
C GLU C 86 5.05 -9.80 -4.13
N ILE C 87 5.61 -8.60 -4.30
CA ILE C 87 7.05 -8.48 -4.55
C ILE C 87 7.86 -9.19 -3.48
N ARG C 88 7.34 -9.22 -2.26
CA ARG C 88 8.04 -9.84 -1.16
C ARG C 88 7.70 -11.33 -1.02
N LYS C 89 6.45 -11.68 -0.81
CA LYS C 89 6.14 -13.09 -0.62
C LYS C 89 5.27 -13.64 -1.74
N LYS C 90 5.65 -13.32 -2.97
CA LYS C 90 4.91 -13.78 -4.16
C LYS C 90 4.53 -15.25 -4.03
N LYS C 91 5.54 -16.09 -4.13
CA LYS C 91 5.49 -17.46 -3.66
C LYS C 91 6.81 -17.71 -2.96
N ASP C 92 7.37 -16.58 -2.48
CA ASP C 92 8.66 -16.55 -1.80
C ASP C 92 8.64 -17.26 -0.44
N LEU C 93 8.59 -18.57 -0.51
CA LEU C 93 8.64 -19.46 0.64
C LEU C 93 9.61 -20.56 0.27
N LYS C 94 10.33 -20.26 -0.81
CA LYS C 94 11.35 -21.10 -1.39
C LYS C 94 12.28 -20.23 -2.23
N ILE C 95 11.66 -19.38 -3.08
CA ILE C 95 12.41 -18.44 -3.94
C ILE C 95 11.51 -17.84 -5.04
N ARG C 96 11.54 -16.52 -5.17
CA ARG C 96 10.79 -15.79 -6.20
C ARG C 96 11.36 -14.40 -6.46
N LYS C 97 12.68 -14.35 -6.57
CA LYS C 97 13.42 -13.13 -6.88
C LYS C 97 14.90 -13.47 -6.80
N LYS C 98 15.65 -12.99 -7.78
CA LYS C 98 16.96 -13.56 -8.06
C LYS C 98 17.63 -12.76 -9.17
N ASN D 1 -15.96 -1.20 -30.41
CA ASN D 1 -16.52 -0.99 -29.05
C ASN D 1 -17.69 -0.02 -29.16
N VAL D 2 -18.28 0.37 -28.04
CA VAL D 2 -19.33 1.36 -28.07
C VAL D 2 -18.72 2.73 -27.85
N LYS D 3 -18.92 3.61 -28.80
CA LYS D 3 -18.42 4.96 -28.69
C LYS D 3 -19.54 5.91 -28.34
N TYR D 4 -19.22 6.92 -27.58
CA TYR D 4 -20.17 7.98 -27.33
C TYR D 4 -19.78 9.13 -28.24
N ASN D 5 -20.62 9.39 -29.22
CA ASN D 5 -20.22 10.21 -30.35
C ASN D 5 -20.73 11.62 -30.15
N PHE D 6 -19.89 12.57 -30.50
CA PHE D 6 -20.19 13.97 -30.26
C PHE D 6 -21.44 14.36 -31.04
N MET D 7 -22.35 15.00 -30.31
CA MET D 7 -23.67 15.31 -30.81
C MET D 7 -23.71 16.69 -31.41
N ARG D 8 -23.49 17.74 -30.62
CA ARG D 8 -23.49 19.08 -31.19
C ARG D 8 -22.79 20.10 -30.31
N ILE D 9 -22.18 21.07 -30.97
CA ILE D 9 -21.51 22.19 -30.33
C ILE D 9 -22.51 23.26 -29.95
N ILE D 10 -22.60 23.54 -28.66
CA ILE D 10 -23.48 24.56 -28.15
C ILE D 10 -22.72 25.87 -28.15
N LYS D 11 -22.71 26.54 -27.02
CA LYS D 11 -22.18 27.88 -26.94
C LYS D 11 -20.81 27.83 -26.31
N TYR D 12 -20.02 28.88 -26.48
CA TYR D 12 -18.62 28.81 -26.09
C TYR D 12 -18.12 30.14 -25.56
N GLU D 13 -17.10 30.02 -24.71
CA GLU D 13 -16.48 31.16 -24.02
C GLU D 13 -17.52 32.02 -23.30
N PHE D 14 -18.60 31.40 -22.86
CA PHE D 14 -19.59 32.06 -22.04
C PHE D 14 -19.45 31.59 -20.60
N ILE D 15 -19.68 32.49 -19.66
CA ILE D 15 -19.47 32.17 -18.26
C ILE D 15 -20.78 32.03 -17.48
N LEU D 16 -20.82 31.04 -16.62
CA LEU D 16 -21.96 30.77 -15.79
C LEU D 16 -21.72 31.28 -14.36
N ASN D 17 -22.73 31.94 -13.84
CA ASN D 17 -22.75 32.44 -12.47
C ASN D 17 -23.97 31.89 -11.79
N ASP D 18 -23.87 31.64 -10.50
CA ASP D 18 -24.90 30.92 -9.76
C ASP D 18 -25.86 31.90 -9.11
N ALA D 19 -26.79 31.39 -8.33
CA ALA D 19 -27.76 32.25 -7.64
C ALA D 19 -27.06 33.17 -6.62
N LEU D 20 -25.83 32.86 -6.25
CA LEU D 20 -25.02 33.73 -5.39
C LEU D 20 -24.51 34.86 -6.25
N ASN D 21 -24.57 34.61 -7.54
CA ASN D 21 -24.08 35.49 -8.57
C ASN D 21 -22.60 35.71 -8.40
N GLN D 22 -21.85 34.70 -8.78
CA GLN D 22 -20.41 34.75 -8.72
C GLN D 22 -19.82 34.14 -9.96
N SER D 23 -18.99 34.90 -10.64
CA SER D 23 -18.34 34.43 -11.84
C SER D 23 -17.34 33.36 -11.49
N ILE D 24 -17.37 32.27 -12.23
CA ILE D 24 -16.44 31.19 -11.98
C ILE D 24 -15.05 31.62 -12.41
N ILE D 25 -14.26 32.10 -11.44
CA ILE D 25 -13.01 32.77 -11.76
C ILE D 25 -11.84 31.79 -11.63
N ARG D 26 -10.83 32.00 -12.47
CA ARG D 26 -9.69 31.12 -12.52
C ARG D 26 -8.67 31.51 -11.46
N ALA D 27 -8.53 30.66 -10.44
CA ALA D 27 -7.53 30.90 -9.41
C ALA D 27 -6.27 30.12 -9.74
N ASN D 28 -6.48 28.90 -10.23
CA ASN D 28 -5.38 28.01 -10.61
C ASN D 28 -5.87 27.03 -11.69
N ASP D 29 -4.98 26.16 -12.14
CA ASP D 29 -5.33 25.17 -13.18
C ASP D 29 -5.90 23.90 -12.55
N GLN D 30 -6.31 23.98 -11.29
CA GLN D 30 -6.88 22.84 -10.57
C GLN D 30 -7.92 23.33 -9.57
N TYR D 31 -7.73 24.56 -9.07
CA TYR D 31 -8.64 25.15 -8.10
C TYR D 31 -9.31 26.41 -8.67
N LEU D 32 -10.64 26.47 -8.56
CA LEU D 32 -11.40 27.61 -9.02
C LEU D 32 -12.37 28.08 -7.96
N THR D 33 -12.40 29.40 -7.75
CA THR D 33 -13.27 30.01 -6.77
C THR D 33 -14.26 30.94 -7.46
N ALA D 34 -15.48 31.00 -6.97
CA ALA D 34 -16.48 31.85 -7.58
C ALA D 34 -16.45 33.23 -6.95
N ALA D 35 -16.31 34.23 -7.80
CA ALA D 35 -16.30 35.62 -7.38
C ALA D 35 -16.76 36.48 -8.54
N ALA D 36 -17.54 37.51 -8.26
CA ALA D 36 -18.03 38.38 -9.31
C ALA D 36 -16.86 38.98 -10.09
N LEU D 37 -16.89 38.87 -11.42
CA LEU D 37 -15.76 39.30 -12.22
C LEU D 37 -15.59 40.80 -12.13
N HIS D 38 -14.35 41.21 -12.27
CA HIS D 38 -14.00 42.62 -12.20
C HIS D 38 -12.92 42.92 -13.24
N ASN D 39 -12.26 41.88 -13.73
CA ASN D 39 -11.37 42.02 -14.88
C ASN D 39 -12.05 41.44 -16.12
N LEU D 40 -13.25 40.87 -15.93
CA LEU D 40 -14.08 40.31 -17.00
C LEU D 40 -13.41 39.13 -17.70
N ASP D 41 -12.33 39.38 -18.42
CA ASP D 41 -11.53 38.29 -18.93
C ASP D 41 -10.65 37.85 -17.78
N GLU D 42 -11.31 37.18 -16.87
CA GLU D 42 -10.75 36.81 -15.58
C GLU D 42 -11.31 35.47 -15.14
N ALA D 43 -12.55 35.23 -15.50
CA ALA D 43 -13.20 33.97 -15.28
C ALA D 43 -12.85 33.02 -16.40
N VAL D 44 -12.98 31.73 -16.16
CA VAL D 44 -12.64 30.73 -17.15
C VAL D 44 -13.76 30.63 -18.13
N LYS D 45 -13.44 30.68 -19.41
CA LYS D 45 -14.47 30.68 -20.40
C LYS D 45 -14.69 29.28 -20.87
N PHE D 46 -15.88 28.81 -20.61
CA PHE D 46 -16.23 27.46 -20.93
C PHE D 46 -17.00 27.37 -22.22
N ASP D 47 -16.98 26.18 -22.76
CA ASP D 47 -17.66 25.81 -23.99
C ASP D 47 -18.22 24.43 -23.84
N MET D 48 -19.39 24.25 -24.38
CA MET D 48 -20.11 23.01 -24.20
C MET D 48 -20.03 22.17 -25.45
N GLY D 49 -19.69 20.91 -25.26
CA GLY D 49 -19.65 19.97 -26.36
C GLY D 49 -20.35 18.70 -25.97
N ALA D 50 -21.42 18.38 -26.65
CA ALA D 50 -22.28 17.30 -26.22
C ALA D 50 -21.78 15.98 -26.77
N TYR D 51 -22.01 14.93 -26.03
CA TYR D 51 -21.64 13.60 -26.47
C TYR D 51 -22.90 12.76 -26.35
N LYS D 52 -22.97 11.64 -27.02
CA LYS D 52 -24.19 10.90 -26.97
C LYS D 52 -23.98 9.41 -26.73
N SER D 53 -24.58 8.96 -25.65
CA SER D 53 -24.83 7.57 -25.38
C SER D 53 -26.19 7.53 -24.73
N SER D 54 -26.87 6.38 -24.72
CA SER D 54 -28.16 6.33 -24.08
C SER D 54 -28.00 5.96 -22.61
N LYS D 55 -27.04 6.62 -21.97
CA LYS D 55 -26.82 6.45 -20.55
C LYS D 55 -26.89 7.78 -19.81
N ASP D 56 -27.70 8.73 -20.28
CA ASP D 56 -27.84 9.98 -19.55
C ASP D 56 -28.84 9.80 -18.42
N ASP D 57 -29.84 10.66 -18.33
CA ASP D 57 -31.09 10.32 -17.66
C ASP D 57 -32.26 10.61 -18.59
N ALA D 58 -32.63 11.89 -18.63
CA ALA D 58 -33.65 12.39 -19.56
C ALA D 58 -33.15 13.64 -20.29
N LYS D 59 -31.84 13.85 -20.30
CA LYS D 59 -31.22 15.11 -20.73
C LYS D 59 -29.88 14.82 -21.36
N ILE D 60 -29.50 15.64 -22.32
CA ILE D 60 -28.34 15.37 -23.16
C ILE D 60 -27.15 16.05 -22.55
N THR D 61 -26.00 15.46 -22.72
CA THR D 61 -24.85 15.74 -21.89
C THR D 61 -23.71 16.34 -22.69
N VAL D 62 -23.07 17.36 -22.11
CA VAL D 62 -22.00 18.07 -22.78
C VAL D 62 -20.78 18.15 -21.85
N ILE D 63 -19.62 18.49 -22.42
CA ILE D 63 -18.40 18.59 -21.66
C ILE D 63 -18.03 20.05 -21.52
N LEU D 64 -17.65 20.46 -20.33
CA LEU D 64 -17.31 21.85 -20.09
C LEU D 64 -15.81 22.04 -20.05
N ARG D 65 -15.33 22.82 -21.01
CA ARG D 65 -13.93 23.01 -21.25
C ARG D 65 -13.64 24.48 -21.48
N ILE D 66 -12.42 24.93 -21.18
CA ILE D 66 -12.07 26.31 -21.43
C ILE D 66 -11.70 26.45 -22.90
N SER D 67 -12.32 27.40 -23.57
CA SER D 67 -12.24 27.52 -25.02
C SER D 67 -10.81 27.42 -25.59
N LYS D 68 -9.81 27.77 -24.79
CA LYS D 68 -8.43 27.76 -25.26
C LYS D 68 -7.76 26.41 -25.03
N THR D 69 -7.77 25.94 -23.78
CA THR D 69 -7.16 24.66 -23.46
C THR D 69 -8.22 23.67 -23.02
N GLN D 70 -7.89 22.42 -22.89
CA GLN D 70 -8.95 21.48 -22.58
C GLN D 70 -8.91 21.17 -21.10
N LEU D 71 -9.39 22.15 -20.34
CA LEU D 71 -9.56 22.02 -18.90
C LEU D 71 -11.00 21.66 -18.63
N TYR D 72 -11.24 20.46 -18.15
CA TYR D 72 -12.59 20.05 -17.84
C TYR D 72 -12.78 20.03 -16.35
N VAL D 73 -13.95 20.38 -15.88
CA VAL D 73 -14.24 20.16 -14.48
C VAL D 73 -14.79 18.76 -14.32
N THR D 74 -14.10 17.95 -13.51
CA THR D 74 -14.52 16.58 -13.26
C THR D 74 -15.19 16.43 -11.90
N ALA D 75 -15.88 15.30 -11.72
CA ALA D 75 -16.55 15.00 -10.45
C ALA D 75 -15.71 14.06 -9.62
N GLN D 76 -15.38 14.48 -8.40
CA GLN D 76 -14.55 13.67 -7.51
C GLN D 76 -15.40 12.79 -6.60
N ASP D 77 -15.91 13.37 -5.51
CA ASP D 77 -16.74 12.63 -4.56
C ASP D 77 -17.55 13.59 -3.70
N GLU D 78 -18.68 14.04 -4.24
CA GLU D 78 -19.58 14.98 -3.58
C GLU D 78 -18.80 16.22 -3.15
N ASP D 79 -18.95 16.62 -1.88
CA ASP D 79 -18.26 17.80 -1.33
C ASP D 79 -16.73 17.63 -1.34
N GLN D 80 -16.15 17.85 -2.52
CA GLN D 80 -14.72 17.75 -2.75
C GLN D 80 -14.39 18.61 -3.96
N PRO D 81 -13.38 19.48 -3.86
CA PRO D 81 -13.01 20.42 -4.93
C PRO D 81 -12.83 19.79 -6.31
N VAL D 82 -13.56 20.36 -7.28
CA VAL D 82 -13.49 19.95 -8.68
C VAL D 82 -12.05 19.92 -9.17
N LEU D 83 -11.71 18.87 -9.89
CA LEU D 83 -10.36 18.71 -10.42
C LEU D 83 -10.30 19.13 -11.88
N LEU D 84 -9.60 20.22 -12.14
CA LEU D 84 -9.45 20.73 -13.50
C LEU D 84 -8.36 19.98 -14.25
N LYS D 85 -8.77 19.09 -15.16
CA LYS D 85 -7.83 18.29 -15.95
C LYS D 85 -7.46 19.00 -17.25
N GLU D 86 -6.21 18.87 -17.65
CA GLU D 86 -5.74 19.50 -18.89
C GLU D 86 -5.19 18.46 -19.85
N MET D 87 -5.97 18.12 -20.87
CA MET D 87 -5.57 17.14 -21.88
C MET D 87 -5.65 17.75 -23.28
N PRO D 88 -4.51 17.83 -23.99
CA PRO D 88 -4.43 18.43 -25.34
C PRO D 88 -5.44 17.85 -26.32
N GLU D 89 -6.19 18.75 -26.96
CA GLU D 89 -7.22 18.42 -27.96
C GLU D 89 -8.43 17.68 -27.35
N ILE D 90 -9.61 18.13 -27.76
CA ILE D 90 -10.88 17.55 -27.31
C ILE D 90 -11.17 16.22 -27.99
N PRO D 91 -11.49 15.18 -27.20
CA PRO D 91 -11.88 13.88 -27.72
C PRO D 91 -13.21 13.95 -28.48
N LYS D 92 -13.32 13.16 -29.53
CA LYS D 92 -14.53 13.11 -30.35
C LYS D 92 -15.35 11.90 -29.96
N THR D 93 -14.67 10.93 -29.39
CA THR D 93 -15.27 9.67 -28.96
C THR D 93 -14.89 9.40 -27.52
N ILE D 94 -15.89 9.31 -26.68
CA ILE D 94 -15.72 9.29 -25.25
C ILE D 94 -15.75 7.86 -24.73
N THR D 95 -14.74 7.52 -23.92
CA THR D 95 -14.64 6.19 -23.31
C THR D 95 -15.22 6.18 -21.90
N GLY D 96 -14.89 5.14 -21.13
CA GLY D 96 -15.40 5.04 -19.77
C GLY D 96 -14.38 5.49 -18.73
N SER D 97 -13.80 6.66 -18.95
CA SER D 97 -12.82 7.22 -18.04
C SER D 97 -13.06 8.70 -17.85
N GLU D 98 -13.69 9.30 -18.85
CA GLU D 98 -13.99 10.72 -18.83
C GLU D 98 -15.41 10.98 -18.33
N THR D 99 -15.98 9.98 -17.64
CA THR D 99 -17.35 10.06 -17.12
C THR D 99 -17.50 11.13 -16.02
N ASN D 100 -16.37 11.64 -15.53
CA ASN D 100 -16.39 12.64 -14.48
C ASN D 100 -16.60 14.05 -15.05
N LEU D 101 -16.01 14.31 -16.22
CA LEU D 101 -16.15 15.63 -16.86
C LEU D 101 -17.39 15.71 -17.74
N LEU D 102 -18.30 14.76 -17.56
CA LEU D 102 -19.53 14.74 -18.35
C LEU D 102 -20.66 15.38 -17.54
N PHE D 103 -21.58 16.10 -18.17
CA PHE D 103 -22.54 16.85 -17.38
C PHE D 103 -23.94 16.83 -17.97
N PHE D 104 -24.83 16.34 -17.13
CA PHE D 104 -26.25 16.25 -17.43
C PHE D 104 -26.88 17.58 -17.09
N TRP D 105 -27.14 18.40 -18.10
CA TRP D 105 -27.64 19.73 -17.84
C TRP D 105 -29.16 19.81 -17.95
N GLU D 106 -29.79 20.10 -16.82
CA GLU D 106 -31.23 20.28 -16.77
C GLU D 106 -31.56 21.76 -16.69
N THR D 107 -32.10 22.30 -17.76
CA THR D 107 -32.37 23.74 -17.85
C THR D 107 -33.85 24.03 -17.56
N HIS D 108 -34.08 24.98 -16.66
CA HIS D 108 -35.44 25.40 -16.33
C HIS D 108 -35.58 26.90 -16.56
N GLY D 109 -36.13 27.27 -17.71
CA GLY D 109 -36.31 28.66 -18.04
C GLY D 109 -35.00 29.42 -18.15
N THR D 110 -34.63 30.10 -17.07
CA THR D 110 -33.40 30.87 -17.03
C THR D 110 -32.32 30.12 -16.23
N LYS D 111 -32.74 29.50 -15.13
CA LYS D 111 -31.82 28.77 -14.29
C LYS D 111 -31.56 27.40 -14.87
N ASN D 112 -30.47 26.80 -14.45
CA ASN D 112 -30.06 25.50 -14.95
C ASN D 112 -29.25 24.76 -13.93
N TYR D 113 -29.32 23.44 -13.98
CA TYR D 113 -28.56 22.59 -13.07
C TYR D 113 -27.47 21.85 -13.83
N PHE D 114 -26.48 21.39 -13.09
CA PHE D 114 -25.42 20.57 -13.66
C PHE D 114 -25.26 19.28 -12.86
N THR D 115 -25.84 18.23 -13.39
CA THR D 115 -25.85 16.92 -12.74
C THR D 115 -24.66 16.07 -13.20
N SER D 116 -24.01 15.40 -12.27
CA SER D 116 -22.90 14.52 -12.59
C SER D 116 -23.41 13.23 -13.23
N VAL D 117 -22.83 12.89 -14.39
CA VAL D 117 -23.17 11.66 -15.08
C VAL D 117 -22.45 10.47 -14.42
N ALA D 118 -21.36 10.76 -13.71
CA ALA D 118 -20.60 9.71 -13.03
C ALA D 118 -21.36 9.23 -11.79
N HIS D 119 -21.46 10.11 -10.81
CA HIS D 119 -22.18 9.82 -9.57
C HIS D 119 -23.41 10.72 -9.52
N PRO D 120 -24.61 10.11 -9.56
CA PRO D 120 -25.90 10.81 -9.62
C PRO D 120 -26.09 11.87 -8.52
N ASN D 121 -25.72 11.52 -7.29
CA ASN D 121 -26.00 12.38 -6.13
C ASN D 121 -25.13 13.64 -6.13
N LEU D 122 -24.27 13.78 -7.14
CA LEU D 122 -23.39 14.91 -7.22
C LEU D 122 -24.00 16.02 -8.07
N PHE D 123 -23.84 17.22 -7.58
CA PHE D 123 -24.37 18.42 -8.21
C PHE D 123 -23.37 19.54 -7.97
N ILE D 124 -23.21 20.45 -8.91
CA ILE D 124 -22.15 21.46 -8.79
C ILE D 124 -22.64 22.65 -7.97
N ALA D 125 -22.17 22.70 -6.73
CA ALA D 125 -22.63 23.69 -5.74
C ALA D 125 -21.73 24.91 -5.72
N THR D 126 -22.28 26.02 -5.26
CA THR D 126 -21.55 27.26 -5.24
C THR D 126 -21.41 27.79 -3.83
N LYS D 127 -20.18 28.13 -3.49
CA LYS D 127 -19.83 28.61 -2.16
C LYS D 127 -19.56 30.12 -2.20
N GLN D 128 -19.77 30.79 -1.07
CA GLN D 128 -19.52 32.22 -0.96
C GLN D 128 -18.04 32.55 -0.85
N ASP D 129 -17.26 31.65 -0.25
CA ASP D 129 -15.86 31.92 0.02
C ASP D 129 -14.93 30.85 -0.55
N TYR D 130 -15.45 29.63 -0.63
CA TYR D 130 -14.64 28.51 -1.09
C TYR D 130 -14.76 28.29 -2.59
N TRP D 131 -14.06 27.25 -3.05
CA TRP D 131 -14.02 26.88 -4.46
C TRP D 131 -15.34 26.28 -4.91
N VAL D 132 -15.67 26.48 -6.18
CA VAL D 132 -16.89 25.93 -6.75
C VAL D 132 -16.73 24.42 -6.88
N CYS D 133 -17.36 23.68 -5.99
CA CYS D 133 -17.18 22.25 -5.95
C CYS D 133 -18.41 21.53 -6.49
N LEU D 134 -18.60 20.31 -6.03
CA LEU D 134 -19.75 19.50 -6.34
C LEU D 134 -20.24 19.05 -5.00
N ALA D 135 -21.45 18.55 -4.89
CA ALA D 135 -22.00 18.30 -3.59
C ALA D 135 -23.24 17.47 -3.66
N GLY D 136 -23.64 17.03 -2.50
CA GLY D 136 -25.00 16.77 -2.26
C GLY D 136 -25.46 18.02 -1.60
N GLY D 137 -26.61 18.47 -1.96
CA GLY D 137 -26.95 19.83 -1.60
C GLY D 137 -27.90 20.01 -0.44
N PRO D 138 -27.37 20.32 0.76
CA PRO D 138 -28.06 21.07 1.79
C PRO D 138 -27.50 22.50 1.84
N PRO D 139 -28.34 23.49 2.18
CA PRO D 139 -28.25 24.94 1.91
C PRO D 139 -27.05 25.53 1.09
N SER D 140 -26.24 24.71 0.43
CA SER D 140 -25.31 25.18 -0.58
C SER D 140 -26.09 25.51 -1.83
N ILE D 141 -25.72 26.56 -2.53
CA ILE D 141 -26.47 26.95 -3.72
C ILE D 141 -25.98 26.16 -4.91
N THR D 142 -26.62 25.03 -5.15
CA THR D 142 -26.28 24.25 -6.31
C THR D 142 -27.17 24.68 -7.50
N ASP D 143 -27.42 25.98 -7.54
CA ASP D 143 -28.10 26.65 -8.65
C ASP D 143 -27.08 27.24 -9.60
N PHE D 144 -27.43 27.33 -10.86
CA PHE D 144 -26.66 28.14 -11.79
C PHE D 144 -27.55 28.94 -12.72
N GLN D 145 -26.92 29.84 -13.42
CA GLN D 145 -27.55 30.75 -14.35
C GLN D 145 -26.48 31.20 -15.31
N ILE D 146 -26.75 31.28 -16.60
CA ILE D 146 -25.68 31.65 -17.50
C ILE D 146 -25.75 33.15 -17.82
N LEU D 147 -24.76 33.87 -17.32
CA LEU D 147 -24.64 35.29 -17.62
C LEU D 147 -23.37 35.58 -18.41
N GLU D 148 -23.53 36.16 -19.58
CA GLU D 148 -22.40 36.50 -20.41
C GLU D 148 -21.84 37.88 -20.03
N ASN D 149 -20.57 38.10 -20.30
CA ASN D 149 -19.97 39.40 -20.12
C ASN D 149 -20.10 40.22 -21.40
N GLN D 150 -19.79 41.49 -21.34
CA GLN D 150 -19.94 42.36 -22.50
C GLN D 150 -18.85 42.08 -23.53
N ALA D 151 -17.60 42.15 -23.07
CA ALA D 151 -16.45 41.90 -23.93
C ALA D 151 -15.21 41.70 -23.08
N ASN A 1 11.67 -1.24 32.82
CA ASN A 1 10.72 -2.16 32.16
C ASN A 1 10.98 -3.58 32.66
N VAL A 2 10.30 -4.56 32.11
CA VAL A 2 10.57 -5.94 32.47
C VAL A 2 11.57 -6.52 31.49
N LYS A 3 12.69 -6.96 32.01
CA LYS A 3 13.72 -7.57 31.19
C LYS A 3 13.68 -9.07 31.34
N TYR A 4 14.00 -9.77 30.27
CA TYR A 4 14.18 -11.20 30.35
C TYR A 4 15.66 -11.44 30.40
N ASN A 5 16.14 -11.89 31.53
CA ASN A 5 17.56 -11.85 31.82
C ASN A 5 18.18 -13.20 31.55
N PHE A 6 19.36 -13.17 30.97
CA PHE A 6 20.01 -14.40 30.54
C PHE A 6 20.30 -15.28 31.74
N MET A 7 19.90 -16.53 31.60
CA MET A 7 19.92 -17.49 32.69
C MET A 7 21.22 -18.27 32.70
N ARG A 8 21.49 -19.07 31.66
CA ARG A 8 22.74 -19.81 31.64
C ARG A 8 23.11 -20.27 30.24
N ILE A 9 24.43 -20.33 30.02
CA ILE A 9 25.02 -20.82 28.79
C ILE A 9 25.10 -22.34 28.80
N ILE A 10 24.41 -22.96 27.86
CA ILE A 10 24.42 -24.39 27.72
C ILE A 10 25.60 -24.77 26.82
N LYS A 11 25.32 -25.54 25.80
CA LYS A 11 26.37 -26.12 24.98
C LYS A 11 26.45 -25.35 23.69
N TYR A 12 27.56 -25.47 22.98
CA TYR A 12 27.80 -24.59 21.85
C TYR A 12 28.53 -25.30 20.73
N GLU A 13 28.31 -24.79 19.53
CA GLU A 13 28.86 -25.34 18.28
C GLU A 13 28.58 -26.83 18.14
N PHE A 14 27.47 -27.28 18.72
CA PHE A 14 27.00 -28.64 18.55
C PHE A 14 25.81 -28.65 17.59
N ILE A 15 25.71 -29.69 16.77
CA ILE A 15 24.68 -29.73 15.75
C ILE A 15 23.60 -30.76 16.07
N LEU A 16 22.37 -30.36 15.80
CA LEU A 16 21.22 -31.20 16.01
C LEU A 16 20.74 -31.80 14.69
N ASN A 17 20.44 -33.08 14.74
CA ASN A 17 19.91 -33.84 13.62
C ASN A 17 18.62 -34.49 14.08
N ASP A 18 17.68 -34.63 13.19
CA ASP A 18 16.33 -35.06 13.54
C ASP A 18 16.18 -36.56 13.37
N ALA A 19 14.98 -37.09 13.57
CA ALA A 19 14.74 -38.52 13.40
C ALA A 19 14.97 -38.98 11.95
N LEU A 20 15.00 -38.03 11.01
CA LEU A 20 15.33 -38.33 9.62
C LEU A 20 16.84 -38.51 9.55
N ASN A 21 17.47 -37.98 10.59
CA ASN A 21 18.90 -37.96 10.72
C ASN A 21 19.51 -37.15 9.60
N GLN A 22 19.37 -35.85 9.72
CA GLN A 22 19.92 -34.92 8.75
C GLN A 22 20.55 -33.75 9.47
N SER A 23 21.80 -33.51 9.18
CA SER A 23 22.50 -32.39 9.77
C SER A 23 21.95 -31.09 9.24
N ILE A 24 21.69 -30.17 10.14
CA ILE A 24 21.17 -28.88 9.71
C ILE A 24 22.27 -28.10 8.99
N ILE A 25 22.28 -28.18 7.67
CA ILE A 25 23.40 -27.69 6.89
C ILE A 25 23.13 -26.28 6.38
N ARG A 26 24.19 -25.50 6.27
CA ARG A 26 24.08 -24.11 5.87
C ARG A 26 24.04 -24.00 4.35
N ALA A 27 22.89 -23.63 3.80
CA ALA A 27 22.77 -23.41 2.37
C ALA A 27 22.95 -21.93 2.07
N ASN A 28 22.40 -21.11 2.95
CA ASN A 28 22.47 -19.65 2.83
C ASN A 28 22.31 -19.00 4.20
N ASP A 29 22.48 -17.68 4.27
CA ASP A 29 22.35 -16.94 5.53
C ASP A 29 20.89 -16.56 5.80
N GLN A 30 19.97 -17.26 5.13
CA GLN A 30 18.54 -17.02 5.29
C GLN A 30 17.77 -18.33 5.07
N TYR A 31 18.37 -19.22 4.27
CA TYR A 31 17.76 -20.52 3.96
C TYR A 31 18.69 -21.66 4.36
N LEU A 32 18.14 -22.65 5.07
CA LEU A 32 18.91 -23.81 5.50
C LEU A 32 18.15 -25.09 5.19
N THR A 33 18.87 -26.07 4.65
CA THR A 33 18.30 -27.35 4.28
C THR A 33 18.98 -28.45 5.09
N ALA A 34 18.22 -29.45 5.49
CA ALA A 34 18.77 -30.54 6.27
C ALA A 34 19.30 -31.63 5.35
N ALA A 35 20.56 -31.98 5.55
CA ALA A 35 21.21 -33.03 4.81
C ALA A 35 22.33 -33.60 5.64
N ALA A 36 22.53 -34.90 5.60
CA ALA A 36 23.59 -35.53 6.38
C ALA A 36 24.93 -34.92 6.01
N LEU A 37 25.69 -34.48 7.02
CA LEU A 37 26.94 -33.79 6.76
C LEU A 37 27.95 -34.71 6.10
N HIS A 38 28.80 -34.12 5.29
CA HIS A 38 29.82 -34.85 4.59
C HIS A 38 31.10 -34.04 4.54
N ASN A 39 30.99 -32.74 4.82
CA ASN A 39 32.17 -31.91 5.05
C ASN A 39 32.32 -31.62 6.55
N LEU A 40 31.34 -32.11 7.34
CA LEU A 40 31.33 -31.97 8.80
C LEU A 40 31.26 -30.53 9.26
N ASP A 41 32.31 -29.76 9.03
CA ASP A 41 32.24 -28.32 9.24
C ASP A 41 31.55 -27.75 8.01
N GLU A 42 30.26 -28.01 7.99
CA GLU A 42 29.42 -27.75 6.83
C GLU A 42 28.03 -27.34 7.29
N ALA A 43 27.62 -27.92 8.40
CA ALA A 43 26.39 -27.57 9.05
C ALA A 43 26.62 -26.36 9.95
N VAL A 44 25.56 -25.64 10.26
CA VAL A 44 25.66 -24.46 11.07
C VAL A 44 25.77 -24.86 12.51
N LYS A 45 26.76 -24.32 13.20
CA LYS A 45 26.99 -24.74 14.56
C LYS A 45 26.27 -23.80 15.47
N PHE A 46 25.33 -24.37 16.19
CA PHE A 46 24.50 -23.57 17.06
C PHE A 46 24.96 -23.68 18.50
N ASP A 47 24.53 -22.70 19.25
CA ASP A 47 24.81 -22.57 20.65
C ASP A 47 23.58 -22.06 21.34
N MET A 48 23.33 -22.58 22.52
CA MET A 48 22.12 -22.26 23.23
C MET A 48 22.41 -21.28 24.35
N GLY A 49 21.59 -20.25 24.41
CA GLY A 49 21.68 -19.28 25.46
C GLY A 49 20.31 -18.99 26.02
N ALA A 50 20.11 -19.31 27.28
CA ALA A 50 18.78 -19.28 27.85
C ALA A 50 18.46 -17.89 28.36
N TYR A 51 17.20 -17.54 28.31
CA TYR A 51 16.74 -16.26 28.82
C TYR A 51 15.63 -16.58 29.79
N LYS A 52 15.28 -15.67 30.67
CA LYS A 52 14.28 -16.02 31.64
C LYS A 52 13.24 -14.93 31.81
N SER A 53 12.01 -15.34 31.56
CA SER A 53 10.81 -14.63 31.95
C SER A 53 9.83 -15.72 32.35
N SER A 54 8.81 -15.41 33.13
CA SER A 54 7.85 -16.43 33.49
C SER A 54 6.74 -16.49 32.46
N LYS A 55 7.14 -16.46 31.20
CA LYS A 55 6.20 -16.61 30.10
C LYS A 55 6.58 -17.76 29.19
N ASP A 56 7.19 -18.82 29.73
CA ASP A 56 7.50 -19.98 28.90
C ASP A 56 6.25 -20.85 28.75
N ASP A 57 6.38 -22.13 29.05
CA ASP A 57 5.23 -22.94 29.45
C ASP A 57 5.56 -23.67 30.75
N ALA A 58 6.28 -24.78 30.60
CA ALA A 58 6.80 -25.55 31.73
C ALA A 58 8.29 -25.85 31.54
N LYS A 59 8.95 -25.09 30.67
CA LYS A 59 10.30 -25.40 30.18
C LYS A 59 11.05 -24.12 29.90
N ILE A 60 12.35 -24.15 30.09
CA ILE A 60 13.17 -22.95 30.05
C ILE A 60 13.70 -22.77 28.66
N THR A 61 13.87 -21.53 28.25
CA THR A 61 13.97 -21.20 26.86
C THR A 61 15.32 -20.61 26.52
N VAL A 62 15.88 -21.03 25.39
CA VAL A 62 17.20 -20.59 24.97
C VAL A 62 17.15 -20.09 23.53
N ILE A 63 18.19 -19.37 23.11
CA ILE A 63 18.25 -18.83 21.77
C ILE A 63 19.27 -19.60 20.97
N LEU A 64 18.93 -19.97 19.76
CA LEU A 64 19.83 -20.75 18.93
C LEU A 64 20.52 -19.87 17.90
N ARG A 65 21.84 -19.80 18.05
CA ARG A 65 22.68 -18.92 17.28
C ARG A 65 23.91 -19.66 16.79
N ILE A 66 24.49 -19.22 15.69
CA ILE A 66 25.70 -19.85 15.20
C ILE A 66 26.88 -19.27 15.97
N SER A 67 27.69 -20.15 16.53
CA SER A 67 28.74 -19.76 17.49
C SER A 67 29.58 -18.57 17.03
N LYS A 68 29.70 -18.35 15.72
CA LYS A 68 30.54 -17.29 15.21
C LYS A 68 29.76 -15.98 15.07
N THR A 69 28.65 -16.02 14.33
CA THR A 69 27.84 -14.83 14.13
C THR A 69 26.49 -15.00 14.78
N GLN A 70 25.71 -13.96 14.89
CA GLN A 70 24.48 -14.13 15.62
C GLN A 70 23.33 -14.32 14.65
N LEU A 71 23.29 -15.53 14.11
CA LEU A 71 22.25 -15.95 13.18
C LEU A 71 21.24 -16.81 13.94
N TYR A 72 20.07 -16.25 14.20
CA TYR A 72 19.06 -16.96 14.97
C TYR A 72 18.02 -17.52 14.02
N VAL A 73 17.49 -18.68 14.30
CA VAL A 73 16.34 -19.12 13.55
C VAL A 73 15.10 -18.58 14.23
N THR A 74 14.32 -17.82 13.48
CA THR A 74 13.09 -17.23 14.00
C THR A 74 11.86 -17.96 13.47
N ALA A 75 10.75 -17.83 14.19
CA ALA A 75 9.49 -18.45 13.79
C ALA A 75 8.67 -17.48 12.96
N GLN A 76 8.28 -17.92 11.77
CA GLN A 76 7.50 -17.08 10.86
C GLN A 76 6.00 -17.31 11.05
N ASP A 77 5.48 -18.37 10.43
CA ASP A 77 4.06 -18.70 10.53
C ASP A 77 3.81 -20.15 10.13
N GLU A 78 4.02 -21.06 11.08
CA GLU A 78 3.85 -22.50 10.87
C GLU A 78 4.68 -22.95 9.67
N ASP A 79 4.05 -23.68 8.74
CA ASP A 79 4.72 -24.17 7.53
C ASP A 79 5.22 -23.01 6.64
N GLN A 80 6.38 -22.49 7.01
CA GLN A 80 7.03 -21.39 6.29
C GLN A 80 8.50 -21.43 6.68
N PRO A 81 9.40 -21.42 5.69
CA PRO A 81 10.85 -21.51 5.93
C PRO A 81 11.41 -20.51 6.95
N VAL A 82 12.10 -21.07 7.95
CA VAL A 82 12.78 -20.31 8.98
C VAL A 82 13.65 -19.22 8.40
N LEU A 83 13.56 -18.03 8.98
CA LEU A 83 14.34 -16.89 8.53
C LEU A 83 15.53 -16.66 9.44
N LEU A 84 16.73 -16.88 8.91
CA LEU A 84 17.96 -16.70 9.66
C LEU A 84 18.31 -15.21 9.77
N LYS A 85 18.20 -14.68 10.99
CA LYS A 85 18.48 -13.26 11.24
C LYS A 85 19.87 -13.05 11.79
N GLU A 86 20.56 -12.03 11.29
CA GLU A 86 21.91 -11.73 11.74
C GLU A 86 22.00 -10.34 12.37
N MET A 87 22.08 -10.32 13.70
CA MET A 87 22.18 -9.06 14.45
C MET A 87 23.48 -9.06 15.26
N PRO A 88 24.43 -8.17 14.91
CA PRO A 88 25.73 -8.06 15.58
C PRO A 88 25.64 -7.99 17.11
N GLU A 89 26.43 -8.87 17.75
CA GLU A 89 26.50 -8.97 19.22
C GLU A 89 25.21 -9.49 19.85
N ILE A 90 25.37 -10.42 20.79
CA ILE A 90 24.27 -11.02 21.53
C ILE A 90 23.70 -10.08 22.59
N PRO A 91 22.38 -9.88 22.59
CA PRO A 91 21.70 -9.08 23.61
C PRO A 91 21.80 -9.73 24.99
N LYS A 92 21.91 -8.90 26.01
CA LYS A 92 22.01 -9.37 27.39
C LYS A 92 20.64 -9.24 28.07
N THR A 93 19.84 -8.36 27.52
CA THR A 93 18.52 -8.05 28.03
C THR A 93 17.52 -8.14 26.90
N ILE A 94 16.56 -9.03 27.05
CA ILE A 94 15.68 -9.41 25.97
C ILE A 94 14.36 -8.67 26.09
N THR A 95 13.93 -8.05 24.98
CA THR A 95 12.68 -7.29 24.95
C THR A 95 11.60 -8.02 24.15
N GLY A 96 10.54 -7.29 23.80
CA GLY A 96 9.46 -7.87 23.02
C GLY A 96 9.65 -7.67 21.53
N SER A 97 10.88 -7.88 21.07
CA SER A 97 11.21 -7.72 19.67
C SER A 97 11.76 -9.03 19.11
N GLU A 98 12.51 -9.73 19.96
CA GLU A 98 13.10 -11.01 19.58
C GLU A 98 12.32 -12.15 20.22
N THR A 99 11.04 -12.24 19.89
CA THR A 99 10.17 -13.28 20.45
C THR A 99 10.01 -14.46 19.48
N ASN A 100 10.64 -14.36 18.32
CA ASN A 100 10.56 -15.40 17.31
C ASN A 100 11.74 -16.37 17.39
N LEU A 101 12.90 -15.85 17.80
CA LEU A 101 14.11 -16.65 17.92
C LEU A 101 14.21 -17.31 19.30
N LEU A 102 13.10 -17.36 20.02
CA LEU A 102 13.08 -17.96 21.36
C LEU A 102 12.58 -19.40 21.25
N PHE A 103 13.10 -20.33 22.05
CA PHE A 103 12.76 -21.72 21.84
C PHE A 103 12.56 -22.49 23.12
N PHE A 104 11.36 -23.03 23.21
CA PHE A 104 10.94 -23.85 24.32
C PHE A 104 11.39 -25.28 24.05
N TRP A 105 12.46 -25.70 24.70
CA TRP A 105 13.02 -27.00 24.40
C TRP A 105 12.55 -28.07 25.38
N GLU A 106 11.80 -29.03 24.85
CA GLU A 106 11.33 -30.15 25.64
C GLU A 106 12.16 -31.38 25.33
N THR A 107 12.99 -31.79 26.28
CA THR A 107 13.91 -32.90 26.07
C THR A 107 13.37 -34.20 26.66
N HIS A 108 13.36 -35.26 25.86
CA HIS A 108 12.93 -36.57 26.32
C HIS A 108 14.03 -37.58 26.12
N GLY A 109 14.77 -37.86 27.18
CA GLY A 109 15.87 -38.81 27.10
C GLY A 109 16.96 -38.37 26.14
N THR A 110 16.91 -38.89 24.92
CA THR A 110 17.89 -38.56 23.91
C THR A 110 17.31 -37.57 22.90
N LYS A 111 16.05 -37.77 22.54
CA LYS A 111 15.39 -36.90 21.59
C LYS A 111 14.92 -35.64 22.27
N ASN A 112 14.66 -34.63 21.49
CA ASN A 112 14.25 -33.34 22.01
C ASN A 112 13.43 -32.59 20.98
N TYR A 113 12.53 -31.76 21.47
CA TYR A 113 11.69 -30.95 20.61
C TYR A 113 12.06 -29.48 20.72
N PHE A 114 11.69 -28.70 19.72
CA PHE A 114 11.89 -27.26 19.73
C PHE A 114 10.57 -26.55 19.46
N THR A 115 9.96 -26.08 20.51
CA THR A 115 8.66 -25.43 20.45
C THR A 115 8.83 -23.91 20.32
N SER A 116 8.04 -23.30 19.44
CA SER A 116 8.07 -21.85 19.28
C SER A 116 7.39 -21.15 20.45
N VAL A 117 8.09 -20.20 21.05
CA VAL A 117 7.54 -19.40 22.14
C VAL A 117 6.61 -18.32 21.58
N ALA A 118 6.79 -17.97 20.31
CA ALA A 118 5.96 -16.95 19.67
C ALA A 118 4.53 -17.48 19.51
N HIS A 119 4.38 -18.50 18.68
CA HIS A 119 3.08 -19.12 18.46
C HIS A 119 3.16 -20.58 18.91
N PRO A 120 2.32 -20.97 19.90
CA PRO A 120 2.34 -22.31 20.52
C PRO A 120 2.26 -23.47 19.54
N ASN A 121 1.39 -23.35 18.54
CA ASN A 121 1.10 -24.45 17.61
C ASN A 121 2.28 -24.70 16.65
N LEU A 122 3.34 -23.92 16.78
CA LEU A 122 4.48 -24.06 15.91
C LEU A 122 5.52 -24.96 16.54
N PHE A 123 6.09 -25.82 15.72
CA PHE A 123 7.09 -26.78 16.11
C PHE A 123 8.07 -26.93 14.94
N ILE A 124 9.33 -27.16 15.21
CA ILE A 124 10.32 -27.15 14.15
C ILE A 124 10.41 -28.52 13.48
N ALA A 125 9.82 -28.61 12.29
CA ALA A 125 9.68 -29.87 11.56
C ALA A 125 10.82 -30.09 10.60
N THR A 126 11.06 -31.35 10.25
CA THR A 126 12.15 -31.68 9.37
C THR A 126 11.66 -32.37 8.11
N LYS A 127 12.12 -31.86 6.99
CA LYS A 127 11.72 -32.33 5.67
C LYS A 127 12.85 -33.15 5.04
N GLN A 128 12.50 -34.07 4.16
CA GLN A 128 13.49 -34.91 3.47
C GLN A 128 14.20 -34.15 2.35
N ASP A 129 13.50 -33.20 1.73
CA ASP A 129 14.05 -32.49 0.57
C ASP A 129 14.06 -30.99 0.73
N TYR A 130 13.10 -30.48 1.52
CA TYR A 130 12.95 -29.04 1.71
C TYR A 130 13.74 -28.51 2.89
N TRP A 131 13.61 -27.21 3.09
CA TRP A 131 14.28 -26.50 4.18
C TRP A 131 13.69 -26.86 5.54
N VAL A 132 14.54 -26.87 6.57
CA VAL A 132 14.08 -27.16 7.91
C VAL A 132 13.22 -26.00 8.40
N CYS A 133 11.92 -26.19 8.40
CA CYS A 133 11.01 -25.12 8.74
C CYS A 133 10.41 -25.30 10.13
N LEU A 134 9.23 -24.75 10.31
CA LEU A 134 8.46 -24.90 11.53
C LEU A 134 7.12 -25.32 11.04
N ALA A 135 6.26 -25.84 11.89
CA ALA A 135 5.05 -26.43 11.40
C ALA A 135 4.07 -26.70 12.50
N GLY A 136 2.88 -27.02 12.08
CA GLY A 136 2.04 -27.83 12.87
C GLY A 136 2.26 -29.18 12.29
N GLY A 137 2.38 -30.15 13.11
CA GLY A 137 2.92 -31.41 12.62
C GLY A 137 1.92 -32.52 12.36
N PRO A 138 1.56 -32.73 11.08
CA PRO A 138 1.13 -34.01 10.54
C PRO A 138 2.27 -34.60 9.68
N PRO A 139 2.38 -35.94 9.67
CA PRO A 139 3.56 -36.77 9.33
C PRO A 139 4.93 -36.11 8.95
N SER A 140 5.12 -34.82 9.17
CA SER A 140 6.43 -34.20 9.13
C SER A 140 7.16 -34.58 10.41
N ILE A 141 8.46 -34.82 10.32
CA ILE A 141 9.20 -35.23 11.49
C ILE A 141 9.62 -34.02 12.30
N THR A 142 8.79 -33.62 13.23
CA THR A 142 9.14 -32.52 14.08
C THR A 142 9.87 -33.06 15.33
N ASP A 143 10.67 -34.09 15.11
CA ASP A 143 11.57 -34.68 16.10
C ASP A 143 12.95 -34.09 15.94
N PHE A 144 13.70 -34.02 17.02
CA PHE A 144 15.12 -33.76 16.92
C PHE A 144 15.91 -34.63 17.88
N GLN A 145 17.21 -34.60 17.68
CA GLN A 145 18.17 -35.37 18.43
C GLN A 145 19.51 -34.65 18.28
N ILE A 146 20.28 -34.51 19.34
CA ILE A 146 21.52 -33.76 19.18
C ILE A 146 22.68 -34.72 18.96
N LEU A 147 23.21 -34.69 17.75
CA LEU A 147 24.40 -35.46 17.42
C LEU A 147 25.58 -34.57 17.07
N GLU A 148 26.66 -34.72 17.81
CA GLU A 148 27.85 -33.93 17.57
C GLU A 148 28.72 -34.59 16.50
N ASN A 149 29.53 -33.79 15.82
CA ASN A 149 30.51 -34.32 14.88
C ASN A 149 31.82 -34.57 15.61
N GLN A 150 32.75 -35.23 14.96
CA GLN A 150 34.02 -35.58 15.58
C GLN A 150 34.90 -34.35 15.71
N ALA A 151 35.13 -33.68 14.58
CA ALA A 151 35.95 -32.48 14.53
C ALA A 151 35.73 -31.75 13.21
N MET B 1 18.13 -14.90 -3.83
CA MET B 1 17.81 -14.40 -2.46
C MET B 1 17.87 -12.88 -2.40
N ALA B 2 18.20 -12.25 -3.53
CA ALA B 2 18.31 -10.80 -3.59
C ALA B 2 17.56 -10.23 -4.80
N ALA B 3 16.54 -9.44 -4.51
CA ALA B 3 15.82 -8.69 -5.53
C ALA B 3 16.73 -7.66 -6.20
N GLU B 4 17.25 -8.00 -7.36
CA GLU B 4 18.01 -7.04 -8.16
C GLU B 4 17.04 -6.05 -8.79
N PRO B 5 17.52 -4.90 -9.35
CA PRO B 5 16.64 -3.83 -9.86
C PRO B 5 15.44 -4.35 -10.64
N LEU B 6 14.31 -3.67 -10.51
CA LEU B 6 13.07 -4.19 -11.00
C LEU B 6 12.40 -3.31 -12.05
N THR B 7 11.29 -3.83 -12.57
CA THR B 7 10.40 -3.12 -13.47
C THR B 7 9.77 -1.91 -12.75
N GLU B 8 8.92 -1.12 -13.41
CA GLU B 8 8.58 0.21 -12.88
C GLU B 8 7.63 0.15 -11.68
N LEU B 9 6.52 -0.57 -11.78
CA LEU B 9 5.63 -0.65 -10.62
C LEU B 9 6.32 -1.36 -9.48
N GLU B 10 7.27 -2.19 -9.85
CA GLU B 10 8.10 -2.86 -8.86
C GLU B 10 9.05 -1.85 -8.26
N GLU B 11 9.59 -0.98 -9.11
CA GLU B 11 10.51 0.05 -8.66
C GLU B 11 9.83 0.83 -7.57
N SER B 12 8.54 1.05 -7.77
CA SER B 12 7.78 1.82 -6.80
C SER B 12 7.49 1.01 -5.52
N ILE B 13 7.13 -0.28 -5.65
CA ILE B 13 6.83 -1.09 -4.46
C ILE B 13 8.07 -1.67 -3.77
N GLU B 14 9.10 -2.05 -4.53
CA GLU B 14 10.38 -2.49 -3.96
C GLU B 14 10.96 -1.40 -3.08
N THR B 15 10.94 -0.19 -3.60
CA THR B 15 11.38 0.99 -2.87
C THR B 15 10.72 1.09 -1.49
N VAL B 16 9.46 0.68 -1.40
CA VAL B 16 8.74 0.68 -0.14
C VAL B 16 9.35 -0.34 0.81
N VAL B 17 9.85 -1.43 0.25
CA VAL B 17 10.38 -2.54 1.02
C VAL B 17 11.69 -2.16 1.68
N THR B 18 12.60 -1.65 0.88
CA THR B 18 13.97 -1.43 1.29
C THR B 18 14.06 -0.52 2.50
N THR B 19 13.30 0.57 2.46
CA THR B 19 13.29 1.52 3.58
C THR B 19 12.75 0.82 4.83
N PHE B 20 11.58 0.26 4.65
CA PHE B 20 10.90 -0.61 5.62
C PHE B 20 11.87 -1.62 6.26
N PHE B 21 12.56 -2.39 5.40
CA PHE B 21 13.48 -3.45 5.82
C PHE B 21 14.65 -2.95 6.64
N THR B 22 15.04 -1.70 6.39
CA THR B 22 16.14 -1.09 7.12
C THR B 22 15.83 -1.05 8.62
N PHE B 23 14.57 -0.83 8.96
CA PHE B 23 14.15 -0.79 10.33
C PHE B 23 13.79 -2.19 10.82
N ALA B 24 13.13 -2.96 9.98
CA ALA B 24 12.78 -4.35 10.31
C ALA B 24 14.02 -5.16 10.67
N ARG B 25 15.13 -4.89 9.97
CA ARG B 25 16.38 -5.61 10.20
C ARG B 25 17.08 -5.19 11.50
N GLN B 26 16.83 -3.96 11.94
CA GLN B 26 17.44 -3.42 13.17
C GLN B 26 17.30 -4.38 14.37
N GLU B 27 16.07 -4.53 14.86
CA GLU B 27 15.81 -5.39 16.01
C GLU B 27 15.45 -6.81 15.56
N GLY B 28 14.82 -7.57 16.47
CA GLY B 28 14.42 -8.94 16.17
C GLY B 28 13.47 -9.03 14.99
N ARG B 29 13.58 -10.14 14.24
CA ARG B 29 12.76 -10.36 13.04
C ARG B 29 13.06 -9.30 11.99
N LYS B 30 14.01 -9.60 11.10
CA LYS B 30 14.43 -8.66 10.05
C LYS B 30 13.36 -8.46 8.98
N ASP B 31 12.23 -9.15 9.12
CA ASP B 31 11.14 -9.04 8.16
C ASP B 31 9.93 -8.31 8.76
N SER B 32 10.07 -7.86 10.01
CA SER B 32 8.97 -7.16 10.68
C SER B 32 9.48 -6.13 11.69
N LEU B 33 8.81 -4.99 11.74
CA LEU B 33 9.17 -3.91 12.68
C LEU B 33 8.43 -4.13 13.98
N SER B 34 9.09 -3.81 15.10
CA SER B 34 8.49 -3.98 16.42
C SER B 34 7.64 -2.77 16.79
N VAL B 35 7.08 -2.78 17.99
CA VAL B 35 6.26 -1.68 18.47
C VAL B 35 7.11 -0.45 18.76
N ASN B 36 8.43 -0.65 18.85
CA ASN B 36 9.35 0.44 19.11
C ASN B 36 9.74 1.14 17.81
N GLU B 37 9.84 0.37 16.73
CA GLU B 37 10.19 0.92 15.42
C GLU B 37 9.00 1.65 14.81
N PHE B 38 7.79 1.23 15.20
CA PHE B 38 6.59 1.85 14.73
C PHE B 38 6.51 3.19 15.40
N LYS B 39 6.73 3.15 16.71
CA LYS B 39 6.71 4.35 17.52
C LYS B 39 7.82 5.30 17.07
N GLU B 40 8.99 4.78 16.73
CA GLU B 40 10.08 5.64 16.26
C GLU B 40 9.70 6.38 14.99
N LEU B 41 9.13 5.67 14.03
CA LEU B 41 8.78 6.27 12.76
C LEU B 41 7.59 7.18 12.92
N VAL B 42 6.63 6.77 13.68
CA VAL B 42 5.41 7.51 13.86
C VAL B 42 5.75 8.84 14.56
N THR B 43 6.50 8.73 15.63
CA THR B 43 7.03 9.89 16.35
C THR B 43 7.99 10.74 15.50
N GLN B 44 9.02 10.09 14.94
CA GLN B 44 10.10 10.77 14.27
C GLN B 44 9.82 11.01 12.78
N GLN B 45 9.45 9.95 12.06
CA GLN B 45 9.30 10.02 10.61
C GLN B 45 7.90 10.49 10.19
N LEU B 46 6.91 10.30 11.03
CA LEU B 46 5.52 10.51 10.62
C LEU B 46 4.88 11.84 11.07
N PRO B 47 5.48 12.69 11.97
CA PRO B 47 4.85 13.97 12.37
C PRO B 47 4.32 14.75 11.18
N HIS B 48 5.04 14.71 10.08
CA HIS B 48 4.63 15.39 8.86
C HIS B 48 3.50 14.61 8.17
N LEU B 49 3.66 13.29 8.11
CA LEU B 49 2.68 12.42 7.45
C LEU B 49 1.46 12.19 8.33
N LEU B 50 1.64 11.33 9.33
CA LEU B 50 0.59 10.96 10.25
C LEU B 50 0.63 11.85 11.47
N LYS B 51 -0.09 12.95 11.34
CA LYS B 51 -0.30 13.93 12.40
C LYS B 51 -1.03 13.33 13.61
N ASP B 52 -0.44 12.32 14.16
CA ASP B 52 -0.93 11.63 15.33
C ASP B 52 0.21 10.80 15.88
N VAL B 53 1.26 11.51 16.25
CA VAL B 53 2.49 10.91 16.71
C VAL B 53 2.37 10.49 18.16
N GLY B 54 1.29 10.90 18.80
CA GLY B 54 1.07 10.54 20.19
C GLY B 54 0.51 9.15 20.32
N SER B 55 -0.80 9.01 20.14
CA SER B 55 -1.49 7.76 20.34
C SER B 55 -1.33 6.80 19.17
N LEU B 56 -0.08 6.49 18.88
CA LEU B 56 0.26 5.46 17.91
C LEU B 56 -0.56 4.20 18.15
N ASP B 57 -0.90 4.01 19.43
CA ASP B 57 -1.60 2.83 19.91
C ASP B 57 -2.75 2.42 19.00
N GLU B 58 -3.67 3.33 18.70
CA GLU B 58 -4.90 2.99 17.98
C GLU B 58 -4.60 2.27 16.66
N LYS B 59 -3.67 2.85 15.92
CA LYS B 59 -3.27 2.34 14.62
C LYS B 59 -2.51 1.05 14.81
N MET B 60 -1.62 1.07 15.80
CA MET B 60 -0.86 -0.11 16.18
C MET B 60 -1.80 -1.28 16.42
N LYS B 61 -2.84 -1.07 17.23
CA LYS B 61 -3.79 -2.12 17.57
C LYS B 61 -4.48 -2.67 16.33
N SER B 62 -4.78 -1.79 15.39
CA SER B 62 -5.48 -2.19 14.16
C SER B 62 -4.60 -3.08 13.29
N LEU B 63 -3.29 -2.84 13.35
CA LEU B 63 -2.31 -3.59 12.58
C LEU B 63 -1.88 -4.84 13.35
N ASP B 64 -1.56 -4.61 14.60
CA ASP B 64 -1.14 -5.63 15.57
C ASP B 64 -2.19 -6.71 15.77
N VAL B 65 -3.42 -6.43 15.28
CA VAL B 65 -4.69 -7.03 15.75
C VAL B 65 -4.61 -8.48 16.28
N ASN B 66 -3.83 -9.34 15.61
CA ASN B 66 -3.73 -10.74 16.01
C ASN B 66 -2.78 -10.92 17.20
N GLN B 67 -2.61 -9.86 17.98
CA GLN B 67 -1.74 -9.82 19.15
C GLN B 67 -0.26 -9.88 18.76
N ASP B 68 -0.01 -9.84 17.45
CA ASP B 68 1.35 -9.84 16.94
C ASP B 68 1.92 -8.43 17.01
N SER B 69 2.95 -8.26 17.83
CA SER B 69 3.59 -6.95 18.00
C SER B 69 4.56 -6.66 16.84
N GLU B 70 4.44 -7.43 15.78
CA GLU B 70 5.31 -7.28 14.61
C GLU B 70 4.53 -6.77 13.41
N LEU B 71 5.02 -5.68 12.80
CA LEU B 71 4.39 -5.15 11.64
C LEU B 71 4.86 -5.89 10.39
N LYS B 72 4.32 -7.10 10.23
CA LYS B 72 4.75 -8.03 9.20
C LYS B 72 4.00 -7.97 7.88
N PHE B 73 4.19 -9.06 7.11
CA PHE B 73 3.63 -9.27 5.79
C PHE B 73 2.16 -8.87 5.68
N ASN B 74 1.96 -7.62 5.26
CA ASN B 74 0.64 -7.05 5.02
C ASN B 74 -0.37 -7.16 6.19
N GLU B 75 0.16 -7.30 7.39
CA GLU B 75 -0.59 -6.84 8.59
C GLU B 75 -0.36 -5.33 8.72
N TYR B 76 0.90 -4.93 8.60
CA TYR B 76 1.30 -3.51 8.58
C TYR B 76 0.52 -2.77 7.52
N TRP B 77 0.39 -3.44 6.38
CA TRP B 77 -0.18 -2.89 5.14
C TRP B 77 -1.35 -1.95 5.34
N ARG B 78 -2.26 -2.26 6.26
CA ARG B 78 -3.39 -1.39 6.48
C ARG B 78 -2.91 0.04 6.65
N LEU B 79 -1.92 0.21 7.53
CA LEU B 79 -1.34 1.52 7.76
C LEU B 79 -0.68 2.03 6.48
N ILE B 80 0.04 1.15 5.79
CA ILE B 80 0.74 1.50 4.56
C ILE B 80 -0.23 2.06 3.53
N GLY B 81 -1.44 1.55 3.55
CA GLY B 81 -2.46 2.04 2.66
C GLY B 81 -3.02 3.33 3.14
N GLU B 82 -3.22 3.40 4.44
CA GLU B 82 -3.63 4.62 5.06
C GLU B 82 -2.57 5.69 4.77
N LEU B 83 -1.31 5.27 4.68
CA LEU B 83 -0.18 6.18 4.43
C LEU B 83 -0.29 6.83 3.06
N ALA B 84 -0.33 5.99 2.02
CA ALA B 84 -0.38 6.48 0.64
C ALA B 84 -1.64 7.28 0.37
N LYS B 85 -2.69 6.99 1.12
CA LYS B 85 -3.93 7.71 1.00
C LYS B 85 -3.82 9.06 1.71
N GLU B 86 -3.34 9.01 2.95
CA GLU B 86 -3.22 10.20 3.79
C GLU B 86 -2.40 11.29 3.12
N ILE B 87 -1.26 10.93 2.54
CA ILE B 87 -0.44 11.89 1.80
C ILE B 87 -1.27 12.61 0.74
N ARG B 88 -2.25 11.91 0.18
CA ARG B 88 -3.06 12.48 -0.87
C ARG B 88 -4.28 13.21 -0.31
N LYS B 89 -5.17 12.53 0.37
CA LYS B 89 -6.38 13.19 0.86
C LYS B 89 -6.31 13.50 2.35
N LYS B 90 -5.13 13.89 2.83
CA LYS B 90 -4.95 14.25 4.25
C LYS B 90 -6.06 15.18 4.73
N LYS B 91 -6.01 16.40 4.23
CA LYS B 91 -7.15 17.31 4.22
C LYS B 91 -7.14 17.97 2.86
N ASP B 92 -6.56 17.26 1.88
CA ASP B 92 -6.47 17.78 0.51
C ASP B 92 -7.83 17.96 -0.17
N LEU B 93 -8.91 17.57 0.52
CA LEU B 93 -10.25 17.74 -0.02
C LEU B 93 -10.52 19.24 -0.18
N LYS B 94 -9.63 20.01 0.43
CA LYS B 94 -9.64 21.46 0.38
C LYS B 94 -8.23 21.97 0.06
N ILE B 95 -7.21 21.37 0.71
CA ILE B 95 -5.79 21.72 0.50
C ILE B 95 -4.87 21.10 1.58
N ARG B 96 -3.71 20.55 1.16
CA ARG B 96 -2.73 19.98 2.10
C ARG B 96 -1.32 19.86 1.48
N LYS B 97 -1.22 20.08 0.17
CA LYS B 97 0.07 20.10 -0.52
C LYS B 97 0.24 21.49 -1.11
N LYS B 98 1.39 22.15 -0.91
CA LYS B 98 1.50 23.53 -1.38
C LYS B 98 2.95 23.99 -1.38
N MET C 1 1.59 24.17 -4.77
CA MET C 1 0.85 22.89 -4.98
C MET C 1 1.80 21.80 -5.46
N ALA C 2 3.04 21.82 -4.97
CA ALA C 2 4.04 20.84 -5.37
C ALA C 2 4.78 20.27 -4.18
N ALA C 3 4.62 18.97 -3.98
CA ALA C 3 5.37 18.20 -3.00
C ALA C 3 6.86 18.18 -3.35
N GLU C 4 7.63 19.04 -2.69
CA GLU C 4 9.07 19.02 -2.83
C GLU C 4 9.62 17.84 -2.03
N PRO C 5 10.90 17.43 -2.24
CA PRO C 5 11.47 16.22 -1.62
C PRO C 5 11.06 16.03 -0.17
N LEU C 6 10.86 14.79 0.24
CA LEU C 6 10.26 14.50 1.50
C LEU C 6 11.13 13.70 2.45
N THR C 7 10.60 13.50 3.65
CA THR C 7 11.18 12.63 4.67
C THR C 7 11.18 11.17 4.18
N GLU C 8 11.68 10.22 4.96
CA GLU C 8 12.02 8.91 4.41
C GLU C 8 10.78 8.04 4.11
N LEU C 9 9.88 7.87 5.06
CA LEU C 9 8.69 7.08 4.76
C LEU C 9 7.86 7.77 3.70
N GLU C 10 8.01 9.08 3.62
CA GLU C 10 7.39 9.85 2.56
C GLU C 10 8.10 9.56 1.27
N GLU C 11 9.42 9.48 1.33
CA GLU C 11 10.23 9.19 0.15
C GLU C 11 9.71 7.92 -0.46
N SER C 12 9.36 6.99 0.42
CA SER C 12 8.86 5.71 -0.06
C SER C 12 7.43 5.81 -0.61
N ILE C 13 6.53 6.55 0.06
CA ILE C 13 5.15 6.65 -0.42
C ILE C 13 4.96 7.70 -1.54
N GLU C 14 5.67 8.82 -1.49
CA GLU C 14 5.66 9.81 -2.57
C GLU C 14 6.07 9.16 -3.89
N THR C 15 7.15 8.39 -3.81
CA THR C 15 7.64 7.62 -4.95
C THR C 15 6.52 6.79 -5.61
N VAL C 16 5.61 6.27 -4.79
CA VAL C 16 4.49 5.50 -5.28
C VAL C 16 3.55 6.40 -6.08
N VAL C 17 3.47 7.66 -5.67
CA VAL C 17 2.55 8.61 -6.27
C VAL C 17 3.00 9.00 -7.66
N THR C 18 4.25 9.39 -7.76
CA THR C 18 4.78 10.01 -8.96
C THR C 18 4.65 9.09 -10.17
N THR C 19 4.98 7.82 -9.97
CA THR C 19 4.87 6.85 -11.06
C THR C 19 3.41 6.73 -11.47
N PHE C 20 2.61 6.43 -10.46
CA PHE C 20 1.15 6.39 -10.54
C PHE C 20 0.57 7.58 -11.32
N PHE C 21 0.94 8.80 -10.89
CA PHE C 21 0.43 10.05 -11.49
C PHE C 21 0.84 10.22 -12.94
N THR C 22 2.02 9.71 -13.29
CA THR C 22 2.49 9.78 -14.66
C THR C 22 1.49 9.11 -15.61
N PHE C 23 0.88 8.03 -15.15
CA PHE C 23 -0.11 7.32 -15.95
C PHE C 23 -1.50 7.91 -15.75
N ALA C 24 -1.82 8.25 -14.51
CA ALA C 24 -3.09 8.89 -14.18
C ALA C 24 -3.31 10.17 -14.99
N ARG C 25 -2.24 10.93 -15.23
CA ARG C 25 -2.35 12.18 -15.99
C ARG C 25 -2.37 11.95 -17.51
N GLN C 26 -1.88 10.79 -17.95
CA GLN C 26 -1.82 10.47 -19.38
C GLN C 26 -3.20 10.55 -20.05
N GLU C 27 -4.08 9.62 -19.70
CA GLU C 27 -5.43 9.58 -20.28
C GLU C 27 -6.42 10.42 -19.47
N GLY C 28 -7.72 10.23 -19.76
CA GLY C 28 -8.76 10.98 -19.06
C GLY C 28 -8.68 10.84 -17.55
N ARG C 29 -9.02 11.92 -16.84
CA ARG C 29 -8.96 11.96 -15.38
C ARG C 29 -7.51 11.82 -14.91
N LYS C 30 -6.86 12.97 -14.70
CA LYS C 30 -5.45 12.98 -14.31
C LYS C 30 -5.25 12.62 -12.83
N ASP C 31 -6.30 12.11 -12.19
CA ASP C 31 -6.22 11.73 -10.79
C ASP C 31 -6.45 10.23 -10.61
N SER C 32 -6.91 9.56 -11.65
CA SER C 32 -7.17 8.13 -11.57
C SER C 32 -6.85 7.42 -12.89
N LEU C 33 -6.47 6.16 -12.78
CA LEU C 33 -6.13 5.34 -13.96
C LEU C 33 -7.38 4.60 -14.42
N SER C 34 -7.53 4.43 -15.73
CA SER C 34 -8.69 3.75 -16.28
C SER C 34 -8.44 2.24 -16.39
N VAL C 35 -9.41 1.52 -16.99
CA VAL C 35 -9.30 0.08 -17.16
C VAL C 35 -8.24 -0.28 -18.21
N ASN C 36 -7.96 0.66 -19.12
CA ASN C 36 -6.97 0.43 -20.16
C ASN C 36 -5.56 0.61 -19.61
N GLU C 37 -5.40 1.50 -18.62
CA GLU C 37 -4.09 1.75 -18.01
C GLU C 37 -3.72 0.62 -17.05
N PHE C 38 -4.75 0.03 -16.44
CA PHE C 38 -4.60 -1.06 -15.53
C PHE C 38 -4.15 -2.24 -16.35
N LYS C 39 -4.86 -2.45 -17.44
CA LYS C 39 -4.55 -3.52 -18.36
C LYS C 39 -3.15 -3.34 -18.95
N GLU C 40 -2.78 -2.08 -19.27
CA GLU C 40 -1.43 -1.84 -19.81
C GLU C 40 -0.35 -2.24 -18.82
N LEU C 41 -0.51 -1.86 -17.56
CA LEU C 41 0.49 -2.14 -16.57
C LEU C 41 0.49 -3.60 -16.21
N VAL C 42 -0.69 -4.17 -16.09
CA VAL C 42 -0.84 -5.54 -15.69
C VAL C 42 -0.22 -6.43 -16.77
N THR C 43 -0.60 -6.17 -18.00
CA THR C 43 -0.03 -6.84 -19.17
C THR C 43 1.48 -6.55 -19.33
N GLN C 44 1.84 -5.27 -19.37
CA GLN C 44 3.18 -4.84 -19.71
C GLN C 44 4.10 -4.77 -18.48
N GLN C 45 3.66 -4.08 -17.43
CA GLN C 45 4.51 -3.81 -16.27
C GLN C 45 4.46 -4.95 -15.25
N LEU C 46 3.38 -5.69 -15.21
CA LEU C 46 3.14 -6.64 -14.13
C LEU C 46 3.48 -8.11 -14.43
N PRO C 47 3.76 -8.57 -15.69
CA PRO C 47 4.09 -9.98 -15.95
C PRO C 47 5.09 -10.56 -14.95
N HIS C 48 6.05 -9.72 -14.56
CA HIS C 48 7.04 -10.12 -13.57
C HIS C 48 6.44 -10.13 -12.18
N LEU C 49 5.66 -9.08 -11.86
CA LEU C 49 5.04 -8.95 -10.55
C LEU C 49 3.81 -9.83 -10.40
N LEU C 50 2.73 -9.40 -11.03
CA LEU C 50 1.46 -10.10 -10.98
C LEU C 50 1.35 -11.04 -12.16
N LYS C 51 1.83 -12.24 -11.92
CA LYS C 51 1.75 -13.36 -12.85
C LYS C 51 0.31 -13.76 -13.15
N ASP C 52 -0.43 -12.82 -13.64
CA ASP C 52 -1.81 -13.00 -14.04
C ASP C 52 -2.18 -11.83 -14.92
N VAL C 53 -1.46 -11.74 -16.02
CA VAL C 53 -1.59 -10.63 -16.96
C VAL C 53 -2.80 -10.83 -17.86
N GLY C 54 -3.39 -12.02 -17.80
CA GLY C 54 -4.55 -12.30 -18.60
C GLY C 54 -5.82 -11.74 -18.00
N SER C 55 -6.37 -12.46 -17.03
CA SER C 55 -7.64 -12.10 -16.42
C SER C 55 -7.50 -10.99 -15.39
N LEU C 56 -6.98 -9.86 -15.84
CA LEU C 56 -6.92 -8.64 -15.04
C LEU C 56 -8.28 -8.38 -14.39
N ASP C 57 -9.31 -8.83 -15.08
CA ASP C 57 -10.71 -8.61 -14.70
C ASP C 57 -10.94 -8.82 -13.21
N GLU C 58 -10.56 -9.98 -12.69
CA GLU C 58 -10.92 -10.33 -11.30
C GLU C 58 -10.47 -9.26 -10.31
N LYS C 59 -9.22 -8.85 -10.46
CA LYS C 59 -8.61 -7.87 -9.61
C LYS C 59 -9.24 -6.52 -9.86
N MET C 60 -9.42 -6.22 -11.14
CA MET C 60 -10.08 -5.01 -11.57
C MET C 60 -11.43 -4.89 -10.86
N LYS C 61 -12.25 -5.94 -10.91
CA LYS C 61 -13.57 -5.93 -10.30
C LYS C 61 -13.50 -5.65 -8.80
N SER C 62 -12.49 -6.20 -8.15
CA SER C 62 -12.33 -6.04 -6.71
C SER C 62 -12.01 -4.58 -6.35
N LEU C 63 -11.30 -3.91 -7.24
CA LEU C 63 -10.90 -2.51 -7.06
C LEU C 63 -11.99 -1.58 -7.56
N ASP C 64 -12.45 -1.88 -8.77
CA ASP C 64 -13.53 -1.17 -9.47
C ASP C 64 -14.84 -1.16 -8.69
N VAL C 65 -14.90 -2.02 -7.65
CA VAL C 65 -16.15 -2.58 -7.07
C VAL C 65 -17.40 -1.67 -7.12
N ASN C 66 -17.22 -0.37 -7.01
CA ASN C 66 -18.35 0.55 -7.08
C ASN C 66 -18.74 0.86 -8.53
N GLN C 67 -18.22 0.07 -9.49
CA GLN C 67 -18.49 0.27 -10.92
C GLN C 67 -17.94 1.63 -11.24
N ASP C 68 -16.73 1.82 -10.72
CA ASP C 68 -15.94 3.01 -10.91
C ASP C 68 -14.64 2.58 -11.59
N SER C 69 -14.60 2.71 -12.91
CA SER C 69 -13.41 2.31 -13.70
C SER C 69 -12.15 3.01 -13.21
N GLU C 70 -12.34 4.16 -12.58
CA GLU C 70 -11.23 4.95 -12.07
C GLU C 70 -10.67 4.36 -10.79
N LEU C 71 -9.39 3.97 -10.85
CA LEU C 71 -8.69 3.43 -9.74
C LEU C 71 -8.20 4.56 -8.83
N LYS C 72 -9.16 5.09 -8.08
CA LYS C 72 -8.97 6.29 -7.25
C LYS C 72 -8.43 6.05 -5.85
N PHE C 73 -8.58 7.11 -5.04
CA PHE C 73 -8.12 7.19 -3.66
C PHE C 73 -8.40 5.94 -2.85
N ASN C 74 -7.39 5.07 -2.77
CA ASN C 74 -7.45 3.85 -1.98
C ASN C 74 -8.66 2.93 -2.25
N GLU C 75 -9.25 3.06 -3.42
CA GLU C 75 -9.97 1.92 -4.03
C GLU C 75 -8.96 1.01 -4.70
N TYR C 76 -8.04 1.62 -5.45
CA TYR C 76 -6.90 0.93 -6.06
C TYR C 76 -6.12 0.17 -5.01
N TRP C 77 -5.95 0.84 -3.89
CA TRP C 77 -5.11 0.41 -2.76
C TRP C 77 -5.12 -1.07 -2.50
N ARG C 78 -6.28 -1.72 -2.58
CA ARG C 78 -6.33 -3.14 -2.32
C ARG C 78 -5.26 -3.84 -3.13
N LEU C 79 -5.23 -3.54 -4.43
CA LEU C 79 -4.22 -4.10 -5.32
C LEU C 79 -2.83 -3.66 -4.88
N ILE C 80 -2.70 -2.38 -4.53
CA ILE C 80 -1.41 -1.82 -4.11
C ILE C 80 -0.86 -2.59 -2.92
N GLY C 81 -1.75 -3.06 -2.07
CA GLY C 81 -1.34 -3.85 -0.94
C GLY C 81 -1.03 -5.24 -1.34
N GLU C 82 -1.84 -5.77 -2.23
CA GLU C 82 -1.56 -7.06 -2.80
C GLU C 82 -0.20 -7.00 -3.50
N LEU C 83 0.13 -5.83 -4.06
CA LEU C 83 1.38 -5.61 -4.78
C LEU C 83 2.59 -5.78 -3.86
N ALA C 84 2.63 -4.96 -2.81
CA ALA C 84 3.75 -4.95 -1.88
C ALA C 84 3.88 -6.29 -1.16
N LYS C 85 2.78 -6.99 -1.03
CA LYS C 85 2.79 -8.30 -0.42
C LYS C 85 3.30 -9.34 -1.39
N GLU C 86 2.76 -9.31 -2.61
CA GLU C 86 3.11 -10.27 -3.66
C GLU C 86 4.61 -10.28 -3.93
N ILE C 87 5.21 -9.11 -4.05
CA ILE C 87 6.66 -9.03 -4.25
C ILE C 87 7.41 -9.79 -3.16
N ARG C 88 6.84 -9.83 -1.96
CA ARG C 88 7.47 -10.49 -0.85
C ARG C 88 7.18 -11.99 -0.83
N LYS C 89 5.93 -12.38 -0.66
CA LYS C 89 5.62 -13.81 -0.56
C LYS C 89 5.01 -14.35 -1.84
N LYS C 90 5.49 -13.88 -2.99
CA LYS C 90 4.99 -14.34 -4.30
C LYS C 90 4.93 -15.87 -4.34
N LYS C 91 6.10 -16.46 -4.38
CA LYS C 91 6.29 -17.86 -4.04
C LYS C 91 7.56 -17.91 -3.20
N ASP C 92 7.91 -16.76 -2.63
CA ASP C 92 9.15 -16.64 -1.84
C ASP C 92 9.15 -17.44 -0.54
N LEU C 93 8.26 -18.42 -0.40
CA LEU C 93 8.27 -19.27 0.78
C LEU C 93 9.19 -20.46 0.49
N LYS C 94 10.08 -20.24 -0.46
CA LYS C 94 11.07 -21.22 -0.89
C LYS C 94 12.17 -20.52 -1.69
N ILE C 95 11.76 -19.65 -2.64
CA ILE C 95 12.70 -18.87 -3.46
C ILE C 95 11.96 -18.10 -4.56
N ARG C 96 12.25 -16.79 -4.68
CA ARG C 96 11.64 -15.93 -5.70
C ARG C 96 12.60 -14.79 -6.08
N LYS C 97 12.89 -13.88 -5.13
CA LYS C 97 13.87 -12.81 -5.39
C LYS C 97 15.20 -13.51 -5.66
N LYS C 98 15.90 -13.18 -6.75
CA LYS C 98 17.09 -13.92 -7.10
C LYS C 98 17.82 -13.23 -8.24
N ASN D 1 -16.44 -1.42 -29.93
CA ASN D 1 -16.98 -1.17 -28.57
C ASN D 1 -18.14 -0.19 -28.69
N VAL D 2 -18.70 0.25 -27.57
CA VAL D 2 -19.75 1.25 -27.62
C VAL D 2 -19.11 2.61 -27.44
N LYS D 3 -19.31 3.47 -28.42
CA LYS D 3 -18.79 4.82 -28.35
C LYS D 3 -19.91 5.78 -28.01
N TYR D 4 -19.55 6.83 -27.29
CA TYR D 4 -20.49 7.90 -27.05
C TYR D 4 -20.10 9.01 -28.00
N ASN D 5 -20.95 9.25 -28.97
CA ASN D 5 -20.57 10.04 -30.13
C ASN D 5 -21.05 11.46 -29.97
N PHE D 6 -20.20 12.39 -30.35
CA PHE D 6 -20.49 13.80 -30.14
C PHE D 6 -21.74 14.19 -30.91
N MET D 7 -22.64 14.85 -30.19
CA MET D 7 -23.96 15.16 -30.67
C MET D 7 -23.99 16.53 -31.33
N ARG D 8 -23.74 17.60 -30.56
CA ARG D 8 -23.75 18.93 -31.18
C ARG D 8 -23.01 19.95 -30.33
N ILE D 9 -22.40 20.90 -31.04
CA ILE D 9 -21.70 22.03 -30.44
C ILE D 9 -22.69 23.13 -30.06
N ILE D 10 -22.75 23.43 -28.78
CA ILE D 10 -23.61 24.48 -28.28
C ILE D 10 -22.84 25.80 -28.34
N LYS D 11 -22.79 26.49 -27.23
CA LYS D 11 -22.25 27.82 -27.19
C LYS D 11 -20.87 27.77 -26.58
N TYR D 12 -20.07 28.80 -26.79
CA TYR D 12 -18.67 28.73 -26.43
C TYR D 12 -18.15 30.06 -25.94
N GLU D 13 -17.12 29.96 -25.11
CA GLU D 13 -16.47 31.11 -24.45
C GLU D 13 -17.47 32.00 -23.74
N PHE D 14 -18.56 31.41 -23.28
CA PHE D 14 -19.53 32.10 -22.46
C PHE D 14 -19.38 31.67 -21.01
N ILE D 15 -19.57 32.61 -20.09
CA ILE D 15 -19.34 32.32 -18.68
C ILE D 15 -20.64 32.22 -17.88
N LEU D 16 -20.67 31.26 -16.99
CA LEU D 16 -21.81 31.02 -16.13
C LEU D 16 -21.54 31.56 -14.73
N ASN D 17 -22.53 32.25 -14.21
CA ASN D 17 -22.51 32.80 -12.86
C ASN D 17 -23.74 32.28 -12.13
N ASP D 18 -23.61 32.06 -10.84
CA ASP D 18 -24.64 31.38 -10.07
C ASP D 18 -25.58 32.39 -9.43
N ALA D 19 -26.51 31.91 -8.61
CA ALA D 19 -27.45 32.81 -7.93
C ALA D 19 -26.73 33.75 -6.95
N LEU D 20 -25.48 33.42 -6.60
CA LEU D 20 -24.65 34.31 -5.78
C LEU D 20 -24.15 35.42 -6.67
N ASN D 21 -24.24 35.13 -7.96
CA ASN D 21 -23.76 35.97 -9.02
C ASN D 21 -22.27 36.17 -8.87
N GLN D 22 -21.53 35.14 -9.24
CA GLN D 22 -20.08 35.18 -9.20
C GLN D 22 -19.53 34.53 -10.44
N SER D 23 -18.70 35.25 -11.16
CA SER D 23 -18.08 34.74 -12.34
C SER D 23 -17.09 33.66 -11.99
N ILE D 24 -17.14 32.56 -12.69
CA ILE D 24 -16.23 31.47 -12.43
C ILE D 24 -14.82 31.88 -12.88
N ILE D 25 -14.01 32.37 -11.95
CA ILE D 25 -12.76 33.01 -12.31
C ILE D 25 -11.61 32.03 -12.17
N ARG D 26 -10.61 32.21 -13.03
CA ARG D 26 -9.47 31.31 -13.08
C ARG D 26 -8.43 31.72 -12.04
N ALA D 27 -8.29 30.90 -11.00
CA ALA D 27 -7.26 31.15 -10.00
C ALA D 27 -6.03 30.35 -10.33
N ASN D 28 -6.25 29.12 -10.82
CA ASN D 28 -5.18 28.22 -11.22
C ASN D 28 -5.70 27.20 -12.23
N ASP D 29 -4.80 26.37 -12.77
CA ASP D 29 -5.19 25.35 -13.75
C ASP D 29 -5.61 24.05 -13.06
N GLN D 30 -5.95 24.16 -11.77
CA GLN D 30 -6.39 23.01 -10.99
C GLN D 30 -7.42 23.47 -9.94
N TYR D 31 -7.37 24.76 -9.60
CA TYR D 31 -8.28 25.35 -8.62
C TYR D 31 -8.94 26.62 -9.17
N LEU D 32 -10.25 26.70 -9.03
CA LEU D 32 -11.03 27.84 -9.48
C LEU D 32 -11.97 28.34 -8.39
N THR D 33 -11.98 29.65 -8.20
CA THR D 33 -12.82 30.29 -7.19
C THR D 33 -13.83 31.21 -7.87
N ALA D 34 -15.04 31.27 -7.34
CA ALA D 34 -16.05 32.11 -7.93
C ALA D 34 -15.99 33.50 -7.32
N ALA D 35 -15.89 34.49 -8.20
CA ALA D 35 -15.85 35.89 -7.80
C ALA D 35 -16.36 36.73 -8.96
N ALA D 36 -17.11 37.76 -8.68
CA ALA D 36 -17.65 38.61 -9.73
C ALA D 36 -16.51 39.19 -10.55
N LEU D 37 -16.58 39.06 -11.87
CA LEU D 37 -15.49 39.48 -12.73
C LEU D 37 -15.30 40.98 -12.67
N HIS D 38 -14.07 41.39 -12.85
CA HIS D 38 -13.71 42.79 -12.83
C HIS D 38 -12.67 43.08 -13.89
N ASN D 39 -12.03 42.03 -14.40
CA ASN D 39 -11.19 42.15 -15.57
C ASN D 39 -11.91 41.55 -16.79
N LEU D 40 -13.10 40.99 -16.54
CA LEU D 40 -13.97 40.40 -17.57
C LEU D 40 -13.32 39.21 -18.27
N ASP D 41 -12.28 39.44 -19.04
CA ASP D 41 -11.48 38.34 -19.56
C ASP D 41 -10.57 37.92 -18.43
N GLU D 42 -11.20 37.27 -17.48
CA GLU D 42 -10.59 36.92 -16.21
C GLU D 42 -11.14 35.59 -15.72
N ALA D 43 -12.39 35.35 -16.03
CA ALA D 43 -13.04 34.09 -15.77
C ALA D 43 -12.73 33.12 -16.90
N VAL D 44 -12.85 31.83 -16.62
CA VAL D 44 -12.54 30.81 -17.60
C VAL D 44 -13.70 30.70 -18.55
N LYS D 45 -13.43 30.74 -19.83
CA LYS D 45 -14.49 30.72 -20.78
C LYS D 45 -14.73 29.31 -21.22
N PHE D 46 -15.91 28.85 -20.92
CA PHE D 46 -16.26 27.49 -21.20
C PHE D 46 -17.10 27.38 -22.46
N ASP D 47 -17.08 26.18 -22.97
CA ASP D 47 -17.81 25.80 -24.18
C ASP D 47 -18.36 24.42 -23.98
N MET D 48 -19.56 24.23 -24.47
CA MET D 48 -20.26 23.00 -24.25
C MET D 48 -20.23 22.13 -25.49
N GLY D 49 -19.89 20.88 -25.30
CA GLY D 49 -19.89 19.92 -26.38
C GLY D 49 -20.57 18.65 -25.94
N ALA D 50 -21.68 18.32 -26.57
CA ALA D 50 -22.52 17.24 -26.10
C ALA D 50 -22.04 15.93 -26.65
N TYR D 51 -22.24 14.89 -25.87
CA TYR D 51 -21.90 13.54 -26.30
C TYR D 51 -23.15 12.71 -26.13
N LYS D 52 -23.25 11.57 -26.77
CA LYS D 52 -24.47 10.84 -26.66
C LYS D 52 -24.25 9.36 -26.41
N SER D 53 -24.82 8.93 -25.30
CA SER D 53 -25.05 7.54 -25.00
C SER D 53 -26.40 7.51 -24.29
N SER D 54 -27.07 6.37 -24.25
CA SER D 54 -28.34 6.34 -23.56
C SER D 54 -28.13 6.00 -22.09
N LYS D 55 -27.14 6.66 -21.49
CA LYS D 55 -26.88 6.52 -20.09
C LYS D 55 -26.92 7.86 -19.36
N ASP D 56 -27.75 8.80 -19.82
CA ASP D 56 -27.85 10.06 -19.11
C ASP D 56 -28.81 9.90 -17.93
N ASP D 57 -29.81 10.76 -17.83
CA ASP D 57 -31.03 10.45 -17.11
C ASP D 57 -32.24 10.72 -18.00
N ALA D 58 -32.61 12.00 -18.05
CA ALA D 58 -33.65 12.49 -18.95
C ALA D 58 -33.18 13.73 -19.72
N LYS D 59 -31.87 13.93 -19.77
CA LYS D 59 -31.26 15.18 -20.26
C LYS D 59 -29.95 14.87 -20.94
N ILE D 60 -29.60 15.68 -21.92
CA ILE D 60 -28.48 15.40 -22.79
C ILE D 60 -27.26 16.08 -22.23
N THR D 61 -26.10 15.47 -22.44
CA THR D 61 -24.95 15.77 -21.65
C THR D 61 -23.83 16.37 -22.50
N VAL D 62 -23.17 17.38 -21.96
CA VAL D 62 -22.12 18.08 -22.68
C VAL D 62 -20.86 18.18 -21.81
N ILE D 63 -19.73 18.50 -22.41
CA ILE D 63 -18.48 18.61 -21.70
C ILE D 63 -18.10 20.07 -21.59
N LEU D 64 -17.68 20.49 -20.43
CA LEU D 64 -17.34 21.90 -20.22
C LEU D 64 -15.83 22.08 -20.24
N ARG D 65 -15.39 22.85 -21.23
CA ARG D 65 -13.98 23.03 -21.53
C ARG D 65 -13.70 24.50 -21.79
N ILE D 66 -12.48 24.95 -21.54
CA ILE D 66 -12.13 26.33 -21.82
C ILE D 66 -11.81 26.44 -23.31
N SER D 67 -12.45 27.38 -23.97
CA SER D 67 -12.42 27.47 -25.44
C SER D 67 -11.02 27.36 -26.04
N LYS D 68 -9.99 27.71 -25.29
CA LYS D 68 -8.63 27.70 -25.80
C LYS D 68 -7.95 26.35 -25.57
N THR D 69 -7.92 25.90 -24.33
CA THR D 69 -7.30 24.62 -23.99
C THR D 69 -8.34 23.65 -23.50
N GLN D 70 -8.01 22.39 -23.36
CA GLN D 70 -9.07 21.47 -23.00
C GLN D 70 -8.98 21.17 -21.52
N LEU D 71 -9.43 22.17 -20.76
CA LEU D 71 -9.54 22.07 -19.32
C LEU D 71 -10.98 21.72 -18.98
N TYR D 72 -11.20 20.53 -18.47
CA TYR D 72 -12.54 20.12 -18.12
C TYR D 72 -12.68 20.13 -16.61
N VAL D 73 -13.83 20.49 -16.11
CA VAL D 73 -14.06 20.31 -14.69
C VAL D 73 -14.62 18.90 -14.49
N THR D 74 -13.90 18.12 -13.71
CA THR D 74 -14.31 16.74 -13.42
C THR D 74 -14.92 16.63 -12.04
N ALA D 75 -16.06 15.94 -11.96
CA ALA D 75 -16.75 15.74 -10.69
C ALA D 75 -16.01 14.71 -9.85
N GLN D 76 -15.41 15.16 -8.75
CA GLN D 76 -14.64 14.29 -7.87
C GLN D 76 -15.55 13.42 -7.00
N ASP D 77 -15.79 13.86 -5.76
CA ASP D 77 -16.64 13.12 -4.82
C ASP D 77 -17.04 14.00 -3.66
N GLU D 78 -18.36 14.08 -3.40
CA GLU D 78 -18.89 14.90 -2.32
C GLU D 78 -18.44 16.34 -2.49
N ASP D 79 -18.06 16.98 -1.36
CA ASP D 79 -17.62 18.37 -1.38
C ASP D 79 -16.10 18.47 -1.61
N GLN D 80 -15.71 18.29 -2.87
CA GLN D 80 -14.31 18.38 -3.26
C GLN D 80 -14.20 19.14 -4.58
N PRO D 81 -13.38 20.23 -4.60
CA PRO D 81 -13.19 21.08 -5.79
C PRO D 81 -12.96 20.31 -7.08
N VAL D 82 -13.58 20.78 -8.17
CA VAL D 82 -13.46 20.14 -9.48
C VAL D 82 -12.01 20.18 -9.96
N LEU D 83 -11.49 19.02 -10.32
CA LEU D 83 -10.13 18.91 -10.80
C LEU D 83 -10.06 19.27 -12.28
N LEU D 84 -9.42 20.39 -12.57
CA LEU D 84 -9.28 20.86 -13.93
C LEU D 84 -8.22 20.06 -14.69
N LYS D 85 -8.68 19.18 -15.57
CA LYS D 85 -7.79 18.33 -16.37
C LYS D 85 -7.33 19.05 -17.63
N GLU D 86 -6.25 18.57 -18.24
CA GLU D 86 -5.73 19.19 -19.45
C GLU D 86 -5.14 18.15 -20.40
N MET D 87 -5.64 18.12 -21.64
CA MET D 87 -5.16 17.19 -22.65
C MET D 87 -5.41 17.74 -24.06
N PRO D 88 -4.35 17.75 -24.91
CA PRO D 88 -4.41 18.26 -26.29
C PRO D 88 -5.54 17.65 -27.11
N GLU D 89 -6.35 18.53 -27.70
CA GLU D 89 -7.44 18.17 -28.61
C GLU D 89 -8.62 17.47 -27.89
N ILE D 90 -9.82 17.92 -28.24
CA ILE D 90 -11.06 17.37 -27.68
C ILE D 90 -11.40 16.00 -28.28
N PRO D 91 -11.67 15.01 -27.43
CA PRO D 91 -12.11 13.69 -27.86
C PRO D 91 -13.49 13.75 -28.54
N LYS D 92 -13.67 12.91 -29.55
CA LYS D 92 -14.94 12.84 -30.28
C LYS D 92 -15.74 11.65 -29.79
N THR D 93 -15.03 10.70 -29.22
CA THR D 93 -15.60 9.47 -28.72
C THR D 93 -15.14 9.26 -27.29
N ILE D 94 -16.08 9.20 -26.39
CA ILE D 94 -15.81 9.24 -24.96
C ILE D 94 -15.82 7.83 -24.38
N THR D 95 -14.69 7.50 -23.78
CA THR D 95 -14.51 6.22 -23.17
C THR D 95 -14.96 6.31 -21.72
N GLY D 96 -14.58 5.31 -20.92
CA GLY D 96 -14.95 5.28 -19.52
C GLY D 96 -13.88 5.85 -18.61
N SER D 97 -13.16 6.86 -19.09
CA SER D 97 -12.11 7.50 -18.30
C SER D 97 -12.41 8.99 -18.12
N GLU D 98 -13.40 9.47 -18.87
CA GLU D 98 -13.78 10.86 -18.83
C GLU D 98 -15.24 11.03 -18.38
N THR D 99 -15.71 10.09 -17.55
CA THR D 99 -17.08 10.12 -17.06
C THR D 99 -17.30 11.18 -15.98
N ASN D 100 -16.22 11.81 -15.52
CA ASN D 100 -16.31 12.83 -14.48
C ASN D 100 -16.51 14.23 -15.08
N LEU D 101 -15.99 14.45 -16.29
CA LEU D 101 -16.12 15.77 -16.94
C LEU D 101 -17.39 15.84 -17.79
N LEU D 102 -18.29 14.91 -17.56
CA LEU D 102 -19.56 14.85 -18.28
C LEU D 102 -20.65 15.53 -17.44
N PHE D 103 -21.60 16.22 -18.05
CA PHE D 103 -22.53 17.01 -17.26
C PHE D 103 -23.95 16.96 -17.77
N PHE D 104 -24.80 16.50 -16.88
CA PHE D 104 -26.23 16.40 -17.10
C PHE D 104 -26.85 17.75 -16.80
N TRP D 105 -27.17 18.51 -17.82
CA TRP D 105 -27.65 19.87 -17.60
C TRP D 105 -29.17 19.94 -17.63
N GLU D 106 -29.75 20.28 -16.49
CA GLU D 106 -31.19 20.45 -16.37
C GLU D 106 -31.52 21.94 -16.33
N THR D 107 -32.10 22.44 -17.41
CA THR D 107 -32.39 23.86 -17.55
C THR D 107 -33.85 24.17 -17.20
N HIS D 108 -34.04 25.15 -16.33
CA HIS D 108 -35.38 25.59 -15.95
C HIS D 108 -35.54 27.07 -16.24
N GLY D 109 -36.15 27.39 -17.37
CA GLY D 109 -36.35 28.78 -17.76
C GLY D 109 -35.04 29.52 -17.96
N THR D 110 -34.62 30.25 -16.93
CA THR D 110 -33.39 31.02 -16.98
C THR D 110 -32.28 30.31 -16.21
N LYS D 111 -32.63 29.74 -15.06
CA LYS D 111 -31.67 29.04 -14.24
C LYS D 111 -31.44 27.65 -14.77
N ASN D 112 -30.33 27.07 -14.37
CA ASN D 112 -29.95 25.75 -14.85
C ASN D 112 -29.08 25.05 -13.83
N TYR D 113 -29.16 23.73 -13.81
CA TYR D 113 -28.35 22.93 -12.91
C TYR D 113 -27.30 22.15 -13.69
N PHE D 114 -26.27 21.72 -12.98
CA PHE D 114 -25.24 20.88 -13.57
C PHE D 114 -25.04 19.63 -12.72
N THR D 115 -25.63 18.55 -13.18
CA THR D 115 -25.62 17.28 -12.48
C THR D 115 -24.45 16.41 -12.95
N SER D 116 -23.76 15.78 -12.02
CA SER D 116 -22.66 14.87 -12.36
C SER D 116 -23.19 13.56 -12.92
N VAL D 117 -22.67 13.18 -14.09
CA VAL D 117 -23.04 11.91 -14.71
C VAL D 117 -22.28 10.77 -14.04
N ALA D 118 -21.17 11.08 -13.38
CA ALA D 118 -20.39 10.07 -12.67
C ALA D 118 -21.18 9.60 -11.46
N HIS D 119 -21.67 10.56 -10.68
CA HIS D 119 -22.48 10.29 -9.51
C HIS D 119 -23.67 11.26 -9.48
N PRO D 120 -24.90 10.70 -9.55
CA PRO D 120 -26.16 11.47 -9.61
C PRO D 120 -26.32 12.54 -8.54
N ASN D 121 -25.95 12.20 -7.30
CA ASN D 121 -26.19 13.09 -6.16
C ASN D 121 -25.26 14.31 -6.18
N LEU D 122 -24.41 14.40 -7.18
CA LEU D 122 -23.47 15.49 -7.28
C LEU D 122 -24.03 16.60 -8.15
N PHE D 123 -23.83 17.81 -7.68
CA PHE D 123 -24.29 19.01 -8.34
C PHE D 123 -23.25 20.10 -8.11
N ILE D 124 -23.06 20.99 -9.06
CA ILE D 124 -21.96 21.95 -8.97
C ILE D 124 -22.38 23.17 -8.16
N ALA D 125 -21.91 23.22 -6.91
CA ALA D 125 -22.32 24.24 -5.95
C ALA D 125 -21.39 25.42 -5.95
N THR D 126 -21.88 26.56 -5.50
CA THR D 126 -21.08 27.77 -5.51
C THR D 126 -20.92 28.32 -4.10
N LYS D 127 -19.69 28.61 -3.76
CA LYS D 127 -19.31 29.09 -2.44
C LYS D 127 -18.97 30.59 -2.51
N GLN D 128 -19.15 31.29 -1.40
CA GLN D 128 -18.85 32.71 -1.31
C GLN D 128 -17.34 32.97 -1.21
N ASP D 129 -16.61 32.04 -0.60
CA ASP D 129 -15.19 32.27 -0.32
C ASP D 129 -14.33 31.15 -0.88
N TYR D 130 -14.87 29.94 -0.94
CA TYR D 130 -14.11 28.77 -1.39
C TYR D 130 -14.24 28.53 -2.88
N TRP D 131 -13.53 27.52 -3.34
CA TRP D 131 -13.52 27.12 -4.73
C TRP D 131 -14.88 26.60 -5.18
N VAL D 132 -15.17 26.75 -6.48
CA VAL D 132 -16.41 26.25 -7.05
C VAL D 132 -16.34 24.73 -7.11
N CYS D 133 -17.04 24.07 -6.20
CA CYS D 133 -16.95 22.63 -6.09
C CYS D 133 -18.21 21.96 -6.64
N LEU D 134 -18.49 20.78 -6.12
CA LEU D 134 -19.68 20.03 -6.43
C LEU D 134 -20.19 19.61 -5.09
N ALA D 135 -21.39 19.11 -4.98
CA ALA D 135 -21.94 18.88 -3.68
C ALA D 135 -23.20 18.06 -3.74
N GLY D 136 -23.60 17.63 -2.58
CA GLY D 136 -24.96 17.38 -2.35
C GLY D 136 -25.43 18.64 -1.70
N GLY D 137 -26.57 19.10 -2.08
CA GLY D 137 -26.91 20.46 -1.75
C GLY D 137 -27.88 20.66 -0.59
N PRO D 138 -27.35 20.99 0.60
CA PRO D 138 -28.04 21.76 1.61
C PRO D 138 -27.48 23.19 1.64
N PRO D 139 -28.33 24.18 1.96
CA PRO D 139 -28.22 25.63 1.67
C PRO D 139 -27.02 26.20 0.84
N SER D 140 -26.21 25.37 0.21
CA SER D 140 -25.28 25.82 -0.80
C SER D 140 -26.04 26.13 -2.08
N ILE D 141 -25.66 27.17 -2.78
CA ILE D 141 -26.39 27.54 -3.98
C ILE D 141 -25.91 26.73 -5.16
N THR D 142 -26.55 25.60 -5.38
CA THR D 142 -26.20 24.79 -6.53
C THR D 142 -27.08 25.21 -7.73
N ASP D 143 -27.33 26.51 -7.79
CA ASP D 143 -27.99 27.16 -8.92
C ASP D 143 -26.97 27.72 -9.88
N PHE D 144 -27.31 27.80 -11.15
CA PHE D 144 -26.53 28.59 -12.08
C PHE D 144 -27.41 29.37 -13.02
N GLN D 145 -26.78 30.27 -13.74
CA GLN D 145 -27.41 31.16 -14.69
C GLN D 145 -26.31 31.60 -15.66
N ILE D 146 -26.58 31.65 -16.93
CA ILE D 146 -25.50 32.00 -17.84
C ILE D 146 -25.57 33.49 -18.17
N LEU D 147 -24.58 34.23 -17.68
CA LEU D 147 -24.45 35.63 -18.01
C LEU D 147 -23.18 35.91 -18.80
N GLU D 148 -23.33 36.47 -19.97
CA GLU D 148 -22.18 36.79 -20.81
C GLU D 148 -21.64 38.18 -20.44
N ASN D 149 -20.35 38.39 -20.71
CA ASN D 149 -19.75 39.70 -20.55
C ASN D 149 -19.88 40.49 -21.85
N GLN D 150 -19.56 41.76 -21.80
CA GLN D 150 -19.71 42.61 -22.97
C GLN D 150 -18.60 42.31 -24.00
N ALA D 151 -17.36 42.39 -23.53
CA ALA D 151 -16.20 42.13 -24.37
C ALA D 151 -14.97 41.93 -23.50
N ASN A 1 11.36 -1.31 32.60
CA ASN A 1 10.43 -2.23 31.91
C ASN A 1 10.69 -3.64 32.42
N VAL A 2 10.01 -4.64 31.87
CA VAL A 2 10.28 -6.01 32.24
C VAL A 2 11.30 -6.59 31.29
N LYS A 3 12.41 -7.03 31.83
CA LYS A 3 13.45 -7.64 31.03
C LYS A 3 13.42 -9.14 31.20
N TYR A 4 13.77 -9.85 30.15
CA TYR A 4 13.94 -11.28 30.23
C TYR A 4 15.42 -11.52 30.31
N ASN A 5 15.87 -11.96 31.47
CA ASN A 5 17.29 -11.92 31.78
C ASN A 5 17.92 -13.26 31.53
N PHE A 6 19.11 -13.24 30.98
CA PHE A 6 19.78 -14.47 30.57
C PHE A 6 20.03 -15.34 31.78
N MET A 7 19.64 -16.59 31.64
CA MET A 7 19.63 -17.55 32.73
C MET A 7 20.94 -18.32 32.77
N ARG A 8 21.22 -19.12 31.75
CA ARG A 8 22.48 -19.87 31.76
C ARG A 8 22.90 -20.34 30.38
N ILE A 9 24.20 -20.39 30.19
CA ILE A 9 24.82 -20.88 28.97
C ILE A 9 24.91 -22.41 28.99
N ILE A 10 24.26 -23.04 28.03
CA ILE A 10 24.27 -24.47 27.91
C ILE A 10 25.46 -24.85 27.05
N LYS A 11 25.21 -25.63 26.02
CA LYS A 11 26.28 -26.22 25.23
C LYS A 11 26.38 -25.44 23.93
N TYR A 12 27.51 -25.56 23.25
CA TYR A 12 27.78 -24.70 22.13
C TYR A 12 28.53 -25.41 21.03
N GLU A 13 28.34 -24.91 19.81
CA GLU A 13 28.92 -25.46 18.58
C GLU A 13 28.64 -26.97 18.44
N PHE A 14 27.52 -27.39 19.00
CA PHE A 14 27.05 -28.76 18.83
C PHE A 14 25.90 -28.78 17.85
N ILE A 15 25.82 -29.82 17.02
CA ILE A 15 24.81 -29.88 15.98
C ILE A 15 23.72 -30.90 16.27
N LEU A 16 22.50 -30.51 15.98
CA LEU A 16 21.34 -31.34 16.16
C LEU A 16 20.90 -31.95 14.83
N ASN A 17 20.60 -33.24 14.89
CA ASN A 17 20.09 -33.99 13.76
C ASN A 17 18.79 -34.66 14.19
N ASP A 18 17.87 -34.80 13.27
CA ASP A 18 16.52 -35.22 13.60
C ASP A 18 16.38 -36.72 13.44
N ALA A 19 15.18 -37.25 13.60
CA ALA A 19 14.94 -38.68 13.45
C ALA A 19 15.20 -39.15 12.00
N LEU A 20 15.25 -38.21 11.06
CA LEU A 20 15.62 -38.52 9.68
C LEU A 20 17.12 -38.69 9.63
N ASN A 21 17.73 -38.17 10.69
CA ASN A 21 19.17 -38.13 10.86
C ASN A 21 19.80 -37.33 9.75
N GLN A 22 19.66 -36.02 9.86
CA GLN A 22 20.22 -35.11 8.90
C GLN A 22 20.83 -33.93 9.62
N SER A 23 22.09 -33.68 9.35
CA SER A 23 22.78 -32.57 9.96
C SER A 23 22.24 -31.27 9.41
N ILE A 24 21.96 -30.34 10.28
CA ILE A 24 21.44 -29.06 9.85
C ILE A 24 22.56 -28.28 9.16
N ILE A 25 22.59 -28.36 7.83
CA ILE A 25 23.74 -27.87 7.08
C ILE A 25 23.47 -26.47 6.55
N ARG A 26 24.53 -25.69 6.47
CA ARG A 26 24.43 -24.30 6.06
C ARG A 26 24.44 -24.19 4.53
N ALA A 27 23.29 -23.83 3.96
CA ALA A 27 23.21 -23.61 2.53
C ALA A 27 23.39 -22.15 2.22
N ASN A 28 22.80 -21.31 3.08
CA ASN A 28 22.87 -19.87 2.94
C ASN A 28 22.72 -19.21 4.32
N ASP A 29 22.85 -17.89 4.37
CA ASP A 29 22.71 -17.15 5.64
C ASP A 29 21.24 -16.80 5.90
N GLN A 30 20.34 -17.48 5.19
CA GLN A 30 18.91 -17.25 5.34
C GLN A 30 18.17 -18.57 5.13
N TYR A 31 18.76 -19.45 4.30
CA TYR A 31 18.17 -20.75 4.00
C TYR A 31 19.10 -21.89 4.43
N LEU A 32 18.54 -22.86 5.14
CA LEU A 32 19.29 -24.02 5.61
C LEU A 32 18.54 -25.30 5.28
N THR A 33 19.27 -26.28 4.77
CA THR A 33 18.72 -27.57 4.39
C THR A 33 19.37 -28.67 5.23
N ALA A 34 18.59 -29.67 5.61
CA ALA A 34 19.13 -30.75 6.42
C ALA A 34 19.67 -31.84 5.53
N ALA A 35 20.93 -32.20 5.76
CA ALA A 35 21.60 -33.24 5.03
C ALA A 35 22.70 -33.81 5.91
N ALA A 36 22.90 -35.10 5.87
CA ALA A 36 23.93 -35.74 6.69
C ALA A 36 25.29 -35.13 6.34
N LEU A 37 26.03 -34.69 7.36
CA LEU A 37 27.28 -34.00 7.13
C LEU A 37 28.30 -34.94 6.50
N HIS A 38 29.17 -34.34 5.72
CA HIS A 38 30.21 -35.08 5.03
C HIS A 38 31.49 -34.27 5.02
N ASN A 39 31.37 -32.97 5.29
CA ASN A 39 32.55 -32.15 5.54
C ASN A 39 32.67 -31.84 7.04
N LEU A 40 31.67 -32.32 7.80
CA LEU A 40 31.62 -32.18 9.27
C LEU A 40 31.54 -30.73 9.71
N ASP A 41 32.60 -29.96 9.50
CA ASP A 41 32.52 -28.52 9.70
C ASP A 41 31.87 -27.96 8.45
N GLU A 42 30.58 -28.21 8.39
CA GLU A 42 29.77 -27.96 7.22
C GLU A 42 28.37 -27.55 7.65
N ALA A 43 27.93 -28.12 8.75
CA ALA A 43 26.67 -27.76 9.37
C ALA A 43 26.89 -26.54 10.26
N VAL A 44 25.81 -25.82 10.54
CA VAL A 44 25.90 -24.63 11.35
C VAL A 44 25.99 -25.03 12.80
N LYS A 45 26.95 -24.49 13.50
CA LYS A 45 27.15 -24.90 14.86
C LYS A 45 26.42 -23.95 15.75
N PHE A 46 25.45 -24.51 16.45
CA PHE A 46 24.60 -23.72 17.30
C PHE A 46 25.03 -23.81 18.74
N ASP A 47 24.57 -22.82 19.48
CA ASP A 47 24.82 -22.68 20.89
C ASP A 47 23.58 -22.16 21.55
N MET A 48 23.30 -22.67 22.72
CA MET A 48 22.07 -22.36 23.40
C MET A 48 22.32 -21.36 24.52
N GLY A 49 21.51 -20.34 24.55
CA GLY A 49 21.58 -19.34 25.60
C GLY A 49 20.20 -19.06 26.13
N ALA A 50 19.97 -19.37 27.37
CA ALA A 50 18.63 -19.33 27.92
C ALA A 50 18.31 -17.93 28.41
N TYR A 51 17.04 -17.58 28.32
CA TYR A 51 16.57 -16.31 28.82
C TYR A 51 15.43 -16.62 29.76
N LYS A 52 15.06 -15.70 30.62
CA LYS A 52 14.04 -16.04 31.57
C LYS A 52 12.99 -14.95 31.71
N SER A 53 11.77 -15.36 31.42
CA SER A 53 10.57 -14.65 31.78
C SER A 53 9.58 -15.72 32.18
N SER A 54 8.53 -15.40 32.92
CA SER A 54 7.56 -16.43 33.28
C SER A 54 6.47 -16.49 32.22
N LYS A 55 6.91 -16.48 30.95
CA LYS A 55 6.00 -16.63 29.84
C LYS A 55 6.40 -17.80 28.94
N ASP A 56 6.99 -18.85 29.50
CA ASP A 56 7.32 -20.00 28.69
C ASP A 56 6.07 -20.87 28.52
N ASP A 57 6.20 -22.17 28.83
CA ASP A 57 5.04 -22.96 29.20
C ASP A 57 5.34 -23.68 30.52
N ALA A 58 6.06 -24.79 30.40
CA ALA A 58 6.55 -25.56 31.54
C ALA A 58 8.05 -25.86 31.39
N LYS A 59 8.72 -25.12 30.53
CA LYS A 59 10.09 -25.43 30.09
C LYS A 59 10.84 -24.14 29.81
N ILE A 60 12.14 -24.18 30.03
CA ILE A 60 12.95 -22.98 30.01
C ILE A 60 13.53 -22.81 28.61
N THR A 61 13.70 -21.58 28.21
CA THR A 61 13.84 -21.25 26.82
C THR A 61 15.21 -20.67 26.52
N VAL A 62 15.78 -21.10 25.40
CA VAL A 62 17.12 -20.66 25.01
C VAL A 62 17.11 -20.16 23.56
N ILE A 63 18.15 -19.45 23.15
CA ILE A 63 18.25 -18.92 21.82
C ILE A 63 19.28 -19.71 21.06
N LEU A 64 18.97 -20.07 19.83
CA LEU A 64 19.89 -20.87 19.03
C LEU A 64 20.61 -20.00 18.01
N ARG A 65 21.93 -19.94 18.19
CA ARG A 65 22.79 -19.05 17.44
C ARG A 65 24.02 -19.79 16.99
N ILE A 66 24.63 -19.38 15.89
CA ILE A 66 25.84 -20.00 15.43
C ILE A 66 27.01 -19.42 16.24
N SER A 67 27.81 -20.29 16.82
CA SER A 67 28.83 -19.89 17.80
C SER A 67 29.69 -18.71 17.36
N LYS A 68 29.85 -18.50 16.05
CA LYS A 68 30.70 -17.43 15.55
C LYS A 68 29.92 -16.13 15.37
N THR A 69 28.84 -16.18 14.61
CA THR A 69 28.02 -14.98 14.38
C THR A 69 26.67 -15.15 15.01
N GLN A 70 25.87 -14.11 15.09
CA GLN A 70 24.62 -14.28 15.79
C GLN A 70 23.51 -14.47 14.80
N LEU A 71 23.47 -15.68 14.26
CA LEU A 71 22.46 -16.11 13.31
C LEU A 71 21.43 -16.96 14.04
N TYR A 72 20.25 -16.40 14.28
CA TYR A 72 19.23 -17.11 15.03
C TYR A 72 18.21 -17.66 14.06
N VAL A 73 17.67 -18.83 14.34
CA VAL A 73 16.54 -19.27 13.55
C VAL A 73 15.29 -18.73 14.20
N THR A 74 14.53 -17.96 13.42
CA THR A 74 13.28 -17.37 13.91
C THR A 74 12.06 -18.10 13.36
N ALA A 75 10.92 -17.88 13.99
CA ALA A 75 9.66 -18.49 13.56
C ALA A 75 8.88 -17.52 12.68
N GLN A 76 8.65 -17.91 11.43
CA GLN A 76 7.93 -17.07 10.49
C GLN A 76 6.41 -17.23 10.65
N ASP A 77 5.87 -18.29 10.04
CA ASP A 77 4.42 -18.56 10.12
C ASP A 77 4.14 -20.01 9.76
N GLU A 78 4.28 -20.90 10.74
CA GLU A 78 4.06 -22.33 10.57
C GLU A 78 4.91 -22.85 9.42
N ASP A 79 4.28 -23.57 8.47
CA ASP A 79 4.99 -24.12 7.30
C ASP A 79 5.58 -23.01 6.41
N GLN A 80 6.72 -22.49 6.83
CA GLN A 80 7.43 -21.45 6.13
C GLN A 80 8.89 -21.49 6.58
N PRO A 81 9.83 -21.63 5.64
CA PRO A 81 11.26 -21.76 5.94
C PRO A 81 11.81 -20.72 6.92
N VAL A 82 12.42 -21.25 7.99
CA VAL A 82 13.06 -20.46 9.02
C VAL A 82 14.00 -19.41 8.44
N LEU A 83 13.89 -18.20 8.96
CA LEU A 83 14.70 -17.09 8.49
C LEU A 83 15.87 -16.85 9.43
N LEU A 84 17.07 -17.07 8.91
CA LEU A 84 18.28 -16.87 9.70
C LEU A 84 18.63 -15.38 9.79
N LYS A 85 18.47 -14.82 10.98
CA LYS A 85 18.75 -13.40 11.22
C LYS A 85 20.15 -13.19 11.75
N GLU A 86 20.84 -12.18 11.25
CA GLU A 86 22.20 -11.88 11.70
C GLU A 86 22.28 -10.52 12.37
N MET A 87 22.36 -10.52 13.70
CA MET A 87 22.46 -9.29 14.48
C MET A 87 23.74 -9.31 15.32
N PRO A 88 24.69 -8.40 15.00
CA PRO A 88 25.98 -8.32 15.71
C PRO A 88 25.85 -8.26 17.24
N GLU A 89 26.55 -9.20 17.90
CA GLU A 89 26.59 -9.31 19.36
C GLU A 89 25.26 -9.82 19.96
N ILE A 90 25.39 -10.77 20.88
CA ILE A 90 24.26 -11.36 21.59
C ILE A 90 23.69 -10.43 22.64
N PRO A 91 22.36 -10.20 22.61
CA PRO A 91 21.66 -9.41 23.62
C PRO A 91 21.72 -10.08 25.00
N LYS A 92 21.82 -9.26 26.03
CA LYS A 92 21.87 -9.75 27.41
C LYS A 92 20.50 -9.61 28.05
N THR A 93 19.72 -8.70 27.49
CA THR A 93 18.40 -8.39 27.98
C THR A 93 17.42 -8.44 26.81
N ILE A 94 16.45 -9.32 26.92
CA ILE A 94 15.59 -9.68 25.82
C ILE A 94 14.27 -8.91 25.92
N THR A 95 13.89 -8.28 24.81
CA THR A 95 12.65 -7.50 24.76
C THR A 95 11.56 -8.24 24.00
N GLY A 96 10.49 -7.52 23.65
CA GLY A 96 9.38 -8.10 22.89
C GLY A 96 9.55 -7.90 21.40
N SER A 97 10.77 -8.05 20.93
CA SER A 97 11.08 -7.89 19.51
C SER A 97 11.69 -9.17 18.96
N GLU A 98 12.44 -9.84 19.82
CA GLU A 98 13.11 -11.08 19.45
C GLU A 98 12.36 -12.26 20.06
N THR A 99 11.07 -12.37 19.77
CA THR A 99 10.23 -13.43 20.31
C THR A 99 10.12 -14.62 19.35
N ASN A 100 10.69 -14.47 18.16
CA ASN A 100 10.64 -15.51 17.15
C ASN A 100 11.83 -16.47 17.26
N LEU A 101 12.96 -15.93 17.72
CA LEU A 101 14.17 -16.73 17.87
C LEU A 101 14.25 -17.37 19.26
N LEU A 102 13.12 -17.42 19.95
CA LEU A 102 13.08 -18.02 21.29
C LEU A 102 12.57 -19.44 21.18
N PHE A 103 13.07 -20.38 21.99
CA PHE A 103 12.73 -21.77 21.78
C PHE A 103 12.49 -22.53 23.06
N PHE A 104 11.29 -23.07 23.14
CA PHE A 104 10.83 -23.88 24.25
C PHE A 104 11.28 -25.30 23.99
N TRP A 105 12.33 -25.73 24.65
CA TRP A 105 12.89 -27.05 24.36
C TRP A 105 12.39 -28.11 25.33
N GLU A 106 11.64 -29.06 24.80
CA GLU A 106 11.15 -30.17 25.59
C GLU A 106 11.96 -31.42 25.29
N THR A 107 12.78 -31.84 26.24
CA THR A 107 13.69 -32.96 26.04
C THR A 107 13.12 -34.24 26.64
N HIS A 108 13.11 -35.30 25.84
CA HIS A 108 12.65 -36.61 26.30
C HIS A 108 13.74 -37.64 26.11
N GLY A 109 14.47 -37.92 27.17
CA GLY A 109 15.56 -38.89 27.10
C GLY A 109 16.67 -38.47 26.16
N THR A 110 16.62 -38.99 24.94
CA THR A 110 17.61 -38.68 23.93
C THR A 110 17.05 -37.67 22.91
N LYS A 111 15.80 -37.87 22.54
CA LYS A 111 15.16 -36.99 21.58
C LYS A 111 14.69 -35.72 22.26
N ASN A 112 14.46 -34.70 21.46
CA ASN A 112 14.05 -33.41 21.98
C ASN A 112 13.25 -32.65 20.95
N TYR A 113 12.36 -31.81 21.43
CA TYR A 113 11.54 -30.99 20.56
C TYR A 113 11.93 -29.53 20.67
N PHE A 114 11.57 -28.75 19.67
CA PHE A 114 11.80 -27.32 19.68
C PHE A 114 10.49 -26.58 19.39
N THR A 115 9.87 -26.10 20.44
CA THR A 115 8.59 -25.43 20.36
C THR A 115 8.77 -23.92 20.23
N SER A 116 8.00 -23.30 19.34
CA SER A 116 8.05 -21.85 19.17
C SER A 116 7.36 -21.14 20.34
N VAL A 117 8.07 -20.18 20.94
CA VAL A 117 7.52 -19.39 22.03
C VAL A 117 6.62 -18.29 21.46
N ALA A 118 6.82 -17.95 20.19
CA ALA A 118 5.99 -16.94 19.53
C ALA A 118 4.59 -17.48 19.28
N HIS A 119 4.51 -18.50 18.43
CA HIS A 119 3.24 -19.15 18.12
C HIS A 119 3.33 -20.60 18.58
N PRO A 120 2.47 -20.99 19.55
CA PRO A 120 2.48 -22.31 20.18
C PRO A 120 2.41 -23.49 19.20
N ASN A 121 1.57 -23.37 18.19
CA ASN A 121 1.31 -24.49 17.26
C ASN A 121 2.51 -24.75 16.34
N LEU A 122 3.56 -23.97 16.49
CA LEU A 122 4.73 -24.11 15.65
C LEU A 122 5.76 -25.01 16.31
N PHE A 123 6.34 -25.87 15.50
CA PHE A 123 7.33 -26.83 15.92
C PHE A 123 8.33 -26.99 14.79
N ILE A 124 9.59 -27.21 15.09
CA ILE A 124 10.62 -27.21 14.05
C ILE A 124 10.72 -28.59 13.39
N ALA A 125 10.16 -28.68 12.19
CA ALA A 125 10.03 -29.95 11.47
C ALA A 125 11.20 -30.18 10.53
N THR A 126 11.45 -31.44 10.21
CA THR A 126 12.56 -31.78 9.36
C THR A 126 12.09 -32.48 8.09
N LYS A 127 12.59 -31.98 6.98
CA LYS A 127 12.23 -32.47 5.66
C LYS A 127 13.38 -33.28 5.07
N GLN A 128 13.04 -34.22 4.18
CA GLN A 128 14.04 -35.06 3.52
C GLN A 128 14.78 -34.30 2.41
N ASP A 129 14.10 -33.36 1.77
CA ASP A 129 14.68 -32.68 0.61
C ASP A 129 14.67 -31.16 0.77
N TYR A 130 13.69 -30.65 1.51
CA TYR A 130 13.54 -29.22 1.68
C TYR A 130 14.28 -28.67 2.90
N TRP A 131 14.15 -27.36 3.10
CA TRP A 131 14.78 -26.66 4.20
C TRP A 131 14.15 -27.02 5.53
N VAL A 132 14.95 -27.03 6.59
CA VAL A 132 14.44 -27.31 7.92
C VAL A 132 13.58 -26.15 8.39
N CYS A 133 12.28 -26.34 8.35
CA CYS A 133 11.35 -25.26 8.65
C CYS A 133 10.72 -25.45 10.03
N LEU A 134 9.53 -24.89 10.17
CA LEU A 134 8.73 -25.04 11.36
C LEU A 134 7.40 -25.46 10.83
N ALA A 135 6.51 -25.97 11.66
CA ALA A 135 5.32 -26.56 11.12
C ALA A 135 4.30 -26.82 12.20
N GLY A 136 3.12 -27.14 11.74
CA GLY A 136 2.26 -27.95 12.50
C GLY A 136 2.50 -29.30 11.92
N GLY A 137 2.58 -30.27 12.75
CA GLY A 137 3.13 -31.53 12.28
C GLY A 137 2.14 -32.64 11.98
N PRO A 138 1.82 -32.84 10.69
CA PRO A 138 1.41 -34.12 10.14
C PRO A 138 2.56 -34.72 9.32
N PRO A 139 2.68 -36.07 9.30
CA PRO A 139 3.87 -36.89 8.99
C PRO A 139 5.25 -36.24 8.67
N SER A 140 5.42 -34.94 8.89
CA SER A 140 6.74 -34.33 8.89
C SER A 140 7.44 -34.71 10.20
N ILE A 141 8.73 -34.96 10.15
CA ILE A 141 9.43 -35.38 11.35
C ILE A 141 9.84 -34.17 12.16
N THR A 142 8.98 -33.76 13.07
CA THR A 142 9.31 -32.66 13.94
C THR A 142 9.99 -33.20 15.21
N ASP A 143 10.79 -34.24 15.01
CA ASP A 143 11.66 -34.82 16.03
C ASP A 143 13.05 -34.25 15.91
N PHE A 144 13.77 -34.18 17.01
CA PHE A 144 15.19 -33.92 16.95
C PHE A 144 15.94 -34.79 17.94
N GLN A 145 17.25 -34.77 17.77
CA GLN A 145 18.19 -35.53 18.57
C GLN A 145 19.52 -34.82 18.46
N ILE A 146 20.27 -34.68 19.54
CA ILE A 146 21.51 -33.94 19.42
C ILE A 146 22.68 -34.90 19.23
N LEU A 147 23.25 -34.88 18.03
CA LEU A 147 24.44 -35.65 17.74
C LEU A 147 25.63 -34.76 17.45
N GLU A 148 26.69 -34.91 18.21
CA GLU A 148 27.89 -34.13 18.01
C GLU A 148 28.79 -34.79 16.97
N ASN A 149 29.62 -33.99 16.31
CA ASN A 149 30.63 -34.53 15.40
C ASN A 149 31.92 -34.79 16.17
N GLN A 150 32.87 -35.44 15.54
CA GLN A 150 34.11 -35.79 16.21
C GLN A 150 35.00 -34.57 16.37
N ALA A 151 35.26 -33.90 15.25
CA ALA A 151 36.09 -32.70 15.22
C ALA A 151 35.91 -31.98 13.90
N MET B 1 18.02 -14.97 -4.02
CA MET B 1 17.64 -14.50 -2.66
C MET B 1 17.76 -12.98 -2.56
N ALA B 2 18.07 -12.34 -3.68
CA ALA B 2 18.21 -10.89 -3.72
C ALA B 2 17.49 -10.28 -4.91
N ALA B 3 16.48 -9.46 -4.60
CA ALA B 3 15.78 -8.67 -5.60
C ALA B 3 16.71 -7.65 -6.25
N GLU B 4 17.23 -7.98 -7.43
CA GLU B 4 18.01 -7.03 -8.21
C GLU B 4 17.06 -6.00 -8.83
N PRO B 5 17.58 -4.86 -9.36
CA PRO B 5 16.73 -3.75 -9.85
C PRO B 5 15.51 -4.23 -10.64
N LEU B 6 14.40 -3.52 -10.49
CA LEU B 6 13.16 -4.00 -10.99
C LEU B 6 12.49 -3.08 -12.01
N THR B 7 11.37 -3.56 -12.54
CA THR B 7 10.50 -2.81 -13.43
C THR B 7 9.90 -1.60 -12.69
N GLU B 8 9.07 -0.77 -13.34
CA GLU B 8 8.77 0.55 -12.78
C GLU B 8 7.82 0.48 -11.57
N LEU B 9 6.69 -0.19 -11.69
CA LEU B 9 5.80 -0.27 -10.54
C LEU B 9 6.47 -1.03 -9.41
N GLU B 10 7.40 -1.87 -9.79
CA GLU B 10 8.22 -2.58 -8.82
C GLU B 10 9.19 -1.61 -8.20
N GLU B 11 9.75 -0.74 -9.03
CA GLU B 11 10.69 0.26 -8.56
C GLU B 11 10.04 1.04 -7.46
N SER B 12 8.76 1.30 -7.65
CA SER B 12 8.03 2.06 -6.66
C SER B 12 7.71 1.23 -5.41
N ILE B 13 7.31 -0.04 -5.55
CA ILE B 13 7.00 -0.86 -4.38
C ILE B 13 8.23 -1.49 -3.70
N GLU B 14 9.24 -1.89 -4.47
CA GLU B 14 10.51 -2.37 -3.91
C GLU B 14 11.12 -1.31 -3.01
N THR B 15 11.13 -0.08 -3.52
CA THR B 15 11.60 1.07 -2.76
C THR B 15 10.95 1.16 -1.37
N VAL B 16 9.68 0.77 -1.29
CA VAL B 16 8.96 0.77 -0.02
C VAL B 16 9.55 -0.28 0.90
N VAL B 17 10.02 -1.37 0.31
CA VAL B 17 10.53 -2.51 1.05
C VAL B 17 11.85 -2.18 1.73
N THR B 18 12.77 -1.67 0.93
CA THR B 18 14.14 -1.50 1.35
C THR B 18 14.24 -0.61 2.58
N THR B 19 13.52 0.49 2.56
CA THR B 19 13.53 1.42 3.69
C THR B 19 12.99 0.71 4.93
N PHE B 20 11.80 0.18 4.74
CA PHE B 20 11.11 -0.68 5.70
C PHE B 20 12.04 -1.73 6.32
N PHE B 21 12.70 -2.51 5.45
CA PHE B 21 13.60 -3.60 5.85
C PHE B 21 14.80 -3.12 6.63
N THR B 22 15.28 -1.93 6.33
CA THR B 22 16.41 -1.34 7.03
C THR B 22 16.12 -1.24 8.53
N PHE B 23 14.87 -0.93 8.86
CA PHE B 23 14.47 -0.81 10.25
C PHE B 23 14.03 -2.17 10.79
N ALA B 24 13.31 -2.93 9.98
CA ALA B 24 12.88 -4.28 10.36
C ALA B 24 14.07 -5.15 10.75
N ARG B 25 15.19 -4.96 10.05
CA ARG B 25 16.42 -5.72 10.29
C ARG B 25 17.15 -5.26 11.56
N GLN B 26 16.93 -4.01 11.97
CA GLN B 26 17.58 -3.45 13.16
C GLN B 26 17.37 -4.33 14.40
N GLU B 27 16.12 -4.52 14.81
CA GLU B 27 15.81 -5.33 15.97
C GLU B 27 15.42 -6.75 15.57
N GLY B 28 14.85 -7.50 16.51
CA GLY B 28 14.44 -8.88 16.25
C GLY B 28 13.47 -9.00 15.09
N ARG B 29 13.64 -10.07 14.31
CA ARG B 29 12.80 -10.34 13.13
C ARG B 29 13.01 -9.25 12.07
N LYS B 30 13.89 -9.52 11.10
CA LYS B 30 14.19 -8.56 10.04
C LYS B 30 13.07 -8.48 9.02
N ASP B 31 11.95 -9.14 9.32
CA ASP B 31 10.80 -9.13 8.41
C ASP B 31 9.71 -8.19 8.89
N SER B 32 9.85 -7.69 10.12
CA SER B 32 8.84 -6.78 10.67
C SER B 32 9.45 -5.79 11.65
N LEU B 33 8.84 -4.60 11.74
CA LEU B 33 9.32 -3.57 12.68
C LEU B 33 8.67 -3.78 14.04
N SER B 34 9.39 -3.53 15.11
CA SER B 34 8.86 -3.72 16.45
C SER B 34 7.94 -2.55 16.84
N VAL B 35 7.34 -2.64 18.03
CA VAL B 35 6.46 -1.58 18.52
C VAL B 35 7.24 -0.29 18.77
N ASN B 36 8.54 -0.42 19.05
CA ASN B 36 9.37 0.74 19.30
C ASN B 36 9.81 1.40 18.00
N GLU B 37 9.88 0.62 16.92
CA GLU B 37 10.28 1.18 15.62
C GLU B 37 9.11 1.92 14.97
N PHE B 38 7.90 1.47 15.30
CA PHE B 38 6.68 2.07 14.81
C PHE B 38 6.58 3.41 15.49
N LYS B 39 6.76 3.36 16.80
CA LYS B 39 6.72 4.56 17.61
C LYS B 39 7.82 5.53 17.20
N GLU B 40 9.00 5.02 16.88
CA GLU B 40 10.09 5.90 16.44
C GLU B 40 9.72 6.64 15.16
N LEU B 41 9.16 5.94 14.19
CA LEU B 41 8.85 6.54 12.91
C LEU B 41 7.63 7.44 13.04
N VAL B 42 6.66 6.99 13.80
CA VAL B 42 5.43 7.72 13.96
C VAL B 42 5.73 9.04 14.67
N THR B 43 6.47 8.94 15.76
CA THR B 43 6.95 10.10 16.50
C THR B 43 7.92 10.97 15.67
N GLN B 44 8.97 10.35 15.13
CA GLN B 44 10.05 11.07 14.49
C GLN B 44 9.79 11.30 12.99
N GLN B 45 9.46 10.25 12.27
CA GLN B 45 9.33 10.31 10.80
C GLN B 45 7.94 10.77 10.37
N LEU B 46 6.93 10.55 11.18
CA LEU B 46 5.55 10.74 10.76
C LEU B 46 4.88 12.06 11.19
N PRO B 47 5.44 12.90 12.11
CA PRO B 47 4.79 14.17 12.49
C PRO B 47 4.25 14.96 11.31
N HIS B 48 5.01 14.94 10.23
CA HIS B 48 4.61 15.61 9.00
C HIS B 48 3.51 14.82 8.28
N LEU B 49 3.69 13.50 8.21
CA LEU B 49 2.74 12.63 7.54
C LEU B 49 1.51 12.37 8.39
N LEU B 50 1.68 11.50 9.38
CA LEU B 50 0.62 11.11 10.29
C LEU B 50 0.62 12.00 11.50
N LYS B 51 -0.11 13.08 11.37
CA LYS B 51 -0.36 14.04 12.43
C LYS B 51 -1.11 13.42 13.62
N ASP B 52 -0.50 12.42 14.16
CA ASP B 52 -1.00 11.71 15.33
C ASP B 52 0.13 10.89 15.89
N VAL B 53 1.16 11.63 16.29
CA VAL B 53 2.40 11.04 16.78
C VAL B 53 2.25 10.60 18.22
N GLY B 54 1.16 10.99 18.84
CA GLY B 54 0.91 10.62 20.21
C GLY B 54 0.37 9.21 20.34
N SER B 55 -0.92 9.06 20.12
CA SER B 55 -1.61 7.79 20.30
C SER B 55 -1.39 6.85 19.12
N LEU B 56 -0.14 6.56 18.86
CA LEU B 56 0.23 5.54 17.88
C LEU B 56 -0.56 4.26 18.10
N ASP B 57 -0.93 4.06 19.37
CA ASP B 57 -1.62 2.86 19.82
C ASP B 57 -2.74 2.45 18.89
N GLU B 58 -3.67 3.34 18.58
CA GLU B 58 -4.88 2.97 17.84
C GLU B 58 -4.54 2.27 16.51
N LYS B 59 -3.61 2.88 15.80
CA LYS B 59 -3.17 2.40 14.50
C LYS B 59 -2.39 1.10 14.70
N MET B 60 -1.52 1.13 15.70
CA MET B 60 -0.76 -0.03 16.09
C MET B 60 -1.68 -1.22 16.31
N LYS B 61 -2.72 -1.03 17.09
CA LYS B 61 -3.68 -2.11 17.41
C LYS B 61 -4.32 -2.66 16.15
N SER B 62 -4.62 -1.77 15.21
CA SER B 62 -5.29 -2.17 13.97
C SER B 62 -4.37 -3.05 13.11
N LEU B 63 -3.08 -2.78 13.19
CA LEU B 63 -2.06 -3.52 12.44
C LEU B 63 -1.62 -4.76 13.21
N ASP B 64 -1.33 -4.53 14.46
CA ASP B 64 -0.92 -5.55 15.44
C ASP B 64 -1.95 -6.65 15.60
N VAL B 65 -3.17 -6.39 15.09
CA VAL B 65 -4.45 -7.01 15.53
C VAL B 65 -4.36 -8.46 16.04
N ASN B 66 -3.46 -9.28 15.50
CA ASN B 66 -3.30 -10.65 15.95
C ASN B 66 -2.49 -10.72 17.27
N GLN B 67 -2.19 -9.54 17.88
CA GLN B 67 -1.40 -9.48 19.11
C GLN B 67 -0.07 -10.08 18.76
N ASP B 68 0.38 -9.57 17.62
CA ASP B 68 1.67 -9.86 17.02
C ASP B 68 2.34 -8.50 16.84
N SER B 69 3.24 -8.16 17.76
CA SER B 69 3.96 -6.87 17.75
C SER B 69 4.86 -6.71 16.54
N GLU B 70 4.66 -7.57 15.55
CA GLU B 70 5.46 -7.52 14.34
C GLU B 70 4.62 -7.05 13.15
N LEU B 71 4.91 -5.82 12.70
CA LEU B 71 4.26 -5.24 11.57
C LEU B 71 4.70 -5.97 10.29
N LYS B 72 4.09 -7.13 10.07
CA LYS B 72 4.52 -8.04 9.01
C LYS B 72 3.71 -7.99 7.71
N PHE B 73 3.84 -9.09 6.96
CA PHE B 73 3.22 -9.31 5.66
C PHE B 73 1.80 -8.78 5.56
N ASN B 74 1.68 -7.52 5.14
CA ASN B 74 0.36 -6.91 4.93
C ASN B 74 -0.60 -6.95 6.12
N GLU B 75 -0.05 -7.10 7.32
CA GLU B 75 -0.74 -6.58 8.52
C GLU B 75 -0.45 -5.08 8.64
N TYR B 76 0.82 -4.73 8.46
CA TYR B 76 1.28 -3.34 8.40
C TYR B 76 0.49 -2.57 7.34
N TRP B 77 0.30 -3.26 6.23
CA TRP B 77 -0.29 -2.73 5.00
C TRP B 77 -1.41 -1.73 5.21
N ARG B 78 -2.30 -1.99 6.17
CA ARG B 78 -3.40 -1.08 6.40
C ARG B 78 -2.85 0.34 6.52
N LEU B 79 -1.84 0.50 7.37
CA LEU B 79 -1.20 1.79 7.55
C LEU B 79 -0.55 2.24 6.26
N ILE B 80 0.11 1.31 5.56
CA ILE B 80 0.78 1.62 4.30
C ILE B 80 -0.20 2.20 3.29
N GLY B 81 -1.42 1.73 3.36
CA GLY B 81 -2.45 2.25 2.49
C GLY B 81 -2.95 3.57 2.95
N GLU B 82 -3.10 3.67 4.26
CA GLU B 82 -3.45 4.92 4.87
C GLU B 82 -2.36 5.94 4.52
N LEU B 83 -1.12 5.47 4.41
CA LEU B 83 0.04 6.32 4.10
C LEU B 83 -0.09 6.95 2.72
N ALA B 84 -0.20 6.11 1.69
CA ALA B 84 -0.27 6.57 0.32
C ALA B 84 -1.51 7.42 0.07
N LYS B 85 -2.54 7.17 0.85
CA LYS B 85 -3.76 7.94 0.76
C LYS B 85 -3.58 9.29 1.43
N GLU B 86 -3.07 9.25 2.66
CA GLU B 86 -2.87 10.45 3.48
C GLU B 86 -2.02 11.50 2.75
N ILE B 87 -0.92 11.07 2.14
CA ILE B 87 -0.10 11.99 1.38
C ILE B 87 -0.92 12.72 0.32
N ARG B 88 -1.95 12.05 -0.19
CA ARG B 88 -2.77 12.63 -1.23
C ARG B 88 -3.89 13.50 -0.66
N LYS B 89 -4.81 12.92 0.09
CA LYS B 89 -5.93 13.71 0.60
C LYS B 89 -5.78 14.08 2.06
N LYS B 90 -4.55 14.34 2.50
CA LYS B 90 -4.28 14.70 3.91
C LYS B 90 -5.27 15.75 4.39
N LYS B 91 -5.12 16.94 3.87
CA LYS B 91 -6.14 17.97 3.88
C LYS B 91 -6.13 18.60 2.50
N ASP B 92 -5.60 17.84 1.53
CA ASP B 92 -5.45 18.34 0.16
C ASP B 92 -6.76 18.45 -0.61
N LEU B 93 -7.82 18.86 0.07
CA LEU B 93 -9.10 19.09 -0.59
C LEU B 93 -9.28 20.61 -0.67
N LYS B 94 -8.13 21.28 -0.64
CA LYS B 94 -8.03 22.73 -0.69
C LYS B 94 -6.57 23.11 -0.90
N ILE B 95 -5.66 22.43 -0.17
CA ILE B 95 -4.21 22.66 -0.28
C ILE B 95 -3.43 21.96 0.86
N ARG B 96 -2.29 21.36 0.52
CA ARG B 96 -1.43 20.65 1.49
C ARG B 96 0.00 20.58 0.98
N LYS B 97 0.14 20.42 -0.34
CA LYS B 97 1.45 20.40 -0.99
C LYS B 97 1.76 21.82 -1.49
N LYS B 98 3.01 22.32 -1.34
CA LYS B 98 3.30 23.68 -1.76
C LYS B 98 4.80 23.96 -1.68
N MET C 1 0.90 23.92 -4.35
CA MET C 1 0.19 22.76 -4.95
C MET C 1 1.20 21.70 -5.43
N ALA C 2 2.43 21.80 -4.95
CA ALA C 2 3.47 20.86 -5.35
C ALA C 2 4.24 20.31 -4.16
N ALA C 3 4.12 19.01 -3.98
CA ALA C 3 4.92 18.28 -2.99
C ALA C 3 6.41 18.32 -3.33
N GLU C 4 7.13 19.22 -2.69
CA GLU C 4 8.59 19.27 -2.82
C GLU C 4 9.19 18.10 -2.03
N PRO C 5 10.48 17.76 -2.23
CA PRO C 5 11.11 16.57 -1.62
C PRO C 5 10.70 16.35 -0.16
N LEU C 6 10.56 15.10 0.24
CA LEU C 6 9.97 14.78 1.49
C LEU C 6 10.88 14.02 2.44
N THR C 7 10.35 13.79 3.64
CA THR C 7 10.97 12.95 4.65
C THR C 7 11.04 11.49 4.16
N GLU C 8 11.58 10.56 4.94
CA GLU C 8 11.98 9.27 4.39
C GLU C 8 10.78 8.35 4.08
N LEU C 9 9.89 8.13 5.03
CA LEU C 9 8.73 7.29 4.73
C LEU C 9 7.87 7.95 3.67
N GLU C 10 7.97 9.26 3.60
CA GLU C 10 7.31 10.00 2.54
C GLU C 10 8.04 9.76 1.25
N GLU C 11 9.36 9.73 1.31
CA GLU C 11 10.17 9.48 0.13
C GLU C 11 9.72 8.19 -0.48
N SER C 12 9.40 7.25 0.38
CA SER C 12 8.97 5.95 -0.10
C SER C 12 7.53 5.98 -0.65
N ILE C 13 6.61 6.67 0.03
CA ILE C 13 5.22 6.72 -0.45
C ILE C 13 4.98 7.76 -1.56
N GLU C 14 5.64 8.91 -1.51
CA GLU C 14 5.58 9.91 -2.59
C GLU C 14 6.03 9.27 -3.91
N THR C 15 7.13 8.56 -3.84
CA THR C 15 7.65 7.82 -4.98
C THR C 15 6.58 6.93 -5.64
N VAL C 16 5.70 6.38 -4.82
CA VAL C 16 4.60 5.56 -5.33
C VAL C 16 3.63 6.42 -6.12
N VAL C 17 3.49 7.66 -5.71
CA VAL C 17 2.53 8.59 -6.28
C VAL C 17 2.95 9.00 -7.68
N THR C 18 4.20 9.44 -7.78
CA THR C 18 4.70 10.09 -8.98
C THR C 18 4.61 9.17 -10.19
N THR C 19 4.99 7.91 -10.00
CA THR C 19 4.94 6.94 -11.08
C THR C 19 3.47 6.75 -11.51
N PHE C 20 2.70 6.42 -10.50
CA PHE C 20 1.23 6.31 -10.57
C PHE C 20 0.61 7.48 -11.35
N PHE C 21 0.92 8.72 -10.93
CA PHE C 21 0.36 9.94 -11.51
C PHE C 21 0.73 10.12 -12.96
N THR C 22 1.91 9.64 -13.35
CA THR C 22 2.35 9.73 -14.73
C THR C 22 1.36 9.01 -15.65
N PHE C 23 0.80 7.91 -15.17
CA PHE C 23 -0.18 7.16 -15.93
C PHE C 23 -1.58 7.70 -15.71
N ALA C 24 -1.89 8.04 -14.47
CA ALA C 24 -3.18 8.62 -14.12
C ALA C 24 -3.46 9.89 -14.94
N ARG C 25 -2.41 10.68 -15.19
CA ARG C 25 -2.55 11.93 -15.96
C ARG C 25 -2.70 11.68 -17.47
N GLN C 26 -2.26 10.50 -17.94
CA GLN C 26 -2.33 10.16 -19.37
C GLN C 26 -3.73 10.35 -19.95
N GLU C 27 -4.70 9.58 -19.46
CA GLU C 27 -6.07 9.68 -19.96
C GLU C 27 -6.95 10.52 -19.03
N GLY C 28 -8.27 10.43 -19.24
CA GLY C 28 -9.23 11.17 -18.42
C GLY C 28 -9.05 10.97 -16.93
N ARG C 29 -9.24 12.05 -16.17
CA ARG C 29 -9.08 12.02 -14.71
C ARG C 29 -7.62 11.76 -14.35
N LYS C 30 -6.87 12.85 -14.11
CA LYS C 30 -5.44 12.74 -13.79
C LYS C 30 -5.20 12.20 -12.38
N ASP C 31 -6.26 11.86 -11.67
CA ASP C 31 -6.14 11.34 -10.32
C ASP C 31 -6.58 9.88 -10.24
N SER C 32 -6.93 9.29 -11.39
CA SER C 32 -7.36 7.90 -11.42
C SER C 32 -6.97 7.23 -12.75
N LEU C 33 -6.73 5.92 -12.68
CA LEU C 33 -6.36 5.13 -13.87
C LEU C 33 -7.61 4.44 -14.40
N SER C 34 -7.71 4.34 -15.73
CA SER C 34 -8.87 3.70 -16.34
C SER C 34 -8.68 2.19 -16.42
N VAL C 35 -9.67 1.50 -16.98
CA VAL C 35 -9.60 0.06 -17.12
C VAL C 35 -8.55 -0.33 -18.16
N ASN C 36 -8.20 0.62 -19.03
CA ASN C 36 -7.19 0.38 -20.05
C ASN C 36 -5.78 0.57 -19.50
N GLU C 37 -5.63 1.49 -18.53
CA GLU C 37 -4.32 1.74 -17.93
C GLU C 37 -3.94 0.62 -16.96
N PHE C 38 -4.97 0.01 -16.37
CA PHE C 38 -4.82 -1.08 -15.46
C PHE C 38 -4.37 -2.25 -16.28
N LYS C 39 -5.08 -2.47 -17.37
CA LYS C 39 -4.77 -3.54 -18.30
C LYS C 39 -3.37 -3.35 -18.88
N GLU C 40 -3.00 -2.10 -19.20
CA GLU C 40 -1.66 -1.85 -19.74
C GLU C 40 -0.57 -2.24 -18.75
N LEU C 41 -0.73 -1.86 -17.50
CA LEU C 41 0.28 -2.14 -16.50
C LEU C 41 0.28 -3.61 -16.13
N VAL C 42 -0.89 -4.18 -16.02
CA VAL C 42 -1.04 -5.55 -15.62
C VAL C 42 -0.43 -6.44 -16.70
N THR C 43 -0.82 -6.18 -17.93
CA THR C 43 -0.23 -6.85 -19.09
C THR C 43 1.26 -6.55 -19.26
N GLN C 44 1.62 -5.27 -19.30
CA GLN C 44 2.97 -4.84 -19.64
C GLN C 44 3.89 -4.77 -18.41
N GLN C 45 3.45 -4.08 -17.37
CA GLN C 45 4.30 -3.79 -16.21
C GLN C 45 4.26 -4.93 -15.18
N LEU C 46 3.18 -5.68 -15.14
CA LEU C 46 2.94 -6.64 -14.07
C LEU C 46 3.28 -8.12 -14.37
N PRO C 47 3.57 -8.56 -15.61
CA PRO C 47 3.90 -9.97 -15.89
C PRO C 47 4.90 -10.54 -14.88
N HIS C 48 5.85 -9.71 -14.49
CA HIS C 48 6.85 -10.11 -13.51
C HIS C 48 6.24 -10.12 -12.11
N LEU C 49 5.47 -9.07 -11.79
CA LEU C 49 4.85 -8.93 -10.48
C LEU C 49 3.62 -9.83 -10.33
N LEU C 50 2.54 -9.40 -10.95
CA LEU C 50 1.28 -10.10 -10.92
C LEU C 50 1.16 -11.04 -12.08
N LYS C 51 1.65 -12.24 -11.85
CA LYS C 51 1.57 -13.36 -12.77
C LYS C 51 0.13 -13.77 -13.08
N ASP C 52 -0.61 -12.82 -13.57
CA ASP C 52 -1.99 -13.01 -13.97
C ASP C 52 -2.37 -11.84 -14.84
N VAL C 53 -1.65 -11.75 -15.95
CA VAL C 53 -1.79 -10.64 -16.89
C VAL C 53 -3.00 -10.85 -17.79
N GLY C 54 -3.58 -12.03 -17.72
CA GLY C 54 -4.75 -12.33 -18.53
C GLY C 54 -6.00 -11.76 -17.92
N SER C 55 -6.56 -12.48 -16.95
CA SER C 55 -7.83 -12.12 -16.34
C SER C 55 -7.69 -11.02 -15.31
N LEU C 56 -7.17 -9.89 -15.76
CA LEU C 56 -7.13 -8.67 -14.96
C LEU C 56 -8.47 -8.41 -14.31
N ASP C 57 -9.51 -8.87 -15.00
CA ASP C 57 -10.90 -8.65 -14.62
C ASP C 57 -11.14 -8.86 -13.13
N GLU C 58 -10.76 -10.01 -12.60
CA GLU C 58 -11.11 -10.37 -11.21
C GLU C 58 -10.65 -9.30 -10.23
N LYS C 59 -9.42 -8.88 -10.38
CA LYS C 59 -8.80 -7.89 -9.52
C LYS C 59 -9.43 -6.54 -9.78
N MET C 60 -9.62 -6.25 -11.06
CA MET C 60 -10.29 -5.05 -11.49
C MET C 60 -11.64 -4.92 -10.79
N LYS C 61 -12.44 -5.98 -10.82
CA LYS C 61 -13.78 -5.97 -10.22
C LYS C 61 -13.70 -5.68 -8.72
N SER C 62 -12.68 -6.23 -8.07
CA SER C 62 -12.52 -6.08 -6.63
C SER C 62 -12.21 -4.62 -6.27
N LEU C 63 -11.51 -3.95 -7.17
CA LEU C 63 -11.11 -2.55 -6.98
C LEU C 63 -12.21 -1.62 -7.49
N ASP C 64 -12.67 -1.92 -8.69
CA ASP C 64 -13.74 -1.22 -9.38
C ASP C 64 -15.04 -1.20 -8.60
N VAL C 65 -15.12 -2.07 -7.57
CA VAL C 65 -16.35 -2.63 -6.98
C VAL C 65 -17.60 -1.73 -7.04
N ASN C 66 -17.45 -0.41 -6.92
CA ASN C 66 -18.58 0.49 -6.99
C ASN C 66 -18.97 0.80 -8.45
N GLN C 67 -18.42 0.02 -9.41
CA GLN C 67 -18.70 0.22 -10.84
C GLN C 67 -18.17 1.58 -11.16
N ASP C 68 -16.94 1.78 -10.64
CA ASP C 68 -16.16 2.98 -10.87
C ASP C 68 -14.86 2.57 -11.56
N SER C 69 -14.84 2.68 -12.89
CA SER C 69 -13.65 2.30 -13.67
C SER C 69 -12.41 3.05 -13.22
N GLU C 70 -12.64 4.18 -12.56
CA GLU C 70 -11.56 5.00 -12.07
C GLU C 70 -10.95 4.44 -10.79
N LEU C 71 -9.73 3.93 -10.92
CA LEU C 71 -9.01 3.41 -9.80
C LEU C 71 -8.43 4.55 -8.96
N LYS C 72 -9.34 5.15 -8.19
CA LYS C 72 -9.05 6.37 -7.44
C LYS C 72 -8.47 6.17 -6.06
N PHE C 73 -8.51 7.28 -5.31
CA PHE C 73 -7.99 7.40 -3.95
C PHE C 73 -8.27 6.19 -3.07
N ASN C 74 -7.27 5.30 -3.01
CA ASN C 74 -7.31 4.11 -2.17
C ASN C 74 -8.54 3.20 -2.35
N GLU C 75 -9.17 3.28 -3.51
CA GLU C 75 -9.93 2.14 -4.04
C GLU C 75 -8.93 1.18 -4.73
N TYR C 76 -8.05 1.77 -5.53
CA TYR C 76 -6.94 1.04 -6.17
C TYR C 76 -6.11 0.32 -5.11
N TRP C 77 -5.90 1.03 -4.02
CA TRP C 77 -5.02 0.63 -2.92
C TRP C 77 -5.03 -0.85 -2.60
N ARG C 78 -6.19 -1.49 -2.62
CA ARG C 78 -6.25 -2.90 -2.30
C ARG C 78 -5.22 -3.63 -3.13
N LEU C 79 -5.23 -3.37 -4.44
CA LEU C 79 -4.25 -3.98 -5.35
C LEU C 79 -2.85 -3.53 -4.98
N ILE C 80 -2.70 -2.24 -4.68
CA ILE C 80 -1.39 -1.68 -4.33
C ILE C 80 -0.79 -2.41 -3.14
N GLY C 81 -1.66 -2.85 -2.24
CA GLY C 81 -1.21 -3.59 -1.10
C GLY C 81 -0.91 -5.01 -1.45
N GLU C 82 -1.76 -5.56 -2.30
CA GLU C 82 -1.53 -6.87 -2.84
C GLU C 82 -0.20 -6.84 -3.59
N LEU C 83 0.12 -5.69 -4.20
CA LEU C 83 1.35 -5.52 -4.98
C LEU C 83 2.59 -5.65 -4.10
N ALA C 84 2.68 -4.81 -3.09
CA ALA C 84 3.84 -4.77 -2.19
C ALA C 84 3.99 -6.09 -1.43
N LYS C 85 2.88 -6.77 -1.23
CA LYS C 85 2.90 -8.05 -0.58
C LYS C 85 3.38 -9.14 -1.54
N GLU C 86 2.79 -9.14 -2.74
CA GLU C 86 3.09 -10.15 -3.76
C GLU C 86 4.57 -10.18 -4.09
N ILE C 87 5.18 -9.02 -4.27
CA ILE C 87 6.62 -8.95 -4.53
C ILE C 87 7.41 -9.68 -3.45
N ARG C 88 6.88 -9.67 -2.23
CA ARG C 88 7.56 -10.30 -1.12
C ARG C 88 7.17 -11.77 -0.96
N LYS C 89 5.91 -12.07 -0.73
CA LYS C 89 5.53 -13.47 -0.51
C LYS C 89 4.86 -14.10 -1.71
N LYS C 90 5.29 -13.71 -2.91
CA LYS C 90 4.70 -14.24 -4.16
C LYS C 90 4.54 -15.76 -4.08
N LYS C 91 5.67 -16.44 -4.09
CA LYS C 91 5.78 -17.82 -3.64
C LYS C 91 7.07 -17.88 -2.83
N ASP C 92 7.48 -16.74 -2.29
CA ASP C 92 8.75 -16.66 -1.55
C ASP C 92 8.78 -17.43 -0.21
N LEU C 93 8.07 -18.54 -0.12
CA LEU C 93 8.13 -19.41 1.05
C LEU C 93 8.97 -20.61 0.64
N LYS C 94 9.67 -20.40 -0.47
CA LYS C 94 10.58 -21.36 -1.07
C LYS C 94 11.57 -20.59 -1.95
N ILE C 95 11.03 -19.75 -2.86
CA ILE C 95 11.84 -18.91 -3.76
C ILE C 95 11.01 -18.38 -4.95
N ARG C 96 11.09 -17.06 -5.18
CA ARG C 96 10.42 -16.41 -6.32
C ARG C 96 11.03 -15.05 -6.63
N LYS C 97 12.34 -15.01 -6.65
CA LYS C 97 13.12 -13.83 -6.98
C LYS C 97 14.59 -14.16 -6.77
N LYS C 98 15.42 -13.75 -7.72
CA LYS C 98 16.73 -14.35 -7.88
C LYS C 98 17.50 -13.63 -8.98
N ASN D 1 -16.49 -1.37 -30.04
CA ASN D 1 -17.05 -1.12 -28.70
C ASN D 1 -18.20 -0.13 -28.83
N VAL D 2 -18.78 0.29 -27.71
CA VAL D 2 -19.81 1.30 -27.76
C VAL D 2 -19.17 2.67 -27.56
N LYS D 3 -19.35 3.53 -28.54
CA LYS D 3 -18.83 4.87 -28.46
C LYS D 3 -19.93 5.84 -28.13
N TYR D 4 -19.59 6.88 -27.39
CA TYR D 4 -20.51 7.96 -27.17
C TYR D 4 -20.11 9.07 -28.11
N ASN D 5 -20.94 9.33 -29.08
CA ASN D 5 -20.54 10.12 -30.23
C ASN D 5 -21.01 11.53 -30.07
N PHE D 6 -20.16 12.47 -30.44
CA PHE D 6 -20.43 13.88 -30.22
C PHE D 6 -21.68 14.28 -31.01
N MET D 7 -22.57 14.94 -30.30
CA MET D 7 -23.89 15.26 -30.80
C MET D 7 -23.89 16.65 -31.44
N ARG D 8 -23.65 17.71 -30.67
CA ARG D 8 -23.64 19.03 -31.27
C ARG D 8 -22.91 20.05 -30.40
N ILE D 9 -22.28 20.99 -31.10
CA ILE D 9 -21.59 22.12 -30.48
C ILE D 9 -22.57 23.22 -30.11
N ILE D 10 -22.65 23.53 -28.82
CA ILE D 10 -23.50 24.57 -28.33
C ILE D 10 -22.72 25.88 -28.37
N LYS D 11 -22.68 26.56 -27.27
CA LYS D 11 -22.14 27.90 -27.21
C LYS D 11 -20.77 27.83 -26.58
N TYR D 12 -19.96 28.86 -26.77
CA TYR D 12 -18.57 28.77 -26.39
C TYR D 12 -18.04 30.10 -25.89
N GLU D 13 -17.02 29.99 -25.04
CA GLU D 13 -16.37 31.12 -24.37
C GLU D 13 -17.38 32.03 -23.66
N PHE D 14 -18.48 31.43 -23.23
CA PHE D 14 -19.46 32.13 -22.41
C PHE D 14 -19.33 31.69 -20.96
N ILE D 15 -19.52 32.61 -20.03
CA ILE D 15 -19.32 32.32 -18.63
C ILE D 15 -20.63 32.22 -17.85
N LEU D 16 -20.68 31.25 -16.97
CA LEU D 16 -21.82 31.02 -16.12
C LEU D 16 -21.58 31.56 -14.71
N ASN D 17 -22.57 32.25 -14.20
CA ASN D 17 -22.57 32.78 -12.84
C ASN D 17 -23.81 32.27 -12.14
N ASP D 18 -23.70 32.05 -10.85
CA ASP D 18 -24.74 31.37 -10.10
C ASP D 18 -25.68 32.37 -9.47
N ALA D 19 -26.63 31.90 -8.66
CA ALA D 19 -27.57 32.79 -8.00
C ALA D 19 -26.86 33.73 -6.99
N LEU D 20 -25.62 33.39 -6.62
CA LEU D 20 -24.81 34.27 -5.79
C LEU D 20 -24.28 35.37 -6.66
N ASN D 21 -24.35 35.09 -7.96
CA ASN D 21 -23.84 35.94 -9.01
C ASN D 21 -22.36 36.14 -8.84
N GLN D 22 -21.62 35.10 -9.21
CA GLN D 22 -20.17 35.12 -9.14
C GLN D 22 -19.61 34.47 -10.38
N SER D 23 -18.76 35.20 -11.07
CA SER D 23 -18.13 34.69 -12.26
C SER D 23 -17.15 33.61 -11.90
N ILE D 24 -17.21 32.51 -12.60
CA ILE D 24 -16.30 31.41 -12.34
C ILE D 24 -14.88 31.81 -12.77
N ILE D 25 -14.09 32.29 -11.82
CA ILE D 25 -12.83 32.92 -12.16
C ILE D 25 -11.68 31.94 -12.01
N ARG D 26 -10.67 32.11 -12.86
CA ARG D 26 -9.53 31.21 -12.89
C ARG D 26 -8.51 31.59 -11.84
N ALA D 27 -8.38 30.78 -10.81
CA ALA D 27 -7.37 31.00 -9.78
C ALA D 27 -6.13 30.19 -10.10
N ASN D 28 -6.36 28.97 -10.57
CA ASN D 28 -5.29 28.06 -10.96
C ASN D 28 -5.72 27.18 -12.12
N ASP D 29 -4.91 26.18 -12.45
CA ASP D 29 -5.22 25.25 -13.53
C ASP D 29 -5.81 23.96 -12.96
N GLN D 30 -6.17 24.02 -11.68
CA GLN D 30 -6.75 22.87 -10.98
C GLN D 30 -7.81 23.37 -9.99
N TYR D 31 -7.60 24.58 -9.46
CA TYR D 31 -8.53 25.18 -8.50
C TYR D 31 -9.18 26.45 -9.08
N LEU D 32 -10.49 26.58 -8.90
CA LEU D 32 -11.23 27.72 -9.38
C LEU D 32 -12.19 28.23 -8.30
N THR D 33 -12.20 29.55 -8.12
CA THR D 33 -13.04 30.19 -7.13
C THR D 33 -14.01 31.13 -7.83
N ALA D 34 -15.23 31.22 -7.32
CA ALA D 34 -16.23 32.07 -7.93
C ALA D 34 -16.15 33.47 -7.32
N ALA D 35 -16.02 34.45 -8.19
CA ALA D 35 -15.97 35.84 -7.80
C ALA D 35 -16.43 36.69 -8.96
N ALA D 36 -17.18 37.74 -8.69
CA ALA D 36 -17.68 38.61 -9.76
C ALA D 36 -16.51 39.17 -10.55
N LEU D 37 -16.56 39.03 -11.88
CA LEU D 37 -15.43 39.44 -12.70
C LEU D 37 -15.23 40.93 -12.63
N HIS D 38 -13.98 41.32 -12.79
CA HIS D 38 -13.61 42.71 -12.76
C HIS D 38 -12.53 42.99 -13.80
N ASN D 39 -11.90 41.93 -14.29
CA ASN D 39 -11.03 42.05 -15.46
C ASN D 39 -11.73 41.45 -16.69
N LEU D 40 -12.94 40.91 -16.46
CA LEU D 40 -13.79 40.34 -17.51
C LEU D 40 -13.16 39.14 -18.21
N ASP D 41 -12.08 39.36 -18.95
CA ASP D 41 -11.29 38.25 -19.45
C ASP D 41 -10.41 37.81 -18.30
N GLU D 42 -11.07 37.16 -17.36
CA GLU D 42 -10.50 36.81 -16.07
C GLU D 42 -11.08 35.48 -15.60
N ALA D 43 -12.33 35.27 -15.95
CA ALA D 43 -13.00 34.01 -15.70
C ALA D 43 -12.69 33.04 -16.82
N VAL D 44 -12.83 31.75 -16.55
CA VAL D 44 -12.51 30.73 -17.53
C VAL D 44 -13.65 30.63 -18.50
N LYS D 45 -13.35 30.67 -19.77
CA LYS D 45 -14.39 30.67 -20.76
C LYS D 45 -14.64 29.27 -21.19
N PHE D 46 -15.83 28.82 -20.92
CA PHE D 46 -16.20 27.47 -21.22
C PHE D 46 -17.00 27.37 -22.50
N ASP D 47 -17.00 26.17 -23.01
CA ASP D 47 -17.70 25.80 -24.23
C ASP D 47 -18.28 24.43 -24.05
N MET D 48 -19.47 24.26 -24.57
CA MET D 48 -20.20 23.04 -24.36
C MET D 48 -20.15 22.17 -25.61
N GLY D 49 -19.83 20.92 -25.41
CA GLY D 49 -19.82 19.96 -26.48
C GLY D 49 -20.53 18.71 -26.06
N ALA D 50 -21.63 18.39 -26.72
CA ALA D 50 -22.49 17.33 -26.27
C ALA D 50 -22.02 16.00 -26.81
N TYR D 51 -22.26 14.95 -26.04
CA TYR D 51 -21.93 13.62 -26.46
C TYR D 51 -23.19 12.80 -26.33
N LYS D 52 -23.29 11.67 -26.96
CA LYS D 52 -24.53 10.95 -26.90
C LYS D 52 -24.34 9.46 -26.63
N SER D 53 -24.94 9.04 -25.54
CA SER D 53 -25.20 7.66 -25.23
C SER D 53 -26.56 7.65 -24.57
N SER D 54 -27.25 6.52 -24.54
CA SER D 54 -28.55 6.51 -23.88
C SER D 54 -28.37 6.16 -22.40
N LYS D 55 -27.39 6.81 -21.79
CA LYS D 55 -27.16 6.66 -20.37
C LYS D 55 -27.19 8.00 -19.65
N ASP D 56 -28.00 8.95 -20.12
CA ASP D 56 -28.11 10.22 -19.41
C ASP D 56 -29.09 10.07 -18.27
N ASP D 57 -30.08 10.95 -18.19
CA ASP D 57 -31.32 10.65 -17.49
C ASP D 57 -32.50 10.94 -18.41
N ALA D 58 -32.85 12.23 -18.47
CA ALA D 58 -33.87 12.74 -19.39
C ALA D 58 -33.36 13.97 -20.14
N LYS D 59 -32.04 14.14 -20.17
CA LYS D 59 -31.40 15.38 -20.63
C LYS D 59 -30.08 15.06 -21.28
N ILE D 60 -29.70 15.86 -22.26
CA ILE D 60 -28.56 15.56 -23.11
C ILE D 60 -27.33 16.23 -22.52
N THR D 61 -26.20 15.61 -22.70
CA THR D 61 -25.04 15.89 -21.88
C THR D 61 -23.90 16.46 -22.70
N VAL D 62 -23.25 17.46 -22.15
CA VAL D 62 -22.16 18.15 -22.84
C VAL D 62 -20.93 18.23 -21.94
N ILE D 63 -19.77 18.54 -22.51
CA ILE D 63 -18.54 18.62 -21.76
C ILE D 63 -18.14 20.08 -21.66
N LEU D 64 -17.74 20.50 -20.48
CA LEU D 64 -17.38 21.89 -20.27
C LEU D 64 -15.87 22.06 -20.25
N ARG D 65 -15.39 22.82 -21.23
CA ARG D 65 -13.98 22.99 -21.49
C ARG D 65 -13.68 24.44 -21.74
N ILE D 66 -12.45 24.87 -21.46
CA ILE D 66 -12.08 26.24 -21.74
C ILE D 66 -11.72 26.34 -23.22
N SER D 67 -12.33 27.30 -23.89
CA SER D 67 -12.26 27.39 -25.35
C SER D 67 -10.85 27.26 -25.94
N LYS D 68 -9.83 27.60 -25.15
CA LYS D 68 -8.46 27.57 -25.64
C LYS D 68 -7.80 26.20 -25.39
N THR D 69 -7.81 25.76 -24.14
CA THR D 69 -7.22 24.47 -23.80
C THR D 69 -8.28 23.51 -23.34
N GLN D 70 -7.98 22.25 -23.19
CA GLN D 70 -9.05 21.34 -22.85
C GLN D 70 -9.01 21.05 -21.37
N LEU D 71 -9.49 22.03 -20.61
CA LEU D 71 -9.59 21.96 -19.16
C LEU D 71 -11.03 21.64 -18.80
N TYR D 72 -11.27 20.42 -18.32
CA TYR D 72 -12.62 20.02 -18.00
C TYR D 72 -12.82 20.10 -16.50
N VAL D 73 -14.00 20.46 -16.05
CA VAL D 73 -14.27 20.34 -14.64
C VAL D 73 -14.82 18.94 -14.40
N THR D 74 -14.11 18.19 -13.57
CA THR D 74 -14.49 16.82 -13.25
C THR D 74 -15.10 16.71 -11.86
N ALA D 75 -15.97 15.71 -11.69
CA ALA D 75 -16.62 15.47 -10.40
C ALA D 75 -15.78 14.53 -9.56
N GLN D 76 -15.33 15.01 -8.41
CA GLN D 76 -14.49 14.20 -7.52
C GLN D 76 -15.34 13.29 -6.63
N ASP D 77 -15.91 13.86 -5.57
CA ASP D 77 -16.75 13.09 -4.64
C ASP D 77 -17.59 14.03 -3.78
N GLU D 78 -18.71 14.47 -4.34
CA GLU D 78 -19.63 15.39 -3.66
C GLU D 78 -18.88 16.63 -3.21
N ASP D 79 -19.07 17.05 -1.95
CA ASP D 79 -18.38 18.23 -1.40
C ASP D 79 -16.85 18.07 -1.46
N GLN D 80 -16.28 18.56 -2.56
CA GLN D 80 -14.84 18.52 -2.81
C GLN D 80 -14.55 19.33 -4.08
N PRO D 81 -13.60 20.28 -4.01
CA PRO D 81 -13.26 21.16 -5.16
C PRO D 81 -13.03 20.41 -6.46
N VAL D 82 -13.48 21.00 -7.56
CA VAL D 82 -13.35 20.40 -8.87
C VAL D 82 -11.89 20.37 -9.31
N LEU D 83 -11.49 19.27 -9.93
CA LEU D 83 -10.12 19.12 -10.39
C LEU D 83 -10.05 19.37 -11.89
N LEU D 84 -9.57 20.55 -12.26
CA LEU D 84 -9.45 20.94 -13.66
C LEU D 84 -8.36 20.12 -14.36
N LYS D 85 -8.78 19.21 -15.24
CA LYS D 85 -7.85 18.35 -15.97
C LYS D 85 -7.52 18.95 -17.34
N GLU D 86 -6.27 18.77 -17.77
CA GLU D 86 -5.84 19.30 -19.07
C GLU D 86 -5.25 18.20 -19.96
N MET D 87 -5.86 18.01 -21.12
CA MET D 87 -5.40 17.02 -22.09
C MET D 87 -5.50 17.58 -23.51
N PRO D 88 -4.38 17.58 -24.26
CA PRO D 88 -4.33 18.10 -25.64
C PRO D 88 -5.37 17.46 -26.56
N GLU D 89 -6.15 18.33 -27.21
CA GLU D 89 -7.20 17.95 -28.16
C GLU D 89 -8.40 17.28 -27.49
N ILE D 90 -9.59 17.71 -27.90
CA ILE D 90 -10.86 17.19 -27.39
C ILE D 90 -11.18 15.81 -27.98
N PRO D 91 -11.49 14.84 -27.11
CA PRO D 91 -11.91 13.51 -27.54
C PRO D 91 -13.25 13.55 -28.28
N LYS D 92 -13.39 12.69 -29.27
CA LYS D 92 -14.61 12.61 -30.06
C LYS D 92 -15.46 11.43 -29.58
N THR D 93 -14.78 10.49 -28.95
CA THR D 93 -15.39 9.28 -28.45
C THR D 93 -14.98 9.10 -26.99
N ILE D 94 -15.98 9.07 -26.13
CA ILE D 94 -15.77 9.15 -24.70
C ILE D 94 -15.82 7.76 -24.08
N THR D 95 -14.80 7.47 -23.26
CA THR D 95 -14.69 6.20 -22.55
C THR D 95 -15.42 6.26 -21.20
N GLY D 96 -15.05 5.38 -20.27
CA GLY D 96 -15.70 5.37 -18.97
C GLY D 96 -14.91 6.14 -17.91
N SER D 97 -13.71 6.56 -18.26
CA SER D 97 -12.85 7.29 -17.32
C SER D 97 -13.12 8.77 -17.34
N GLU D 98 -13.85 9.20 -18.37
CA GLU D 98 -14.17 10.61 -18.53
C GLU D 98 -15.61 10.92 -18.10
N THR D 99 -16.19 10.05 -17.27
CA THR D 99 -17.57 10.22 -16.81
C THR D 99 -17.68 11.33 -15.76
N ASN D 100 -16.54 11.82 -15.29
CA ASN D 100 -16.51 12.86 -14.28
C ASN D 100 -16.70 14.25 -14.89
N LEU D 101 -16.21 14.44 -16.12
CA LEU D 101 -16.32 15.72 -16.80
C LEU D 101 -17.57 15.80 -17.68
N LEU D 102 -18.50 14.87 -17.47
CA LEU D 102 -19.74 14.85 -18.24
C LEU D 102 -20.84 15.55 -17.45
N PHE D 103 -21.75 16.28 -18.11
CA PHE D 103 -22.69 17.09 -17.36
C PHE D 103 -24.09 17.07 -17.94
N PHE D 104 -24.99 16.64 -17.08
CA PHE D 104 -26.40 16.56 -17.38
C PHE D 104 -27.01 17.93 -17.09
N TRP D 105 -27.26 18.70 -18.12
CA TRP D 105 -27.72 20.06 -17.90
C TRP D 105 -29.24 20.17 -18.02
N GLU D 106 -29.85 20.52 -16.90
CA GLU D 106 -31.29 20.73 -16.85
C GLU D 106 -31.59 22.23 -16.82
N THR D 107 -32.12 22.74 -17.91
CA THR D 107 -32.36 24.18 -18.05
C THR D 107 -33.82 24.52 -17.77
N HIS D 108 -34.03 25.50 -16.91
CA HIS D 108 -35.38 25.97 -16.60
C HIS D 108 -35.49 27.46 -16.88
N GLY D 109 -36.03 27.80 -18.04
CA GLY D 109 -36.18 29.19 -18.42
C GLY D 109 -34.84 29.90 -18.55
N THR D 110 -34.46 30.62 -17.51
CA THR D 110 -33.21 31.35 -17.49
C THR D 110 -32.16 30.61 -16.68
N LYS D 111 -32.57 30.05 -15.55
CA LYS D 111 -31.67 29.32 -14.68
C LYS D 111 -31.44 27.92 -15.22
N ASN D 112 -30.37 27.31 -14.77
CA ASN D 112 -30.00 25.99 -15.24
C ASN D 112 -29.20 25.26 -14.18
N TYR D 113 -29.30 23.95 -14.19
CA TYR D 113 -28.56 23.12 -13.24
C TYR D 113 -27.50 22.32 -13.98
N PHE D 114 -26.51 21.86 -13.23
CA PHE D 114 -25.46 21.00 -13.77
C PHE D 114 -25.35 19.74 -12.92
N THR D 115 -25.94 18.68 -13.42
CA THR D 115 -25.98 17.40 -12.72
C THR D 115 -24.82 16.51 -13.15
N SER D 116 -24.18 15.85 -12.18
CA SER D 116 -23.09 14.93 -12.48
C SER D 116 -23.63 13.63 -13.08
N VAL D 117 -23.07 13.24 -14.21
CA VAL D 117 -23.44 11.98 -14.86
C VAL D 117 -22.74 10.81 -14.17
N ALA D 118 -21.65 11.10 -13.47
CA ALA D 118 -20.90 10.05 -12.75
C ALA D 118 -21.71 9.59 -11.55
N HIS D 119 -21.92 10.48 -10.59
CA HIS D 119 -22.72 10.19 -9.40
C HIS D 119 -23.92 11.13 -9.39
N PRO D 120 -25.13 10.55 -9.43
CA PRO D 120 -26.40 11.30 -9.50
C PRO D 120 -26.58 12.38 -8.43
N ASN D 121 -26.22 12.06 -7.20
CA ASN D 121 -26.47 12.96 -6.07
C ASN D 121 -25.56 14.19 -6.09
N LEU D 122 -24.70 14.27 -7.10
CA LEU D 122 -23.77 15.37 -7.20
C LEU D 122 -24.34 16.47 -8.07
N PHE D 123 -24.15 17.69 -7.62
CA PHE D 123 -24.63 18.88 -8.30
C PHE D 123 -23.59 19.98 -8.08
N ILE D 124 -23.40 20.86 -9.03
CA ILE D 124 -22.32 21.83 -8.94
C ILE D 124 -22.75 23.06 -8.15
N ALA D 125 -22.30 23.13 -6.91
CA ALA D 125 -22.72 24.15 -5.96
C ALA D 125 -21.79 25.34 -5.97
N THR D 126 -22.30 26.49 -5.54
CA THR D 126 -21.52 27.70 -5.55
C THR D 126 -21.38 28.28 -4.14
N LYS D 127 -20.15 28.58 -3.80
CA LYS D 127 -19.78 29.08 -2.48
C LYS D 127 -19.46 30.57 -2.57
N GLN D 128 -19.65 31.28 -1.46
CA GLN D 128 -19.36 32.71 -1.39
C GLN D 128 -17.87 32.98 -1.28
N ASP D 129 -17.13 32.07 -0.64
CA ASP D 129 -15.71 32.31 -0.37
C ASP D 129 -14.82 31.20 -0.90
N TYR D 130 -15.37 29.99 -0.96
CA TYR D 130 -14.59 28.82 -1.40
C TYR D 130 -14.71 28.54 -2.88
N TRP D 131 -14.02 27.48 -3.31
CA TRP D 131 -13.99 27.05 -4.70
C TRP D 131 -15.34 26.50 -5.14
N VAL D 132 -15.69 26.71 -6.41
CA VAL D 132 -16.91 26.18 -6.96
C VAL D 132 -16.81 24.68 -7.06
N CYS D 133 -17.46 23.98 -6.14
CA CYS D 133 -17.33 22.54 -6.07
C CYS D 133 -18.59 21.84 -6.60
N LEU D 134 -18.81 20.64 -6.09
CA LEU D 134 -19.99 19.87 -6.39
C LEU D 134 -20.48 19.47 -5.03
N ALA D 135 -21.71 19.01 -4.91
CA ALA D 135 -22.24 18.80 -3.60
C ALA D 135 -23.53 18.02 -3.64
N GLY D 136 -23.93 17.61 -2.47
CA GLY D 136 -25.30 17.40 -2.22
C GLY D 136 -25.72 18.68 -1.58
N GLY D 137 -26.84 19.17 -1.95
CA GLY D 137 -27.14 20.54 -1.61
C GLY D 137 -28.09 20.77 -0.46
N PRO D 138 -27.53 21.10 0.73
CA PRO D 138 -28.19 21.89 1.75
C PRO D 138 -27.59 23.30 1.76
N PRO D 139 -28.40 24.32 2.09
CA PRO D 139 -28.25 25.77 1.77
C PRO D 139 -27.05 26.30 0.94
N SER D 140 -26.27 25.43 0.29
CA SER D 140 -25.33 25.85 -0.72
C SER D 140 -26.10 26.18 -1.98
N ILE D 141 -25.70 27.20 -2.71
CA ILE D 141 -26.44 27.58 -3.90
C ILE D 141 -25.99 26.75 -5.08
N THR D 142 -26.67 25.64 -5.29
CA THR D 142 -26.36 24.81 -6.44
C THR D 142 -27.23 25.25 -7.62
N ASP D 143 -27.45 26.57 -7.70
CA ASP D 143 -28.11 27.22 -8.82
C ASP D 143 -27.09 27.75 -9.79
N PHE D 144 -27.44 27.83 -11.06
CA PHE D 144 -26.64 28.60 -12.01
C PHE D 144 -27.52 29.40 -12.94
N GLN D 145 -26.85 30.27 -13.67
CA GLN D 145 -27.48 31.17 -14.61
C GLN D 145 -26.38 31.57 -15.59
N ILE D 146 -26.66 31.62 -16.88
CA ILE D 146 -25.59 31.95 -17.80
C ILE D 146 -25.61 33.43 -18.15
N LEU D 147 -24.60 34.14 -17.66
CA LEU D 147 -24.43 35.54 -18.01
C LEU D 147 -23.15 35.77 -18.81
N GLU D 148 -23.30 36.34 -19.98
CA GLU D 148 -22.16 36.62 -20.84
C GLU D 148 -21.57 37.98 -20.48
N ASN D 149 -20.28 38.15 -20.77
CA ASN D 149 -19.64 39.45 -20.62
C ASN D 149 -19.75 40.23 -21.92
N GLN D 150 -19.40 41.49 -21.90
CA GLN D 150 -19.54 42.34 -23.07
C GLN D 150 -18.46 42.01 -24.10
N ALA D 151 -17.20 42.04 -23.66
CA ALA D 151 -16.07 41.74 -24.51
C ALA D 151 -14.83 41.51 -23.65
N ASN A 1 10.56 -1.03 32.49
CA ASN A 1 9.66 -1.96 31.74
C ASN A 1 9.90 -3.37 32.27
N VAL A 2 9.25 -4.37 31.68
CA VAL A 2 9.49 -5.74 32.06
C VAL A 2 10.56 -6.32 31.16
N LYS A 3 11.64 -6.76 31.76
CA LYS A 3 12.72 -7.37 31.02
C LYS A 3 12.68 -8.88 31.18
N TYR A 4 13.08 -9.57 30.14
CA TYR A 4 13.24 -11.00 30.24
C TYR A 4 14.73 -11.25 30.40
N ASN A 5 15.12 -11.69 31.57
CA ASN A 5 16.52 -11.65 31.96
C ASN A 5 17.15 -13.00 31.74
N PHE A 6 18.37 -12.97 31.25
CA PHE A 6 19.06 -14.20 30.87
C PHE A 6 19.25 -15.08 32.10
N MET A 7 18.86 -16.33 31.94
CA MET A 7 18.79 -17.28 33.02
C MET A 7 20.10 -18.07 33.13
N ARG A 8 20.44 -18.86 32.11
CA ARG A 8 21.68 -19.60 32.20
C ARG A 8 22.18 -20.07 30.83
N ILE A 9 23.49 -20.13 30.72
CA ILE A 9 24.18 -20.62 29.53
C ILE A 9 24.26 -22.14 29.55
N ILE A 10 23.65 -22.77 28.56
CA ILE A 10 23.68 -24.20 28.43
C ILE A 10 24.91 -24.58 27.63
N LYS A 11 24.71 -25.35 26.59
CA LYS A 11 25.82 -25.93 25.85
C LYS A 11 25.99 -25.16 24.57
N TYR A 12 27.16 -25.28 23.95
CA TYR A 12 27.49 -24.42 22.83
C TYR A 12 28.29 -25.13 21.79
N GLU A 13 28.16 -24.63 20.56
CA GLU A 13 28.80 -25.18 19.36
C GLU A 13 28.53 -26.68 19.20
N PHE A 14 27.38 -27.11 19.70
CA PHE A 14 26.92 -28.48 19.50
C PHE A 14 25.82 -28.49 18.45
N ILE A 15 25.78 -29.53 17.63
CA ILE A 15 24.84 -29.58 16.53
C ILE A 15 23.73 -30.61 16.77
N LEU A 16 22.53 -30.21 16.41
CA LEU A 16 21.35 -31.05 16.54
C LEU A 16 20.98 -31.65 15.19
N ASN A 17 20.68 -32.94 15.22
CA ASN A 17 20.22 -33.69 14.07
C ASN A 17 18.91 -34.36 14.42
N ASP A 18 18.04 -34.49 13.45
CA ASP A 18 16.67 -34.92 13.72
C ASP A 18 16.54 -36.42 13.55
N ALA A 19 15.33 -36.94 13.64
CA ALA A 19 15.10 -38.38 13.47
C ALA A 19 15.44 -38.84 12.05
N LEU A 20 15.54 -37.90 11.11
CA LEU A 20 15.98 -38.20 9.75
C LEU A 20 17.48 -38.38 9.78
N ASN A 21 18.03 -37.86 10.87
CA ASN A 21 19.45 -37.82 11.11
C ASN A 21 20.15 -37.02 10.03
N GLN A 22 20.01 -35.71 10.14
CA GLN A 22 20.62 -34.80 9.21
C GLN A 22 21.18 -33.62 9.96
N SER A 23 22.46 -33.37 9.77
CA SER A 23 23.12 -32.26 10.41
C SER A 23 22.60 -30.96 9.84
N ILE A 24 22.28 -30.04 10.71
CA ILE A 24 21.80 -28.75 10.24
C ILE A 24 22.93 -27.97 9.61
N ILE A 25 23.04 -28.04 8.29
CA ILE A 25 24.22 -27.56 7.59
C ILE A 25 23.99 -26.16 7.05
N ARG A 26 25.06 -25.37 7.03
CA ARG A 26 24.98 -23.99 6.61
C ARG A 26 25.06 -23.88 5.10
N ALA A 27 23.95 -23.51 4.47
CA ALA A 27 23.93 -23.30 3.03
C ALA A 27 24.13 -21.83 2.74
N ASN A 28 23.48 -21.00 3.54
CA ASN A 28 23.57 -19.55 3.43
C ASN A 28 23.23 -18.90 4.76
N ASP A 29 23.31 -17.57 4.82
CA ASP A 29 23.00 -16.84 6.05
C ASP A 29 21.51 -16.49 6.12
N GLN A 30 20.69 -17.26 5.40
CA GLN A 30 19.24 -17.05 5.38
C GLN A 30 18.52 -18.38 5.20
N TYR A 31 19.19 -19.33 4.54
CA TYR A 31 18.61 -20.65 4.30
C TYR A 31 19.55 -21.76 4.78
N LEU A 32 18.97 -22.76 5.44
CA LEU A 32 19.72 -23.91 5.95
C LEU A 32 19.00 -25.21 5.61
N THR A 33 19.77 -26.18 5.13
CA THR A 33 19.25 -27.49 4.76
C THR A 33 19.90 -28.56 5.64
N ALA A 34 19.13 -29.57 6.00
CA ALA A 34 19.65 -30.62 6.84
C ALA A 34 20.25 -31.73 5.99
N ALA A 35 21.51 -32.05 6.27
CA ALA A 35 22.23 -33.09 5.59
C ALA A 35 23.30 -33.63 6.50
N ALA A 36 23.52 -34.92 6.50
CA ALA A 36 24.53 -35.52 7.36
C ALA A 36 25.90 -34.90 7.07
N LEU A 37 26.58 -34.42 8.11
CA LEU A 37 27.84 -33.71 7.91
C LEU A 37 28.90 -34.63 7.33
N HIS A 38 29.78 -34.03 6.58
CA HIS A 38 30.86 -34.75 5.94
C HIS A 38 32.13 -33.92 5.97
N ASN A 39 31.97 -32.62 6.21
CA ASN A 39 33.13 -31.77 6.49
C ASN A 39 33.17 -31.44 8.00
N LEU A 40 32.16 -31.93 8.73
CA LEU A 40 32.05 -31.77 10.19
C LEU A 40 31.93 -30.32 10.61
N ASP A 41 32.98 -29.53 10.43
CA ASP A 41 32.87 -28.10 10.60
C ASP A 41 32.25 -27.57 9.32
N GLU A 42 30.97 -27.85 9.22
CA GLU A 42 30.20 -27.62 8.01
C GLU A 42 28.77 -27.24 8.38
N ALA A 43 28.30 -27.80 9.47
CA ALA A 43 27.03 -27.46 10.03
C ALA A 43 27.17 -26.23 10.91
N VAL A 44 26.08 -25.52 11.15
CA VAL A 44 26.11 -24.32 11.94
C VAL A 44 26.15 -24.69 13.39
N LYS A 45 27.08 -24.13 14.13
CA LYS A 45 27.22 -24.51 15.50
C LYS A 45 26.44 -23.57 16.36
N PHE A 46 25.46 -24.13 17.02
CA PHE A 46 24.57 -23.35 17.83
C PHE A 46 24.93 -23.42 19.29
N ASP A 47 24.44 -22.43 19.98
CA ASP A 47 24.62 -22.26 21.42
C ASP A 47 23.34 -21.76 22.01
N MET A 48 23.03 -22.26 23.18
CA MET A 48 21.78 -21.96 23.81
C MET A 48 21.97 -20.95 24.93
N GLY A 49 21.14 -19.94 24.90
CA GLY A 49 21.14 -18.93 25.95
C GLY A 49 19.74 -18.67 26.41
N ALA A 50 19.47 -18.97 27.66
CA ALA A 50 18.10 -18.94 28.15
C ALA A 50 17.73 -17.56 28.60
N TYR A 51 16.46 -17.23 28.46
CA TYR A 51 15.96 -15.96 28.92
C TYR A 51 14.78 -16.28 29.83
N LYS A 52 14.36 -15.36 30.66
CA LYS A 52 13.31 -15.69 31.58
C LYS A 52 12.23 -14.63 31.66
N SER A 53 11.04 -15.06 31.33
CA SER A 53 9.81 -14.37 31.64
C SER A 53 8.82 -15.47 32.00
N SER A 54 7.74 -15.16 32.70
CA SER A 54 6.79 -16.19 33.03
C SER A 54 5.74 -16.29 31.93
N LYS A 55 6.22 -16.28 30.69
CA LYS A 55 5.36 -16.47 29.54
C LYS A 55 5.82 -17.64 28.67
N ASP A 56 6.39 -18.67 29.27
CA ASP A 56 6.79 -19.83 28.48
C ASP A 56 5.57 -20.73 28.29
N ASP A 57 5.70 -22.01 28.62
CA ASP A 57 4.55 -22.83 28.96
C ASP A 57 4.79 -23.52 30.29
N ALA A 58 5.55 -24.62 30.21
CA ALA A 58 6.01 -25.36 31.39
C ALA A 58 7.52 -25.64 31.31
N LYS A 59 8.21 -24.88 30.45
CA LYS A 59 9.60 -25.18 30.07
C LYS A 59 10.34 -23.89 29.81
N ILE A 60 11.63 -23.89 30.07
CA ILE A 60 12.42 -22.67 30.07
C ILE A 60 13.04 -22.52 28.69
N THR A 61 13.21 -21.28 28.29
CA THR A 61 13.40 -20.97 26.89
C THR A 61 14.76 -20.37 26.63
N VAL A 62 15.39 -20.80 25.54
CA VAL A 62 16.73 -20.34 25.20
C VAL A 62 16.77 -19.87 23.75
N ILE A 63 17.81 -19.14 23.37
CA ILE A 63 17.95 -18.62 22.03
C ILE A 63 19.03 -19.40 21.32
N LEU A 64 18.78 -19.79 20.09
CA LEU A 64 19.74 -20.57 19.34
C LEU A 64 20.48 -19.70 18.34
N ARG A 65 21.78 -19.61 18.56
CA ARG A 65 22.66 -18.72 17.84
C ARG A 65 23.93 -19.44 17.44
N ILE A 66 24.57 -19.02 16.36
CA ILE A 66 25.81 -19.63 15.96
C ILE A 66 26.93 -19.02 16.80
N SER A 67 27.73 -19.87 17.43
CA SER A 67 28.70 -19.44 18.44
C SER A 67 29.56 -18.25 18.01
N LYS A 68 29.75 -18.05 16.72
CA LYS A 68 30.61 -16.97 16.23
C LYS A 68 29.82 -15.69 16.00
N THR A 69 28.75 -15.76 15.21
CA THR A 69 27.93 -14.59 14.92
C THR A 69 26.54 -14.78 15.51
N GLN A 70 25.74 -13.75 15.54
CA GLN A 70 24.46 -13.94 16.20
C GLN A 70 23.40 -14.16 15.16
N LEU A 71 23.40 -15.38 14.64
CA LEU A 71 22.44 -15.85 13.66
C LEU A 71 21.42 -16.74 14.36
N TYR A 72 20.20 -16.25 14.54
CA TYR A 72 19.19 -17.01 15.25
C TYR A 72 18.25 -17.62 14.24
N VAL A 73 17.75 -18.81 14.50
CA VAL A 73 16.69 -19.31 13.67
C VAL A 73 15.38 -18.84 14.27
N THR A 74 14.61 -18.10 13.48
CA THR A 74 13.33 -17.56 13.92
C THR A 74 12.15 -18.35 13.37
N ALA A 75 10.96 -18.03 13.88
CA ALA A 75 9.72 -18.67 13.46
C ALA A 75 8.93 -17.71 12.57
N GLN A 76 8.83 -18.03 11.29
CA GLN A 76 8.11 -17.18 10.34
C GLN A 76 6.60 -17.35 10.49
N ASP A 77 6.04 -18.34 9.81
CA ASP A 77 4.60 -18.60 9.86
C ASP A 77 4.27 -19.93 9.19
N GLU A 78 3.84 -20.90 10.00
CA GLU A 78 3.49 -22.24 9.50
C GLU A 78 4.67 -22.84 8.76
N ASP A 79 4.40 -23.43 7.59
CA ASP A 79 5.43 -24.07 6.77
C ASP A 79 6.16 -23.06 5.87
N GLN A 80 7.07 -22.30 6.47
CA GLN A 80 7.85 -21.32 5.72
C GLN A 80 9.29 -21.33 6.24
N PRO A 81 10.27 -21.56 5.34
CA PRO A 81 11.70 -21.64 5.69
C PRO A 81 12.18 -20.56 6.64
N VAL A 82 12.77 -21.02 7.73
CA VAL A 82 13.34 -20.17 8.76
C VAL A 82 14.32 -19.16 8.20
N LEU A 83 14.21 -17.92 8.65
CA LEU A 83 15.11 -16.86 8.20
C LEU A 83 16.18 -16.63 9.25
N LEU A 84 17.43 -16.82 8.84
CA LEU A 84 18.56 -16.64 9.74
C LEU A 84 18.89 -15.15 9.92
N LYS A 85 18.52 -14.59 11.08
CA LYS A 85 18.77 -13.18 11.37
C LYS A 85 20.16 -12.96 11.93
N GLU A 86 20.76 -11.83 11.59
CA GLU A 86 22.12 -11.52 12.08
C GLU A 86 22.16 -10.14 12.74
N MET A 87 22.40 -10.13 14.05
CA MET A 87 22.50 -8.90 14.83
C MET A 87 23.74 -8.95 15.73
N PRO A 88 24.70 -8.02 15.52
CA PRO A 88 25.94 -7.97 16.30
C PRO A 88 25.72 -7.93 17.81
N GLU A 89 26.42 -8.84 18.52
CA GLU A 89 26.37 -8.97 19.98
C GLU A 89 25.01 -9.47 20.49
N ILE A 90 25.08 -10.42 21.41
CA ILE A 90 23.90 -11.02 22.05
C ILE A 90 23.26 -10.08 23.07
N PRO A 91 21.95 -9.85 22.97
CA PRO A 91 21.20 -9.06 23.94
C PRO A 91 21.17 -9.74 25.32
N LYS A 92 21.22 -8.93 26.36
CA LYS A 92 21.18 -9.44 27.73
C LYS A 92 19.77 -9.29 28.28
N THR A 93 19.04 -8.36 27.69
CA THR A 93 17.68 -8.05 28.10
C THR A 93 16.78 -8.09 26.88
N ILE A 94 15.80 -8.96 26.92
CA ILE A 94 15.00 -9.30 25.77
C ILE A 94 13.69 -8.53 25.79
N THR A 95 13.42 -7.85 24.68
CA THR A 95 12.32 -6.93 24.55
C THR A 95 11.44 -7.31 23.36
N GLY A 96 10.12 -7.21 23.58
CA GLY A 96 9.06 -7.52 22.58
C GLY A 96 9.53 -8.03 21.21
N SER A 97 10.18 -7.14 20.44
CA SER A 97 10.68 -7.46 19.08
C SER A 97 11.19 -8.89 18.94
N GLU A 98 12.10 -9.28 19.83
CA GLU A 98 12.67 -10.62 19.81
C GLU A 98 11.72 -11.61 20.46
N THR A 99 10.98 -12.35 19.65
CA THR A 99 10.04 -13.33 20.16
C THR A 99 9.92 -14.54 19.22
N ASN A 100 10.41 -14.38 18.00
CA ASN A 100 10.36 -15.46 17.01
C ASN A 100 11.59 -16.36 17.14
N LEU A 101 12.68 -15.81 17.66
CA LEU A 101 13.92 -16.58 17.84
C LEU A 101 13.98 -17.21 19.23
N LEU A 102 12.83 -17.28 19.89
CA LEU A 102 12.77 -17.87 21.23
C LEU A 102 12.28 -19.30 21.13
N PHE A 103 12.78 -20.22 21.97
CA PHE A 103 12.45 -21.62 21.76
C PHE A 103 12.20 -22.37 23.05
N PHE A 104 11.00 -22.92 23.10
CA PHE A 104 10.53 -23.72 24.21
C PHE A 104 10.99 -25.14 23.98
N TRP A 105 12.04 -25.54 24.67
CA TRP A 105 12.63 -26.85 24.42
C TRP A 105 12.12 -27.91 25.40
N GLU A 106 11.40 -28.88 24.86
CA GLU A 106 10.90 -29.99 25.64
C GLU A 106 11.75 -31.23 25.38
N THR A 107 12.54 -31.62 26.37
CA THR A 107 13.47 -32.72 26.22
C THR A 107 12.91 -34.02 26.81
N HIS A 108 12.95 -35.08 26.03
CA HIS A 108 12.49 -36.39 26.49
C HIS A 108 13.61 -37.40 26.35
N GLY A 109 14.32 -37.67 27.44
CA GLY A 109 15.41 -38.61 27.43
C GLY A 109 16.54 -38.18 26.50
N THR A 110 16.55 -38.72 25.29
CA THR A 110 17.57 -38.40 24.30
C THR A 110 17.02 -37.43 23.26
N LYS A 111 15.78 -37.64 22.85
CA LYS A 111 15.15 -36.79 21.86
C LYS A 111 14.64 -35.51 22.51
N ASN A 112 14.42 -34.52 21.69
CA ASN A 112 13.97 -33.23 22.18
C ASN A 112 13.19 -32.49 21.11
N TYR A 113 12.27 -31.66 21.55
CA TYR A 113 11.46 -30.87 20.64
C TYR A 113 11.83 -29.39 20.74
N PHE A 114 11.48 -28.65 19.72
CA PHE A 114 11.68 -27.21 19.71
C PHE A 114 10.38 -26.50 19.37
N THR A 115 9.71 -26.02 20.41
CA THR A 115 8.43 -25.37 20.27
C THR A 115 8.59 -23.86 20.13
N SER A 116 7.83 -23.26 19.21
CA SER A 116 7.86 -21.82 19.02
C SER A 116 7.13 -21.10 20.15
N VAL A 117 7.81 -20.13 20.77
CA VAL A 117 7.20 -19.32 21.81
C VAL A 117 6.30 -18.25 21.20
N ALA A 118 6.52 -17.92 19.94
CA ALA A 118 5.71 -16.92 19.25
C ALA A 118 4.33 -17.49 18.93
N HIS A 119 4.29 -18.38 17.94
CA HIS A 119 3.04 -19.04 17.56
C HIS A 119 3.10 -20.49 18.02
N PRO A 120 2.19 -20.87 18.94
CA PRO A 120 2.17 -22.21 19.57
C PRO A 120 2.17 -23.37 18.57
N ASN A 121 1.38 -23.26 17.52
CA ASN A 121 1.19 -24.38 16.58
C ASN A 121 2.43 -24.63 15.72
N LEU A 122 3.46 -23.83 15.93
CA LEU A 122 4.69 -23.96 15.15
C LEU A 122 5.68 -24.87 15.86
N PHE A 123 6.30 -25.71 15.09
CA PHE A 123 7.28 -26.66 15.56
C PHE A 123 8.34 -26.81 14.47
N ILE A 124 9.58 -27.03 14.85
CA ILE A 124 10.66 -27.02 13.86
C ILE A 124 10.81 -28.39 13.21
N ALA A 125 10.31 -28.48 11.97
CA ALA A 125 10.23 -29.75 11.24
C ALA A 125 11.46 -29.97 10.37
N THR A 126 11.72 -31.23 10.05
CA THR A 126 12.89 -31.55 9.27
C THR A 126 12.49 -32.26 7.97
N LYS A 127 13.05 -31.74 6.89
CA LYS A 127 12.76 -32.22 5.55
C LYS A 127 13.94 -33.03 5.02
N GLN A 128 13.67 -33.97 4.12
CA GLN A 128 14.71 -34.79 3.50
C GLN A 128 15.50 -34.03 2.44
N ASP A 129 14.84 -33.09 1.76
CA ASP A 129 15.47 -32.40 0.64
C ASP A 129 15.45 -30.89 0.80
N TYR A 130 14.43 -30.39 1.49
CA TYR A 130 14.25 -28.95 1.66
C TYR A 130 14.92 -28.42 2.93
N TRP A 131 14.75 -27.12 3.14
CA TRP A 131 15.32 -26.43 4.29
C TRP A 131 14.60 -26.81 5.58
N VAL A 132 15.34 -26.78 6.69
CA VAL A 132 14.76 -27.08 7.98
C VAL A 132 13.86 -25.92 8.40
N CYS A 133 12.56 -26.13 8.29
CA CYS A 133 11.61 -25.06 8.55
C CYS A 133 10.91 -25.26 9.89
N LEU A 134 9.71 -24.72 9.97
CA LEU A 134 8.85 -24.87 11.11
C LEU A 134 7.54 -25.31 10.51
N ALA A 135 6.63 -25.83 11.28
CA ALA A 135 5.46 -26.42 10.68
C ALA A 135 4.40 -26.71 11.70
N GLY A 136 3.25 -27.03 11.18
CA GLY A 136 2.35 -27.85 11.89
C GLY A 136 2.63 -29.20 11.32
N GLY A 137 2.69 -30.18 12.15
CA GLY A 137 3.27 -31.42 11.71
C GLY A 137 2.31 -32.55 11.35
N PRO A 138 2.06 -32.75 10.04
CA PRO A 138 1.69 -34.02 9.47
C PRO A 138 2.90 -34.61 8.72
N PRO A 139 3.03 -35.96 8.69
CA PRO A 139 4.25 -36.77 8.45
C PRO A 139 5.63 -36.10 8.20
N SER A 140 5.78 -34.80 8.43
CA SER A 140 7.09 -34.18 8.52
C SER A 140 7.72 -34.56 9.85
N ILE A 141 9.01 -34.79 9.87
CA ILE A 141 9.66 -35.21 11.11
C ILE A 141 10.00 -34.00 11.94
N THR A 142 9.09 -33.61 12.80
CA THR A 142 9.36 -32.50 13.70
C THR A 142 9.97 -33.04 14.99
N ASP A 143 10.80 -34.08 14.83
CA ASP A 143 11.61 -34.65 15.90
C ASP A 143 13.00 -34.05 15.86
N PHE A 144 13.66 -33.98 16.99
CA PHE A 144 15.08 -33.72 17.02
C PHE A 144 15.79 -34.58 18.04
N GLN A 145 17.11 -34.54 17.96
CA GLN A 145 18.00 -35.30 18.79
C GLN A 145 19.34 -34.58 18.76
N ILE A 146 20.02 -34.43 19.87
CA ILE A 146 21.25 -33.68 19.82
C ILE A 146 22.44 -34.63 19.70
N LEU A 147 23.08 -34.59 18.54
CA LEU A 147 24.29 -35.35 18.31
C LEU A 147 25.49 -34.44 18.08
N GLU A 148 26.51 -34.59 18.90
CA GLU A 148 27.71 -33.79 18.77
C GLU A 148 28.67 -34.45 17.78
N ASN A 149 29.52 -33.64 17.16
CA ASN A 149 30.58 -34.16 16.31
C ASN A 149 31.84 -34.40 17.15
N GLN A 150 32.82 -35.05 16.57
CA GLN A 150 34.04 -35.39 17.30
C GLN A 150 34.89 -34.15 17.51
N ALA A 151 35.22 -33.48 16.41
CA ALA A 151 36.02 -32.28 16.43
C ALA A 151 35.92 -31.55 15.10
N MET B 1 18.00 -15.41 -4.55
CA MET B 1 17.56 -14.92 -3.21
C MET B 1 17.66 -13.39 -3.14
N ALA B 2 17.86 -12.76 -4.29
CA ALA B 2 17.99 -11.31 -4.35
C ALA B 2 17.21 -10.72 -5.52
N ALA B 3 16.22 -9.90 -5.18
CA ALA B 3 15.48 -9.13 -6.17
C ALA B 3 16.38 -8.11 -6.87
N GLU B 4 16.85 -8.46 -8.06
CA GLU B 4 17.61 -7.51 -8.88
C GLU B 4 16.63 -6.50 -9.47
N PRO B 5 17.11 -5.36 -10.04
CA PRO B 5 16.24 -4.27 -10.52
C PRO B 5 15.00 -4.76 -11.25
N LEU B 6 13.89 -4.05 -11.08
CA LEU B 6 12.62 -4.55 -11.52
C LEU B 6 11.93 -3.65 -12.54
N THR B 7 10.79 -4.15 -13.02
CA THR B 7 9.88 -3.41 -13.89
C THR B 7 9.30 -2.19 -13.14
N GLU B 8 8.45 -1.38 -13.76
CA GLU B 8 8.16 -0.05 -13.21
C GLU B 8 7.25 -0.10 -11.97
N LEU B 9 6.12 -0.79 -12.03
CA LEU B 9 5.27 -0.86 -10.85
C LEU B 9 5.99 -1.59 -9.74
N GLU B 10 6.90 -2.45 -10.14
CA GLU B 10 7.77 -3.14 -9.19
C GLU B 10 8.76 -2.15 -8.62
N GLU B 11 9.27 -1.28 -9.48
CA GLU B 11 10.23 -0.27 -9.06
C GLU B 11 9.61 0.52 -7.95
N SER B 12 8.33 0.76 -8.10
CA SER B 12 7.62 1.53 -7.09
C SER B 12 7.36 0.72 -5.81
N ILE B 13 6.96 -0.56 -5.93
CA ILE B 13 6.70 -1.36 -4.73
C ILE B 13 7.95 -1.97 -4.09
N GLU B 14 8.93 -2.38 -4.90
CA GLU B 14 10.23 -2.84 -4.37
C GLU B 14 10.86 -1.76 -3.51
N THR B 15 10.85 -0.55 -4.02
CA THR B 15 11.34 0.61 -3.31
C THR B 15 10.74 0.72 -1.90
N VAL B 16 9.48 0.33 -1.77
CA VAL B 16 8.80 0.34 -0.47
C VAL B 16 9.42 -0.70 0.45
N VAL B 17 9.88 -1.79 -0.15
CA VAL B 17 10.42 -2.92 0.59
C VAL B 17 11.75 -2.58 1.21
N THR B 18 12.65 -2.07 0.38
CA THR B 18 14.04 -1.88 0.74
C THR B 18 14.18 -0.97 1.95
N THR B 19 13.45 0.13 1.95
CA THR B 19 13.50 1.07 3.06
C THR B 19 13.01 0.37 4.33
N PHE B 20 11.81 -0.17 4.19
CA PHE B 20 11.15 -1.02 5.19
C PHE B 20 12.11 -2.07 5.79
N PHE B 21 12.76 -2.84 4.90
CA PHE B 21 13.67 -3.93 5.30
C PHE B 21 14.87 -3.44 6.08
N THR B 22 15.35 -2.25 5.75
CA THR B 22 16.48 -1.66 6.45
C THR B 22 16.17 -1.52 7.94
N PHE B 23 14.93 -1.18 8.25
CA PHE B 23 14.50 -1.03 9.63
C PHE B 23 14.04 -2.37 10.20
N ALA B 24 13.33 -3.15 9.40
CA ALA B 24 12.89 -4.48 9.81
C ALA B 24 14.07 -5.35 10.23
N ARG B 25 15.20 -5.19 9.55
CA ARG B 25 16.40 -5.96 9.85
C ARG B 25 17.16 -5.43 11.10
N GLN B 26 16.86 -4.20 11.49
CA GLN B 26 17.52 -3.57 12.65
C GLN B 26 17.37 -4.40 13.93
N GLU B 27 16.14 -4.60 14.39
CA GLU B 27 15.88 -5.36 15.61
C GLU B 27 15.45 -6.79 15.29
N GLY B 28 14.88 -7.47 16.30
CA GLY B 28 14.43 -8.85 16.14
C GLY B 28 13.48 -9.03 14.97
N ARG B 29 13.63 -10.15 14.25
CA ARG B 29 12.82 -10.47 13.08
C ARG B 29 13.09 -9.45 11.97
N LYS B 30 13.99 -9.81 11.06
CA LYS B 30 14.36 -8.92 9.95
C LYS B 30 13.28 -8.85 8.87
N ASP B 31 12.16 -9.51 9.13
CA ASP B 31 11.06 -9.53 8.18
C ASP B 31 9.90 -8.66 8.66
N SER B 32 10.00 -8.15 9.88
CA SER B 32 8.94 -7.32 10.43
C SER B 32 9.47 -6.28 11.43
N LEU B 33 8.83 -5.11 11.46
CA LEU B 33 9.21 -4.04 12.38
C LEU B 33 8.44 -4.20 13.68
N SER B 34 9.07 -3.88 14.81
CA SER B 34 8.43 -4.01 16.10
C SER B 34 7.67 -2.74 16.47
N VAL B 35 7.17 -2.69 17.70
CA VAL B 35 6.42 -1.53 18.18
C VAL B 35 7.35 -0.36 18.44
N ASN B 36 8.65 -0.63 18.49
CA ASN B 36 9.66 0.40 18.72
C ASN B 36 10.04 1.08 17.40
N GLU B 37 10.12 0.29 16.33
CA GLU B 37 10.47 0.83 15.01
C GLU B 37 9.29 1.57 14.40
N PHE B 38 8.08 1.19 14.82
CA PHE B 38 6.88 1.81 14.35
C PHE B 38 6.82 3.15 15.03
N LYS B 39 7.04 3.12 16.33
CA LYS B 39 7.04 4.32 17.14
C LYS B 39 8.15 5.27 16.67
N GLU B 40 9.32 4.73 16.32
CA GLU B 40 10.41 5.58 15.84
C GLU B 40 10.02 6.31 14.57
N LEU B 41 9.43 5.60 13.62
CA LEU B 41 9.09 6.20 12.35
C LEU B 41 7.90 7.13 12.50
N VAL B 42 6.94 6.72 13.29
CA VAL B 42 5.73 7.47 13.47
C VAL B 42 6.08 8.79 14.14
N THR B 43 6.85 8.70 15.23
CA THR B 43 7.37 9.85 15.93
C THR B 43 8.35 10.69 15.07
N GLN B 44 9.36 10.03 14.51
CA GLN B 44 10.45 10.71 13.82
C GLN B 44 10.15 10.94 12.33
N GLN B 45 9.77 9.87 11.63
CA GLN B 45 9.61 9.93 10.18
C GLN B 45 8.22 10.42 9.76
N LEU B 46 7.23 10.23 10.61
CA LEU B 46 5.84 10.45 10.21
C LEU B 46 5.21 11.79 10.66
N PRO B 47 5.82 12.63 11.54
CA PRO B 47 5.20 13.92 11.93
C PRO B 47 4.66 14.71 10.75
N HIS B 48 5.39 14.65 9.65
CA HIS B 48 4.97 15.32 8.43
C HIS B 48 3.83 14.55 7.75
N LEU B 49 3.98 13.22 7.69
CA LEU B 49 3.00 12.36 7.05
C LEU B 49 1.77 12.14 7.94
N LEU B 50 1.95 11.28 8.93
CA LEU B 50 0.91 10.93 9.87
C LEU B 50 0.96 11.83 11.08
N LYS B 51 0.25 12.93 10.95
CA LYS B 51 0.04 13.91 12.01
C LYS B 51 -0.67 13.33 13.22
N ASP B 52 -0.08 12.31 13.76
CA ASP B 52 -0.58 11.63 14.95
C ASP B 52 0.56 10.80 15.50
N VAL B 53 1.62 11.51 15.85
CA VAL B 53 2.86 10.90 16.32
C VAL B 53 2.74 10.48 17.77
N GLY B 54 1.67 10.91 18.42
CA GLY B 54 1.44 10.56 19.80
C GLY B 54 0.89 9.17 19.95
N SER B 55 -0.43 9.05 19.78
CA SER B 55 -1.13 7.80 19.99
C SER B 55 -0.97 6.83 18.83
N LEU B 56 0.27 6.51 18.52
CA LEU B 56 0.60 5.47 17.55
C LEU B 56 -0.23 4.22 17.82
N ASP B 57 -0.56 4.03 19.09
CA ASP B 57 -1.28 2.86 19.59
C ASP B 57 -2.42 2.46 18.68
N GLU B 58 -3.35 3.38 18.39
CA GLU B 58 -4.58 3.03 17.67
C GLU B 58 -4.29 2.30 16.35
N LYS B 59 -3.36 2.88 15.61
CA LYS B 59 -2.98 2.36 14.32
C LYS B 59 -2.23 1.06 14.50
N MET B 60 -1.32 1.08 15.47
CA MET B 60 -0.58 -0.10 15.86
C MET B 60 -1.51 -1.26 16.12
N LYS B 61 -2.54 -1.04 16.93
CA LYS B 61 -3.51 -2.08 17.29
C LYS B 61 -4.21 -2.64 16.05
N SER B 62 -4.51 -1.76 15.11
CA SER B 62 -5.21 -2.16 13.89
C SER B 62 -4.34 -3.07 13.02
N LEU B 63 -3.04 -2.83 13.07
CA LEU B 63 -2.06 -3.60 12.30
C LEU B 63 -1.64 -4.84 13.07
N ASP B 64 -1.30 -4.61 14.32
CA ASP B 64 -0.89 -5.62 15.29
C ASP B 64 -1.94 -6.70 15.50
N VAL B 65 -3.17 -6.41 15.02
CA VAL B 65 -4.44 -7.00 15.50
C VAL B 65 -4.37 -8.44 16.03
N ASN B 66 -3.52 -9.28 15.47
CA ASN B 66 -3.38 -10.66 15.95
C ASN B 66 -2.55 -10.73 17.24
N GLN B 67 -2.27 -9.55 17.87
CA GLN B 67 -1.46 -9.49 19.09
C GLN B 67 -0.11 -10.00 18.69
N ASP B 68 0.33 -9.47 17.56
CA ASP B 68 1.64 -9.73 17.00
C ASP B 68 2.36 -8.39 16.88
N SER B 69 3.30 -8.14 17.79
CA SER B 69 4.05 -6.88 17.80
C SER B 69 4.78 -6.64 16.48
N GLU B 70 5.01 -7.71 15.74
CA GLU B 70 5.70 -7.64 14.47
C GLU B 70 4.75 -7.27 13.33
N LEU B 71 5.00 -6.11 12.73
CA LEU B 71 4.23 -5.62 11.63
C LEU B 71 4.67 -6.30 10.34
N LYS B 72 4.23 -7.54 10.20
CA LYS B 72 4.65 -8.43 9.13
C LYS B 72 3.92 -8.27 7.80
N PHE B 73 4.11 -9.31 6.98
CA PHE B 73 3.57 -9.42 5.63
C PHE B 73 2.12 -8.95 5.51
N ASN B 74 1.98 -7.71 5.07
CA ASN B 74 0.69 -7.07 4.82
C ASN B 74 -0.31 -7.12 5.99
N GLU B 75 0.20 -7.26 7.20
CA GLU B 75 -0.51 -6.74 8.38
C GLU B 75 -0.21 -5.23 8.50
N TYR B 76 1.06 -4.89 8.35
CA TYR B 76 1.54 -3.51 8.30
C TYR B 76 0.79 -2.74 7.22
N TRP B 77 0.62 -3.43 6.10
CA TRP B 77 0.07 -2.89 4.85
C TRP B 77 -1.05 -1.88 5.04
N ARG B 78 -1.96 -2.13 5.97
CA ARG B 78 -3.06 -1.21 6.17
C ARG B 78 -2.51 0.21 6.31
N LEU B 79 -1.51 0.35 7.18
CA LEU B 79 -0.86 1.64 7.38
C LEU B 79 -0.18 2.08 6.10
N ILE B 80 0.49 1.15 5.43
CA ILE B 80 1.21 1.44 4.18
C ILE B 80 0.25 2.04 3.14
N GLY B 81 -0.98 1.58 3.18
CA GLY B 81 -1.98 2.10 2.27
C GLY B 81 -2.48 3.42 2.73
N GLU B 82 -2.66 3.53 4.03
CA GLU B 82 -3.02 4.79 4.63
C GLU B 82 -1.91 5.80 4.30
N LEU B 83 -0.66 5.31 4.23
CA LEU B 83 0.50 6.15 3.95
C LEU B 83 0.42 6.78 2.57
N ALA B 84 0.34 5.94 1.54
CA ALA B 84 0.30 6.39 0.16
C ALA B 84 -0.92 7.25 -0.13
N LYS B 85 -1.97 7.02 0.63
CA LYS B 85 -3.18 7.79 0.51
C LYS B 85 -3.01 9.15 1.18
N GLU B 86 -2.52 9.11 2.42
CA GLU B 86 -2.34 10.31 3.24
C GLU B 86 -1.47 11.35 2.53
N ILE B 87 -0.35 10.91 1.96
CA ILE B 87 0.50 11.82 1.21
C ILE B 87 -0.29 12.56 0.13
N ARG B 88 -1.31 11.90 -0.41
CA ARG B 88 -2.09 12.48 -1.47
C ARG B 88 -3.28 13.28 -0.92
N LYS B 89 -4.19 12.65 -0.21
CA LYS B 89 -5.36 13.38 0.26
C LYS B 89 -5.28 13.76 1.72
N LYS B 90 -4.07 14.07 2.21
CA LYS B 90 -3.87 14.45 3.62
C LYS B 90 -4.93 15.45 4.08
N LYS B 91 -4.83 16.64 3.56
CA LYS B 91 -5.92 17.61 3.54
C LYS B 91 -5.89 18.23 2.16
N ASP B 92 -5.31 17.50 1.21
CA ASP B 92 -5.14 18.00 -0.15
C ASP B 92 -6.45 18.07 -0.95
N LEU B 93 -7.33 18.91 -0.47
CA LEU B 93 -8.59 19.22 -1.11
C LEU B 93 -8.66 20.74 -1.14
N LYS B 94 -7.84 21.30 -0.25
CA LYS B 94 -7.68 22.73 -0.13
C LYS B 94 -6.22 23.06 -0.46
N ILE B 95 -5.30 22.20 0.05
CA ILE B 95 -3.85 22.32 -0.17
C ILE B 95 -3.04 21.54 0.90
N ARG B 96 -1.98 20.84 0.48
CA ARG B 96 -1.12 20.09 1.41
C ARG B 96 0.27 19.85 0.81
N LYS B 97 0.42 20.08 -0.48
CA LYS B 97 1.71 19.99 -1.16
C LYS B 97 2.06 21.40 -1.61
N LYS B 98 3.30 21.86 -1.38
CA LYS B 98 3.62 23.25 -1.71
C LYS B 98 5.11 23.52 -1.53
N MET C 1 1.13 23.68 -4.45
CA MET C 1 0.38 22.56 -5.07
C MET C 1 1.32 21.50 -5.61
N ALA C 2 2.57 21.53 -5.15
CA ALA C 2 3.57 20.57 -5.61
C ALA C 2 4.39 20.00 -4.46
N ALA C 3 4.26 18.70 -4.28
CA ALA C 3 5.09 17.95 -3.34
C ALA C 3 6.56 17.96 -3.76
N GLU C 4 7.33 18.84 -3.15
CA GLU C 4 8.78 18.85 -3.36
C GLU C 4 9.39 17.66 -2.60
N PRO C 5 10.67 17.30 -2.87
CA PRO C 5 11.30 16.09 -2.30
C PRO C 5 10.97 15.88 -0.83
N LEU C 6 10.82 14.63 -0.43
CA LEU C 6 10.29 14.32 0.87
C LEU C 6 11.24 13.53 1.76
N THR C 7 10.77 13.31 2.98
CA THR C 7 11.42 12.46 3.96
C THR C 7 11.43 11.00 3.46
N GLU C 8 12.00 10.06 4.21
CA GLU C 8 12.34 8.75 3.62
C GLU C 8 11.10 7.86 3.38
N LEU C 9 10.25 7.66 4.38
CA LEU C 9 9.06 6.86 4.15
C LEU C 9 8.17 7.52 3.13
N GLU C 10 8.29 8.83 3.05
CA GLU C 10 7.59 9.60 2.04
C GLU C 10 8.24 9.34 0.71
N GLU C 11 9.57 9.29 0.70
CA GLU C 11 10.31 9.02 -0.52
C GLU C 11 9.79 7.75 -1.12
N SER C 12 9.50 6.80 -0.23
CA SER C 12 9.02 5.51 -0.69
C SER C 12 7.55 5.58 -1.16
N ILE C 13 6.68 6.29 -0.44
CA ILE C 13 5.27 6.37 -0.85
C ILE C 13 4.99 7.41 -1.94
N GLU C 14 5.68 8.56 -1.92
CA GLU C 14 5.59 9.55 -3.00
C GLU C 14 5.95 8.92 -4.33
N THR C 15 7.03 8.18 -4.32
CA THR C 15 7.48 7.43 -5.49
C THR C 15 6.36 6.58 -6.09
N VAL C 16 5.50 6.03 -5.24
CA VAL C 16 4.37 5.24 -5.68
C VAL C 16 3.37 6.11 -6.42
N VAL C 17 3.28 7.37 -6.00
CA VAL C 17 2.31 8.32 -6.53
C VAL C 17 2.67 8.72 -7.94
N THR C 18 3.91 9.15 -8.10
CA THR C 18 4.36 9.77 -9.33
C THR C 18 4.18 8.86 -10.52
N THR C 19 4.56 7.61 -10.37
CA THR C 19 4.41 6.63 -11.45
C THR C 19 2.93 6.48 -11.78
N PHE C 20 2.20 6.16 -10.74
CA PHE C 20 0.73 6.09 -10.73
C PHE C 20 0.09 7.27 -11.48
N PHE C 21 0.46 8.50 -11.06
CA PHE C 21 -0.10 9.74 -11.61
C PHE C 21 0.22 9.93 -13.08
N THR C 22 1.36 9.43 -13.52
CA THR C 22 1.76 9.51 -14.91
C THR C 22 0.72 8.84 -15.80
N PHE C 23 0.14 7.76 -15.32
CA PHE C 23 -0.89 7.04 -16.06
C PHE C 23 -2.26 7.61 -15.78
N ALA C 24 -2.51 7.95 -14.51
CA ALA C 24 -3.78 8.57 -14.12
C ALA C 24 -4.05 9.85 -14.90
N ARG C 25 -3.00 10.61 -15.21
CA ARG C 25 -3.14 11.86 -15.95
C ARG C 25 -3.31 11.63 -17.46
N GLN C 26 -2.96 10.44 -17.95
CA GLN C 26 -3.06 10.11 -19.37
C GLN C 26 -4.47 10.27 -19.93
N GLU C 27 -5.39 9.38 -19.55
CA GLU C 27 -6.76 9.44 -20.04
C GLU C 27 -7.65 10.28 -19.13
N GLY C 28 -8.97 10.15 -19.32
CA GLY C 28 -9.94 10.90 -18.53
C GLY C 28 -9.73 10.77 -17.04
N ARG C 29 -9.91 11.90 -16.32
CA ARG C 29 -9.72 11.95 -14.87
C ARG C 29 -8.25 11.71 -14.52
N LYS C 30 -7.52 12.80 -14.32
CA LYS C 30 -6.09 12.73 -14.01
C LYS C 30 -5.84 12.25 -12.57
N ASP C 31 -6.90 11.91 -11.87
CA ASP C 31 -6.78 11.44 -10.49
C ASP C 31 -6.96 9.93 -10.38
N SER C 32 -7.32 9.28 -11.49
CA SER C 32 -7.53 7.84 -11.46
C SER C 32 -7.14 7.19 -12.79
N LEU C 33 -6.77 5.90 -12.74
CA LEU C 33 -6.39 5.17 -13.96
C LEU C 33 -7.64 4.56 -14.57
N SER C 34 -7.69 4.48 -15.90
CA SER C 34 -8.84 3.91 -16.59
C SER C 34 -8.75 2.38 -16.62
N VAL C 35 -9.76 1.75 -17.21
CA VAL C 35 -9.79 0.29 -17.33
C VAL C 35 -8.71 -0.20 -18.29
N ASN C 36 -8.32 0.68 -19.21
CA ASN C 36 -7.30 0.34 -20.20
C ASN C 36 -5.91 0.55 -19.62
N GLU C 37 -5.79 1.41 -18.60
CA GLU C 37 -4.48 1.68 -17.98
C GLU C 37 -4.10 0.53 -17.05
N PHE C 38 -5.11 -0.06 -16.41
CA PHE C 38 -4.94 -1.15 -15.51
C PHE C 38 -4.52 -2.32 -16.36
N LYS C 39 -5.28 -2.52 -17.43
CA LYS C 39 -5.01 -3.58 -18.36
C LYS C 39 -3.62 -3.41 -19.00
N GLU C 40 -3.25 -2.17 -19.31
CA GLU C 40 -1.92 -1.93 -19.89
C GLU C 40 -0.82 -2.35 -18.94
N LEU C 41 -0.92 -1.98 -17.67
CA LEU C 41 0.12 -2.28 -16.71
C LEU C 41 0.09 -3.74 -16.36
N VAL C 42 -1.08 -4.29 -16.20
CA VAL C 42 -1.24 -5.67 -15.81
C VAL C 42 -0.67 -6.56 -16.91
N THR C 43 -1.08 -6.29 -18.13
CA THR C 43 -0.55 -6.95 -19.32
C THR C 43 0.95 -6.68 -19.53
N GLN C 44 1.33 -5.40 -19.57
CA GLN C 44 2.67 -4.99 -19.95
C GLN C 44 3.63 -4.94 -18.75
N GLN C 45 3.23 -4.24 -17.69
CA GLN C 45 4.11 -3.99 -16.55
C GLN C 45 4.09 -5.13 -15.54
N LEU C 46 2.99 -5.87 -15.47
CA LEU C 46 2.78 -6.82 -14.38
C LEU C 46 3.08 -8.29 -14.71
N PRO C 47 3.33 -8.75 -15.97
CA PRO C 47 3.64 -10.16 -16.26
C PRO C 47 4.66 -10.74 -15.29
N HIS C 48 5.64 -9.93 -14.92
CA HIS C 48 6.66 -10.35 -13.98
C HIS C 48 6.09 -10.35 -12.55
N LEU C 49 5.35 -9.30 -12.21
CA LEU C 49 4.77 -9.17 -10.88
C LEU C 49 3.53 -10.05 -10.71
N LEU C 50 2.44 -9.59 -11.29
CA LEU C 50 1.16 -10.28 -11.21
C LEU C 50 0.99 -11.21 -12.38
N LYS C 51 1.48 -12.42 -12.18
CA LYS C 51 1.35 -13.54 -13.10
C LYS C 51 -0.10 -13.92 -13.36
N ASP C 52 -0.83 -12.96 -13.83
CA ASP C 52 -2.23 -13.13 -14.19
C ASP C 52 -2.62 -11.94 -15.05
N VAL C 53 -1.93 -11.86 -16.17
CA VAL C 53 -2.08 -10.74 -17.09
C VAL C 53 -3.32 -10.92 -17.96
N GLY C 54 -3.92 -12.10 -17.89
CA GLY C 54 -5.11 -12.37 -18.66
C GLY C 54 -6.34 -11.80 -18.00
N SER C 55 -6.88 -12.52 -17.03
CA SER C 55 -8.13 -12.14 -16.39
C SER C 55 -7.94 -11.04 -15.34
N LEU C 56 -7.41 -9.92 -15.80
CA LEU C 56 -7.33 -8.71 -14.99
C LEU C 56 -8.66 -8.43 -14.30
N ASP C 57 -9.73 -8.87 -14.97
CA ASP C 57 -11.10 -8.64 -14.55
C ASP C 57 -11.30 -8.85 -13.06
N GLU C 58 -10.92 -10.02 -12.54
CA GLU C 58 -11.23 -10.39 -11.15
C GLU C 58 -10.73 -9.32 -10.16
N LYS C 59 -9.50 -8.92 -10.36
CA LYS C 59 -8.84 -7.95 -9.50
C LYS C 59 -9.46 -6.59 -9.73
N MET C 60 -9.68 -6.29 -11.01
CA MET C 60 -10.35 -5.06 -11.41
C MET C 60 -11.67 -4.93 -10.66
N LYS C 61 -12.49 -5.98 -10.69
CA LYS C 61 -13.80 -5.96 -10.03
C LYS C 61 -13.68 -5.68 -8.54
N SER C 62 -12.66 -6.25 -7.93
CA SER C 62 -12.45 -6.10 -6.49
C SER C 62 -12.11 -4.66 -6.13
N LEU C 63 -11.42 -3.99 -7.04
CA LEU C 63 -10.99 -2.59 -6.87
C LEU C 63 -12.10 -1.64 -7.33
N ASP C 64 -12.60 -1.93 -8.51
CA ASP C 64 -13.68 -1.21 -9.18
C ASP C 64 -14.97 -1.19 -8.36
N VAL C 65 -15.01 -2.06 -7.32
CA VAL C 65 -16.25 -2.60 -6.71
C VAL C 65 -17.48 -1.69 -6.72
N ASN C 66 -17.29 -0.38 -6.60
CA ASN C 66 -18.40 0.56 -6.62
C ASN C 66 -18.90 0.80 -8.06
N GLN C 67 -18.31 0.08 -9.05
CA GLN C 67 -18.69 0.23 -10.47
C GLN C 67 -18.35 1.64 -10.81
N ASP C 68 -17.10 1.91 -10.49
CA ASP C 68 -16.42 3.14 -10.75
C ASP C 68 -15.13 2.73 -11.44
N SER C 69 -15.12 2.84 -12.78
CA SER C 69 -13.98 2.44 -13.61
C SER C 69 -12.76 3.33 -13.40
N GLU C 70 -12.72 3.98 -12.26
CA GLU C 70 -11.62 4.85 -11.92
C GLU C 70 -10.89 4.32 -10.69
N LEU C 71 -9.69 3.77 -10.90
CA LEU C 71 -8.87 3.28 -9.86
C LEU C 71 -8.32 4.44 -9.01
N LYS C 72 -9.20 4.95 -8.15
CA LYS C 72 -8.92 6.16 -7.39
C LYS C 72 -8.32 5.96 -6.00
N PHE C 73 -8.43 7.05 -5.23
CA PHE C 73 -7.93 7.18 -3.87
C PHE C 73 -8.18 5.95 -3.01
N ASN C 74 -7.20 5.06 -2.98
CA ASN C 74 -7.22 3.86 -2.15
C ASN C 74 -8.45 2.95 -2.34
N GLU C 75 -9.09 3.05 -3.49
CA GLU C 75 -9.85 1.91 -4.03
C GLU C 75 -8.87 0.97 -4.73
N TYR C 76 -7.99 1.56 -5.54
CA TYR C 76 -6.89 0.85 -6.19
C TYR C 76 -6.06 0.10 -5.15
N TRP C 77 -5.83 0.81 -4.06
CA TRP C 77 -4.94 0.40 -2.97
C TRP C 77 -4.93 -1.09 -2.67
N ARG C 78 -6.10 -1.73 -2.69
CA ARG C 78 -6.16 -3.14 -2.38
C ARG C 78 -5.13 -3.87 -3.23
N LEU C 79 -5.15 -3.60 -4.54
CA LEU C 79 -4.19 -4.18 -5.46
C LEU C 79 -2.79 -3.75 -5.10
N ILE C 80 -2.63 -2.46 -4.78
CA ILE C 80 -1.32 -1.90 -4.44
C ILE C 80 -0.72 -2.64 -3.27
N GLY C 81 -1.57 -3.09 -2.37
CA GLY C 81 -1.11 -3.85 -1.23
C GLY C 81 -0.82 -5.27 -1.62
N GLU C 82 -1.67 -5.81 -2.46
CA GLU C 82 -1.44 -7.10 -3.01
C GLU C 82 -0.11 -7.06 -3.78
N LEU C 83 0.19 -5.91 -4.38
CA LEU C 83 1.42 -5.73 -5.16
C LEU C 83 2.67 -5.87 -4.30
N ALA C 84 2.76 -5.03 -3.27
CA ALA C 84 3.93 -5.01 -2.39
C ALA C 84 4.09 -6.34 -1.65
N LYS C 85 2.99 -7.02 -1.45
CA LYS C 85 3.01 -8.31 -0.81
C LYS C 85 3.48 -9.38 -1.79
N GLU C 86 2.87 -9.38 -2.98
CA GLU C 86 3.17 -10.37 -4.02
C GLU C 86 4.65 -10.40 -4.37
N ILE C 87 5.25 -9.23 -4.54
CA ILE C 87 6.69 -9.16 -4.81
C ILE C 87 7.49 -9.90 -3.75
N ARG C 88 7.01 -9.87 -2.51
CA ARG C 88 7.73 -10.47 -1.39
C ARG C 88 7.39 -11.95 -1.15
N LYS C 89 6.11 -12.30 -1.09
CA LYS C 89 5.73 -13.69 -0.83
C LYS C 89 5.00 -14.34 -2.02
N LYS C 90 5.38 -13.94 -3.24
CA LYS C 90 4.78 -14.46 -4.49
C LYS C 90 4.63 -15.98 -4.41
N LYS C 91 5.76 -16.66 -4.45
CA LYS C 91 5.88 -18.04 -4.01
C LYS C 91 7.17 -18.11 -3.22
N ASP C 92 7.58 -16.96 -2.70
CA ASP C 92 8.83 -16.85 -1.96
C ASP C 92 8.87 -17.64 -0.65
N LEU C 93 7.93 -18.56 -0.45
CA LEU C 93 7.97 -19.42 0.73
C LEU C 93 9.03 -20.50 0.48
N LYS C 94 9.82 -20.28 -0.57
CA LYS C 94 10.91 -21.13 -0.96
C LYS C 94 11.92 -20.30 -1.76
N ILE C 95 11.42 -19.58 -2.80
CA ILE C 95 12.25 -18.70 -3.63
C ILE C 95 11.51 -18.25 -4.91
N ARG C 96 11.59 -16.94 -5.21
CA ARG C 96 10.98 -16.38 -6.43
C ARG C 96 11.53 -15.01 -6.76
N LYS C 97 12.85 -14.87 -6.51
CA LYS C 97 13.64 -13.67 -6.81
C LYS C 97 15.03 -14.19 -7.21
N LYS C 98 15.67 -13.63 -8.25
CA LYS C 98 16.90 -14.24 -8.73
C LYS C 98 17.43 -13.47 -9.93
N ASN D 1 -16.98 -0.91 -30.80
CA ASN D 1 -17.51 -0.70 -29.43
C ASN D 1 -18.65 0.32 -29.52
N VAL D 2 -19.21 0.71 -28.39
CA VAL D 2 -20.22 1.74 -28.39
C VAL D 2 -19.57 3.08 -28.16
N LYS D 3 -19.73 3.98 -29.10
CA LYS D 3 -19.18 5.32 -28.97
C LYS D 3 -20.26 6.30 -28.60
N TYR D 4 -19.89 7.30 -27.83
CA TYR D 4 -20.80 8.39 -27.55
C TYR D 4 -20.38 9.52 -28.46
N ASN D 5 -21.22 9.83 -29.42
CA ASN D 5 -20.81 10.65 -30.55
C ASN D 5 -21.25 12.07 -30.33
N PHE D 6 -20.39 13.00 -30.67
CA PHE D 6 -20.64 14.40 -30.41
C PHE D 6 -21.88 14.86 -31.16
N MET D 7 -22.76 15.51 -30.43
CA MET D 7 -24.07 15.87 -30.89
C MET D 7 -24.05 17.28 -31.48
N ARG D 8 -23.79 18.30 -30.69
CA ARG D 8 -23.76 19.64 -31.24
C ARG D 8 -23.00 20.63 -30.35
N ILE D 9 -22.37 21.59 -31.01
CA ILE D 9 -21.65 22.67 -30.37
C ILE D 9 -22.60 23.77 -29.94
N ILE D 10 -22.66 24.03 -28.66
CA ILE D 10 -23.50 25.07 -28.12
C ILE D 10 -22.70 26.37 -28.12
N LYS D 11 -22.64 27.02 -26.98
CA LYS D 11 -22.06 28.34 -26.89
C LYS D 11 -20.69 28.22 -26.27
N TYR D 12 -19.86 29.24 -26.44
CA TYR D 12 -18.46 29.12 -26.08
C TYR D 12 -17.91 30.42 -25.53
N GLU D 13 -16.88 30.25 -24.70
CA GLU D 13 -16.21 31.36 -24.00
C GLU D 13 -17.20 32.25 -23.24
N PHE D 14 -18.30 31.67 -22.82
CA PHE D 14 -19.27 32.35 -21.97
C PHE D 14 -19.12 31.86 -20.54
N ILE D 15 -19.30 32.75 -19.57
CA ILE D 15 -19.08 32.41 -18.18
C ILE D 15 -20.39 32.31 -17.40
N LEU D 16 -20.46 31.30 -16.55
CA LEU D 16 -21.60 31.06 -15.70
C LEU D 16 -21.32 31.55 -14.28
N ASN D 17 -22.30 32.24 -13.73
CA ASN D 17 -22.28 32.72 -12.36
C ASN D 17 -23.51 32.21 -11.66
N ASP D 18 -23.40 31.93 -10.38
CA ASP D 18 -24.44 31.24 -9.64
C ASP D 18 -25.37 32.24 -8.96
N ALA D 19 -26.32 31.76 -8.17
CA ALA D 19 -27.24 32.65 -7.46
C ALA D 19 -26.50 33.53 -6.44
N LEU D 20 -25.27 33.17 -6.09
CA LEU D 20 -24.42 33.99 -5.23
C LEU D 20 -23.88 35.13 -6.07
N ASN D 21 -23.98 34.89 -7.37
CA ASN D 21 -23.46 35.76 -8.40
C ASN D 21 -21.97 35.93 -8.24
N GLN D 22 -21.25 34.90 -8.65
CA GLN D 22 -19.82 34.89 -8.59
C GLN D 22 -19.27 34.28 -9.86
N SER D 23 -18.41 35.01 -10.54
CA SER D 23 -17.79 34.53 -11.74
C SER D 23 -16.83 33.42 -11.43
N ILE D 24 -16.92 32.35 -12.18
CA ILE D 24 -16.02 31.23 -11.95
C ILE D 24 -14.61 31.61 -12.39
N ILE D 25 -13.80 32.05 -11.44
CA ILE D 25 -12.52 32.67 -11.76
C ILE D 25 -11.39 31.65 -11.66
N ARG D 26 -10.39 31.84 -12.50
CA ARG D 26 -9.28 30.92 -12.58
C ARG D 26 -8.24 31.25 -11.52
N ALA D 27 -8.11 30.39 -10.52
CA ALA D 27 -7.09 30.56 -9.50
C ALA D 27 -5.86 29.74 -9.86
N ASN D 28 -6.12 28.54 -10.35
CA ASN D 28 -5.08 27.61 -10.75
C ASN D 28 -5.62 26.65 -11.81
N ASP D 29 -4.75 25.79 -12.36
CA ASP D 29 -5.15 24.83 -13.38
C ASP D 29 -5.67 23.54 -12.73
N GLN D 30 -6.05 23.63 -11.45
CA GLN D 30 -6.58 22.49 -10.71
C GLN D 30 -7.62 22.95 -9.70
N TYR D 31 -7.48 24.20 -9.26
CA TYR D 31 -8.41 24.80 -8.29
C TYR D 31 -9.02 26.09 -8.83
N LEU D 32 -10.33 26.23 -8.67
CA LEU D 32 -11.05 27.41 -9.11
C LEU D 32 -12.00 27.91 -8.02
N THR D 33 -11.97 29.22 -7.79
CA THR D 33 -12.81 29.85 -6.78
C THR D 33 -13.76 30.83 -7.45
N ALA D 34 -14.97 30.92 -6.94
CA ALA D 34 -15.95 31.82 -7.52
C ALA D 34 -15.85 33.20 -6.87
N ALA D 35 -15.69 34.20 -7.71
CA ALA D 35 -15.62 35.58 -7.28
C ALA D 35 -16.07 36.47 -8.42
N ALA D 36 -16.79 37.53 -8.11
CA ALA D 36 -17.28 38.43 -9.14
C ALA D 36 -16.10 39.00 -9.92
N LEU D 37 -16.15 38.90 -11.25
CA LEU D 37 -15.02 39.30 -12.07
C LEU D 37 -14.78 40.80 -11.97
N HIS D 38 -13.53 41.16 -12.12
CA HIS D 38 -13.13 42.55 -12.04
C HIS D 38 -12.06 42.83 -13.08
N ASN D 39 -11.44 41.77 -13.60
CA ASN D 39 -10.57 41.89 -14.76
C ASN D 39 -11.29 41.36 -16.01
N LEU D 40 -12.50 40.84 -15.79
CA LEU D 40 -13.37 40.31 -16.87
C LEU D 40 -12.76 39.13 -17.59
N ASP D 41 -11.69 39.34 -18.32
CA ASP D 41 -10.94 38.23 -18.87
C ASP D 41 -10.05 37.73 -17.74
N GLU D 42 -10.73 37.08 -16.82
CA GLU D 42 -10.16 36.67 -15.55
C GLU D 42 -10.76 35.35 -15.11
N ALA D 43 -12.02 35.17 -15.45
CA ALA D 43 -12.71 33.92 -15.24
C ALA D 43 -12.42 32.97 -16.39
N VAL D 44 -12.59 31.69 -16.15
CA VAL D 44 -12.30 30.69 -17.15
C VAL D 44 -13.44 30.64 -18.13
N LYS D 45 -13.14 30.71 -19.40
CA LYS D 45 -14.19 30.76 -20.38
C LYS D 45 -14.48 29.37 -20.87
N PHE D 46 -15.68 28.95 -20.60
CA PHE D 46 -16.07 27.61 -20.93
C PHE D 46 -16.87 27.57 -22.21
N ASP D 47 -16.91 26.38 -22.75
CA ASP D 47 -17.62 26.07 -23.99
C ASP D 47 -18.23 24.70 -23.84
N MET D 48 -19.42 24.57 -24.36
CA MET D 48 -20.18 23.36 -24.18
C MET D 48 -20.16 22.53 -25.46
N GLY D 49 -19.86 21.26 -25.29
CA GLY D 49 -19.87 20.34 -26.40
C GLY D 49 -20.61 19.09 -26.02
N ALA D 50 -21.71 18.82 -26.68
CA ALA D 50 -22.60 17.76 -26.25
C ALA D 50 -22.15 16.44 -26.82
N TYR D 51 -22.41 15.38 -26.09
CA TYR D 51 -22.11 14.04 -26.56
C TYR D 51 -23.40 13.26 -26.44
N LYS D 52 -23.51 12.14 -27.11
CA LYS D 52 -24.77 11.44 -27.06
C LYS D 52 -24.61 9.95 -26.84
N SER D 53 -25.22 9.52 -25.76
CA SER D 53 -25.50 8.13 -25.49
C SER D 53 -26.86 8.12 -24.82
N SER D 54 -27.58 7.01 -24.82
CA SER D 54 -28.87 7.00 -24.16
C SER D 54 -28.70 6.61 -22.69
N LYS D 55 -27.70 7.22 -22.06
CA LYS D 55 -27.47 7.03 -20.65
C LYS D 55 -27.47 8.34 -19.88
N ASP D 56 -28.26 9.31 -20.33
CA ASP D 56 -28.34 10.57 -19.59
C ASP D 56 -29.32 10.40 -18.43
N ASP D 57 -30.28 11.31 -18.33
CA ASP D 57 -31.53 11.01 -17.64
C ASP D 57 -32.70 11.35 -18.55
N ALA D 58 -33.03 12.66 -18.57
CA ALA D 58 -34.04 13.21 -19.46
C ALA D 58 -33.51 14.45 -20.19
N LYS D 59 -32.18 14.60 -20.21
CA LYS D 59 -31.52 15.84 -20.64
C LYS D 59 -30.21 15.51 -21.30
N ILE D 60 -29.81 16.33 -22.26
CA ILE D 60 -28.69 16.02 -23.11
C ILE D 60 -27.45 16.66 -22.51
N THR D 61 -26.32 16.01 -22.72
CA THR D 61 -25.17 16.24 -21.90
C THR D 61 -24.01 16.82 -22.71
N VAL D 62 -23.33 17.80 -22.12
CA VAL D 62 -22.23 18.47 -22.80
C VAL D 62 -21.00 18.50 -21.90
N ILE D 63 -19.84 18.80 -22.48
CA ILE D 63 -18.60 18.84 -21.74
C ILE D 63 -18.17 20.29 -21.59
N LEU D 64 -17.75 20.66 -20.40
CA LEU D 64 -17.36 22.04 -20.14
C LEU D 64 -15.85 22.16 -20.12
N ARG D 65 -15.36 22.95 -21.08
CA ARG D 65 -13.95 23.09 -21.34
C ARG D 65 -13.61 24.55 -21.56
N ILE D 66 -12.37 24.94 -21.27
CA ILE D 66 -11.97 26.31 -21.51
C ILE D 66 -11.62 26.45 -22.99
N SER D 67 -12.21 27.44 -23.63
CA SER D 67 -12.15 27.57 -25.08
C SER D 67 -10.74 27.43 -25.67
N LYS D 68 -9.71 27.73 -24.89
CA LYS D 68 -8.34 27.68 -25.39
C LYS D 68 -7.72 26.30 -25.18
N THR D 69 -7.73 25.81 -23.95
CA THR D 69 -7.17 24.50 -23.63
C THR D 69 -8.26 23.55 -23.20
N GLN D 70 -7.98 22.28 -23.09
CA GLN D 70 -9.06 21.38 -22.78
C GLN D 70 -9.02 21.05 -21.30
N LEU D 71 -9.47 22.02 -20.53
CA LEU D 71 -9.57 21.90 -19.07
C LEU D 71 -11.03 21.64 -18.71
N TYR D 72 -11.32 20.43 -18.26
CA TYR D 72 -12.68 20.06 -17.94
C TYR D 72 -12.87 20.12 -16.44
N VAL D 73 -14.03 20.52 -15.98
CA VAL D 73 -14.30 20.37 -14.57
C VAL D 73 -14.91 18.99 -14.36
N THR D 74 -14.24 18.19 -13.54
CA THR D 74 -14.69 16.83 -13.26
C THR D 74 -15.34 16.70 -11.88
N ALA D 75 -16.08 15.62 -11.69
CA ALA D 75 -16.75 15.34 -10.43
C ALA D 75 -15.95 14.32 -9.63
N GLN D 76 -15.57 14.70 -8.41
CA GLN D 76 -14.79 13.81 -7.55
C GLN D 76 -15.69 12.93 -6.68
N ASP D 77 -16.14 13.46 -5.54
CA ASP D 77 -17.00 12.71 -4.64
C ASP D 77 -17.80 13.67 -3.76
N GLU D 78 -18.94 14.12 -4.29
CA GLU D 78 -19.83 15.05 -3.61
C GLU D 78 -19.05 16.30 -3.18
N ASP D 79 -19.23 16.70 -1.92
CA ASP D 79 -18.55 17.87 -1.36
C ASP D 79 -17.04 17.70 -1.38
N GLN D 80 -16.45 17.98 -2.54
CA GLN D 80 -15.02 17.88 -2.77
C GLN D 80 -14.71 18.71 -4.00
N PRO D 81 -13.80 19.68 -3.86
CA PRO D 81 -13.42 20.61 -4.94
C PRO D 81 -13.10 19.95 -6.27
N VAL D 82 -13.78 20.45 -7.32
CA VAL D 82 -13.59 20.02 -8.69
C VAL D 82 -12.13 20.13 -9.10
N LEU D 83 -11.66 19.10 -9.80
CA LEU D 83 -10.28 19.07 -10.28
C LEU D 83 -10.24 19.36 -11.77
N LEU D 84 -9.53 20.42 -12.14
CA LEU D 84 -9.42 20.82 -13.54
C LEU D 84 -8.43 19.91 -14.28
N LYS D 85 -8.96 19.09 -15.18
CA LYS D 85 -8.13 18.16 -15.96
C LYS D 85 -7.70 18.76 -17.28
N GLU D 86 -6.48 18.46 -17.71
CA GLU D 86 -5.95 19.00 -18.96
C GLU D 86 -5.44 17.89 -19.88
N MET D 87 -6.14 17.70 -20.99
CA MET D 87 -5.78 16.69 -21.98
C MET D 87 -5.76 17.32 -23.38
N PRO D 88 -4.59 17.28 -24.06
CA PRO D 88 -4.42 17.86 -25.40
C PRO D 88 -5.42 17.34 -26.43
N GLU D 89 -6.07 18.29 -27.12
CA GLU D 89 -7.05 18.01 -28.17
C GLU D 89 -8.35 17.37 -27.63
N ILE D 90 -9.47 17.90 -28.12
CA ILE D 90 -10.81 17.42 -27.76
C ILE D 90 -11.15 16.10 -28.43
N PRO D 91 -11.58 15.10 -27.64
CA PRO D 91 -12.04 13.83 -28.17
C PRO D 91 -13.30 13.98 -29.01
N LYS D 92 -13.41 13.17 -30.06
CA LYS D 92 -14.56 13.19 -30.95
C LYS D 92 -15.50 12.05 -30.60
N THR D 93 -14.92 11.04 -29.96
CA THR D 93 -15.64 9.85 -29.57
C THR D 93 -15.38 9.58 -28.10
N ILE D 94 -16.44 9.56 -27.34
CA ILE D 94 -16.35 9.56 -25.89
C ILE D 94 -16.52 8.15 -25.34
N THR D 95 -15.51 7.73 -24.63
CA THR D 95 -15.48 6.43 -24.02
C THR D 95 -15.86 6.57 -22.56
N GLY D 96 -15.91 5.43 -21.86
CA GLY D 96 -16.25 5.42 -20.44
C GLY D 96 -15.04 5.64 -19.56
N SER D 97 -14.45 6.83 -19.66
CA SER D 97 -13.27 7.20 -18.89
C SER D 97 -13.37 8.65 -18.45
N GLU D 98 -14.19 9.42 -19.17
CA GLU D 98 -14.38 10.84 -18.89
C GLU D 98 -15.79 11.10 -18.39
N THR D 99 -16.34 10.16 -17.62
CA THR D 99 -17.70 10.28 -17.10
C THR D 99 -17.83 11.32 -15.98
N ASN D 100 -16.70 11.84 -15.51
CA ASN D 100 -16.70 12.84 -14.44
C ASN D 100 -16.90 14.25 -14.98
N LEU D 101 -16.40 14.51 -16.18
CA LEU D 101 -16.52 15.82 -16.79
C LEU D 101 -17.78 15.95 -17.65
N LEU D 102 -18.71 15.01 -17.48
CA LEU D 102 -19.95 15.04 -18.23
C LEU D 102 -21.03 15.72 -17.41
N PHE D 103 -21.93 16.49 -18.02
CA PHE D 103 -22.85 17.28 -17.22
C PHE D 103 -24.25 17.32 -17.78
N PHE D 104 -25.16 16.87 -16.94
CA PHE D 104 -26.58 16.84 -17.21
C PHE D 104 -27.14 18.20 -16.85
N TRP D 105 -27.39 19.02 -17.86
CA TRP D 105 -27.83 20.38 -17.59
C TRP D 105 -29.34 20.53 -17.67
N GLU D 106 -29.94 20.84 -16.53
CA GLU D 106 -31.37 21.08 -16.45
C GLU D 106 -31.64 22.58 -16.35
N THR D 107 -32.17 23.15 -17.42
CA THR D 107 -32.38 24.58 -17.50
C THR D 107 -33.83 24.94 -17.19
N HIS D 108 -34.01 25.89 -16.27
CA HIS D 108 -35.35 26.37 -15.92
C HIS D 108 -35.44 27.87 -16.15
N GLY D 109 -35.98 28.27 -17.28
CA GLY D 109 -36.11 29.68 -17.61
C GLY D 109 -34.76 30.38 -17.73
N THR D 110 -34.35 31.03 -16.66
CA THR D 110 -33.09 31.74 -16.63
C THR D 110 -32.04 30.96 -15.86
N LYS D 111 -32.45 30.35 -14.76
CA LYS D 111 -31.56 29.57 -13.92
C LYS D 111 -31.36 28.19 -14.53
N ASN D 112 -30.29 27.55 -14.12
CA ASN D 112 -29.95 26.23 -14.64
C ASN D 112 -29.15 25.45 -13.63
N TYR D 113 -29.29 24.14 -13.68
CA TYR D 113 -28.55 23.26 -12.78
C TYR D 113 -27.50 22.47 -13.56
N PHE D 114 -26.52 21.96 -12.85
CA PHE D 114 -25.50 21.11 -13.43
C PHE D 114 -25.39 19.81 -12.64
N THR D 115 -26.02 18.78 -13.17
CA THR D 115 -26.07 17.48 -12.53
C THR D 115 -24.93 16.58 -13.01
N SER D 116 -24.30 15.87 -12.08
CA SER D 116 -23.23 14.94 -12.43
C SER D 116 -23.80 13.68 -13.07
N VAL D 117 -23.26 13.32 -14.24
CA VAL D 117 -23.67 12.11 -14.93
C VAL D 117 -22.98 10.90 -14.29
N ALA D 118 -21.87 11.12 -13.60
CA ALA D 118 -21.14 10.04 -12.94
C ALA D 118 -21.93 9.54 -11.72
N HIS D 119 -21.91 10.34 -10.66
CA HIS D 119 -22.65 10.01 -9.45
C HIS D 119 -23.86 10.93 -9.35
N PRO D 120 -25.08 10.35 -9.36
CA PRO D 120 -26.35 11.10 -9.37
C PRO D 120 -26.49 12.14 -8.27
N ASN D 121 -26.09 11.79 -7.05
CA ASN D 121 -26.30 12.64 -5.88
C ASN D 121 -25.39 13.87 -5.89
N LEU D 122 -24.56 13.99 -6.93
CA LEU D 122 -23.64 15.09 -7.02
C LEU D 122 -24.24 16.22 -7.85
N PHE D 123 -24.04 17.42 -7.35
CA PHE D 123 -24.54 18.63 -7.97
C PHE D 123 -23.50 19.73 -7.75
N ILE D 124 -23.34 20.64 -8.69
CA ILE D 124 -22.26 21.61 -8.60
C ILE D 124 -22.68 22.81 -7.75
N ALA D 125 -22.17 22.84 -6.52
CA ALA D 125 -22.57 23.83 -5.52
C ALA D 125 -21.65 25.03 -5.52
N THR D 126 -22.14 26.16 -5.04
CA THR D 126 -21.37 27.37 -5.04
C THR D 126 -21.18 27.89 -3.62
N LYS D 127 -19.93 28.19 -3.31
CA LYS D 127 -19.53 28.65 -1.99
C LYS D 127 -19.21 30.14 -2.04
N GLN D 128 -19.36 30.81 -0.89
CA GLN D 128 -19.08 32.24 -0.79
C GLN D 128 -17.57 32.52 -0.71
N ASP D 129 -16.82 31.59 -0.14
CA ASP D 129 -15.39 31.82 0.09
C ASP D 129 -14.51 30.72 -0.51
N TYR D 130 -15.07 29.52 -0.58
CA TYR D 130 -14.31 28.38 -1.08
C TYR D 130 -14.48 28.17 -2.57
N TRP D 131 -13.80 27.15 -3.07
CA TRP D 131 -13.82 26.79 -4.48
C TRP D 131 -15.17 26.23 -4.88
N VAL D 132 -15.53 26.44 -6.15
CA VAL D 132 -16.78 25.92 -6.68
C VAL D 132 -16.67 24.41 -6.83
N CYS D 133 -17.30 23.70 -5.92
CA CYS D 133 -17.17 22.25 -5.89
C CYS D 133 -18.44 21.58 -6.41
N LEU D 134 -18.66 20.36 -5.94
CA LEU D 134 -19.84 19.61 -6.22
C LEU D 134 -20.30 19.16 -4.88
N ALA D 135 -21.53 18.70 -4.74
CA ALA D 135 -22.04 18.45 -3.41
C ALA D 135 -23.32 17.67 -3.45
N GLY D 136 -23.70 17.24 -2.29
CA GLY D 136 -25.06 17.01 -2.02
C GLY D 136 -25.46 18.27 -1.33
N GLY D 137 -26.59 18.78 -1.65
CA GLY D 137 -26.88 20.15 -1.28
C GLY D 137 -27.80 20.34 -0.08
N PRO D 138 -27.22 20.63 1.09
CA PRO D 138 -27.85 21.40 2.14
C PRO D 138 -27.25 22.80 2.20
N PRO D 139 -28.06 23.82 2.56
CA PRO D 139 -27.91 25.27 2.29
C PRO D 139 -26.72 25.82 1.45
N SER D 140 -25.96 24.98 0.76
CA SER D 140 -25.04 25.43 -0.27
C SER D 140 -25.85 25.78 -1.51
N ILE D 141 -25.45 26.84 -2.21
CA ILE D 141 -26.22 27.26 -3.38
C ILE D 141 -25.81 26.45 -4.58
N THR D 142 -26.48 25.35 -4.82
CA THR D 142 -26.20 24.56 -5.99
C THR D 142 -27.10 25.03 -7.14
N ASP D 143 -27.32 26.34 -7.17
CA ASP D 143 -28.00 27.03 -8.26
C ASP D 143 -27.00 27.59 -9.24
N PHE D 144 -27.38 27.71 -10.49
CA PHE D 144 -26.60 28.49 -11.43
C PHE D 144 -27.50 29.31 -12.33
N GLN D 145 -26.85 30.22 -13.05
CA GLN D 145 -27.49 31.14 -13.95
C GLN D 145 -26.42 31.57 -14.95
N ILE D 146 -26.72 31.66 -16.22
CA ILE D 146 -25.68 32.00 -17.16
C ILE D 146 -25.71 33.50 -17.46
N LEU D 147 -24.68 34.18 -16.98
CA LEU D 147 -24.52 35.60 -17.28
C LEU D 147 -23.25 35.85 -18.11
N GLU D 148 -23.44 36.46 -19.27
CA GLU D 148 -22.31 36.76 -20.13
C GLU D 148 -21.71 38.10 -19.76
N ASN D 149 -20.43 38.28 -20.06
CA ASN D 149 -19.78 39.57 -19.90
C ASN D 149 -19.93 40.40 -21.17
N GLN D 150 -19.56 41.66 -21.11
CA GLN D 150 -19.73 42.53 -22.26
C GLN D 150 -18.67 42.23 -23.33
N ALA D 151 -17.41 42.25 -22.91
CA ALA D 151 -16.29 41.97 -23.80
C ALA D 151 -15.03 41.72 -22.97
N ASN A 1 12.06 -1.29 32.94
CA ASN A 1 11.09 -2.21 32.28
C ASN A 1 11.36 -3.62 32.77
N VAL A 2 10.67 -4.62 32.24
CA VAL A 2 10.93 -5.99 32.60
C VAL A 2 11.92 -6.57 31.61
N LYS A 3 13.05 -7.01 32.10
CA LYS A 3 14.05 -7.62 31.25
C LYS A 3 14.02 -9.12 31.40
N TYR A 4 14.32 -9.82 30.34
CA TYR A 4 14.49 -11.25 30.41
C TYR A 4 15.97 -11.50 30.42
N ASN A 5 16.48 -11.96 31.55
CA ASN A 5 17.90 -11.92 31.81
C ASN A 5 18.52 -13.26 31.52
N PHE A 6 19.68 -13.24 30.91
CA PHE A 6 20.32 -14.47 30.47
C PHE A 6 20.63 -15.35 31.67
N MET A 7 20.23 -16.60 31.54
CA MET A 7 20.26 -17.56 32.62
C MET A 7 21.56 -18.34 32.60
N ARG A 8 21.80 -19.14 31.56
CA ARG A 8 23.06 -19.88 31.52
C ARG A 8 23.40 -20.36 30.11
N ILE A 9 24.71 -20.41 29.87
CA ILE A 9 25.28 -20.90 28.62
C ILE A 9 25.34 -22.41 28.63
N ILE A 10 24.64 -23.04 27.70
CA ILE A 10 24.65 -24.47 27.56
C ILE A 10 25.80 -24.86 26.64
N LYS A 11 25.51 -25.62 25.62
CA LYS A 11 26.53 -26.21 24.78
C LYS A 11 26.58 -25.43 23.49
N TYR A 12 27.68 -25.55 22.76
CA TYR A 12 27.91 -24.68 21.63
C TYR A 12 28.62 -25.39 20.50
N GLU A 13 28.37 -24.88 19.29
CA GLU A 13 28.89 -25.43 18.04
C GLU A 13 28.59 -26.93 17.89
N PHE A 14 27.51 -27.36 18.50
CA PHE A 14 27.03 -28.72 18.35
C PHE A 14 25.82 -28.73 17.41
N ILE A 15 25.71 -29.76 16.59
CA ILE A 15 24.66 -29.81 15.59
C ILE A 15 23.57 -30.83 15.93
N LEU A 16 22.35 -30.44 15.68
CA LEU A 16 21.19 -31.27 15.92
C LEU A 16 20.68 -31.88 14.61
N ASN A 17 20.38 -33.15 14.67
CA ASN A 17 19.83 -33.90 13.56
C ASN A 17 18.54 -34.57 14.04
N ASP A 18 17.58 -34.69 13.16
CA ASP A 18 16.24 -35.11 13.54
C ASP A 18 16.10 -36.62 13.38
N ALA A 19 14.89 -37.14 13.60
CA ALA A 19 14.65 -38.57 13.45
C ALA A 19 14.84 -39.03 11.99
N LEU A 20 14.85 -38.08 11.05
CA LEU A 20 15.17 -38.38 9.65
C LEU A 20 16.66 -38.56 9.54
N ASN A 21 17.32 -38.05 10.57
CA ASN A 21 18.76 -38.01 10.68
C ASN A 21 19.35 -37.21 9.55
N GLN A 22 19.21 -35.91 9.67
CA GLN A 22 19.74 -34.99 8.68
C GLN A 22 20.38 -33.82 9.39
N SER A 23 21.63 -33.57 9.08
CA SER A 23 22.35 -32.46 9.66
C SER A 23 21.80 -31.16 9.13
N ILE A 24 21.55 -30.24 10.03
CA ILE A 24 21.02 -28.95 9.62
C ILE A 24 22.11 -28.17 8.88
N ILE A 25 22.09 -28.24 7.56
CA ILE A 25 23.20 -27.76 6.76
C ILE A 25 22.92 -26.35 6.25
N ARG A 26 23.98 -25.57 6.11
CA ARG A 26 23.86 -24.18 5.72
C ARG A 26 23.80 -24.07 4.20
N ALA A 27 22.64 -23.69 3.69
CA ALA A 27 22.48 -23.48 2.26
C ALA A 27 22.66 -22.01 1.95
N ASN A 28 22.11 -21.20 2.83
CA ASN A 28 22.20 -19.76 2.72
C ASN A 28 22.05 -19.17 4.12
N ASP A 29 22.43 -17.93 4.28
CA ASP A 29 22.32 -17.25 5.57
C ASP A 29 20.87 -16.97 5.92
N GLN A 30 19.94 -17.32 5.03
CA GLN A 30 18.52 -17.10 5.26
C GLN A 30 17.73 -18.41 5.11
N TYR A 31 18.20 -19.28 4.21
CA TYR A 31 17.54 -20.56 3.97
C TYR A 31 18.45 -21.73 4.35
N LEU A 32 17.91 -22.69 5.10
CA LEU A 32 18.67 -23.85 5.52
C LEU A 32 17.91 -25.14 5.22
N THR A 33 18.61 -26.11 4.66
CA THR A 33 18.04 -27.40 4.32
C THR A 33 18.73 -28.50 5.12
N ALA A 34 17.97 -29.50 5.52
CA ALA A 34 18.54 -30.58 6.29
C ALA A 34 19.04 -31.68 5.37
N ALA A 35 20.30 -32.03 5.54
CA ALA A 35 20.94 -33.08 4.78
C ALA A 35 22.09 -33.65 5.59
N ALA A 36 22.27 -34.95 5.54
CA ALA A 36 23.34 -35.58 6.31
C ALA A 36 24.69 -34.98 5.91
N LEU A 37 25.47 -34.55 6.90
CA LEU A 37 26.71 -33.86 6.60
C LEU A 37 27.70 -34.78 5.92
N HIS A 38 28.53 -34.20 5.11
CA HIS A 38 29.54 -34.92 4.38
C HIS A 38 30.83 -34.12 4.31
N ASN A 39 30.73 -32.82 4.59
CA ASN A 39 31.91 -32.00 4.79
C ASN A 39 32.09 -31.71 6.28
N LEU A 40 31.13 -32.18 7.10
CA LEU A 40 31.14 -32.06 8.56
C LEU A 40 31.09 -30.60 9.02
N ASP A 41 32.14 -29.84 8.76
CA ASP A 41 32.07 -28.41 8.97
C ASP A 41 31.37 -27.84 7.76
N GLU A 42 30.08 -28.09 7.75
CA GLU A 42 29.21 -27.82 6.63
C GLU A 42 27.83 -27.42 7.12
N ALA A 43 27.44 -27.99 8.23
CA ALA A 43 26.23 -27.64 8.91
C ALA A 43 26.47 -26.43 9.81
N VAL A 44 25.42 -25.70 10.14
CA VAL A 44 25.54 -24.52 10.95
C VAL A 44 25.70 -24.93 12.38
N LYS A 45 26.69 -24.39 13.05
CA LYS A 45 26.95 -24.81 14.40
C LYS A 45 26.25 -23.87 15.33
N PHE A 46 25.33 -24.43 16.07
CA PHE A 46 24.53 -23.64 16.96
C PHE A 46 25.01 -23.75 18.38
N ASP A 47 24.59 -22.76 19.14
CA ASP A 47 24.91 -22.62 20.55
C ASP A 47 23.69 -22.11 21.27
N MET A 48 23.46 -22.63 22.44
CA MET A 48 22.27 -22.32 23.17
C MET A 48 22.58 -21.34 24.29
N GLY A 49 21.77 -20.30 24.36
CA GLY A 49 21.89 -19.32 25.42
C GLY A 49 20.53 -19.05 26.01
N ALA A 50 20.36 -19.36 27.27
CA ALA A 50 19.05 -19.32 27.88
C ALA A 50 18.74 -17.93 28.38
N TYR A 51 17.48 -17.58 28.36
CA TYR A 51 17.04 -16.30 28.89
C TYR A 51 15.93 -16.62 29.88
N LYS A 52 15.62 -15.71 30.76
CA LYS A 52 14.63 -16.05 31.75
C LYS A 52 13.59 -14.95 31.94
N SER A 53 12.36 -15.36 31.71
CA SER A 53 11.18 -14.66 32.13
C SER A 53 10.20 -15.72 32.56
N SER A 54 9.19 -15.41 33.36
CA SER A 54 8.24 -16.44 33.74
C SER A 54 7.10 -16.49 32.73
N LYS A 55 7.47 -16.47 31.46
CA LYS A 55 6.52 -16.62 30.38
C LYS A 55 6.88 -17.77 29.46
N ASP A 56 7.49 -18.83 30.00
CA ASP A 56 7.78 -19.99 29.15
C ASP A 56 6.53 -20.85 29.04
N ASP A 57 6.66 -22.15 29.34
CA ASP A 57 5.52 -22.94 29.74
C ASP A 57 5.87 -23.67 31.05
N ALA A 58 6.58 -24.78 30.88
CA ALA A 58 7.13 -25.56 32.00
C ALA A 58 8.62 -25.85 31.79
N LYS A 59 9.26 -25.11 30.89
CA LYS A 59 10.59 -25.43 30.38
C LYS A 59 11.34 -24.14 30.09
N ILE A 60 12.64 -24.18 30.24
CA ILE A 60 13.46 -22.98 30.20
C ILE A 60 13.96 -22.80 28.78
N THR A 61 14.13 -21.56 28.38
CA THR A 61 14.21 -21.23 26.97
C THR A 61 15.56 -20.64 26.61
N VAL A 62 16.08 -21.06 25.48
CA VAL A 62 17.40 -20.63 25.03
C VAL A 62 17.32 -20.12 23.59
N ILE A 63 18.35 -19.42 23.13
CA ILE A 63 18.38 -18.87 21.79
C ILE A 63 19.39 -19.65 20.98
N LEU A 64 19.01 -20.01 19.77
CA LEU A 64 19.90 -20.80 18.92
C LEU A 64 20.57 -19.92 17.88
N ARG A 65 21.89 -19.86 18.00
CA ARG A 65 22.71 -18.97 17.22
C ARG A 65 23.93 -19.72 16.70
N ILE A 66 24.49 -19.29 15.58
CA ILE A 66 25.68 -19.91 15.07
C ILE A 66 26.88 -19.33 15.82
N SER A 67 27.71 -20.21 16.36
CA SER A 67 28.77 -19.83 17.29
C SER A 67 29.61 -18.65 16.82
N LYS A 68 29.71 -18.42 15.51
CA LYS A 68 30.53 -17.36 14.98
C LYS A 68 29.76 -16.05 14.85
N THR A 69 28.64 -16.09 14.14
CA THR A 69 27.82 -14.90 13.95
C THR A 69 26.49 -15.06 14.64
N GLN A 70 25.70 -14.03 14.76
CA GLN A 70 24.49 -14.20 15.52
C GLN A 70 23.32 -14.37 14.57
N LEU A 71 23.27 -15.58 14.03
CA LEU A 71 22.22 -16.01 13.13
C LEU A 71 21.22 -16.86 13.91
N TYR A 72 20.04 -16.30 14.20
CA TYR A 72 19.06 -17.01 14.98
C TYR A 72 18.00 -17.56 14.05
N VAL A 73 17.47 -18.72 14.35
CA VAL A 73 16.30 -19.16 13.62
C VAL A 73 15.07 -18.62 14.32
N THR A 74 14.30 -17.82 13.60
CA THR A 74 13.08 -17.22 14.15
C THR A 74 11.84 -17.94 13.64
N ALA A 75 10.80 -17.95 14.46
CA ALA A 75 9.54 -18.58 14.11
C ALA A 75 8.66 -17.60 13.33
N GLN A 76 8.41 -17.92 12.07
CA GLN A 76 7.60 -17.06 11.21
C GLN A 76 6.10 -17.26 11.47
N ASP A 77 5.53 -18.31 10.88
CA ASP A 77 4.10 -18.61 11.05
C ASP A 77 3.83 -20.06 10.72
N GLU A 78 4.08 -20.94 11.70
CA GLU A 78 3.89 -22.38 11.53
C GLU A 78 4.66 -22.88 10.31
N ASP A 79 4.01 -23.68 9.47
CA ASP A 79 4.63 -24.28 8.30
C ASP A 79 4.97 -23.21 7.27
N GLN A 80 6.10 -22.58 7.56
CA GLN A 80 6.69 -21.52 6.77
C GLN A 80 8.18 -21.50 7.15
N PRO A 81 9.08 -21.49 6.15
CA PRO A 81 10.54 -21.54 6.37
C PRO A 81 11.10 -20.55 7.40
N VAL A 82 11.98 -21.08 8.25
CA VAL A 82 12.68 -20.30 9.26
C VAL A 82 13.53 -19.21 8.64
N LEU A 83 13.45 -18.03 9.22
CA LEU A 83 14.20 -16.88 8.76
C LEU A 83 15.43 -16.66 9.63
N LEU A 84 16.60 -16.95 9.08
CA LEU A 84 17.85 -16.80 9.81
C LEU A 84 18.25 -15.32 9.86
N LYS A 85 18.05 -14.71 11.02
CA LYS A 85 18.37 -13.29 11.23
C LYS A 85 19.80 -13.11 11.74
N GLU A 86 20.45 -12.03 11.33
CA GLU A 86 21.81 -11.75 11.76
C GLU A 86 21.92 -10.37 12.40
N MET A 87 22.30 -10.35 13.67
CA MET A 87 22.46 -9.10 14.40
C MET A 87 23.78 -9.12 15.18
N PRO A 88 24.68 -8.17 14.86
CA PRO A 88 26.00 -8.09 15.52
C PRO A 88 25.92 -8.03 17.05
N GLU A 89 26.65 -8.97 17.68
CA GLU A 89 26.72 -9.08 19.15
C GLU A 89 25.41 -9.58 19.78
N ILE A 90 25.55 -10.54 20.70
CA ILE A 90 24.44 -11.12 21.43
C ILE A 90 23.89 -10.19 22.50
N PRO A 91 22.58 -9.96 22.51
CA PRO A 91 21.92 -9.16 23.55
C PRO A 91 22.01 -9.83 24.91
N LYS A 92 22.14 -9.02 25.95
CA LYS A 92 22.22 -9.51 27.32
C LYS A 92 20.87 -9.36 28.00
N THR A 93 20.08 -8.44 27.46
CA THR A 93 18.76 -8.13 27.99
C THR A 93 17.77 -8.17 26.86
N ILE A 94 16.79 -9.04 26.99
CA ILE A 94 15.90 -9.38 25.91
C ILE A 94 14.59 -8.61 26.04
N THR A 95 14.14 -7.99 24.95
CA THR A 95 12.89 -7.23 24.98
C THR A 95 11.71 -7.99 24.38
N GLY A 96 10.63 -7.27 24.07
CA GLY A 96 9.45 -7.89 23.48
C GLY A 96 9.58 -8.08 21.98
N SER A 97 10.47 -7.30 21.36
CA SER A 97 10.70 -7.40 19.92
C SER A 97 11.27 -8.77 19.57
N GLU A 98 12.20 -9.23 20.41
CA GLU A 98 12.83 -10.53 20.23
C GLU A 98 12.01 -11.61 20.93
N THR A 99 11.22 -12.33 20.16
CA THR A 99 10.37 -13.39 20.73
C THR A 99 10.26 -14.58 19.78
N ASN A 100 10.71 -14.39 18.54
CA ASN A 100 10.64 -15.44 17.53
C ASN A 100 11.88 -16.33 17.60
N LEU A 101 12.99 -15.76 18.03
CA LEU A 101 14.25 -16.50 18.14
C LEU A 101 14.39 -17.18 19.49
N LEU A 102 13.30 -17.24 20.24
CA LEU A 102 13.29 -17.86 21.57
C LEU A 102 12.76 -19.28 21.44
N PHE A 103 13.28 -20.24 22.23
CA PHE A 103 12.91 -21.62 22.00
C PHE A 103 12.71 -22.40 23.27
N PHE A 104 11.50 -22.92 23.38
CA PHE A 104 11.08 -23.75 24.49
C PHE A 104 11.49 -25.17 24.19
N TRP A 105 12.56 -25.63 24.80
CA TRP A 105 13.10 -26.94 24.47
C TRP A 105 12.63 -28.01 25.45
N GLU A 106 11.85 -28.95 24.93
CA GLU A 106 11.36 -30.06 25.70
C GLU A 106 12.16 -31.32 25.36
N THR A 107 12.99 -31.76 26.28
CA THR A 107 13.89 -32.88 26.03
C THR A 107 13.33 -34.18 26.62
N HIS A 108 13.29 -35.23 25.81
CA HIS A 108 12.83 -36.53 26.25
C HIS A 108 13.91 -37.57 26.01
N GLY A 109 14.67 -37.89 27.05
CA GLY A 109 15.74 -38.86 26.93
C GLY A 109 16.82 -38.43 25.96
N THR A 110 16.73 -38.93 24.74
CA THR A 110 17.70 -38.60 23.70
C THR A 110 17.12 -37.58 22.72
N LYS A 111 15.85 -37.75 22.38
CA LYS A 111 15.19 -36.86 21.47
C LYS A 111 14.76 -35.59 22.18
N ASN A 112 14.51 -34.56 21.41
CA ASN A 112 14.14 -33.27 21.96
C ASN A 112 13.31 -32.48 20.97
N TYR A 113 12.43 -31.64 21.49
CA TYR A 113 11.59 -30.81 20.65
C TYR A 113 12.01 -29.34 20.78
N PHE A 114 11.63 -28.55 19.80
CA PHE A 114 11.86 -27.11 19.83
C PHE A 114 10.56 -26.36 19.59
N THR A 115 9.97 -25.90 20.67
CA THR A 115 8.70 -25.21 20.65
C THR A 115 8.89 -23.70 20.53
N SER A 116 8.10 -23.06 19.68
CA SER A 116 8.15 -21.61 19.54
C SER A 116 7.51 -20.92 20.73
N VAL A 117 8.24 -19.98 21.33
CA VAL A 117 7.74 -19.19 22.44
C VAL A 117 6.82 -18.08 21.93
N ALA A 118 6.98 -17.72 20.65
CA ALA A 118 6.14 -16.71 20.03
C ALA A 118 4.72 -17.25 19.88
N HIS A 119 4.63 -18.46 19.34
CA HIS A 119 3.36 -19.16 19.17
C HIS A 119 3.51 -20.61 19.61
N PRO A 120 2.75 -21.01 20.65
CA PRO A 120 2.81 -22.34 21.27
C PRO A 120 2.70 -23.51 20.28
N ASN A 121 1.77 -23.40 19.33
CA ASN A 121 1.46 -24.50 18.43
C ASN A 121 2.59 -24.75 17.41
N LEU A 122 3.65 -23.96 17.49
CA LEU A 122 4.75 -24.07 16.56
C LEU A 122 5.83 -24.97 17.13
N PHE A 123 6.35 -25.82 16.28
CA PHE A 123 7.39 -26.77 16.62
C PHE A 123 8.30 -26.91 15.41
N ILE A 124 9.58 -27.13 15.61
CA ILE A 124 10.53 -27.10 14.50
C ILE A 124 10.59 -28.48 13.83
N ALA A 125 9.94 -28.57 12.66
CA ALA A 125 9.77 -29.83 11.95
C ALA A 125 10.87 -30.04 10.93
N THR A 126 11.10 -31.30 10.57
CA THR A 126 12.16 -31.62 9.64
C THR A 126 11.61 -32.31 8.40
N LYS A 127 12.01 -31.80 7.26
CA LYS A 127 11.55 -32.28 5.97
C LYS A 127 12.66 -33.08 5.29
N GLN A 128 12.27 -34.01 4.43
CA GLN A 128 13.22 -34.83 3.68
C GLN A 128 13.87 -34.06 2.52
N ASP A 129 13.14 -33.12 1.94
CA ASP A 129 13.61 -32.43 0.75
C ASP A 129 13.61 -30.91 0.92
N TYR A 130 12.70 -30.41 1.74
CA TYR A 130 12.56 -28.98 1.93
C TYR A 130 13.36 -28.45 3.12
N TRP A 131 13.28 -27.13 3.29
CA TRP A 131 13.99 -26.43 4.36
C TRP A 131 13.42 -26.78 5.72
N VAL A 132 14.29 -26.82 6.73
CA VAL A 132 13.87 -27.13 8.09
C VAL A 132 13.04 -25.96 8.62
N CYS A 133 11.73 -26.17 8.66
CA CYS A 133 10.83 -25.10 9.04
C CYS A 133 10.29 -25.30 10.45
N LEU A 134 9.11 -24.75 10.68
CA LEU A 134 8.39 -24.91 11.92
C LEU A 134 7.02 -25.32 11.47
N ALA A 135 6.20 -25.84 12.34
CA ALA A 135 4.97 -26.42 11.88
C ALA A 135 4.03 -26.71 13.02
N GLY A 136 2.83 -27.02 12.63
CA GLY A 136 2.01 -27.84 13.43
C GLY A 136 2.21 -29.18 12.82
N GLY A 137 2.35 -30.17 13.63
CA GLY A 137 2.87 -31.42 13.13
C GLY A 137 1.86 -32.53 12.88
N PRO A 138 1.46 -32.71 11.61
CA PRO A 138 1.01 -33.99 11.07
C PRO A 138 2.11 -34.57 10.17
N PRO A 139 2.23 -35.91 10.13
CA PRO A 139 3.40 -36.74 9.73
C PRO A 139 4.75 -36.07 9.32
N SER A 140 4.94 -34.78 9.55
CA SER A 140 6.25 -34.17 9.48
C SER A 140 7.04 -34.57 10.73
N ILE A 141 8.33 -34.81 10.59
CA ILE A 141 9.10 -35.24 11.73
C ILE A 141 9.56 -34.04 12.53
N THR A 142 8.76 -33.64 13.50
CA THR A 142 9.14 -32.55 14.37
C THR A 142 9.91 -33.11 15.58
N ASP A 143 10.70 -34.14 15.31
CA ASP A 143 11.62 -34.73 16.27
C ASP A 143 13.00 -34.16 16.06
N PHE A 144 13.79 -34.10 17.11
CA PHE A 144 15.21 -33.84 16.98
C PHE A 144 16.03 -34.72 17.89
N GLN A 145 17.33 -34.69 17.65
CA GLN A 145 18.31 -35.46 18.37
C GLN A 145 19.64 -34.75 18.18
N ILE A 146 20.44 -34.62 19.20
CA ILE A 146 21.68 -33.88 19.02
C ILE A 146 22.83 -34.84 18.75
N LEU A 147 23.31 -34.79 17.52
CA LEU A 147 24.49 -35.56 17.13
C LEU A 147 25.67 -34.66 16.77
N GLU A 148 26.77 -34.83 17.46
CA GLU A 148 27.95 -34.04 17.19
C GLU A 148 28.79 -34.69 16.09
N ASN A 149 29.56 -33.89 15.38
CA ASN A 149 30.51 -34.40 14.41
C ASN A 149 31.85 -34.67 15.10
N GLN A 150 32.76 -35.32 14.40
CA GLN A 150 34.04 -35.67 14.97
C GLN A 150 34.94 -34.45 15.09
N ALA A 151 35.12 -33.77 13.96
CA ALA A 151 35.94 -32.56 13.90
C ALA A 151 35.68 -31.82 12.60
N MET B 1 18.31 -14.42 -3.86
CA MET B 1 17.79 -13.97 -2.55
C MET B 1 17.81 -12.45 -2.44
N ALA B 2 18.15 -11.78 -3.54
CA ALA B 2 18.24 -10.33 -3.56
C ALA B 2 17.54 -9.73 -4.76
N ALA B 3 16.48 -8.96 -4.49
CA ALA B 3 15.79 -8.19 -5.52
C ALA B 3 16.70 -7.13 -6.11
N GLU B 4 17.27 -7.42 -7.26
CA GLU B 4 18.04 -6.42 -8.00
C GLU B 4 17.09 -5.42 -8.65
N PRO B 5 17.56 -4.25 -9.14
CA PRO B 5 16.68 -3.18 -9.65
C PRO B 5 15.52 -3.70 -10.49
N LEU B 6 14.38 -3.05 -10.39
CA LEU B 6 13.17 -3.57 -10.95
C LEU B 6 12.52 -2.67 -12.00
N THR B 7 11.45 -3.20 -12.57
CA THR B 7 10.57 -2.48 -13.49
C THR B 7 9.89 -1.30 -12.75
N GLU B 8 9.05 -0.50 -13.42
CA GLU B 8 8.66 0.79 -12.87
C GLU B 8 7.68 0.67 -11.70
N LEU B 9 6.58 -0.06 -11.88
CA LEU B 9 5.64 -0.19 -10.77
C LEU B 9 6.31 -0.93 -9.62
N GLU B 10 7.28 -1.73 -9.97
CA GLU B 10 8.09 -2.42 -8.96
C GLU B 10 9.00 -1.41 -8.29
N GLU B 11 9.54 -0.50 -9.10
CA GLU B 11 10.43 0.54 -8.57
C GLU B 11 9.69 1.27 -7.50
N SER B 12 8.41 1.47 -7.74
CA SER B 12 7.59 2.18 -6.77
C SER B 12 7.26 1.32 -5.53
N ILE B 13 6.93 0.03 -5.72
CA ILE B 13 6.61 -0.81 -4.57
C ILE B 13 7.82 -1.40 -3.85
N GLU B 14 8.90 -1.74 -4.58
CA GLU B 14 10.17 -2.16 -3.97
C GLU B 14 10.69 -1.09 -3.03
N THR B 15 10.66 0.13 -3.51
CA THR B 15 11.04 1.30 -2.73
C THR B 15 10.33 1.34 -1.38
N VAL B 16 9.08 0.90 -1.35
CA VAL B 16 8.31 0.84 -0.11
C VAL B 16 8.90 -0.20 0.82
N VAL B 17 9.45 -1.25 0.24
CA VAL B 17 9.97 -2.38 1.00
C VAL B 17 11.24 -2.00 1.73
N THR B 18 12.18 -1.43 0.97
CA THR B 18 13.53 -1.20 1.45
C THR B 18 13.54 -0.33 2.70
N THR B 19 12.76 0.74 2.66
CA THR B 19 12.68 1.65 3.81
C THR B 19 12.12 0.89 5.01
N PHE B 20 10.96 0.32 4.76
CA PHE B 20 10.27 -0.59 5.68
C PHE B 20 11.22 -1.60 6.32
N PHE B 21 11.96 -2.33 5.47
CA PHE B 21 12.87 -3.40 5.92
C PHE B 21 14.02 -2.88 6.77
N THR B 22 14.45 -1.66 6.52
CA THR B 22 15.52 -1.04 7.30
C THR B 22 15.11 -0.97 8.77
N PHE B 23 13.84 -0.72 9.03
CA PHE B 23 13.34 -0.65 10.39
C PHE B 23 12.92 -2.03 10.88
N ALA B 24 12.29 -2.80 10.01
CA ALA B 24 11.90 -4.18 10.35
C ALA B 24 13.10 -5.00 10.79
N ARG B 25 14.25 -4.74 10.18
CA ARG B 25 15.50 -5.44 10.48
C ARG B 25 16.18 -4.89 11.75
N GLN B 26 15.81 -3.68 12.17
CA GLN B 26 16.40 -3.03 13.34
C GLN B 26 16.30 -3.91 14.59
N GLU B 27 15.09 -4.26 15.00
CA GLU B 27 14.89 -5.07 16.20
C GLU B 27 14.63 -6.55 15.84
N GLY B 28 14.11 -7.31 16.82
CA GLY B 28 13.81 -8.72 16.60
C GLY B 28 12.89 -8.95 15.44
N ARG B 29 13.13 -10.05 14.70
CA ARG B 29 12.33 -10.39 13.52
C ARG B 29 12.54 -9.33 12.43
N LYS B 30 13.49 -9.57 11.55
CA LYS B 30 13.81 -8.62 10.48
C LYS B 30 12.73 -8.59 9.40
N ASP B 31 11.72 -9.44 9.55
CA ASP B 31 10.63 -9.50 8.60
C ASP B 31 9.41 -8.69 9.06
N SER B 32 9.47 -8.14 10.27
CA SER B 32 8.34 -7.36 10.79
C SER B 32 8.82 -6.26 11.74
N LEU B 33 8.06 -5.16 11.79
CA LEU B 33 8.37 -4.04 12.68
C LEU B 33 7.67 -4.24 14.01
N SER B 34 8.32 -3.86 15.09
CA SER B 34 7.74 -4.00 16.42
C SER B 34 6.92 -2.78 16.79
N VAL B 35 6.42 -2.75 18.01
CA VAL B 35 5.61 -1.62 18.49
C VAL B 35 6.49 -0.40 18.74
N ASN B 36 7.81 -0.59 18.69
CA ASN B 36 8.75 0.49 18.91
C ASN B 36 9.12 1.16 17.60
N GLU B 37 9.23 0.38 16.52
CA GLU B 37 9.57 0.93 15.21
C GLU B 37 8.40 1.71 14.61
N PHE B 38 7.19 1.29 14.97
CA PHE B 38 5.99 1.93 14.51
C PHE B 38 5.92 3.26 15.22
N LYS B 39 6.14 3.19 16.52
CA LYS B 39 6.13 4.38 17.35
C LYS B 39 7.24 5.32 16.93
N GLU B 40 8.41 4.79 16.59
CA GLU B 40 9.52 5.65 16.15
C GLU B 40 9.15 6.42 14.88
N LEU B 41 8.56 5.74 13.91
CA LEU B 41 8.24 6.37 12.64
C LEU B 41 7.06 7.29 12.81
N VAL B 42 6.08 6.87 13.57
CA VAL B 42 4.87 7.62 13.76
C VAL B 42 5.21 8.93 14.48
N THR B 43 5.96 8.80 15.56
CA THR B 43 6.49 9.93 16.30
C THR B 43 7.47 10.78 15.47
N GLN B 44 8.50 10.14 14.91
CA GLN B 44 9.59 10.83 14.26
C GLN B 44 9.31 11.11 12.77
N GLN B 45 8.93 10.06 12.04
CA GLN B 45 8.81 10.16 10.59
C GLN B 45 7.42 10.65 10.16
N LEU B 46 6.42 10.45 10.99
CA LEU B 46 5.03 10.68 10.59
C LEU B 46 4.40 12.01 11.06
N PRO B 47 4.99 12.83 11.96
CA PRO B 47 4.38 14.10 12.39
C PRO B 47 3.85 14.93 11.22
N HIS B 48 4.60 14.90 10.11
CA HIS B 48 4.20 15.60 8.91
C HIS B 48 3.07 14.84 8.20
N LEU B 49 3.22 13.52 8.11
CA LEU B 49 2.23 12.68 7.43
C LEU B 49 0.99 12.44 8.30
N LEU B 50 1.16 11.57 9.27
CA LEU B 50 0.10 11.19 10.19
C LEU B 50 0.14 12.06 11.42
N LYS B 51 -0.57 13.16 11.31
CA LYS B 51 -0.78 14.11 12.38
C LYS B 51 -1.52 13.49 13.58
N ASP B 52 -0.94 12.47 14.10
CA ASP B 52 -1.44 11.76 15.26
C ASP B 52 -0.32 10.91 15.80
N VAL B 53 0.74 11.60 16.19
CA VAL B 53 1.97 10.98 16.65
C VAL B 53 1.83 10.53 18.10
N GLY B 54 0.74 10.94 18.74
CA GLY B 54 0.51 10.56 20.10
C GLY B 54 -0.06 9.16 20.22
N SER B 55 -1.37 9.05 20.02
CA SER B 55 -2.08 7.79 20.19
C SER B 55 -1.90 6.86 19.00
N LEU B 56 -0.66 6.53 18.71
CA LEU B 56 -0.32 5.53 17.72
C LEU B 56 -1.16 4.26 17.93
N ASP B 57 -1.51 4.05 19.20
CA ASP B 57 -2.23 2.87 19.65
C ASP B 57 -3.37 2.49 18.72
N GLU B 58 -4.28 3.42 18.44
CA GLU B 58 -5.51 3.10 17.70
C GLU B 58 -5.20 2.41 16.36
N LYS B 59 -4.26 2.99 15.65
CA LYS B 59 -3.85 2.51 14.34
C LYS B 59 -3.11 1.21 14.51
N MET B 60 -2.23 1.20 15.50
CA MET B 60 -1.48 0.01 15.86
C MET B 60 -2.44 -1.16 16.08
N LYS B 61 -3.47 -0.96 16.88
CA LYS B 61 -4.45 -2.01 17.19
C LYS B 61 -5.12 -2.53 15.94
N SER B 62 -5.41 -1.62 15.01
CA SER B 62 -6.10 -1.99 13.78
C SER B 62 -5.22 -2.88 12.89
N LEU B 63 -3.92 -2.64 12.97
CA LEU B 63 -2.94 -3.39 12.18
C LEU B 63 -2.52 -4.65 12.93
N ASP B 64 -2.20 -4.46 14.19
CA ASP B 64 -1.80 -5.50 15.14
C ASP B 64 -2.87 -6.58 15.30
N VAL B 65 -4.08 -6.28 14.82
CA VAL B 65 -5.37 -6.87 15.26
C VAL B 65 -5.31 -8.33 15.76
N ASN B 66 -4.45 -9.16 15.19
CA ASN B 66 -4.33 -10.55 15.64
C ASN B 66 -3.52 -10.64 16.95
N GLN B 67 -3.22 -9.51 17.56
CA GLN B 67 -2.41 -9.47 18.79
C GLN B 67 -0.97 -9.77 18.45
N ASP B 68 -0.76 -10.13 17.18
CA ASP B 68 0.56 -10.38 16.66
C ASP B 68 1.19 -9.03 16.44
N SER B 69 1.86 -8.56 17.47
CA SER B 69 2.52 -7.20 17.46
C SER B 69 3.80 -7.08 16.62
N GLU B 70 3.67 -7.66 15.44
CA GLU B 70 4.66 -7.67 14.41
C GLU B 70 3.96 -7.19 13.14
N LEU B 71 4.26 -5.96 12.72
CA LEU B 71 3.65 -5.37 11.58
C LEU B 71 4.18 -6.01 10.31
N LYS B 72 3.66 -7.21 10.04
CA LYS B 72 4.15 -8.07 8.96
C LYS B 72 3.42 -7.95 7.63
N PHE B 73 3.63 -9.01 6.83
CA PHE B 73 3.08 -9.17 5.49
C PHE B 73 1.64 -8.71 5.36
N ASN B 74 1.48 -7.45 4.95
CA ASN B 74 0.18 -6.85 4.69
C ASN B 74 -0.85 -6.93 5.83
N GLU B 75 -0.34 -7.09 7.06
CA GLU B 75 -1.09 -6.60 8.24
C GLU B 75 -0.82 -5.10 8.38
N TYR B 76 0.45 -4.75 8.27
CA TYR B 76 0.90 -3.34 8.26
C TYR B 76 0.15 -2.57 7.19
N TRP B 77 0.02 -3.23 6.05
CA TRP B 77 -0.52 -2.67 4.80
C TRP B 77 -1.66 -1.69 4.99
N ARG B 78 -2.59 -1.97 5.89
CA ARG B 78 -3.70 -1.08 6.09
C ARG B 78 -3.19 0.34 6.27
N LEU B 79 -2.21 0.49 7.17
CA LEU B 79 -1.59 1.78 7.41
C LEU B 79 -0.89 2.27 6.15
N ILE B 80 -0.19 1.36 5.47
CA ILE B 80 0.55 1.70 4.24
C ILE B 80 -0.40 2.29 3.20
N GLY B 81 -1.63 1.81 3.20
CA GLY B 81 -2.61 2.33 2.29
C GLY B 81 -3.15 3.64 2.77
N GLU B 82 -3.36 3.72 4.07
CA GLU B 82 -3.74 4.95 4.68
C GLU B 82 -2.65 5.98 4.39
N LEU B 83 -1.40 5.52 4.34
CA LEU B 83 -0.24 6.40 4.10
C LEU B 83 -0.31 7.05 2.73
N ALA B 84 -0.36 6.23 1.69
CA ALA B 84 -0.37 6.71 0.31
C ALA B 84 -1.61 7.55 0.02
N LYS B 85 -2.67 7.28 0.75
CA LYS B 85 -3.89 8.04 0.62
C LYS B 85 -3.76 9.38 1.33
N GLU B 86 -3.29 9.33 2.58
CA GLU B 86 -3.15 10.52 3.42
C GLU B 86 -2.28 11.58 2.76
N ILE B 87 -1.16 11.17 2.20
CA ILE B 87 -0.30 12.12 1.48
C ILE B 87 -1.08 12.86 0.40
N ARG B 88 -2.08 12.20 -0.17
CA ARG B 88 -2.85 12.79 -1.23
C ARG B 88 -4.06 13.56 -0.69
N LYS B 89 -4.97 12.90 0.01
CA LYS B 89 -6.18 13.59 0.47
C LYS B 89 -6.17 13.85 1.96
N LYS B 90 -5.00 14.21 2.49
CA LYS B 90 -4.85 14.46 3.95
C LYS B 90 -6.04 15.27 4.48
N LYS B 91 -6.08 16.52 4.09
CA LYS B 91 -7.28 17.35 4.16
C LYS B 91 -7.31 18.12 2.85
N ASP B 92 -6.68 17.50 1.85
CA ASP B 92 -6.54 18.06 0.50
C ASP B 92 -7.87 18.15 -0.26
N LEU B 93 -8.86 18.76 0.35
CA LEU B 93 -10.13 19.03 -0.27
C LEU B 93 -10.21 20.54 -0.46
N LYS B 94 -9.01 21.12 -0.38
CA LYS B 94 -8.79 22.55 -0.51
C LYS B 94 -7.32 22.78 -0.85
N ILE B 95 -6.40 22.20 -0.04
CA ILE B 95 -4.96 22.32 -0.24
C ILE B 95 -4.16 21.75 0.96
N ARG B 96 -3.06 21.01 0.67
CA ARG B 96 -2.21 20.43 1.73
C ARG B 96 -0.78 20.16 1.24
N LYS B 97 -0.52 20.45 -0.03
CA LYS B 97 0.82 20.30 -0.62
C LYS B 97 1.29 21.70 -0.97
N LYS B 98 2.49 22.14 -0.54
CA LYS B 98 2.85 23.53 -0.81
C LYS B 98 4.29 23.79 -0.37
N MET C 1 0.46 23.91 -3.99
CA MET C 1 -0.21 22.87 -4.81
C MET C 1 0.80 21.82 -5.30
N ALA C 2 1.99 21.84 -4.71
CA ALA C 2 3.04 20.91 -5.10
C ALA C 2 3.77 20.34 -3.89
N ALA C 3 3.65 19.04 -3.73
CA ALA C 3 4.41 18.29 -2.74
C ALA C 3 5.91 18.34 -3.04
N GLU C 4 6.62 19.21 -2.34
CA GLU C 4 8.07 19.26 -2.43
C GLU C 4 8.65 18.08 -1.63
N PRO C 5 9.94 17.73 -1.80
CA PRO C 5 10.55 16.54 -1.20
C PRO C 5 10.09 16.30 0.25
N LEU C 6 9.94 15.04 0.62
CA LEU C 6 9.31 14.70 1.85
C LEU C 6 10.18 13.91 2.81
N THR C 7 9.62 13.67 3.98
CA THR C 7 10.20 12.81 5.01
C THR C 7 10.29 11.35 4.49
N GLU C 8 10.80 10.41 5.27
CA GLU C 8 11.22 9.12 4.71
C GLU C 8 10.02 8.22 4.34
N LEU C 9 9.10 7.99 5.26
CA LEU C 9 7.96 7.16 4.91
C LEU C 9 7.13 7.84 3.83
N GLU C 10 7.23 9.14 3.78
CA GLU C 10 6.61 9.91 2.72
C GLU C 10 7.38 9.68 1.45
N GLU C 11 8.70 9.66 1.54
CA GLU C 11 9.55 9.43 0.40
C GLU C 11 9.12 8.14 -0.26
N SER C 12 8.77 7.19 0.59
CA SER C 12 8.35 5.90 0.06
C SER C 12 6.93 5.93 -0.52
N ILE C 13 5.99 6.62 0.13
CA ILE C 13 4.62 6.68 -0.40
C ILE C 13 4.41 7.74 -1.50
N GLU C 14 5.08 8.89 -1.41
CA GLU C 14 5.06 9.90 -2.47
C GLU C 14 5.54 9.30 -3.78
N THR C 15 6.64 8.58 -3.69
CA THR C 15 7.20 7.86 -4.82
C THR C 15 6.15 6.99 -5.54
N VAL C 16 5.24 6.41 -4.76
CA VAL C 16 4.16 5.61 -5.31
C VAL C 16 3.21 6.48 -6.12
N VAL C 17 3.06 7.72 -5.69
CA VAL C 17 2.13 8.65 -6.29
C VAL C 17 2.59 9.09 -7.66
N THR C 18 3.84 9.54 -7.70
CA THR C 18 4.38 10.20 -8.88
C THR C 18 4.33 9.30 -10.11
N THR C 19 4.71 8.06 -9.93
CA THR C 19 4.68 7.10 -11.03
C THR C 19 3.23 6.92 -11.50
N PHE C 20 2.43 6.56 -10.53
CA PHE C 20 0.96 6.46 -10.65
C PHE C 20 0.36 7.64 -11.43
N PHE C 21 0.68 8.87 -10.97
CA PHE C 21 0.14 10.10 -11.55
C PHE C 21 0.56 10.32 -12.98
N THR C 22 1.78 9.89 -13.31
CA THR C 22 2.28 10.00 -14.67
C THR C 22 1.36 9.28 -15.65
N PHE C 23 0.80 8.17 -15.22
CA PHE C 23 -0.12 7.41 -16.06
C PHE C 23 -1.55 7.91 -15.89
N ALA C 24 -1.92 8.22 -14.65
CA ALA C 24 -3.25 8.78 -14.36
C ALA C 24 -3.51 10.04 -15.17
N ARG C 25 -2.47 10.83 -15.38
CA ARG C 25 -2.59 12.09 -16.14
C ARG C 25 -2.64 11.88 -17.67
N GLN C 26 -2.22 10.69 -18.13
CA GLN C 26 -2.20 10.38 -19.56
C GLN C 26 -3.57 10.56 -20.23
N GLU C 27 -4.50 9.66 -19.93
CA GLU C 27 -5.84 9.70 -20.53
C GLU C 27 -6.79 10.57 -19.71
N GLY C 28 -8.10 10.41 -19.96
CA GLY C 28 -9.11 11.18 -19.25
C GLY C 28 -9.01 11.03 -17.75
N ARG C 29 -9.27 12.13 -17.03
CA ARG C 29 -9.18 12.14 -15.58
C ARG C 29 -7.73 11.93 -15.15
N LYS C 30 -7.01 13.03 -14.96
CA LYS C 30 -5.60 12.99 -14.58
C LYS C 30 -5.41 12.55 -13.13
N ASP C 31 -6.50 12.30 -12.43
CA ASP C 31 -6.46 11.89 -11.03
C ASP C 31 -6.51 10.37 -10.89
N SER C 32 -7.15 9.69 -11.83
CA SER C 32 -7.28 8.24 -11.76
C SER C 32 -6.94 7.55 -13.08
N LEU C 33 -6.50 6.31 -12.98
CA LEU C 33 -6.14 5.50 -14.16
C LEU C 33 -7.36 4.75 -14.63
N SER C 34 -7.50 4.58 -15.94
CA SER C 34 -8.65 3.86 -16.50
C SER C 34 -8.36 2.37 -16.62
N VAL C 35 -9.29 1.65 -17.25
CA VAL C 35 -9.14 0.21 -17.46
C VAL C 35 -8.09 -0.09 -18.52
N ASN C 36 -7.76 0.94 -19.32
CA ASN C 36 -6.76 0.80 -20.37
C ASN C 36 -5.36 0.96 -19.79
N GLU C 37 -5.21 1.86 -18.81
CA GLU C 37 -3.93 2.09 -18.17
C GLU C 37 -3.61 0.97 -17.18
N PHE C 38 -4.66 0.33 -16.67
CA PHE C 38 -4.52 -0.77 -15.77
C PHE C 38 -4.06 -1.94 -16.59
N LYS C 39 -4.76 -2.14 -17.69
CA LYS C 39 -4.44 -3.20 -18.61
C LYS C 39 -3.03 -3.02 -19.18
N GLU C 40 -2.65 -1.77 -19.49
CA GLU C 40 -1.30 -1.52 -20.01
C GLU C 40 -0.23 -1.93 -19.01
N LEU C 41 -0.40 -1.56 -17.75
CA LEU C 41 0.59 -1.84 -16.74
C LEU C 41 0.57 -3.31 -16.39
N VAL C 42 -0.61 -3.87 -16.29
CA VAL C 42 -0.76 -5.25 -15.89
C VAL C 42 -0.14 -6.13 -16.97
N THR C 43 -0.50 -5.87 -18.21
CA THR C 43 0.09 -6.53 -19.37
C THR C 43 1.60 -6.24 -19.52
N GLN C 44 1.96 -4.96 -19.54
CA GLN C 44 3.30 -4.53 -19.86
C GLN C 44 4.21 -4.47 -18.62
N GLN C 45 3.77 -3.78 -17.58
CA GLN C 45 4.60 -3.51 -16.40
C GLN C 45 4.54 -4.65 -15.38
N LEU C 46 3.45 -5.40 -15.37
CA LEU C 46 3.20 -6.35 -14.29
C LEU C 46 3.54 -7.83 -14.59
N PRO C 47 3.84 -8.27 -15.85
CA PRO C 47 4.17 -9.69 -16.12
C PRO C 47 5.15 -10.27 -15.11
N HIS C 48 6.11 -9.44 -14.69
CA HIS C 48 7.09 -9.85 -13.71
C HIS C 48 6.46 -9.86 -12.31
N LEU C 49 5.69 -8.81 -12.00
CA LEU C 49 5.05 -8.68 -10.69
C LEU C 49 3.81 -9.57 -10.57
N LEU C 50 2.74 -9.13 -11.21
CA LEU C 50 1.48 -9.84 -11.19
C LEU C 50 1.38 -10.76 -12.36
N LYS C 51 1.85 -11.97 -12.12
CA LYS C 51 1.78 -13.08 -13.05
C LYS C 51 0.35 -13.48 -13.38
N ASP C 52 -0.38 -12.53 -13.88
CA ASP C 52 -1.76 -12.72 -14.30
C ASP C 52 -2.12 -11.54 -15.18
N VAL C 53 -1.39 -11.45 -16.27
CA VAL C 53 -1.51 -10.33 -17.20
C VAL C 53 -2.70 -10.52 -18.13
N GLY C 54 -3.29 -11.71 -18.07
CA GLY C 54 -4.44 -12.00 -18.90
C GLY C 54 -5.71 -11.43 -18.30
N SER C 55 -6.28 -12.15 -17.35
CA SER C 55 -7.56 -11.79 -16.76
C SER C 55 -7.42 -10.69 -15.71
N LEU C 56 -6.90 -9.57 -16.15
CA LEU C 56 -6.86 -8.35 -15.35
C LEU C 56 -8.22 -8.09 -14.71
N ASP C 57 -9.25 -8.54 -15.42
CA ASP C 57 -10.65 -8.32 -15.05
C ASP C 57 -10.90 -8.53 -13.57
N GLU C 58 -10.53 -9.70 -13.04
CA GLU C 58 -10.91 -10.05 -11.66
C GLU C 58 -10.46 -8.99 -10.66
N LYS C 59 -9.22 -8.58 -10.80
CA LYS C 59 -8.61 -7.60 -9.93
C LYS C 59 -9.23 -6.25 -10.18
N MET C 60 -9.39 -5.94 -11.46
CA MET C 60 -10.07 -4.73 -11.89
C MET C 60 -11.42 -4.61 -11.21
N LYS C 61 -12.23 -5.66 -11.27
CA LYS C 61 -13.57 -5.66 -10.68
C LYS C 61 -13.51 -5.37 -9.18
N SER C 62 -12.51 -5.93 -8.52
CA SER C 62 -12.37 -5.78 -7.07
C SER C 62 -12.06 -4.33 -6.70
N LEU C 63 -11.34 -3.66 -7.59
CA LEU C 63 -10.93 -2.26 -7.39
C LEU C 63 -12.02 -1.32 -7.90
N ASP C 64 -12.47 -1.62 -9.11
CA ASP C 64 -13.53 -0.90 -9.82
C ASP C 64 -14.84 -0.89 -9.05
N VAL C 65 -14.92 -1.76 -8.03
CA VAL C 65 -16.18 -2.32 -7.47
C VAL C 65 -17.43 -1.42 -7.53
N ASN C 66 -17.26 -0.10 -7.41
CA ASN C 66 -18.39 0.81 -7.48
C ASN C 66 -18.84 1.03 -8.95
N GLN C 67 -18.31 0.20 -9.88
CA GLN C 67 -18.64 0.32 -11.30
C GLN C 67 -18.16 1.68 -11.71
N ASP C 68 -16.93 1.95 -11.26
CA ASP C 68 -16.19 3.15 -11.56
C ASP C 68 -14.88 2.71 -12.21
N SER C 69 -14.80 2.86 -13.53
CA SER C 69 -13.61 2.45 -14.30
C SER C 69 -12.36 3.22 -13.90
N GLU C 70 -12.51 4.18 -13.01
CA GLU C 70 -11.39 4.98 -12.54
C GLU C 70 -10.82 4.42 -11.25
N LEU C 71 -9.55 4.03 -11.28
CA LEU C 71 -8.86 3.52 -10.14
C LEU C 71 -8.39 4.68 -9.26
N LYS C 72 -9.35 5.23 -8.54
CA LYS C 72 -9.14 6.45 -7.75
C LYS C 72 -8.63 6.25 -6.34
N PHE C 73 -8.78 7.34 -5.56
CA PHE C 73 -8.35 7.43 -4.17
C PHE C 73 -8.63 6.19 -3.35
N ASN C 74 -7.60 5.34 -3.25
CA ASN C 74 -7.63 4.12 -2.46
C ASN C 74 -8.81 3.17 -2.71
N GLU C 75 -9.40 3.28 -3.90
CA GLU C 75 -10.09 2.11 -4.49
C GLU C 75 -9.03 1.22 -5.16
N TYR C 76 -8.14 1.86 -5.91
CA TYR C 76 -6.98 1.20 -6.52
C TYR C 76 -6.17 0.48 -5.46
N TRP C 77 -6.03 1.16 -4.34
CA TRP C 77 -5.19 0.76 -3.21
C TRP C 77 -5.15 -0.73 -2.93
N ARG C 78 -6.27 -1.41 -3.01
CA ARG C 78 -6.29 -2.83 -2.74
C ARG C 78 -5.20 -3.50 -3.55
N LEU C 79 -5.18 -3.20 -4.85
CA LEU C 79 -4.14 -3.75 -5.74
C LEU C 79 -2.77 -3.26 -5.30
N ILE C 80 -2.68 -1.97 -4.95
CA ILE C 80 -1.41 -1.37 -4.53
C ILE C 80 -0.84 -2.12 -3.34
N GLY C 81 -1.72 -2.62 -2.49
CA GLY C 81 -1.29 -3.37 -1.35
C GLY C 81 -0.92 -4.77 -1.74
N GLU C 82 -1.72 -5.33 -2.64
CA GLU C 82 -1.41 -6.61 -3.20
C GLU C 82 -0.06 -6.51 -3.90
N LEU C 83 0.24 -5.33 -4.46
CA LEU C 83 1.50 -5.09 -5.18
C LEU C 83 2.70 -5.20 -4.25
N ALA C 84 2.72 -4.38 -3.21
CA ALA C 84 3.84 -4.33 -2.28
C ALA C 84 4.01 -5.67 -1.55
N LYS C 85 2.93 -6.40 -1.41
CA LYS C 85 2.97 -7.70 -0.80
C LYS C 85 3.52 -8.73 -1.77
N GLU C 86 2.97 -8.72 -2.98
CA GLU C 86 3.37 -9.68 -4.02
C GLU C 86 4.86 -9.65 -4.29
N ILE C 87 5.43 -8.47 -4.42
CA ILE C 87 6.87 -8.33 -4.61
C ILE C 87 7.64 -9.07 -3.52
N ARG C 88 7.07 -9.12 -2.33
CA ARG C 88 7.72 -9.76 -1.21
C ARG C 88 7.38 -11.24 -1.12
N LYS C 89 6.12 -11.59 -0.95
CA LYS C 89 5.76 -12.99 -0.77
C LYS C 89 5.19 -13.62 -2.03
N LYS C 90 5.66 -13.19 -3.20
CA LYS C 90 5.15 -13.70 -4.48
C LYS C 90 5.04 -15.23 -4.44
N LYS C 91 6.19 -15.87 -4.43
CA LYS C 91 6.34 -17.25 -4.01
C LYS C 91 7.59 -17.29 -3.16
N ASP C 92 7.96 -16.11 -2.65
CA ASP C 92 9.17 -15.98 -1.86
C ASP C 92 9.04 -16.53 -0.44
N LEU C 93 9.14 -17.84 -0.39
CA LEU C 93 9.14 -18.62 0.84
C LEU C 93 10.08 -19.78 0.58
N LYS C 94 10.82 -19.60 -0.50
CA LYS C 94 11.81 -20.54 -0.99
C LYS C 94 12.79 -19.79 -1.88
N ILE C 95 12.25 -18.96 -2.79
CA ILE C 95 13.06 -18.14 -3.71
C ILE C 95 12.20 -17.50 -4.82
N ARG C 96 12.44 -16.20 -5.06
CA ARG C 96 11.74 -15.45 -6.11
C ARG C 96 12.60 -14.26 -6.57
N LYS C 97 13.22 -13.57 -5.60
CA LYS C 97 14.11 -12.46 -5.90
C LYS C 97 15.52 -13.03 -6.07
N LYS C 98 16.28 -12.53 -7.06
CA LYS C 98 17.60 -13.09 -7.32
C LYS C 98 18.34 -12.24 -8.33
N ASN D 1 -16.72 -1.38 -30.44
CA ASN D 1 -17.18 -1.16 -29.04
C ASN D 1 -18.36 -0.19 -29.08
N VAL D 2 -18.87 0.22 -27.92
CA VAL D 2 -19.91 1.21 -27.88
C VAL D 2 -19.29 2.58 -27.71
N LYS D 3 -19.55 3.45 -28.66
CA LYS D 3 -19.05 4.80 -28.60
C LYS D 3 -20.14 5.75 -28.18
N TYR D 4 -19.77 6.78 -27.46
CA TYR D 4 -20.70 7.84 -27.15
C TYR D 4 -20.38 8.97 -28.11
N ASN D 5 -21.29 9.22 -29.02
CA ASN D 5 -20.98 10.03 -30.18
C ASN D 5 -21.47 11.44 -29.97
N PHE D 6 -20.66 12.39 -30.39
CA PHE D 6 -20.95 13.79 -30.14
C PHE D 6 -22.25 14.18 -30.82
N MET D 7 -23.11 14.81 -30.04
CA MET D 7 -24.46 15.12 -30.44
C MET D 7 -24.53 16.51 -31.06
N ARG D 8 -24.26 17.56 -30.30
CA ARG D 8 -24.31 18.89 -30.88
C ARG D 8 -23.54 19.92 -30.06
N ILE D 9 -22.99 20.88 -30.79
CA ILE D 9 -22.27 22.00 -30.21
C ILE D 9 -23.24 23.08 -29.75
N ILE D 10 -23.24 23.37 -28.46
CA ILE D 10 -24.07 24.40 -27.90
C ILE D 10 -23.32 25.72 -27.98
N LYS D 11 -23.23 26.40 -26.87
CA LYS D 11 -22.70 27.75 -26.83
C LYS D 11 -21.28 27.69 -26.30
N TYR D 12 -20.51 28.74 -26.55
CA TYR D 12 -19.09 28.68 -26.27
C TYR D 12 -18.55 30.01 -25.78
N GLU D 13 -17.47 29.90 -25.01
CA GLU D 13 -16.80 31.05 -24.38
C GLU D 13 -17.77 31.92 -23.59
N PHE D 14 -18.83 31.30 -23.08
CA PHE D 14 -19.77 31.97 -22.19
C PHE D 14 -19.51 31.52 -20.75
N ILE D 15 -19.67 32.42 -19.81
CA ILE D 15 -19.35 32.12 -18.42
C ILE D 15 -20.60 31.99 -17.55
N LEU D 16 -20.58 31.01 -16.69
CA LEU D 16 -21.65 30.74 -15.75
C LEU D 16 -21.31 31.27 -14.37
N ASN D 17 -22.28 31.93 -13.77
CA ASN D 17 -22.19 32.46 -12.42
C ASN D 17 -23.36 31.91 -11.63
N ASP D 18 -23.16 31.68 -10.35
CA ASP D 18 -24.13 30.96 -9.54
C ASP D 18 -25.05 31.95 -8.83
N ALA D 19 -25.92 31.45 -7.97
CA ALA D 19 -26.83 32.31 -7.22
C ALA D 19 -26.07 33.25 -6.27
N LEU D 20 -24.80 32.94 -5.98
CA LEU D 20 -23.94 33.82 -5.20
C LEU D 20 -23.50 34.94 -6.10
N ASN D 21 -23.66 34.67 -7.38
CA ASN D 21 -23.24 35.55 -8.46
C ASN D 21 -21.75 35.77 -8.40
N GLN D 22 -21.03 34.76 -8.82
CA GLN D 22 -19.58 34.80 -8.86
C GLN D 22 -19.09 34.18 -10.14
N SER D 23 -18.32 34.94 -10.89
CA SER D 23 -17.76 34.44 -12.13
C SER D 23 -16.73 33.37 -11.85
N ILE D 24 -16.82 32.28 -12.57
CA ILE D 24 -15.87 31.21 -12.38
C ILE D 24 -14.50 31.63 -12.90
N ILE D 25 -13.65 32.12 -12.01
CA ILE D 25 -12.43 32.78 -12.43
C ILE D 25 -11.25 31.82 -12.38
N ARG D 26 -10.31 32.02 -13.28
CA ARG D 26 -9.17 31.14 -13.41
C ARG D 26 -8.07 31.54 -12.43
N ALA D 27 -7.86 30.71 -11.41
CA ALA D 27 -6.78 30.95 -10.47
C ALA D 27 -5.56 30.17 -10.89
N ASN D 28 -5.79 28.94 -11.36
CA ASN D 28 -4.74 28.05 -11.82
C ASN D 28 -5.31 27.09 -12.87
N ASP D 29 -4.43 26.28 -13.47
CA ASP D 29 -4.86 25.31 -14.49
C ASP D 29 -5.29 24.00 -13.84
N GLN D 30 -5.59 24.05 -12.55
CA GLN D 30 -6.02 22.87 -11.79
C GLN D 30 -7.06 23.28 -10.75
N TYR D 31 -6.83 24.45 -10.14
CA TYR D 31 -7.74 24.97 -9.11
C TYR D 31 -8.42 26.24 -9.60
N LEU D 32 -9.74 26.33 -9.37
CA LEU D 32 -10.53 27.47 -9.78
C LEU D 32 -11.41 27.95 -8.64
N THR D 33 -11.43 29.26 -8.43
CA THR D 33 -12.23 29.88 -7.39
C THR D 33 -13.26 30.80 -8.01
N ALA D 34 -14.45 30.86 -7.43
CA ALA D 34 -15.49 31.71 -7.96
C ALA D 34 -15.41 33.10 -7.33
N ALA D 35 -15.33 34.09 -8.20
CA ALA D 35 -15.29 35.48 -7.79
C ALA D 35 -15.84 36.34 -8.91
N ALA D 36 -16.59 37.37 -8.58
CA ALA D 36 -17.18 38.23 -9.60
C ALA D 36 -16.06 38.83 -10.45
N LEU D 37 -16.20 38.71 -11.77
CA LEU D 37 -15.14 39.14 -12.67
C LEU D 37 -14.95 40.65 -12.60
N HIS D 38 -13.73 41.05 -12.84
CA HIS D 38 -13.38 42.46 -12.80
C HIS D 38 -12.38 42.76 -13.91
N ASN D 39 -11.76 41.72 -14.46
CA ASN D 39 -10.97 41.86 -15.67
C ASN D 39 -11.74 41.28 -16.86
N LEU D 40 -12.92 40.70 -16.56
CA LEU D 40 -13.83 40.13 -17.57
C LEU D 40 -13.22 38.96 -18.31
N ASP D 41 -12.20 39.20 -19.12
CA ASP D 41 -11.43 38.11 -19.69
C ASP D 41 -10.47 37.68 -18.60
N GLU D 42 -11.05 37.01 -17.64
CA GLU D 42 -10.40 36.64 -16.40
C GLU D 42 -10.91 35.30 -15.91
N ALA D 43 -12.19 35.08 -16.18
CA ALA D 43 -12.81 33.81 -15.89
C ALA D 43 -12.55 32.85 -17.04
N VAL D 44 -12.66 31.56 -16.78
CA VAL D 44 -12.40 30.56 -17.79
C VAL D 44 -13.60 30.44 -18.68
N LYS D 45 -13.37 30.50 -19.98
CA LYS D 45 -14.48 30.50 -20.89
C LYS D 45 -14.73 29.10 -21.34
N PHE D 46 -15.90 28.63 -20.99
CA PHE D 46 -16.27 27.27 -21.28
C PHE D 46 -17.15 27.17 -22.50
N ASP D 47 -17.16 25.98 -23.03
CA ASP D 47 -17.94 25.62 -24.21
C ASP D 47 -18.48 24.24 -24.01
N MET D 48 -19.70 24.05 -24.45
CA MET D 48 -20.39 22.81 -24.21
C MET D 48 -20.41 21.97 -25.47
N GLY D 49 -20.06 20.71 -25.31
CA GLY D 49 -20.10 19.76 -26.39
C GLY D 49 -20.76 18.50 -25.94
N ALA D 50 -21.89 18.18 -26.53
CA ALA D 50 -22.71 17.09 -26.04
C ALA D 50 -22.26 15.77 -26.63
N TYR D 51 -22.42 14.73 -25.86
CA TYR D 51 -22.10 13.39 -26.32
C TYR D 51 -23.34 12.56 -26.11
N LYS D 52 -23.46 11.43 -26.76
CA LYS D 52 -24.68 10.69 -26.62
C LYS D 52 -24.45 9.20 -26.40
N SER D 53 -24.96 8.76 -25.26
CA SER D 53 -25.18 7.36 -24.96
C SER D 53 -26.49 7.31 -24.21
N SER D 54 -27.17 6.18 -24.15
CA SER D 54 -28.40 6.13 -23.41
C SER D 54 -28.13 5.77 -21.95
N LYS D 55 -27.12 6.43 -21.39
CA LYS D 55 -26.80 6.26 -19.98
C LYS D 55 -26.81 7.59 -19.25
N ASP D 56 -27.65 8.53 -19.66
CA ASP D 56 -27.73 9.79 -18.93
C ASP D 56 -28.63 9.61 -17.72
N ASP D 57 -29.64 10.48 -17.57
CA ASP D 57 -30.82 10.15 -16.79
C ASP D 57 -32.06 10.43 -17.63
N ALA D 58 -32.44 11.71 -17.65
CA ALA D 58 -33.52 12.21 -18.49
C ALA D 58 -33.08 13.47 -19.27
N LYS D 59 -31.78 13.66 -19.37
CA LYS D 59 -31.19 14.92 -19.86
C LYS D 59 -29.91 14.63 -20.60
N ILE D 60 -29.61 15.45 -21.58
CA ILE D 60 -28.52 15.18 -22.51
C ILE D 60 -27.27 15.86 -21.99
N THR D 61 -26.14 15.25 -22.26
CA THR D 61 -24.94 15.54 -21.52
C THR D 61 -23.86 16.15 -22.40
N VAL D 62 -23.18 17.16 -21.88
CA VAL D 62 -22.16 17.87 -22.63
C VAL D 62 -20.87 17.96 -21.81
N ILE D 63 -19.76 18.29 -22.46
CA ILE D 63 -18.49 18.39 -21.79
C ILE D 63 -18.11 19.86 -21.70
N LEU D 64 -17.64 20.27 -20.54
CA LEU D 64 -17.29 21.67 -20.33
C LEU D 64 -15.78 21.85 -20.40
N ARG D 65 -15.38 22.63 -21.41
CA ARG D 65 -13.99 22.83 -21.76
C ARG D 65 -13.73 24.30 -22.01
N ILE D 66 -12.49 24.75 -21.81
CA ILE D 66 -12.16 26.12 -22.09
C ILE D 66 -11.91 26.26 -23.58
N SER D 67 -12.57 27.20 -24.20
CA SER D 67 -12.61 27.32 -25.67
C SER D 67 -11.23 27.22 -26.34
N LYS D 68 -10.17 27.57 -25.62
CA LYS D 68 -8.83 27.56 -26.20
C LYS D 68 -8.15 26.21 -26.01
N THR D 69 -8.05 25.74 -24.77
CA THR D 69 -7.43 24.46 -24.48
C THR D 69 -8.44 23.47 -23.97
N GLN D 70 -8.11 22.22 -23.86
CA GLN D 70 -9.14 21.29 -23.46
C GLN D 70 -8.99 20.98 -21.99
N LEU D 71 -9.43 21.95 -21.20
CA LEU D 71 -9.44 21.86 -19.74
C LEU D 71 -10.86 21.55 -19.29
N TYR D 72 -11.09 20.33 -18.81
CA TYR D 72 -12.41 19.94 -18.40
C TYR D 72 -12.50 20.00 -16.89
N VAL D 73 -13.64 20.38 -16.36
CA VAL D 73 -13.83 20.23 -14.93
C VAL D 73 -14.37 18.84 -14.68
N THR D 74 -13.61 18.07 -13.89
CA THR D 74 -14.00 16.70 -13.56
C THR D 74 -14.59 16.62 -12.16
N ALA D 75 -15.68 15.88 -12.02
CA ALA D 75 -16.34 15.71 -10.74
C ALA D 75 -15.59 14.66 -9.92
N GLN D 76 -14.80 15.14 -8.96
CA GLN D 76 -13.99 14.27 -8.10
C GLN D 76 -14.87 13.36 -7.22
N ASP D 77 -15.16 13.81 -6.00
CA ASP D 77 -15.98 13.03 -5.07
C ASP D 77 -16.32 13.85 -3.83
N GLU D 78 -17.61 14.04 -3.59
CA GLU D 78 -18.09 14.81 -2.43
C GLU D 78 -17.53 16.22 -2.48
N ASP D 79 -17.11 16.74 -1.32
CA ASP D 79 -16.59 18.10 -1.22
C ASP D 79 -15.11 18.20 -1.58
N GLN D 80 -14.81 18.07 -2.86
CA GLN D 80 -13.43 18.17 -3.36
C GLN D 80 -13.40 19.05 -4.61
N PRO D 81 -12.47 20.04 -4.64
CA PRO D 81 -12.33 20.97 -5.77
C PRO D 81 -12.19 20.28 -7.12
N VAL D 82 -12.87 20.84 -8.14
CA VAL D 82 -12.83 20.29 -9.49
C VAL D 82 -11.41 20.38 -10.07
N LEU D 83 -10.83 19.22 -10.33
CA LEU D 83 -9.48 19.17 -10.89
C LEU D 83 -9.53 19.39 -12.39
N LEU D 84 -8.98 20.53 -12.82
CA LEU D 84 -8.96 20.89 -14.23
C LEU D 84 -7.91 20.06 -14.99
N LYS D 85 -8.39 19.18 -15.87
CA LYS D 85 -7.51 18.31 -16.66
C LYS D 85 -7.31 18.86 -18.06
N GLU D 86 -6.07 18.78 -18.56
CA GLU D 86 -5.77 19.26 -19.90
C GLU D 86 -5.23 18.14 -20.78
N MET D 87 -5.75 18.05 -22.00
CA MET D 87 -5.33 17.05 -22.95
C MET D 87 -5.54 17.53 -24.39
N PRO D 88 -4.46 17.56 -25.20
CA PRO D 88 -4.49 18.00 -26.59
C PRO D 88 -5.59 17.33 -27.42
N GLU D 89 -6.40 18.18 -28.05
CA GLU D 89 -7.47 17.76 -28.97
C GLU D 89 -8.64 17.07 -28.25
N ILE D 90 -9.85 17.47 -28.63
CA ILE D 90 -11.09 16.91 -28.09
C ILE D 90 -11.39 15.52 -28.65
N PRO D 91 -11.65 14.56 -27.75
CA PRO D 91 -12.06 13.21 -28.16
C PRO D 91 -13.41 13.22 -28.85
N LYS D 92 -13.57 12.34 -29.83
CA LYS D 92 -14.81 12.21 -30.59
C LYS D 92 -15.60 11.03 -30.06
N THR D 93 -14.88 10.11 -29.45
CA THR D 93 -15.44 8.89 -28.91
C THR D 93 -15.00 8.74 -27.47
N ILE D 94 -15.97 8.70 -26.58
CA ILE D 94 -15.72 8.79 -25.16
C ILE D 94 -15.72 7.41 -24.53
N THR D 95 -14.60 7.12 -23.88
CA THR D 95 -14.41 5.87 -23.22
C THR D 95 -14.62 6.08 -21.73
N GLY D 96 -14.67 4.98 -20.98
CA GLY D 96 -14.86 5.02 -19.53
C GLY D 96 -13.84 5.88 -18.78
N SER D 97 -12.70 6.19 -19.41
CA SER D 97 -11.68 7.01 -18.77
C SER D 97 -12.18 8.43 -18.52
N GLU D 98 -13.02 8.92 -19.43
CA GLU D 98 -13.58 10.26 -19.32
C GLU D 98 -15.05 10.20 -18.93
N THR D 99 -15.31 10.04 -17.64
CA THR D 99 -16.67 9.96 -17.15
C THR D 99 -16.94 11.01 -16.06
N ASN D 100 -15.86 11.61 -15.55
CA ASN D 100 -15.98 12.62 -14.51
C ASN D 100 -16.18 14.01 -15.12
N LEU D 101 -15.71 14.20 -16.34
CA LEU D 101 -15.84 15.48 -17.03
C LEU D 101 -17.15 15.55 -17.82
N LEU D 102 -18.04 14.61 -17.57
CA LEU D 102 -19.34 14.57 -18.25
C LEU D 102 -20.39 15.22 -17.36
N PHE D 103 -21.36 15.93 -17.93
CA PHE D 103 -22.26 16.69 -17.08
C PHE D 103 -23.70 16.66 -17.56
N PHE D 104 -24.53 16.17 -16.65
CA PHE D 104 -25.95 16.07 -16.85
C PHE D 104 -26.57 17.41 -16.46
N TRP D 105 -26.91 18.20 -17.46
CA TRP D 105 -27.40 19.55 -17.19
C TRP D 105 -28.92 19.62 -17.18
N GLU D 106 -29.46 19.92 -16.01
CA GLU D 106 -30.89 20.09 -15.85
C GLU D 106 -31.23 21.58 -15.75
N THR D 107 -31.85 22.11 -16.79
CA THR D 107 -32.13 23.54 -16.88
C THR D 107 -33.58 23.83 -16.48
N HIS D 108 -33.75 24.78 -15.57
CA HIS D 108 -35.08 25.21 -15.14
C HIS D 108 -35.25 26.70 -15.39
N GLY D 109 -35.88 27.05 -16.49
CA GLY D 109 -36.09 28.45 -16.83
C GLY D 109 -34.79 29.20 -17.05
N THR D 110 -34.35 29.90 -16.01
CA THR D 110 -33.12 30.67 -16.08
C THR D 110 -31.99 29.94 -15.36
N LYS D 111 -32.31 29.34 -14.21
CA LYS D 111 -31.33 28.62 -13.44
C LYS D 111 -31.10 27.24 -14.02
N ASN D 112 -29.98 26.65 -13.67
CA ASN D 112 -29.62 25.34 -14.19
C ASN D 112 -28.72 24.61 -13.23
N TYR D 113 -28.79 23.29 -13.25
CA TYR D 113 -27.96 22.47 -12.39
C TYR D 113 -26.93 21.71 -13.22
N PHE D 114 -25.88 21.27 -12.57
CA PHE D 114 -24.86 20.44 -13.20
C PHE D 114 -24.64 19.17 -12.39
N THR D 115 -25.25 18.11 -12.87
CA THR D 115 -25.20 16.81 -12.21
C THR D 115 -24.05 15.96 -12.75
N SER D 116 -23.33 15.30 -11.85
CA SER D 116 -22.24 14.42 -12.25
C SER D 116 -22.79 13.11 -12.83
N VAL D 117 -22.31 12.77 -14.02
CA VAL D 117 -22.69 11.52 -14.67
C VAL D 117 -21.92 10.35 -14.06
N ALA D 118 -20.79 10.65 -13.42
CA ALA D 118 -19.98 9.62 -12.78
C ALA D 118 -20.65 9.18 -11.48
N HIS D 119 -20.75 10.12 -10.54
CA HIS D 119 -21.40 9.86 -9.26
C HIS D 119 -22.62 10.78 -9.14
N PRO D 120 -23.82 10.17 -9.15
CA PRO D 120 -25.10 10.90 -9.12
C PRO D 120 -25.22 11.95 -8.02
N ASN D 121 -24.79 11.59 -6.81
CA ASN D 121 -24.99 12.45 -5.63
C ASN D 121 -24.10 13.69 -5.68
N LEU D 122 -23.28 13.79 -6.73
CA LEU D 122 -22.36 14.92 -6.88
C LEU D 122 -22.98 16.05 -7.69
N PHE D 123 -22.84 17.26 -7.17
CA PHE D 123 -23.38 18.47 -7.77
C PHE D 123 -22.34 19.58 -7.57
N ILE D 124 -22.22 20.50 -8.51
CA ILE D 124 -21.15 21.48 -8.46
C ILE D 124 -21.57 22.67 -7.60
N ALA D 125 -21.03 22.70 -6.38
CA ALA D 125 -21.41 23.69 -5.37
C ALA D 125 -20.51 24.90 -5.40
N THR D 126 -21.01 26.03 -4.90
CA THR D 126 -20.25 27.25 -4.92
C THR D 126 -20.03 27.78 -3.51
N LYS D 127 -18.79 28.09 -3.24
CA LYS D 127 -18.35 28.55 -1.92
C LYS D 127 -18.06 30.05 -1.97
N GLN D 128 -18.19 30.72 -0.83
CA GLN D 128 -17.92 32.15 -0.73
C GLN D 128 -16.42 32.45 -0.70
N ASP D 129 -15.63 31.54 -0.14
CA ASP D 129 -14.21 31.79 0.04
C ASP D 129 -13.34 30.71 -0.57
N TYR D 130 -13.86 29.50 -0.66
CA TYR D 130 -13.07 28.39 -1.20
C TYR D 130 -13.33 28.12 -2.67
N TRP D 131 -12.55 27.19 -3.21
CA TRP D 131 -12.64 26.80 -4.62
C TRP D 131 -14.01 26.24 -4.93
N VAL D 132 -14.54 26.61 -6.10
CA VAL D 132 -15.84 26.11 -6.53
C VAL D 132 -15.73 24.61 -6.79
N CYS D 133 -16.24 23.82 -5.87
CA CYS D 133 -16.09 22.38 -5.95
C CYS D 133 -17.39 21.71 -6.37
N LEU D 134 -17.54 20.46 -5.96
CA LEU D 134 -18.73 19.70 -6.16
C LEU D 134 -19.11 19.26 -4.79
N ALA D 135 -20.30 18.74 -4.58
CA ALA D 135 -20.74 18.51 -3.24
C ALA D 135 -21.98 17.65 -3.20
N GLY D 136 -22.29 17.23 -2.00
CA GLY D 136 -23.62 16.94 -1.67
C GLY D 136 -24.06 18.19 -0.99
N GLY D 137 -25.23 18.62 -1.29
CA GLY D 137 -25.57 19.98 -0.93
C GLY D 137 -26.46 20.16 0.29
N PRO D 138 -25.84 20.51 1.44
CA PRO D 138 -26.47 21.27 2.50
C PRO D 138 -25.94 22.71 2.48
N PRO D 139 -26.78 23.69 2.87
CA PRO D 139 -26.74 25.14 2.55
C PRO D 139 -25.62 25.72 1.64
N SER D 140 -24.84 24.91 0.94
CA SER D 140 -23.99 25.38 -0.14
C SER D 140 -24.87 25.67 -1.35
N ILE D 141 -24.57 26.71 -2.09
CA ILE D 141 -25.41 27.05 -3.23
C ILE D 141 -24.99 26.25 -4.44
N THR D 142 -25.62 25.10 -4.62
CA THR D 142 -25.35 24.30 -5.77
C THR D 142 -26.33 24.68 -6.90
N ASP D 143 -26.62 25.98 -6.95
CA ASP D 143 -27.38 26.61 -8.03
C ASP D 143 -26.45 27.19 -9.06
N PHE D 144 -26.90 27.25 -10.30
CA PHE D 144 -26.21 28.05 -11.30
C PHE D 144 -27.18 28.80 -12.17
N GLN D 145 -26.62 29.71 -12.94
CA GLN D 145 -27.35 30.58 -13.84
C GLN D 145 -26.35 31.04 -14.89
N ILE D 146 -26.71 31.08 -16.15
CA ILE D 146 -25.72 31.45 -17.14
C ILE D 146 -25.84 32.93 -17.48
N LEU D 147 -24.84 33.69 -17.07
CA LEU D 147 -24.76 35.10 -17.40
C LEU D 147 -23.56 35.40 -18.29
N GLU D 148 -23.82 35.96 -19.46
CA GLU D 148 -22.76 36.29 -20.37
C GLU D 148 -22.21 37.69 -20.07
N ASN D 149 -20.97 37.93 -20.43
CA ASN D 149 -20.38 39.26 -20.32
C ASN D 149 -20.63 40.03 -21.61
N GLN D 150 -20.33 41.32 -21.60
CA GLN D 150 -20.59 42.16 -22.77
C GLN D 150 -19.58 41.88 -23.86
N ALA D 151 -18.30 41.98 -23.51
CA ALA D 151 -17.20 41.74 -24.43
C ALA D 151 -15.90 41.58 -23.67
N ASN A 1 11.11 -1.28 32.73
CA ASN A 1 10.21 -2.17 31.99
C ASN A 1 10.41 -3.60 32.50
N VAL A 2 9.75 -4.57 31.90
CA VAL A 2 9.98 -5.95 32.27
C VAL A 2 11.03 -6.54 31.36
N LYS A 3 12.12 -7.00 31.93
CA LYS A 3 13.18 -7.62 31.18
C LYS A 3 13.12 -9.12 31.32
N TYR A 4 13.50 -9.81 30.27
CA TYR A 4 13.65 -11.25 30.34
C TYR A 4 15.12 -11.50 30.49
N ASN A 5 15.53 -11.97 31.64
CA ASN A 5 16.92 -11.95 32.03
C ASN A 5 17.54 -13.31 31.79
N PHE A 6 18.76 -13.29 31.27
CA PHE A 6 19.43 -14.52 30.88
C PHE A 6 19.61 -15.42 32.09
N MET A 7 19.21 -16.66 31.92
CA MET A 7 19.14 -17.62 32.99
C MET A 7 20.44 -18.42 33.08
N ARG A 8 20.76 -19.21 32.06
CA ARG A 8 22.00 -19.97 32.12
C ARG A 8 22.46 -20.44 30.74
N ILE A 9 23.79 -20.50 30.61
CA ILE A 9 24.45 -20.99 29.41
C ILE A 9 24.50 -22.52 29.42
N ILE A 10 23.88 -23.12 28.41
CA ILE A 10 23.88 -24.56 28.28
C ILE A 10 25.10 -24.94 27.46
N LYS A 11 24.89 -25.70 26.42
CA LYS A 11 25.97 -26.29 25.66
C LYS A 11 26.14 -25.50 24.38
N TYR A 12 27.30 -25.64 23.74
CA TYR A 12 27.63 -24.76 22.64
C TYR A 12 28.42 -25.47 21.57
N GLU A 13 28.28 -24.95 20.35
CA GLU A 13 28.89 -25.49 19.14
C GLU A 13 28.60 -26.98 18.96
N PHE A 14 27.46 -27.41 19.48
CA PHE A 14 26.98 -28.77 19.26
C PHE A 14 25.87 -28.76 18.23
N ILE A 15 25.81 -29.79 17.40
CA ILE A 15 24.85 -29.82 16.31
C ILE A 15 23.72 -30.83 16.55
N LEU A 16 22.52 -30.42 16.21
CA LEU A 16 21.34 -31.24 16.34
C LEU A 16 20.94 -31.83 14.98
N ASN A 17 20.63 -33.11 15.01
CA ASN A 17 20.15 -33.85 13.85
C ASN A 17 18.83 -34.49 14.22
N ASP A 18 17.95 -34.61 13.26
CA ASP A 18 16.58 -35.02 13.53
C ASP A 18 16.43 -36.52 13.34
N ALA A 19 15.21 -37.03 13.45
CA ALA A 19 14.96 -38.45 13.27
C ALA A 19 15.28 -38.90 11.83
N LEU A 20 15.37 -37.96 10.90
CA LEU A 20 15.80 -38.25 9.53
C LEU A 20 17.30 -38.45 9.55
N ASN A 21 17.88 -37.95 10.63
CA ASN A 21 19.30 -37.93 10.86
C ASN A 21 19.99 -37.13 9.79
N GLN A 22 19.86 -35.82 9.91
CA GLN A 22 20.47 -34.90 8.98
C GLN A 22 21.06 -33.73 9.74
N SER A 23 22.34 -33.50 9.54
CA SER A 23 23.02 -32.41 10.18
C SER A 23 22.52 -31.09 9.63
N ILE A 24 22.22 -30.18 10.51
CA ILE A 24 21.74 -28.88 10.07
C ILE A 24 22.89 -28.10 9.42
N ILE A 25 22.98 -28.17 8.10
CA ILE A 25 24.15 -27.69 7.41
C ILE A 25 23.93 -26.28 6.88
N ARG A 26 25.01 -25.51 6.85
CA ARG A 26 24.95 -24.12 6.46
C ARG A 26 25.01 -23.99 4.94
N ALA A 27 23.90 -23.61 4.32
CA ALA A 27 23.87 -23.38 2.89
C ALA A 27 24.09 -21.91 2.61
N ASN A 28 23.48 -21.07 3.45
CA ASN A 28 23.59 -19.63 3.33
C ASN A 28 23.41 -18.98 4.71
N ASP A 29 23.54 -17.66 4.77
CA ASP A 29 23.38 -16.93 6.03
C ASP A 29 21.91 -16.56 6.27
N GLN A 30 21.02 -17.25 5.56
CA GLN A 30 19.58 -17.03 5.68
C GLN A 30 18.84 -18.34 5.41
N TYR A 31 19.42 -19.17 4.55
CA TYR A 31 18.83 -20.46 4.21
C TYR A 31 19.72 -21.62 4.65
N LEU A 32 19.11 -22.61 5.31
CA LEU A 32 19.83 -23.78 5.78
C LEU A 32 19.08 -25.06 5.42
N THR A 33 19.82 -26.03 4.91
CA THR A 33 19.26 -27.31 4.51
C THR A 33 19.88 -28.42 5.36
N ALA A 34 19.08 -29.43 5.69
CA ALA A 34 19.57 -30.51 6.51
C ALA A 34 20.14 -31.61 5.62
N ALA A 35 21.38 -31.97 5.90
CA ALA A 35 22.08 -33.02 5.18
C ALA A 35 23.13 -33.61 6.10
N ALA A 36 23.32 -34.91 6.05
CA ALA A 36 24.31 -35.55 6.90
C ALA A 36 25.69 -34.96 6.61
N LEU A 37 26.39 -34.55 7.67
CA LEU A 37 27.66 -33.86 7.50
C LEU A 37 28.69 -34.79 6.90
N HIS A 38 29.60 -34.20 6.16
CA HIS A 38 30.66 -34.94 5.50
C HIS A 38 31.95 -34.14 5.56
N ASN A 39 31.83 -32.85 5.83
CA ASN A 39 33.00 -32.04 6.14
C ASN A 39 33.07 -31.76 7.64
N LEU A 40 32.04 -32.23 8.36
CA LEU A 40 31.93 -32.11 9.83
C LEU A 40 31.85 -30.66 10.29
N ASP A 41 32.92 -29.90 10.13
CA ASP A 41 32.84 -28.47 10.34
C ASP A 41 32.24 -27.89 9.08
N GLU A 42 30.96 -28.12 8.97
CA GLU A 42 30.20 -27.85 7.76
C GLU A 42 28.78 -27.43 8.13
N ALA A 43 28.30 -28.01 9.21
CA ALA A 43 27.03 -27.65 9.78
C ALA A 43 27.21 -26.44 10.70
N VAL A 44 26.14 -25.71 10.94
CA VAL A 44 26.21 -24.53 11.77
C VAL A 44 26.23 -24.95 13.21
N LYS A 45 27.17 -24.42 13.97
CA LYS A 45 27.30 -24.85 15.33
C LYS A 45 26.55 -23.91 16.20
N PHE A 46 25.55 -24.46 16.85
CA PHE A 46 24.68 -23.67 17.68
C PHE A 46 25.04 -23.79 19.14
N ASP A 47 24.57 -22.81 19.86
CA ASP A 47 24.76 -22.68 21.29
C ASP A 47 23.49 -22.16 21.90
N MET A 48 23.17 -22.68 23.05
CA MET A 48 21.91 -22.36 23.69
C MET A 48 22.14 -21.38 24.83
N GLY A 49 21.34 -20.35 24.84
CA GLY A 49 21.37 -19.38 25.91
C GLY A 49 19.97 -19.09 26.39
N ALA A 50 19.69 -19.41 27.63
CA ALA A 50 18.33 -19.36 28.12
C ALA A 50 17.99 -17.97 28.60
N TYR A 51 16.75 -17.60 28.47
CA TYR A 51 16.26 -16.33 28.97
C TYR A 51 15.09 -16.63 29.86
N LYS A 52 14.69 -15.73 30.71
CA LYS A 52 13.63 -16.06 31.62
C LYS A 52 12.59 -14.97 31.73
N SER A 53 11.38 -15.37 31.39
CA SER A 53 10.16 -14.64 31.71
C SER A 53 9.14 -15.72 32.05
N SER A 54 8.08 -15.39 32.76
CA SER A 54 7.09 -16.41 33.05
C SER A 54 6.04 -16.45 31.95
N LYS A 55 6.52 -16.42 30.72
CA LYS A 55 5.66 -16.55 29.56
C LYS A 55 6.08 -17.71 28.66
N ASP A 56 6.64 -18.78 29.24
CA ASP A 56 6.99 -19.93 28.42
C ASP A 56 5.75 -20.78 28.20
N ASP A 57 5.84 -22.07 28.50
CA ASP A 57 4.67 -22.88 28.81
C ASP A 57 4.89 -23.61 30.13
N ALA A 58 5.61 -24.73 30.02
CA ALA A 58 6.05 -25.51 31.17
C ALA A 58 7.55 -25.83 31.09
N LYS A 59 8.27 -25.07 30.25
CA LYS A 59 9.65 -25.40 29.86
C LYS A 59 10.43 -24.12 29.64
N ILE A 60 11.71 -24.17 29.90
CA ILE A 60 12.53 -22.98 29.93
C ILE A 60 13.17 -22.80 28.56
N THR A 61 13.38 -21.56 28.19
CA THR A 61 13.57 -21.21 26.80
C THR A 61 14.95 -20.64 26.55
N VAL A 62 15.57 -21.06 25.46
CA VAL A 62 16.92 -20.64 25.13
C VAL A 62 16.97 -20.12 23.68
N ILE A 63 18.03 -19.42 23.33
CA ILE A 63 18.20 -18.87 22.00
C ILE A 63 19.25 -19.66 21.28
N LEU A 64 18.98 -20.01 20.03
CA LEU A 64 19.93 -20.80 19.26
C LEU A 64 20.69 -19.93 18.28
N ARG A 65 22.00 -19.88 18.51
CA ARG A 65 22.90 -18.99 17.80
C ARG A 65 24.14 -19.75 17.39
N ILE A 66 24.80 -19.31 16.32
CA ILE A 66 26.03 -19.94 15.92
C ILE A 66 27.17 -19.39 16.77
N SER A 67 27.93 -20.28 17.37
CA SER A 67 28.92 -19.90 18.40
C SER A 67 29.81 -18.72 18.00
N LYS A 68 30.01 -18.50 16.70
CA LYS A 68 30.89 -17.44 16.25
C LYS A 68 30.15 -16.12 16.06
N THR A 69 29.09 -16.14 15.26
CA THR A 69 28.29 -14.95 15.02
C THR A 69 26.90 -15.10 15.58
N GLN A 70 26.13 -14.06 15.64
CA GLN A 70 24.85 -14.22 16.30
C GLN A 70 23.77 -14.38 15.25
N LEU A 71 23.76 -15.58 14.69
CA LEU A 71 22.75 -16.00 13.74
C LEU A 71 21.72 -16.81 14.47
N TYR A 72 20.51 -16.28 14.59
CA TYR A 72 19.46 -16.98 15.28
C TYR A 72 18.48 -17.52 14.26
N VAL A 73 17.91 -18.68 14.51
CA VAL A 73 16.81 -19.10 13.68
C VAL A 73 15.53 -18.56 14.28
N THR A 74 14.81 -17.78 13.49
CA THR A 74 13.55 -17.18 13.94
C THR A 74 12.34 -17.94 13.38
N ALA A 75 11.19 -17.72 13.99
CA ALA A 75 9.94 -18.34 13.55
C ALA A 75 9.15 -17.38 12.68
N GLN A 76 8.94 -17.76 11.43
CA GLN A 76 8.20 -16.93 10.49
C GLN A 76 6.68 -17.08 10.66
N ASP A 77 6.10 -18.09 10.01
CA ASP A 77 4.67 -18.34 10.10
C ASP A 77 4.34 -19.69 9.49
N GLU A 78 3.97 -20.65 10.35
CA GLU A 78 3.64 -22.01 9.92
C GLU A 78 4.79 -22.61 9.13
N ASP A 79 4.46 -23.25 7.99
CA ASP A 79 5.45 -23.90 7.13
C ASP A 79 6.18 -22.91 6.22
N GLN A 80 7.00 -22.05 6.82
CA GLN A 80 7.79 -21.08 6.07
C GLN A 80 9.24 -21.19 6.53
N PRO A 81 10.19 -21.22 5.59
CA PRO A 81 11.62 -21.39 5.88
C PRO A 81 12.17 -20.40 6.91
N VAL A 82 12.86 -20.96 7.89
CA VAL A 82 13.49 -20.17 8.95
C VAL A 82 14.47 -19.15 8.38
N LEU A 83 14.37 -17.93 8.87
CA LEU A 83 15.22 -16.85 8.42
C LEU A 83 16.35 -16.61 9.42
N LEU A 84 17.57 -16.85 8.98
CA LEU A 84 18.74 -16.68 9.81
C LEU A 84 19.12 -15.20 9.90
N LYS A 85 18.91 -14.61 11.08
CA LYS A 85 19.22 -13.20 11.31
C LYS A 85 20.59 -13.03 11.93
N GLU A 86 21.28 -11.96 11.56
CA GLU A 86 22.61 -11.70 12.11
C GLU A 86 22.69 -10.32 12.78
N MET A 87 22.83 -10.33 14.10
CA MET A 87 22.92 -9.09 14.88
C MET A 87 24.11 -9.19 15.85
N PRO A 88 25.12 -8.32 15.68
CA PRO A 88 26.34 -8.30 16.52
C PRO A 88 26.07 -8.32 18.03
N GLU A 89 26.76 -9.24 18.72
CA GLU A 89 26.67 -9.40 20.18
C GLU A 89 25.30 -9.91 20.64
N ILE A 90 25.32 -10.89 21.54
CA ILE A 90 24.11 -11.48 22.12
C ILE A 90 23.47 -10.57 23.16
N PRO A 91 22.17 -10.32 23.02
CA PRO A 91 21.40 -9.54 24.00
C PRO A 91 21.32 -10.26 25.35
N LYS A 92 21.35 -9.49 26.43
CA LYS A 92 21.28 -10.03 27.78
C LYS A 92 19.86 -9.88 28.30
N THR A 93 19.15 -8.92 27.72
CA THR A 93 17.79 -8.61 28.11
C THR A 93 16.92 -8.59 26.87
N ILE A 94 15.92 -9.44 26.86
CA ILE A 94 15.15 -9.73 25.67
C ILE A 94 13.85 -8.95 25.68
N THR A 95 13.58 -8.24 24.58
CA THR A 95 12.38 -7.44 24.44
C THR A 95 11.30 -8.18 23.64
N GLY A 96 10.30 -7.42 23.17
CA GLY A 96 9.22 -8.00 22.39
C GLY A 96 9.46 -7.86 20.89
N SER A 97 10.70 -8.04 20.48
CA SER A 97 11.07 -7.95 19.07
C SER A 97 11.84 -9.19 18.65
N GLU A 98 12.50 -9.82 19.63
CA GLU A 98 13.27 -11.02 19.40
C GLU A 98 12.51 -12.25 19.88
N THR A 99 11.19 -12.15 19.90
CA THR A 99 10.31 -13.24 20.35
C THR A 99 10.22 -14.38 19.33
N ASN A 100 10.84 -14.19 18.17
CA ASN A 100 10.80 -15.20 17.12
C ASN A 100 11.96 -16.18 17.26
N LEU A 101 13.09 -15.70 17.76
CA LEU A 101 14.28 -16.53 17.93
C LEU A 101 14.30 -17.20 19.29
N LEU A 102 13.15 -17.23 19.96
CA LEU A 102 13.06 -17.85 21.28
C LEU A 102 12.54 -19.28 21.13
N PHE A 103 13.02 -20.22 21.95
CA PHE A 103 12.67 -21.61 21.70
C PHE A 103 12.39 -22.39 22.96
N PHE A 104 11.19 -22.92 22.98
CA PHE A 104 10.69 -23.75 24.06
C PHE A 104 11.13 -25.17 23.80
N TRP A 105 12.17 -25.61 24.49
CA TRP A 105 12.74 -26.92 24.21
C TRP A 105 12.20 -27.99 25.15
N GLU A 106 11.47 -28.94 24.57
CA GLU A 106 10.94 -30.06 25.31
C GLU A 106 11.77 -31.31 25.03
N THR A 107 12.55 -31.74 26.01
CA THR A 107 13.46 -32.85 25.84
C THR A 107 12.87 -34.15 26.39
N HIS A 108 12.90 -35.19 25.57
CA HIS A 108 12.41 -36.51 25.98
C HIS A 108 13.52 -37.54 25.83
N GLY A 109 14.20 -37.85 26.93
CA GLY A 109 15.29 -38.80 26.89
C GLY A 109 16.44 -38.37 25.98
N THR A 110 16.43 -38.87 24.76
CA THR A 110 17.47 -38.55 23.79
C THR A 110 16.95 -37.53 22.77
N LYS A 111 15.71 -37.71 22.34
CA LYS A 111 15.10 -36.82 21.38
C LYS A 111 14.61 -35.56 22.05
N ASN A 112 14.42 -34.54 21.27
CA ASN A 112 13.99 -33.25 21.79
C ASN A 112 13.23 -32.47 20.74
N TYR A 113 12.31 -31.64 21.19
CA TYR A 113 11.53 -30.81 20.29
C TYR A 113 11.92 -29.35 20.44
N PHE A 114 11.60 -28.56 19.44
CA PHE A 114 11.83 -27.12 19.48
C PHE A 114 10.54 -26.38 19.15
N THR A 115 9.88 -25.91 20.19
CA THR A 115 8.60 -25.24 20.07
C THR A 115 8.79 -23.73 19.96
N SER A 116 8.05 -23.10 19.06
CA SER A 116 8.11 -21.65 18.92
C SER A 116 7.38 -20.95 20.06
N VAL A 117 8.07 -20.01 20.70
CA VAL A 117 7.46 -19.22 21.78
C VAL A 117 6.59 -18.12 21.19
N ALA A 118 6.84 -17.76 19.93
CA ALA A 118 6.04 -16.72 19.26
C ALA A 118 4.64 -17.26 18.96
N HIS A 119 4.58 -18.27 18.12
CA HIS A 119 3.31 -18.91 17.78
C HIS A 119 3.36 -20.37 18.22
N PRO A 120 2.46 -20.75 19.15
CA PRO A 120 2.44 -22.09 19.77
C PRO A 120 2.41 -23.25 18.77
N ASN A 121 1.60 -23.13 17.73
CA ASN A 121 1.37 -24.22 16.78
C ASN A 121 2.60 -24.49 15.90
N LEU A 122 3.65 -23.70 16.09
CA LEU A 122 4.85 -23.84 15.29
C LEU A 122 5.84 -24.76 15.98
N PHE A 123 6.46 -25.61 15.18
CA PHE A 123 7.42 -26.57 15.63
C PHE A 123 8.47 -26.72 14.53
N ILE A 124 9.71 -26.96 14.87
CA ILE A 124 10.78 -26.95 13.87
C ILE A 124 10.89 -28.33 13.20
N ALA A 125 10.37 -28.40 11.98
CA ALA A 125 10.27 -29.65 11.24
C ALA A 125 11.46 -29.89 10.34
N THR A 126 11.71 -31.14 10.01
CA THR A 126 12.86 -31.48 9.20
C THR A 126 12.43 -32.16 7.91
N LYS A 127 12.98 -31.65 6.82
CA LYS A 127 12.65 -32.12 5.48
C LYS A 127 13.82 -32.94 4.92
N GLN A 128 13.51 -33.86 4.01
CA GLN A 128 14.54 -34.69 3.38
C GLN A 128 15.31 -33.93 2.30
N ASP A 129 14.67 -32.98 1.65
CA ASP A 129 15.28 -32.27 0.52
C ASP A 129 15.28 -30.77 0.69
N TYR A 130 14.27 -30.26 1.40
CA TYR A 130 14.13 -28.82 1.59
C TYR A 130 14.82 -28.30 2.85
N TRP A 131 14.69 -26.99 3.05
CA TRP A 131 15.29 -26.31 4.19
C TRP A 131 14.59 -26.69 5.50
N VAL A 132 15.35 -26.71 6.58
CA VAL A 132 14.80 -27.01 7.90
C VAL A 132 13.93 -25.84 8.34
N CYS A 133 12.63 -26.02 8.26
CA CYS A 133 11.70 -24.94 8.54
C CYS A 133 11.02 -25.13 9.89
N LEU A 134 9.83 -24.57 10.00
CA LEU A 134 8.99 -24.72 11.16
C LEU A 134 7.66 -25.12 10.58
N ALA A 135 6.75 -25.64 11.36
CA ALA A 135 5.57 -26.19 10.79
C ALA A 135 4.52 -26.47 11.82
N GLY A 136 3.35 -26.77 11.32
CA GLY A 136 2.45 -27.58 12.03
C GLY A 136 2.70 -28.93 11.45
N GLY A 137 2.74 -29.91 12.26
CA GLY A 137 3.30 -31.17 11.80
C GLY A 137 2.31 -32.27 11.45
N PRO A 138 2.03 -32.44 10.15
CA PRO A 138 1.62 -33.71 9.57
C PRO A 138 2.81 -34.31 8.79
N PRO A 139 2.90 -35.66 8.75
CA PRO A 139 4.10 -36.49 8.47
C PRO A 139 5.49 -35.84 8.20
N SER A 140 5.68 -34.56 8.45
CA SER A 140 6.99 -33.96 8.51
C SER A 140 7.65 -34.36 9.82
N ILE A 141 8.93 -34.63 9.82
CA ILE A 141 9.60 -35.06 11.04
C ILE A 141 9.98 -33.87 11.87
N THR A 142 9.10 -33.47 12.76
CA THR A 142 9.40 -32.38 13.65
C THR A 142 10.03 -32.95 14.94
N ASP A 143 10.83 -33.99 14.75
CA ASP A 143 11.65 -34.59 15.78
C ASP A 143 13.06 -34.03 15.73
N PHE A 144 13.73 -33.98 16.86
CA PHE A 144 15.16 -33.74 16.86
C PHE A 144 15.88 -34.63 17.85
N GLN A 145 17.18 -34.61 17.74
CA GLN A 145 18.09 -35.40 18.56
C GLN A 145 19.43 -34.70 18.50
N ILE A 146 20.13 -34.58 19.60
CA ILE A 146 21.39 -33.85 19.54
C ILE A 146 22.56 -34.82 19.38
N LEU A 147 23.17 -34.79 18.21
CA LEU A 147 24.36 -35.57 17.95
C LEU A 147 25.57 -34.67 17.70
N GLU A 148 26.60 -34.86 18.50
CA GLU A 148 27.81 -34.08 18.35
C GLU A 148 28.74 -34.74 17.34
N ASN A 149 29.61 -33.94 16.72
CA ASN A 149 30.64 -34.47 15.84
C ASN A 149 31.90 -34.75 16.65
N GLN A 150 32.86 -35.41 16.05
CA GLN A 150 34.08 -35.79 16.76
C GLN A 150 34.97 -34.57 16.95
N ALA A 151 35.28 -33.89 15.86
CA ALA A 151 36.11 -32.70 15.88
C ALA A 151 35.99 -31.96 14.55
N MET B 1 18.66 -14.96 -4.32
CA MET B 1 17.94 -14.47 -3.11
C MET B 1 17.98 -12.95 -3.05
N ALA B 2 18.14 -12.31 -4.21
CA ALA B 2 18.21 -10.86 -4.26
C ALA B 2 17.42 -10.29 -5.44
N ALA B 3 16.38 -9.53 -5.11
CA ALA B 3 15.61 -8.79 -6.09
C ALA B 3 16.47 -7.72 -6.77
N GLU B 4 16.96 -8.03 -7.96
CA GLU B 4 17.68 -7.05 -8.77
C GLU B 4 16.65 -6.08 -9.37
N PRO B 5 17.08 -4.92 -9.93
CA PRO B 5 16.17 -3.86 -10.41
C PRO B 5 14.96 -4.41 -11.14
N LEU B 6 13.82 -3.75 -10.98
CA LEU B 6 12.58 -4.31 -11.44
C LEU B 6 11.85 -3.44 -12.45
N THR B 7 10.74 -3.98 -12.93
CA THR B 7 9.80 -3.27 -13.81
C THR B 7 9.16 -2.10 -13.05
N GLU B 8 8.27 -1.31 -13.68
CA GLU B 8 7.92 -0.01 -13.13
C GLU B 8 7.02 -0.11 -11.90
N LEU B 9 5.91 -0.85 -11.97
CA LEU B 9 5.06 -0.96 -10.79
C LEU B 9 5.80 -1.66 -9.67
N GLU B 10 6.76 -2.47 -10.07
CA GLU B 10 7.65 -3.12 -9.13
C GLU B 10 8.59 -2.10 -8.55
N GLU B 11 9.08 -1.20 -9.40
CA GLU B 11 9.98 -0.15 -8.97
C GLU B 11 9.32 0.60 -7.85
N SER B 12 8.02 0.79 -8.01
CA SER B 12 7.28 1.51 -7.00
C SER B 12 7.04 0.68 -5.73
N ILE B 13 6.70 -0.60 -5.86
CA ILE B 13 6.47 -1.44 -4.67
C ILE B 13 7.75 -1.98 -4.02
N GLU B 14 8.76 -2.33 -4.82
CA GLU B 14 10.07 -2.75 -4.29
C GLU B 14 10.64 -1.65 -3.42
N THR B 15 10.58 -0.43 -3.93
CA THR B 15 11.02 0.75 -3.20
C THR B 15 10.40 0.82 -1.80
N VAL B 16 9.15 0.38 -1.68
CA VAL B 16 8.48 0.34 -0.39
C VAL B 16 9.14 -0.67 0.54
N VAL B 17 9.64 -1.74 -0.07
CA VAL B 17 10.23 -2.85 0.68
C VAL B 17 11.55 -2.44 1.30
N THR B 18 12.42 -1.89 0.47
CA THR B 18 13.80 -1.64 0.85
C THR B 18 13.89 -0.74 2.07
N THR B 19 13.12 0.33 2.07
CA THR B 19 13.11 1.26 3.19
C THR B 19 12.65 0.53 4.45
N PHE B 20 11.48 -0.05 4.30
CA PHE B 20 10.85 -0.95 5.28
C PHE B 20 11.85 -1.94 5.89
N PHE B 21 12.54 -2.68 5.00
CA PHE B 21 13.49 -3.74 5.40
C PHE B 21 14.69 -3.18 6.17
N THR B 22 15.08 -1.96 5.86
CA THR B 22 16.19 -1.32 6.55
C THR B 22 15.90 -1.24 8.05
N PHE B 23 14.65 -1.00 8.40
CA PHE B 23 14.25 -0.93 9.79
C PHE B 23 13.91 -2.31 10.34
N ALA B 24 13.22 -3.11 9.53
CA ALA B 24 12.88 -4.49 9.90
C ALA B 24 14.12 -5.29 10.26
N ARG B 25 15.23 -5.00 9.57
CA ARG B 25 16.50 -5.70 9.81
C ARG B 25 17.21 -5.22 11.08
N GLN B 26 16.91 -4.00 11.53
CA GLN B 26 17.56 -3.42 12.72
C GLN B 26 17.47 -4.32 13.96
N GLU B 27 16.26 -4.47 14.51
CA GLU B 27 16.07 -5.28 15.72
C GLU B 27 15.76 -6.74 15.38
N GLY B 28 15.23 -7.47 16.38
CA GLY B 28 14.89 -8.87 16.19
C GLY B 28 13.95 -9.08 15.04
N ARG B 29 14.14 -10.20 14.33
CA ARG B 29 13.33 -10.53 13.15
C ARG B 29 13.54 -9.49 12.06
N LYS B 30 14.49 -9.77 11.16
CA LYS B 30 14.81 -8.85 10.07
C LYS B 30 13.72 -8.80 9.01
N ASP B 31 12.61 -9.50 9.26
CA ASP B 31 11.50 -9.53 8.34
C ASP B 31 10.28 -8.80 8.88
N SER B 32 10.41 -8.21 10.07
CA SER B 32 9.30 -7.48 10.67
C SER B 32 9.78 -6.34 11.58
N LEU B 33 9.01 -5.27 11.60
CA LEU B 33 9.33 -4.09 12.44
C LEU B 33 8.63 -4.23 13.78
N SER B 34 9.28 -3.80 14.86
CA SER B 34 8.71 -3.89 16.19
C SER B 34 7.94 -2.62 16.53
N VAL B 35 7.45 -2.54 17.78
CA VAL B 35 6.71 -1.37 18.24
C VAL B 35 7.64 -0.17 18.42
N ASN B 36 8.94 -0.43 18.47
CA ASN B 36 9.93 0.61 18.63
C ASN B 36 10.25 1.26 17.29
N GLU B 37 10.28 0.46 16.23
CA GLU B 37 10.56 0.97 14.89
C GLU B 37 9.35 1.70 14.32
N PHE B 38 8.15 1.30 14.78
CA PHE B 38 6.94 1.91 14.35
C PHE B 38 6.87 3.25 15.01
N LYS B 39 7.12 3.22 16.31
CA LYS B 39 7.13 4.43 17.11
C LYS B 39 8.21 5.39 16.62
N GLU B 40 9.38 4.86 16.25
CA GLU B 40 10.45 5.73 15.75
C GLU B 40 10.03 6.45 14.47
N LEU B 41 9.42 5.73 13.54
CA LEU B 41 9.03 6.34 12.28
C LEU B 41 7.84 7.24 12.46
N VAL B 42 6.90 6.81 13.27
CA VAL B 42 5.69 7.55 13.49
C VAL B 42 6.04 8.88 14.15
N THR B 43 6.83 8.79 15.20
CA THR B 43 7.36 9.96 15.91
C THR B 43 8.29 10.81 15.02
N GLN B 44 9.31 10.17 14.43
CA GLN B 44 10.36 10.86 13.72
C GLN B 44 10.03 11.08 12.23
N GLN B 45 9.64 10.01 11.55
CA GLN B 45 9.45 10.06 10.09
C GLN B 45 8.04 10.52 9.71
N LEU B 46 7.08 10.34 10.58
CA LEU B 46 5.68 10.53 10.22
C LEU B 46 5.04 11.86 10.68
N PRO B 47 5.66 12.72 11.55
CA PRO B 47 5.03 13.99 11.96
C PRO B 47 4.46 14.77 10.78
N HIS B 48 5.15 14.72 9.66
CA HIS B 48 4.69 15.39 8.46
C HIS B 48 3.56 14.60 7.81
N LEU B 49 3.72 13.27 7.74
CA LEU B 49 2.73 12.40 7.13
C LEU B 49 1.53 12.16 8.05
N LEU B 50 1.74 11.31 9.04
CA LEU B 50 0.72 10.95 10.00
C LEU B 50 0.80 11.85 11.20
N LYS B 51 0.07 12.94 11.10
CA LYS B 51 -0.12 13.91 12.16
C LYS B 51 -0.80 13.32 13.38
N ASP B 52 -0.18 12.32 13.92
CA ASP B 52 -0.63 11.63 15.11
C ASP B 52 0.53 10.81 15.63
N VAL B 53 1.58 11.54 15.96
CA VAL B 53 2.83 10.95 16.40
C VAL B 53 2.76 10.53 17.86
N GLY B 54 1.69 10.94 18.52
CA GLY B 54 1.51 10.59 19.91
C GLY B 54 0.98 9.19 20.08
N SER B 55 -0.34 9.05 19.93
CA SER B 55 -1.01 7.79 20.17
C SER B 55 -0.88 6.83 19.00
N LEU B 56 0.36 6.52 18.67
CA LEU B 56 0.68 5.49 17.69
C LEU B 56 -0.12 4.22 17.97
N ASP B 57 -0.42 4.04 19.26
CA ASP B 57 -1.10 2.86 19.77
C ASP B 57 -2.27 2.44 18.89
N GLU B 58 -3.20 3.34 18.62
CA GLU B 58 -4.46 2.98 17.94
C GLU B 58 -4.19 2.26 16.61
N LYS B 59 -3.29 2.84 15.84
CA LYS B 59 -2.92 2.33 14.54
C LYS B 59 -2.15 1.04 14.70
N MET B 60 -1.23 1.07 15.66
CA MET B 60 -0.46 -0.10 16.03
C MET B 60 -1.38 -1.27 16.31
N LYS B 61 -2.39 -1.06 17.15
CA LYS B 61 -3.32 -2.13 17.53
C LYS B 61 -4.04 -2.69 16.31
N SER B 62 -4.38 -1.82 15.37
CA SER B 62 -5.10 -2.22 14.17
C SER B 62 -4.25 -3.12 13.28
N LEU B 63 -2.95 -2.87 13.30
CA LEU B 63 -1.98 -3.62 12.50
C LEU B 63 -1.52 -4.86 13.26
N ASP B 64 -1.15 -4.63 14.51
CA ASP B 64 -0.70 -5.63 15.47
C ASP B 64 -1.74 -6.72 15.70
N VAL B 65 -2.98 -6.45 15.25
CA VAL B 65 -4.24 -7.06 15.77
C VAL B 65 -4.13 -8.50 16.30
N ASN B 66 -3.28 -9.33 15.72
CA ASN B 66 -3.12 -10.69 16.19
C ASN B 66 -2.30 -10.74 17.50
N GLN B 67 -1.97 -9.56 18.08
CA GLN B 67 -1.18 -9.48 19.31
C GLN B 67 0.14 -10.10 18.97
N ASP B 68 0.58 -9.64 17.81
CA ASP B 68 1.85 -9.96 17.20
C ASP B 68 2.47 -8.61 16.84
N SER B 69 3.33 -8.11 17.72
CA SER B 69 3.98 -6.80 17.55
C SER B 69 4.90 -6.74 16.33
N GLU B 70 4.82 -7.76 15.49
CA GLU B 70 5.63 -7.81 14.30
C GLU B 70 4.85 -7.31 13.10
N LEU B 71 5.11 -6.06 12.72
CA LEU B 71 4.50 -5.46 11.58
C LEU B 71 5.01 -6.11 10.29
N LYS B 72 4.45 -7.27 10.01
CA LYS B 72 4.94 -8.13 8.93
C LYS B 72 4.11 -8.11 7.65
N PHE B 73 4.26 -9.23 6.91
CA PHE B 73 3.62 -9.47 5.62
C PHE B 73 2.17 -9.03 5.55
N ASN B 74 1.99 -7.77 5.15
CA ASN B 74 0.66 -7.18 4.94
C ASN B 74 -0.30 -7.25 6.14
N GLU B 75 0.26 -7.39 7.34
CA GLU B 75 -0.43 -6.90 8.54
C GLU B 75 -0.18 -5.39 8.66
N TYR B 76 1.09 -5.01 8.48
CA TYR B 76 1.52 -3.61 8.42
C TYR B 76 0.71 -2.87 7.37
N TRP B 77 0.54 -3.55 6.26
CA TRP B 77 -0.07 -3.02 5.03
C TRP B 77 -1.21 -2.05 5.26
N ARG B 78 -2.09 -2.31 6.22
CA ARG B 78 -3.21 -1.43 6.45
C ARG B 78 -2.68 -0.01 6.58
N LEU B 79 -1.66 0.17 7.43
CA LEU B 79 -1.05 1.48 7.62
C LEU B 79 -0.43 1.95 6.31
N ILE B 80 0.25 1.03 5.62
CA ILE B 80 0.92 1.36 4.36
C ILE B 80 -0.07 1.92 3.35
N GLY B 81 -1.30 1.44 3.42
CA GLY B 81 -2.32 1.94 2.55
C GLY B 81 -2.86 3.24 3.04
N GLU B 82 -3.00 3.34 4.35
CA GLU B 82 -3.37 4.57 4.95
C GLU B 82 -2.29 5.61 4.60
N LEU B 83 -1.05 5.16 4.49
CA LEU B 83 0.09 6.04 4.18
C LEU B 83 -0.05 6.68 2.81
N ALA B 84 -0.15 5.84 1.79
CA ALA B 84 -0.24 6.30 0.40
C ALA B 84 -1.49 7.12 0.17
N LYS B 85 -2.52 6.86 0.95
CA LYS B 85 -3.74 7.60 0.86
C LYS B 85 -3.59 8.96 1.54
N GLU B 86 -3.07 8.93 2.78
CA GLU B 86 -2.90 10.13 3.59
C GLU B 86 -2.07 11.19 2.87
N ILE B 87 -0.97 10.79 2.26
CA ILE B 87 -0.15 11.73 1.49
C ILE B 87 -1.00 12.45 0.43
N ARG B 88 -2.02 11.76 -0.08
CA ARG B 88 -2.85 12.33 -1.10
C ARG B 88 -4.03 13.09 -0.52
N LYS B 89 -4.90 12.44 0.23
CA LYS B 89 -6.09 13.13 0.73
C LYS B 89 -5.98 13.50 2.19
N LYS B 90 -4.76 13.84 2.64
CA LYS B 90 -4.52 14.22 4.05
C LYS B 90 -5.60 15.17 4.54
N LYS B 91 -5.55 16.39 4.03
CA LYS B 91 -6.66 17.32 4.05
C LYS B 91 -6.70 17.95 2.68
N ASP B 92 -6.11 17.24 1.71
CA ASP B 92 -6.01 17.76 0.33
C ASP B 92 -7.35 17.78 -0.41
N LEU B 93 -8.22 18.67 0.05
CA LEU B 93 -9.51 18.93 -0.55
C LEU B 93 -9.68 20.44 -0.46
N LYS B 94 -8.50 21.07 -0.39
CA LYS B 94 -8.34 22.51 -0.29
C LYS B 94 -6.86 22.85 -0.47
N ILE B 95 -5.99 22.07 0.22
CA ILE B 95 -4.54 22.23 0.17
C ILE B 95 -3.85 21.50 1.35
N ARG B 96 -2.78 20.74 1.05
CA ARG B 96 -2.02 20.01 2.07
C ARG B 96 -0.68 19.52 1.51
N LYS B 97 -0.18 20.25 0.52
CA LYS B 97 1.08 19.96 -0.15
C LYS B 97 1.40 21.14 -1.05
N LYS B 98 2.65 21.56 -1.07
CA LYS B 98 3.00 22.90 -1.51
C LYS B 98 4.51 23.10 -1.46
N MET C 1 0.38 23.51 -4.26
CA MET C 1 -0.36 22.39 -4.93
C MET C 1 0.61 21.34 -5.46
N ALA C 2 1.86 21.41 -5.00
CA ALA C 2 2.87 20.46 -5.43
C ALA C 2 3.68 19.90 -4.27
N ALA C 3 3.57 18.61 -4.08
CA ALA C 3 4.39 17.86 -3.13
C ALA C 3 5.86 17.90 -3.52
N GLU C 4 6.62 18.79 -2.90
CA GLU C 4 8.06 18.82 -3.07
C GLU C 4 8.69 17.66 -2.31
N PRO C 5 9.98 17.30 -2.56
CA PRO C 5 10.61 16.11 -1.97
C PRO C 5 10.25 15.89 -0.50
N LEU C 6 10.13 14.64 -0.10
CA LEU C 6 9.56 14.33 1.17
C LEU C 6 10.51 13.55 2.09
N THR C 7 10.03 13.33 3.30
CA THR C 7 10.68 12.48 4.30
C THR C 7 10.71 11.03 3.79
N GLU C 8 11.28 10.08 4.56
CA GLU C 8 11.64 8.79 3.99
C GLU C 8 10.43 7.89 3.72
N LEU C 9 9.57 7.67 4.71
CA LEU C 9 8.40 6.85 4.45
C LEU C 9 7.50 7.50 3.41
N GLU C 10 7.61 8.82 3.34
CA GLU C 10 6.92 9.57 2.31
C GLU C 10 7.59 9.32 0.99
N GLU C 11 8.92 9.28 1.00
CA GLU C 11 9.69 9.03 -0.21
C GLU C 11 9.21 7.74 -0.80
N SER C 12 8.92 6.80 0.08
CA SER C 12 8.46 5.50 -0.39
C SER C 12 7.00 5.54 -0.88
N ILE C 13 6.10 6.24 -0.18
CA ILE C 13 4.70 6.30 -0.61
C ILE C 13 4.43 7.34 -1.71
N GLU C 14 5.10 8.50 -1.68
CA GLU C 14 5.01 9.49 -2.76
C GLU C 14 5.40 8.85 -4.09
N THR C 15 6.51 8.13 -4.06
CA THR C 15 6.99 7.39 -5.21
C THR C 15 5.88 6.52 -5.84
N VAL C 16 5.02 5.96 -5.00
CA VAL C 16 3.90 5.15 -5.46
C VAL C 16 2.91 6.02 -6.22
N VAL C 17 2.79 7.26 -5.80
CA VAL C 17 1.82 8.20 -6.34
C VAL C 17 2.20 8.60 -7.75
N THR C 18 3.43 9.04 -7.89
CA THR C 18 3.90 9.68 -9.11
C THR C 18 3.75 8.76 -10.32
N THR C 19 4.15 7.51 -10.14
CA THR C 19 4.03 6.54 -11.23
C THR C 19 2.56 6.36 -11.60
N PHE C 20 1.82 6.03 -10.56
CA PHE C 20 0.35 5.93 -10.58
C PHE C 20 -0.30 7.11 -11.34
N PHE C 21 0.05 8.33 -10.92
CA PHE C 21 -0.52 9.57 -11.48
C PHE C 21 -0.21 9.75 -12.95
N THR C 22 0.97 9.29 -13.37
CA THR C 22 1.36 9.37 -14.77
C THR C 22 0.36 8.63 -15.65
N PHE C 23 -0.17 7.53 -15.15
CA PHE C 23 -1.16 6.77 -15.88
C PHE C 23 -2.57 7.29 -15.62
N ALA C 24 -2.84 7.62 -14.36
CA ALA C 24 -4.13 8.19 -13.98
C ALA C 24 -4.45 9.45 -14.79
N ARG C 25 -3.42 10.22 -15.10
CA ARG C 25 -3.56 11.47 -15.87
C ARG C 25 -3.72 11.21 -17.38
N GLN C 26 -3.34 10.01 -17.83
CA GLN C 26 -3.43 9.65 -19.25
C GLN C 26 -4.85 9.83 -19.81
N GLU C 27 -5.81 9.06 -19.29
CA GLU C 27 -7.19 9.14 -19.76
C GLU C 27 -8.03 10.07 -18.88
N GLY C 28 -9.36 9.93 -18.98
CA GLY C 28 -10.27 10.76 -18.20
C GLY C 28 -10.03 10.64 -16.71
N ARG C 29 -10.19 11.77 -15.99
CA ARG C 29 -9.97 11.83 -14.55
C ARG C 29 -8.51 11.54 -14.24
N LYS C 30 -7.71 12.60 -14.08
CA LYS C 30 -6.28 12.44 -13.78
C LYS C 30 -6.06 11.97 -12.35
N ASP C 31 -7.16 11.69 -11.65
CA ASP C 31 -7.08 11.24 -10.27
C ASP C 31 -7.33 9.74 -10.17
N SER C 32 -7.73 9.11 -11.28
CA SER C 32 -8.02 7.68 -11.28
C SER C 32 -7.63 7.02 -12.61
N LEU C 33 -7.24 5.75 -12.53
CA LEU C 33 -6.86 4.98 -13.74
C LEU C 33 -8.07 4.23 -14.24
N SER C 34 -8.21 4.12 -15.55
CA SER C 34 -9.34 3.43 -16.15
C SER C 34 -9.10 1.92 -16.19
N VAL C 35 -10.08 1.18 -16.70
CA VAL C 35 -9.96 -0.27 -16.80
C VAL C 35 -8.95 -0.66 -17.87
N ASN C 36 -8.61 0.30 -18.73
CA ASN C 36 -7.64 0.07 -19.79
C ASN C 36 -6.21 0.25 -19.28
N GLU C 37 -6.02 1.16 -18.32
CA GLU C 37 -4.68 1.41 -17.76
C GLU C 37 -4.30 0.28 -16.80
N PHE C 38 -5.30 -0.32 -16.18
CA PHE C 38 -5.13 -1.41 -15.28
C PHE C 38 -4.72 -2.59 -16.11
N LYS C 39 -5.48 -2.78 -17.18
CA LYS C 39 -5.21 -3.87 -18.11
C LYS C 39 -3.83 -3.69 -18.75
N GLU C 40 -3.46 -2.45 -19.09
CA GLU C 40 -2.13 -2.20 -19.67
C GLU C 40 -1.02 -2.62 -18.72
N LEU C 41 -1.12 -2.23 -17.46
CA LEU C 41 -0.08 -2.52 -16.50
C LEU C 41 -0.09 -3.99 -16.14
N VAL C 42 -1.27 -4.54 -15.98
CA VAL C 42 -1.41 -5.92 -15.57
C VAL C 42 -0.85 -6.82 -16.67
N THR C 43 -1.27 -6.55 -17.90
CA THR C 43 -0.74 -7.22 -19.07
C THR C 43 0.76 -6.94 -19.31
N GLN C 44 1.13 -5.67 -19.36
CA GLN C 44 2.46 -5.24 -19.74
C GLN C 44 3.43 -5.18 -18.55
N GLN C 45 3.03 -4.48 -17.49
CA GLN C 45 3.92 -4.21 -16.36
C GLN C 45 3.91 -5.35 -15.33
N LEU C 46 2.82 -6.10 -15.26
CA LEU C 46 2.62 -7.04 -14.17
C LEU C 46 2.93 -8.52 -14.48
N PRO C 47 3.17 -8.97 -15.75
CA PRO C 47 3.47 -10.39 -16.03
C PRO C 47 4.51 -10.97 -15.06
N HIS C 48 5.49 -10.15 -14.70
CA HIS C 48 6.51 -10.55 -13.76
C HIS C 48 5.95 -10.55 -12.33
N LEU C 49 5.20 -9.51 -11.99
CA LEU C 49 4.63 -9.36 -10.66
C LEU C 49 3.40 -10.24 -10.47
N LEU C 50 2.30 -9.80 -11.05
CA LEU C 50 1.04 -10.49 -10.96
C LEU C 50 0.87 -11.43 -12.12
N LYS C 51 1.35 -12.63 -11.91
CA LYS C 51 1.23 -13.75 -12.83
C LYS C 51 -0.23 -14.15 -13.08
N ASP C 52 -0.97 -13.20 -13.54
CA ASP C 52 -2.37 -13.36 -13.89
C ASP C 52 -2.77 -12.19 -14.75
N VAL C 53 -2.09 -12.11 -15.89
CA VAL C 53 -2.25 -11.00 -16.82
C VAL C 53 -3.49 -11.19 -17.67
N GLY C 54 -4.09 -12.37 -17.60
CA GLY C 54 -5.28 -12.65 -18.35
C GLY C 54 -6.51 -12.07 -17.70
N SER C 55 -7.04 -12.79 -16.71
CA SER C 55 -8.28 -12.42 -16.06
C SER C 55 -8.09 -11.32 -15.03
N LEU C 56 -7.58 -10.19 -15.50
CA LEU C 56 -7.49 -8.97 -14.70
C LEU C 56 -8.81 -8.70 -14.00
N ASP C 57 -9.88 -9.14 -14.66
CA ASP C 57 -11.25 -8.92 -14.22
C ASP C 57 -11.44 -9.12 -12.73
N GLU C 58 -11.05 -10.29 -12.20
CA GLU C 58 -11.36 -10.64 -10.81
C GLU C 58 -10.86 -9.57 -9.84
N LYS C 59 -9.62 -9.16 -10.05
CA LYS C 59 -8.97 -8.19 -9.21
C LYS C 59 -9.59 -6.83 -9.44
N MET C 60 -9.81 -6.54 -10.70
CA MET C 60 -10.50 -5.32 -11.11
C MET C 60 -11.81 -5.19 -10.36
N LYS C 61 -12.63 -6.24 -10.37
CA LYS C 61 -13.94 -6.22 -9.71
C LYS C 61 -13.80 -5.93 -8.22
N SER C 62 -12.77 -6.49 -7.61
CA SER C 62 -12.56 -6.34 -6.17
C SER C 62 -12.22 -4.88 -5.82
N LEU C 63 -11.54 -4.22 -6.74
CA LEU C 63 -11.12 -2.82 -6.58
C LEU C 63 -12.23 -1.87 -7.04
N ASP C 64 -12.73 -2.18 -8.22
CA ASP C 64 -13.82 -1.46 -8.88
C ASP C 64 -15.11 -1.44 -8.05
N VAL C 65 -15.14 -2.30 -7.02
CA VAL C 65 -16.36 -2.85 -6.38
C VAL C 65 -17.61 -1.94 -6.39
N ASN C 66 -17.43 -0.63 -6.29
CA ASN C 66 -18.54 0.30 -6.31
C ASN C 66 -19.11 0.47 -7.74
N GLN C 67 -18.57 -0.32 -8.71
CA GLN C 67 -19.01 -0.25 -10.11
C GLN C 67 -18.70 1.16 -10.54
N ASP C 68 -17.44 1.48 -10.22
CA ASP C 68 -16.79 2.71 -10.56
C ASP C 68 -15.51 2.32 -11.30
N SER C 69 -15.51 2.48 -12.62
CA SER C 69 -14.36 2.10 -13.46
C SER C 69 -13.14 2.99 -13.22
N GLU C 70 -13.14 3.66 -12.08
CA GLU C 70 -12.06 4.54 -11.70
C GLU C 70 -11.35 4.02 -10.46
N LEU C 71 -10.17 3.43 -10.67
CA LEU C 71 -9.36 2.94 -9.62
C LEU C 71 -8.82 4.10 -8.79
N LYS C 72 -9.68 4.60 -7.92
CA LYS C 72 -9.39 5.83 -7.17
C LYS C 72 -8.82 5.63 -5.78
N PHE C 73 -8.93 6.73 -5.01
CA PHE C 73 -8.45 6.86 -3.64
C PHE C 73 -8.66 5.62 -2.79
N ASN C 74 -7.64 4.77 -2.75
CA ASN C 74 -7.63 3.56 -1.94
C ASN C 74 -8.82 2.60 -2.13
N GLU C 75 -9.45 2.69 -3.29
CA GLU C 75 -10.17 1.51 -3.84
C GLU C 75 -9.14 0.61 -4.53
N TYR C 76 -8.27 1.24 -5.33
CA TYR C 76 -7.14 0.58 -5.98
C TYR C 76 -6.29 -0.14 -4.94
N TRP C 77 -6.11 0.57 -3.84
CA TRP C 77 -5.21 0.19 -2.73
C TRP C 77 -5.15 -1.30 -2.44
N ARG C 78 -6.29 -1.98 -2.46
CA ARG C 78 -6.29 -3.40 -2.17
C ARG C 78 -5.23 -4.08 -3.01
N LEU C 79 -5.25 -3.81 -4.31
CA LEU C 79 -4.26 -4.36 -5.23
C LEU C 79 -2.88 -3.86 -4.85
N ILE C 80 -2.77 -2.57 -4.53
CA ILE C 80 -1.48 -1.96 -4.18
C ILE C 80 -0.86 -2.68 -3.00
N GLY C 81 -1.71 -3.17 -2.11
CA GLY C 81 -1.23 -3.91 -0.97
C GLY C 81 -0.88 -5.30 -1.35
N GLU C 82 -1.72 -5.88 -2.21
CA GLU C 82 -1.42 -7.16 -2.76
C GLU C 82 -0.09 -7.09 -3.51
N LEU C 83 0.18 -5.91 -4.10
CA LEU C 83 1.41 -5.68 -4.88
C LEU C 83 2.64 -5.78 -4.00
N ALA C 84 2.70 -4.94 -2.97
CA ALA C 84 3.85 -4.87 -2.08
C ALA C 84 4.06 -6.19 -1.34
N LYS C 85 2.98 -6.92 -1.15
CA LYS C 85 3.05 -8.21 -0.51
C LYS C 85 3.58 -9.25 -1.49
N GLU C 86 2.97 -9.28 -2.68
CA GLU C 86 3.32 -10.25 -3.73
C GLU C 86 4.81 -10.22 -4.06
N ILE C 87 5.36 -9.03 -4.22
CA ILE C 87 6.80 -8.90 -4.48
C ILE C 87 7.62 -9.63 -3.40
N ARG C 88 7.10 -9.65 -2.19
CA ARG C 88 7.79 -10.27 -1.09
C ARG C 88 7.45 -11.75 -0.95
N LYS C 89 6.21 -12.11 -0.72
CA LYS C 89 5.91 -13.53 -0.53
C LYS C 89 5.20 -14.14 -1.72
N LYS C 90 5.61 -13.74 -2.92
CA LYS C 90 4.99 -14.25 -4.17
C LYS C 90 4.80 -15.77 -4.08
N LYS C 91 5.91 -16.48 -4.12
CA LYS C 91 6.00 -17.86 -3.68
C LYS C 91 7.29 -17.96 -2.89
N ASP C 92 7.74 -16.80 -2.41
CA ASP C 92 8.99 -16.67 -1.66
C ASP C 92 8.94 -17.34 -0.28
N LEU C 93 8.94 -18.66 -0.31
CA LEU C 93 8.99 -19.49 0.89
C LEU C 93 9.95 -20.62 0.56
N LYS C 94 10.78 -20.31 -0.43
CA LYS C 94 11.80 -21.19 -0.95
C LYS C 94 12.76 -20.37 -1.82
N ILE C 95 12.18 -19.53 -2.70
CA ILE C 95 12.94 -18.67 -3.60
C ILE C 95 12.04 -18.06 -4.70
N ARG C 96 12.13 -16.73 -4.87
CA ARG C 96 11.34 -16.04 -5.89
C ARG C 96 11.93 -14.67 -6.25
N LYS C 97 13.26 -14.60 -6.18
CA LYS C 97 14.04 -13.40 -6.47
C LYS C 97 15.51 -13.76 -6.37
N LYS C 98 16.29 -13.31 -7.33
CA LYS C 98 17.58 -13.91 -7.60
C LYS C 98 18.30 -13.13 -8.69
N ASN D 1 -16.18 -1.04 -30.14
CA ASN D 1 -16.74 -0.79 -28.80
C ASN D 1 -17.89 0.19 -28.92
N VAL D 2 -18.48 0.61 -27.81
CA VAL D 2 -19.52 1.61 -27.86
C VAL D 2 -18.89 2.98 -27.65
N LYS D 3 -19.07 3.85 -28.63
CA LYS D 3 -18.55 5.19 -28.53
C LYS D 3 -19.65 6.16 -28.19
N TYR D 4 -19.32 7.19 -27.46
CA TYR D 4 -20.25 8.27 -27.22
C TYR D 4 -19.85 9.38 -28.16
N ASN D 5 -20.68 9.64 -29.15
CA ASN D 5 -20.28 10.44 -30.29
C ASN D 5 -20.75 11.85 -30.11
N PHE D 6 -19.90 12.79 -30.47
CA PHE D 6 -20.18 14.20 -30.26
C PHE D 6 -21.42 14.60 -31.05
N MET D 7 -22.32 15.26 -30.33
CA MET D 7 -23.63 15.57 -30.84
C MET D 7 -23.64 16.96 -31.47
N ARG D 8 -23.41 18.01 -30.69
CA ARG D 8 -23.40 19.35 -31.29
C ARG D 8 -22.68 20.36 -30.42
N ILE D 9 -22.05 21.32 -31.10
CA ILE D 9 -21.36 22.43 -30.47
C ILE D 9 -22.35 23.53 -30.11
N ILE D 10 -22.43 23.83 -28.82
CA ILE D 10 -23.30 24.87 -28.33
C ILE D 10 -22.53 26.18 -28.36
N LYS D 11 -22.50 26.86 -27.24
CA LYS D 11 -21.96 28.20 -27.18
C LYS D 11 -20.59 28.13 -26.54
N TYR D 12 -19.78 29.16 -26.73
CA TYR D 12 -18.39 29.08 -26.34
C TYR D 12 -17.87 30.41 -25.83
N GLU D 13 -16.86 30.29 -24.97
CA GLU D 13 -16.21 31.42 -24.29
C GLU D 13 -17.23 32.32 -23.58
N PHE D 14 -18.33 31.72 -23.16
CA PHE D 14 -19.32 32.41 -22.35
C PHE D 14 -19.19 31.96 -20.90
N ILE D 15 -19.40 32.89 -19.96
CA ILE D 15 -19.19 32.58 -18.56
C ILE D 15 -20.50 32.48 -17.79
N LEU D 16 -20.57 31.50 -16.91
CA LEU D 16 -21.71 31.26 -16.06
C LEU D 16 -21.47 31.79 -14.65
N ASN D 17 -22.47 32.48 -14.14
CA ASN D 17 -22.48 33.00 -12.79
C ASN D 17 -23.71 32.49 -12.09
N ASP D 18 -23.61 32.25 -10.80
CA ASP D 18 -24.66 31.56 -10.06
C ASP D 18 -25.61 32.55 -9.43
N ALA D 19 -26.55 32.08 -8.63
CA ALA D 19 -27.50 32.97 -7.97
C ALA D 19 -26.80 33.90 -6.96
N LEU D 20 -25.56 33.57 -6.58
CA LEU D 20 -24.75 34.45 -5.74
C LEU D 20 -24.22 35.56 -6.61
N ASN D 21 -24.29 35.28 -7.90
CA ASN D 21 -23.78 36.14 -8.94
C ASN D 21 -22.29 36.33 -8.77
N GLN D 22 -21.56 35.30 -9.13
CA GLN D 22 -20.11 35.34 -9.06
C GLN D 22 -19.54 34.70 -10.30
N SER D 23 -18.69 35.42 -10.98
CA SER D 23 -18.05 34.93 -12.17
C SER D 23 -17.06 33.84 -11.81
N ILE D 24 -17.11 32.75 -12.53
CA ILE D 24 -16.20 31.66 -12.26
C ILE D 24 -14.79 32.06 -12.68
N ILE D 25 -14.00 32.54 -11.73
CA ILE D 25 -12.74 33.19 -12.05
C ILE D 25 -11.59 32.20 -11.91
N ARG D 26 -10.57 32.37 -12.74
CA ARG D 26 -9.44 31.48 -12.78
C ARG D 26 -8.42 31.87 -11.72
N ALA D 27 -8.29 31.04 -10.69
CA ALA D 27 -7.29 31.27 -9.66
C ALA D 27 -6.05 30.47 -9.98
N ASN D 28 -6.29 29.24 -10.41
CA ASN D 28 -5.24 28.32 -10.78
C ASN D 28 -5.80 27.34 -11.80
N ASP D 29 -4.94 26.57 -12.43
CA ASP D 29 -5.37 25.58 -13.41
C ASP D 29 -5.92 24.32 -12.74
N GLN D 30 -6.11 24.39 -11.43
CA GLN D 30 -6.64 23.25 -10.67
C GLN D 30 -7.74 23.71 -9.71
N TYR D 31 -7.59 24.93 -9.18
CA TYR D 31 -8.58 25.48 -8.25
C TYR D 31 -9.23 26.75 -8.83
N LEU D 32 -10.56 26.82 -8.74
CA LEU D 32 -11.29 27.98 -9.24
C LEU D 32 -12.26 28.49 -8.18
N THR D 33 -12.27 29.81 -7.99
CA THR D 33 -13.13 30.46 -7.02
C THR D 33 -14.10 31.39 -7.75
N ALA D 34 -15.32 31.48 -7.26
CA ALA D 34 -16.30 32.34 -7.90
C ALA D 34 -16.24 33.73 -7.29
N ALA D 35 -16.08 34.72 -8.16
CA ALA D 35 -16.04 36.10 -7.77
C ALA D 35 -16.48 36.95 -8.95
N ALA D 36 -17.23 38.01 -8.69
CA ALA D 36 -17.71 38.86 -9.76
C ALA D 36 -16.52 39.44 -10.53
N LEU D 37 -16.54 39.30 -11.86
CA LEU D 37 -15.40 39.68 -12.67
C LEU D 37 -15.19 41.19 -12.60
N HIS D 38 -13.95 41.58 -12.74
CA HIS D 38 -13.57 42.97 -12.68
C HIS D 38 -12.48 43.24 -13.72
N ASN D 39 -11.83 42.17 -14.18
CA ASN D 39 -10.95 42.29 -15.33
C ASN D 39 -11.62 41.70 -16.58
N LEU D 40 -12.83 41.15 -16.38
CA LEU D 40 -13.67 40.58 -17.45
C LEU D 40 -13.02 39.39 -18.12
N ASP D 41 -11.93 39.60 -18.84
CA ASP D 41 -11.14 38.48 -19.33
C ASP D 41 -10.28 38.04 -18.15
N GLU D 42 -10.95 37.40 -17.23
CA GLU D 42 -10.41 37.05 -15.94
C GLU D 42 -11.00 35.72 -15.48
N ALA D 43 -12.24 35.52 -15.84
CA ALA D 43 -12.92 34.26 -15.60
C ALA D 43 -12.58 33.28 -16.72
N VAL D 44 -12.74 32.00 -16.45
CA VAL D 44 -12.41 30.98 -17.41
C VAL D 44 -13.53 30.88 -18.41
N LYS D 45 -13.20 30.91 -19.68
CA LYS D 45 -14.22 30.92 -20.68
C LYS D 45 -14.46 29.51 -21.13
N PHE D 46 -15.67 29.07 -20.88
CA PHE D 46 -16.03 27.70 -21.17
C PHE D 46 -16.80 27.62 -22.46
N ASP D 47 -16.79 26.41 -22.98
CA ASP D 47 -17.47 26.05 -24.21
C ASP D 47 -18.06 24.67 -24.04
N MET D 48 -19.24 24.50 -24.57
CA MET D 48 -19.97 23.29 -24.38
C MET D 48 -19.90 22.42 -25.63
N GLY D 49 -19.59 21.15 -25.42
CA GLY D 49 -19.56 20.19 -26.49
C GLY D 49 -20.29 18.94 -26.09
N ALA D 50 -21.37 18.64 -26.76
CA ALA D 50 -22.24 17.58 -26.33
C ALA D 50 -21.76 16.25 -26.85
N TYR D 51 -22.02 15.21 -26.09
CA TYR D 51 -21.69 13.86 -26.51
C TYR D 51 -22.96 13.06 -26.39
N LYS D 52 -23.04 11.91 -27.03
CA LYS D 52 -24.28 11.20 -26.98
C LYS D 52 -24.10 9.73 -26.72
N SER D 53 -24.71 9.30 -25.63
CA SER D 53 -24.99 7.92 -25.33
C SER D 53 -26.36 7.90 -24.69
N SER D 54 -27.06 6.78 -24.67
CA SER D 54 -28.36 6.77 -24.04
C SER D 54 -28.22 6.43 -22.56
N LYS D 55 -27.24 7.07 -21.92
CA LYS D 55 -27.04 6.92 -20.50
C LYS D 55 -27.09 8.27 -19.78
N ASP D 56 -27.88 9.21 -20.27
CA ASP D 56 -28.01 10.49 -19.58
C ASP D 56 -29.00 10.34 -18.43
N ASP D 57 -30.00 11.23 -18.38
CA ASP D 57 -31.25 10.93 -17.71
C ASP D 57 -32.40 11.22 -18.66
N ALA D 58 -32.76 12.51 -18.72
CA ALA D 58 -33.76 13.02 -19.67
C ALA D 58 -33.23 14.25 -20.41
N LYS D 59 -31.91 14.42 -20.41
CA LYS D 59 -31.26 15.66 -20.86
C LYS D 59 -29.93 15.33 -21.49
N ILE D 60 -29.53 16.13 -22.46
CA ILE D 60 -28.37 15.82 -23.27
C ILE D 60 -27.16 16.49 -22.67
N THR D 61 -26.02 15.87 -22.82
CA THR D 61 -24.88 16.15 -21.99
C THR D 61 -23.72 16.71 -22.79
N VAL D 62 -23.07 17.72 -22.23
CA VAL D 62 -21.98 18.40 -22.89
C VAL D 62 -20.76 18.48 -21.97
N ILE D 63 -19.59 18.79 -22.53
CA ILE D 63 -18.37 18.87 -21.75
C ILE D 63 -17.98 20.32 -21.64
N LEU D 64 -17.59 20.75 -20.45
CA LEU D 64 -17.24 22.14 -20.23
C LEU D 64 -15.73 22.30 -20.19
N ARG D 65 -15.23 23.05 -21.16
CA ARG D 65 -13.81 23.22 -21.39
C ARG D 65 -13.49 24.68 -21.64
N ILE D 66 -12.28 25.10 -21.34
CA ILE D 66 -11.89 26.47 -21.61
C ILE D 66 -11.51 26.57 -23.09
N SER D 67 -12.10 27.53 -23.77
CA SER D 67 -12.01 27.62 -25.23
C SER D 67 -10.59 27.48 -25.79
N LYS D 68 -9.57 27.83 -24.98
CA LYS D 68 -8.21 27.79 -25.45
C LYS D 68 -7.56 26.43 -25.19
N THR D 69 -7.59 25.97 -23.94
CA THR D 69 -7.01 24.69 -23.58
C THR D 69 -8.09 23.73 -23.13
N GLN D 70 -7.79 22.47 -22.97
CA GLN D 70 -8.86 21.57 -22.66
C GLN D 70 -8.84 21.27 -21.18
N LEU D 71 -9.31 22.27 -20.43
CA LEU D 71 -9.49 22.18 -19.00
C LEU D 71 -10.94 21.86 -18.72
N TYR D 72 -11.20 20.67 -18.22
CA TYR D 72 -12.56 20.28 -17.93
C TYR D 72 -12.76 20.30 -16.43
N VAL D 73 -13.94 20.68 -15.98
CA VAL D 73 -14.23 20.50 -14.58
C VAL D 73 -14.81 19.10 -14.40
N THR D 74 -14.14 18.29 -13.58
CA THR D 74 -14.56 16.93 -13.32
C THR D 74 -15.26 16.81 -11.97
N ALA D 75 -15.96 15.69 -11.78
CA ALA D 75 -16.67 15.43 -10.53
C ALA D 75 -15.85 14.47 -9.66
N GLN D 76 -15.40 14.96 -8.52
CA GLN D 76 -14.60 14.14 -7.60
C GLN D 76 -15.49 13.28 -6.70
N ASP D 77 -16.05 13.89 -5.66
CA ASP D 77 -16.92 13.18 -4.72
C ASP D 77 -17.72 14.15 -3.88
N GLU D 78 -18.85 14.61 -4.44
CA GLU D 78 -19.74 15.57 -3.78
C GLU D 78 -18.95 16.79 -3.33
N ASP D 79 -19.13 17.20 -2.06
CA ASP D 79 -18.42 18.35 -1.50
C ASP D 79 -16.90 18.16 -1.51
N GLN D 80 -16.31 18.43 -2.67
CA GLN D 80 -14.87 18.32 -2.89
C GLN D 80 -14.53 19.15 -4.12
N PRO D 81 -13.58 20.08 -3.99
CA PRO D 81 -13.20 20.99 -5.08
C PRO D 81 -12.91 20.31 -6.41
N VAL D 82 -13.61 20.79 -7.43
CA VAL D 82 -13.47 20.34 -8.81
C VAL D 82 -12.01 20.36 -9.25
N LEU D 83 -11.61 19.27 -9.88
CA LEU D 83 -10.25 19.11 -10.38
C LEU D 83 -10.18 19.47 -11.85
N LEU D 84 -9.55 20.59 -12.15
CA LEU D 84 -9.42 21.04 -13.53
C LEU D 84 -8.32 20.26 -14.25
N LYS D 85 -8.75 19.36 -15.14
CA LYS D 85 -7.82 18.52 -15.91
C LYS D 85 -7.43 19.19 -17.21
N GLU D 86 -6.20 18.93 -17.68
CA GLU D 86 -5.73 19.53 -18.93
C GLU D 86 -5.12 18.47 -19.84
N MET D 87 -5.86 18.12 -20.89
CA MET D 87 -5.41 17.14 -21.88
C MET D 87 -5.54 17.72 -23.29
N PRO D 88 -4.41 17.80 -24.03
CA PRO D 88 -4.37 18.35 -25.40
C PRO D 88 -5.41 17.75 -26.35
N GLU D 89 -6.15 18.65 -27.02
CA GLU D 89 -7.19 18.30 -27.99
C GLU D 89 -8.40 17.61 -27.35
N ILE D 90 -9.58 18.07 -27.76
CA ILE D 90 -10.87 17.52 -27.29
C ILE D 90 -11.18 16.17 -27.91
N PRO D 91 -11.50 15.17 -27.08
CA PRO D 91 -11.92 13.86 -27.54
C PRO D 91 -13.26 13.92 -28.30
N LYS D 92 -13.39 13.09 -29.32
CA LYS D 92 -14.61 13.04 -30.12
C LYS D 92 -15.46 11.85 -29.68
N THR D 93 -14.78 10.89 -29.07
CA THR D 93 -15.40 9.67 -28.61
C THR D 93 -15.01 9.45 -27.16
N ILE D 94 -16.02 9.40 -26.30
CA ILE D 94 -15.82 9.43 -24.87
C ILE D 94 -15.87 8.02 -24.29
N THR D 95 -14.87 7.68 -23.48
CA THR D 95 -14.79 6.36 -22.85
C THR D 95 -15.53 6.34 -21.50
N GLY D 96 -15.30 5.29 -20.72
CA GLY D 96 -15.96 5.18 -19.42
C GLY D 96 -15.11 5.68 -18.28
N SER D 97 -14.16 6.56 -18.59
CA SER D 97 -13.28 7.14 -17.57
C SER D 97 -13.42 8.64 -17.53
N GLU D 98 -13.95 9.20 -18.61
CA GLU D 98 -14.14 10.63 -18.73
C GLU D 98 -15.56 11.03 -18.32
N THR D 99 -16.22 10.16 -17.55
CA THR D 99 -17.59 10.38 -17.11
C THR D 99 -17.68 11.48 -16.04
N ASN D 100 -16.54 11.91 -15.53
CA ASN D 100 -16.50 12.94 -14.49
C ASN D 100 -16.68 14.34 -15.08
N LEU D 101 -16.08 14.57 -16.25
CA LEU D 101 -16.15 15.87 -16.92
C LEU D 101 -17.40 15.99 -17.80
N LEU D 102 -18.35 15.09 -17.60
CA LEU D 102 -19.59 15.09 -18.38
C LEU D 102 -20.69 15.77 -17.58
N PHE D 103 -21.59 16.52 -18.21
CA PHE D 103 -22.53 17.32 -17.44
C PHE D 103 -23.93 17.33 -18.02
N PHE D 104 -24.84 16.88 -17.19
CA PHE D 104 -26.25 16.82 -17.49
C PHE D 104 -26.85 18.17 -17.16
N TRP D 105 -27.08 18.98 -18.18
CA TRP D 105 -27.54 20.34 -17.93
C TRP D 105 -29.05 20.47 -18.04
N GLU D 106 -29.68 20.79 -16.92
CA GLU D 106 -31.11 21.01 -16.87
C GLU D 106 -31.40 22.50 -16.79
N THR D 107 -31.92 23.05 -17.87
CA THR D 107 -32.15 24.49 -17.97
C THR D 107 -33.61 24.83 -17.69
N HIS D 108 -33.82 25.79 -16.80
CA HIS D 108 -35.17 26.25 -16.47
C HIS D 108 -35.27 27.76 -16.72
N GLY D 109 -35.80 28.13 -17.87
CA GLY D 109 -35.93 29.53 -18.21
C GLY D 109 -34.59 30.25 -18.32
N THR D 110 -34.21 30.92 -17.25
CA THR D 110 -32.96 31.65 -17.20
C THR D 110 -31.91 30.87 -16.40
N LYS D 111 -32.34 30.28 -15.30
CA LYS D 111 -31.46 29.52 -14.45
C LYS D 111 -31.22 28.14 -15.02
N ASN D 112 -30.16 27.51 -14.59
CA ASN D 112 -29.80 26.21 -15.09
C ASN D 112 -29.00 25.45 -14.05
N TYR D 113 -29.12 24.12 -14.09
CA TYR D 113 -28.40 23.26 -13.17
C TYR D 113 -27.32 22.48 -13.92
N PHE D 114 -26.34 21.99 -13.19
CA PHE D 114 -25.30 21.14 -13.74
C PHE D 114 -25.19 19.85 -12.93
N THR D 115 -25.80 18.81 -13.47
CA THR D 115 -25.85 17.51 -12.81
C THR D 115 -24.68 16.63 -13.26
N SER D 116 -24.07 15.94 -12.31
CA SER D 116 -22.99 15.02 -12.63
C SER D 116 -23.52 13.74 -13.27
N VAL D 117 -22.95 13.38 -14.42
CA VAL D 117 -23.33 12.15 -15.10
C VAL D 117 -22.64 10.95 -14.44
N ALA D 118 -21.55 11.21 -13.72
CA ALA D 118 -20.82 10.15 -13.02
C ALA D 118 -21.61 9.71 -11.79
N HIS D 119 -21.75 10.63 -10.84
CA HIS D 119 -22.50 10.37 -9.62
C HIS D 119 -23.70 11.32 -9.59
N PRO D 120 -24.91 10.74 -9.65
CA PRO D 120 -26.19 11.49 -9.74
C PRO D 120 -26.37 12.55 -8.66
N ASN D 121 -26.03 12.23 -7.42
CA ASN D 121 -26.29 13.11 -6.28
C ASN D 121 -25.38 14.34 -6.28
N LEU D 122 -24.51 14.44 -7.28
CA LEU D 122 -23.58 15.55 -7.37
C LEU D 122 -24.15 16.65 -8.24
N PHE D 123 -23.97 17.86 -7.78
CA PHE D 123 -24.44 19.06 -8.43
C PHE D 123 -23.41 20.16 -8.20
N ILE D 124 -23.22 21.05 -9.14
CA ILE D 124 -22.14 22.02 -9.03
C ILE D 124 -22.59 23.24 -8.23
N ALA D 125 -22.14 23.30 -6.98
CA ALA D 125 -22.58 24.31 -6.03
C ALA D 125 -21.64 25.51 -6.02
N THR D 126 -22.17 26.64 -5.58
CA THR D 126 -21.39 27.86 -5.57
C THR D 126 -21.25 28.42 -4.16
N LYS D 127 -20.03 28.72 -3.81
CA LYS D 127 -19.68 29.21 -2.49
C LYS D 127 -19.36 30.71 -2.55
N GLN D 128 -19.57 31.40 -1.44
CA GLN D 128 -19.27 32.83 -1.35
C GLN D 128 -17.78 33.11 -1.22
N ASP D 129 -17.05 32.20 -0.59
CA ASP D 129 -15.63 32.43 -0.30
C ASP D 129 -14.73 31.33 -0.85
N TYR D 130 -15.27 30.12 -0.91
CA TYR D 130 -14.50 28.96 -1.35
C TYR D 130 -14.61 28.71 -2.85
N TRP D 131 -13.94 27.64 -3.27
CA TRP D 131 -13.91 27.23 -4.67
C TRP D 131 -15.26 26.68 -5.13
N VAL D 132 -15.57 26.88 -6.40
CA VAL D 132 -16.80 26.37 -6.97
C VAL D 132 -16.69 24.85 -7.11
N CYS D 133 -17.35 24.15 -6.20
CA CYS D 133 -17.22 22.70 -6.14
C CYS D 133 -18.48 22.01 -6.70
N LEU D 134 -18.70 20.80 -6.21
CA LEU D 134 -19.87 20.04 -6.53
C LEU D 134 -20.39 19.61 -5.19
N ALA D 135 -21.61 19.15 -5.10
CA ALA D 135 -22.17 18.93 -3.78
C ALA D 135 -23.45 18.14 -3.86
N GLY D 136 -23.87 17.73 -2.70
CA GLY D 136 -25.24 17.51 -2.48
C GLY D 136 -25.66 18.77 -1.81
N GLY D 137 -26.78 19.27 -2.20
CA GLY D 137 -27.08 20.64 -1.85
C GLY D 137 -28.05 20.86 -0.69
N PRO D 138 -27.51 21.16 0.50
CA PRO D 138 -28.18 21.94 1.52
C PRO D 138 -27.58 23.35 1.57
N PRO D 139 -28.40 24.37 1.90
CA PRO D 139 -28.24 25.82 1.61
C PRO D 139 -27.03 26.35 0.79
N SER D 140 -26.24 25.50 0.15
CA SER D 140 -25.29 25.94 -0.86
C SER D 140 -26.05 26.28 -2.12
N ILE D 141 -25.64 27.31 -2.83
CA ILE D 141 -26.36 27.72 -4.02
C ILE D 141 -25.90 26.91 -5.21
N THR D 142 -26.57 25.80 -5.45
CA THR D 142 -26.24 24.98 -6.59
C THR D 142 -27.11 25.43 -7.79
N ASP D 143 -27.33 26.75 -7.84
CA ASP D 143 -27.97 27.43 -8.96
C ASP D 143 -26.93 27.97 -9.91
N PHE D 144 -27.27 28.07 -11.19
CA PHE D 144 -26.47 28.84 -12.11
C PHE D 144 -27.33 29.65 -13.05
N GLN D 145 -26.66 30.54 -13.75
CA GLN D 145 -27.26 31.45 -14.71
C GLN D 145 -26.16 31.87 -15.66
N ILE D 146 -26.42 31.94 -16.94
CA ILE D 146 -25.34 32.27 -17.85
C ILE D 146 -25.36 33.76 -18.17
N LEU D 147 -24.35 34.46 -17.67
CA LEU D 147 -24.18 35.86 -17.99
C LEU D 147 -22.89 36.11 -18.77
N GLU D 148 -23.03 36.69 -19.95
CA GLU D 148 -21.88 36.98 -20.78
C GLU D 148 -21.28 38.34 -20.39
N ASN D 149 -20.00 38.52 -20.66
CA ASN D 149 -19.35 39.81 -20.48
C ASN D 149 -19.46 40.61 -21.78
N GLN D 150 -19.10 41.88 -21.73
CA GLN D 150 -19.22 42.74 -22.89
C GLN D 150 -18.13 42.42 -23.91
N ALA D 151 -16.89 42.45 -23.45
CA ALA D 151 -15.73 42.15 -24.30
C ALA D 151 -14.51 41.92 -23.43
N ASN A 1 11.16 -1.98 33.45
CA ASN A 1 10.23 -2.89 32.73
C ASN A 1 10.52 -4.31 33.20
N VAL A 2 9.85 -5.30 32.61
CA VAL A 2 10.13 -6.68 32.93
C VAL A 2 11.16 -7.21 31.96
N LYS A 3 12.28 -7.66 32.48
CA LYS A 3 13.32 -8.23 31.65
C LYS A 3 13.31 -9.73 31.76
N TYR A 4 13.65 -10.39 30.68
CA TYR A 4 13.84 -11.83 30.71
C TYR A 4 15.34 -12.04 30.78
N ASN A 5 15.79 -12.52 31.91
CA ASN A 5 17.21 -12.48 32.22
C ASN A 5 17.85 -13.81 31.92
N PHE A 6 19.05 -13.74 31.36
CA PHE A 6 19.72 -14.94 30.90
C PHE A 6 20.00 -15.86 32.09
N MET A 7 19.62 -17.12 31.90
CA MET A 7 19.62 -18.11 32.95
C MET A 7 20.94 -18.87 32.96
N ARG A 8 21.24 -19.62 31.91
CA ARG A 8 22.50 -20.36 31.89
C ARG A 8 22.91 -20.77 30.48
N ILE A 9 24.23 -20.80 30.29
CA ILE A 9 24.84 -21.24 29.05
C ILE A 9 24.94 -22.76 29.00
N ILE A 10 24.29 -23.36 28.04
CA ILE A 10 24.32 -24.79 27.85
C ILE A 10 25.51 -25.12 26.97
N LYS A 11 25.27 -25.86 25.92
CA LYS A 11 26.33 -26.41 25.10
C LYS A 11 26.43 -25.58 23.83
N TYR A 12 27.55 -25.67 23.14
CA TYR A 12 27.81 -24.76 22.05
C TYR A 12 28.57 -25.42 20.92
N GLU A 13 28.36 -24.88 19.73
CA GLU A 13 28.94 -25.38 18.48
C GLU A 13 28.67 -26.87 18.27
N PHE A 14 27.57 -27.34 18.83
CA PHE A 14 27.11 -28.70 18.60
C PHE A 14 25.95 -28.70 17.63
N ILE A 15 25.88 -29.72 16.77
CA ILE A 15 24.88 -29.74 15.73
C ILE A 15 23.80 -30.79 15.99
N LEU A 16 22.57 -30.40 15.72
CA LEU A 16 21.41 -31.26 15.88
C LEU A 16 20.96 -31.82 14.54
N ASN A 17 20.70 -33.11 14.54
CA ASN A 17 20.18 -33.84 13.38
C ASN A 17 18.91 -34.53 13.80
N ASP A 18 17.97 -34.65 12.88
CA ASP A 18 16.63 -35.10 13.20
C ASP A 18 16.51 -36.60 12.98
N ALA A 19 15.32 -37.15 13.13
CA ALA A 19 15.09 -38.57 12.92
C ALA A 19 15.36 -38.99 11.47
N LEU A 20 15.38 -38.01 10.56
CA LEU A 20 15.75 -38.26 9.16
C LEU A 20 17.26 -38.42 9.10
N ASN A 21 17.86 -37.92 10.17
CA ASN A 21 19.30 -37.87 10.34
C ASN A 21 19.92 -37.02 9.26
N GLN A 22 19.76 -35.72 9.41
CA GLN A 22 20.31 -34.76 8.47
C GLN A 22 20.90 -33.61 9.24
N SER A 23 22.16 -33.33 8.99
CA SER A 23 22.83 -32.23 9.63
C SER A 23 22.28 -30.93 9.13
N ILE A 24 21.99 -30.04 10.05
CA ILE A 24 21.46 -28.74 9.66
C ILE A 24 22.56 -27.92 8.98
N ILE A 25 22.59 -27.95 7.66
CA ILE A 25 23.72 -27.43 6.92
C ILE A 25 23.43 -26.01 6.44
N ARG A 26 24.49 -25.21 6.38
CA ARG A 26 24.37 -23.81 6.02
C ARG A 26 24.36 -23.65 4.50
N ALA A 27 23.22 -23.28 3.96
CA ALA A 27 23.11 -23.02 2.53
C ALA A 27 23.27 -21.53 2.27
N ASN A 28 22.69 -20.74 3.18
CA ASN A 28 22.76 -19.29 3.11
C ASN A 28 22.58 -18.69 4.51
N ASP A 29 22.71 -17.37 4.63
CA ASP A 29 22.56 -16.69 5.92
C ASP A 29 21.08 -16.35 6.19
N GLN A 30 20.19 -16.94 5.40
CA GLN A 30 18.75 -16.72 5.54
C GLN A 30 18.00 -18.03 5.30
N TYR A 31 18.61 -18.92 4.51
CA TYR A 31 18.03 -20.22 4.18
C TYR A 31 18.97 -21.36 4.57
N LEU A 32 18.42 -22.38 5.22
CA LEU A 32 19.18 -23.54 5.64
C LEU A 32 18.45 -24.82 5.28
N THR A 33 19.19 -25.77 4.71
CA THR A 33 18.64 -27.06 4.30
C THR A 33 19.30 -28.17 5.09
N ALA A 34 18.55 -29.19 5.44
CA ALA A 34 19.10 -30.30 6.20
C ALA A 34 19.65 -31.35 5.27
N ALA A 35 20.91 -31.69 5.48
CA ALA A 35 21.60 -32.71 4.71
C ALA A 35 22.72 -33.30 5.56
N ALA A 36 22.92 -34.59 5.48
CA ALA A 36 23.97 -35.24 6.27
C ALA A 36 25.32 -34.60 5.93
N LEU A 37 26.06 -34.19 6.97
CA LEU A 37 27.30 -33.48 6.76
C LEU A 37 28.33 -34.38 6.09
N HIS A 38 29.18 -33.74 5.32
CA HIS A 38 30.23 -34.44 4.61
C HIS A 38 31.51 -33.62 4.61
N ASN A 39 31.37 -32.33 4.93
CA ASN A 39 32.54 -31.50 5.21
C ASN A 39 32.65 -31.25 6.72
N LEU A 40 31.66 -31.76 7.46
CA LEU A 40 31.62 -31.68 8.94
C LEU A 40 31.53 -30.25 9.43
N ASP A 41 32.58 -29.47 9.25
CA ASP A 41 32.48 -28.04 9.50
C ASP A 41 31.82 -27.44 8.28
N GLU A 42 30.53 -27.71 8.22
CA GLU A 42 29.71 -27.42 7.06
C GLU A 42 28.31 -27.04 7.50
N ALA A 43 27.88 -27.66 8.58
CA ALA A 43 26.63 -27.34 9.22
C ALA A 43 26.83 -26.15 10.16
N VAL A 44 25.75 -25.45 10.47
CA VAL A 44 25.84 -24.29 11.32
C VAL A 44 25.93 -24.74 12.75
N LYS A 45 26.89 -24.21 13.47
CA LYS A 45 27.10 -24.67 14.82
C LYS A 45 26.35 -23.77 15.75
N PHE A 46 25.41 -24.36 16.43
CA PHE A 46 24.55 -23.60 17.31
C PHE A 46 24.98 -23.75 18.75
N ASP A 47 24.52 -22.80 19.52
CA ASP A 47 24.77 -22.71 20.94
C ASP A 47 23.53 -22.22 21.62
N MET A 48 23.27 -22.78 22.77
CA MET A 48 22.03 -22.50 23.46
C MET A 48 22.28 -21.55 24.62
N GLY A 49 21.46 -20.53 24.69
CA GLY A 49 21.52 -19.58 25.78
C GLY A 49 20.14 -19.33 26.33
N ALA A 50 19.92 -19.70 27.57
CA ALA A 50 18.59 -19.70 28.11
C ALA A 50 18.24 -18.33 28.65
N TYR A 51 16.98 -17.98 28.58
CA TYR A 51 16.49 -16.73 29.14
C TYR A 51 15.36 -17.09 30.08
N LYS A 52 14.99 -16.21 30.97
CA LYS A 52 13.97 -16.59 31.90
C LYS A 52 12.91 -15.52 32.09
N SER A 53 11.69 -15.94 31.79
CA SER A 53 10.49 -15.26 32.18
C SER A 53 9.51 -16.36 32.54
N SER A 54 8.47 -16.07 33.31
CA SER A 54 7.51 -17.12 33.63
C SER A 54 6.42 -17.16 32.57
N LYS A 55 6.84 -17.10 31.31
CA LYS A 55 5.93 -17.22 30.19
C LYS A 55 6.34 -18.34 29.25
N ASP A 56 6.94 -19.40 29.77
CA ASP A 56 7.29 -20.53 28.91
C ASP A 56 6.06 -21.41 28.72
N ASP A 57 6.19 -22.70 28.98
CA ASP A 57 5.04 -23.54 29.33
C ASP A 57 5.35 -24.30 30.62
N ALA A 58 6.09 -25.40 30.45
CA ALA A 58 6.60 -26.19 31.56
C ALA A 58 8.10 -26.48 31.40
N LYS A 59 8.76 -25.69 30.56
CA LYS A 59 10.12 -25.97 30.09
C LYS A 59 10.87 -24.67 29.86
N ILE A 60 12.16 -24.70 30.08
CA ILE A 60 12.96 -23.48 30.10
C ILE A 60 13.52 -23.25 28.71
N THR A 61 13.68 -22.01 28.35
CA THR A 61 13.81 -21.63 26.96
C THR A 61 15.17 -21.01 26.68
N VAL A 62 15.74 -21.39 25.54
CA VAL A 62 17.07 -20.93 25.16
C VAL A 62 17.04 -20.38 23.73
N ILE A 63 18.08 -19.65 23.35
CA ILE A 63 18.17 -19.06 22.04
C ILE A 63 19.21 -19.81 21.24
N LEU A 64 18.89 -20.13 20.00
CA LEU A 64 19.82 -20.89 19.17
C LEU A 64 20.53 -19.97 18.18
N ARG A 65 21.83 -19.89 18.35
CA ARG A 65 22.68 -18.97 17.62
C ARG A 65 23.92 -19.69 17.14
N ILE A 66 24.52 -19.21 16.06
CA ILE A 66 25.74 -19.81 15.58
C ILE A 66 26.90 -19.24 16.40
N SER A 67 27.72 -20.13 16.94
CA SER A 67 28.73 -19.76 17.94
C SER A 67 29.58 -18.55 17.52
N LYS A 68 29.72 -18.29 16.23
CA LYS A 68 30.57 -17.20 15.76
C LYS A 68 29.78 -15.90 15.64
N THR A 69 28.68 -15.93 14.89
CA THR A 69 27.86 -14.74 14.70
C THR A 69 26.49 -14.94 15.33
N GLN A 70 25.69 -13.92 15.45
CA GLN A 70 24.45 -14.12 16.15
C GLN A 70 23.34 -14.29 15.15
N LEU A 71 23.31 -15.49 14.58
CA LEU A 71 22.29 -15.89 13.61
C LEU A 71 21.28 -16.77 14.33
N TYR A 72 20.09 -16.24 14.59
CA TYR A 72 19.09 -16.99 15.30
C TYR A 72 18.08 -17.52 14.32
N VAL A 73 17.54 -18.69 14.57
CA VAL A 73 16.42 -19.13 13.77
C VAL A 73 15.16 -18.63 14.44
N THR A 74 14.39 -17.83 13.70
CA THR A 74 13.14 -17.27 14.22
C THR A 74 11.94 -18.01 13.67
N ALA A 75 10.80 -17.85 14.35
CA ALA A 75 9.56 -18.48 13.93
C ALA A 75 8.74 -17.51 13.08
N GLN A 76 8.28 -17.99 11.92
CA GLN A 76 7.49 -17.16 11.02
C GLN A 76 5.99 -17.45 11.18
N ASP A 77 5.50 -18.46 10.47
CA ASP A 77 4.09 -18.84 10.53
C ASP A 77 3.92 -20.31 10.17
N GLU A 78 4.11 -21.18 11.17
CA GLU A 78 4.01 -22.63 11.00
C GLU A 78 4.89 -23.08 9.84
N ASP A 79 4.32 -23.91 8.94
CA ASP A 79 5.04 -24.41 7.77
C ASP A 79 5.51 -23.26 6.88
N GLN A 80 6.67 -22.72 7.23
CA GLN A 80 7.29 -21.61 6.52
C GLN A 80 8.76 -21.59 6.89
N PRO A 81 9.66 -21.52 5.90
CA PRO A 81 11.11 -21.55 6.13
C PRO A 81 11.62 -20.54 7.16
N VAL A 82 12.32 -21.08 8.16
CA VAL A 82 12.95 -20.31 9.20
C VAL A 82 13.80 -19.18 8.64
N LEU A 83 13.68 -18.01 9.25
CA LEU A 83 14.43 -16.84 8.82
C LEU A 83 15.62 -16.61 9.74
N LEU A 84 16.82 -16.81 9.19
CA LEU A 84 18.05 -16.63 9.95
C LEU A 84 18.40 -15.14 10.06
N LYS A 85 18.30 -14.60 11.27
CA LYS A 85 18.59 -13.18 11.51
C LYS A 85 19.98 -12.98 12.09
N GLU A 86 20.73 -12.03 11.55
CA GLU A 86 22.07 -11.74 12.04
C GLU A 86 22.10 -10.39 12.76
N MET A 87 22.19 -10.45 14.09
CA MET A 87 22.24 -9.25 14.90
C MET A 87 23.50 -9.24 15.76
N PRO A 88 24.41 -8.28 15.54
CA PRO A 88 25.67 -8.17 16.28
C PRO A 88 25.47 -8.20 17.80
N GLU A 89 26.21 -9.11 18.44
CA GLU A 89 26.24 -9.25 19.90
C GLU A 89 24.93 -9.79 20.48
N ILE A 90 25.08 -10.76 21.39
CA ILE A 90 23.94 -11.38 22.08
C ILE A 90 23.35 -10.47 23.16
N PRO A 91 22.03 -10.28 23.13
CA PRO A 91 21.32 -9.52 24.16
C PRO A 91 21.40 -10.21 25.52
N LYS A 92 21.47 -9.41 26.57
CA LYS A 92 21.53 -9.93 27.93
C LYS A 92 20.16 -9.82 28.58
N THR A 93 19.36 -8.91 28.04
CA THR A 93 18.03 -8.63 28.52
C THR A 93 17.06 -8.68 27.36
N ILE A 94 16.11 -9.58 27.46
CA ILE A 94 15.25 -9.93 26.35
C ILE A 94 13.92 -9.19 26.45
N THR A 95 13.53 -8.52 25.36
CA THR A 95 12.28 -7.76 25.32
C THR A 95 11.20 -8.50 24.53
N GLY A 96 10.14 -7.78 24.19
CA GLY A 96 9.05 -8.35 23.42
C GLY A 96 9.20 -8.10 21.93
N SER A 97 10.42 -8.25 21.45
CA SER A 97 10.72 -8.05 20.04
C SER A 97 11.40 -9.29 19.46
N GLU A 98 12.22 -9.92 20.29
CA GLU A 98 12.94 -11.13 19.90
C GLU A 98 12.26 -12.36 20.48
N THR A 99 10.94 -12.48 20.25
CA THR A 99 10.16 -13.60 20.78
C THR A 99 10.06 -14.74 19.76
N ASN A 100 10.65 -14.53 18.58
CA ASN A 100 10.60 -15.53 17.52
C ASN A 100 11.81 -16.47 17.60
N LEU A 101 12.93 -15.95 18.09
CA LEU A 101 14.16 -16.74 18.21
C LEU A 101 14.26 -17.44 19.56
N LEU A 102 13.14 -17.52 20.27
CA LEU A 102 13.09 -18.16 21.57
C LEU A 102 12.57 -19.58 21.41
N PHE A 103 13.07 -20.55 22.20
CA PHE A 103 12.72 -21.92 21.94
C PHE A 103 12.49 -22.74 23.19
N PHE A 104 11.28 -23.27 23.23
CA PHE A 104 10.82 -24.12 24.31
C PHE A 104 11.26 -25.54 24.00
N TRP A 105 12.33 -25.99 24.66
CA TRP A 105 12.88 -27.29 24.33
C TRP A 105 12.38 -28.38 25.26
N GLU A 106 11.64 -29.32 24.69
CA GLU A 106 11.13 -30.46 25.43
C GLU A 106 11.97 -31.70 25.10
N THR A 107 12.77 -32.14 26.05
CA THR A 107 13.69 -33.25 25.82
C THR A 107 13.12 -34.56 26.36
N HIS A 108 13.12 -35.59 25.53
CA HIS A 108 12.65 -36.91 25.93
C HIS A 108 13.76 -37.93 25.72
N GLY A 109 14.48 -38.25 26.79
CA GLY A 109 15.57 -39.21 26.70
C GLY A 109 16.69 -38.76 25.78
N THR A 110 16.65 -39.23 24.55
CA THR A 110 17.66 -38.88 23.56
C THR A 110 17.10 -37.84 22.58
N LYS A 111 15.85 -38.02 22.18
CA LYS A 111 15.21 -37.13 21.24
C LYS A 111 14.74 -35.88 21.96
N ASN A 112 14.51 -34.83 21.20
CA ASN A 112 14.10 -33.56 21.76
C ASN A 112 13.31 -32.77 20.75
N TYR A 113 12.40 -31.95 21.23
CA TYR A 113 11.58 -31.11 20.38
C TYR A 113 11.98 -29.64 20.56
N PHE A 114 11.62 -28.83 19.57
CA PHE A 114 11.84 -27.40 19.64
C PHE A 114 10.54 -26.66 19.35
N THR A 115 9.91 -26.22 20.41
CA THR A 115 8.63 -25.55 20.35
C THR A 115 8.80 -24.03 20.27
N SER A 116 8.04 -23.39 19.40
CA SER A 116 8.08 -21.93 19.28
C SER A 116 7.38 -21.27 20.45
N VAL A 117 8.08 -20.33 21.09
CA VAL A 117 7.51 -19.57 22.20
C VAL A 117 6.61 -18.47 21.66
N ALA A 118 6.82 -18.09 20.40
CA ALA A 118 5.98 -17.07 19.76
C ALA A 118 4.58 -17.63 19.55
N HIS A 119 4.52 -18.82 18.98
CA HIS A 119 3.26 -19.52 18.74
C HIS A 119 3.43 -20.99 19.15
N PRO A 120 2.64 -21.43 20.14
CA PRO A 120 2.70 -22.78 20.73
C PRO A 120 2.64 -23.93 19.71
N ASN A 121 1.75 -23.80 18.73
CA ASN A 121 1.50 -24.89 17.78
C ASN A 121 2.67 -25.08 16.80
N LEU A 122 3.70 -24.28 16.96
CA LEU A 122 4.85 -24.36 16.07
C LEU A 122 5.92 -25.25 16.66
N PHE A 123 6.49 -26.07 15.80
CA PHE A 123 7.53 -27.01 16.16
C PHE A 123 8.49 -27.10 14.99
N ILE A 124 9.76 -27.31 15.24
CA ILE A 124 10.75 -27.24 14.17
C ILE A 124 10.86 -28.59 13.46
N ALA A 125 10.26 -28.67 12.27
CA ALA A 125 10.14 -29.91 11.51
C ALA A 125 11.29 -30.08 10.53
N THR A 126 11.55 -31.32 10.14
CA THR A 126 12.65 -31.59 9.25
C THR A 126 12.15 -32.26 7.98
N LYS A 127 12.60 -31.72 6.87
CA LYS A 127 12.20 -32.16 5.55
C LYS A 127 13.36 -32.93 4.88
N GLN A 128 13.02 -33.84 3.98
CA GLN A 128 14.01 -34.63 3.26
C GLN A 128 14.69 -33.81 2.15
N ASP A 129 13.97 -32.88 1.57
CA ASP A 129 14.48 -32.14 0.41
C ASP A 129 14.44 -30.63 0.62
N TYR A 130 13.49 -30.16 1.42
CA TYR A 130 13.32 -28.73 1.64
C TYR A 130 14.07 -28.22 2.87
N TRP A 131 13.96 -26.91 3.07
CA TRP A 131 14.61 -26.22 4.18
C TRP A 131 14.00 -26.64 5.52
N VAL A 132 14.83 -26.69 6.55
CA VAL A 132 14.37 -27.03 7.89
C VAL A 132 13.49 -25.91 8.41
N CYS A 133 12.19 -26.12 8.41
CA CYS A 133 11.25 -25.09 8.76
C CYS A 133 10.66 -25.32 10.15
N LEU A 134 9.46 -24.80 10.34
CA LEU A 134 8.69 -25.00 11.54
C LEU A 134 7.35 -25.43 11.03
N ALA A 135 6.51 -26.00 11.85
CA ALA A 135 5.30 -26.58 11.33
C ALA A 135 4.32 -26.91 12.42
N GLY A 136 3.14 -27.23 11.97
CA GLY A 136 2.31 -28.08 12.73
C GLY A 136 2.55 -29.41 12.09
N GLY A 137 2.69 -30.41 12.88
CA GLY A 137 3.25 -31.63 12.35
C GLY A 137 2.27 -32.76 12.03
N PRO A 138 1.92 -32.91 10.75
CA PRO A 138 1.52 -34.18 10.16
C PRO A 138 2.66 -34.73 9.30
N PRO A 139 2.80 -36.07 9.22
CA PRO A 139 4.00 -36.86 8.85
C PRO A 139 5.36 -36.16 8.52
N SER A 140 5.52 -34.87 8.79
CA SER A 140 6.83 -34.24 8.79
C SER A 140 7.57 -34.65 10.05
N ILE A 141 8.86 -34.87 9.96
CA ILE A 141 9.59 -35.32 11.13
C ILE A 141 10.00 -34.14 11.97
N THR A 142 9.16 -33.78 12.92
CA THR A 142 9.48 -32.70 13.82
C THR A 142 10.20 -33.27 15.05
N ASP A 143 11.02 -34.29 14.79
CA ASP A 143 11.92 -34.89 15.77
C ASP A 143 13.30 -34.28 15.64
N PHE A 144 14.04 -34.24 16.73
CA PHE A 144 15.45 -33.95 16.65
C PHE A 144 16.26 -34.83 17.58
N GLN A 145 17.55 -34.79 17.39
CA GLN A 145 18.53 -35.57 18.13
C GLN A 145 19.84 -34.82 18.01
N ILE A 146 20.61 -34.70 19.08
CA ILE A 146 21.83 -33.93 18.96
C ILE A 146 23.02 -34.86 18.71
N LEU A 147 23.56 -34.78 17.50
CA LEU A 147 24.76 -35.52 17.16
C LEU A 147 25.93 -34.59 16.86
N GLU A 148 27.00 -34.76 17.59
CA GLU A 148 28.18 -33.94 17.40
C GLU A 148 29.07 -34.55 16.31
N ASN A 149 29.87 -33.72 15.66
CA ASN A 149 30.86 -34.19 14.71
C ASN A 149 32.18 -34.45 15.44
N GLN A 150 33.13 -35.06 14.77
CA GLN A 150 34.39 -35.42 15.39
C GLN A 150 35.25 -34.17 15.57
N ALA A 151 35.48 -33.46 14.47
CA ALA A 151 36.27 -32.24 14.48
C ALA A 151 36.05 -31.48 13.18
N MET B 1 19.04 -14.51 -3.58
CA MET B 1 17.94 -14.01 -2.70
C MET B 1 17.98 -12.49 -2.59
N ALA B 2 18.34 -11.83 -3.69
CA ALA B 2 18.41 -10.38 -3.71
C ALA B 2 17.70 -9.78 -4.92
N ALA B 3 16.66 -9.01 -4.64
CA ALA B 3 15.97 -8.25 -5.66
C ALA B 3 16.88 -7.18 -6.28
N GLU B 4 17.44 -7.48 -7.43
CA GLU B 4 18.22 -6.49 -8.17
C GLU B 4 17.25 -5.49 -8.82
N PRO B 5 17.73 -4.33 -9.32
CA PRO B 5 16.86 -3.25 -9.84
C PRO B 5 15.69 -3.78 -10.66
N LEU B 6 14.54 -3.11 -10.56
CA LEU B 6 13.34 -3.64 -11.11
C LEU B 6 12.68 -2.74 -12.14
N THR B 7 11.60 -3.26 -12.72
CA THR B 7 10.72 -2.53 -13.63
C THR B 7 10.05 -1.37 -12.90
N GLU B 8 9.22 -0.56 -13.57
CA GLU B 8 8.84 0.73 -13.02
C GLU B 8 7.85 0.63 -11.84
N LEU B 9 6.75 -0.09 -12.00
CA LEU B 9 5.82 -0.22 -10.89
C LEU B 9 6.49 -0.96 -9.74
N GLU B 10 7.46 -1.76 -10.09
CA GLU B 10 8.28 -2.44 -9.10
C GLU B 10 9.19 -1.44 -8.44
N GLU B 11 9.74 -0.54 -9.25
CA GLU B 11 10.62 0.50 -8.74
C GLU B 11 9.90 1.24 -7.65
N SER B 12 8.62 1.44 -7.89
CA SER B 12 7.82 2.16 -6.92
C SER B 12 7.49 1.31 -5.68
N ILE B 13 7.15 0.02 -5.86
CA ILE B 13 6.83 -0.82 -4.70
C ILE B 13 8.05 -1.40 -3.98
N GLU B 14 9.11 -1.75 -4.72
CA GLU B 14 10.38 -2.18 -4.12
C GLU B 14 10.91 -1.10 -3.18
N THR B 15 10.89 0.12 -3.68
CA THR B 15 11.28 1.28 -2.90
C THR B 15 10.58 1.34 -1.54
N VAL B 16 9.33 0.90 -1.50
CA VAL B 16 8.57 0.86 -0.26
C VAL B 16 9.16 -0.19 0.68
N VAL B 17 9.70 -1.25 0.09
CA VAL B 17 10.22 -2.37 0.85
C VAL B 17 11.50 -1.99 1.58
N THR B 18 12.43 -1.44 0.81
CA THR B 18 13.78 -1.20 1.28
C THR B 18 13.80 -0.33 2.51
N THR B 19 13.04 0.74 2.48
CA THR B 19 12.98 1.66 3.63
C THR B 19 12.41 0.92 4.83
N PHE B 20 11.25 0.34 4.60
CA PHE B 20 10.55 -0.56 5.52
C PHE B 20 11.51 -1.57 6.17
N PHE B 21 12.25 -2.32 5.32
CA PHE B 21 13.16 -3.38 5.76
C PHE B 21 14.28 -2.87 6.64
N THR B 22 14.73 -1.65 6.40
CA THR B 22 15.77 -1.03 7.20
C THR B 22 15.34 -0.97 8.67
N PHE B 23 14.06 -0.72 8.91
CA PHE B 23 13.53 -0.65 10.25
C PHE B 23 13.11 -2.03 10.73
N ALA B 24 12.50 -2.81 9.85
CA ALA B 24 12.09 -4.18 10.17
C ALA B 24 13.28 -5.01 10.63
N ARG B 25 14.44 -4.75 10.04
CA ARG B 25 15.68 -5.45 10.37
C ARG B 25 16.36 -4.90 11.63
N GLN B 26 15.95 -3.70 12.07
CA GLN B 26 16.54 -3.05 13.24
C GLN B 26 16.47 -3.93 14.50
N GLU B 27 15.25 -4.22 14.96
CA GLU B 27 15.07 -5.04 16.17
C GLU B 27 14.77 -6.50 15.82
N GLY B 28 14.22 -7.24 16.79
CA GLY B 28 13.89 -8.64 16.59
C GLY B 28 12.99 -8.87 15.39
N ARG B 29 13.21 -9.99 14.69
CA ARG B 29 12.44 -10.34 13.49
C ARG B 29 12.70 -9.30 12.40
N LYS B 30 13.68 -9.59 11.54
CA LYS B 30 14.05 -8.66 10.47
C LYS B 30 12.98 -8.60 9.37
N ASP B 31 11.93 -9.39 9.53
CA ASP B 31 10.86 -9.43 8.55
C ASP B 31 9.64 -8.64 9.01
N SER B 32 9.68 -8.10 10.22
CA SER B 32 8.56 -7.34 10.76
C SER B 32 9.03 -6.25 11.71
N LEU B 33 8.26 -5.15 11.78
CA LEU B 33 8.58 -4.03 12.68
C LEU B 33 7.87 -4.25 14.00
N SER B 34 8.53 -3.90 15.09
CA SER B 34 7.95 -4.07 16.42
C SER B 34 7.12 -2.85 16.80
N VAL B 35 6.58 -2.86 18.02
CA VAL B 35 5.76 -1.76 18.51
C VAL B 35 6.63 -0.52 18.79
N ASN B 36 7.95 -0.72 18.79
CA ASN B 36 8.88 0.38 19.02
C ASN B 36 9.25 1.07 17.72
N GLU B 37 9.33 0.31 16.63
CA GLU B 37 9.67 0.87 15.32
C GLU B 37 8.49 1.65 14.73
N PHE B 38 7.28 1.23 15.12
CA PHE B 38 6.08 1.88 14.67
C PHE B 38 6.02 3.19 15.39
N LYS B 39 6.23 3.12 16.69
CA LYS B 39 6.23 4.30 17.54
C LYS B 39 7.35 5.25 17.11
N GLU B 40 8.52 4.71 16.75
CA GLU B 40 9.62 5.58 16.31
C GLU B 40 9.25 6.35 15.06
N LEU B 41 8.65 5.69 14.08
CA LEU B 41 8.32 6.32 12.83
C LEU B 41 7.15 7.25 13.01
N VAL B 42 6.17 6.82 13.77
CA VAL B 42 4.97 7.57 13.97
C VAL B 42 5.31 8.87 14.70
N THR B 43 6.07 8.73 15.78
CA THR B 43 6.60 9.85 16.53
C THR B 43 7.58 10.72 15.70
N GLN B 44 8.60 10.08 15.13
CA GLN B 44 9.69 10.78 14.47
C GLN B 44 9.41 11.05 12.99
N GLN B 45 9.03 10.02 12.25
CA GLN B 45 8.88 10.13 10.79
C GLN B 45 7.49 10.63 10.38
N LEU B 46 6.49 10.43 11.22
CA LEU B 46 5.11 10.66 10.83
C LEU B 46 4.48 11.99 11.31
N PRO B 47 5.09 12.80 12.23
CA PRO B 47 4.48 14.07 12.67
C PRO B 47 3.95 14.91 11.50
N HIS B 48 4.68 14.89 10.40
CA HIS B 48 4.28 15.60 9.20
C HIS B 48 3.15 14.85 8.49
N LEU B 49 3.29 13.53 8.39
CA LEU B 49 2.30 12.70 7.71
C LEU B 49 1.06 12.45 8.58
N LEU B 50 1.24 11.56 9.55
CA LEU B 50 0.19 11.19 10.47
C LEU B 50 0.23 12.04 11.70
N LYS B 51 -0.48 13.14 11.61
CA LYS B 51 -0.68 14.09 12.69
C LYS B 51 -1.41 13.47 13.89
N ASP B 52 -0.82 12.44 14.40
CA ASP B 52 -1.33 11.71 15.56
C ASP B 52 -0.20 10.85 16.08
N VAL B 53 0.85 11.54 16.47
CA VAL B 53 2.08 10.91 16.92
C VAL B 53 1.95 10.44 18.35
N GLY B 54 0.87 10.86 19.01
CA GLY B 54 0.65 10.46 20.37
C GLY B 54 0.08 9.07 20.47
N SER B 55 -1.23 8.95 20.28
CA SER B 55 -1.94 7.70 20.45
C SER B 55 -1.78 6.78 19.25
N LEU B 56 -0.54 6.46 18.95
CA LEU B 56 -0.21 5.46 17.94
C LEU B 56 -1.04 4.19 18.15
N ASP B 57 -1.39 3.97 19.42
CA ASP B 57 -2.11 2.78 19.87
C ASP B 57 -3.25 2.42 18.94
N GLU B 58 -4.16 3.36 18.68
CA GLU B 58 -5.40 3.04 17.94
C GLU B 58 -5.10 2.37 16.60
N LYS B 59 -4.17 2.95 15.88
CA LYS B 59 -3.77 2.48 14.58
C LYS B 59 -3.02 1.17 14.72
N MET B 60 -2.13 1.15 15.70
CA MET B 60 -1.39 -0.04 16.05
C MET B 60 -2.34 -1.21 16.26
N LYS B 61 -3.38 -1.01 17.08
CA LYS B 61 -4.35 -2.07 17.38
C LYS B 61 -5.03 -2.57 16.13
N SER B 62 -5.33 -1.66 15.21
CA SER B 62 -6.03 -2.00 13.98
C SER B 62 -5.15 -2.89 13.09
N LEU B 63 -3.85 -2.67 13.15
CA LEU B 63 -2.88 -3.41 12.35
C LEU B 63 -2.45 -4.68 13.08
N ASP B 64 -2.13 -4.50 14.35
CA ASP B 64 -1.73 -5.54 15.28
C ASP B 64 -2.80 -6.62 15.44
N VAL B 65 -4.01 -6.32 14.97
CA VAL B 65 -5.30 -6.91 15.42
C VAL B 65 -5.24 -8.38 15.91
N ASN B 66 -4.39 -9.20 15.34
CA ASN B 66 -4.30 -10.58 15.77
C ASN B 66 -3.42 -10.71 17.03
N GLN B 67 -3.14 -9.58 17.68
CA GLN B 67 -2.35 -9.51 18.92
C GLN B 67 -0.86 -9.70 18.65
N ASP B 68 -0.50 -9.87 17.39
CA ASP B 68 0.90 -9.99 17.02
C ASP B 68 1.55 -8.63 17.06
N SER B 69 2.54 -8.47 17.94
CA SER B 69 3.26 -7.20 18.08
C SER B 69 4.26 -7.00 16.94
N GLU B 70 3.98 -7.65 15.81
CA GLU B 70 4.83 -7.58 14.64
C GLU B 70 4.03 -7.08 13.44
N LEU B 71 4.43 -5.91 12.92
CA LEU B 71 3.78 -5.34 11.78
C LEU B 71 4.30 -6.02 10.50
N LYS B 72 3.78 -7.21 10.28
CA LYS B 72 4.25 -8.09 9.22
C LYS B 72 3.53 -7.97 7.88
N PHE B 73 3.76 -9.01 7.07
CA PHE B 73 3.23 -9.16 5.72
C PHE B 73 1.78 -8.72 5.57
N ASN B 74 1.63 -7.47 5.15
CA ASN B 74 0.33 -6.86 4.89
C ASN B 74 -0.70 -6.93 6.03
N GLU B 75 -0.21 -7.09 7.25
CA GLU B 75 -0.97 -6.59 8.42
C GLU B 75 -0.70 -5.10 8.56
N TYR B 76 0.58 -4.73 8.45
CA TYR B 76 1.01 -3.33 8.43
C TYR B 76 0.28 -2.57 7.35
N TRP B 77 0.16 -3.24 6.22
CA TRP B 77 -0.39 -2.69 4.97
C TRP B 77 -1.53 -1.72 5.13
N ARG B 78 -2.46 -1.99 6.05
CA ARG B 78 -3.58 -1.09 6.22
C ARG B 78 -3.06 0.32 6.40
N LEU B 79 -2.09 0.48 7.31
CA LEU B 79 -1.47 1.78 7.54
C LEU B 79 -0.78 2.26 6.28
N ILE B 80 -0.07 1.35 5.61
CA ILE B 80 0.67 1.69 4.39
C ILE B 80 -0.26 2.26 3.34
N GLY B 81 -1.49 1.78 3.33
CA GLY B 81 -2.47 2.30 2.41
C GLY B 81 -3.01 3.60 2.87
N GLU B 82 -3.24 3.68 4.17
CA GLU B 82 -3.63 4.92 4.78
C GLU B 82 -2.54 5.96 4.50
N LEU B 83 -1.28 5.50 4.44
CA LEU B 83 -0.13 6.37 4.21
C LEU B 83 -0.19 7.02 2.84
N ALA B 84 -0.23 6.19 1.80
CA ALA B 84 -0.23 6.66 0.41
C ALA B 84 -1.47 7.50 0.12
N LYS B 85 -2.54 7.24 0.84
CA LYS B 85 -3.76 7.99 0.69
C LYS B 85 -3.63 9.33 1.40
N GLU B 86 -3.18 9.29 2.66
CA GLU B 86 -3.05 10.48 3.48
C GLU B 86 -2.18 11.54 2.82
N ILE B 87 -1.04 11.14 2.27
CA ILE B 87 -0.18 12.09 1.55
C ILE B 87 -0.96 12.82 0.46
N ARG B 88 -1.95 12.14 -0.11
CA ARG B 88 -2.73 12.73 -1.18
C ARG B 88 -3.94 13.49 -0.65
N LYS B 89 -4.85 12.82 0.03
CA LYS B 89 -6.05 13.50 0.51
C LYS B 89 -6.04 13.64 2.02
N LYS B 90 -4.95 14.16 2.55
CA LYS B 90 -4.83 14.35 4.02
C LYS B 90 -6.07 15.03 4.58
N LYS B 91 -6.21 16.30 4.25
CA LYS B 91 -7.47 17.02 4.34
C LYS B 91 -7.58 17.83 3.07
N ASP B 92 -6.91 17.29 2.04
CA ASP B 92 -6.83 17.92 0.72
C ASP B 92 -8.19 18.02 0.00
N LEU B 93 -9.03 18.91 0.49
CA LEU B 93 -10.32 19.21 -0.11
C LEU B 93 -10.33 20.70 -0.37
N LYS B 94 -9.12 21.24 -0.27
CA LYS B 94 -8.82 22.64 -0.48
C LYS B 94 -7.34 22.79 -0.83
N ILE B 95 -6.47 22.15 -0.02
CA ILE B 95 -5.02 22.16 -0.23
C ILE B 95 -4.26 21.64 1.00
N ARG B 96 -3.11 20.95 0.77
CA ARG B 96 -2.29 20.41 1.86
C ARG B 96 -0.84 20.15 1.40
N LYS B 97 -0.58 20.37 0.12
CA LYS B 97 0.77 20.23 -0.44
C LYS B 97 1.33 21.63 -0.65
N LYS B 98 2.48 22.00 -0.04
CA LYS B 98 2.90 23.39 -0.18
C LYS B 98 4.33 23.57 0.30
N MET C 1 0.89 24.08 -4.13
CA MET C 1 0.16 22.98 -4.83
C MET C 1 1.13 21.93 -5.33
N ALA C 2 2.33 21.90 -4.75
CA ALA C 2 3.36 20.94 -5.14
C ALA C 2 4.09 20.38 -3.94
N ALA C 3 3.94 19.07 -3.76
CA ALA C 3 4.70 18.32 -2.77
C ALA C 3 6.20 18.33 -3.08
N GLU C 4 6.93 19.20 -2.42
CA GLU C 4 8.38 19.22 -2.52
C GLU C 4 8.94 18.03 -1.72
N PRO C 5 10.24 17.67 -1.91
CA PRO C 5 10.82 16.45 -1.29
C PRO C 5 10.38 16.24 0.15
N LEU C 6 10.21 14.99 0.54
CA LEU C 6 9.59 14.68 1.78
C LEU C 6 10.46 13.88 2.75
N THR C 7 9.91 13.67 3.93
CA THR C 7 10.49 12.80 4.96
C THR C 7 10.54 11.35 4.46
N GLU C 8 11.04 10.39 5.24
CA GLU C 8 11.42 9.10 4.68
C GLU C 8 10.20 8.21 4.35
N LEU C 9 9.29 8.00 5.28
CA LEU C 9 8.12 7.20 4.96
C LEU C 9 7.30 7.88 3.88
N GLU C 10 7.42 9.19 3.82
CA GLU C 10 6.80 9.96 2.75
C GLU C 10 7.54 9.71 1.47
N GLU C 11 8.86 9.65 1.55
CA GLU C 11 9.69 9.39 0.39
C GLU C 11 9.22 8.11 -0.24
N SER C 12 8.88 7.16 0.61
CA SER C 12 8.42 5.88 0.12
C SER C 12 6.99 5.95 -0.45
N ILE C 13 6.06 6.66 0.21
CA ILE C 13 4.70 6.74 -0.30
C ILE C 13 4.50 7.79 -1.41
N GLU C 14 5.19 8.93 -1.33
CA GLU C 14 5.18 9.93 -2.41
C GLU C 14 5.62 9.29 -3.72
N THR C 15 6.71 8.55 -3.63
CA THR C 15 7.24 7.80 -4.77
C THR C 15 6.17 6.96 -5.46
N VAL C 16 5.25 6.40 -4.67
CA VAL C 16 4.15 5.62 -5.20
C VAL C 16 3.20 6.51 -6.00
N VAL C 17 3.09 7.75 -5.58
CA VAL C 17 2.16 8.70 -6.18
C VAL C 17 2.62 9.10 -7.56
N THR C 18 3.88 9.54 -7.62
CA THR C 18 4.42 10.16 -8.81
C THR C 18 4.32 9.25 -10.03
N THR C 19 4.68 8.00 -9.84
CA THR C 19 4.62 7.03 -10.94
C THR C 19 3.16 6.87 -11.38
N PHE C 20 2.35 6.55 -10.38
CA PHE C 20 0.89 6.48 -10.49
C PHE C 20 0.30 7.66 -11.28
N PHE C 21 0.64 8.89 -10.83
CA PHE C 21 0.13 10.13 -11.42
C PHE C 21 0.52 10.31 -12.88
N THR C 22 1.70 9.86 -13.23
CA THR C 22 2.18 9.94 -14.60
C THR C 22 1.22 9.20 -15.54
N PHE C 23 0.66 8.10 -15.07
CA PHE C 23 -0.29 7.32 -15.85
C PHE C 23 -1.71 7.86 -15.66
N ALA C 24 -2.04 8.19 -14.42
CA ALA C 24 -3.35 8.76 -14.10
C ALA C 24 -3.63 10.02 -14.93
N ARG C 25 -2.59 10.81 -15.19
CA ARG C 25 -2.73 12.05 -15.97
C ARG C 25 -2.83 11.80 -17.48
N GLN C 26 -2.48 10.60 -17.93
CA GLN C 26 -2.51 10.25 -19.36
C GLN C 26 -3.90 10.46 -19.99
N GLU C 27 -4.86 9.59 -19.65
CA GLU C 27 -6.20 9.69 -20.21
C GLU C 27 -7.13 10.54 -19.34
N GLY C 28 -8.44 10.33 -19.50
CA GLY C 28 -9.42 11.08 -18.72
C GLY C 28 -9.22 10.96 -17.23
N ARG C 29 -9.44 12.06 -16.51
CA ARG C 29 -9.26 12.10 -15.06
C ARG C 29 -7.79 11.88 -14.70
N LYS C 30 -7.06 12.98 -14.49
CA LYS C 30 -5.63 12.91 -14.19
C LYS C 30 -5.37 12.51 -12.73
N ASP C 31 -6.41 12.04 -12.05
CA ASP C 31 -6.28 11.63 -10.67
C ASP C 31 -6.56 10.13 -10.52
N SER C 32 -6.92 9.48 -11.62
CA SER C 32 -7.21 8.05 -11.59
C SER C 32 -6.87 7.37 -12.92
N LEU C 33 -6.54 6.09 -12.82
CA LEU C 33 -6.21 5.27 -14.00
C LEU C 33 -7.45 4.55 -14.48
N SER C 34 -7.60 4.37 -15.79
CA SER C 34 -8.78 3.71 -16.33
C SER C 34 -8.51 2.21 -16.52
N VAL C 35 -9.46 1.51 -17.16
CA VAL C 35 -9.32 0.08 -17.40
C VAL C 35 -8.23 -0.21 -18.43
N ASN C 36 -7.91 0.80 -19.25
CA ASN C 36 -6.90 0.65 -20.27
C ASN C 36 -5.51 0.81 -19.67
N GLU C 37 -5.38 1.70 -18.68
CA GLU C 37 -4.10 1.95 -18.02
C GLU C 37 -3.78 0.82 -17.04
N PHE C 38 -4.83 0.17 -16.53
CA PHE C 38 -4.67 -0.92 -15.61
C PHE C 38 -4.23 -2.10 -16.43
N LYS C 39 -4.95 -2.31 -17.51
CA LYS C 39 -4.65 -3.38 -18.43
C LYS C 39 -3.26 -3.20 -19.04
N GLU C 40 -2.88 -1.96 -19.36
CA GLU C 40 -1.54 -1.72 -19.91
C GLU C 40 -0.45 -2.12 -18.92
N LEU C 41 -0.61 -1.73 -17.67
CA LEU C 41 0.42 -2.01 -16.68
C LEU C 41 0.41 -3.48 -16.31
N VAL C 42 -0.77 -4.03 -16.18
CA VAL C 42 -0.93 -5.41 -15.77
C VAL C 42 -0.32 -6.30 -16.85
N THR C 43 -0.71 -6.05 -18.08
CA THR C 43 -0.15 -6.72 -19.25
C THR C 43 1.36 -6.44 -19.44
N GLN C 44 1.73 -5.15 -19.48
CA GLN C 44 3.07 -4.74 -19.83
C GLN C 44 4.00 -4.67 -18.60
N GLN C 45 3.57 -3.96 -17.56
CA GLN C 45 4.42 -3.68 -16.41
C GLN C 45 4.38 -4.81 -15.37
N LEU C 46 3.30 -5.56 -15.34
CA LEU C 46 3.07 -6.51 -14.24
C LEU C 46 3.40 -7.99 -14.54
N PRO C 47 3.67 -8.44 -15.79
CA PRO C 47 4.00 -9.86 -16.05
C PRO C 47 5.00 -10.43 -15.05
N HIS C 48 5.97 -9.59 -14.67
CA HIS C 48 6.96 -9.99 -13.69
C HIS C 48 6.37 -9.99 -12.29
N LEU C 49 5.60 -8.94 -11.98
CA LEU C 49 4.99 -8.80 -10.66
C LEU C 49 3.75 -9.68 -10.50
N LEU C 50 2.67 -9.25 -11.12
CA LEU C 50 1.40 -9.94 -11.06
C LEU C 50 1.28 -10.88 -12.24
N LYS C 51 1.75 -12.09 -12.00
CA LYS C 51 1.67 -13.21 -12.91
C LYS C 51 0.22 -13.62 -13.20
N ASP C 52 -0.51 -12.67 -13.70
CA ASP C 52 -1.90 -12.85 -14.08
C ASP C 52 -2.28 -11.68 -14.96
N VAL C 53 -1.56 -11.60 -16.07
CA VAL C 53 -1.70 -10.50 -17.02
C VAL C 53 -2.91 -10.70 -17.91
N GLY C 54 -3.51 -11.88 -17.83
CA GLY C 54 -4.67 -12.17 -18.63
C GLY C 54 -5.93 -11.60 -18.01
N SER C 55 -6.48 -12.31 -17.04
CA SER C 55 -7.75 -11.94 -16.42
C SER C 55 -7.59 -10.83 -15.40
N LEU C 56 -7.07 -9.71 -15.86
CA LEU C 56 -7.02 -8.49 -15.06
C LEU C 56 -8.36 -8.22 -14.41
N ASP C 57 -9.40 -8.67 -15.09
CA ASP C 57 -10.79 -8.44 -14.70
C ASP C 57 -11.02 -8.64 -13.21
N GLU C 58 -10.64 -9.80 -12.68
CA GLU C 58 -10.98 -10.15 -11.29
C GLU C 58 -10.52 -9.08 -10.31
N LYS C 59 -9.28 -8.66 -10.47
CA LYS C 59 -8.65 -7.67 -9.63
C LYS C 59 -9.28 -6.33 -9.88
N MET C 60 -9.46 -6.04 -11.15
CA MET C 60 -10.14 -4.83 -11.59
C MET C 60 -11.48 -4.70 -10.88
N LYS C 61 -12.30 -5.75 -10.91
CA LYS C 61 -13.62 -5.74 -10.28
C LYS C 61 -13.54 -5.44 -8.80
N SER C 62 -12.52 -5.99 -8.14
CA SER C 62 -12.34 -5.83 -6.71
C SER C 62 -12.02 -4.37 -6.36
N LEU C 63 -11.32 -3.71 -7.26
CA LEU C 63 -10.91 -2.31 -7.09
C LEU C 63 -12.02 -1.38 -7.59
N ASP C 64 -12.48 -1.69 -8.79
CA ASP C 64 -13.56 -0.97 -9.49
C ASP C 64 -14.85 -0.95 -8.69
N VAL C 65 -14.92 -1.81 -7.66
CA VAL C 65 -16.16 -2.36 -7.06
C VAL C 65 -17.41 -1.45 -7.11
N ASN C 66 -17.23 -0.14 -7.00
CA ASN C 66 -18.35 0.78 -7.07
C ASN C 66 -18.81 1.00 -8.52
N GLN C 67 -18.29 0.19 -9.47
CA GLN C 67 -18.63 0.32 -10.89
C GLN C 67 -18.08 1.65 -11.32
N ASP C 68 -16.90 1.92 -10.73
CA ASP C 68 -16.12 3.12 -11.00
C ASP C 68 -14.80 2.66 -11.62
N SER C 69 -14.76 2.63 -12.96
CA SER C 69 -13.57 2.18 -13.71
C SER C 69 -12.30 2.90 -13.27
N GLU C 70 -12.48 4.09 -12.72
CA GLU C 70 -11.36 4.90 -12.26
C GLU C 70 -10.77 4.36 -10.95
N LEU C 71 -9.52 3.91 -11.03
CA LEU C 71 -8.79 3.41 -9.92
C LEU C 71 -8.31 4.58 -9.05
N LYS C 72 -9.27 5.11 -8.29
CA LYS C 72 -9.07 6.32 -7.50
C LYS C 72 -8.59 6.11 -6.08
N PHE C 73 -8.78 7.19 -5.30
CA PHE C 73 -8.41 7.29 -3.89
C PHE C 73 -8.67 6.03 -3.08
N ASN C 74 -7.65 5.19 -3.00
CA ASN C 74 -7.66 3.95 -2.22
C ASN C 74 -8.83 3.00 -2.48
N GLU C 75 -9.42 3.11 -3.66
CA GLU C 75 -10.11 1.95 -4.26
C GLU C 75 -9.05 1.07 -4.94
N TYR C 76 -8.17 1.73 -5.69
CA TYR C 76 -7.01 1.08 -6.31
C TYR C 76 -6.18 0.34 -5.27
N TRP C 77 -6.04 1.03 -4.14
CA TRP C 77 -5.18 0.62 -3.02
C TRP C 77 -5.13 -0.87 -2.76
N ARG C 78 -6.26 -1.56 -2.84
CA ARG C 78 -6.26 -2.98 -2.59
C ARG C 78 -5.17 -3.64 -3.41
N LEU C 79 -5.15 -3.32 -4.71
CA LEU C 79 -4.12 -3.85 -5.60
C LEU C 79 -2.75 -3.36 -5.17
N ILE C 80 -2.67 -2.07 -4.80
CA ILE C 80 -1.41 -1.46 -4.38
C ILE C 80 -0.81 -2.22 -3.20
N GLY C 81 -1.69 -2.73 -2.35
CA GLY C 81 -1.25 -3.50 -1.22
C GLY C 81 -0.87 -4.88 -1.63
N GLU C 82 -1.67 -5.44 -2.52
CA GLU C 82 -1.35 -6.71 -3.10
C GLU C 82 0.00 -6.60 -3.80
N LEU C 83 0.29 -5.40 -4.35
CA LEU C 83 1.53 -5.14 -5.08
C LEU C 83 2.75 -5.26 -4.16
N ALA C 84 2.76 -4.44 -3.11
CA ALA C 84 3.89 -4.40 -2.18
C ALA C 84 4.07 -5.74 -1.47
N LYS C 85 2.99 -6.48 -1.33
CA LYS C 85 3.05 -7.78 -0.73
C LYS C 85 3.61 -8.80 -1.72
N GLU C 86 3.05 -8.79 -2.93
CA GLU C 86 3.44 -9.74 -3.98
C GLU C 86 4.94 -9.69 -4.26
N ILE C 87 5.50 -8.49 -4.37
CA ILE C 87 6.94 -8.35 -4.58
C ILE C 87 7.72 -9.08 -3.49
N ARG C 88 7.15 -9.16 -2.30
CA ARG C 88 7.82 -9.80 -1.18
C ARG C 88 7.49 -11.29 -1.11
N LYS C 89 6.23 -11.65 -0.94
CA LYS C 89 5.90 -13.07 -0.77
C LYS C 89 5.32 -13.68 -2.03
N LYS C 90 5.77 -13.23 -3.20
CA LYS C 90 5.26 -13.74 -4.49
C LYS C 90 5.17 -15.26 -4.46
N LYS C 91 6.33 -15.88 -4.46
CA LYS C 91 6.49 -17.27 -4.06
C LYS C 91 7.74 -17.31 -3.21
N ASP C 92 8.10 -16.14 -2.69
CA ASP C 92 9.31 -16.01 -1.90
C ASP C 92 9.17 -16.57 -0.49
N LEU C 93 9.16 -17.89 -0.45
CA LEU C 93 9.12 -18.67 0.77
C LEU C 93 9.97 -19.90 0.47
N LYS C 94 10.78 -19.71 -0.56
CA LYS C 94 11.70 -20.72 -1.06
C LYS C 94 12.71 -20.03 -1.99
N ILE C 95 12.20 -19.20 -2.91
CA ILE C 95 13.04 -18.46 -3.87
C ILE C 95 12.22 -17.80 -4.99
N ARG C 96 12.39 -16.48 -5.15
CA ARG C 96 11.72 -15.73 -6.23
C ARG C 96 12.40 -14.39 -6.49
N LYS C 97 13.62 -14.29 -5.97
CA LYS C 97 14.52 -13.12 -6.14
C LYS C 97 15.93 -13.68 -6.23
N LYS C 98 16.87 -12.97 -6.88
CA LYS C 98 18.19 -13.54 -7.11
C LYS C 98 19.05 -12.55 -7.89
N ASN D 1 -17.47 -1.70 -29.94
CA ASN D 1 -17.89 -1.43 -28.54
C ASN D 1 -19.06 -0.44 -28.57
N VAL D 2 -19.53 0.00 -27.41
CA VAL D 2 -20.58 1.00 -27.37
C VAL D 2 -19.93 2.36 -27.27
N LYS D 3 -20.21 3.21 -28.23
CA LYS D 3 -19.70 4.56 -28.23
C LYS D 3 -20.77 5.53 -27.81
N TYR D 4 -20.36 6.57 -27.13
CA TYR D 4 -21.28 7.65 -26.82
C TYR D 4 -20.98 8.75 -27.81
N ASN D 5 -21.91 8.98 -28.71
CA ASN D 5 -21.62 9.76 -29.91
C ASN D 5 -22.09 11.18 -29.72
N PHE D 6 -21.28 12.11 -30.19
CA PHE D 6 -21.55 13.52 -29.97
C PHE D 6 -22.87 13.90 -30.64
N MET D 7 -23.70 14.56 -29.84
CA MET D 7 -25.06 14.87 -30.22
C MET D 7 -25.14 16.23 -30.88
N ARG D 8 -24.84 17.31 -30.15
CA ARG D 8 -24.90 18.62 -30.77
C ARG D 8 -24.10 19.66 -30.01
N ILE D 9 -23.56 20.61 -30.78
CA ILE D 9 -22.81 21.74 -30.25
C ILE D 9 -23.76 22.84 -29.80
N ILE D 10 -23.72 23.17 -28.53
CA ILE D 10 -24.53 24.22 -27.97
C ILE D 10 -23.77 25.53 -28.11
N LYS D 11 -23.63 26.24 -27.02
CA LYS D 11 -23.09 27.58 -27.04
C LYS D 11 -21.66 27.53 -26.54
N TYR D 12 -20.88 28.56 -26.84
CA TYR D 12 -19.46 28.49 -26.59
C TYR D 12 -18.90 29.83 -26.16
N GLU D 13 -17.80 29.73 -25.41
CA GLU D 13 -17.10 30.89 -24.84
C GLU D 13 -18.05 31.80 -24.04
N PHE D 14 -19.08 31.20 -23.50
CA PHE D 14 -19.99 31.91 -22.60
C PHE D 14 -19.71 31.50 -21.16
N ILE D 15 -19.83 32.43 -20.23
CA ILE D 15 -19.47 32.17 -18.85
C ILE D 15 -20.70 32.08 -17.95
N LEU D 16 -20.66 31.11 -17.05
CA LEU D 16 -21.71 30.89 -16.08
C LEU D 16 -21.33 31.46 -14.71
N ASN D 17 -22.27 32.14 -14.12
CA ASN D 17 -22.14 32.70 -12.79
C ASN D 17 -23.30 32.20 -11.95
N ASP D 18 -23.07 32.00 -10.67
CA ASP D 18 -24.02 31.32 -9.81
C ASP D 18 -24.90 32.33 -9.11
N ALA D 19 -25.77 31.86 -8.21
CA ALA D 19 -26.64 32.76 -7.47
C ALA D 19 -25.84 33.72 -6.56
N LEU D 20 -24.57 33.40 -6.30
CA LEU D 20 -23.68 34.30 -5.57
C LEU D 20 -23.26 35.39 -6.50
N ASN D 21 -23.45 35.09 -7.78
CA ASN D 21 -23.06 35.92 -8.89
C ASN D 21 -21.57 36.13 -8.87
N GLN D 22 -20.86 35.09 -9.29
CA GLN D 22 -19.42 35.14 -9.37
C GLN D 22 -18.97 34.47 -10.65
N SER D 23 -18.20 35.19 -11.44
CA SER D 23 -17.68 34.66 -12.67
C SER D 23 -16.67 33.59 -12.39
N ILE D 24 -16.79 32.48 -13.08
CA ILE D 24 -15.84 31.40 -12.87
C ILE D 24 -14.49 31.79 -13.45
N ILE D 25 -13.60 32.30 -12.60
CA ILE D 25 -12.38 32.94 -13.07
C ILE D 25 -11.21 31.97 -13.02
N ARG D 26 -10.30 32.12 -13.96
CA ARG D 26 -9.17 31.23 -14.09
C ARG D 26 -8.05 31.65 -13.15
N ALA D 27 -7.81 30.85 -12.13
CA ALA D 27 -6.71 31.10 -11.22
C ALA D 27 -5.49 30.30 -11.64
N ASN D 28 -5.76 29.07 -12.07
CA ASN D 28 -4.71 28.16 -12.54
C ASN D 28 -5.31 27.16 -13.53
N ASP D 29 -4.47 26.31 -14.11
CA ASP D 29 -4.92 25.30 -15.07
C ASP D 29 -5.34 24.01 -14.36
N GLN D 30 -5.59 24.13 -13.06
CA GLN D 30 -6.01 23.00 -12.24
C GLN D 30 -6.98 23.48 -11.15
N TYR D 31 -6.78 24.72 -10.71
CA TYR D 31 -7.62 25.32 -9.67
C TYR D 31 -8.31 26.58 -10.18
N LEU D 32 -9.61 26.68 -9.93
CA LEU D 32 -10.41 27.82 -10.34
C LEU D 32 -11.25 28.34 -9.18
N THR D 33 -11.26 29.65 -9.02
CA THR D 33 -12.01 30.32 -7.97
C THR D 33 -13.06 31.22 -8.58
N ALA D 34 -14.22 31.31 -7.96
CA ALA D 34 -15.28 32.15 -8.48
C ALA D 34 -15.17 33.55 -7.91
N ALA D 35 -15.13 34.52 -8.79
CA ALA D 35 -15.05 35.92 -8.44
C ALA D 35 -15.64 36.74 -9.56
N ALA D 36 -16.37 37.79 -9.23
CA ALA D 36 -16.99 38.63 -10.26
C ALA D 36 -15.91 39.20 -11.17
N LEU D 37 -16.08 39.04 -12.49
CA LEU D 37 -15.06 39.43 -13.42
C LEU D 37 -14.86 40.93 -13.41
N HIS D 38 -13.64 41.34 -13.69
CA HIS D 38 -13.28 42.73 -13.72
C HIS D 38 -12.32 42.99 -14.87
N ASN D 39 -11.72 41.93 -15.40
CA ASN D 39 -10.97 42.03 -16.64
C ASN D 39 -11.79 41.42 -17.79
N LEU D 40 -12.96 40.86 -17.44
CA LEU D 40 -13.91 40.26 -18.40
C LEU D 40 -13.33 39.06 -19.12
N ASP D 41 -12.33 39.28 -19.97
CA ASP D 41 -11.60 38.16 -20.52
C ASP D 41 -10.59 37.75 -19.46
N GLU D 42 -11.15 37.12 -18.45
CA GLU D 42 -10.45 36.79 -17.23
C GLU D 42 -10.96 35.46 -16.68
N ALA D 43 -12.25 35.24 -16.90
CA ALA D 43 -12.88 33.98 -16.55
C ALA D 43 -12.66 32.99 -17.69
N VAL D 44 -12.76 31.70 -17.38
CA VAL D 44 -12.53 30.68 -18.37
C VAL D 44 -13.76 30.55 -19.22
N LYS D 45 -13.59 30.56 -20.52
CA LYS D 45 -14.72 30.54 -21.40
C LYS D 45 -15.00 29.12 -21.79
N PHE D 46 -16.16 28.67 -21.38
CA PHE D 46 -16.54 27.30 -21.62
C PHE D 46 -17.46 27.18 -22.81
N ASP D 47 -17.51 25.98 -23.30
CA ASP D 47 -18.32 25.58 -24.44
C ASP D 47 -18.86 24.21 -24.18
N MET D 48 -20.10 24.02 -24.57
CA MET D 48 -20.79 22.79 -24.27
C MET D 48 -20.85 21.91 -25.50
N GLY D 49 -20.50 20.65 -25.31
CA GLY D 49 -20.58 19.67 -26.37
C GLY D 49 -21.24 18.43 -25.86
N ALA D 50 -22.39 18.10 -26.40
CA ALA D 50 -23.20 17.03 -25.84
C ALA D 50 -22.77 15.70 -26.40
N TYR D 51 -22.92 14.67 -25.60
CA TYR D 51 -22.61 13.32 -26.03
C TYR D 51 -23.86 12.50 -25.76
N LYS D 52 -24.00 11.35 -26.36
CA LYS D 52 -25.22 10.63 -26.16
C LYS D 52 -24.99 9.15 -25.90
N SER D 53 -25.47 8.75 -24.74
CA SER D 53 -25.68 7.36 -24.38
C SER D 53 -26.97 7.34 -23.60
N SER D 54 -27.65 6.22 -23.47
CA SER D 54 -28.87 6.20 -22.69
C SER D 54 -28.54 5.88 -21.23
N LYS D 55 -27.51 6.55 -20.73
CA LYS D 55 -27.13 6.42 -19.33
C LYS D 55 -27.11 7.78 -18.64
N ASP D 56 -27.97 8.71 -19.05
CA ASP D 56 -28.02 9.99 -18.35
C ASP D 56 -28.88 9.85 -17.10
N ASP D 57 -29.87 10.73 -16.95
CA ASP D 57 -31.03 10.42 -16.12
C ASP D 57 -32.30 10.69 -16.92
N ALA D 58 -32.66 11.98 -16.97
CA ALA D 58 -33.78 12.45 -17.79
C ALA D 58 -33.36 13.68 -18.61
N LYS D 59 -32.05 13.86 -18.77
CA LYS D 59 -31.48 15.10 -19.31
C LYS D 59 -30.22 14.78 -20.09
N ILE D 60 -29.95 15.57 -21.11
CA ILE D 60 -28.90 15.26 -22.06
C ILE D 60 -27.63 15.96 -21.61
N THR D 61 -26.50 15.33 -21.90
CA THR D 61 -25.28 15.65 -21.20
C THR D 61 -24.24 16.21 -22.14
N VAL D 62 -23.54 17.23 -21.68
CA VAL D 62 -22.53 17.91 -22.48
C VAL D 62 -21.21 18.03 -21.71
N ILE D 63 -20.13 18.32 -22.41
CA ILE D 63 -18.83 18.44 -21.79
C ILE D 63 -18.44 19.90 -21.75
N LEU D 64 -17.92 20.34 -20.62
CA LEU D 64 -17.56 21.74 -20.47
C LEU D 64 -16.05 21.92 -20.60
N ARG D 65 -15.69 22.66 -21.64
CA ARG D 65 -14.31 22.84 -22.04
C ARG D 65 -14.04 24.30 -22.35
N ILE D 66 -12.81 24.74 -22.20
CA ILE D 66 -12.47 26.10 -22.54
C ILE D 66 -12.27 26.20 -24.04
N SER D 67 -12.95 27.13 -24.67
CA SER D 67 -13.04 27.20 -26.13
C SER D 67 -11.68 27.07 -26.85
N LYS D 68 -10.59 27.43 -26.18
CA LYS D 68 -9.29 27.40 -26.80
C LYS D 68 -8.59 26.05 -26.60
N THR D 69 -8.46 25.62 -25.35
CA THR D 69 -7.83 24.34 -25.04
C THR D 69 -8.84 23.38 -24.45
N GLN D 70 -8.50 22.13 -24.31
CA GLN D 70 -9.52 21.22 -23.86
C GLN D 70 -9.33 20.95 -22.38
N LEU D 71 -9.73 21.95 -21.60
CA LEU D 71 -9.69 21.90 -20.15
C LEU D 71 -11.10 21.62 -19.64
N TYR D 72 -11.33 20.42 -19.13
CA TYR D 72 -12.66 20.05 -18.67
C TYR D 72 -12.69 20.13 -17.17
N VAL D 73 -13.80 20.54 -16.60
CA VAL D 73 -13.93 20.42 -15.16
C VAL D 73 -14.49 19.04 -14.86
N THR D 74 -13.74 18.27 -14.08
CA THR D 74 -14.16 16.91 -13.71
C THR D 74 -14.71 16.85 -12.30
N ALA D 75 -15.36 15.73 -11.99
CA ALA D 75 -15.93 15.50 -10.66
C ALA D 75 -15.03 14.56 -9.87
N GLN D 76 -14.47 15.06 -8.77
CA GLN D 76 -13.57 14.26 -7.95
C GLN D 76 -14.36 13.34 -7.01
N ASP D 77 -14.78 13.88 -5.86
CA ASP D 77 -15.53 13.10 -4.87
C ASP D 77 -16.15 14.01 -3.82
N GLU D 78 -17.48 14.13 -3.86
CA GLU D 78 -18.22 14.98 -2.92
C GLU D 78 -17.68 16.40 -2.96
N ASP D 79 -17.53 17.00 -1.78
CA ASP D 79 -17.05 18.38 -1.66
C ASP D 79 -15.53 18.46 -1.82
N GLN D 80 -15.06 18.26 -3.04
CA GLN D 80 -13.64 18.34 -3.34
C GLN D 80 -13.45 19.24 -4.55
N PRO D 81 -12.39 20.07 -4.53
CA PRO D 81 -12.09 21.03 -5.60
C PRO D 81 -11.92 20.39 -6.98
N VAL D 82 -12.73 20.88 -7.91
CA VAL D 82 -12.69 20.42 -9.30
C VAL D 82 -11.28 20.50 -9.88
N LEU D 83 -10.89 19.45 -10.58
CA LEU D 83 -9.57 19.41 -11.18
C LEU D 83 -9.65 19.60 -12.69
N LEU D 84 -9.02 20.66 -13.18
CA LEU D 84 -9.03 20.98 -14.59
C LEU D 84 -8.02 20.10 -15.35
N LYS D 85 -8.53 19.25 -16.23
CA LYS D 85 -7.68 18.35 -17.02
C LYS D 85 -7.44 18.92 -18.42
N GLU D 86 -6.24 18.70 -18.95
CA GLU D 86 -5.90 19.19 -20.29
C GLU D 86 -5.51 18.05 -21.22
N MET D 87 -6.16 18.01 -22.39
CA MET D 87 -5.87 16.98 -23.39
C MET D 87 -6.21 17.50 -24.80
N PRO D 88 -5.21 17.52 -25.70
CA PRO D 88 -5.34 18.00 -27.08
C PRO D 88 -6.53 17.37 -27.82
N GLU D 89 -7.37 18.25 -28.37
CA GLU D 89 -8.52 17.87 -29.20
C GLU D 89 -9.64 17.18 -28.41
N ILE D 90 -10.86 17.60 -28.68
CA ILE D 90 -12.07 17.06 -28.04
C ILE D 90 -12.44 15.69 -28.61
N PRO D 91 -12.65 14.71 -27.72
CA PRO D 91 -13.11 13.38 -28.12
C PRO D 91 -14.52 13.42 -28.71
N LYS D 92 -14.77 12.58 -29.70
CA LYS D 92 -16.08 12.49 -30.34
C LYS D 92 -16.85 11.30 -29.79
N THR D 93 -16.09 10.36 -29.25
CA THR D 93 -16.63 9.14 -28.70
C THR D 93 -16.08 8.94 -27.30
N ILE D 94 -16.96 8.89 -26.34
CA ILE D 94 -16.60 8.94 -24.94
C ILE D 94 -16.57 7.55 -24.34
N THR D 95 -15.42 7.22 -23.78
CA THR D 95 -15.23 5.96 -23.15
C THR D 95 -15.36 6.13 -21.67
N GLY D 96 -15.31 5.02 -20.94
CA GLY D 96 -15.43 5.05 -19.48
C GLY D 96 -14.31 5.77 -18.76
N SER D 97 -13.25 6.14 -19.48
CA SER D 97 -12.12 6.84 -18.88
C SER D 97 -12.46 8.30 -18.62
N GLU D 98 -13.28 8.87 -19.49
CA GLU D 98 -13.69 10.27 -19.37
C GLU D 98 -15.15 10.37 -18.96
N THR D 99 -15.46 9.87 -17.77
CA THR D 99 -16.83 9.89 -17.26
C THR D 99 -16.99 10.92 -16.13
N ASN D 100 -15.88 11.54 -15.73
CA ASN D 100 -15.90 12.52 -14.66
C ASN D 100 -16.17 13.93 -15.20
N LEU D 101 -15.81 14.16 -16.46
CA LEU D 101 -16.01 15.47 -17.08
C LEU D 101 -17.35 15.55 -17.82
N LEU D 102 -18.26 14.65 -17.48
CA LEU D 102 -19.58 14.62 -18.12
C LEU D 102 -20.59 15.33 -17.23
N PHE D 103 -21.56 16.05 -17.78
CA PHE D 103 -22.42 16.87 -16.95
C PHE D 103 -23.87 16.85 -17.37
N PHE D 104 -24.68 16.43 -16.43
CA PHE D 104 -26.11 16.37 -16.57
C PHE D 104 -26.69 17.73 -16.23
N TRP D 105 -27.03 18.50 -17.25
CA TRP D 105 -27.47 19.87 -17.01
C TRP D 105 -28.99 19.98 -16.95
N GLU D 106 -29.48 20.35 -15.78
CA GLU D 106 -30.91 20.56 -15.58
C GLU D 106 -31.19 22.06 -15.54
N THR D 107 -31.83 22.56 -16.57
CA THR D 107 -32.08 23.99 -16.70
C THR D 107 -33.50 24.35 -16.28
N HIS D 108 -33.63 25.34 -15.41
CA HIS D 108 -34.93 25.82 -14.95
C HIS D 108 -35.06 27.30 -15.24
N GLY D 109 -35.73 27.63 -16.34
CA GLY D 109 -35.90 29.01 -16.74
C GLY D 109 -34.59 29.73 -17.02
N THR D 110 -34.09 30.45 -16.03
CA THR D 110 -32.85 31.18 -16.15
C THR D 110 -31.71 30.45 -15.44
N LYS D 111 -32.01 29.90 -14.27
CA LYS D 111 -31.03 29.17 -13.49
C LYS D 111 -30.86 27.77 -14.03
N ASN D 112 -29.74 27.16 -13.69
CA ASN D 112 -29.44 25.83 -14.18
C ASN D 112 -28.52 25.12 -13.20
N TYR D 113 -28.63 23.80 -13.17
CA TYR D 113 -27.80 22.98 -12.31
C TYR D 113 -26.82 22.17 -13.14
N PHE D 114 -25.76 21.71 -12.50
CA PHE D 114 -24.79 20.84 -13.13
C PHE D 114 -24.57 19.59 -12.28
N THR D 115 -25.22 18.52 -12.71
CA THR D 115 -25.20 17.25 -11.99
C THR D 115 -24.09 16.36 -12.53
N SER D 116 -23.36 15.71 -11.63
CA SER D 116 -22.32 14.78 -12.03
C SER D 116 -22.91 13.47 -12.54
N VAL D 117 -22.48 13.07 -13.74
CA VAL D 117 -22.91 11.81 -14.32
C VAL D 117 -22.15 10.63 -13.70
N ALA D 118 -20.98 10.93 -13.12
CA ALA D 118 -20.16 9.90 -12.47
C ALA D 118 -20.81 9.49 -11.15
N HIS D 119 -20.85 10.42 -10.21
CA HIS D 119 -21.47 10.20 -8.91
C HIS D 119 -22.68 11.10 -8.78
N PRO D 120 -23.89 10.50 -8.70
CA PRO D 120 -25.17 11.22 -8.67
C PRO D 120 -25.26 12.32 -7.61
N ASN D 121 -24.79 12.03 -6.41
CA ASN D 121 -24.96 12.95 -5.27
C ASN D 121 -24.08 14.18 -5.40
N LEU D 122 -23.31 14.27 -6.48
CA LEU D 122 -22.42 15.39 -6.69
C LEU D 122 -23.10 16.46 -7.53
N PHE D 123 -22.88 17.69 -7.12
CA PHE D 123 -23.45 18.86 -7.76
C PHE D 123 -22.42 19.98 -7.66
N ILE D 124 -22.33 20.84 -8.64
CA ILE D 124 -21.27 21.83 -8.68
C ILE D 124 -21.66 23.07 -7.87
N ALA D 125 -21.08 23.17 -6.67
CA ALA D 125 -21.45 24.20 -5.69
C ALA D 125 -20.55 25.41 -5.81
N THR D 126 -21.04 26.55 -5.35
CA THR D 126 -20.29 27.79 -5.46
C THR D 126 -20.03 28.38 -4.09
N LYS D 127 -18.77 28.72 -3.87
CA LYS D 127 -18.30 29.25 -2.61
C LYS D 127 -18.02 30.75 -2.74
N GLN D 128 -18.12 31.47 -1.63
CA GLN D 128 -17.85 32.91 -1.62
C GLN D 128 -16.36 33.22 -1.65
N ASP D 129 -15.56 32.34 -1.07
CA ASP D 129 -14.12 32.61 -0.94
C ASP D 129 -13.26 31.50 -1.53
N TYR D 130 -13.78 30.27 -1.51
CA TYR D 130 -13.03 29.12 -1.99
C TYR D 130 -13.27 28.82 -3.47
N TRP D 131 -12.62 27.75 -3.93
CA TRP D 131 -12.70 27.29 -5.31
C TRP D 131 -14.08 26.72 -5.62
N VAL D 132 -14.52 26.90 -6.87
CA VAL D 132 -15.80 26.34 -7.30
C VAL D 132 -15.67 24.83 -7.38
N CYS D 133 -16.23 24.14 -6.41
CA CYS D 133 -16.07 22.70 -6.32
C CYS D 133 -17.35 21.98 -6.74
N LEU D 134 -17.51 20.79 -6.19
CA LEU D 134 -18.69 19.98 -6.38
C LEU D 134 -19.06 19.59 -4.98
N ALA D 135 -20.26 19.12 -4.74
CA ALA D 135 -20.68 18.93 -3.39
C ALA D 135 -21.94 18.12 -3.31
N GLY D 136 -22.24 17.72 -2.10
CA GLY D 136 -23.58 17.49 -1.74
C GLY D 136 -23.97 18.77 -1.08
N GLY D 137 -25.13 19.23 -1.36
CA GLY D 137 -25.41 20.61 -1.02
C GLY D 137 -26.27 20.84 0.22
N PRO D 138 -25.62 21.19 1.34
CA PRO D 138 -26.20 21.99 2.40
C PRO D 138 -25.63 23.41 2.34
N PRO D 139 -26.43 24.43 2.72
CA PRO D 139 -26.34 25.87 2.38
C PRO D 139 -25.22 26.40 1.44
N SER D 140 -24.48 25.55 0.73
CA SER D 140 -23.63 25.96 -0.37
C SER D 140 -24.52 26.25 -1.56
N ILE D 141 -24.20 27.28 -2.33
CA ILE D 141 -25.04 27.64 -3.46
C ILE D 141 -24.69 26.79 -4.66
N THR D 142 -25.36 25.66 -4.80
CA THR D 142 -25.13 24.82 -5.95
C THR D 142 -26.11 25.22 -7.07
N ASP D 143 -26.36 26.53 -7.14
CA ASP D 143 -27.12 27.16 -8.21
C ASP D 143 -26.19 27.69 -9.27
N PHE D 144 -26.65 27.74 -10.50
CA PHE D 144 -25.96 28.50 -11.53
C PHE D 144 -26.93 29.27 -12.40
N GLN D 145 -26.35 30.14 -13.19
CA GLN D 145 -27.06 31.02 -14.10
C GLN D 145 -26.06 31.42 -15.18
N ILE D 146 -26.45 31.46 -16.43
CA ILE D 146 -25.46 31.77 -17.45
C ILE D 146 -25.55 33.26 -17.81
N LEU D 147 -24.51 33.99 -17.43
CA LEU D 147 -24.39 35.38 -17.80
C LEU D 147 -23.20 35.62 -18.71
N GLU D 148 -23.45 36.17 -19.88
CA GLU D 148 -22.40 36.45 -20.83
C GLU D 148 -21.80 37.83 -20.55
N ASN D 149 -20.55 38.03 -20.94
CA ASN D 149 -19.92 39.33 -20.86
C ASN D 149 -20.17 40.09 -22.17
N GLN D 150 -19.83 41.36 -22.19
CA GLN D 150 -20.07 42.19 -23.36
C GLN D 150 -19.08 41.85 -24.47
N ALA D 151 -17.80 41.92 -24.14
CA ALA D 151 -16.73 41.62 -25.08
C ALA D 151 -15.43 41.43 -24.33
N ASN A 1 12.30 -1.26 33.02
CA ASN A 1 11.34 -2.21 32.41
C ASN A 1 11.66 -3.62 32.92
N VAL A 2 10.97 -4.63 32.43
CA VAL A 2 11.28 -5.98 32.80
C VAL A 2 12.24 -6.56 31.77
N LYS A 3 13.40 -6.97 32.23
CA LYS A 3 14.38 -7.58 31.35
C LYS A 3 14.39 -9.08 31.53
N TYR A 4 14.66 -9.79 30.46
CA TYR A 4 14.86 -11.21 30.55
C TYR A 4 16.37 -11.42 30.51
N ASN A 5 16.91 -11.84 31.63
CA ASN A 5 18.34 -11.77 31.84
C ASN A 5 18.97 -13.12 31.55
N PHE A 6 20.11 -13.07 30.89
CA PHE A 6 20.77 -14.30 30.45
C PHE A 6 21.15 -15.15 31.65
N MET A 7 20.76 -16.41 31.55
CA MET A 7 20.84 -17.35 32.64
C MET A 7 22.17 -18.11 32.59
N ARG A 8 22.39 -18.91 31.55
CA ARG A 8 23.66 -19.64 31.47
C ARG A 8 23.97 -20.11 30.07
N ILE A 9 25.27 -20.14 29.77
CA ILE A 9 25.80 -20.63 28.51
C ILE A 9 25.91 -22.16 28.53
N ILE A 10 25.19 -22.81 27.64
CA ILE A 10 25.22 -24.24 27.53
C ILE A 10 26.35 -24.61 26.57
N LYS A 11 26.04 -25.39 25.58
CA LYS A 11 27.04 -25.98 24.71
C LYS A 11 27.04 -25.21 23.41
N TYR A 12 28.11 -25.32 22.64
CA TYR A 12 28.28 -24.46 21.48
C TYR A 12 28.95 -25.17 20.34
N GLU A 13 28.65 -24.68 19.14
CA GLU A 13 29.15 -25.24 17.87
C GLU A 13 28.88 -26.74 17.76
N PHE A 14 27.82 -27.20 18.42
CA PHE A 14 27.37 -28.57 18.29
C PHE A 14 26.13 -28.61 17.39
N ILE A 15 26.01 -29.67 16.60
CA ILE A 15 24.93 -29.75 15.63
C ILE A 15 23.88 -30.79 16.03
N LEU A 16 22.63 -30.42 15.82
CA LEU A 16 21.50 -31.27 16.11
C LEU A 16 20.96 -31.91 14.83
N ASN A 17 20.70 -33.20 14.91
CA ASN A 17 20.12 -33.97 13.83
C ASN A 17 18.87 -34.65 14.36
N ASP A 18 17.87 -34.82 13.53
CA ASP A 18 16.56 -35.26 13.96
C ASP A 18 16.45 -36.77 13.83
N ALA A 19 15.27 -37.31 14.09
CA ALA A 19 15.05 -38.75 13.96
C ALA A 19 15.21 -39.22 12.50
N LEU A 20 15.16 -38.30 11.55
CA LEU A 20 15.43 -38.61 10.15
C LEU A 20 16.92 -38.75 9.99
N ASN A 21 17.60 -38.22 10.99
CA ASN A 21 19.04 -38.15 11.05
C ASN A 21 19.57 -37.35 9.88
N GLN A 22 19.42 -36.05 9.98
CA GLN A 22 19.89 -35.12 8.98
C GLN A 22 20.53 -33.93 9.64
N SER A 23 21.76 -33.67 9.28
CA SER A 23 22.47 -32.53 9.81
C SER A 23 21.87 -31.26 9.30
N ILE A 24 21.64 -30.32 10.19
CA ILE A 24 21.07 -29.05 9.78
C ILE A 24 22.11 -28.26 9.00
N ILE A 25 22.05 -28.35 7.68
CA ILE A 25 23.12 -27.85 6.83
C ILE A 25 22.78 -26.46 6.32
N ARG A 26 23.83 -25.65 6.14
CA ARG A 26 23.66 -24.28 5.72
C ARG A 26 23.54 -24.18 4.21
N ALA A 27 22.36 -23.85 3.73
CA ALA A 27 22.15 -23.65 2.30
C ALA A 27 22.29 -22.18 1.97
N ASN A 28 21.75 -21.35 2.86
CA ASN A 28 21.79 -19.90 2.71
C ASN A 28 21.71 -19.23 4.09
N ASP A 29 21.86 -17.91 4.12
CA ASP A 29 21.78 -17.15 5.38
C ASP A 29 20.34 -16.81 5.74
N GLN A 30 19.39 -17.52 5.13
CA GLN A 30 17.97 -17.31 5.38
C GLN A 30 17.21 -18.63 5.22
N TYR A 31 17.79 -19.53 4.41
CA TYR A 31 17.19 -20.84 4.16
C TYR A 31 18.17 -21.97 4.51
N LEU A 32 17.68 -22.96 5.26
CA LEU A 32 18.49 -24.09 5.66
C LEU A 32 17.75 -25.40 5.41
N THR A 33 18.46 -26.37 4.84
CA THR A 33 17.91 -27.68 4.53
C THR A 33 18.66 -28.74 5.32
N ALA A 34 17.95 -29.76 5.77
CA ALA A 34 18.58 -30.81 6.54
C ALA A 34 19.08 -31.91 5.61
N ALA A 35 20.35 -32.22 5.74
CA ALA A 35 20.99 -33.26 4.97
C ALA A 35 22.17 -33.79 5.75
N ALA A 36 22.41 -35.09 5.70
CA ALA A 36 23.51 -35.68 6.44
C ALA A 36 24.82 -35.04 5.98
N LEU A 37 25.63 -34.58 6.93
CA LEU A 37 26.84 -33.85 6.59
C LEU A 37 27.83 -34.76 5.89
N HIS A 38 28.62 -34.15 5.03
CA HIS A 38 29.61 -34.87 4.27
C HIS A 38 30.87 -34.02 4.14
N ASN A 39 30.74 -32.73 4.41
CA ASN A 39 31.91 -31.87 4.56
C ASN A 39 32.14 -31.55 6.04
N LEU A 40 31.22 -32.04 6.89
CA LEU A 40 31.29 -31.90 8.36
C LEU A 40 31.21 -30.44 8.79
N ASP A 41 32.23 -29.65 8.49
CA ASP A 41 32.12 -28.22 8.68
C ASP A 41 31.36 -27.69 7.49
N GLU A 42 30.09 -27.98 7.54
CA GLU A 42 29.16 -27.75 6.44
C GLU A 42 27.80 -27.37 6.97
N ALA A 43 27.46 -27.95 8.11
CA ALA A 43 26.26 -27.61 8.83
C ALA A 43 26.51 -26.38 9.69
N VAL A 44 25.45 -25.68 10.05
CA VAL A 44 25.57 -24.48 10.84
C VAL A 44 25.78 -24.87 12.28
N LYS A 45 26.78 -24.30 12.90
CA LYS A 45 27.10 -24.68 14.25
C LYS A 45 26.42 -23.75 15.19
N PHE A 46 25.53 -24.33 15.96
CA PHE A 46 24.74 -23.54 16.87
C PHE A 46 25.28 -23.61 18.28
N ASP A 47 24.86 -22.63 19.04
CA ASP A 47 25.23 -22.47 20.43
C ASP A 47 24.03 -21.97 21.18
N MET A 48 23.86 -22.48 22.37
CA MET A 48 22.68 -22.19 23.15
C MET A 48 23.00 -21.19 24.24
N GLY A 49 22.17 -20.17 24.33
CA GLY A 49 22.29 -19.18 25.36
C GLY A 49 20.96 -18.93 26.00
N ALA A 50 20.84 -19.23 27.27
CA ALA A 50 19.54 -19.22 27.92
C ALA A 50 19.23 -17.83 28.42
N TYR A 51 17.95 -17.52 28.44
CA TYR A 51 17.49 -16.24 28.96
C TYR A 51 16.44 -16.57 30.00
N LYS A 52 16.12 -15.65 30.88
CA LYS A 52 15.18 -16.01 31.91
C LYS A 52 14.12 -14.95 32.13
N SER A 53 12.89 -15.39 31.95
CA SER A 53 11.71 -14.70 32.41
C SER A 53 10.78 -15.81 32.88
N SER A 54 9.79 -15.50 33.71
CA SER A 54 8.89 -16.55 34.14
C SER A 54 7.72 -16.65 33.18
N LYS A 55 8.04 -16.64 31.89
CA LYS A 55 7.05 -16.82 30.86
C LYS A 55 7.41 -17.99 29.93
N ASP A 56 8.06 -19.02 30.46
CA ASP A 56 8.36 -20.18 29.63
C ASP A 56 7.13 -21.07 29.57
N ASP A 57 7.30 -22.37 29.88
CA ASP A 57 6.21 -23.19 30.35
C ASP A 57 6.62 -23.88 31.64
N ALA A 58 7.37 -24.97 31.47
CA ALA A 58 7.98 -25.71 32.58
C ALA A 58 9.47 -25.99 32.30
N LYS A 59 10.04 -25.23 31.38
CA LYS A 59 11.37 -25.51 30.83
C LYS A 59 12.07 -24.22 30.48
N ILE A 60 13.38 -24.21 30.59
CA ILE A 60 14.15 -22.99 30.50
C ILE A 60 14.61 -22.83 29.06
N THR A 61 14.72 -21.58 28.65
CA THR A 61 14.73 -21.27 27.23
C THR A 61 16.06 -20.66 26.82
N VAL A 62 16.55 -21.08 25.66
CA VAL A 62 17.83 -20.61 25.16
C VAL A 62 17.69 -20.13 23.70
N ILE A 63 18.68 -19.40 23.21
CA ILE A 63 18.65 -18.88 21.87
C ILE A 63 19.64 -19.64 21.03
N LEU A 64 19.24 -20.03 19.83
CA LEU A 64 20.11 -20.80 18.97
C LEU A 64 20.72 -19.93 17.89
N ARG A 65 22.04 -19.82 17.96
CA ARG A 65 22.82 -18.92 17.13
C ARG A 65 24.03 -19.64 16.58
N ILE A 66 24.53 -19.21 15.43
CA ILE A 66 25.73 -19.81 14.89
C ILE A 66 26.94 -19.19 15.59
N SER A 67 27.80 -20.04 16.11
CA SER A 67 28.89 -19.61 17.00
C SER A 67 29.68 -18.41 16.48
N LYS A 68 29.72 -18.22 15.16
CA LYS A 68 30.50 -17.13 14.58
C LYS A 68 29.69 -15.84 14.46
N THR A 69 28.53 -15.93 13.79
CA THR A 69 27.68 -14.76 13.63
C THR A 69 26.37 -14.96 14.36
N GLN A 70 25.57 -13.93 14.50
CA GLN A 70 24.39 -14.12 15.31
C GLN A 70 23.20 -14.35 14.40
N LEU A 71 23.15 -15.58 13.88
CA LEU A 71 22.08 -16.04 13.02
C LEU A 71 21.13 -16.91 13.85
N TYR A 72 19.96 -16.37 14.17
CA TYR A 72 19.02 -17.10 15.00
C TYR A 72 17.95 -17.68 14.13
N VAL A 73 17.46 -18.86 14.46
CA VAL A 73 16.28 -19.34 13.77
C VAL A 73 15.06 -18.84 14.52
N THR A 74 14.22 -18.09 13.80
CA THR A 74 13.00 -17.53 14.38
C THR A 74 11.76 -18.29 13.91
N ALA A 75 10.64 -18.02 14.58
CA ALA A 75 9.36 -18.65 14.23
C ALA A 75 8.53 -17.71 13.37
N GLN A 76 8.05 -18.21 12.24
CA GLN A 76 7.25 -17.39 11.33
C GLN A 76 5.75 -17.62 11.54
N ASP A 77 5.22 -18.69 10.96
CA ASP A 77 3.80 -19.01 11.09
C ASP A 77 3.57 -20.50 10.86
N GLU A 78 3.83 -21.29 11.91
CA GLU A 78 3.68 -22.75 11.86
C GLU A 78 4.48 -23.31 10.70
N ASP A 79 3.86 -24.19 9.91
CA ASP A 79 4.52 -24.87 8.80
C ASP A 79 4.84 -23.87 7.69
N GLN A 80 5.96 -23.19 7.94
CA GLN A 80 6.54 -22.18 7.08
C GLN A 80 8.03 -22.10 7.44
N PRO A 81 8.93 -22.14 6.44
CA PRO A 81 10.40 -22.14 6.65
C PRO A 81 10.93 -21.08 7.61
N VAL A 82 11.81 -21.56 8.52
CA VAL A 82 12.50 -20.73 9.49
C VAL A 82 13.31 -19.64 8.82
N LEU A 83 13.20 -18.43 9.36
CA LEU A 83 13.92 -17.29 8.84
C LEU A 83 15.17 -17.00 9.67
N LEU A 84 16.33 -17.16 9.06
CA LEU A 84 17.60 -16.93 9.75
C LEU A 84 17.93 -15.44 9.79
N LYS A 85 17.86 -14.85 10.99
CA LYS A 85 18.13 -13.44 11.19
C LYS A 85 19.57 -13.21 11.61
N GLU A 86 20.12 -12.03 11.28
CA GLU A 86 21.50 -11.72 11.64
C GLU A 86 21.62 -10.33 12.27
N MET A 87 22.12 -10.31 13.50
CA MET A 87 22.30 -9.06 14.24
C MET A 87 23.61 -9.12 15.04
N PRO A 88 24.56 -8.21 14.75
CA PRO A 88 25.86 -8.16 15.43
C PRO A 88 25.76 -8.16 16.96
N GLU A 89 26.50 -9.10 17.58
CA GLU A 89 26.56 -9.27 19.04
C GLU A 89 25.25 -9.79 19.64
N ILE A 90 25.40 -10.77 20.53
CA ILE A 90 24.27 -11.37 21.24
C ILE A 90 23.72 -10.47 22.34
N PRO A 91 22.40 -10.25 22.34
CA PRO A 91 21.73 -9.48 23.40
C PRO A 91 21.82 -10.20 24.74
N LYS A 92 21.94 -9.41 25.81
CA LYS A 92 22.02 -9.95 27.16
C LYS A 92 20.66 -9.83 27.84
N THR A 93 19.88 -8.89 27.34
CA THR A 93 18.57 -8.60 27.86
C THR A 93 17.56 -8.59 26.71
N ILE A 94 16.59 -9.47 26.81
CA ILE A 94 15.71 -9.78 25.71
C ILE A 94 14.40 -9.01 25.87
N THR A 95 13.95 -8.35 24.79
CA THR A 95 12.70 -7.58 24.84
C THR A 95 11.52 -8.34 24.23
N GLY A 96 10.46 -7.59 23.87
CA GLY A 96 9.27 -8.19 23.28
C GLY A 96 9.42 -8.39 21.78
N SER A 97 10.32 -7.61 21.17
CA SER A 97 10.58 -7.71 19.74
C SER A 97 11.22 -9.05 19.43
N GLU A 98 12.17 -9.45 20.27
CA GLU A 98 12.87 -10.72 20.12
C GLU A 98 12.16 -11.80 20.90
N THR A 99 11.16 -12.42 20.28
CA THR A 99 10.40 -13.48 20.94
C THR A 99 10.22 -14.68 20.02
N ASN A 100 10.64 -14.51 18.77
CA ASN A 100 10.52 -15.56 17.77
C ASN A 100 11.75 -16.47 17.79
N LEU A 101 12.89 -15.91 18.20
CA LEU A 101 14.14 -16.67 18.26
C LEU A 101 14.36 -17.30 19.63
N LEU A 102 13.30 -17.40 20.42
CA LEU A 102 13.41 -17.99 21.75
C LEU A 102 12.92 -19.44 21.69
N PHE A 103 13.54 -20.35 22.46
CA PHE A 103 13.21 -21.75 22.28
C PHE A 103 13.13 -22.52 23.58
N PHE A 104 11.96 -23.08 23.77
CA PHE A 104 11.63 -23.90 24.92
C PHE A 104 12.10 -25.32 24.62
N TRP A 105 13.22 -25.70 25.19
CA TRP A 105 13.79 -27.01 24.85
C TRP A 105 13.42 -28.08 25.87
N GLU A 106 12.67 -29.06 25.41
CA GLU A 106 12.28 -30.18 26.24
C GLU A 106 13.11 -31.41 25.87
N THR A 107 14.02 -31.78 26.75
CA THR A 107 14.95 -32.87 26.48
C THR A 107 14.48 -34.17 27.12
N HIS A 108 14.44 -35.23 26.34
CA HIS A 108 14.07 -36.55 26.83
C HIS A 108 15.18 -37.54 26.55
N GLY A 109 16.01 -37.81 27.56
CA GLY A 109 17.12 -38.73 27.40
C GLY A 109 18.12 -38.28 26.36
N THR A 110 17.99 -38.80 25.15
CA THR A 110 18.88 -38.45 24.05
C THR A 110 18.20 -37.49 23.09
N LYS A 111 16.92 -37.72 22.82
CA LYS A 111 16.16 -36.88 21.93
C LYS A 111 15.71 -35.62 22.64
N ASN A 112 15.38 -34.62 21.87
CA ASN A 112 14.98 -33.34 22.42
C ASN A 112 14.06 -32.61 21.45
N TYR A 113 13.17 -31.80 22.00
CA TYR A 113 12.25 -31.02 21.20
C TYR A 113 12.61 -29.54 21.28
N PHE A 114 12.14 -28.78 20.31
CA PHE A 114 12.30 -27.34 20.29
C PHE A 114 10.96 -26.66 20.11
N THR A 115 10.41 -26.20 21.22
CA THR A 115 9.11 -25.56 21.24
C THR A 115 9.22 -24.05 21.10
N SER A 116 8.36 -23.46 20.28
CA SER A 116 8.34 -22.02 20.10
C SER A 116 7.73 -21.32 21.32
N VAL A 117 8.46 -20.34 21.85
CA VAL A 117 7.97 -19.55 22.97
C VAL A 117 6.99 -18.49 22.49
N ALA A 118 7.06 -18.15 21.21
CA ALA A 118 6.15 -17.17 20.62
C ALA A 118 4.75 -17.76 20.49
N HIS A 119 4.62 -18.76 19.61
CA HIS A 119 3.36 -19.45 19.41
C HIS A 119 3.51 -20.89 19.89
N PRO A 120 2.75 -21.28 20.92
CA PRO A 120 2.84 -22.60 21.57
C PRO A 120 2.73 -23.79 20.61
N ASN A 121 1.79 -23.71 19.66
CA ASN A 121 1.50 -24.85 18.79
C ASN A 121 2.62 -25.08 17.77
N LEU A 122 3.66 -24.27 17.82
CA LEU A 122 4.76 -24.40 16.88
C LEU A 122 5.86 -25.27 17.47
N PHE A 123 6.39 -26.12 16.63
CA PHE A 123 7.44 -27.05 16.97
C PHE A 123 8.35 -27.20 15.76
N ILE A 124 9.64 -27.39 15.96
CA ILE A 124 10.57 -27.38 14.84
C ILE A 124 10.65 -28.76 14.19
N ALA A 125 9.99 -28.89 13.04
CA ALA A 125 9.84 -30.16 12.35
C ALA A 125 10.93 -30.39 11.32
N THR A 126 11.18 -31.64 10.99
CA THR A 126 12.23 -31.97 10.06
C THR A 126 11.67 -32.69 8.84
N LYS A 127 12.07 -32.20 7.69
CA LYS A 127 11.60 -32.71 6.40
C LYS A 127 12.72 -33.52 5.73
N GLN A 128 12.34 -34.46 4.89
CA GLN A 128 13.31 -35.28 4.15
C GLN A 128 13.93 -34.53 2.98
N ASP A 129 13.17 -33.61 2.38
CA ASP A 129 13.63 -32.93 1.17
C ASP A 129 13.59 -31.42 1.31
N TYR A 130 12.67 -30.91 2.13
CA TYR A 130 12.50 -29.47 2.29
C TYR A 130 13.31 -28.91 3.44
N TRP A 131 13.20 -27.60 3.61
CA TRP A 131 13.91 -26.85 4.65
C TRP A 131 13.39 -27.22 6.04
N VAL A 132 14.29 -27.18 7.03
CA VAL A 132 13.91 -27.45 8.40
C VAL A 132 13.06 -26.30 8.92
N CYS A 133 11.76 -26.52 9.00
CA CYS A 133 10.84 -25.47 9.36
C CYS A 133 10.34 -25.64 10.80
N LEU A 134 9.16 -25.12 11.04
CA LEU A 134 8.46 -25.26 12.29
C LEU A 134 7.10 -25.72 11.90
N ALA A 135 6.31 -26.24 12.81
CA ALA A 135 5.07 -26.86 12.38
C ALA A 135 4.17 -27.13 13.55
N GLY A 136 2.97 -27.49 13.20
CA GLY A 136 2.19 -28.30 14.05
C GLY A 136 2.41 -29.66 13.48
N GLY A 137 2.61 -30.62 14.31
CA GLY A 137 3.14 -31.87 13.81
C GLY A 137 2.15 -33.01 13.62
N PRO A 138 1.73 -33.24 12.36
CA PRO A 138 1.30 -34.53 11.88
C PRO A 138 2.40 -35.12 10.97
N PRO A 139 2.54 -36.46 10.96
CA PRO A 139 3.72 -37.26 10.56
C PRO A 139 5.04 -36.58 10.10
N SER A 140 5.21 -35.28 10.29
CA SER A 140 6.51 -34.64 10.17
C SER A 140 7.32 -34.98 11.40
N ILE A 141 8.61 -35.20 11.24
CA ILE A 141 9.43 -35.58 12.38
C ILE A 141 9.88 -34.34 13.13
N THR A 142 9.09 -33.94 14.11
CA THR A 142 9.46 -32.81 14.93
C THR A 142 10.26 -33.32 16.15
N ASP A 143 11.07 -34.34 15.89
CA ASP A 143 12.05 -34.88 16.83
C ASP A 143 13.40 -34.27 16.58
N PHE A 144 14.21 -34.17 17.62
CA PHE A 144 15.62 -33.88 17.43
C PHE A 144 16.48 -34.71 18.35
N GLN A 145 17.77 -34.66 18.08
CA GLN A 145 18.79 -35.39 18.80
C GLN A 145 20.09 -34.65 18.56
N ILE A 146 20.93 -34.47 19.56
CA ILE A 146 22.13 -33.71 19.32
C ILE A 146 23.31 -34.63 19.04
N LEU A 147 23.76 -34.61 17.80
CA LEU A 147 24.94 -35.37 17.42
C LEU A 147 26.08 -34.44 17.00
N GLU A 148 27.21 -34.57 17.67
CA GLU A 148 28.36 -33.76 17.35
C GLU A 148 29.20 -34.42 16.25
N ASN A 149 29.93 -33.61 15.51
CA ASN A 149 30.87 -34.14 14.52
C ASN A 149 32.23 -34.34 15.18
N GLN A 150 33.14 -35.00 14.48
CA GLN A 150 34.45 -35.30 15.04
C GLN A 150 35.31 -34.05 15.09
N ALA A 151 35.46 -33.40 13.95
CA ALA A 151 36.24 -32.18 13.83
C ALA A 151 35.93 -31.48 12.52
N MET B 1 18.11 -14.46 -4.35
CA MET B 1 17.64 -14.04 -3.00
C MET B 1 17.69 -12.52 -2.85
N ALA B 2 17.98 -11.83 -3.95
CA ALA B 2 18.08 -10.38 -3.95
C ALA B 2 17.37 -9.75 -5.13
N ALA B 3 16.34 -8.97 -4.83
CA ALA B 3 15.65 -8.17 -5.82
C ALA B 3 16.56 -7.10 -6.41
N GLU B 4 17.12 -7.38 -7.59
CA GLU B 4 17.90 -6.38 -8.31
C GLU B 4 16.94 -5.36 -8.93
N PRO B 5 17.43 -4.18 -9.40
CA PRO B 5 16.57 -3.08 -9.88
C PRO B 5 15.39 -3.58 -10.72
N LEU B 6 14.26 -2.90 -10.58
CA LEU B 6 13.04 -3.40 -11.14
C LEU B 6 12.39 -2.46 -12.16
N THR B 7 11.30 -2.96 -12.72
CA THR B 7 10.42 -2.21 -13.62
C THR B 7 9.76 -1.04 -12.86
N GLU B 8 8.95 -0.21 -13.50
CA GLU B 8 8.58 1.08 -12.91
C GLU B 8 7.60 0.95 -11.74
N LEU B 9 6.49 0.24 -11.91
CA LEU B 9 5.57 0.10 -10.80
C LEU B 9 6.24 -0.67 -9.67
N GLU B 10 7.19 -1.48 -10.05
CA GLU B 10 8.00 -2.19 -9.06
C GLU B 10 8.93 -1.21 -8.39
N GLU B 11 9.49 -0.31 -9.18
CA GLU B 11 10.39 0.71 -8.65
C GLU B 11 9.67 1.43 -7.54
N SER B 12 8.39 1.65 -7.77
CA SER B 12 7.61 2.36 -6.78
C SER B 12 7.28 1.48 -5.56
N ILE B 13 6.93 0.21 -5.76
CA ILE B 13 6.60 -0.66 -4.62
C ILE B 13 7.82 -1.28 -3.92
N GLU B 14 8.87 -1.62 -4.68
CA GLU B 14 10.14 -2.07 -4.10
C GLU B 14 10.68 -1.03 -3.14
N THR B 15 10.68 0.20 -3.60
CA THR B 15 11.09 1.34 -2.81
C THR B 15 10.39 1.37 -1.43
N VAL B 16 9.14 0.95 -1.41
CA VAL B 16 8.38 0.87 -0.16
C VAL B 16 8.96 -0.19 0.75
N VAL B 17 9.49 -1.24 0.14
CA VAL B 17 10.00 -2.40 0.87
C VAL B 17 11.28 -2.05 1.59
N THR B 18 12.22 -1.48 0.83
CA THR B 18 13.58 -1.28 1.30
C THR B 18 13.62 -0.44 2.56
N THR B 19 12.87 0.65 2.55
CA THR B 19 12.82 1.53 3.72
C THR B 19 12.26 0.77 4.92
N PHE B 20 11.09 0.21 4.67
CA PHE B 20 10.39 -0.70 5.59
C PHE B 20 11.33 -1.74 6.20
N PHE B 21 12.05 -2.47 5.32
CA PHE B 21 12.96 -3.57 5.72
C PHE B 21 14.10 -3.08 6.61
N THR B 22 14.55 -1.86 6.39
CA THR B 22 15.62 -1.28 7.18
C THR B 22 15.20 -1.24 8.67
N PHE B 23 13.93 -0.97 8.92
CA PHE B 23 13.42 -0.93 10.27
C PHE B 23 12.98 -2.31 10.73
N ALA B 24 12.35 -3.06 9.84
CA ALA B 24 11.93 -4.43 10.13
C ALA B 24 13.11 -5.29 10.57
N ARG B 25 14.28 -5.03 9.97
CA ARG B 25 15.51 -5.77 10.28
C ARG B 25 16.16 -5.28 11.59
N GLN B 26 15.83 -4.06 12.01
CA GLN B 26 16.39 -3.47 13.23
C GLN B 26 16.22 -4.38 14.46
N GLU B 27 14.99 -4.72 14.79
CA GLU B 27 14.72 -5.56 15.96
C GLU B 27 14.43 -7.01 15.56
N GLY B 28 13.87 -7.77 16.50
CA GLY B 28 13.53 -9.18 16.26
C GLY B 28 12.67 -9.39 15.04
N ARG B 29 13.03 -10.39 14.24
CA ARG B 29 12.32 -10.73 13.01
C ARG B 29 12.47 -9.61 11.97
N LYS B 30 13.37 -9.82 11.03
CA LYS B 30 13.64 -8.84 9.97
C LYS B 30 12.51 -8.78 8.95
N ASP B 31 11.49 -9.60 9.13
CA ASP B 31 10.37 -9.63 8.21
C ASP B 31 9.18 -8.84 8.73
N SER B 32 9.29 -8.31 9.95
CA SER B 32 8.20 -7.54 10.55
C SER B 32 8.72 -6.48 11.53
N LEU B 33 8.04 -5.34 11.59
CA LEU B 33 8.41 -4.26 12.52
C LEU B 33 7.68 -4.47 13.84
N SER B 34 8.34 -4.16 14.95
CA SER B 34 7.75 -4.32 16.26
C SER B 34 6.90 -3.11 16.62
N VAL B 35 6.33 -3.13 17.83
CA VAL B 35 5.51 -2.02 18.30
C VAL B 35 6.37 -0.80 18.63
N ASN B 36 7.68 -1.02 18.72
CA ASN B 36 8.62 0.05 19.01
C ASN B 36 9.02 0.78 17.74
N GLU B 37 9.14 0.04 16.63
CA GLU B 37 9.51 0.63 15.34
C GLU B 37 8.34 1.39 14.74
N PHE B 38 7.12 0.96 15.09
CA PHE B 38 5.92 1.59 14.62
C PHE B 38 5.83 2.90 15.35
N LYS B 39 6.00 2.81 16.66
CA LYS B 39 5.98 3.97 17.52
C LYS B 39 7.09 4.95 17.14
N GLU B 40 8.27 4.43 16.80
CA GLU B 40 9.38 5.32 16.39
C GLU B 40 9.02 6.11 15.15
N LEU B 41 8.46 5.44 14.15
CA LEU B 41 8.14 6.10 12.89
C LEU B 41 6.95 7.00 13.05
N VAL B 42 5.97 6.55 13.79
CA VAL B 42 4.75 7.29 13.97
C VAL B 42 5.07 8.58 14.72
N THR B 43 5.80 8.43 15.82
CA THR B 43 6.29 9.55 16.60
C THR B 43 7.28 10.44 15.80
N GLN B 44 8.32 9.82 15.25
CA GLN B 44 9.41 10.54 14.63
C GLN B 44 9.16 10.84 13.15
N GLN B 45 8.81 9.81 12.38
CA GLN B 45 8.70 9.93 10.92
C GLN B 45 7.32 10.43 10.49
N LEU B 46 6.31 10.19 11.30
CA LEU B 46 4.92 10.41 10.87
C LEU B 46 4.27 11.73 11.36
N PRO B 47 4.84 12.54 12.30
CA PRO B 47 4.20 13.79 12.74
C PRO B 47 3.69 14.64 11.57
N HIS B 48 4.45 14.64 10.49
CA HIS B 48 4.06 15.36 9.29
C HIS B 48 2.96 14.61 8.54
N LEU B 49 3.12 13.30 8.43
CA LEU B 49 2.15 12.46 7.71
C LEU B 49 0.91 12.18 8.56
N LEU B 50 1.08 11.28 9.51
CA LEU B 50 0.01 10.88 10.40
C LEU B 50 0.01 11.72 11.65
N LYS B 51 -0.70 12.81 11.56
CA LYS B 51 -0.95 13.74 12.65
C LYS B 51 -1.71 13.09 13.81
N ASP B 52 -1.12 12.06 14.32
CA ASP B 52 -1.64 11.31 15.46
C ASP B 52 -0.51 10.46 16.00
N VAL B 53 0.52 11.16 16.42
CA VAL B 53 1.75 10.55 16.89
C VAL B 53 1.60 10.06 18.32
N GLY B 54 0.50 10.44 18.95
CA GLY B 54 0.24 10.03 20.31
C GLY B 54 -0.31 8.62 20.38
N SER B 55 -1.61 8.50 20.14
CA SER B 55 -2.31 7.23 20.28
C SER B 55 -2.11 6.33 19.08
N LEU B 56 -0.85 6.03 18.81
CA LEU B 56 -0.49 5.04 17.79
C LEU B 56 -1.32 3.77 17.97
N ASP B 57 -1.68 3.52 19.22
CA ASP B 57 -2.40 2.32 19.64
C ASP B 57 -3.51 1.96 18.68
N GLU B 58 -4.43 2.88 18.40
CA GLU B 58 -5.64 2.55 17.64
C GLU B 58 -5.30 1.90 16.29
N LYS B 59 -4.37 2.51 15.60
CA LYS B 59 -3.93 2.06 14.29
C LYS B 59 -3.17 0.77 14.44
N MET B 60 -2.30 0.74 15.45
CA MET B 60 -1.55 -0.45 15.80
C MET B 60 -2.49 -1.63 15.97
N LYS B 61 -3.54 -1.45 16.76
CA LYS B 61 -4.51 -2.53 17.04
C LYS B 61 -5.16 -3.03 15.75
N SER B 62 -5.45 -2.10 14.84
CA SER B 62 -6.12 -2.44 13.58
C SER B 62 -5.20 -3.31 12.70
N LEU B 63 -3.91 -3.06 12.80
CA LEU B 63 -2.90 -3.78 12.02
C LEU B 63 -2.47 -5.06 12.74
N ASP B 64 -2.19 -4.88 14.02
CA ASP B 64 -1.80 -5.94 14.94
C ASP B 64 -2.85 -7.03 15.07
N VAL B 65 -4.06 -6.73 14.56
CA VAL B 65 -5.34 -7.35 14.98
C VAL B 65 -5.28 -8.83 15.45
N ASN B 66 -4.47 -9.65 14.77
CA ASN B 66 -4.37 -11.08 15.11
C ASN B 66 -3.60 -11.29 16.41
N GLN B 67 -3.43 -10.22 17.17
CA GLN B 67 -2.70 -10.22 18.44
C GLN B 67 -1.21 -10.39 18.19
N ASP B 68 -0.86 -10.60 16.92
CA ASP B 68 0.52 -10.71 16.51
C ASP B 68 1.09 -9.31 16.37
N SER B 69 1.85 -8.89 17.37
CA SER B 69 2.47 -7.51 17.40
C SER B 69 3.73 -7.32 16.58
N GLU B 70 3.61 -7.86 15.39
CA GLU B 70 4.62 -7.80 14.35
C GLU B 70 3.91 -7.34 13.08
N LEU B 71 4.22 -6.13 12.62
CA LEU B 71 3.60 -5.55 11.49
C LEU B 71 4.08 -6.25 10.22
N LYS B 72 3.51 -7.44 10.00
CA LYS B 72 3.95 -8.34 8.95
C LYS B 72 3.26 -8.19 7.60
N PHE B 73 3.44 -9.24 6.79
CA PHE B 73 2.92 -9.35 5.43
C PHE B 73 1.49 -8.90 5.28
N ASN B 74 1.34 -7.63 4.90
CA ASN B 74 0.04 -7.01 4.63
C ASN B 74 -0.99 -7.09 5.76
N GLU B 75 -0.51 -7.27 6.98
CA GLU B 75 -1.26 -6.79 8.16
C GLU B 75 -0.98 -5.30 8.34
N TYR B 76 0.29 -4.95 8.24
CA TYR B 76 0.75 -3.55 8.25
C TYR B 76 0.03 -2.76 7.17
N TRP B 77 -0.10 -3.41 6.03
CA TRP B 77 -0.63 -2.84 4.78
C TRP B 77 -1.76 -1.85 4.96
N ARG B 78 -2.70 -2.12 5.86
CA ARG B 78 -3.81 -1.22 6.05
C ARG B 78 -3.28 0.18 6.25
N LEU B 79 -2.31 0.31 7.17
CA LEU B 79 -1.68 1.61 7.43
C LEU B 79 -0.97 2.10 6.18
N ILE B 80 -0.27 1.19 5.49
CA ILE B 80 0.48 1.53 4.28
C ILE B 80 -0.44 2.15 3.24
N GLY B 81 -1.67 1.68 3.22
CA GLY B 81 -2.64 2.22 2.31
C GLY B 81 -3.17 3.52 2.80
N GLU B 82 -3.40 3.58 4.08
CA GLU B 82 -3.78 4.81 4.71
C GLU B 82 -2.68 5.84 4.45
N LEU B 83 -1.43 5.37 4.40
CA LEU B 83 -0.26 6.24 4.18
C LEU B 83 -0.31 6.91 2.82
N ALA B 84 -0.36 6.09 1.77
CA ALA B 84 -0.35 6.60 0.40
C ALA B 84 -1.57 7.45 0.11
N LYS B 85 -2.65 7.18 0.82
CA LYS B 85 -3.85 7.96 0.69
C LYS B 85 -3.73 9.29 1.42
N GLU B 86 -3.27 9.22 2.67
CA GLU B 86 -3.13 10.39 3.52
C GLU B 86 -2.26 11.45 2.88
N ILE B 87 -1.11 11.05 2.33
CA ILE B 87 -0.24 11.99 1.63
C ILE B 87 -1.01 12.76 0.55
N ARG B 88 -2.00 12.10 -0.04
CA ARG B 88 -2.76 12.72 -1.10
C ARG B 88 -3.98 13.48 -0.56
N LYS B 89 -4.89 12.83 0.11
CA LYS B 89 -6.10 13.53 0.57
C LYS B 89 -6.10 13.72 2.07
N LYS B 90 -4.96 14.11 2.63
CA LYS B 90 -4.83 14.32 4.09
C LYS B 90 -6.04 15.07 4.65
N LYS B 91 -6.11 16.33 4.29
CA LYS B 91 -7.32 17.13 4.37
C LYS B 91 -7.37 17.94 3.09
N ASP B 92 -6.72 17.37 2.08
CA ASP B 92 -6.59 17.97 0.75
C ASP B 92 -7.92 18.09 -0.01
N LEU B 93 -8.79 18.94 0.48
CA LEU B 93 -10.05 19.25 -0.15
C LEU B 93 -10.09 20.77 -0.24
N LYS B 94 -8.90 21.32 -0.04
CA LYS B 94 -8.62 22.73 -0.08
C LYS B 94 -7.14 22.93 -0.39
N ILE B 95 -6.26 22.21 0.35
CA ILE B 95 -4.80 22.26 0.16
C ILE B 95 -4.04 21.59 1.33
N ARG B 96 -2.95 20.88 1.02
CA ARG B 96 -2.12 20.21 2.05
C ARG B 96 -0.70 19.92 1.55
N LYS B 97 -0.45 20.23 0.28
CA LYS B 97 0.89 20.06 -0.33
C LYS B 97 1.39 21.47 -0.64
N LYS B 98 2.61 21.87 -0.18
CA LYS B 98 3.00 23.25 -0.40
C LYS B 98 4.46 23.45 -0.01
N MET C 1 0.61 23.96 -3.50
CA MET C 1 -0.05 22.99 -4.41
C MET C 1 0.94 21.95 -4.91
N ALA C 2 2.14 21.95 -4.32
CA ALA C 2 3.19 21.02 -4.73
C ALA C 2 3.91 20.42 -3.53
N ALA C 3 3.78 19.11 -3.39
CA ALA C 3 4.54 18.34 -2.42
C ALA C 3 6.04 18.38 -2.71
N GLU C 4 6.75 19.24 -2.01
CA GLU C 4 8.20 19.28 -2.10
C GLU C 4 8.77 18.08 -1.32
N PRO C 5 10.07 17.74 -1.50
CA PRO C 5 10.67 16.52 -0.91
C PRO C 5 10.21 16.26 0.52
N LEU C 6 10.06 14.99 0.87
CA LEU C 6 9.42 14.64 2.09
C LEU C 6 10.29 13.83 3.04
N THR C 7 9.73 13.57 4.21
CA THR C 7 10.31 12.68 5.22
C THR C 7 10.38 11.25 4.68
N GLU C 8 10.89 10.28 5.44
CA GLU C 8 11.30 9.00 4.85
C GLU C 8 10.10 8.11 4.47
N LEU C 9 9.18 7.86 5.39
CA LEU C 9 8.02 7.05 5.03
C LEU C 9 7.20 7.75 3.96
N GLU C 10 7.31 9.06 3.94
CA GLU C 10 6.70 9.85 2.89
C GLU C 10 7.46 9.64 1.61
N GLU C 11 8.77 9.60 1.71
CA GLU C 11 9.62 9.39 0.55
C GLU C 11 9.18 8.13 -0.12
N SER C 12 8.84 7.15 0.70
CA SER C 12 8.40 5.87 0.16
C SER C 12 6.98 5.94 -0.43
N ILE C 13 6.04 6.62 0.25
CA ILE C 13 4.67 6.69 -0.28
C ILE C 13 4.47 7.77 -1.36
N GLU C 14 5.15 8.92 -1.24
CA GLU C 14 5.13 9.94 -2.29
C GLU C 14 5.60 9.35 -3.61
N THR C 15 6.71 8.63 -3.54
CA THR C 15 7.26 7.92 -4.68
C THR C 15 6.20 7.08 -5.41
N VAL C 16 5.28 6.50 -4.65
CA VAL C 16 4.20 5.71 -5.21
C VAL C 16 3.25 6.60 -6.00
N VAL C 17 3.11 7.84 -5.54
CA VAL C 17 2.18 8.78 -6.13
C VAL C 17 2.65 9.24 -7.49
N THR C 18 3.89 9.68 -7.54
CA THR C 18 4.44 10.35 -8.70
C THR C 18 4.38 9.48 -9.94
N THR C 19 4.75 8.23 -9.79
CA THR C 19 4.71 7.29 -10.90
C THR C 19 3.27 7.12 -11.37
N PHE C 20 2.46 6.77 -10.40
CA PHE C 20 1.00 6.67 -10.53
C PHE C 20 0.40 7.88 -11.29
N PHE C 21 0.72 9.09 -10.79
CA PHE C 21 0.19 10.35 -11.35
C PHE C 21 0.58 10.56 -12.80
N THR C 22 1.77 10.13 -13.17
CA THR C 22 2.25 10.25 -14.53
C THR C 22 1.29 9.52 -15.50
N PHE C 23 0.75 8.40 -15.05
CA PHE C 23 -0.17 7.63 -15.85
C PHE C 23 -1.61 8.13 -15.65
N ALA C 24 -1.95 8.44 -14.40
CA ALA C 24 -3.27 8.98 -14.07
C ALA C 24 -3.55 10.25 -14.87
N ARG C 25 -2.53 11.06 -15.12
CA ARG C 25 -2.69 12.32 -15.85
C ARG C 25 -2.76 12.11 -17.37
N GLN C 26 -2.34 10.94 -17.85
CA GLN C 26 -2.34 10.64 -19.29
C GLN C 26 -3.72 10.83 -19.94
N GLU C 27 -4.66 9.94 -19.60
CA GLU C 27 -6.01 10.00 -20.18
C GLU C 27 -6.97 10.77 -19.27
N GLY C 28 -8.28 10.56 -19.48
CA GLY C 28 -9.30 11.23 -18.69
C GLY C 28 -9.12 11.03 -17.19
N ARG C 29 -9.41 12.09 -16.43
CA ARG C 29 -9.26 12.07 -14.97
C ARG C 29 -7.80 11.91 -14.60
N LYS C 30 -7.10 13.03 -14.40
CA LYS C 30 -5.67 13.01 -14.07
C LYS C 30 -5.41 12.55 -12.63
N ASP C 31 -6.46 12.14 -11.94
CA ASP C 31 -6.33 11.69 -10.57
C ASP C 31 -6.60 10.19 -10.42
N SER C 32 -7.02 9.54 -11.51
CA SER C 32 -7.31 8.12 -11.47
C SER C 32 -7.05 7.44 -12.81
N LEU C 33 -6.57 6.20 -12.75
CA LEU C 33 -6.30 5.41 -13.98
C LEU C 33 -7.58 4.70 -14.40
N SER C 34 -7.80 4.59 -15.69
CA SER C 34 -9.00 3.93 -16.19
C SER C 34 -8.74 2.45 -16.44
N VAL C 35 -9.70 1.79 -17.10
CA VAL C 35 -9.59 0.37 -17.40
C VAL C 35 -8.56 0.13 -18.50
N ASN C 36 -8.17 1.20 -19.20
CA ASN C 36 -7.19 1.11 -20.27
C ASN C 36 -5.77 1.25 -19.72
N GLU C 37 -5.60 2.13 -18.73
CA GLU C 37 -4.30 2.35 -18.12
C GLU C 37 -3.94 1.21 -17.17
N PHE C 38 -4.97 0.55 -16.64
CA PHE C 38 -4.81 -0.56 -15.75
C PHE C 38 -4.34 -1.71 -16.61
N LYS C 39 -5.06 -1.89 -17.71
CA LYS C 39 -4.72 -2.93 -18.66
C LYS C 39 -3.32 -2.71 -19.24
N GLU C 40 -2.96 -1.45 -19.52
CA GLU C 40 -1.62 -1.17 -20.05
C GLU C 40 -0.54 -1.58 -19.06
N LEU C 41 -0.70 -1.24 -17.80
CA LEU C 41 0.30 -1.53 -16.80
C LEU C 41 0.32 -3.00 -16.48
N VAL C 42 -0.85 -3.59 -16.39
CA VAL C 42 -0.99 -4.97 -16.03
C VAL C 42 -0.36 -5.83 -17.12
N THR C 43 -0.73 -5.54 -18.36
CA THR C 43 -0.15 -6.17 -19.53
C THR C 43 1.35 -5.85 -19.69
N GLN C 44 1.70 -4.57 -19.69
CA GLN C 44 3.04 -4.11 -20.01
C GLN C 44 3.96 -4.07 -18.77
N GLN C 45 3.50 -3.40 -17.71
CA GLN C 45 4.33 -3.15 -16.54
C GLN C 45 4.31 -4.31 -15.55
N LEU C 46 3.23 -5.08 -15.54
CA LEU C 46 3.00 -6.06 -14.48
C LEU C 46 3.36 -7.53 -14.83
N PRO C 47 3.66 -7.94 -16.10
CA PRO C 47 4.01 -9.33 -16.40
C PRO C 47 5.02 -9.93 -15.41
N HIS C 48 5.96 -9.09 -14.99
CA HIS C 48 6.95 -9.50 -14.01
C HIS C 48 6.34 -9.56 -12.61
N LEU C 49 5.55 -8.54 -12.28
CA LEU C 49 4.92 -8.43 -10.96
C LEU C 49 3.71 -9.35 -10.84
N LEU C 50 2.62 -8.92 -11.46
CA LEU C 50 1.37 -9.64 -11.45
C LEU C 50 1.27 -10.54 -12.64
N LYS C 51 1.77 -11.74 -12.44
CA LYS C 51 1.71 -12.83 -13.39
C LYS C 51 0.27 -13.25 -13.72
N ASP C 52 -0.48 -12.31 -14.19
CA ASP C 52 -1.85 -12.49 -14.60
C ASP C 52 -2.24 -11.30 -15.44
N VAL C 53 -1.51 -11.17 -16.54
CA VAL C 53 -1.66 -10.04 -17.44
C VAL C 53 -2.86 -10.23 -18.35
N GLY C 54 -3.44 -11.43 -18.33
CA GLY C 54 -4.59 -11.71 -19.15
C GLY C 54 -5.86 -11.18 -18.53
N SER C 55 -6.41 -11.93 -17.59
CA SER C 55 -7.70 -11.60 -16.97
C SER C 55 -7.56 -10.52 -15.91
N LEU C 56 -7.05 -9.38 -16.33
CA LEU C 56 -7.02 -8.19 -15.49
C LEU C 56 -8.38 -7.96 -14.83
N ASP C 57 -9.42 -8.40 -15.55
CA ASP C 57 -10.82 -8.22 -15.16
C ASP C 57 -11.05 -8.47 -13.69
N GLU C 58 -10.66 -9.64 -13.18
CA GLU C 58 -11.01 -10.04 -11.82
C GLU C 58 -10.58 -8.99 -10.79
N LYS C 59 -9.34 -8.55 -10.94
CA LYS C 59 -8.74 -7.59 -10.04
C LYS C 59 -9.39 -6.24 -10.25
N MET C 60 -9.57 -5.91 -11.53
CA MET C 60 -10.26 -4.69 -11.93
C MET C 60 -11.60 -4.61 -11.23
N LYS C 61 -12.40 -5.68 -11.30
CA LYS C 61 -13.74 -5.71 -10.70
C LYS C 61 -13.66 -5.46 -9.20
N SER C 62 -12.65 -6.02 -8.56
CA SER C 62 -12.50 -5.89 -7.11
C SER C 62 -12.20 -4.44 -6.71
N LEU C 63 -11.50 -3.74 -7.59
CA LEU C 63 -11.12 -2.34 -7.36
C LEU C 63 -12.23 -1.41 -7.84
N ASP C 64 -12.68 -1.68 -9.05
CA ASP C 64 -13.76 -0.97 -9.74
C ASP C 64 -15.07 -1.00 -8.96
N VAL C 65 -15.13 -1.89 -7.95
CA VAL C 65 -16.37 -2.49 -7.39
C VAL C 65 -17.63 -1.60 -7.42
N ASN C 66 -17.48 -0.29 -7.27
CA ASN C 66 -18.62 0.62 -7.31
C ASN C 66 -19.03 0.93 -8.77
N GLN C 67 -18.50 0.15 -9.74
CA GLN C 67 -18.79 0.38 -11.16
C GLN C 67 -18.25 1.75 -11.47
N ASP C 68 -17.04 1.94 -10.94
CA ASP C 68 -16.26 3.15 -11.14
C ASP C 68 -14.98 2.74 -11.86
N SER C 69 -14.98 2.86 -13.20
CA SER C 69 -13.83 2.50 -14.03
C SER C 69 -12.56 3.22 -13.58
N GLU C 70 -12.75 4.35 -12.92
CA GLU C 70 -11.64 5.14 -12.42
C GLU C 70 -11.12 4.57 -11.10
N LEU C 71 -9.90 4.02 -11.16
CA LEU C 71 -9.26 3.48 -10.00
C LEU C 71 -8.74 4.62 -9.11
N LYS C 72 -9.69 5.23 -8.41
CA LYS C 72 -9.46 6.44 -7.63
C LYS C 72 -8.89 6.23 -6.24
N PHE C 73 -9.02 7.30 -5.45
CA PHE C 73 -8.55 7.41 -4.07
C PHE C 73 -8.81 6.15 -3.24
N ASN C 74 -7.79 5.31 -3.17
CA ASN C 74 -7.80 4.08 -2.38
C ASN C 74 -8.97 3.12 -2.64
N GLU C 75 -9.57 3.22 -3.81
CA GLU C 75 -10.25 2.06 -4.41
C GLU C 75 -9.19 1.18 -5.10
N TYR C 76 -8.31 1.83 -5.85
CA TYR C 76 -7.15 1.21 -6.49
C TYR C 76 -6.33 0.48 -5.44
N TRP C 77 -6.18 1.15 -4.31
CA TRP C 77 -5.32 0.75 -3.19
C TRP C 77 -5.25 -0.73 -2.93
N ARG C 78 -6.38 -1.44 -3.01
CA ARG C 78 -6.37 -2.86 -2.75
C ARG C 78 -5.28 -3.51 -3.58
N LEU C 79 -5.27 -3.19 -4.88
CA LEU C 79 -4.25 -3.71 -5.77
C LEU C 79 -2.87 -3.22 -5.35
N ILE C 80 -2.80 -1.93 -4.99
CA ILE C 80 -1.53 -1.32 -4.58
C ILE C 80 -0.93 -2.07 -3.39
N GLY C 81 -1.80 -2.58 -2.54
CA GLY C 81 -1.35 -3.35 -1.41
C GLY C 81 -0.97 -4.74 -1.82
N GLU C 82 -1.77 -5.29 -2.71
CA GLU C 82 -1.45 -6.56 -3.29
C GLU C 82 -0.10 -6.44 -4.01
N LEU C 83 0.18 -5.26 -4.56
CA LEU C 83 1.42 -4.99 -5.29
C LEU C 83 2.64 -5.10 -4.38
N ALA C 84 2.65 -4.28 -3.32
CA ALA C 84 3.78 -4.23 -2.40
C ALA C 84 3.97 -5.57 -1.70
N LYS C 85 2.90 -6.31 -1.55
CA LYS C 85 2.97 -7.62 -0.95
C LYS C 85 3.52 -8.63 -1.93
N GLU C 86 2.96 -8.63 -3.15
CA GLU C 86 3.35 -9.57 -4.19
C GLU C 86 4.84 -9.52 -4.48
N ILE C 87 5.40 -8.32 -4.61
CA ILE C 87 6.84 -8.17 -4.81
C ILE C 87 7.63 -8.91 -3.73
N ARG C 88 7.07 -8.97 -2.53
CA ARG C 88 7.75 -9.62 -1.43
C ARG C 88 7.42 -11.10 -1.34
N LYS C 89 6.13 -11.46 -1.24
CA LYS C 89 5.79 -12.85 -0.98
C LYS C 89 5.38 -13.60 -2.24
N LYS C 90 5.70 -13.05 -3.42
CA LYS C 90 5.19 -13.57 -4.70
C LYS C 90 5.10 -15.09 -4.68
N LYS C 91 6.26 -15.71 -4.69
CA LYS C 91 6.43 -17.10 -4.28
C LYS C 91 7.69 -17.13 -3.44
N ASP C 92 8.04 -15.95 -2.94
CA ASP C 92 9.28 -15.78 -2.15
C ASP C 92 9.16 -16.28 -0.71
N LEU C 93 8.71 -17.50 -0.57
CA LEU C 93 8.64 -18.15 0.73
C LEU C 93 9.74 -19.21 0.72
N LYS C 94 10.35 -19.30 -0.47
CA LYS C 94 11.45 -20.20 -0.76
C LYS C 94 12.45 -19.47 -1.65
N ILE C 95 11.92 -18.72 -2.64
CA ILE C 95 12.75 -17.94 -3.57
C ILE C 95 11.91 -17.37 -4.74
N ARG C 96 12.24 -16.14 -5.15
CA ARG C 96 11.59 -15.46 -6.27
C ARG C 96 12.50 -14.35 -6.78
N LYS C 97 12.99 -13.51 -5.86
CA LYS C 97 13.92 -12.43 -6.21
C LYS C 97 15.29 -13.05 -6.46
N LYS C 98 16.04 -12.51 -7.43
CA LYS C 98 17.33 -13.07 -7.79
C LYS C 98 18.02 -12.18 -8.80
N ASN D 1 -16.92 -1.23 -30.66
CA ASN D 1 -17.40 -1.01 -29.28
C ASN D 1 -18.56 -0.02 -29.32
N VAL D 2 -19.07 0.39 -28.17
CA VAL D 2 -20.11 1.40 -28.15
C VAL D 2 -19.47 2.75 -27.97
N LYS D 3 -19.71 3.64 -28.92
CA LYS D 3 -19.18 4.97 -28.85
C LYS D 3 -20.27 5.94 -28.44
N TYR D 4 -19.89 6.97 -27.71
CA TYR D 4 -20.80 8.04 -27.42
C TYR D 4 -20.46 9.17 -28.36
N ASN D 5 -21.34 9.43 -29.29
CA ASN D 5 -21.00 10.24 -30.44
C ASN D 5 -21.47 11.65 -30.24
N PHE D 6 -20.64 12.59 -30.64
CA PHE D 6 -20.91 14.00 -30.39
C PHE D 6 -22.19 14.41 -31.10
N MET D 7 -23.05 15.05 -30.33
CA MET D 7 -24.40 15.38 -30.75
C MET D 7 -24.43 16.77 -31.37
N ARG D 8 -24.15 17.82 -30.60
CA ARG D 8 -24.18 19.15 -31.18
C ARG D 8 -23.41 20.16 -30.35
N ILE D 9 -22.83 21.13 -31.05
CA ILE D 9 -22.11 22.24 -30.46
C ILE D 9 -23.06 23.34 -30.02
N ILE D 10 -23.07 23.62 -28.74
CA ILE D 10 -23.91 24.65 -28.19
C ILE D 10 -23.13 25.96 -28.25
N LYS D 11 -23.04 26.63 -27.13
CA LYS D 11 -22.48 27.97 -27.08
C LYS D 11 -21.08 27.90 -26.53
N TYR D 12 -20.30 28.93 -26.76
CA TYR D 12 -18.88 28.85 -26.46
C TYR D 12 -18.33 30.16 -25.97
N GLU D 13 -17.26 30.05 -25.18
CA GLU D 13 -16.58 31.17 -24.52
C GLU D 13 -17.56 32.06 -23.75
N PHE D 14 -18.63 31.46 -23.26
CA PHE D 14 -19.56 32.13 -22.38
C PHE D 14 -19.34 31.68 -20.94
N ILE D 15 -19.50 32.59 -20.00
CA ILE D 15 -19.20 32.27 -18.61
C ILE D 15 -20.47 32.17 -17.77
N LEU D 16 -20.47 31.18 -16.89
CA LEU D 16 -21.57 30.93 -15.98
C LEU D 16 -21.25 31.45 -14.59
N ASN D 17 -22.21 32.13 -14.01
CA ASN D 17 -22.13 32.64 -12.65
C ASN D 17 -23.32 32.12 -11.89
N ASP D 18 -23.15 31.88 -10.61
CA ASP D 18 -24.15 31.18 -9.81
C ASP D 18 -25.06 32.17 -9.11
N ALA D 19 -25.96 31.69 -8.26
CA ALA D 19 -26.86 32.57 -7.52
C ALA D 19 -26.10 33.49 -6.57
N LEU D 20 -24.84 33.15 -6.26
CA LEU D 20 -23.98 34.02 -5.45
C LEU D 20 -23.50 35.14 -6.35
N ASN D 21 -23.65 34.88 -7.63
CA ASN D 21 -23.20 35.74 -8.71
C ASN D 21 -21.70 35.95 -8.62
N GLN D 22 -20.99 34.92 -9.03
CA GLN D 22 -19.54 34.95 -9.05
C GLN D 22 -19.04 34.32 -10.33
N SER D 23 -18.25 35.06 -11.06
CA SER D 23 -17.68 34.56 -12.29
C SER D 23 -16.67 33.48 -11.99
N ILE D 24 -16.77 32.39 -12.72
CA ILE D 24 -15.84 31.30 -12.51
C ILE D 24 -14.46 31.70 -13.02
N ILE D 25 -13.61 32.18 -12.11
CA ILE D 25 -12.37 32.82 -12.51
C ILE D 25 -11.20 31.83 -12.44
N ARG D 26 -10.25 32.02 -13.34
CA ARG D 26 -9.12 31.12 -13.45
C ARG D 26 -8.04 31.50 -12.45
N ALA D 27 -7.85 30.67 -11.44
CA ALA D 27 -6.79 30.88 -10.47
C ALA D 27 -5.56 30.09 -10.86
N ASN D 28 -5.82 28.86 -11.32
CA ASN D 28 -4.78 27.95 -11.76
C ASN D 28 -5.36 26.95 -12.77
N ASP D 29 -4.52 26.08 -13.31
CA ASP D 29 -4.97 25.07 -14.27
C ASP D 29 -5.42 23.80 -13.55
N GLN D 30 -5.72 23.93 -12.26
CA GLN D 30 -6.17 22.81 -11.44
C GLN D 30 -7.23 23.27 -10.45
N TYR D 31 -7.08 24.51 -9.98
CA TYR D 31 -8.02 25.08 -9.01
C TYR D 31 -8.68 26.35 -9.55
N LEU D 32 -9.98 26.48 -9.34
CA LEU D 32 -10.74 27.63 -9.79
C LEU D 32 -11.65 28.15 -8.68
N THR D 33 -11.65 29.46 -8.50
CA THR D 33 -12.46 30.11 -7.49
C THR D 33 -13.46 31.05 -8.16
N ALA D 34 -14.66 31.14 -7.61
CA ALA D 34 -15.67 32.00 -8.19
C ALA D 34 -15.57 33.40 -7.58
N ALA D 35 -15.45 34.38 -8.45
CA ALA D 35 -15.39 35.78 -8.06
C ALA D 35 -15.89 36.63 -9.21
N ALA D 36 -16.62 37.68 -8.92
CA ALA D 36 -17.16 38.54 -9.95
C ALA D 36 -16.00 39.11 -10.79
N LEU D 37 -16.10 38.97 -12.11
CA LEU D 37 -15.00 39.37 -12.97
C LEU D 37 -14.78 40.87 -12.92
N HIS D 38 -13.55 41.25 -13.12
CA HIS D 38 -13.16 42.64 -13.08
C HIS D 38 -12.13 42.92 -14.17
N ASN D 39 -11.51 41.84 -14.68
CA ASN D 39 -10.68 41.95 -15.87
C ASN D 39 -11.42 41.37 -17.08
N LEU D 40 -12.62 40.83 -16.81
CA LEU D 40 -13.52 40.26 -17.85
C LEU D 40 -12.90 39.06 -18.55
N ASP D 41 -11.85 39.28 -19.33
CA ASP D 41 -11.09 38.16 -19.85
C ASP D 41 -10.17 37.72 -18.74
N GLU D 42 -10.81 37.08 -17.78
CA GLU D 42 -10.19 36.72 -16.52
C GLU D 42 -10.76 35.40 -16.02
N ALA D 43 -12.02 35.19 -16.33
CA ALA D 43 -12.70 33.94 -16.05
C ALA D 43 -12.41 32.96 -17.18
N VAL D 44 -12.56 31.68 -16.91
CA VAL D 44 -12.28 30.66 -17.89
C VAL D 44 -13.46 30.56 -18.83
N LYS D 45 -13.20 30.60 -20.12
CA LYS D 45 -14.27 30.60 -21.07
C LYS D 45 -14.53 29.20 -21.49
N PHE D 46 -15.73 28.76 -21.18
CA PHE D 46 -16.10 27.40 -21.47
C PHE D 46 -16.95 27.32 -22.72
N ASP D 47 -16.97 26.12 -23.23
CA ASP D 47 -17.72 25.76 -24.43
C ASP D 47 -18.29 24.39 -24.23
N MET D 48 -19.50 24.22 -24.71
CA MET D 48 -20.23 23.00 -24.48
C MET D 48 -20.22 22.14 -25.73
N GLY D 49 -19.91 20.88 -25.54
CA GLY D 49 -19.94 19.92 -26.61
C GLY D 49 -20.65 18.67 -26.17
N ALA D 50 -21.76 18.37 -26.79
CA ALA D 50 -22.62 17.31 -26.31
C ALA D 50 -22.16 15.98 -26.87
N TYR D 51 -22.38 14.94 -26.09
CA TYR D 51 -22.07 13.59 -26.53
C TYR D 51 -23.34 12.79 -26.34
N LYS D 52 -23.46 11.66 -26.99
CA LYS D 52 -24.70 10.93 -26.87
C LYS D 52 -24.51 9.45 -26.63
N SER D 53 -25.06 9.04 -25.51
CA SER D 53 -25.33 7.65 -25.20
C SER D 53 -26.67 7.65 -24.49
N SER D 54 -27.36 6.53 -24.43
CA SER D 54 -28.63 6.51 -23.73
C SER D 54 -28.40 6.16 -22.26
N LYS D 55 -27.40 6.81 -21.68
CA LYS D 55 -27.13 6.65 -20.27
C LYS D 55 -27.14 8.00 -19.55
N ASP D 56 -27.95 8.94 -19.99
CA ASP D 56 -28.03 10.21 -19.29
C ASP D 56 -28.97 10.07 -18.10
N ASP D 57 -29.96 10.95 -17.98
CA ASP D 57 -31.17 10.66 -17.25
C ASP D 57 -32.37 10.96 -18.13
N ALA D 58 -32.72 12.25 -18.17
CA ALA D 58 -33.77 12.76 -19.06
C ALA D 58 -33.28 13.99 -19.84
N LYS D 59 -31.96 14.16 -19.90
CA LYS D 59 -31.33 15.39 -20.38
C LYS D 59 -30.03 15.07 -21.07
N ILE D 60 -29.68 15.87 -22.06
CA ILE D 60 -28.57 15.56 -22.95
C ILE D 60 -27.33 16.23 -22.41
N THR D 61 -26.21 15.60 -22.62
CA THR D 61 -25.02 15.87 -21.84
C THR D 61 -23.90 16.44 -22.70
N VAL D 62 -23.22 17.44 -22.17
CA VAL D 62 -22.16 18.12 -22.90
C VAL D 62 -20.90 18.20 -22.03
N ILE D 63 -19.76 18.49 -22.66
CA ILE D 63 -18.50 18.58 -21.95
C ILE D 63 -18.10 20.03 -21.85
N LEU D 64 -17.65 20.45 -20.69
CA LEU D 64 -17.28 21.84 -20.48
C LEU D 64 -15.77 22.00 -20.52
N ARG D 65 -15.32 22.76 -21.51
CA ARG D 65 -13.92 22.92 -21.82
C ARG D 65 -13.62 24.38 -22.08
N ILE D 66 -12.38 24.80 -21.84
CA ILE D 66 -12.00 26.17 -22.13
C ILE D 66 -11.69 26.27 -23.62
N SER D 67 -12.32 27.23 -24.28
CA SER D 67 -12.31 27.33 -25.74
C SER D 67 -10.91 27.18 -26.36
N LYS D 68 -9.86 27.52 -25.61
CA LYS D 68 -8.51 27.48 -26.15
C LYS D 68 -7.86 26.11 -25.92
N THR D 69 -7.82 25.67 -24.68
CA THR D 69 -7.23 24.37 -24.35
C THR D 69 -8.29 23.41 -23.85
N GLN D 70 -7.98 22.16 -23.72
CA GLN D 70 -9.05 21.25 -23.35
C GLN D 70 -8.95 20.96 -21.86
N LEU D 71 -9.40 21.94 -21.09
CA LEU D 71 -9.45 21.86 -19.65
C LEU D 71 -10.89 21.58 -19.22
N TYR D 72 -11.15 20.35 -18.79
CA TYR D 72 -12.50 19.96 -18.43
C TYR D 72 -12.62 19.98 -16.93
N VAL D 73 -13.76 20.36 -16.41
CA VAL D 73 -13.98 20.17 -14.99
C VAL D 73 -14.56 18.78 -14.79
N THR D 74 -13.84 17.97 -14.00
CA THR D 74 -14.27 16.61 -13.71
C THR D 74 -14.89 16.52 -12.32
N ALA D 75 -15.82 15.58 -12.16
CA ALA D 75 -16.47 15.37 -10.87
C ALA D 75 -15.67 14.38 -10.04
N GLN D 76 -15.11 14.85 -8.93
CA GLN D 76 -14.30 14.01 -8.05
C GLN D 76 -15.17 13.08 -7.20
N ASP D 77 -15.55 13.52 -6.01
CA ASP D 77 -16.38 12.73 -5.11
C ASP D 77 -16.92 13.59 -3.97
N GLU D 78 -18.24 13.77 -3.95
CA GLU D 78 -18.89 14.59 -2.92
C GLU D 78 -18.33 16.00 -2.93
N ASP D 79 -18.08 16.55 -1.73
CA ASP D 79 -17.57 17.91 -1.58
C ASP D 79 -16.05 17.96 -1.66
N GLN D 80 -15.53 17.97 -2.88
CA GLN D 80 -14.10 18.06 -3.12
C GLN D 80 -13.83 18.95 -4.32
N PRO D 81 -12.83 19.84 -4.21
CA PRO D 81 -12.46 20.80 -5.26
C PRO D 81 -12.23 20.15 -6.61
N VAL D 82 -12.98 20.64 -7.60
CA VAL D 82 -12.87 20.19 -8.98
C VAL D 82 -11.44 20.28 -9.49
N LEU D 83 -11.01 19.23 -10.17
CA LEU D 83 -9.67 19.18 -10.72
C LEU D 83 -9.71 19.41 -12.22
N LEU D 84 -9.08 20.48 -12.66
CA LEU D 84 -9.05 20.84 -14.07
C LEU D 84 -8.03 19.98 -14.83
N LYS D 85 -8.52 19.16 -15.75
CA LYS D 85 -7.65 18.27 -16.53
C LYS D 85 -7.40 18.83 -17.93
N GLU D 86 -6.15 18.72 -18.39
CA GLU D 86 -5.80 19.22 -19.72
C GLU D 86 -5.28 18.09 -20.61
N MET D 87 -5.90 17.93 -21.77
CA MET D 87 -5.50 16.90 -22.72
C MET D 87 -5.61 17.44 -24.15
N PRO D 88 -4.49 17.42 -24.89
CA PRO D 88 -4.42 17.90 -26.28
C PRO D 88 -5.49 17.30 -27.18
N GLU D 89 -6.24 18.19 -27.84
CA GLU D 89 -7.26 17.82 -28.83
C GLU D 89 -8.49 17.18 -28.20
N ILE D 90 -9.66 17.64 -28.64
CA ILE D 90 -10.96 17.13 -28.19
C ILE D 90 -11.28 15.77 -28.78
N PRO D 91 -11.64 14.79 -27.93
CA PRO D 91 -12.07 13.47 -28.39
C PRO D 91 -13.39 13.55 -29.17
N LYS D 92 -13.52 12.70 -30.18
CA LYS D 92 -14.72 12.64 -31.00
C LYS D 92 -15.58 11.48 -30.55
N THR D 93 -14.94 10.52 -29.91
CA THR D 93 -15.59 9.32 -29.44
C THR D 93 -15.23 9.12 -27.97
N ILE D 94 -16.25 9.10 -27.14
CA ILE D 94 -16.08 9.15 -25.71
C ILE D 94 -16.18 7.76 -25.10
N THR D 95 -15.12 7.41 -24.41
CA THR D 95 -15.02 6.14 -23.76
C THR D 95 -15.30 6.33 -22.29
N GLY D 96 -15.48 5.22 -21.58
CA GLY D 96 -15.77 5.27 -20.15
C GLY D 96 -14.55 5.64 -19.30
N SER D 97 -13.68 6.48 -19.84
CA SER D 97 -12.49 6.94 -19.13
C SER D 97 -12.64 8.40 -18.75
N GLU D 98 -13.49 9.09 -19.50
CA GLU D 98 -13.76 10.51 -19.29
C GLU D 98 -15.21 10.74 -18.89
N THR D 99 -15.71 9.90 -17.99
CA THR D 99 -17.10 10.00 -17.53
C THR D 99 -17.25 11.03 -16.40
N ASN D 100 -16.14 11.60 -15.95
CA ASN D 100 -16.16 12.58 -14.87
C ASN D 100 -16.42 13.98 -15.41
N LEU D 101 -15.92 14.27 -16.61
CA LEU D 101 -16.08 15.58 -17.22
C LEU D 101 -17.38 15.68 -18.02
N LEU D 102 -18.31 14.76 -17.75
CA LEU D 102 -19.59 14.78 -18.45
C LEU D 102 -20.64 15.45 -17.57
N PHE D 103 -21.57 16.20 -18.16
CA PHE D 103 -22.45 17.00 -17.32
C PHE D 103 -23.89 17.01 -17.80
N PHE D 104 -24.74 16.56 -16.91
CA PHE D 104 -26.17 16.51 -17.12
C PHE D 104 -26.74 17.87 -16.75
N TRP D 105 -27.05 18.68 -17.74
CA TRP D 105 -27.48 20.04 -17.47
C TRP D 105 -28.99 20.17 -17.48
N GLU D 106 -29.54 20.48 -16.31
CA GLU D 106 -30.97 20.70 -16.16
C GLU D 106 -31.25 22.21 -16.08
N THR D 107 -31.84 22.76 -17.12
CA THR D 107 -32.07 24.19 -17.21
C THR D 107 -33.51 24.54 -16.82
N HIS D 108 -33.66 25.50 -15.93
CA HIS D 108 -34.97 25.98 -15.50
C HIS D 108 -35.09 27.47 -15.75
N GLY D 109 -35.70 27.85 -16.86
CA GLY D 109 -35.85 29.24 -17.20
C GLY D 109 -34.53 29.96 -17.40
N THR D 110 -34.08 30.63 -16.36
CA THR D 110 -32.81 31.36 -16.41
C THR D 110 -31.71 30.58 -15.67
N LYS D 111 -32.07 30.00 -14.54
CA LYS D 111 -31.13 29.24 -13.75
C LYS D 111 -30.94 27.85 -14.34
N ASN D 112 -29.85 27.23 -13.97
CA ASN D 112 -29.52 25.91 -14.50
C ASN D 112 -28.65 25.15 -13.52
N TYR D 113 -28.78 23.83 -13.54
CA TYR D 113 -27.99 22.98 -12.68
C TYR D 113 -26.98 22.19 -13.50
N PHE D 114 -25.95 21.69 -12.83
CA PHE D 114 -24.96 20.84 -13.45
C PHE D 114 -24.79 19.56 -12.64
N THR D 115 -25.43 18.51 -13.14
CA THR D 115 -25.45 17.22 -12.48
C THR D 115 -24.31 16.33 -13.00
N SER D 116 -23.63 15.64 -12.09
CA SER D 116 -22.57 14.72 -12.49
C SER D 116 -23.15 13.44 -13.07
N VAL D 117 -22.67 13.08 -14.26
CA VAL D 117 -23.10 11.84 -14.92
C VAL D 117 -22.37 10.64 -14.30
N ALA D 118 -21.24 10.91 -13.65
CA ALA D 118 -20.46 9.86 -13.00
C ALA D 118 -21.15 9.43 -11.70
N HIS D 119 -21.07 10.29 -10.69
CA HIS D 119 -21.72 10.05 -9.41
C HIS D 119 -22.94 10.95 -9.30
N PRO D 120 -24.15 10.34 -9.29
CA PRO D 120 -25.43 11.07 -9.28
C PRO D 120 -25.55 12.12 -8.18
N ASN D 121 -25.11 11.78 -6.97
CA ASN D 121 -25.32 12.66 -5.81
C ASN D 121 -24.43 13.91 -5.87
N LEU D 122 -23.62 14.01 -6.93
CA LEU D 122 -22.70 15.13 -7.11
C LEU D 122 -23.34 16.25 -7.92
N PHE D 123 -23.20 17.47 -7.42
CA PHE D 123 -23.73 18.66 -8.03
C PHE D 123 -22.72 19.77 -7.86
N ILE D 124 -22.61 20.68 -8.81
CA ILE D 124 -21.54 21.67 -8.78
C ILE D 124 -21.96 22.87 -7.93
N ALA D 125 -21.42 22.93 -6.71
CA ALA D 125 -21.80 23.93 -5.72
C ALA D 125 -20.90 25.14 -5.77
N THR D 126 -21.41 26.27 -5.28
CA THR D 126 -20.66 27.50 -5.32
C THR D 126 -20.44 28.05 -3.91
N LYS D 127 -19.19 28.37 -3.65
CA LYS D 127 -18.76 28.86 -2.35
C LYS D 127 -18.47 30.36 -2.42
N GLN D 128 -18.61 31.04 -1.29
CA GLN D 128 -18.34 32.48 -1.22
C GLN D 128 -16.85 32.79 -1.19
N ASP D 129 -16.06 31.88 -0.63
CA ASP D 129 -14.63 32.14 -0.44
C ASP D 129 -13.76 31.06 -1.05
N TYR D 130 -14.28 29.84 -1.09
CA TYR D 130 -13.51 28.71 -1.60
C TYR D 130 -13.72 28.46 -3.09
N TRP D 131 -13.03 27.42 -3.57
CA TRP D 131 -13.08 27.01 -4.96
C TRP D 131 -14.44 26.45 -5.34
N VAL D 132 -14.85 26.66 -6.59
CA VAL D 132 -16.10 26.12 -7.07
C VAL D 132 -15.97 24.60 -7.21
N CYS D 133 -16.55 23.88 -6.26
CA CYS D 133 -16.40 22.45 -6.21
C CYS D 133 -17.66 21.73 -6.68
N LEU D 134 -17.83 20.52 -6.19
CA LEU D 134 -19.01 19.73 -6.43
C LEU D 134 -19.42 19.29 -5.06
N ALA D 135 -20.63 18.81 -4.87
CA ALA D 135 -21.09 18.57 -3.53
C ALA D 135 -22.36 17.77 -3.51
N GLY D 136 -22.69 17.34 -2.33
CA GLY D 136 -24.03 17.09 -2.02
C GLY D 136 -24.44 18.34 -1.34
N GLY D 137 -25.59 18.82 -1.64
CA GLY D 137 -25.90 20.19 -1.27
C GLY D 137 -26.79 20.38 -0.05
N PRO D 138 -26.18 20.71 1.10
CA PRO D 138 -26.80 21.47 2.17
C PRO D 138 -26.22 22.89 2.17
N PRO D 139 -27.04 23.89 2.55
CA PRO D 139 -26.93 25.35 2.25
C PRO D 139 -25.79 25.90 1.36
N SER D 140 -25.02 25.07 0.66
CA SER D 140 -24.16 25.52 -0.40
C SER D 140 -25.00 25.84 -1.61
N ILE D 141 -24.66 26.89 -2.35
CA ILE D 141 -25.47 27.28 -3.49
C ILE D 141 -25.07 26.46 -4.70
N THR D 142 -25.73 25.34 -4.90
CA THR D 142 -25.47 24.53 -6.06
C THR D 142 -26.42 24.98 -7.20
N ASP D 143 -26.66 26.28 -7.23
CA ASP D 143 -27.40 26.94 -8.31
C ASP D 143 -26.43 27.50 -9.33
N PHE D 144 -26.86 27.59 -10.57
CA PHE D 144 -26.13 28.38 -11.55
C PHE D 144 -27.08 29.18 -12.43
N GLN D 145 -26.48 30.07 -13.18
CA GLN D 145 -27.16 30.97 -14.08
C GLN D 145 -26.13 31.41 -15.12
N ILE D 146 -26.48 31.48 -16.37
CA ILE D 146 -25.47 31.83 -17.35
C ILE D 146 -25.54 33.31 -17.67
N LEU D 147 -24.52 34.03 -17.23
CA LEU D 147 -24.39 35.45 -17.57
C LEU D 147 -23.17 35.72 -18.43
N GLU D 148 -23.39 36.29 -19.59
CA GLU D 148 -22.30 36.60 -20.50
C GLU D 148 -21.72 37.98 -20.16
N ASN D 149 -20.46 38.19 -20.52
CA ASN D 149 -19.82 39.48 -20.38
C ASN D 149 -20.03 40.28 -21.67
N GLN D 150 -19.70 41.55 -21.64
CA GLN D 150 -19.92 42.42 -22.79
C GLN D 150 -18.89 42.12 -23.88
N ALA D 151 -17.62 42.18 -23.51
CA ALA D 151 -16.52 41.90 -24.42
C ALA D 151 -15.23 41.70 -23.64
N ASN A 1 10.65 -1.45 32.89
CA ASN A 1 9.75 -2.37 32.15
C ASN A 1 10.01 -3.79 32.65
N VAL A 2 9.36 -4.78 32.06
CA VAL A 2 9.62 -6.15 32.44
C VAL A 2 10.68 -6.71 31.50
N LYS A 3 11.78 -7.15 32.08
CA LYS A 3 12.84 -7.74 31.29
C LYS A 3 12.82 -9.24 31.44
N TYR A 4 13.20 -9.92 30.39
CA TYR A 4 13.39 -11.36 30.46
C TYR A 4 14.87 -11.58 30.58
N ASN A 5 15.30 -12.04 31.74
CA ASN A 5 16.70 -11.98 32.11
C ASN A 5 17.35 -13.32 31.85
N PHE A 6 18.56 -13.28 31.33
CA PHE A 6 19.24 -14.50 30.93
C PHE A 6 19.48 -15.38 32.14
N MET A 7 19.10 -16.64 31.97
CA MET A 7 19.06 -17.61 33.04
C MET A 7 20.37 -18.37 33.11
N ARG A 8 20.70 -19.16 32.08
CA ARG A 8 21.96 -19.89 32.13
C ARG A 8 22.42 -20.34 30.76
N ILE A 9 23.74 -20.38 30.61
CA ILE A 9 24.40 -20.85 29.40
C ILE A 9 24.49 -22.37 29.40
N ILE A 10 23.87 -22.99 28.42
CA ILE A 10 23.90 -24.43 28.27
C ILE A 10 25.13 -24.79 27.44
N LYS A 11 24.91 -25.55 26.40
CA LYS A 11 26.00 -26.12 25.63
C LYS A 11 26.15 -25.32 24.35
N TYR A 12 27.29 -25.43 23.70
CA TYR A 12 27.59 -24.54 22.59
C TYR A 12 28.38 -25.23 21.50
N GLU A 13 28.22 -24.72 20.29
CA GLU A 13 28.83 -25.25 19.08
C GLU A 13 28.57 -26.75 18.90
N PHE A 14 27.45 -27.20 19.43
CA PHE A 14 26.99 -28.57 19.22
C PHE A 14 25.86 -28.58 18.20
N ILE A 15 25.83 -29.61 17.37
CA ILE A 15 24.86 -29.66 16.29
C ILE A 15 23.76 -30.70 16.55
N LEU A 16 22.54 -30.31 16.22
CA LEU A 16 21.39 -31.17 16.35
C LEU A 16 20.99 -31.76 15.01
N ASN A 17 20.70 -33.04 15.03
CA ASN A 17 20.23 -33.79 13.88
C ASN A 17 18.93 -34.47 14.27
N ASP A 18 18.04 -34.61 13.31
CA ASP A 18 16.67 -35.05 13.60
C ASP A 18 16.57 -36.56 13.41
N ALA A 19 15.36 -37.09 13.54
CA ALA A 19 15.14 -38.52 13.35
C ALA A 19 15.45 -38.96 11.92
N LEU A 20 15.52 -38.01 10.98
CA LEU A 20 15.93 -38.30 9.61
C LEU A 20 17.44 -38.46 9.60
N ASN A 21 18.01 -37.95 10.69
CA ASN A 21 19.44 -37.89 10.90
C ASN A 21 20.09 -37.07 9.81
N GLN A 22 19.93 -35.77 9.93
CA GLN A 22 20.52 -34.83 9.00
C GLN A 22 21.10 -33.66 9.76
N SER A 23 22.36 -33.39 9.54
CA SER A 23 23.02 -32.29 10.18
C SER A 23 22.48 -30.99 9.63
N ILE A 24 22.17 -30.08 10.52
CA ILE A 24 21.66 -28.79 10.08
C ILE A 24 22.78 -28.00 9.43
N ILE A 25 22.86 -28.05 8.11
CA ILE A 25 24.02 -27.55 7.39
C ILE A 25 23.76 -26.14 6.87
N ARG A 26 24.81 -25.34 6.82
CA ARG A 26 24.71 -23.95 6.44
C ARG A 26 24.76 -23.83 4.92
N ALA A 27 23.63 -23.47 4.32
CA ALA A 27 23.58 -23.24 2.88
C ALA A 27 23.76 -21.76 2.60
N ASN A 28 23.15 -20.95 3.45
CA ASN A 28 23.22 -19.49 3.35
C ASN A 28 22.97 -18.85 4.71
N ASP A 29 23.08 -17.53 4.79
CA ASP A 29 22.85 -16.81 6.05
C ASP A 29 21.37 -16.44 6.18
N GLN A 30 20.53 -17.11 5.42
CA GLN A 30 19.09 -16.89 5.43
C GLN A 30 18.35 -18.20 5.18
N TYR A 31 19.05 -19.14 4.53
CA TYR A 31 18.50 -20.45 4.22
C TYR A 31 19.43 -21.58 4.66
N LEU A 32 18.86 -22.57 5.35
CA LEU A 32 19.61 -23.72 5.81
C LEU A 32 18.89 -25.02 5.46
N THR A 33 19.64 -25.98 4.94
CA THR A 33 19.12 -27.27 4.55
C THR A 33 19.75 -28.37 5.39
N ALA A 34 18.98 -29.39 5.73
CA ALA A 34 19.52 -30.46 6.54
C ALA A 34 20.09 -31.55 5.65
N ALA A 35 21.34 -31.87 5.92
CA ALA A 35 22.05 -32.91 5.20
C ALA A 35 23.14 -33.48 6.10
N ALA A 36 23.36 -34.78 6.06
CA ALA A 36 24.37 -35.40 6.89
C ALA A 36 25.73 -34.78 6.60
N LEU A 37 26.43 -34.34 7.64
CA LEU A 37 27.68 -33.63 7.46
C LEU A 37 28.73 -34.54 6.85
N HIS A 38 29.61 -33.93 6.10
CA HIS A 38 30.69 -34.64 5.44
C HIS A 38 31.96 -33.82 5.47
N ASN A 39 31.81 -32.53 5.75
CA ASN A 39 32.98 -31.69 6.04
C ASN A 39 33.03 -31.40 7.56
N LEU A 40 32.02 -31.90 8.27
CA LEU A 40 31.93 -31.77 9.75
C LEU A 40 31.82 -30.33 10.21
N ASP A 41 32.87 -29.55 10.04
CA ASP A 41 32.76 -28.12 10.24
C ASP A 41 32.14 -27.55 8.99
N GLU A 42 30.86 -27.82 8.89
CA GLU A 42 30.08 -27.56 7.70
C GLU A 42 28.67 -27.17 8.08
N ALA A 43 28.20 -27.77 9.16
CA ALA A 43 26.92 -27.43 9.75
C ALA A 43 27.10 -26.22 10.66
N VAL A 44 26.01 -25.51 10.92
CA VAL A 44 26.06 -24.34 11.74
C VAL A 44 26.11 -24.75 13.19
N LYS A 45 27.04 -24.21 13.92
CA LYS A 45 27.20 -24.62 15.29
C LYS A 45 26.43 -23.70 16.17
N PHE A 46 25.45 -24.28 16.83
CA PHE A 46 24.57 -23.50 17.66
C PHE A 46 24.95 -23.61 19.12
N ASP A 47 24.46 -22.64 19.85
CA ASP A 47 24.66 -22.51 21.28
C ASP A 47 23.40 -22.01 21.89
N MET A 48 23.09 -22.54 23.05
CA MET A 48 21.84 -22.25 23.70
C MET A 48 22.05 -21.27 24.84
N GLY A 49 21.22 -20.24 24.86
CA GLY A 49 21.24 -19.28 25.92
C GLY A 49 19.85 -19.01 26.40
N ALA A 50 19.58 -19.35 27.65
CA ALA A 50 18.22 -19.33 28.15
C ALA A 50 17.87 -17.94 28.65
N TYR A 51 16.60 -17.60 28.52
CA TYR A 51 16.11 -16.34 29.03
C TYR A 51 14.94 -16.68 29.93
N LYS A 52 14.53 -15.77 30.79
CA LYS A 52 13.48 -16.13 31.70
C LYS A 52 12.42 -15.06 31.83
N SER A 53 11.22 -15.47 31.50
CA SER A 53 9.99 -14.79 31.83
C SER A 53 9.00 -15.88 32.18
N SER A 54 7.93 -15.59 32.90
CA SER A 54 6.97 -16.62 33.21
C SER A 54 5.91 -16.69 32.11
N LYS A 55 6.38 -16.65 30.87
CA LYS A 55 5.51 -16.80 29.72
C LYS A 55 5.95 -17.95 28.83
N ASP A 56 6.53 -19.00 29.40
CA ASP A 56 6.90 -20.14 28.58
C ASP A 56 5.68 -21.03 28.36
N ASP A 57 5.80 -22.33 28.66
CA ASP A 57 4.65 -23.14 28.99
C ASP A 57 4.91 -23.88 30.30
N ALA A 58 5.65 -24.97 30.19
CA ALA A 58 6.13 -25.74 31.34
C ALA A 58 7.63 -26.03 31.24
N LYS A 59 8.32 -25.26 30.40
CA LYS A 59 9.70 -25.55 29.99
C LYS A 59 10.44 -24.26 29.76
N ILE A 60 11.74 -24.28 30.01
CA ILE A 60 12.53 -23.07 30.02
C ILE A 60 13.15 -22.87 28.65
N THR A 61 13.32 -21.64 28.28
CA THR A 61 13.50 -21.29 26.89
C THR A 61 14.86 -20.69 26.63
N VAL A 62 15.48 -21.09 25.52
CA VAL A 62 16.82 -20.64 25.18
C VAL A 62 16.84 -20.12 23.74
N ILE A 63 17.89 -19.40 23.37
CA ILE A 63 18.02 -18.85 22.05
C ILE A 63 19.09 -19.61 21.31
N LEU A 64 18.82 -19.96 20.07
CA LEU A 64 19.77 -20.74 19.29
C LEU A 64 20.51 -19.84 18.30
N ARG A 65 21.82 -19.77 18.53
CA ARG A 65 22.69 -18.87 17.81
C ARG A 65 23.95 -19.59 17.38
N ILE A 66 24.59 -19.14 16.31
CA ILE A 66 25.82 -19.75 15.89
C ILE A 66 26.95 -19.16 16.72
N SER A 67 27.75 -20.03 17.32
CA SER A 67 28.72 -19.64 18.34
C SER A 67 29.59 -18.44 17.93
N LYS A 68 29.78 -18.21 16.63
CA LYS A 68 30.63 -17.13 16.17
C LYS A 68 29.85 -15.83 15.99
N THR A 69 28.78 -15.88 15.20
CA THR A 69 27.96 -14.70 14.95
C THR A 69 26.58 -14.89 15.54
N GLN A 70 25.78 -13.85 15.61
CA GLN A 70 24.51 -14.05 16.27
C GLN A 70 23.43 -14.24 15.23
N LEU A 71 23.42 -15.45 14.69
CA LEU A 71 22.44 -15.87 13.70
C LEU A 71 21.41 -16.75 14.41
N TYR A 72 20.22 -16.21 14.61
CA TYR A 72 19.18 -16.94 15.31
C TYR A 72 18.19 -17.49 14.30
N VAL A 73 17.66 -18.66 14.56
CA VAL A 73 16.56 -19.12 13.73
C VAL A 73 15.28 -18.60 14.35
N THR A 74 14.51 -17.85 13.55
CA THR A 74 13.25 -17.29 14.02
C THR A 74 12.05 -18.07 13.49
N ALA A 75 10.90 -17.85 14.11
CA ALA A 75 9.66 -18.49 13.69
C ALA A 75 8.80 -17.52 12.90
N GLN A 76 8.23 -18.00 11.79
CA GLN A 76 7.41 -17.13 10.95
C GLN A 76 5.92 -17.44 11.11
N ASP A 77 5.41 -18.41 10.35
CA ASP A 77 4.00 -18.80 10.42
C ASP A 77 3.75 -20.12 9.70
N GLU A 78 3.49 -21.16 10.49
CA GLU A 78 3.24 -22.51 9.96
C GLU A 78 4.40 -22.94 9.08
N ASP A 79 4.08 -23.51 7.90
CA ASP A 79 5.10 -24.00 6.97
C ASP A 79 5.76 -22.87 6.17
N GLN A 80 6.45 -21.98 6.88
CA GLN A 80 7.17 -20.88 6.25
C GLN A 80 8.64 -21.01 6.65
N PRO A 81 9.55 -20.98 5.66
CA PRO A 81 10.99 -21.16 5.88
C PRO A 81 11.59 -20.26 6.95
N VAL A 82 12.38 -20.88 7.82
CA VAL A 82 13.07 -20.19 8.89
C VAL A 82 14.02 -19.13 8.36
N LEU A 83 13.96 -17.94 8.95
CA LEU A 83 14.79 -16.83 8.52
C LEU A 83 15.92 -16.59 9.52
N LEU A 84 17.15 -16.77 9.06
CA LEU A 84 18.32 -16.57 9.89
C LEU A 84 18.66 -15.08 10.00
N LYS A 85 18.51 -14.54 11.21
CA LYS A 85 18.78 -13.12 11.46
C LYS A 85 20.18 -12.92 12.03
N GLU A 86 20.81 -11.79 11.70
CA GLU A 86 22.16 -11.50 12.19
C GLU A 86 22.22 -10.13 12.88
N MET A 87 22.32 -10.15 14.20
CA MET A 87 22.41 -8.93 15.00
C MET A 87 23.61 -9.02 15.93
N PRO A 88 24.60 -8.11 15.76
CA PRO A 88 25.82 -8.08 16.58
C PRO A 88 25.56 -8.10 18.08
N GLU A 89 26.21 -9.05 18.76
CA GLU A 89 26.13 -9.23 20.21
C GLU A 89 24.77 -9.75 20.69
N ILE A 90 24.82 -10.73 21.57
CA ILE A 90 23.62 -11.35 22.16
C ILE A 90 22.97 -10.45 23.21
N PRO A 91 21.66 -10.22 23.08
CA PRO A 91 20.89 -9.45 24.07
C PRO A 91 20.84 -10.18 25.42
N LYS A 92 20.86 -9.41 26.49
CA LYS A 92 20.80 -9.96 27.85
C LYS A 92 19.38 -9.83 28.38
N THR A 93 18.66 -8.89 27.81
CA THR A 93 17.30 -8.59 28.20
C THR A 93 16.42 -8.58 26.96
N ILE A 94 15.44 -9.44 26.96
CA ILE A 94 14.66 -9.74 25.78
C ILE A 94 13.34 -8.96 25.80
N THR A 95 13.10 -8.26 24.71
CA THR A 95 12.01 -7.32 24.61
C THR A 95 10.89 -7.92 23.76
N GLY A 96 9.95 -7.06 23.34
CA GLY A 96 8.84 -7.50 22.51
C GLY A 96 9.13 -7.38 21.02
N SER A 97 10.33 -7.80 20.62
CA SER A 97 10.74 -7.74 19.22
C SER A 97 11.44 -9.02 18.82
N GLU A 98 12.07 -9.66 19.80
CA GLU A 98 12.80 -10.91 19.57
C GLU A 98 12.05 -12.08 20.20
N THR A 99 10.78 -12.25 19.85
CA THR A 99 9.96 -13.33 20.39
C THR A 99 9.85 -14.50 19.42
N ASN A 100 10.44 -14.34 18.23
CA ASN A 100 10.39 -15.38 17.21
C ASN A 100 11.58 -16.33 17.34
N LEU A 101 12.71 -15.80 17.78
CA LEU A 101 13.92 -16.59 17.94
C LEU A 101 13.97 -17.27 19.31
N LEU A 102 12.83 -17.33 19.99
CA LEU A 102 12.77 -17.96 21.30
C LEU A 102 12.29 -19.40 21.16
N PHE A 103 12.79 -20.34 21.97
CA PHE A 103 12.48 -21.73 21.72
C PHE A 103 12.24 -22.52 22.99
N PHE A 104 11.05 -23.08 23.03
CA PHE A 104 10.59 -23.92 24.11
C PHE A 104 11.07 -25.34 23.83
N TRP A 105 12.12 -25.75 24.50
CA TRP A 105 12.71 -27.05 24.20
C TRP A 105 12.22 -28.13 25.15
N GLU A 106 11.50 -29.10 24.58
CA GLU A 106 11.01 -30.23 25.34
C GLU A 106 11.87 -31.46 25.03
N THR A 107 12.67 -31.87 26.00
CA THR A 107 13.62 -32.97 25.80
C THR A 107 13.06 -34.28 26.36
N HIS A 108 13.10 -35.32 25.54
CA HIS A 108 12.65 -36.65 25.96
C HIS A 108 13.77 -37.65 25.78
N GLY A 109 14.49 -37.94 26.87
CA GLY A 109 15.59 -38.88 26.80
C GLY A 109 16.72 -38.41 25.88
N THR A 110 16.71 -38.91 24.65
CA THR A 110 17.72 -38.56 23.68
C THR A 110 17.15 -37.55 22.67
N LYS A 111 15.91 -37.76 22.26
CA LYS A 111 15.27 -36.88 21.30
C LYS A 111 14.76 -35.63 22.00
N ASN A 112 14.52 -34.61 21.22
CA ASN A 112 14.08 -33.34 21.75
C ASN A 112 13.29 -32.57 20.71
N TYR A 113 12.36 -31.76 21.18
CA TYR A 113 11.54 -30.95 20.30
C TYR A 113 11.89 -29.47 20.46
N PHE A 114 11.54 -28.69 19.46
CA PHE A 114 11.72 -27.25 19.50
C PHE A 114 10.42 -26.54 19.19
N THR A 115 9.76 -26.11 20.24
CA THR A 115 8.46 -25.46 20.15
C THR A 115 8.62 -23.94 20.05
N SER A 116 7.85 -23.32 19.16
CA SER A 116 7.87 -21.87 19.01
C SER A 116 7.14 -21.20 20.18
N VAL A 117 7.81 -20.23 20.81
CA VAL A 117 7.22 -19.47 21.89
C VAL A 117 6.31 -18.38 21.33
N ALA A 118 6.52 -18.02 20.07
CA ALA A 118 5.69 -17.00 19.42
C ALA A 118 4.31 -17.58 19.10
N HIS A 119 4.29 -18.59 18.24
CA HIS A 119 3.05 -19.27 17.89
C HIS A 119 3.14 -20.73 18.34
N PRO A 120 2.26 -21.12 19.28
CA PRO A 120 2.28 -22.46 19.91
C PRO A 120 2.27 -23.62 18.92
N ASN A 121 1.43 -23.52 17.88
CA ASN A 121 1.23 -24.64 16.95
C ASN A 121 2.45 -24.87 16.05
N LEU A 122 3.49 -24.07 16.23
CA LEU A 122 4.67 -24.18 15.42
C LEU A 122 5.71 -25.07 16.09
N PHE A 123 6.32 -25.91 15.30
CA PHE A 123 7.31 -26.85 15.74
C PHE A 123 8.34 -26.99 14.62
N ILE A 124 9.60 -27.19 14.95
CA ILE A 124 10.65 -27.16 13.94
C ILE A 124 10.79 -28.54 13.28
N ALA A 125 10.26 -28.64 12.06
CA ALA A 125 10.17 -29.90 11.34
C ALA A 125 11.36 -30.10 10.42
N THR A 126 11.63 -31.36 10.09
CA THR A 126 12.78 -31.67 9.27
C THR A 126 12.35 -32.38 7.99
N LYS A 127 12.87 -31.86 6.89
CA LYS A 127 12.54 -32.34 5.56
C LYS A 127 13.73 -33.14 4.99
N GLN A 128 13.42 -34.07 4.09
CA GLN A 128 14.46 -34.89 3.45
C GLN A 128 15.20 -34.12 2.36
N ASP A 129 14.52 -33.18 1.70
CA ASP A 129 15.11 -32.48 0.56
C ASP A 129 15.08 -30.97 0.74
N TYR A 130 14.07 -30.48 1.45
CA TYR A 130 13.91 -29.03 1.62
C TYR A 130 14.59 -28.49 2.88
N TRP A 131 14.46 -27.18 3.06
CA TRP A 131 15.06 -26.48 4.19
C TRP A 131 14.38 -26.87 5.50
N VAL A 132 15.16 -26.85 6.58
CA VAL A 132 14.61 -27.15 7.90
C VAL A 132 13.72 -26.00 8.34
N CYS A 133 12.42 -26.22 8.27
CA CYS A 133 11.47 -25.17 8.56
C CYS A 133 10.82 -25.36 9.91
N LEU A 134 9.61 -24.83 10.03
CA LEU A 134 8.79 -24.99 11.19
C LEU A 134 7.48 -25.43 10.64
N ALA A 135 6.57 -25.96 11.43
CA ALA A 135 5.40 -26.56 10.87
C ALA A 135 4.37 -26.86 11.92
N GLY A 136 3.20 -27.19 11.43
CA GLY A 136 2.33 -28.02 12.16
C GLY A 136 2.61 -29.36 11.59
N GLY A 137 2.70 -30.34 12.41
CA GLY A 137 3.28 -31.58 11.95
C GLY A 137 2.31 -32.71 11.63
N PRO A 138 2.03 -32.91 10.33
CA PRO A 138 1.65 -34.19 9.77
C PRO A 138 2.84 -34.77 8.97
N PRO A 139 2.98 -36.11 8.95
CA PRO A 139 4.19 -36.92 8.67
C PRO A 139 5.56 -36.24 8.39
N SER A 140 5.71 -34.94 8.61
CA SER A 140 7.02 -34.30 8.66
C SER A 140 7.68 -34.67 9.97
N ILE A 141 8.98 -34.91 9.96
CA ILE A 141 9.67 -35.32 11.17
C ILE A 141 10.02 -34.10 11.99
N THR A 142 9.14 -33.72 12.88
CA THR A 142 9.42 -32.61 13.76
C THR A 142 10.08 -33.15 15.05
N ASP A 143 10.90 -34.17 14.86
CA ASP A 143 11.76 -34.73 15.90
C ASP A 143 13.14 -34.13 15.82
N PHE A 144 13.83 -34.06 16.94
CA PHE A 144 15.26 -33.78 16.93
C PHE A 144 16.00 -34.64 17.93
N GLN A 145 17.31 -34.59 17.79
CA GLN A 145 18.24 -35.35 18.61
C GLN A 145 19.56 -34.61 18.53
N ILE A 146 20.27 -34.47 19.63
CA ILE A 146 21.50 -33.70 19.54
C ILE A 146 22.70 -34.64 19.39
N LEU A 147 23.29 -34.59 18.20
CA LEU A 147 24.51 -35.35 17.93
C LEU A 147 25.69 -34.43 17.67
N GLU A 148 26.73 -34.58 18.47
CA GLU A 148 27.93 -33.76 18.29
C GLU A 148 28.86 -34.41 17.28
N ASN A 149 29.69 -33.60 16.64
CA ASN A 149 30.73 -34.11 15.75
C ASN A 149 32.01 -34.35 16.57
N GLN A 150 32.99 -34.99 15.96
CA GLN A 150 34.22 -35.33 16.65
C GLN A 150 35.07 -34.08 16.83
N ALA A 151 35.35 -33.41 15.72
CA ALA A 151 36.16 -32.19 15.73
C ALA A 151 36.00 -31.46 14.40
N MET B 1 18.16 -15.13 -4.37
CA MET B 1 17.63 -14.61 -3.09
C MET B 1 17.72 -13.10 -3.04
N ALA B 2 17.87 -12.47 -4.21
CA ALA B 2 17.99 -11.02 -4.28
C ALA B 2 17.22 -10.44 -5.45
N ALA B 3 16.22 -9.64 -5.14
CA ALA B 3 15.48 -8.87 -6.13
C ALA B 3 16.37 -7.85 -6.83
N GLU B 4 16.86 -8.20 -8.02
CA GLU B 4 17.61 -7.26 -8.84
C GLU B 4 16.63 -6.25 -9.44
N PRO B 5 17.11 -5.11 -10.01
CA PRO B 5 16.24 -4.02 -10.50
C PRO B 5 15.00 -4.53 -11.24
N LEU B 6 13.89 -3.83 -11.09
CA LEU B 6 12.63 -4.35 -11.53
C LEU B 6 11.93 -3.46 -12.56
N THR B 7 10.80 -3.97 -13.04
CA THR B 7 9.89 -3.24 -13.92
C THR B 7 9.30 -2.02 -13.18
N GLU B 8 8.44 -1.22 -13.81
CA GLU B 8 8.15 0.11 -13.28
C GLU B 8 7.23 0.06 -12.05
N LEU B 9 6.10 -0.64 -12.11
CA LEU B 9 5.24 -0.71 -10.94
C LEU B 9 5.96 -1.42 -9.82
N GLU B 10 6.89 -2.28 -10.21
CA GLU B 10 7.74 -2.95 -9.24
C GLU B 10 8.73 -1.95 -8.68
N GLU B 11 9.24 -1.09 -9.54
CA GLU B 11 10.19 -0.07 -9.12
C GLU B 11 9.56 0.72 -8.01
N SER B 12 8.26 0.96 -8.17
CA SER B 12 7.55 1.73 -7.18
C SER B 12 7.28 0.92 -5.89
N ILE B 13 6.89 -0.36 -6.01
CA ILE B 13 6.62 -1.16 -4.81
C ILE B 13 7.88 -1.76 -4.15
N GLU B 14 8.88 -2.15 -4.95
CA GLU B 14 10.17 -2.61 -4.41
C GLU B 14 10.79 -1.52 -3.55
N THR B 15 10.77 -0.31 -4.07
CA THR B 15 11.25 0.87 -3.36
C THR B 15 10.64 0.97 -1.96
N VAL B 16 9.37 0.58 -1.84
CA VAL B 16 8.69 0.59 -0.55
C VAL B 16 9.31 -0.44 0.38
N VAL B 17 9.79 -1.54 -0.20
CA VAL B 17 10.33 -2.65 0.56
C VAL B 17 11.66 -2.29 1.19
N THR B 18 12.55 -1.79 0.35
CA THR B 18 13.94 -1.58 0.72
C THR B 18 14.06 -0.67 1.94
N THR B 19 13.33 0.43 1.91
CA THR B 19 13.36 1.36 3.02
C THR B 19 12.86 0.67 4.29
N PHE B 20 11.67 0.13 4.14
CA PHE B 20 11.01 -0.72 5.15
C PHE B 20 11.98 -1.75 5.75
N PHE B 21 12.63 -2.53 4.88
CA PHE B 21 13.55 -3.61 5.28
C PHE B 21 14.72 -3.11 6.11
N THR B 22 15.17 -1.89 5.84
CA THR B 22 16.26 -1.29 6.58
C THR B 22 15.91 -1.21 8.07
N PHE B 23 14.65 -0.94 8.37
CA PHE B 23 14.20 -0.86 9.75
C PHE B 23 13.79 -2.23 10.26
N ALA B 24 13.11 -3.01 9.41
CA ALA B 24 12.71 -4.36 9.76
C ALA B 24 13.91 -5.21 10.17
N ARG B 25 15.06 -4.98 9.52
CA ARG B 25 16.29 -5.72 9.81
C ARG B 25 17.00 -5.22 11.07
N GLN B 26 16.72 -3.99 11.48
CA GLN B 26 17.35 -3.38 12.66
C GLN B 26 17.23 -4.26 13.91
N GLU B 27 16.01 -4.40 14.44
CA GLU B 27 15.79 -5.19 15.65
C GLU B 27 15.42 -6.63 15.30
N GLY B 28 14.92 -7.36 16.30
CA GLY B 28 14.52 -8.75 16.11
C GLY B 28 13.55 -8.94 14.97
N ARG B 29 13.71 -10.05 14.23
CA ARG B 29 12.86 -10.35 13.08
C ARG B 29 13.09 -9.34 11.97
N LYS B 30 13.99 -9.66 11.04
CA LYS B 30 14.31 -8.77 9.92
C LYS B 30 13.19 -8.75 8.88
N ASP B 31 12.11 -9.45 9.19
CA ASP B 31 10.97 -9.53 8.30
C ASP B 31 9.90 -8.48 8.66
N SER B 32 9.75 -8.22 9.96
CA SER B 32 8.74 -7.27 10.41
C SER B 32 9.32 -6.25 11.40
N LEU B 33 8.69 -5.08 11.45
CA LEU B 33 9.13 -4.00 12.37
C LEU B 33 8.38 -4.14 13.68
N SER B 34 9.05 -3.85 14.78
CA SER B 34 8.42 -3.94 16.10
C SER B 34 7.66 -2.67 16.43
N VAL B 35 7.11 -2.61 17.64
CA VAL B 35 6.35 -1.44 18.09
C VAL B 35 7.28 -0.27 18.37
N ASN B 36 8.58 -0.55 18.49
CA ASN B 36 9.57 0.48 18.75
C ASN B 36 9.97 1.16 17.44
N GLU B 37 10.02 0.39 16.37
CA GLU B 37 10.39 0.92 15.05
C GLU B 37 9.22 1.69 14.44
N PHE B 38 8.00 1.31 14.83
CA PHE B 38 6.82 1.96 14.37
C PHE B 38 6.78 3.31 15.04
N LYS B 39 6.99 3.26 16.35
CA LYS B 39 7.02 4.46 17.15
C LYS B 39 8.15 5.38 16.70
N GLU B 40 9.32 4.81 16.36
CA GLU B 40 10.44 5.64 15.90
C GLU B 40 10.07 6.38 14.61
N LEU B 41 9.46 5.69 13.66
CA LEU B 41 9.15 6.30 12.39
C LEU B 41 8.00 7.26 12.54
N VAL B 42 7.01 6.87 13.31
CA VAL B 42 5.82 7.66 13.49
C VAL B 42 6.20 8.97 14.18
N THR B 43 6.95 8.85 15.25
CA THR B 43 7.50 9.98 15.96
C THR B 43 8.50 10.80 15.11
N GLN B 44 9.51 10.12 14.55
CA GLN B 44 10.62 10.77 13.89
C GLN B 44 10.33 11.01 12.39
N GLN B 45 9.93 9.96 11.69
CA GLN B 45 9.78 10.02 10.22
C GLN B 45 8.42 10.54 9.80
N LEU B 46 7.41 10.38 10.65
CA LEU B 46 6.03 10.63 10.24
C LEU B 46 5.43 11.99 10.68
N PRO B 47 6.05 12.82 11.57
CA PRO B 47 5.47 14.12 11.96
C PRO B 47 4.95 14.92 10.78
N HIS B 48 5.69 14.85 9.67
CA HIS B 48 5.30 15.53 8.45
C HIS B 48 4.15 14.78 7.77
N LEU B 49 4.26 13.46 7.71
CA LEU B 49 3.26 12.62 7.05
C LEU B 49 2.03 12.44 7.94
N LEU B 50 2.17 11.58 8.94
CA LEU B 50 1.11 11.25 9.86
C LEU B 50 1.18 12.14 11.07
N LYS B 51 0.50 13.26 10.94
CA LYS B 51 0.31 14.24 12.00
C LYS B 51 -0.43 13.68 13.20
N ASP B 52 0.13 12.65 13.75
CA ASP B 52 -0.39 11.98 14.93
C ASP B 52 0.73 11.11 15.48
N VAL B 53 1.80 11.79 15.86
CA VAL B 53 3.01 11.15 16.32
C VAL B 53 2.88 10.74 17.77
N GLY B 54 1.81 11.19 18.41
CA GLY B 54 1.57 10.84 19.80
C GLY B 54 0.97 9.46 19.94
N SER B 55 -0.34 9.38 19.75
CA SER B 55 -1.08 8.14 19.96
C SER B 55 -0.94 7.19 18.79
N LEU B 56 0.30 6.81 18.50
CA LEU B 56 0.61 5.78 17.53
C LEU B 56 -0.25 4.55 17.78
N ASP B 57 -0.61 4.37 19.06
CA ASP B 57 -1.35 3.21 19.54
C ASP B 57 -2.50 2.84 18.63
N GLU B 58 -3.39 3.78 18.33
CA GLU B 58 -4.64 3.47 17.60
C GLU B 58 -4.36 2.75 16.29
N LYS B 59 -3.41 3.29 15.55
CA LYS B 59 -3.03 2.77 14.26
C LYS B 59 -2.31 1.45 14.45
N MET B 60 -1.41 1.45 15.43
CA MET B 60 -0.70 0.24 15.82
C MET B 60 -1.67 -0.89 16.07
N LYS B 61 -2.70 -0.64 16.88
CA LYS B 61 -3.69 -1.67 17.22
C LYS B 61 -4.40 -2.20 15.98
N SER B 62 -4.66 -1.31 15.03
CA SER B 62 -5.38 -1.68 13.81
C SER B 62 -4.52 -2.62 12.95
N LEU B 63 -3.22 -2.41 13.00
CA LEU B 63 -2.25 -3.20 12.23
C LEU B 63 -1.86 -4.46 13.01
N ASP B 64 -1.53 -4.24 14.26
CA ASP B 64 -1.16 -5.27 15.22
C ASP B 64 -2.24 -6.32 15.43
N VAL B 65 -3.45 -6.00 14.93
CA VAL B 65 -4.74 -6.54 15.41
C VAL B 65 -4.73 -8.00 15.94
N ASN B 66 -3.88 -8.86 15.39
CA ASN B 66 -3.78 -10.23 15.86
C ASN B 66 -2.96 -10.32 17.16
N GLN B 67 -2.59 -9.15 17.74
CA GLN B 67 -1.80 -9.12 18.97
C GLN B 67 -0.49 -9.77 18.62
N ASP B 68 -0.01 -9.26 17.49
CA ASP B 68 1.26 -9.59 16.90
C ASP B 68 1.99 -8.26 16.74
N SER B 69 2.89 -7.97 17.68
CA SER B 69 3.65 -6.69 17.69
C SER B 69 4.63 -6.60 16.53
N GLU B 70 4.38 -7.41 15.51
CA GLU B 70 5.22 -7.42 14.34
C GLU B 70 4.41 -6.98 13.10
N LEU B 71 4.70 -5.77 12.63
CA LEU B 71 4.08 -5.21 11.48
C LEU B 71 4.52 -5.98 10.23
N LYS B 72 3.91 -7.14 10.05
CA LYS B 72 4.32 -8.09 9.01
C LYS B 72 3.55 -8.02 7.71
N PHE B 73 3.68 -9.12 6.96
CA PHE B 73 3.07 -9.33 5.65
C PHE B 73 1.65 -8.80 5.52
N ASN B 74 1.56 -7.55 5.09
CA ASN B 74 0.30 -6.88 4.84
C ASN B 74 -0.72 -6.88 6.00
N GLU B 75 -0.22 -7.05 7.21
CA GLU B 75 -0.93 -6.50 8.39
C GLU B 75 -0.58 -5.01 8.51
N TYR B 76 0.71 -4.71 8.38
CA TYR B 76 1.22 -3.34 8.34
C TYR B 76 0.50 -2.55 7.25
N TRP B 77 0.32 -3.23 6.13
CA TRP B 77 -0.20 -2.67 4.87
C TRP B 77 -1.29 -1.63 5.05
N ARG B 78 -2.22 -1.85 5.96
CA ARG B 78 -3.28 -0.90 6.15
C ARG B 78 -2.69 0.50 6.30
N LEU B 79 -1.70 0.61 7.19
CA LEU B 79 -1.01 1.89 7.40
C LEU B 79 -0.31 2.30 6.12
N ILE B 80 0.34 1.34 5.45
CA ILE B 80 1.08 1.62 4.22
C ILE B 80 0.16 2.24 3.17
N GLY B 81 -1.09 1.83 3.20
CA GLY B 81 -2.05 2.38 2.28
C GLY B 81 -2.52 3.72 2.73
N GLU B 82 -2.72 3.83 4.03
CA GLU B 82 -3.04 5.09 4.62
C GLU B 82 -1.90 6.07 4.32
N LEU B 83 -0.67 5.55 4.25
CA LEU B 83 0.53 6.35 3.99
C LEU B 83 0.49 6.98 2.60
N ALA B 84 0.38 6.14 1.57
CA ALA B 84 0.38 6.60 0.19
C ALA B 84 -0.82 7.50 -0.10
N LYS B 85 -1.90 7.29 0.64
CA LYS B 85 -3.07 8.11 0.51
C LYS B 85 -2.86 9.46 1.18
N GLU B 86 -2.39 9.40 2.43
CA GLU B 86 -2.18 10.59 3.25
C GLU B 86 -1.27 11.61 2.56
N ILE B 87 -0.17 11.13 2.00
CA ILE B 87 0.73 12.01 1.26
C ILE B 87 -0.03 12.78 0.16
N ARG B 88 -1.04 12.15 -0.42
CA ARG B 88 -1.79 12.74 -1.52
C ARG B 88 -2.96 13.60 -1.05
N LYS B 89 -3.88 13.03 -0.26
CA LYS B 89 -5.05 13.78 0.19
C LYS B 89 -4.99 14.14 1.68
N LYS B 90 -3.78 14.41 2.20
CA LYS B 90 -3.58 14.78 3.62
C LYS B 90 -4.63 15.80 4.07
N LYS B 91 -4.48 17.00 3.54
CA LYS B 91 -5.53 18.00 3.52
C LYS B 91 -5.48 18.63 2.14
N ASP B 92 -4.88 17.88 1.20
CA ASP B 92 -4.70 18.38 -0.15
C ASP B 92 -5.98 18.34 -0.98
N LEU B 93 -6.89 19.23 -0.62
CA LEU B 93 -8.14 19.43 -1.34
C LEU B 93 -8.23 20.93 -1.57
N LYS B 94 -7.33 21.62 -0.88
CA LYS B 94 -7.17 23.05 -0.94
C LYS B 94 -5.70 23.37 -1.22
N ILE B 95 -4.80 22.69 -0.46
CA ILE B 95 -3.34 22.85 -0.60
C ILE B 95 -2.58 22.21 0.59
N ARG B 96 -1.50 21.46 0.29
CA ARG B 96 -0.69 20.81 1.33
C ARG B 96 0.73 20.47 0.83
N LYS B 97 0.97 20.73 -0.45
CA LYS B 97 2.30 20.53 -1.04
C LYS B 97 2.72 21.86 -1.66
N LYS B 98 3.98 22.28 -1.48
CA LYS B 98 4.34 23.60 -1.99
C LYS B 98 5.86 23.80 -1.92
N MET C 1 1.56 23.87 -4.68
CA MET C 1 0.79 22.76 -5.28
C MET C 1 1.72 21.66 -5.78
N ALA C 2 2.96 21.68 -5.31
CA ALA C 2 3.95 20.69 -5.74
C ALA C 2 4.75 20.13 -4.57
N ALA C 3 4.59 18.84 -4.36
CA ALA C 3 5.40 18.08 -3.41
C ALA C 3 6.87 18.06 -3.81
N GLU C 4 7.66 18.94 -3.22
CA GLU C 4 9.10 18.92 -3.41
C GLU C 4 9.69 17.74 -2.63
N PRO C 5 10.97 17.34 -2.88
CA PRO C 5 11.57 16.14 -2.28
C PRO C 5 11.23 15.96 -0.80
N LEU C 6 11.06 14.72 -0.38
CA LEU C 6 10.50 14.46 0.91
C LEU C 6 11.43 13.67 1.83
N THR C 7 10.95 13.48 3.05
CA THR C 7 11.58 12.63 4.05
C THR C 7 11.57 11.16 3.58
N GLU C 8 12.11 10.22 4.35
CA GLU C 8 12.43 8.90 3.80
C GLU C 8 11.17 8.04 3.57
N LEU C 9 10.32 7.87 4.56
CA LEU C 9 9.12 7.07 4.33
C LEU C 9 8.24 7.75 3.29
N GLU C 10 8.39 9.05 3.19
CA GLU C 10 7.71 9.81 2.16
C GLU C 10 8.36 9.51 0.83
N GLU C 11 9.68 9.44 0.84
CA GLU C 11 10.43 9.13 -0.37
C GLU C 11 9.90 7.84 -0.94
N SER C 12 9.59 6.93 -0.05
CA SER C 12 9.08 5.64 -0.48
C SER C 12 7.62 5.73 -0.96
N ILE C 13 6.75 6.47 -0.26
CA ILE C 13 5.35 6.57 -0.68
C ILE C 13 5.09 7.59 -1.80
N GLU C 14 5.82 8.72 -1.79
CA GLU C 14 5.75 9.70 -2.89
C GLU C 14 6.10 9.03 -4.21
N THR C 15 7.18 8.26 -4.18
CA THR C 15 7.62 7.48 -5.32
C THR C 15 6.48 6.65 -5.93
N VAL C 16 5.62 6.14 -5.06
CA VAL C 16 4.46 5.35 -5.50
C VAL C 16 3.49 6.24 -6.26
N VAL C 17 3.41 7.50 -5.86
CA VAL C 17 2.47 8.45 -6.41
C VAL C 17 2.85 8.82 -7.83
N THR C 18 4.10 9.22 -7.99
CA THR C 18 4.57 9.82 -9.23
C THR C 18 4.38 8.88 -10.41
N THR C 19 4.73 7.62 -10.23
CA THR C 19 4.58 6.63 -11.28
C THR C 19 3.10 6.50 -11.63
N PHE C 20 2.35 6.21 -10.59
CA PHE C 20 0.89 6.16 -10.60
C PHE C 20 0.27 7.34 -11.37
N PHE C 21 0.66 8.58 -10.97
CA PHE C 21 0.11 9.81 -11.56
C PHE C 21 0.43 9.96 -13.03
N THR C 22 1.59 9.45 -13.45
CA THR C 22 1.97 9.49 -14.85
C THR C 22 0.93 8.79 -15.72
N PHE C 23 0.36 7.72 -15.19
CA PHE C 23 -0.65 6.98 -15.91
C PHE C 23 -2.04 7.56 -15.64
N ALA C 24 -2.29 7.93 -14.40
CA ALA C 24 -3.55 8.56 -14.01
C ALA C 24 -3.83 9.81 -14.84
N ARG C 25 -2.76 10.53 -15.19
CA ARG C 25 -2.86 11.76 -15.97
C ARG C 25 -3.12 11.49 -17.47
N GLN C 26 -2.78 10.29 -17.94
CA GLN C 26 -2.94 9.91 -19.35
C GLN C 26 -4.35 10.16 -19.90
N GLU C 27 -5.32 9.35 -19.47
CA GLU C 27 -6.70 9.46 -19.95
C GLU C 27 -7.52 10.42 -19.08
N GLY C 28 -8.86 10.32 -19.21
CA GLY C 28 -9.76 11.17 -18.44
C GLY C 28 -9.52 11.07 -16.95
N ARG C 29 -9.67 12.20 -16.26
CA ARG C 29 -9.44 12.28 -14.82
C ARG C 29 -7.97 11.99 -14.52
N LYS C 30 -7.18 13.05 -14.39
CA LYS C 30 -5.75 12.93 -14.14
C LYS C 30 -5.44 12.44 -12.72
N ASP C 31 -6.47 12.19 -11.92
CA ASP C 31 -6.28 11.73 -10.55
C ASP C 31 -6.64 10.25 -10.40
N SER C 32 -7.07 9.62 -11.49
CA SER C 32 -7.44 8.20 -11.44
C SER C 32 -7.07 7.48 -12.73
N LEU C 33 -6.85 6.17 -12.62
CA LEU C 33 -6.51 5.33 -13.78
C LEU C 33 -7.77 4.63 -14.27
N SER C 34 -7.90 4.47 -15.58
CA SER C 34 -9.07 3.82 -16.15
C SER C 34 -8.86 2.31 -16.24
N VAL C 35 -9.87 1.60 -16.75
CA VAL C 35 -9.81 0.15 -16.90
C VAL C 35 -8.80 -0.24 -17.98
N ASN C 36 -8.50 0.71 -18.88
CA ASN C 36 -7.55 0.46 -19.94
C ASN C 36 -6.11 0.62 -19.44
N GLU C 37 -5.90 1.49 -18.47
CA GLU C 37 -4.55 1.71 -17.90
C GLU C 37 -4.19 0.58 -16.95
N PHE C 38 -5.22 0.00 -16.32
CA PHE C 38 -5.07 -1.09 -15.41
C PHE C 38 -4.68 -2.28 -16.24
N LYS C 39 -5.44 -2.47 -17.30
CA LYS C 39 -5.20 -3.55 -18.24
C LYS C 39 -3.81 -3.41 -18.87
N GLU C 40 -3.41 -2.17 -19.20
CA GLU C 40 -2.08 -1.97 -19.80
C GLU C 40 -0.97 -2.40 -18.84
N LEU C 41 -1.07 -2.01 -17.57
CA LEU C 41 -0.03 -2.32 -16.61
C LEU C 41 -0.08 -3.78 -16.25
N VAL C 42 -1.27 -4.32 -16.09
CA VAL C 42 -1.45 -5.68 -15.68
C VAL C 42 -0.90 -6.59 -16.78
N THR C 43 -1.32 -6.32 -18.00
CA THR C 43 -0.80 -7.01 -19.18
C THR C 43 0.71 -6.77 -19.41
N GLN C 44 1.10 -5.49 -19.45
CA GLN C 44 2.45 -5.11 -19.84
C GLN C 44 3.41 -5.08 -18.64
N GLN C 45 3.03 -4.36 -17.59
CA GLN C 45 3.92 -4.11 -16.45
C GLN C 45 3.88 -5.24 -15.43
N LEU C 46 2.77 -5.96 -15.36
CA LEU C 46 2.54 -6.90 -14.26
C LEU C 46 2.82 -8.38 -14.57
N PRO C 47 3.06 -8.85 -15.84
CA PRO C 47 3.33 -10.27 -16.10
C PRO C 47 4.35 -10.87 -15.14
N HIS C 48 5.34 -10.07 -14.78
CA HIS C 48 6.35 -10.49 -13.83
C HIS C 48 5.79 -10.47 -12.40
N LEU C 49 5.07 -9.41 -12.07
CA LEU C 49 4.50 -9.25 -10.74
C LEU C 49 3.24 -10.10 -10.55
N LEU C 50 2.15 -9.63 -11.13
CA LEU C 50 0.87 -10.29 -11.05
C LEU C 50 0.68 -11.24 -12.21
N LYS C 51 1.14 -12.45 -11.99
CA LYS C 51 0.99 -13.57 -12.91
C LYS C 51 -0.47 -13.93 -13.16
N ASP C 52 -1.19 -12.96 -13.64
CA ASP C 52 -2.59 -13.11 -13.98
C ASP C 52 -2.96 -11.92 -14.85
N VAL C 53 -2.27 -11.85 -15.98
CA VAL C 53 -2.41 -10.75 -16.91
C VAL C 53 -3.65 -10.91 -17.78
N GLY C 54 -4.27 -12.08 -17.69
CA GLY C 54 -5.47 -12.33 -18.46
C GLY C 54 -6.68 -11.73 -17.80
N SER C 55 -7.23 -12.43 -16.82
CA SER C 55 -8.47 -12.02 -16.16
C SER C 55 -8.25 -10.92 -15.15
N LEU C 56 -7.72 -9.80 -15.61
CA LEU C 56 -7.61 -8.60 -14.82
C LEU C 56 -8.93 -8.29 -14.12
N ASP C 57 -10.00 -8.71 -14.78
CA ASP C 57 -11.37 -8.45 -14.34
C ASP C 57 -11.56 -8.64 -12.86
N GLU C 58 -11.20 -9.81 -12.33
CA GLU C 58 -11.52 -10.16 -10.94
C GLU C 58 -11.00 -9.10 -9.96
N LYS C 59 -9.75 -8.72 -10.16
CA LYS C 59 -9.08 -7.75 -9.33
C LYS C 59 -9.67 -6.38 -9.56
N MET C 60 -9.89 -6.08 -10.84
CA MET C 60 -10.54 -4.86 -11.25
C MET C 60 -11.85 -4.69 -10.50
N LYS C 61 -12.70 -5.73 -10.52
CA LYS C 61 -14.00 -5.67 -9.86
C LYS C 61 -13.87 -5.39 -8.37
N SER C 62 -12.86 -5.96 -7.75
CA SER C 62 -12.63 -5.80 -6.32
C SER C 62 -12.26 -4.36 -5.97
N LEU C 63 -11.57 -3.71 -6.90
CA LEU C 63 -11.12 -2.33 -6.74
C LEU C 63 -12.20 -1.36 -7.20
N ASP C 64 -12.71 -1.65 -8.38
CA ASP C 64 -13.78 -0.92 -9.04
C ASP C 64 -15.05 -0.87 -8.22
N VAL C 65 -15.12 -1.72 -7.18
CA VAL C 65 -16.36 -2.23 -6.56
C VAL C 65 -17.58 -1.30 -6.57
N ASN C 66 -17.37 0.01 -6.46
CA ASN C 66 -18.46 0.97 -6.50
C ASN C 66 -18.91 1.25 -7.94
N GLN C 67 -18.46 0.42 -8.91
CA GLN C 67 -18.80 0.60 -10.33
C GLN C 67 -18.24 1.95 -10.70
N ASP C 68 -16.99 2.12 -10.24
CA ASP C 68 -16.19 3.29 -10.52
C ASP C 68 -14.96 2.80 -11.30
N SER C 69 -15.05 2.86 -12.65
CA SER C 69 -13.95 2.40 -13.52
C SER C 69 -12.62 3.05 -13.16
N GLU C 70 -12.71 4.20 -12.51
CA GLU C 70 -11.55 4.95 -12.10
C GLU C 70 -10.96 4.41 -10.81
N LEU C 71 -9.73 3.91 -10.91
CA LEU C 71 -8.99 3.39 -9.81
C LEU C 71 -8.39 4.55 -9.00
N LYS C 72 -9.29 5.18 -8.23
CA LYS C 72 -8.98 6.40 -7.51
C LYS C 72 -8.40 6.22 -6.12
N PHE C 73 -8.47 7.32 -5.37
CA PHE C 73 -7.97 7.45 -4.00
C PHE C 73 -8.26 6.25 -3.12
N ASN C 74 -7.25 5.37 -3.06
CA ASN C 74 -7.30 4.18 -2.22
C ASN C 74 -8.52 3.26 -2.39
N GLU C 75 -9.15 3.35 -3.55
CA GLU C 75 -9.92 2.20 -4.08
C GLU C 75 -8.93 1.25 -4.76
N TYR C 76 -8.04 1.83 -5.58
CA TYR C 76 -6.95 1.12 -6.23
C TYR C 76 -6.12 0.39 -5.18
N TRP C 77 -5.89 1.10 -4.09
CA TRP C 77 -5.01 0.70 -2.98
C TRP C 77 -5.01 -0.79 -2.67
N ARG C 78 -6.18 -1.43 -2.67
CA ARG C 78 -6.23 -2.84 -2.36
C ARG C 78 -5.21 -3.57 -3.20
N LEU C 79 -5.22 -3.31 -4.51
CA LEU C 79 -4.25 -3.91 -5.43
C LEU C 79 -2.86 -3.47 -5.07
N ILE C 80 -2.70 -2.18 -4.75
CA ILE C 80 -1.39 -1.62 -4.42
C ILE C 80 -0.79 -2.35 -3.22
N GLY C 81 -1.65 -2.79 -2.33
CA GLY C 81 -1.19 -3.53 -1.18
C GLY C 81 -0.90 -4.95 -1.55
N GLU C 82 -1.76 -5.50 -2.39
CA GLU C 82 -1.52 -6.81 -2.93
C GLU C 82 -0.18 -6.78 -3.69
N LEU C 83 0.12 -5.62 -4.29
CA LEU C 83 1.36 -5.46 -5.08
C LEU C 83 2.60 -5.59 -4.21
N ALA C 84 2.69 -4.74 -3.19
CA ALA C 84 3.84 -4.71 -2.31
C ALA C 84 4.00 -6.03 -1.56
N LYS C 85 2.90 -6.71 -1.35
CA LYS C 85 2.92 -8.00 -0.69
C LYS C 85 3.40 -9.07 -1.66
N GLU C 86 2.80 -9.08 -2.85
CA GLU C 86 3.09 -10.08 -3.88
C GLU C 86 4.57 -10.12 -4.21
N ILE C 87 5.18 -8.95 -4.40
CA ILE C 87 6.62 -8.89 -4.66
C ILE C 87 7.42 -9.62 -3.58
N ARG C 88 6.89 -9.62 -2.37
CA ARG C 88 7.58 -10.25 -1.26
C ARG C 88 7.18 -11.72 -1.11
N LYS C 89 5.93 -12.03 -0.87
CA LYS C 89 5.57 -13.43 -0.65
C LYS C 89 4.85 -14.04 -1.84
N LYS C 90 5.27 -13.66 -3.05
CA LYS C 90 4.64 -14.18 -4.29
C LYS C 90 4.39 -15.68 -4.18
N LYS C 91 5.47 -16.42 -4.20
CA LYS C 91 5.51 -17.80 -3.73
C LYS C 91 6.79 -17.94 -2.94
N ASP C 92 7.27 -16.79 -2.46
CA ASP C 92 8.52 -16.71 -1.72
C ASP C 92 8.45 -17.36 -0.33
N LEU C 93 8.36 -18.68 -0.32
CA LEU C 93 8.37 -19.48 0.88
C LEU C 93 9.37 -20.61 0.61
N LYS C 94 10.20 -20.32 -0.39
CA LYS C 94 11.25 -21.20 -0.85
C LYS C 94 12.25 -20.38 -1.67
N ILE C 95 11.73 -19.54 -2.59
CA ILE C 95 12.55 -18.67 -3.44
C ILE C 95 11.73 -18.04 -4.59
N ARG C 96 11.93 -16.72 -4.83
CA ARG C 96 11.22 -16.00 -5.89
C ARG C 96 12.01 -14.76 -6.37
N LYS C 97 13.03 -14.38 -5.62
CA LYS C 97 13.89 -13.25 -5.98
C LYS C 97 15.25 -13.81 -6.39
N LYS C 98 15.83 -13.38 -7.53
CA LYS C 98 17.07 -13.99 -7.95
C LYS C 98 17.66 -13.21 -9.11
N ASN D 1 -16.36 -1.05 -30.54
CA ASN D 1 -16.90 -0.84 -29.18
C ASN D 1 -18.06 0.14 -29.28
N VAL D 2 -18.64 0.54 -28.15
CA VAL D 2 -19.68 1.53 -28.16
C VAL D 2 -19.06 2.89 -27.94
N LYS D 3 -19.25 3.78 -28.89
CA LYS D 3 -18.73 5.13 -28.77
C LYS D 3 -19.84 6.08 -28.41
N TYR D 4 -19.50 7.10 -27.66
CA TYR D 4 -20.44 8.17 -27.38
C TYR D 4 -20.05 9.30 -28.29
N ASN D 5 -20.89 9.58 -29.27
CA ASN D 5 -20.50 10.40 -30.40
C ASN D 5 -20.98 11.82 -30.19
N PHE D 6 -20.14 12.76 -30.54
CA PHE D 6 -20.42 14.16 -30.29
C PHE D 6 -21.67 14.58 -31.05
N MET D 7 -22.57 15.20 -30.32
CA MET D 7 -23.89 15.54 -30.79
C MET D 7 -23.92 16.93 -31.40
N ARG D 8 -23.68 17.97 -30.60
CA ARG D 8 -23.69 19.32 -31.17
C ARG D 8 -22.95 20.31 -30.29
N ILE D 9 -22.35 21.29 -30.96
CA ILE D 9 -21.65 22.39 -30.32
C ILE D 9 -22.64 23.48 -29.92
N ILE D 10 -22.71 23.75 -28.62
CA ILE D 10 -23.57 24.77 -28.09
C ILE D 10 -22.80 26.09 -28.11
N LYS D 11 -22.76 26.74 -26.99
CA LYS D 11 -22.23 28.09 -26.89
C LYS D 11 -20.85 28.01 -26.27
N TYR D 12 -20.05 29.05 -26.45
CA TYR D 12 -18.65 28.97 -26.09
C TYR D 12 -18.14 30.28 -25.55
N GLU D 13 -17.10 30.16 -24.71
CA GLU D 13 -16.47 31.28 -24.02
C GLU D 13 -17.48 32.15 -23.27
N PHE D 14 -18.57 31.54 -22.85
CA PHE D 14 -19.55 32.21 -22.01
C PHE D 14 -19.40 31.73 -20.57
N ILE D 15 -19.60 32.63 -19.62
CA ILE D 15 -19.38 32.30 -18.22
C ILE D 15 -20.68 32.17 -17.44
N LEU D 16 -20.72 31.17 -16.58
CA LEU D 16 -21.86 30.91 -15.72
C LEU D 16 -21.61 31.42 -14.31
N ASN D 17 -22.60 32.08 -13.76
CA ASN D 17 -22.59 32.58 -12.40
C ASN D 17 -23.82 32.04 -11.70
N ASP D 18 -23.70 31.79 -10.42
CA ASP D 18 -24.73 31.07 -9.68
C ASP D 18 -25.68 32.05 -9.01
N ALA D 19 -26.61 31.56 -8.22
CA ALA D 19 -27.56 32.42 -7.51
C ALA D 19 -26.85 33.34 -6.50
N LEU D 20 -25.61 33.00 -6.14
CA LEU D 20 -24.79 33.86 -5.30
C LEU D 20 -24.27 35.00 -6.14
N ASN D 21 -24.36 34.75 -7.44
CA ASN D 21 -23.86 35.62 -8.47
C ASN D 21 -22.37 35.83 -8.32
N GLN D 22 -21.64 34.82 -8.71
CA GLN D 22 -20.19 34.85 -8.66
C GLN D 22 -19.63 34.24 -9.91
N SER D 23 -18.79 34.99 -10.59
CA SER D 23 -18.17 34.52 -11.80
C SER D 23 -17.18 33.43 -11.47
N ILE D 24 -17.23 32.35 -12.21
CA ILE D 24 -16.31 31.26 -11.97
C ILE D 24 -14.90 31.68 -12.41
N ILE D 25 -14.10 32.13 -11.46
CA ILE D 25 -12.84 32.80 -11.78
C ILE D 25 -11.68 31.81 -11.67
N ARG D 26 -10.69 32.01 -12.51
CA ARG D 26 -9.55 31.12 -12.58
C ARG D 26 -8.52 31.49 -11.53
N ALA D 27 -8.37 30.64 -10.51
CA ALA D 27 -7.36 30.86 -9.49
C ALA D 27 -6.11 30.07 -9.85
N ASN D 28 -6.34 28.86 -10.36
CA ASN D 28 -5.26 27.96 -10.77
C ASN D 28 -5.75 27.04 -11.88
N ASP D 29 -4.87 26.16 -12.36
CA ASP D 29 -5.23 25.21 -13.42
C ASP D 29 -5.75 23.91 -12.82
N GLN D 30 -6.08 23.93 -11.53
CA GLN D 30 -6.59 22.76 -10.83
C GLN D 30 -7.66 23.19 -9.83
N TYR D 31 -7.51 24.39 -9.27
CA TYR D 31 -8.47 24.93 -8.30
C TYR D 31 -9.12 26.21 -8.84
N LEU D 32 -10.43 26.32 -8.67
CA LEU D 32 -11.17 27.49 -9.11
C LEU D 32 -12.13 27.97 -8.03
N THR D 33 -12.14 29.28 -7.81
CA THR D 33 -12.99 29.91 -6.82
C THR D 33 -13.97 30.86 -7.50
N ALA D 34 -15.18 30.93 -7.00
CA ALA D 34 -16.18 31.80 -7.59
C ALA D 34 -16.11 33.18 -6.95
N ALA D 35 -15.97 34.19 -7.79
CA ALA D 35 -15.92 35.57 -7.38
C ALA D 35 -16.39 36.44 -8.52
N ALA D 36 -17.14 37.48 -8.23
CA ALA D 36 -17.64 38.36 -9.28
C ALA D 36 -16.47 38.95 -10.06
N LEU D 37 -16.52 38.85 -11.38
CA LEU D 37 -15.40 39.27 -12.20
C LEU D 37 -15.18 40.76 -12.11
N HIS D 38 -13.95 41.15 -12.26
CA HIS D 38 -13.56 42.54 -12.19
C HIS D 38 -12.49 42.84 -13.23
N ASN D 39 -11.85 41.79 -13.74
CA ASN D 39 -10.99 41.93 -14.89
C ASN D 39 -11.69 41.37 -16.13
N LEU D 40 -12.90 40.81 -15.92
CA LEU D 40 -13.75 40.27 -16.99
C LEU D 40 -13.10 39.08 -17.71
N ASP D 41 -12.03 39.32 -18.45
CA ASP D 41 -11.25 38.22 -18.96
C ASP D 41 -10.37 37.76 -17.82
N GLU D 42 -11.02 37.09 -16.91
CA GLU D 42 -10.45 36.71 -15.63
C GLU D 42 -11.03 35.38 -15.19
N ALA D 43 -12.28 35.17 -15.54
CA ALA D 43 -12.95 33.91 -15.31
C ALA D 43 -12.63 32.95 -16.45
N VAL D 44 -12.77 31.66 -16.21
CA VAL D 44 -12.46 30.67 -17.20
C VAL D 44 -13.59 30.59 -18.18
N LYS D 45 -13.29 30.65 -19.45
CA LYS D 45 -14.33 30.67 -20.44
C LYS D 45 -14.58 29.28 -20.91
N PHE D 46 -15.78 28.82 -20.64
CA PHE D 46 -16.14 27.48 -20.96
C PHE D 46 -16.94 27.40 -22.25
N ASP D 47 -16.94 26.22 -22.79
CA ASP D 47 -17.64 25.87 -24.01
C ASP D 47 -18.22 24.50 -23.86
N MET D 48 -19.40 24.34 -24.38
CA MET D 48 -20.13 23.10 -24.20
C MET D 48 -20.09 22.28 -25.47
N GLY D 49 -19.77 21.01 -25.29
CA GLY D 49 -19.75 20.08 -26.38
C GLY D 49 -20.47 18.81 -25.99
N ALA D 50 -21.56 18.52 -26.66
CA ALA D 50 -22.43 17.44 -26.23
C ALA D 50 -21.95 16.13 -26.80
N TYR D 51 -22.19 15.07 -26.06
CA TYR D 51 -21.86 13.73 -26.50
C TYR D 51 -23.13 12.92 -26.38
N LYS D 52 -23.22 11.79 -27.05
CA LYS D 52 -24.45 11.08 -26.99
C LYS D 52 -24.27 9.59 -26.76
N SER D 53 -24.86 9.15 -25.68
CA SER D 53 -25.12 7.75 -25.40
C SER D 53 -26.48 7.73 -24.75
N SER D 54 -27.18 6.60 -24.73
CA SER D 54 -28.46 6.57 -24.07
C SER D 54 -28.29 6.19 -22.61
N LYS D 55 -27.31 6.82 -21.97
CA LYS D 55 -27.08 6.64 -20.56
C LYS D 55 -27.12 7.97 -19.81
N ASP D 56 -27.92 8.93 -20.26
CA ASP D 56 -28.03 10.18 -19.53
C ASP D 56 -29.01 10.00 -18.38
N ASP D 57 -30.01 10.88 -18.29
CA ASP D 57 -31.25 10.57 -17.60
C ASP D 57 -32.42 10.88 -18.52
N ALA D 58 -32.78 12.17 -18.54
CA ALA D 58 -33.79 12.70 -19.45
C ALA D 58 -33.28 13.94 -20.19
N LYS D 59 -31.97 14.11 -20.20
CA LYS D 59 -31.33 15.37 -20.65
C LYS D 59 -30.00 15.06 -21.30
N ILE D 60 -29.63 15.89 -22.26
CA ILE D 60 -28.49 15.60 -23.11
C ILE D 60 -27.27 16.26 -22.51
N THR D 61 -26.13 15.64 -22.70
CA THR D 61 -24.97 15.90 -21.87
C THR D 61 -23.84 16.49 -22.68
N VAL D 62 -23.17 17.50 -22.11
CA VAL D 62 -22.10 18.20 -22.79
C VAL D 62 -20.86 18.25 -21.88
N ILE D 63 -19.71 18.57 -22.46
CA ILE D 63 -18.47 18.65 -21.70
C ILE D 63 -18.08 20.10 -21.56
N LEU D 64 -17.68 20.49 -20.38
CA LEU D 64 -17.32 21.88 -20.14
C LEU D 64 -15.80 22.05 -20.11
N ARG D 65 -15.33 22.83 -21.08
CA ARG D 65 -13.92 23.00 -21.33
C ARG D 65 -13.62 24.46 -21.55
N ILE D 66 -12.39 24.89 -21.27
CA ILE D 66 -12.01 26.26 -21.51
C ILE D 66 -11.66 26.40 -22.99
N SER D 67 -12.27 27.37 -23.65
CA SER D 67 -12.20 27.50 -25.11
C SER D 67 -10.79 27.37 -25.68
N LYS D 68 -9.76 27.70 -24.89
CA LYS D 68 -8.40 27.68 -25.39
C LYS D 68 -7.74 26.31 -25.17
N THR D 69 -7.75 25.84 -23.93
CA THR D 69 -7.16 24.54 -23.60
C THR D 69 -8.23 23.57 -23.16
N GLN D 70 -7.92 22.30 -23.04
CA GLN D 70 -8.98 21.39 -22.73
C GLN D 70 -8.94 21.07 -21.25
N LEU D 71 -9.39 22.05 -20.48
CA LEU D 71 -9.55 21.92 -19.05
C LEU D 71 -10.99 21.58 -18.75
N TYR D 72 -11.23 20.39 -18.27
CA TYR D 72 -12.60 19.98 -17.96
C TYR D 72 -12.76 19.97 -16.46
N VAL D 73 -13.93 20.34 -15.97
CA VAL D 73 -14.20 20.12 -14.57
C VAL D 73 -14.77 18.72 -14.41
N THR D 74 -14.07 17.90 -13.63
CA THR D 74 -14.47 16.54 -13.36
C THR D 74 -15.11 16.41 -11.98
N ALA D 75 -15.99 15.42 -11.83
CA ALA D 75 -16.65 15.17 -10.55
C ALA D 75 -15.83 14.24 -9.69
N GLN D 76 -15.38 14.74 -8.54
CA GLN D 76 -14.56 13.95 -7.64
C GLN D 76 -15.40 13.04 -6.75
N ASP D 77 -15.85 13.55 -5.60
CA ASP D 77 -16.67 12.77 -4.68
C ASP D 77 -17.55 13.69 -3.83
N GLU D 78 -18.69 14.07 -4.39
CA GLU D 78 -19.64 14.97 -3.75
C GLU D 78 -18.95 16.24 -3.30
N ASP D 79 -19.18 16.66 -2.05
CA ASP D 79 -18.62 17.90 -1.51
C ASP D 79 -17.11 17.77 -1.34
N GLN D 80 -16.46 17.97 -2.48
CA GLN D 80 -15.02 17.93 -2.64
C GLN D 80 -14.71 18.73 -3.91
N PRO D 81 -13.83 19.75 -3.81
CA PRO D 81 -13.49 20.65 -4.92
C PRO D 81 -13.18 19.99 -6.27
N VAL D 82 -13.78 20.56 -7.33
CA VAL D 82 -13.58 20.14 -8.70
C VAL D 82 -12.13 20.23 -9.12
N LEU D 83 -11.65 19.18 -9.76
CA LEU D 83 -10.28 19.11 -10.22
C LEU D 83 -10.21 19.39 -11.72
N LEU D 84 -9.59 20.49 -12.08
CA LEU D 84 -9.46 20.89 -13.48
C LEU D 84 -8.38 20.04 -14.18
N LYS D 85 -8.82 19.18 -15.09
CA LYS D 85 -7.91 18.31 -15.84
C LYS D 85 -7.57 18.91 -17.20
N GLU D 86 -6.33 18.72 -17.64
CA GLU D 86 -5.90 19.25 -18.93
C GLU D 86 -5.36 18.14 -19.84
N MET D 87 -6.00 17.97 -20.99
CA MET D 87 -5.60 16.97 -21.97
C MET D 87 -5.70 17.55 -23.38
N PRO D 88 -4.56 17.64 -24.10
CA PRO D 88 -4.49 18.20 -25.45
C PRO D 88 -5.51 17.60 -26.43
N GLU D 89 -6.24 18.50 -27.10
CA GLU D 89 -7.27 18.14 -28.10
C GLU D 89 -8.49 17.44 -27.47
N ILE D 90 -9.67 17.89 -27.90
CA ILE D 90 -10.94 17.33 -27.44
C ILE D 90 -11.24 15.97 -28.07
N PRO D 91 -11.56 14.97 -27.24
CA PRO D 91 -11.97 13.65 -27.72
C PRO D 91 -13.29 13.71 -28.49
N LYS D 92 -13.40 12.88 -29.52
CA LYS D 92 -14.61 12.82 -30.34
C LYS D 92 -15.45 11.62 -29.91
N THR D 93 -14.77 10.66 -29.30
CA THR D 93 -15.38 9.44 -28.84
C THR D 93 -15.02 9.21 -27.39
N ILE D 94 -16.03 9.14 -26.56
CA ILE D 94 -15.85 9.17 -25.13
C ILE D 94 -15.90 7.77 -24.55
N THR D 95 -14.90 7.42 -23.74
CA THR D 95 -14.84 6.10 -23.12
C THR D 95 -15.30 6.16 -21.66
N GLY D 96 -14.85 5.20 -20.85
CA GLY D 96 -15.24 5.15 -19.45
C GLY D 96 -14.24 5.83 -18.53
N SER D 97 -13.36 6.64 -19.11
CA SER D 97 -12.35 7.35 -18.33
C SER D 97 -12.73 8.81 -18.16
N GLU D 98 -13.45 9.33 -19.14
CA GLU D 98 -13.87 10.72 -19.14
C GLU D 98 -15.33 10.84 -18.71
N THR D 99 -15.79 9.91 -17.88
CA THR D 99 -17.17 9.90 -17.40
C THR D 99 -17.40 10.89 -16.26
N ASN D 100 -16.33 11.52 -15.79
CA ASN D 100 -16.42 12.48 -14.68
C ASN D 100 -16.61 13.91 -15.18
N LEU D 101 -16.14 14.18 -16.41
CA LEU D 101 -16.25 15.52 -16.98
C LEU D 101 -17.51 15.65 -17.84
N LEU D 102 -18.45 14.73 -17.63
CA LEU D 102 -19.71 14.73 -18.38
C LEU D 102 -20.78 15.43 -17.55
N PHE D 103 -21.70 16.17 -18.18
CA PHE D 103 -22.62 16.97 -17.38
C PHE D 103 -24.03 16.99 -17.92
N PHE D 104 -24.92 16.54 -17.07
CA PHE D 104 -26.34 16.49 -17.33
C PHE D 104 -26.92 17.85 -16.98
N TRP D 105 -27.18 18.65 -18.00
CA TRP D 105 -27.62 20.02 -17.75
C TRP D 105 -29.14 20.15 -17.82
N GLU D 106 -29.74 20.48 -16.68
CA GLU D 106 -31.17 20.69 -16.60
C GLU D 106 -31.45 22.20 -16.52
N THR D 107 -31.99 22.74 -17.60
CA THR D 107 -32.22 24.17 -17.71
C THR D 107 -33.68 24.52 -17.38
N HIS D 108 -33.86 25.50 -16.49
CA HIS D 108 -35.20 25.96 -16.13
C HIS D 108 -35.29 27.47 -16.38
N GLY D 109 -35.85 27.83 -17.52
CA GLY D 109 -35.99 29.23 -17.88
C GLY D 109 -34.67 29.94 -18.02
N THR D 110 -34.25 30.62 -16.97
CA THR D 110 -32.99 31.35 -16.96
C THR D 110 -31.92 30.57 -16.19
N LYS D 111 -32.32 29.99 -15.07
CA LYS D 111 -31.41 29.24 -14.25
C LYS D 111 -31.20 27.85 -14.81
N ASN D 112 -30.13 27.23 -14.40
CA ASN D 112 -29.79 25.91 -14.91
C ASN D 112 -28.96 25.15 -13.88
N TYR D 113 -29.08 23.84 -13.91
CA TYR D 113 -28.33 22.98 -13.00
C TYR D 113 -27.29 22.19 -13.78
N PHE D 114 -26.29 21.70 -13.06
CA PHE D 114 -25.27 20.85 -13.64
C PHE D 114 -25.14 19.56 -12.82
N THR D 115 -25.76 18.52 -13.33
CA THR D 115 -25.80 17.23 -12.65
C THR D 115 -24.66 16.33 -13.13
N SER D 116 -24.01 15.66 -12.20
CA SER D 116 -22.93 14.72 -12.54
C SER D 116 -23.49 13.44 -13.15
N VAL D 117 -22.96 13.07 -14.31
CA VAL D 117 -23.36 11.83 -14.98
C VAL D 117 -22.66 10.64 -14.32
N ALA D 118 -21.54 10.90 -13.65
CA ALA D 118 -20.79 9.84 -12.97
C ALA D 118 -21.56 9.35 -11.74
N HIS D 119 -21.65 10.22 -10.73
CA HIS D 119 -22.38 9.91 -9.51
C HIS D 119 -23.61 10.82 -9.45
N PRO D 120 -24.82 10.22 -9.48
CA PRO D 120 -26.09 10.95 -9.53
C PRO D 120 -26.27 12.00 -8.43
N ASN D 121 -25.89 11.66 -7.20
CA ASN D 121 -26.15 12.52 -6.04
C ASN D 121 -25.26 13.76 -6.05
N LEU D 122 -24.40 13.88 -7.06
CA LEU D 122 -23.49 15.01 -7.14
C LEU D 122 -24.09 16.11 -7.98
N PHE D 123 -23.91 17.33 -7.49
CA PHE D 123 -24.41 18.52 -8.12
C PHE D 123 -23.39 19.63 -7.89
N ILE D 124 -23.22 20.54 -8.82
CA ILE D 124 -22.15 21.52 -8.72
C ILE D 124 -22.60 22.73 -7.88
N ALA D 125 -22.13 22.76 -6.64
CA ALA D 125 -22.56 23.75 -5.66
C ALA D 125 -21.64 24.96 -5.64
N THR D 126 -22.17 26.08 -5.18
CA THR D 126 -21.40 27.31 -5.16
C THR D 126 -21.25 27.84 -3.75
N LYS D 127 -20.02 28.15 -3.42
CA LYS D 127 -19.66 28.63 -2.09
C LYS D 127 -19.36 30.13 -2.12
N GLN D 128 -19.54 30.80 -1.00
CA GLN D 128 -19.27 32.23 -0.90
C GLN D 128 -17.78 32.53 -0.79
N ASP D 129 -17.02 31.61 -0.19
CA ASP D 129 -15.61 31.87 0.07
C ASP D 129 -14.71 30.77 -0.50
N TYR D 130 -15.24 29.56 -0.59
CA TYR D 130 -14.46 28.42 -1.06
C TYR D 130 -14.57 28.19 -2.56
N TRP D 131 -13.89 27.14 -3.01
CA TRP D 131 -13.86 26.75 -4.42
C TRP D 131 -15.19 26.19 -4.88
N VAL D 132 -15.55 26.44 -6.13
CA VAL D 132 -16.78 25.91 -6.69
C VAL D 132 -16.65 24.40 -6.85
N CYS D 133 -17.28 23.67 -5.95
CA CYS D 133 -17.13 22.22 -5.92
C CYS D 133 -18.37 21.52 -6.47
N LEU D 134 -18.58 20.31 -6.00
CA LEU D 134 -19.74 19.53 -6.31
C LEU D 134 -20.22 19.07 -4.97
N ALA D 135 -21.44 18.59 -4.86
CA ALA D 135 -21.97 18.33 -3.55
C ALA D 135 -23.24 17.53 -3.62
N GLY D 136 -23.63 17.08 -2.46
CA GLY D 136 -25.00 16.84 -2.21
C GLY D 136 -25.43 18.08 -1.54
N GLY D 137 -26.57 18.57 -1.89
CA GLY D 137 -26.89 19.93 -1.50
C GLY D 137 -27.83 20.11 -0.33
N PRO D 138 -27.28 20.40 0.86
CA PRO D 138 -27.95 21.15 1.90
C PRO D 138 -27.37 22.58 1.96
N PRO D 139 -28.20 23.58 2.32
CA PRO D 139 -28.07 25.03 2.05
C PRO D 139 -26.88 25.60 1.23
N SER D 140 -26.09 24.78 0.56
CA SER D 140 -25.16 25.24 -0.46
C SER D 140 -25.95 25.59 -1.71
N ILE D 141 -25.57 26.64 -2.40
CA ILE D 141 -26.31 27.06 -3.57
C ILE D 141 -25.85 26.26 -4.78
N THR D 142 -26.51 25.15 -5.03
CA THR D 142 -26.20 24.36 -6.19
C THR D 142 -27.08 24.82 -7.37
N ASP D 143 -27.32 26.13 -7.40
CA ASP D 143 -27.99 26.81 -8.50
C ASP D 143 -26.98 27.38 -9.45
N PHE D 144 -27.33 27.50 -10.71
CA PHE D 144 -26.56 28.30 -11.63
C PHE D 144 -27.45 29.12 -12.55
N GLN D 145 -26.81 30.03 -13.26
CA GLN D 145 -27.44 30.95 -14.18
C GLN D 145 -26.36 31.39 -15.14
N ILE D 146 -26.65 31.49 -16.42
CA ILE D 146 -25.58 31.85 -17.33
C ILE D 146 -25.63 33.34 -17.64
N LEU D 147 -24.62 34.05 -17.14
CA LEU D 147 -24.48 35.46 -17.42
C LEU D 147 -23.21 35.74 -18.23
N GLU D 148 -23.38 36.34 -19.39
CA GLU D 148 -22.24 36.67 -20.23
C GLU D 148 -21.67 38.03 -19.84
N ASN D 149 -20.39 38.23 -20.12
CA ASN D 149 -19.76 39.54 -19.93
C ASN D 149 -19.90 40.35 -21.22
N GLN D 150 -19.56 41.62 -21.15
CA GLN D 150 -19.72 42.51 -22.29
C GLN D 150 -18.63 42.21 -23.33
N ALA D 151 -17.38 42.26 -22.90
CA ALA D 151 -16.25 42.00 -23.76
C ALA D 151 -15.00 41.78 -22.91
N ASN A 1 11.99 -1.31 32.51
CA ASN A 1 11.03 -2.19 31.80
C ASN A 1 11.22 -3.61 32.31
N VAL A 2 10.52 -4.58 31.74
CA VAL A 2 10.72 -5.96 32.11
C VAL A 2 11.73 -6.58 31.17
N LYS A 3 12.82 -7.07 31.73
CA LYS A 3 13.84 -7.71 30.93
C LYS A 3 13.75 -9.21 31.09
N TYR A 4 14.07 -9.92 30.04
CA TYR A 4 14.18 -11.36 30.12
C TYR A 4 15.66 -11.66 30.22
N ASN A 5 16.09 -12.13 31.37
CA ASN A 5 17.50 -12.14 31.71
C ASN A 5 18.07 -13.51 31.46
N PHE A 6 19.27 -13.53 30.91
CA PHE A 6 19.89 -14.78 30.51
C PHE A 6 20.10 -15.68 31.73
N MET A 7 19.65 -16.91 31.57
CA MET A 7 19.59 -17.87 32.65
C MET A 7 20.87 -18.70 32.70
N ARG A 8 21.13 -19.50 31.68
CA ARG A 8 22.36 -20.30 31.71
C ARG A 8 22.77 -20.78 30.34
N ILE A 9 24.09 -20.88 30.16
CA ILE A 9 24.70 -21.39 28.95
C ILE A 9 24.71 -22.92 28.95
N ILE A 10 24.04 -23.52 27.99
CA ILE A 10 24.01 -24.95 27.86
C ILE A 10 25.20 -25.38 27.00
N LYS A 11 24.93 -26.13 25.98
CA LYS A 11 25.97 -26.76 25.19
C LYS A 11 26.13 -25.98 23.90
N TYR A 12 27.26 -26.15 23.23
CA TYR A 12 27.59 -25.28 22.11
C TYR A 12 28.33 -26.03 21.02
N GLU A 13 28.16 -25.51 19.81
CA GLU A 13 28.73 -26.08 18.58
C GLU A 13 28.40 -27.56 18.43
N PHE A 14 27.26 -27.96 18.98
CA PHE A 14 26.74 -29.30 18.78
C PHE A 14 25.58 -29.27 17.78
N ILE A 15 25.48 -30.30 16.97
CA ILE A 15 24.49 -30.31 15.90
C ILE A 15 23.35 -31.29 16.18
N LEU A 16 22.14 -30.85 15.87
CA LEU A 16 20.95 -31.64 16.05
C LEU A 16 20.50 -32.22 14.70
N ASN A 17 20.16 -33.49 14.74
CA ASN A 17 19.63 -34.23 13.60
C ASN A 17 18.30 -34.84 14.02
N ASP A 18 17.38 -34.94 13.09
CA ASP A 18 16.01 -35.31 13.40
C ASP A 18 15.82 -36.81 13.22
N ALA A 19 14.60 -37.29 13.37
CA ALA A 19 14.30 -38.71 13.20
C ALA A 19 14.56 -39.17 11.77
N LEU A 20 14.66 -38.23 10.82
CA LEU A 20 15.03 -38.55 9.44
C LEU A 20 16.53 -38.78 9.42
N ASN A 21 17.15 -38.29 10.48
CA ASN A 21 18.58 -38.30 10.67
C ASN A 21 19.26 -37.53 9.57
N GLN A 22 19.17 -36.22 9.69
CA GLN A 22 19.78 -35.32 8.73
C GLN A 22 20.42 -34.17 9.47
N SER A 23 21.70 -33.97 9.23
CA SER A 23 22.42 -32.90 9.85
C SER A 23 21.94 -31.57 9.30
N ILE A 24 21.68 -30.64 10.18
CA ILE A 24 21.23 -29.33 9.74
C ILE A 24 22.38 -28.60 9.06
N ILE A 25 22.43 -28.67 7.75
CA ILE A 25 23.61 -28.23 7.01
C ILE A 25 23.40 -26.81 6.48
N ARG A 26 24.50 -26.07 6.41
CA ARG A 26 24.46 -24.68 6.01
C ARG A 26 24.48 -24.57 4.48
N ALA A 27 23.36 -24.16 3.90
CA ALA A 27 23.29 -23.94 2.47
C ALA A 27 23.54 -22.47 2.17
N ASN A 28 22.99 -21.62 3.03
CA ASN A 28 23.13 -20.17 2.91
C ASN A 28 22.95 -19.52 4.29
N ASP A 29 23.15 -18.21 4.37
CA ASP A 29 23.01 -17.48 5.63
C ASP A 29 21.55 -17.06 5.85
N GLN A 30 20.64 -17.71 5.12
CA GLN A 30 19.22 -17.42 5.22
C GLN A 30 18.42 -18.71 5.03
N TYR A 31 18.93 -19.58 4.17
CA TYR A 31 18.27 -20.86 3.89
C TYR A 31 19.16 -22.03 4.32
N LEU A 32 18.56 -22.99 5.03
CA LEU A 32 19.27 -24.17 5.49
C LEU A 32 18.50 -25.44 5.15
N THR A 33 19.21 -26.42 4.63
CA THR A 33 18.63 -27.71 4.26
C THR A 33 19.24 -28.82 5.09
N ALA A 34 18.44 -29.80 5.46
CA ALA A 34 18.95 -30.89 6.27
C ALA A 34 19.48 -32.00 5.37
N ALA A 35 20.71 -32.37 5.62
CA ALA A 35 21.37 -33.44 4.89
C ALA A 35 22.45 -34.04 5.77
N ALA A 36 22.62 -35.35 5.73
CA ALA A 36 23.63 -35.99 6.56
C ALA A 36 25.01 -35.43 6.23
N LEU A 37 25.75 -35.01 7.26
CA LEU A 37 27.01 -34.34 7.04
C LEU A 37 28.03 -35.29 6.42
N HIS A 38 28.91 -34.72 5.65
CA HIS A 38 29.93 -35.49 4.97
C HIS A 38 31.24 -34.70 4.97
N ASN A 39 31.15 -33.40 5.25
CA ASN A 39 32.35 -32.60 5.51
C ASN A 39 32.46 -32.31 7.01
N LEU A 40 31.43 -32.76 7.76
CA LEU A 40 31.37 -32.63 9.23
C LEU A 40 31.32 -31.18 9.68
N ASP A 41 32.40 -30.44 9.49
CA ASP A 41 32.36 -29.01 9.68
C ASP A 41 31.73 -28.42 8.44
N GLU A 42 30.44 -28.65 8.37
CA GLU A 42 29.64 -28.37 7.18
C GLU A 42 28.25 -27.93 7.59
N ALA A 43 27.78 -28.49 8.69
CA ALA A 43 26.53 -28.11 9.31
C ALA A 43 26.77 -26.90 10.20
N VAL A 44 25.71 -26.15 10.48
CA VAL A 44 25.82 -24.97 11.29
C VAL A 44 25.88 -25.37 12.74
N LYS A 45 26.85 -24.85 13.45
CA LYS A 45 27.02 -25.27 14.82
C LYS A 45 26.31 -24.32 15.71
N PHE A 46 25.32 -24.85 16.39
CA PHE A 46 24.49 -24.04 17.23
C PHE A 46 24.89 -24.15 18.68
N ASP A 47 24.46 -23.16 19.42
CA ASP A 47 24.69 -23.03 20.85
C ASP A 47 23.46 -22.48 21.48
N MET A 48 23.16 -22.98 22.64
CA MET A 48 21.93 -22.64 23.31
C MET A 48 22.20 -21.67 24.44
N GLY A 49 21.41 -20.62 24.47
CA GLY A 49 21.49 -19.64 25.52
C GLY A 49 20.11 -19.33 26.04
N ALA A 50 19.86 -19.64 27.28
CA ALA A 50 18.52 -19.56 27.81
C ALA A 50 18.22 -18.17 28.31
N TYR A 51 16.97 -17.79 28.21
CA TYR A 51 16.52 -16.50 28.71
C TYR A 51 15.36 -16.79 29.64
N LYS A 52 15.01 -15.87 30.50
CA LYS A 52 13.96 -16.18 31.43
C LYS A 52 12.95 -15.06 31.57
N SER A 53 11.71 -15.45 31.27
CA SER A 53 10.53 -14.71 31.63
C SER A 53 9.50 -15.76 32.00
N SER A 54 8.47 -15.43 32.74
CA SER A 54 7.47 -16.42 33.08
C SER A 54 6.39 -16.46 32.01
N LYS A 55 6.84 -16.45 30.76
CA LYS A 55 5.94 -16.58 29.63
C LYS A 55 6.32 -17.74 28.73
N ASP A 56 6.87 -18.81 29.29
CA ASP A 56 7.18 -19.97 28.47
C ASP A 56 5.93 -20.81 28.30
N ASP A 57 6.00 -22.11 28.60
CA ASP A 57 4.83 -22.88 28.95
C ASP A 57 5.09 -23.61 30.27
N ALA A 58 5.79 -24.74 30.15
CA ALA A 58 6.26 -25.52 31.30
C ALA A 58 7.74 -25.86 31.16
N LYS A 59 8.45 -25.12 30.31
CA LYS A 59 9.81 -25.47 29.87
C LYS A 59 10.59 -24.21 29.62
N ILE A 60 11.89 -24.28 29.85
CA ILE A 60 12.73 -23.09 29.84
C ILE A 60 13.32 -22.93 28.45
N THR A 61 13.53 -21.69 28.06
CA THR A 61 13.69 -21.37 26.67
C THR A 61 15.07 -20.82 26.37
N VAL A 62 15.65 -21.25 25.27
CA VAL A 62 17.00 -20.85 24.89
C VAL A 62 17.00 -20.34 23.44
N ILE A 63 18.08 -19.66 23.05
CA ILE A 63 18.20 -19.12 21.71
C ILE A 63 19.22 -19.93 20.95
N LEU A 64 18.91 -20.28 19.72
CA LEU A 64 19.82 -21.09 18.94
C LEU A 64 20.58 -20.24 17.94
N ARG A 65 21.89 -20.20 18.12
CA ARG A 65 22.77 -19.34 17.38
C ARG A 65 24.00 -20.11 16.94
N ILE A 66 24.63 -19.69 15.85
CA ILE A 66 25.84 -20.35 15.40
C ILE A 66 27.00 -19.80 16.22
N SER A 67 27.78 -20.69 16.80
CA SER A 67 28.79 -20.33 17.79
C SER A 67 29.69 -19.16 17.37
N LYS A 68 29.86 -18.95 16.06
CA LYS A 68 30.74 -17.91 15.58
C LYS A 68 30.00 -16.58 15.39
N THR A 69 28.92 -16.60 14.63
CA THR A 69 28.14 -15.38 14.39
C THR A 69 26.76 -15.52 15.00
N GLN A 70 26.00 -14.46 15.09
CA GLN A 70 24.74 -14.60 15.78
C GLN A 70 23.64 -14.76 14.76
N LEU A 71 23.57 -15.98 14.23
CA LEU A 71 22.55 -16.38 13.26
C LEU A 71 21.50 -17.20 14.00
N TYR A 72 20.34 -16.61 14.21
CA TYR A 72 19.29 -17.30 14.94
C TYR A 72 18.27 -17.82 13.96
N VAL A 73 17.69 -18.98 14.23
CA VAL A 73 16.56 -19.40 13.43
C VAL A 73 15.31 -18.82 14.07
N THR A 74 14.59 -18.04 13.29
CA THR A 74 13.35 -17.41 13.76
C THR A 74 12.12 -18.08 13.18
N ALA A 75 10.96 -17.80 13.77
CA ALA A 75 9.70 -18.35 13.31
C ALA A 75 8.92 -17.30 12.52
N GLN A 76 8.32 -17.73 11.40
CA GLN A 76 7.56 -16.81 10.56
C GLN A 76 6.06 -17.06 10.70
N ASP A 77 5.55 -18.06 9.98
CA ASP A 77 4.13 -18.40 10.02
C ASP A 77 3.93 -19.87 9.64
N GLU A 78 4.05 -20.74 10.64
CA GLU A 78 3.93 -22.19 10.47
C GLU A 78 4.85 -22.67 9.35
N ASP A 79 4.30 -23.48 8.44
CA ASP A 79 5.06 -24.01 7.30
C ASP A 79 5.60 -22.87 6.41
N GLN A 80 6.73 -22.35 6.82
CA GLN A 80 7.41 -21.27 6.13
C GLN A 80 8.89 -21.32 6.51
N PRO A 81 9.79 -21.23 5.53
CA PRO A 81 11.23 -21.32 5.75
C PRO A 81 11.78 -20.38 6.82
N VAL A 82 12.46 -20.99 7.79
CA VAL A 82 13.14 -20.28 8.86
C VAL A 82 14.04 -19.17 8.33
N LEU A 83 13.96 -18.02 8.96
CA LEU A 83 14.74 -16.86 8.56
C LEU A 83 15.96 -16.71 9.46
N LEU A 84 17.13 -17.00 8.92
CA LEU A 84 18.37 -16.88 9.67
C LEU A 84 18.80 -15.41 9.77
N LYS A 85 18.64 -14.85 10.97
CA LYS A 85 18.99 -13.45 11.22
C LYS A 85 20.43 -13.31 11.67
N GLU A 86 21.04 -12.15 11.42
CA GLU A 86 22.42 -11.92 11.81
C GLU A 86 22.60 -10.53 12.42
N MET A 87 22.70 -10.47 13.74
CA MET A 87 22.90 -9.21 14.44
C MET A 87 24.15 -9.30 15.32
N PRO A 88 25.12 -8.38 15.12
CA PRO A 88 26.39 -8.35 15.87
C PRO A 88 26.21 -8.35 17.39
N GLU A 89 26.92 -9.28 18.05
CA GLU A 89 26.91 -9.44 19.50
C GLU A 89 25.57 -9.93 20.05
N ILE A 90 25.66 -10.90 20.96
CA ILE A 90 24.49 -11.48 21.62
C ILE A 90 23.91 -10.56 22.69
N PRO A 91 22.60 -10.31 22.64
CA PRO A 91 21.90 -9.52 23.65
C PRO A 91 21.91 -10.23 25.01
N LYS A 92 22.01 -9.44 26.07
CA LYS A 92 22.01 -9.97 27.44
C LYS A 92 20.63 -9.81 28.05
N THR A 93 19.88 -8.88 27.50
CA THR A 93 18.55 -8.55 27.96
C THR A 93 17.61 -8.54 26.78
N ILE A 94 16.62 -9.40 26.84
CA ILE A 94 15.77 -9.70 25.71
C ILE A 94 14.46 -8.91 25.80
N THR A 95 14.13 -8.22 24.71
CA THR A 95 12.91 -7.41 24.66
C THR A 95 11.80 -8.12 23.87
N GLY A 96 10.82 -7.35 23.40
CA GLY A 96 9.73 -7.91 22.63
C GLY A 96 10.02 -7.91 21.15
N SER A 97 11.23 -7.48 20.79
CA SER A 97 11.66 -7.43 19.40
C SER A 97 12.15 -8.80 18.97
N GLU A 98 12.84 -9.48 19.87
CA GLU A 98 13.36 -10.81 19.62
C GLU A 98 12.50 -11.85 20.34
N THR A 99 11.53 -12.40 19.63
CA THR A 99 10.63 -13.39 20.21
C THR A 99 10.41 -14.57 19.25
N ASN A 100 10.96 -14.45 18.05
CA ASN A 100 10.83 -15.49 17.03
C ASN A 100 11.99 -16.48 17.12
N LEU A 101 13.13 -15.99 17.57
CA LEU A 101 14.32 -16.81 17.71
C LEU A 101 14.38 -17.47 19.08
N LEU A 102 13.24 -17.48 19.78
CA LEU A 102 13.18 -18.08 21.11
C LEU A 102 12.61 -19.48 21.00
N PHE A 103 13.08 -20.44 21.82
CA PHE A 103 12.69 -21.81 21.60
C PHE A 103 12.43 -22.57 22.88
N PHE A 104 11.21 -23.06 22.95
CA PHE A 104 10.73 -23.86 24.05
C PHE A 104 11.12 -25.31 23.79
N TRP A 105 12.17 -25.76 24.46
CA TRP A 105 12.68 -27.10 24.17
C TRP A 105 12.15 -28.14 25.15
N GLU A 106 11.37 -29.07 24.61
CA GLU A 106 10.83 -30.16 25.39
C GLU A 106 11.62 -31.44 25.09
N THR A 107 12.41 -31.88 26.05
CA THR A 107 13.29 -33.02 25.87
C THR A 107 12.68 -34.30 26.45
N HIS A 108 12.64 -35.35 25.65
CA HIS A 108 12.13 -36.64 26.11
C HIS A 108 13.20 -37.71 25.93
N GLY A 109 13.92 -38.02 27.00
CA GLY A 109 14.97 -39.01 26.94
C GLY A 109 16.10 -38.63 25.99
N THR A 110 16.04 -39.14 24.78
CA THR A 110 17.05 -38.86 23.78
C THR A 110 16.53 -37.84 22.76
N LYS A 111 15.27 -37.99 22.38
CA LYS A 111 14.66 -37.10 21.42
C LYS A 111 14.23 -35.81 22.09
N ASN A 112 14.04 -34.79 21.29
CA ASN A 112 13.67 -33.48 21.81
C ASN A 112 12.90 -32.70 20.77
N TYR A 113 12.02 -31.83 21.24
CA TYR A 113 11.23 -30.99 20.36
C TYR A 113 11.67 -29.54 20.48
N PHE A 114 11.34 -28.76 19.48
CA PHE A 114 11.61 -27.32 19.48
C PHE A 114 10.34 -26.55 19.18
N THR A 115 9.72 -26.06 20.24
CA THR A 115 8.46 -25.34 20.15
C THR A 115 8.69 -23.84 20.03
N SER A 116 7.94 -23.20 19.13
CA SER A 116 8.04 -21.75 18.95
C SER A 116 7.36 -21.02 20.11
N VAL A 117 8.10 -20.09 20.72
CA VAL A 117 7.57 -19.27 21.81
C VAL A 117 6.69 -18.15 21.24
N ALA A 118 6.92 -17.80 19.97
CA ALA A 118 6.14 -16.75 19.32
C ALA A 118 4.72 -17.24 19.05
N HIS A 119 4.59 -18.19 18.12
CA HIS A 119 3.31 -18.77 17.79
C HIS A 119 3.30 -20.23 18.23
N PRO A 120 2.40 -20.57 19.18
CA PRO A 120 2.35 -21.91 19.81
C PRO A 120 2.25 -23.08 18.81
N ASN A 121 1.43 -22.92 17.78
CA ASN A 121 1.15 -24.01 16.85
C ASN A 121 2.35 -24.32 15.94
N LEU A 122 3.43 -23.58 16.12
CA LEU A 122 4.61 -23.76 15.29
C LEU A 122 5.59 -24.71 15.96
N PHE A 123 6.14 -25.58 15.16
CA PHE A 123 7.09 -26.58 15.59
C PHE A 123 8.10 -26.77 14.47
N ILE A 124 9.35 -27.06 14.79
CA ILE A 124 10.39 -27.09 13.77
C ILE A 124 10.44 -28.46 13.10
N ALA A 125 9.90 -28.53 11.89
CA ALA A 125 9.74 -29.78 11.16
C ALA A 125 10.91 -30.06 10.24
N THR A 126 11.11 -31.32 9.90
CA THR A 126 12.22 -31.70 9.08
C THR A 126 11.75 -32.37 7.80
N LYS A 127 12.28 -31.89 6.70
CA LYS A 127 11.92 -32.34 5.37
C LYS A 127 13.04 -33.21 4.79
N GLN A 128 12.69 -34.12 3.89
CA GLN A 128 13.67 -34.99 3.23
C GLN A 128 14.45 -34.26 2.15
N ASP A 129 13.82 -33.29 1.50
CA ASP A 129 14.44 -32.62 0.36
C ASP A 129 14.49 -31.11 0.52
N TYR A 130 13.53 -30.57 1.26
CA TYR A 130 13.43 -29.12 1.44
C TYR A 130 14.18 -28.62 2.68
N TRP A 131 14.07 -27.31 2.88
CA TRP A 131 14.72 -26.63 4.00
C TRP A 131 14.06 -26.98 5.33
N VAL A 132 14.86 -27.02 6.40
CA VAL A 132 14.33 -27.28 7.72
C VAL A 132 13.51 -26.08 8.18
N CYS A 133 12.20 -26.22 8.12
CA CYS A 133 11.30 -25.12 8.42
C CYS A 133 10.66 -25.27 9.79
N LEU A 134 9.50 -24.67 9.93
CA LEU A 134 8.68 -24.79 11.11
C LEU A 134 7.33 -25.16 10.57
N ALA A 135 6.42 -25.63 11.37
CA ALA A 135 5.20 -26.17 10.83
C ALA A 135 4.18 -26.41 11.90
N GLY A 136 2.99 -26.67 11.44
CA GLY A 136 2.08 -27.45 12.17
C GLY A 136 2.28 -28.81 11.61
N GLY A 137 2.32 -29.79 12.43
CA GLY A 137 2.82 -31.06 11.97
C GLY A 137 1.79 -32.13 11.66
N PRO A 138 1.48 -32.32 10.37
CA PRO A 138 1.02 -33.57 9.81
C PRO A 138 2.15 -34.22 9.01
N PRO A 139 2.22 -35.57 8.98
CA PRO A 139 3.38 -36.44 8.68
C PRO A 139 4.78 -35.84 8.37
N SER A 140 5.01 -34.56 8.60
CA SER A 140 6.35 -34.00 8.61
C SER A 140 7.02 -34.40 9.92
N ILE A 141 8.30 -34.71 9.89
CA ILE A 141 8.98 -35.14 11.08
C ILE A 141 9.42 -33.95 11.90
N THR A 142 8.57 -33.51 12.81
CA THR A 142 8.93 -32.43 13.69
C THR A 142 9.58 -32.99 14.96
N ASP A 143 10.33 -34.07 14.76
CA ASP A 143 11.18 -34.68 15.79
C ASP A 143 12.59 -34.15 15.68
N PHE A 144 13.30 -34.11 16.79
CA PHE A 144 14.73 -33.92 16.76
C PHE A 144 15.45 -34.81 17.74
N GLN A 145 16.75 -34.84 17.59
CA GLN A 145 17.65 -35.64 18.39
C GLN A 145 19.01 -34.98 18.30
N ILE A 146 19.76 -34.87 19.37
CA ILE A 146 21.03 -34.18 19.27
C ILE A 146 22.15 -35.19 19.10
N LEU A 147 22.74 -35.18 17.90
CA LEU A 147 23.90 -36.00 17.62
C LEU A 147 25.13 -35.15 17.33
N GLU A 148 26.17 -35.36 18.11
CA GLU A 148 27.41 -34.61 17.92
C GLU A 148 28.29 -35.31 16.89
N ASN A 149 29.16 -34.55 16.24
CA ASN A 149 30.15 -35.12 15.34
C ASN A 149 31.42 -35.43 16.13
N GLN A 150 32.35 -36.12 15.50
CA GLN A 150 33.58 -36.52 16.18
C GLN A 150 34.51 -35.33 16.35
N ALA A 151 34.81 -34.67 15.23
CA ALA A 151 35.67 -33.50 15.22
C ALA A 151 35.53 -32.77 13.89
N MET B 1 19.22 -14.15 -4.17
CA MET B 1 18.23 -13.71 -3.15
C MET B 1 18.22 -12.19 -3.03
N ALA B 2 18.56 -11.51 -4.11
CA ALA B 2 18.62 -10.05 -4.12
C ALA B 2 17.84 -9.45 -5.28
N ALA B 3 16.81 -8.71 -4.94
CA ALA B 3 16.05 -7.94 -5.93
C ALA B 3 16.91 -6.85 -6.55
N GLU B 4 17.43 -7.11 -7.74
CA GLU B 4 18.15 -6.11 -8.50
C GLU B 4 17.14 -5.12 -9.09
N PRO B 5 17.57 -3.93 -9.59
CA PRO B 5 16.66 -2.86 -10.05
C PRO B 5 15.46 -3.41 -10.83
N LEU B 6 14.31 -2.76 -10.67
CA LEU B 6 13.09 -3.31 -11.17
C LEU B 6 12.38 -2.41 -12.16
N THR B 7 11.28 -2.94 -12.70
CA THR B 7 10.35 -2.22 -13.56
C THR B 7 9.69 -1.06 -12.78
N GLU B 8 8.81 -0.28 -13.40
CA GLU B 8 8.43 1.02 -12.81
C GLU B 8 7.50 0.86 -11.60
N LEU B 9 6.41 0.12 -11.72
CA LEU B 9 5.53 -0.04 -10.57
C LEU B 9 6.26 -0.78 -9.46
N GLU B 10 7.23 -1.57 -9.87
CA GLU B 10 8.10 -2.25 -8.92
C GLU B 10 9.02 -1.23 -8.29
N GLU B 11 9.52 -0.30 -9.10
CA GLU B 11 10.41 0.74 -8.62
C GLU B 11 9.71 1.45 -7.50
N SER B 12 8.42 1.63 -7.67
CA SER B 12 7.65 2.32 -6.66
C SER B 12 7.40 1.45 -5.41
N ILE B 13 7.08 0.15 -5.60
CA ILE B 13 6.82 -0.71 -4.44
C ILE B 13 8.08 -1.28 -3.78
N GLU B 14 9.12 -1.59 -4.57
CA GLU B 14 10.42 -2.01 -4.03
C GLU B 14 10.97 -0.94 -3.11
N THR B 15 10.90 0.29 -3.57
CA THR B 15 11.31 1.45 -2.80
C THR B 15 10.66 1.47 -1.41
N VAL B 16 9.43 1.01 -1.33
CA VAL B 16 8.72 0.93 -0.06
C VAL B 16 9.37 -0.11 0.84
N VAL B 17 9.90 -1.15 0.22
CA VAL B 17 10.49 -2.28 0.93
C VAL B 17 11.78 -1.88 1.60
N THR B 18 12.66 -1.30 0.81
CA THR B 18 14.03 -1.05 1.22
C THR B 18 14.10 -0.19 2.47
N THR B 19 13.31 0.87 2.49
CA THR B 19 13.27 1.76 3.65
C THR B 19 12.78 0.98 4.87
N PHE B 20 11.62 0.39 4.67
CA PHE B 20 10.99 -0.54 5.61
C PHE B 20 11.99 -1.55 6.20
N PHE B 21 12.70 -2.26 5.31
CA PHE B 21 13.65 -3.31 5.69
C PHE B 21 14.83 -2.77 6.49
N THR B 22 15.20 -1.53 6.23
CA THR B 22 16.30 -0.90 6.96
C THR B 22 16.01 -0.89 8.46
N PHE B 23 14.74 -0.69 8.81
CA PHE B 23 14.33 -0.67 10.20
C PHE B 23 14.02 -2.09 10.69
N ALA B 24 13.35 -2.86 9.84
CA ALA B 24 13.01 -4.25 10.15
C ALA B 24 14.27 -5.06 10.49
N ARG B 25 15.37 -4.76 9.79
CA ARG B 25 16.64 -5.46 10.02
C ARG B 25 17.38 -4.96 11.27
N GLN B 26 17.06 -3.74 11.72
CA GLN B 26 17.71 -3.14 12.89
C GLN B 26 17.60 -4.02 14.14
N GLU B 27 16.38 -4.21 14.65
CA GLU B 27 16.17 -5.01 15.85
C GLU B 27 15.84 -6.46 15.50
N GLY B 28 15.35 -7.21 16.50
CA GLY B 28 15.00 -8.61 16.31
C GLY B 28 14.05 -8.83 15.16
N ARG B 29 14.24 -9.95 14.44
CA ARG B 29 13.42 -10.29 13.29
C ARG B 29 13.62 -9.25 12.18
N LYS B 30 14.56 -9.53 11.28
CA LYS B 30 14.88 -8.61 10.18
C LYS B 30 13.76 -8.52 9.15
N ASP B 31 12.69 -9.26 9.36
CA ASP B 31 11.56 -9.25 8.44
C ASP B 31 10.36 -8.50 9.01
N SER B 32 10.51 -7.94 10.21
CA SER B 32 9.41 -7.21 10.85
C SER B 32 9.93 -6.09 11.76
N LEU B 33 9.16 -5.00 11.83
CA LEU B 33 9.52 -3.85 12.68
C LEU B 33 8.85 -4.02 14.03
N SER B 34 9.52 -3.60 15.10
CA SER B 34 8.98 -3.71 16.45
C SER B 34 8.18 -2.47 16.82
N VAL B 35 7.69 -2.42 18.05
CA VAL B 35 6.91 -1.29 18.53
C VAL B 35 7.79 -0.06 18.73
N ASN B 36 9.10 -0.30 18.81
CA ASN B 36 10.05 0.79 18.99
C ASN B 36 10.34 1.45 17.65
N GLU B 37 10.35 0.67 16.57
CA GLU B 37 10.61 1.20 15.24
C GLU B 37 9.38 1.92 14.70
N PHE B 38 8.20 1.52 15.18
CA PHE B 38 6.97 2.12 14.78
C PHE B 38 6.90 3.46 15.47
N LYS B 39 7.17 3.40 16.77
CA LYS B 39 7.19 4.59 17.59
C LYS B 39 8.25 5.57 17.10
N GLU B 40 9.42 5.05 16.70
CA GLU B 40 10.48 5.93 16.20
C GLU B 40 10.04 6.68 14.96
N LEU B 41 9.42 5.97 14.02
CA LEU B 41 9.02 6.59 12.77
C LEU B 41 7.82 7.48 12.98
N VAL B 42 6.90 7.05 13.79
CA VAL B 42 5.68 7.77 14.03
C VAL B 42 6.04 9.10 14.72
N THR B 43 6.84 9.00 15.76
CA THR B 43 7.37 10.14 16.47
C THR B 43 8.30 11.01 15.59
N GLN B 44 9.30 10.39 14.98
CA GLN B 44 10.35 11.10 14.27
C GLN B 44 9.99 11.34 12.81
N GLN B 45 9.61 10.30 12.09
CA GLN B 45 9.40 10.37 10.64
C GLN B 45 7.99 10.83 10.29
N LEU B 46 7.03 10.62 11.17
CA LEU B 46 5.62 10.81 10.83
C LEU B 46 4.98 12.14 11.31
N PRO B 47 5.60 12.97 12.19
CA PRO B 47 4.98 14.23 12.63
C PRO B 47 4.38 15.04 11.48
N HIS B 48 5.07 15.01 10.35
CA HIS B 48 4.60 15.69 9.16
C HIS B 48 3.45 14.91 8.51
N LEU B 49 3.62 13.59 8.42
CA LEU B 49 2.62 12.72 7.80
C LEU B 49 1.45 12.46 8.73
N LEU B 50 1.67 11.60 9.70
CA LEU B 50 0.67 11.21 10.68
C LEU B 50 0.75 12.09 11.89
N LYS B 51 0.01 13.18 11.82
CA LYS B 51 -0.16 14.14 12.89
C LYS B 51 -0.83 13.51 14.12
N ASP B 52 -0.20 12.51 14.62
CA ASP B 52 -0.64 11.80 15.81
C ASP B 52 0.54 10.97 16.30
N VAL B 53 1.59 11.70 16.63
CA VAL B 53 2.85 11.10 17.04
C VAL B 53 2.79 10.66 18.49
N GLY B 54 1.74 11.05 19.18
CA GLY B 54 1.57 10.68 20.56
C GLY B 54 1.04 9.27 20.71
N SER B 55 -0.27 9.13 20.58
CA SER B 55 -0.94 7.87 20.80
C SER B 55 -0.81 6.92 19.61
N LEU B 56 0.42 6.62 19.26
CA LEU B 56 0.74 5.61 18.26
C LEU B 56 -0.05 4.34 18.52
N ASP B 57 -0.34 4.13 19.81
CA ASP B 57 -1.01 2.93 20.31
C ASP B 57 -2.19 2.53 19.44
N GLU B 58 -3.13 3.43 19.20
CA GLU B 58 -4.39 3.07 18.52
C GLU B 58 -4.12 2.38 17.18
N LYS B 59 -3.25 2.97 16.41
CA LYS B 59 -2.90 2.49 15.09
C LYS B 59 -2.11 1.21 15.23
N MET B 60 -1.18 1.22 16.17
CA MET B 60 -0.40 0.05 16.51
C MET B 60 -1.31 -1.13 16.78
N LYS B 61 -2.30 -0.94 17.64
CA LYS B 61 -3.23 -2.01 18.01
C LYS B 61 -3.97 -2.56 16.78
N SER B 62 -4.32 -1.67 15.86
CA SER B 62 -5.07 -2.05 14.67
C SER B 62 -4.21 -2.94 13.76
N LEU B 63 -2.91 -2.67 13.76
CA LEU B 63 -1.95 -3.41 12.94
C LEU B 63 -1.47 -4.66 13.67
N ASP B 64 -1.10 -4.44 14.92
CA ASP B 64 -0.63 -5.47 15.85
C ASP B 64 -1.66 -6.56 16.08
N VAL B 65 -2.90 -6.30 15.64
CA VAL B 65 -4.15 -6.91 16.16
C VAL B 65 -4.04 -8.37 16.67
N ASN B 66 -3.19 -9.17 16.06
CA ASN B 66 -3.01 -10.56 16.51
C ASN B 66 -2.16 -10.63 17.79
N GLN B 67 -1.81 -9.45 18.37
CA GLN B 67 -0.99 -9.39 19.59
C GLN B 67 0.32 -10.00 19.22
N ASP B 68 0.74 -9.50 18.06
CA ASP B 68 1.99 -9.79 17.40
C ASP B 68 2.60 -8.43 17.12
N SER B 69 3.44 -7.96 18.04
CA SER B 69 4.07 -6.64 17.96
C SER B 69 5.02 -6.52 16.77
N GLU B 70 4.97 -7.47 15.88
CA GLU B 70 5.81 -7.48 14.71
C GLU B 70 5.04 -6.97 13.49
N LEU B 71 5.31 -5.72 13.12
CA LEU B 71 4.70 -5.12 11.98
C LEU B 71 5.23 -5.77 10.69
N LYS B 72 4.68 -6.94 10.40
CA LYS B 72 5.18 -7.79 9.32
C LYS B 72 4.42 -7.72 8.01
N PHE B 73 4.64 -8.79 7.23
CA PHE B 73 4.08 -8.99 5.89
C PHE B 73 2.61 -8.58 5.78
N ASN B 74 2.40 -7.33 5.40
CA ASN B 74 1.07 -6.79 5.17
C ASN B 74 0.07 -6.94 6.33
N GLU B 75 0.58 -7.08 7.54
CA GLU B 75 -0.17 -6.66 8.73
C GLU B 75 0.02 -5.14 8.89
N TYR B 76 1.28 -4.70 8.77
CA TYR B 76 1.64 -3.29 8.77
C TYR B 76 0.84 -2.54 7.71
N TRP B 77 0.73 -3.21 6.57
CA TRP B 77 0.14 -2.66 5.33
C TRP B 77 -1.05 -1.75 5.55
N ARG B 78 -1.95 -2.09 6.47
CA ARG B 78 -3.11 -1.25 6.69
C ARG B 78 -2.66 0.18 6.88
N LEU B 79 -1.68 0.37 7.77
CA LEU B 79 -1.12 1.70 8.01
C LEU B 79 -0.48 2.24 6.75
N ILE B 80 0.26 1.37 6.05
CA ILE B 80 0.96 1.77 4.82
C ILE B 80 -0.03 2.32 3.80
N GLY B 81 -1.23 1.77 3.81
CA GLY B 81 -2.25 2.25 2.91
C GLY B 81 -2.85 3.52 3.42
N GLU B 82 -3.05 3.57 4.72
CA GLU B 82 -3.49 4.78 5.35
C GLU B 82 -2.46 5.87 5.06
N LEU B 83 -1.19 5.47 4.98
CA LEU B 83 -0.08 6.42 4.74
C LEU B 83 -0.21 7.08 3.37
N ALA B 84 -0.23 6.27 2.33
CA ALA B 84 -0.29 6.76 0.96
C ALA B 84 -1.57 7.54 0.70
N LYS B 85 -2.61 7.21 1.44
CA LYS B 85 -3.87 7.90 1.33
C LYS B 85 -3.80 9.24 2.06
N GLU B 86 -3.32 9.19 3.30
CA GLU B 86 -3.23 10.38 4.16
C GLU B 86 -2.43 11.49 3.50
N ILE B 87 -1.29 11.16 2.91
CA ILE B 87 -0.49 12.16 2.19
C ILE B 87 -1.33 12.86 1.13
N ARG B 88 -2.29 12.15 0.57
CA ARG B 88 -3.12 12.71 -0.48
C ARG B 88 -4.36 13.40 0.09
N LYS B 89 -5.23 12.70 0.78
CA LYS B 89 -6.45 13.34 1.25
C LYS B 89 -6.41 13.67 2.74
N LYS B 90 -5.23 14.02 3.24
CA LYS B 90 -5.05 14.37 4.67
C LYS B 90 -6.19 15.27 5.15
N LYS B 91 -6.17 16.49 4.67
CA LYS B 91 -7.32 17.38 4.68
C LYS B 91 -7.34 18.05 3.32
N ASP B 92 -6.72 17.38 2.35
CA ASP B 92 -6.60 17.94 0.99
C ASP B 92 -7.92 17.91 0.20
N LEU B 93 -8.99 18.40 0.82
CA LEU B 93 -10.27 18.54 0.15
C LEU B 93 -10.51 20.04 0.04
N LYS B 94 -9.38 20.75 0.13
CA LYS B 94 -9.30 22.19 0.06
C LYS B 94 -7.84 22.60 -0.19
N ILE B 95 -6.93 21.95 0.57
CA ILE B 95 -5.47 22.20 0.46
C ILE B 95 -4.68 21.57 1.62
N ARG B 96 -3.57 20.90 1.31
CA ARG B 96 -2.71 20.26 2.33
C ARG B 96 -1.28 20.02 1.82
N LYS B 97 -1.07 20.23 0.52
CA LYS B 97 0.26 20.11 -0.09
C LYS B 97 0.58 21.47 -0.70
N LYS B 98 1.78 22.03 -0.45
CA LYS B 98 2.03 23.38 -0.95
C LYS B 98 3.52 23.70 -0.87
N MET C 1 0.59 24.20 -4.28
CA MET C 1 -0.14 22.96 -4.63
C MET C 1 0.83 21.90 -5.13
N ALA C 2 2.06 21.96 -4.62
CA ALA C 2 3.10 21.02 -5.04
C ALA C 2 3.87 20.46 -3.86
N ALA C 3 3.77 19.15 -3.68
CA ALA C 3 4.57 18.41 -2.71
C ALA C 3 6.05 18.45 -3.07
N GLU C 4 6.79 19.34 -2.43
CA GLU C 4 8.24 19.37 -2.58
C GLU C 4 8.84 18.20 -1.79
N PRO C 5 10.14 17.85 -2.02
CA PRO C 5 10.76 16.66 -1.42
C PRO C 5 10.37 16.44 0.04
N LEU C 6 10.23 15.19 0.44
CA LEU C 6 9.65 14.87 1.70
C LEU C 6 10.57 14.10 2.63
N THR C 7 10.06 13.86 3.83
CA THR C 7 10.68 13.01 4.83
C THR C 7 10.74 11.55 4.33
N GLU C 8 11.29 10.62 5.11
CA GLU C 8 11.67 9.32 4.54
C GLU C 8 10.46 8.41 4.24
N LEU C 9 9.58 8.20 5.20
CA LEU C 9 8.42 7.37 4.92
C LEU C 9 7.55 8.03 3.86
N GLU C 10 7.65 9.35 3.80
CA GLU C 10 6.98 10.10 2.75
C GLU C 10 7.69 9.85 1.45
N GLU C 11 9.02 9.82 1.49
CA GLU C 11 9.82 9.58 0.30
C GLU C 11 9.35 8.29 -0.31
N SER C 12 9.04 7.34 0.55
CA SER C 12 8.59 6.04 0.07
C SER C 12 7.15 6.09 -0.46
N ILE C 13 6.23 6.78 0.23
CA ILE C 13 4.84 6.84 -0.24
C ILE C 13 4.59 7.88 -1.33
N GLU C 14 5.27 9.03 -1.29
CA GLU C 14 5.20 10.03 -2.36
C GLU C 14 5.62 9.40 -3.69
N THR C 15 6.72 8.68 -3.63
CA THR C 15 7.23 7.95 -4.78
C THR C 15 6.14 7.07 -5.43
N VAL C 16 5.26 6.51 -4.61
CA VAL C 16 4.16 5.71 -5.10
C VAL C 16 3.18 6.57 -5.89
N VAL C 17 3.05 7.81 -5.46
CA VAL C 17 2.09 8.75 -6.03
C VAL C 17 2.50 9.16 -7.42
N THR C 18 3.74 9.61 -7.53
CA THR C 18 4.23 10.25 -8.74
C THR C 18 4.11 9.34 -9.95
N THR C 19 4.50 8.09 -9.77
CA THR C 19 4.42 7.12 -10.86
C THR C 19 2.96 6.93 -11.26
N PHE C 20 2.19 6.60 -10.24
CA PHE C 20 0.72 6.50 -10.31
C PHE C 20 0.09 7.68 -11.07
N PHE C 21 0.43 8.90 -10.64
CA PHE C 21 -0.14 10.13 -11.21
C PHE C 21 0.22 10.33 -12.67
N THR C 22 1.41 9.89 -13.05
CA THR C 22 1.84 9.98 -14.44
C THR C 22 0.87 9.23 -15.36
N PHE C 23 0.34 8.12 -14.87
CA PHE C 23 -0.61 7.33 -15.63
C PHE C 23 -2.03 7.83 -15.41
N ALA C 24 -2.34 8.16 -14.16
CA ALA C 24 -3.65 8.71 -13.81
C ALA C 24 -3.97 9.97 -14.62
N ARG C 25 -2.95 10.77 -14.90
CA ARG C 25 -3.11 12.00 -15.67
C ARG C 25 -3.25 11.74 -17.18
N GLN C 26 -2.86 10.54 -17.63
CA GLN C 26 -2.91 10.18 -19.05
C GLN C 26 -4.32 10.34 -19.64
N GLU C 27 -5.26 9.50 -19.20
CA GLU C 27 -6.63 9.55 -19.71
C GLU C 27 -7.56 10.32 -18.78
N GLY C 28 -8.87 10.13 -18.96
CA GLY C 28 -9.88 10.82 -18.15
C GLY C 28 -9.62 10.70 -16.66
N ARG C 29 -9.87 11.81 -15.95
CA ARG C 29 -9.65 11.88 -14.50
C ARG C 29 -8.16 11.71 -14.19
N LYS C 30 -7.47 12.85 -14.05
CA LYS C 30 -6.02 12.83 -13.78
C LYS C 30 -5.71 12.39 -12.34
N ASP C 31 -6.76 12.11 -11.58
CA ASP C 31 -6.60 11.69 -10.19
C ASP C 31 -6.76 10.18 -10.03
N SER C 32 -7.12 9.48 -11.11
CA SER C 32 -7.30 8.03 -11.04
C SER C 32 -7.03 7.35 -12.38
N LEU C 33 -6.65 6.07 -12.32
CA LEU C 33 -6.38 5.28 -13.53
C LEU C 33 -7.65 4.55 -13.94
N SER C 34 -7.86 4.39 -15.24
CA SER C 34 -9.04 3.71 -15.74
C SER C 34 -8.80 2.21 -15.90
N VAL C 35 -9.75 1.52 -16.53
CA VAL C 35 -9.63 0.09 -16.76
C VAL C 35 -8.61 -0.20 -17.86
N ASN C 36 -8.31 0.83 -18.66
CA ASN C 36 -7.33 0.70 -19.74
C ASN C 36 -5.92 0.85 -19.19
N GLU C 37 -5.75 1.76 -18.22
CA GLU C 37 -4.45 1.99 -17.62
C GLU C 37 -4.10 0.87 -16.65
N PHE C 38 -5.12 0.23 -16.08
CA PHE C 38 -4.91 -0.86 -15.17
C PHE C 38 -4.48 -2.03 -16.01
N LYS C 39 -5.24 -2.26 -17.06
CA LYS C 39 -4.95 -3.33 -17.99
C LYS C 39 -3.59 -3.13 -18.64
N GLU C 40 -3.24 -1.88 -18.98
CA GLU C 40 -1.92 -1.62 -19.57
C GLU C 40 -0.80 -2.00 -18.63
N LEU C 41 -0.90 -1.61 -17.36
CA LEU C 41 0.15 -1.87 -16.41
C LEU C 41 0.18 -3.34 -16.04
N VAL C 42 -0.99 -3.91 -15.87
CA VAL C 42 -1.10 -5.29 -15.45
C VAL C 42 -0.52 -6.18 -16.55
N THR C 43 -0.96 -5.93 -17.77
CA THR C 43 -0.42 -6.60 -18.96
C THR C 43 1.07 -6.29 -19.19
N GLN C 44 1.41 -5.00 -19.25
CA GLN C 44 2.73 -4.56 -19.65
C GLN C 44 3.71 -4.48 -18.45
N GLN C 45 3.30 -3.78 -17.39
CA GLN C 45 4.19 -3.48 -16.28
C GLN C 45 4.20 -4.60 -15.24
N LEU C 46 3.13 -5.38 -15.15
CA LEU C 46 2.94 -6.32 -14.06
C LEU C 46 3.29 -7.80 -14.36
N PRO C 47 3.54 -8.25 -15.63
CA PRO C 47 3.87 -9.67 -15.90
C PRO C 47 4.92 -10.22 -14.93
N HIS C 48 5.88 -9.38 -14.58
CA HIS C 48 6.92 -9.75 -13.64
C HIS C 48 6.36 -9.75 -12.21
N LEU C 49 5.60 -8.72 -11.88
CA LEU C 49 5.03 -8.58 -10.55
C LEU C 49 3.81 -9.48 -10.34
N LEU C 50 2.70 -9.07 -10.92
CA LEU C 50 1.45 -9.79 -10.83
C LEU C 50 1.29 -10.74 -11.98
N LYS C 51 1.81 -11.92 -11.76
CA LYS C 51 1.71 -13.05 -12.68
C LYS C 51 0.26 -13.48 -12.92
N ASP C 52 -0.50 -12.54 -13.39
CA ASP C 52 -1.90 -12.74 -13.74
C ASP C 52 -2.33 -11.59 -14.60
N VAL C 53 -1.65 -11.50 -15.73
CA VAL C 53 -1.84 -10.40 -16.67
C VAL C 53 -3.08 -10.61 -17.52
N GLY C 54 -3.65 -11.81 -17.43
CA GLY C 54 -4.84 -12.12 -18.18
C GLY C 54 -6.08 -11.56 -17.53
N SER C 55 -6.59 -12.29 -16.53
CA SER C 55 -7.84 -11.93 -15.87
C SER C 55 -7.67 -10.83 -14.86
N LEU C 56 -7.19 -9.69 -15.34
CA LEU C 56 -7.12 -8.47 -14.54
C LEU C 56 -8.45 -8.22 -13.84
N ASP C 57 -9.51 -8.69 -14.49
CA ASP C 57 -10.88 -8.48 -14.05
C ASP C 57 -11.06 -8.69 -12.56
N GLU C 58 -10.64 -9.83 -12.03
CA GLU C 58 -10.93 -10.18 -10.63
C GLU C 58 -10.46 -9.11 -9.67
N LYS C 59 -9.23 -8.67 -9.89
CA LYS C 59 -8.59 -7.68 -9.05
C LYS C 59 -9.25 -6.34 -9.29
N MET C 60 -9.48 -6.05 -10.56
CA MET C 60 -10.19 -4.86 -10.97
C MET C 60 -11.50 -4.74 -10.21
N LYS C 61 -12.30 -5.81 -10.22
CA LYS C 61 -13.61 -5.81 -9.55
C LYS C 61 -13.47 -5.51 -8.06
N SER C 62 -12.43 -6.05 -7.44
CA SER C 62 -12.21 -5.88 -6.02
C SER C 62 -11.91 -4.42 -5.68
N LEU C 63 -11.24 -3.75 -6.61
CA LEU C 63 -10.85 -2.34 -6.45
C LEU C 63 -11.98 -1.42 -6.91
N ASP C 64 -12.48 -1.74 -8.10
CA ASP C 64 -13.59 -1.05 -8.75
C ASP C 64 -14.86 -1.06 -7.92
N VAL C 65 -14.88 -1.91 -6.88
CA VAL C 65 -16.09 -2.49 -6.24
C VAL C 65 -17.35 -1.59 -6.24
N ASN C 66 -17.19 -0.28 -6.15
CA ASN C 66 -18.34 0.63 -6.18
C ASN C 66 -18.77 0.95 -7.62
N GLN C 67 -18.30 0.14 -8.60
CA GLN C 67 -18.60 0.36 -10.02
C GLN C 67 -18.02 1.70 -10.35
N ASP C 68 -16.78 1.84 -9.88
CA ASP C 68 -15.95 3.00 -10.13
C ASP C 68 -14.72 2.52 -10.88
N SER C 69 -14.77 2.61 -12.21
CA SER C 69 -13.65 2.16 -13.06
C SER C 69 -12.34 2.83 -12.67
N GLU C 70 -12.46 3.97 -12.02
CA GLU C 70 -11.33 4.74 -11.58
C GLU C 70 -10.71 4.18 -10.30
N LEU C 71 -9.41 3.91 -10.36
CA LEU C 71 -8.68 3.44 -9.23
C LEU C 71 -8.30 4.60 -8.32
N LYS C 72 -9.31 5.06 -7.58
CA LYS C 72 -9.22 6.25 -6.76
C LYS C 72 -8.65 6.07 -5.36
N PHE C 73 -8.87 7.12 -4.57
CA PHE C 73 -8.41 7.24 -3.18
C PHE C 73 -8.61 5.98 -2.36
N ASN C 74 -7.55 5.16 -2.33
CA ASN C 74 -7.52 3.93 -1.55
C ASN C 74 -8.69 2.96 -1.76
N GLU C 75 -9.33 3.06 -2.91
CA GLU C 75 -10.03 1.89 -3.48
C GLU C 75 -8.99 1.03 -4.21
N TYR C 76 -8.14 1.69 -4.99
CA TYR C 76 -7.01 1.07 -5.68
C TYR C 76 -6.13 0.35 -4.67
N TRP C 77 -5.95 1.02 -3.54
CA TRP C 77 -5.03 0.63 -2.46
C TRP C 77 -4.95 -0.86 -2.21
N ARG C 78 -6.07 -1.56 -2.24
CA ARG C 78 -6.04 -2.99 -1.98
C ARG C 78 -4.97 -3.62 -2.86
N LEU C 79 -5.02 -3.32 -4.15
CA LEU C 79 -4.02 -3.82 -5.10
C LEU C 79 -2.65 -3.31 -4.73
N ILE C 80 -2.56 -2.03 -4.36
CA ILE C 80 -1.28 -1.40 -4.00
C ILE C 80 -0.63 -2.15 -2.85
N GLY C 81 -1.46 -2.67 -1.96
CA GLY C 81 -0.96 -3.43 -0.85
C GLY C 81 -0.58 -4.81 -1.28
N GLU C 82 -1.41 -5.38 -2.14
CA GLU C 82 -1.10 -6.65 -2.73
C GLU C 82 0.22 -6.51 -3.49
N LEU C 83 0.46 -5.31 -4.05
CA LEU C 83 1.67 -5.04 -4.84
C LEU C 83 2.93 -5.14 -3.98
N ALA C 84 2.97 -4.32 -2.93
CA ALA C 84 4.14 -4.25 -2.05
C ALA C 84 4.37 -5.59 -1.35
N LYS C 85 3.32 -6.35 -1.16
CA LYS C 85 3.42 -7.65 -0.57
C LYS C 85 3.95 -8.66 -1.58
N GLU C 86 3.34 -8.66 -2.76
CA GLU C 86 3.69 -9.60 -3.83
C GLU C 86 5.17 -9.53 -4.18
N ILE C 87 5.70 -8.33 -4.32
CA ILE C 87 7.13 -8.16 -4.59
C ILE C 87 7.98 -8.89 -3.54
N ARG C 88 7.47 -8.96 -2.32
CA ARG C 88 8.19 -9.60 -1.24
C ARG C 88 7.88 -11.09 -1.14
N LYS C 89 6.65 -11.48 -0.91
CA LYS C 89 6.37 -12.90 -0.74
C LYS C 89 5.71 -13.51 -1.97
N LYS C 90 6.10 -13.06 -3.15
CA LYS C 90 5.55 -13.57 -4.42
C LYS C 90 5.48 -15.10 -4.39
N LYS C 91 6.63 -15.71 -4.45
CA LYS C 91 6.84 -17.09 -4.06
C LYS C 91 8.14 -17.12 -3.27
N ASP C 92 8.49 -15.95 -2.73
CA ASP C 92 9.74 -15.81 -1.99
C ASP C 92 9.69 -16.45 -0.60
N LEU C 93 9.66 -17.77 -0.61
CA LEU C 93 9.68 -18.60 0.58
C LEU C 93 10.57 -19.78 0.22
N LYS C 94 11.43 -19.49 -0.75
CA LYS C 94 12.39 -20.41 -1.30
C LYS C 94 13.37 -19.63 -2.19
N ILE C 95 12.80 -18.72 -3.01
CA ILE C 95 13.58 -17.86 -3.92
C ILE C 95 12.67 -17.18 -4.97
N ARG C 96 12.79 -15.84 -5.11
CA ARG C 96 11.99 -15.09 -6.10
C ARG C 96 12.62 -13.74 -6.45
N LYS C 97 13.82 -13.49 -5.93
CA LYS C 97 14.58 -12.27 -6.24
C LYS C 97 16.01 -12.71 -6.52
N LYS C 98 16.63 -12.22 -7.61
CA LYS C 98 17.96 -12.72 -7.93
C LYS C 98 18.61 -11.83 -8.98
N ASN D 1 -16.38 -1.78 -29.71
CA ASN D 1 -16.94 -1.50 -28.37
C ASN D 1 -18.10 -0.51 -28.53
N VAL D 2 -18.69 -0.06 -27.43
CA VAL D 2 -19.72 0.95 -27.52
C VAL D 2 -19.09 2.31 -27.34
N LYS D 3 -19.25 3.16 -28.33
CA LYS D 3 -18.72 4.50 -28.27
C LYS D 3 -19.83 5.49 -27.97
N TYR D 4 -19.48 6.52 -27.26
CA TYR D 4 -20.42 7.61 -27.06
C TYR D 4 -20.01 8.71 -28.01
N ASN D 5 -20.83 8.94 -29.01
CA ASN D 5 -20.41 9.71 -30.17
C ASN D 5 -20.88 11.14 -30.03
N PHE D 6 -20.02 12.06 -30.41
CA PHE D 6 -20.29 13.47 -30.23
C PHE D 6 -21.52 13.86 -31.04
N MET D 7 -22.43 14.53 -30.35
CA MET D 7 -23.74 14.85 -30.87
C MET D 7 -23.73 16.22 -31.54
N ARG D 8 -23.49 17.29 -30.79
CA ARG D 8 -23.48 18.61 -31.41
C ARG D 8 -22.75 19.65 -30.56
N ILE D 9 -22.12 20.58 -31.27
CA ILE D 9 -21.43 21.71 -30.66
C ILE D 9 -22.41 22.82 -30.32
N ILE D 10 -22.50 23.15 -29.05
CA ILE D 10 -23.37 24.20 -28.59
C ILE D 10 -22.59 25.50 -28.65
N LYS D 11 -22.56 26.21 -27.55
CA LYS D 11 -22.01 27.55 -27.51
C LYS D 11 -20.65 27.49 -26.86
N TYR D 12 -19.84 28.51 -27.07
CA TYR D 12 -18.45 28.44 -26.67
C TYR D 12 -17.92 29.76 -26.19
N GLU D 13 -16.91 29.67 -25.32
CA GLU D 13 -16.27 30.82 -24.67
C GLU D 13 -17.28 31.74 -23.99
N PHE D 14 -18.39 31.16 -23.56
CA PHE D 14 -19.38 31.87 -22.77
C PHE D 14 -19.27 31.46 -21.31
N ILE D 15 -19.48 32.40 -20.40
CA ILE D 15 -19.28 32.13 -18.99
C ILE D 15 -20.61 32.05 -18.23
N LEU D 16 -20.67 31.09 -17.33
CA LEU D 16 -21.83 30.88 -16.48
C LEU D 16 -21.59 31.45 -15.08
N ASN D 17 -22.59 32.15 -14.59
CA ASN D 17 -22.61 32.72 -13.25
C ASN D 17 -23.85 32.22 -12.55
N ASP D 18 -23.76 32.02 -11.25
CA ASP D 18 -24.81 31.35 -10.50
C ASP D 18 -25.76 32.37 -9.91
N ALA D 19 -26.72 31.92 -9.10
CA ALA D 19 -27.66 32.83 -8.46
C ALA D 19 -26.96 33.78 -7.48
N LEU D 20 -25.73 33.45 -7.08
CA LEU D 20 -24.93 34.34 -6.25
C LEU D 20 -24.39 35.43 -7.14
N ASN D 21 -24.44 35.12 -8.43
CA ASN D 21 -23.92 35.95 -9.49
C ASN D 21 -22.43 36.14 -9.32
N GLN D 22 -21.69 35.10 -9.65
CA GLN D 22 -20.25 35.12 -9.56
C GLN D 22 -19.67 34.45 -10.79
N SER D 23 -18.81 35.16 -11.48
CA SER D 23 -18.16 34.62 -12.65
C SER D 23 -17.20 33.55 -12.26
N ILE D 24 -17.24 32.44 -12.94
CA ILE D 24 -16.34 31.35 -12.64
C ILE D 24 -14.93 31.74 -13.06
N ILE D 25 -14.14 32.23 -12.12
CA ILE D 25 -12.87 32.86 -12.45
C ILE D 25 -11.73 31.87 -12.27
N ARG D 26 -10.70 32.03 -13.10
CA ARG D 26 -9.58 31.12 -13.11
C ARG D 26 -8.56 31.53 -12.05
N ALA D 27 -8.45 30.73 -11.01
CA ALA D 27 -7.45 30.98 -9.97
C ALA D 27 -6.20 30.16 -10.26
N ASN D 28 -6.43 28.94 -10.74
CA ASN D 28 -5.34 28.02 -11.09
C ASN D 28 -5.81 27.03 -12.15
N ASP D 29 -4.93 26.12 -12.56
CA ASP D 29 -5.28 25.12 -13.57
C ASP D 29 -5.79 23.84 -12.91
N GLN D 30 -6.22 23.98 -11.65
CA GLN D 30 -6.75 22.86 -10.88
C GLN D 30 -7.80 23.37 -9.90
N TYR D 31 -7.66 24.64 -9.50
CA TYR D 31 -8.58 25.27 -8.56
C TYR D 31 -9.20 26.53 -9.17
N LEU D 32 -10.53 26.64 -9.03
CA LEU D 32 -11.27 27.78 -9.54
C LEU D 32 -12.23 28.32 -8.49
N THR D 33 -12.25 29.63 -8.33
CA THR D 33 -13.10 30.29 -7.37
C THR D 33 -14.07 31.21 -8.10
N ALA D 34 -15.29 31.31 -7.61
CA ALA D 34 -16.28 32.15 -8.25
C ALA D 34 -16.23 33.55 -7.67
N ALA D 35 -16.08 34.52 -8.55
CA ALA D 35 -16.03 35.92 -8.19
C ALA D 35 -16.49 36.75 -9.39
N ALA D 36 -17.24 37.80 -9.14
CA ALA D 36 -17.74 38.64 -10.22
C ALA D 36 -16.55 39.19 -11.01
N LEU D 37 -16.58 39.03 -12.34
CA LEU D 37 -15.45 39.41 -13.16
C LEU D 37 -15.25 40.91 -13.13
N HIS D 38 -14.00 41.30 -13.29
CA HIS D 38 -13.63 42.70 -13.27
C HIS D 38 -12.54 42.95 -14.30
N ASN D 39 -11.90 41.88 -14.76
CA ASN D 39 -11.02 41.97 -15.92
C ASN D 39 -11.70 41.36 -17.14
N LEU D 40 -12.90 40.81 -16.92
CA LEU D 40 -13.76 40.22 -17.97
C LEU D 40 -13.10 39.01 -18.63
N ASP D 41 -12.01 39.22 -19.36
CA ASP D 41 -11.23 38.10 -19.83
C ASP D 41 -10.35 37.68 -18.66
N GLU D 42 -11.03 37.06 -17.72
CA GLU D 42 -10.47 36.72 -16.43
C GLU D 42 -11.05 35.41 -15.93
N ALA D 43 -12.30 35.18 -16.29
CA ALA D 43 -12.98 33.94 -16.02
C ALA D 43 -12.64 32.94 -17.11
N VAL D 44 -12.78 31.66 -16.81
CA VAL D 44 -12.46 30.62 -17.76
C VAL D 44 -13.59 30.50 -18.75
N LYS D 45 -13.27 30.51 -20.02
CA LYS D 45 -14.30 30.49 -21.01
C LYS D 45 -14.54 29.08 -21.43
N PHE D 46 -15.74 28.63 -21.17
CA PHE D 46 -16.10 27.27 -21.44
C PHE D 46 -16.88 27.15 -22.72
N ASP D 47 -16.88 25.94 -23.21
CA ASP D 47 -17.56 25.55 -24.43
C ASP D 47 -18.15 24.18 -24.23
N MET D 48 -19.32 23.99 -24.75
CA MET D 48 -20.06 22.77 -24.53
C MET D 48 -19.99 21.88 -25.76
N GLY D 49 -19.67 20.63 -25.53
CA GLY D 49 -19.65 19.65 -26.58
C GLY D 49 -20.36 18.40 -26.15
N ALA D 50 -21.45 18.07 -26.81
CA ALA D 50 -22.32 17.03 -26.35
C ALA D 50 -21.84 15.69 -26.86
N TYR D 51 -22.08 14.67 -26.07
CA TYR D 51 -21.74 13.31 -26.46
C TYR D 51 -23.01 12.50 -26.32
N LYS D 52 -23.10 11.35 -26.94
CA LYS D 52 -24.34 10.62 -26.86
C LYS D 52 -24.15 9.15 -26.57
N SER D 53 -24.75 8.75 -25.48
CA SER D 53 -25.01 7.37 -25.15
C SER D 53 -26.39 7.37 -24.50
N SER D 54 -27.08 6.25 -24.45
CA SER D 54 -28.38 6.24 -23.81
C SER D 54 -28.22 5.92 -22.32
N LYS D 55 -27.24 6.59 -21.71
CA LYS D 55 -27.04 6.47 -20.29
C LYS D 55 -27.08 7.83 -19.59
N ASP D 56 -27.87 8.76 -20.10
CA ASP D 56 -27.99 10.04 -19.42
C ASP D 56 -28.99 9.91 -18.27
N ASP D 57 -29.99 10.80 -18.23
CA ASP D 57 -31.23 10.51 -17.54
C ASP D 57 -32.40 10.78 -18.48
N ALA D 58 -32.76 12.07 -18.57
CA ALA D 58 -33.76 12.55 -19.51
C ALA D 58 -33.24 13.76 -20.29
N LYS D 59 -31.93 13.94 -20.30
CA LYS D 59 -31.29 15.18 -20.78
C LYS D 59 -29.95 14.84 -21.41
N ILE D 60 -29.56 15.63 -22.39
CA ILE D 60 -28.41 15.30 -23.22
C ILE D 60 -27.20 15.99 -22.64
N THR D 61 -26.05 15.37 -22.79
CA THR D 61 -24.92 15.66 -21.96
C THR D 61 -23.76 16.22 -22.78
N VAL D 62 -23.11 17.24 -22.24
CA VAL D 62 -22.02 17.92 -22.93
C VAL D 62 -20.80 18.02 -22.02
N ILE D 63 -19.63 18.31 -22.59
CA ILE D 63 -18.41 18.42 -21.83
C ILE D 63 -18.02 19.88 -21.75
N LEU D 64 -17.64 20.32 -20.58
CA LEU D 64 -17.28 21.72 -20.39
C LEU D 64 -15.77 21.88 -20.35
N ARG D 65 -15.29 22.62 -21.34
CA ARG D 65 -13.87 22.78 -21.59
C ARG D 65 -13.56 24.25 -21.87
N ILE D 66 -12.35 24.68 -21.59
CA ILE D 66 -11.96 26.03 -21.89
C ILE D 66 -11.59 26.12 -23.37
N SER D 67 -12.20 27.05 -24.07
CA SER D 67 -12.11 27.12 -25.53
C SER D 67 -10.69 26.97 -26.08
N LYS D 68 -9.68 27.34 -25.30
CA LYS D 68 -8.31 27.30 -25.77
C LYS D 68 -7.66 25.94 -25.49
N THR D 69 -7.68 25.52 -24.23
CA THR D 69 -7.08 24.23 -23.85
C THR D 69 -8.15 23.29 -23.38
N GLN D 70 -7.85 22.03 -23.21
CA GLN D 70 -8.92 21.13 -22.86
C GLN D 70 -8.89 20.86 -21.37
N LEU D 71 -9.38 21.86 -20.64
CA LEU D 71 -9.50 21.81 -19.19
C LEU D 71 -10.95 21.53 -18.83
N TYR D 72 -11.23 20.30 -18.39
CA TYR D 72 -12.58 19.92 -18.08
C TYR D 72 -12.77 19.96 -16.58
N VAL D 73 -13.94 20.35 -16.13
CA VAL D 73 -14.22 20.19 -14.72
C VAL D 73 -14.80 18.80 -14.51
N THR D 74 -14.13 18.02 -13.66
CA THR D 74 -14.56 16.66 -13.37
C THR D 74 -15.20 16.57 -11.99
N ALA D 75 -16.00 15.53 -11.79
CA ALA D 75 -16.67 15.30 -10.52
C ALA D 75 -15.83 14.37 -9.64
N GLN D 76 -15.47 14.86 -8.46
CA GLN D 76 -14.65 14.07 -7.54
C GLN D 76 -15.52 13.20 -6.63
N ASP D 77 -16.00 13.79 -5.53
CA ASP D 77 -16.84 13.07 -4.58
C ASP D 77 -17.64 14.05 -3.72
N GLU D 78 -18.77 14.50 -4.25
CA GLU D 78 -19.65 15.45 -3.57
C GLU D 78 -18.86 16.68 -3.15
N ASP D 79 -19.01 17.10 -1.89
CA ASP D 79 -18.31 18.28 -1.36
C ASP D 79 -16.78 18.10 -1.40
N GLN D 80 -16.21 18.38 -2.57
CA GLN D 80 -14.78 18.28 -2.82
C GLN D 80 -14.47 19.09 -4.07
N PRO D 81 -13.53 20.05 -3.98
CA PRO D 81 -13.19 20.94 -5.08
C PRO D 81 -12.88 20.25 -6.41
N VAL D 82 -13.64 20.68 -7.42
CA VAL D 82 -13.49 20.22 -8.79
C VAL D 82 -12.04 20.28 -9.25
N LEU D 83 -11.62 19.21 -9.91
CA LEU D 83 -10.26 19.11 -10.42
C LEU D 83 -10.22 19.38 -11.91
N LEU D 84 -9.57 20.47 -12.28
CA LEU D 84 -9.46 20.85 -13.68
C LEU D 84 -8.39 20.00 -14.38
N LYS D 85 -8.85 19.12 -15.28
CA LYS D 85 -7.94 18.22 -16.01
C LYS D 85 -7.55 18.81 -17.36
N GLU D 86 -6.29 18.63 -17.75
CA GLU D 86 -5.80 19.16 -19.02
C GLU D 86 -5.31 18.03 -19.93
N MET D 87 -6.10 17.72 -20.95
CA MET D 87 -5.75 16.68 -21.91
C MET D 87 -5.81 17.24 -23.34
N PRO D 88 -4.66 17.30 -24.03
CA PRO D 88 -4.56 17.84 -25.40
C PRO D 88 -5.58 17.24 -26.37
N GLU D 89 -6.31 18.14 -27.05
CA GLU D 89 -7.32 17.78 -28.05
C GLU D 89 -8.56 17.11 -27.44
N ILE D 90 -9.72 17.57 -27.88
CA ILE D 90 -11.02 17.03 -27.44
C ILE D 90 -11.33 15.67 -28.07
N PRO D 91 -11.68 14.69 -27.24
CA PRO D 91 -12.09 13.37 -27.72
C PRO D 91 -13.40 13.44 -28.51
N LYS D 92 -13.51 12.61 -29.53
CA LYS D 92 -14.71 12.55 -30.37
C LYS D 92 -15.57 11.38 -29.94
N THR D 93 -14.91 10.41 -29.32
CA THR D 93 -15.55 9.19 -28.87
C THR D 93 -15.21 8.97 -27.41
N ILE D 94 -16.23 8.93 -26.58
CA ILE D 94 -16.08 8.96 -25.15
C ILE D 94 -16.16 7.56 -24.57
N THR D 95 -15.11 7.22 -23.84
CA THR D 95 -15.02 5.94 -23.21
C THR D 95 -15.46 6.07 -21.79
N GLY D 96 -15.50 4.94 -21.08
CA GLY D 96 -15.92 4.92 -19.69
C GLY D 96 -14.96 5.58 -18.73
N SER D 97 -13.73 5.86 -19.19
CA SER D 97 -12.72 6.51 -18.34
C SER D 97 -13.09 7.97 -18.12
N GLU D 98 -13.71 8.57 -19.12
CA GLU D 98 -14.12 9.96 -19.05
C GLU D 98 -15.61 10.06 -18.74
N THR D 99 -15.95 9.93 -17.45
CA THR D 99 -17.34 10.00 -17.02
C THR D 99 -17.55 11.09 -15.96
N ASN D 100 -16.44 11.64 -15.48
CA ASN D 100 -16.49 12.68 -14.46
C ASN D 100 -16.66 14.06 -15.09
N LEU D 101 -16.15 14.21 -16.31
CA LEU D 101 -16.24 15.47 -17.03
C LEU D 101 -17.51 15.55 -17.88
N LEU D 102 -18.45 14.64 -17.63
CA LEU D 102 -19.70 14.61 -18.38
C LEU D 102 -20.78 15.34 -17.58
N PHE D 103 -21.69 16.06 -18.23
CA PHE D 103 -22.61 16.89 -17.47
C PHE D 103 -24.02 16.89 -18.01
N PHE D 104 -24.91 16.47 -17.14
CA PHE D 104 -26.33 16.41 -17.40
C PHE D 104 -26.91 17.78 -17.11
N TRP D 105 -27.17 18.55 -18.16
CA TRP D 105 -27.61 19.92 -17.96
C TRP D 105 -29.14 20.05 -18.03
N GLU D 106 -29.72 20.42 -16.90
CA GLU D 106 -31.15 20.65 -16.83
C GLU D 106 -31.44 22.14 -16.82
N THR D 107 -31.99 22.65 -17.91
CA THR D 107 -32.21 24.08 -18.07
C THR D 107 -33.65 24.45 -17.76
N HIS D 108 -33.84 25.45 -16.91
CA HIS D 108 -35.18 25.93 -16.57
C HIS D 108 -35.27 27.41 -16.87
N GLY D 109 -35.84 27.74 -18.02
CA GLY D 109 -35.97 29.13 -18.43
C GLY D 109 -34.64 29.83 -18.60
N THR D 110 -34.22 30.55 -17.57
CA THR D 110 -32.96 31.28 -17.60
C THR D 110 -31.90 30.54 -16.79
N LYS D 111 -32.31 29.99 -15.65
CA LYS D 111 -31.39 29.27 -14.79
C LYS D 111 -31.18 27.86 -15.31
N ASN D 112 -30.11 27.25 -14.87
CA ASN D 112 -29.77 25.92 -15.32
C ASN D 112 -28.95 25.19 -14.28
N TYR D 113 -29.07 23.88 -14.25
CA TYR D 113 -28.32 23.06 -13.32
C TYR D 113 -27.28 22.23 -14.07
N PHE D 114 -26.28 21.77 -13.33
CA PHE D 114 -25.26 20.90 -13.88
C PHE D 114 -25.14 19.65 -13.02
N THR D 115 -25.75 18.58 -13.47
CA THR D 115 -25.79 17.31 -12.76
C THR D 115 -24.65 16.40 -13.20
N SER D 116 -24.00 15.76 -12.24
CA SER D 116 -22.94 14.82 -12.54
C SER D 116 -23.50 13.52 -13.10
N VAL D 117 -22.97 13.10 -14.26
CA VAL D 117 -23.37 11.84 -14.87
C VAL D 117 -22.66 10.67 -14.18
N ALA D 118 -21.54 10.95 -13.51
CA ALA D 118 -20.81 9.91 -12.79
C ALA D 118 -21.59 9.48 -11.55
N HIS D 119 -21.79 10.41 -10.63
CA HIS D 119 -22.56 10.15 -9.42
C HIS D 119 -23.77 11.08 -9.41
N PRO D 120 -24.99 10.49 -9.45
CA PRO D 120 -26.26 11.23 -9.55
C PRO D 120 -26.45 12.32 -8.50
N ASN D 121 -26.10 12.01 -7.25
CA ASN D 121 -26.37 12.92 -6.12
C ASN D 121 -25.47 14.16 -6.16
N LEU D 122 -24.60 14.24 -7.15
CA LEU D 122 -23.68 15.35 -7.27
C LEU D 122 -24.26 16.43 -8.15
N PHE D 123 -24.08 17.66 -7.71
CA PHE D 123 -24.57 18.84 -8.40
C PHE D 123 -23.54 19.95 -8.19
N ILE D 124 -23.36 20.83 -9.15
CA ILE D 124 -22.28 21.80 -9.06
C ILE D 124 -22.75 23.04 -8.29
N ALA D 125 -22.29 23.12 -7.03
CA ALA D 125 -22.74 24.15 -6.10
C ALA D 125 -21.82 25.35 -6.11
N THR D 126 -22.35 26.49 -5.70
CA THR D 126 -21.58 27.72 -5.72
C THR D 126 -21.45 28.30 -4.32
N LYS D 127 -20.22 28.61 -3.98
CA LYS D 127 -19.87 29.14 -2.66
C LYS D 127 -19.56 30.63 -2.76
N GLN D 128 -19.77 31.35 -1.65
CA GLN D 128 -19.49 32.79 -1.59
C GLN D 128 -18.00 33.08 -1.48
N ASP D 129 -17.26 32.19 -0.83
CA ASP D 129 -15.85 32.44 -0.55
C ASP D 129 -14.95 31.33 -1.07
N TYR D 130 -15.47 30.12 -1.12
CA TYR D 130 -14.68 28.95 -1.53
C TYR D 130 -14.79 28.67 -3.03
N TRP D 131 -14.08 27.62 -3.43
CA TRP D 131 -14.03 27.18 -4.83
C TRP D 131 -15.37 26.62 -5.28
N VAL D 132 -15.68 26.78 -6.57
CA VAL D 132 -16.90 26.24 -7.13
C VAL D 132 -16.79 24.73 -7.20
N CYS D 133 -17.45 24.05 -6.29
CA CYS D 133 -17.32 22.60 -6.20
C CYS D 133 -18.54 21.89 -6.74
N LEU D 134 -18.77 20.70 -6.23
CA LEU D 134 -19.94 19.92 -6.53
C LEU D 134 -20.47 19.53 -5.18
N ALA D 135 -21.69 19.07 -5.09
CA ALA D 135 -22.26 18.88 -3.78
C ALA D 135 -23.53 18.08 -3.83
N GLY D 136 -23.96 17.70 -2.68
CA GLY D 136 -25.34 17.47 -2.45
C GLY D 136 -25.78 18.76 -1.85
N GLY D 137 -26.89 19.23 -2.25
CA GLY D 137 -27.21 20.62 -1.94
C GLY D 137 -28.19 20.86 -0.81
N PRO D 138 -27.66 21.20 0.38
CA PRO D 138 -28.35 22.01 1.36
C PRO D 138 -27.76 23.43 1.38
N PRO D 139 -28.59 24.45 1.67
CA PRO D 139 -28.44 25.89 1.33
C PRO D 139 -27.22 26.42 0.52
N SER D 140 -26.42 25.55 -0.09
CA SER D 140 -25.45 25.95 -1.09
C SER D 140 -26.21 26.25 -2.39
N ILE D 141 -25.79 27.27 -3.11
CA ILE D 141 -26.50 27.63 -4.33
C ILE D 141 -26.02 26.78 -5.48
N THR D 142 -26.69 25.66 -5.70
CA THR D 142 -26.34 24.82 -6.81
C THR D 142 -27.20 25.23 -8.03
N ASP D 143 -27.42 26.53 -8.13
CA ASP D 143 -28.05 27.17 -9.28
C ASP D 143 -27.00 27.69 -10.24
N PHE D 144 -27.33 27.75 -11.51
CA PHE D 144 -26.52 28.50 -12.45
C PHE D 144 -27.38 29.28 -13.43
N GLN D 145 -26.70 30.14 -14.15
CA GLN D 145 -27.30 31.03 -15.13
C GLN D 145 -26.19 31.41 -16.08
N ILE D 146 -26.43 31.45 -17.37
CA ILE D 146 -25.34 31.75 -18.28
C ILE D 146 -25.38 33.24 -18.65
N LEU D 147 -24.38 33.96 -18.15
CA LEU D 147 -24.21 35.35 -18.51
C LEU D 147 -22.91 35.58 -19.29
N GLU D 148 -23.04 36.13 -20.48
CA GLU D 148 -21.87 36.40 -21.31
C GLU D 148 -21.30 37.77 -20.96
N ASN D 149 -20.02 37.95 -21.22
CA ASN D 149 -19.38 39.25 -21.07
C ASN D 149 -19.47 40.01 -22.41
N GLN D 150 -19.12 41.27 -22.38
CA GLN D 150 -19.23 42.10 -23.57
C GLN D 150 -18.14 41.76 -24.57
N ALA D 151 -16.89 41.81 -24.10
CA ALA D 151 -15.73 41.51 -24.92
C ALA D 151 -14.51 41.30 -24.03
N ASN A 1 10.80 -1.55 32.82
CA ASN A 1 9.90 -2.51 32.14
C ASN A 1 10.21 -3.91 32.65
N VAL A 2 9.57 -4.92 32.10
CA VAL A 2 9.88 -6.29 32.47
C VAL A 2 10.92 -6.83 31.52
N LYS A 3 12.06 -7.23 32.06
CA LYS A 3 13.11 -7.81 31.25
C LYS A 3 13.13 -9.31 31.41
N TYR A 4 13.49 -9.99 30.36
CA TYR A 4 13.71 -11.42 30.44
C TYR A 4 15.21 -11.61 30.52
N ASN A 5 15.69 -12.03 31.67
CA ASN A 5 17.10 -11.93 31.99
C ASN A 5 17.77 -13.26 31.73
N PHE A 6 18.96 -13.19 31.17
CA PHE A 6 19.67 -14.40 30.75
C PHE A 6 19.96 -15.26 31.97
N MET A 7 19.61 -16.53 31.84
CA MET A 7 19.64 -17.48 32.92
C MET A 7 20.98 -18.22 32.95
N ARG A 8 21.29 -19.00 31.93
CA ARG A 8 22.56 -19.70 31.94
C ARG A 8 23.00 -20.15 30.56
N ILE A 9 24.30 -20.16 30.36
CA ILE A 9 24.93 -20.63 29.14
C ILE A 9 25.07 -22.16 29.16
N ILE A 10 24.44 -22.81 28.20
CA ILE A 10 24.50 -24.24 28.08
C ILE A 10 25.70 -24.58 27.21
N LYS A 11 25.48 -25.35 26.18
CA LYS A 11 26.56 -25.91 25.38
C LYS A 11 26.63 -25.14 24.09
N TYR A 12 27.76 -25.21 23.40
CA TYR A 12 28.00 -24.33 22.28
C TYR A 12 28.78 -25.02 21.18
N GLU A 13 28.55 -24.53 19.97
CA GLU A 13 29.14 -25.06 18.74
C GLU A 13 28.91 -26.57 18.59
N PHE A 14 27.82 -27.04 19.16
CA PHE A 14 27.40 -28.43 18.99
C PHE A 14 26.23 -28.49 18.00
N ILE A 15 26.19 -29.53 17.19
CA ILE A 15 25.19 -29.63 16.15
C ILE A 15 24.13 -30.68 16.45
N LEU A 16 22.90 -30.34 16.16
CA LEU A 16 21.76 -31.22 16.35
C LEU A 16 21.34 -31.84 15.02
N ASN A 17 21.08 -33.13 15.07
CA ASN A 17 20.60 -33.91 13.95
C ASN A 17 19.33 -34.61 14.38
N ASP A 18 18.41 -34.79 13.48
CA ASP A 18 17.07 -35.25 13.80
C ASP A 18 16.99 -36.77 13.64
N ALA A 19 15.81 -37.33 13.82
CA ALA A 19 15.61 -38.77 13.66
C ALA A 19 15.90 -39.24 12.22
N LEU A 20 15.90 -38.30 11.27
CA LEU A 20 16.28 -38.58 9.89
C LEU A 20 17.79 -38.71 9.85
N ASN A 21 18.39 -38.16 10.90
CA ASN A 21 19.82 -38.07 11.06
C ASN A 21 20.42 -37.25 9.94
N GLN A 22 20.23 -35.95 10.05
CA GLN A 22 20.75 -35.02 9.08
C GLN A 22 21.32 -33.82 9.80
N SER A 23 22.57 -33.52 9.54
CA SER A 23 23.22 -32.39 10.14
C SER A 23 22.64 -31.10 9.59
N ILE A 24 22.33 -30.19 10.47
CA ILE A 24 21.76 -28.92 10.04
C ILE A 24 22.84 -28.11 9.33
N ILE A 25 22.88 -28.18 8.01
CA ILE A 25 24.00 -27.66 7.25
C ILE A 25 23.68 -26.26 6.73
N ARG A 26 24.72 -25.45 6.63
CA ARG A 26 24.56 -24.06 6.22
C ARG A 26 24.55 -23.97 4.70
N ALA A 27 23.39 -23.64 4.14
CA ALA A 27 23.30 -23.43 2.71
C ALA A 27 23.42 -21.95 2.40
N ASN A 28 22.80 -21.14 3.25
CA ASN A 28 22.83 -19.69 3.11
C ASN A 28 22.63 -19.04 4.48
N ASP A 29 22.73 -17.71 4.54
CA ASP A 29 22.54 -16.98 5.80
C ASP A 29 21.06 -16.64 6.02
N GLN A 30 20.19 -17.38 5.33
CA GLN A 30 18.75 -17.19 5.43
C GLN A 30 18.04 -18.52 5.26
N TYR A 31 18.61 -19.38 4.42
CA TYR A 31 18.06 -20.70 4.16
C TYR A 31 19.04 -21.81 4.56
N LEU A 32 18.54 -22.80 5.28
CA LEU A 32 19.33 -23.93 5.74
C LEU A 32 18.63 -25.25 5.43
N THR A 33 19.39 -26.19 4.90
CA THR A 33 18.89 -27.51 4.55
C THR A 33 19.60 -28.57 5.38
N ALA A 34 18.87 -29.60 5.77
CA ALA A 34 19.46 -30.65 6.56
C ALA A 34 20.04 -31.73 5.67
N ALA A 35 21.31 -32.02 5.89
CA ALA A 35 22.02 -33.05 5.16
C ALA A 35 23.15 -33.57 6.02
N ALA A 36 23.40 -34.86 5.99
CA ALA A 36 24.46 -35.44 6.79
C ALA A 36 25.79 -34.79 6.44
N LEU A 37 26.53 -34.32 7.44
CA LEU A 37 27.74 -33.57 7.19
C LEU A 37 28.80 -34.45 6.56
N HIS A 38 29.63 -33.83 5.77
CA HIS A 38 30.69 -34.52 5.07
C HIS A 38 31.94 -33.66 5.03
N ASN A 39 31.77 -32.37 5.30
CA ASN A 39 32.91 -31.50 5.54
C ASN A 39 33.04 -31.19 7.04
N LEU A 40 32.06 -31.70 7.81
CA LEU A 40 32.03 -31.56 9.28
C LEU A 40 31.89 -30.11 9.73
N ASP A 41 32.91 -29.30 9.50
CA ASP A 41 32.78 -27.88 9.70
C ASP A 41 32.09 -27.35 8.45
N GLU A 42 30.82 -27.66 8.41
CA GLU A 42 29.98 -27.43 7.25
C GLU A 42 28.57 -27.08 7.68
N ALA A 43 28.17 -27.67 8.80
CA ALA A 43 26.91 -27.35 9.42
C ALA A 43 27.08 -26.13 10.32
N VAL A 44 25.99 -25.45 10.60
CA VAL A 44 26.02 -24.25 11.40
C VAL A 44 26.14 -24.65 12.85
N LYS A 45 27.09 -24.07 13.55
CA LYS A 45 27.32 -24.45 14.90
C LYS A 45 26.56 -23.54 15.80
N PHE A 46 25.63 -24.13 16.52
CA PHE A 46 24.76 -23.37 17.37
C PHE A 46 25.20 -23.45 18.81
N ASP A 47 24.72 -22.48 19.54
CA ASP A 47 24.97 -22.32 20.97
C ASP A 47 23.72 -21.85 21.63
N MET A 48 23.47 -22.36 22.80
CA MET A 48 22.24 -22.10 23.49
C MET A 48 22.47 -21.10 24.61
N GLY A 49 21.61 -20.10 24.65
CA GLY A 49 21.65 -19.12 25.70
C GLY A 49 20.27 -18.89 26.24
N ALA A 50 20.06 -19.20 27.49
CA ALA A 50 18.73 -19.21 28.05
C ALA A 50 18.35 -17.84 28.53
N TYR A 51 17.07 -17.54 28.47
CA TYR A 51 16.55 -16.28 28.96
C TYR A 51 15.44 -16.64 29.92
N LYS A 52 15.04 -15.73 30.78
CA LYS A 52 14.04 -16.10 31.75
C LYS A 52 12.95 -15.06 31.89
N SER A 53 11.74 -15.53 31.62
CA SER A 53 10.52 -14.86 31.99
C SER A 53 9.58 -15.97 32.40
N SER A 54 8.53 -15.70 33.17
CA SER A 54 7.61 -16.76 33.52
C SER A 54 6.51 -16.87 32.47
N LYS A 55 6.93 -16.84 31.21
CA LYS A 55 6.02 -17.03 30.10
C LYS A 55 6.46 -18.18 29.20
N ASP A 56 7.08 -19.21 29.77
CA ASP A 56 7.46 -20.36 28.95
C ASP A 56 6.25 -21.28 28.80
N ASP A 57 6.43 -22.56 29.11
CA ASP A 57 5.32 -23.41 29.50
C ASP A 57 5.65 -24.11 30.80
N ALA A 58 6.42 -25.18 30.68
CA ALA A 58 6.96 -25.93 31.82
C ALA A 58 8.46 -26.17 31.66
N LYS A 59 9.09 -25.40 30.78
CA LYS A 59 10.47 -25.65 30.32
C LYS A 59 11.17 -24.35 30.04
N ILE A 60 12.47 -24.33 30.24
CA ILE A 60 13.23 -23.09 30.21
C ILE A 60 13.78 -22.91 28.81
N THR A 61 13.90 -21.66 28.40
CA THR A 61 14.01 -21.33 27.01
C THR A 61 15.34 -20.70 26.69
N VAL A 62 15.93 -21.10 25.57
CA VAL A 62 17.24 -20.62 25.16
C VAL A 62 17.19 -20.12 23.71
N ILE A 63 18.20 -19.38 23.29
CA ILE A 63 18.25 -18.84 21.95
C ILE A 63 19.32 -19.58 21.18
N LEU A 64 19.01 -19.97 19.96
CA LEU A 64 19.95 -20.73 19.15
C LEU A 64 20.62 -19.82 18.12
N ARG A 65 21.93 -19.70 18.29
CA ARG A 65 22.75 -18.79 17.52
C ARG A 65 24.01 -19.49 17.06
N ILE A 66 24.59 -19.03 15.95
CA ILE A 66 25.82 -19.61 15.49
C ILE A 66 26.98 -18.98 16.28
N SER A 67 27.82 -19.82 16.85
CA SER A 67 28.82 -19.38 17.81
C SER A 67 29.64 -18.16 17.36
N LYS A 68 29.76 -17.95 16.05
CA LYS A 68 30.56 -16.86 15.55
C LYS A 68 29.74 -15.58 15.37
N THR A 69 28.65 -15.68 14.62
CA THR A 69 27.78 -14.52 14.40
C THR A 69 26.43 -14.74 15.05
N GLN A 70 25.60 -13.74 15.13
CA GLN A 70 24.38 -13.95 15.85
C GLN A 70 23.26 -14.18 14.86
N LEU A 71 23.26 -15.41 14.33
CA LEU A 71 22.25 -15.87 13.40
C LEU A 71 21.27 -16.77 14.15
N TYR A 72 20.07 -16.26 14.39
CA TYR A 72 19.09 -17.00 15.15
C TYR A 72 18.09 -17.59 14.19
N VAL A 73 17.59 -18.79 14.48
CA VAL A 73 16.47 -19.28 13.71
C VAL A 73 15.20 -18.79 14.37
N THR A 74 14.41 -18.04 13.61
CA THR A 74 13.16 -17.50 14.11
C THR A 74 11.96 -18.28 13.58
N ALA A 75 10.85 -18.17 14.30
CA ALA A 75 9.62 -18.85 13.92
C ALA A 75 8.72 -17.90 13.14
N GLN A 76 8.30 -18.32 11.95
CA GLN A 76 7.45 -17.50 11.10
C GLN A 76 5.96 -17.76 11.40
N ASP A 77 5.41 -18.82 10.80
CA ASP A 77 3.99 -19.15 11.00
C ASP A 77 3.72 -20.56 10.50
N GLU A 78 3.55 -21.50 11.45
CA GLU A 78 3.29 -22.91 11.13
C GLU A 78 4.38 -23.45 10.22
N ASP A 79 3.99 -24.21 9.19
CA ASP A 79 4.93 -24.80 8.26
C ASP A 79 5.47 -23.76 7.29
N GLN A 80 6.47 -23.01 7.75
CA GLN A 80 7.09 -21.98 6.95
C GLN A 80 8.60 -22.00 7.20
N PRO A 81 9.40 -22.01 6.13
CA PRO A 81 10.86 -22.06 6.23
C PRO A 81 11.46 -21.02 7.18
N VAL A 82 12.23 -21.53 8.14
CA VAL A 82 12.93 -20.73 9.13
C VAL A 82 13.77 -19.66 8.49
N LEU A 83 13.70 -18.46 9.04
CA LEU A 83 14.47 -17.32 8.53
C LEU A 83 15.62 -17.00 9.47
N LEU A 84 16.84 -17.17 8.96
CA LEU A 84 18.03 -16.90 9.75
C LEU A 84 18.31 -15.39 9.83
N LYS A 85 18.14 -14.83 11.02
CA LYS A 85 18.35 -13.39 11.23
C LYS A 85 19.75 -13.11 11.77
N GLU A 86 20.33 -11.99 11.36
CA GLU A 86 21.67 -11.62 11.80
C GLU A 86 21.67 -10.26 12.50
N MET A 87 21.86 -10.27 13.81
CA MET A 87 21.91 -9.06 14.61
C MET A 87 23.17 -9.03 15.46
N PRO A 88 24.10 -8.10 15.18
CA PRO A 88 25.38 -7.97 15.90
C PRO A 88 25.23 -7.94 17.43
N GLU A 89 26.00 -8.82 18.09
CA GLU A 89 26.02 -8.95 19.55
C GLU A 89 24.72 -9.51 20.13
N ILE A 90 24.88 -10.46 21.05
CA ILE A 90 23.76 -11.11 21.73
C ILE A 90 23.14 -10.20 22.79
N PRO A 91 21.81 -10.04 22.74
CA PRO A 91 21.07 -9.28 23.76
C PRO A 91 21.15 -9.96 25.13
N LYS A 92 21.19 -9.15 26.18
CA LYS A 92 21.26 -9.65 27.55
C LYS A 92 19.87 -9.57 28.18
N THR A 93 19.06 -8.69 27.62
CA THR A 93 17.72 -8.44 28.09
C THR A 93 16.76 -8.52 26.92
N ILE A 94 15.82 -9.44 27.01
CA ILE A 94 14.99 -9.82 25.90
C ILE A 94 13.64 -9.11 25.98
N THR A 95 13.29 -8.46 24.89
CA THR A 95 12.14 -7.58 24.83
C THR A 95 11.22 -8.01 23.68
N GLY A 96 9.90 -7.98 23.96
CA GLY A 96 8.82 -8.35 23.03
C GLY A 96 9.23 -8.68 21.60
N SER A 97 9.79 -7.70 20.87
CA SER A 97 10.22 -7.88 19.47
C SER A 97 10.89 -9.23 19.23
N GLU A 98 11.87 -9.56 20.05
CA GLU A 98 12.59 -10.82 19.94
C GLU A 98 11.84 -11.94 20.67
N THR A 99 10.92 -12.59 19.97
CA THR A 99 10.14 -13.67 20.55
C THR A 99 10.06 -14.87 19.62
N ASN A 100 10.56 -14.69 18.39
CA ASN A 100 10.55 -15.74 17.38
C ASN A 100 11.79 -16.62 17.50
N LEU A 101 12.88 -16.02 17.96
CA LEU A 101 14.14 -16.73 18.12
C LEU A 101 14.26 -17.39 19.49
N LEU A 102 13.13 -17.49 20.20
CA LEU A 102 13.11 -18.10 21.51
C LEU A 102 12.64 -19.55 21.39
N PHE A 103 13.17 -20.46 22.20
CA PHE A 103 12.86 -21.87 21.97
C PHE A 103 12.65 -22.65 23.24
N PHE A 104 11.46 -23.22 23.31
CA PHE A 104 11.04 -24.06 24.41
C PHE A 104 11.52 -25.46 24.13
N TRP A 105 12.59 -25.86 24.79
CA TRP A 105 13.18 -27.16 24.49
C TRP A 105 12.72 -28.24 25.46
N GLU A 106 12.00 -29.21 24.92
CA GLU A 106 11.53 -30.35 25.68
C GLU A 106 12.40 -31.57 25.37
N THR A 107 13.22 -31.97 26.33
CA THR A 107 14.17 -33.06 26.13
C THR A 107 13.64 -34.37 26.71
N HIS A 108 13.68 -35.41 25.90
CA HIS A 108 13.25 -36.74 26.34
C HIS A 108 14.37 -37.73 26.14
N GLY A 109 15.11 -38.01 27.21
CA GLY A 109 16.23 -38.93 27.14
C GLY A 109 17.33 -38.47 26.20
N THR A 110 17.30 -38.98 24.98
CA THR A 110 18.29 -38.63 23.98
C THR A 110 17.70 -37.63 22.97
N LYS A 111 16.45 -37.86 22.59
CA LYS A 111 15.79 -37.00 21.63
C LYS A 111 15.28 -35.75 22.32
N ASN A 112 15.02 -34.73 21.54
CA ASN A 112 14.57 -33.46 22.07
C ASN A 112 13.74 -32.71 21.04
N TYR A 113 12.82 -31.90 21.52
CA TYR A 113 11.98 -31.10 20.65
C TYR A 113 12.32 -29.63 20.79
N PHE A 114 11.95 -28.85 19.78
CA PHE A 114 12.13 -27.41 19.81
C PHE A 114 10.80 -26.72 19.52
N THR A 115 10.16 -26.28 20.57
CA THR A 115 8.85 -25.64 20.50
C THR A 115 8.99 -24.13 20.38
N SER A 116 8.19 -23.52 19.50
CA SER A 116 8.20 -22.07 19.34
C SER A 116 7.49 -21.40 20.51
N VAL A 117 8.16 -20.43 21.13
CA VAL A 117 7.58 -19.65 22.22
C VAL A 117 6.64 -18.59 21.66
N ALA A 118 6.83 -18.24 20.38
CA ALA A 118 5.97 -17.25 19.73
C ALA A 118 4.58 -17.86 19.53
N HIS A 119 4.56 -19.08 19.01
CA HIS A 119 3.32 -19.82 18.79
C HIS A 119 3.52 -21.27 19.25
N PRO A 120 2.74 -21.68 20.27
CA PRO A 120 2.83 -23.00 20.91
C PRO A 120 2.80 -24.19 19.93
N ASN A 121 1.91 -24.12 18.95
CA ASN A 121 1.68 -25.25 18.04
C ASN A 121 2.84 -25.46 17.07
N LEU A 122 3.86 -24.62 17.18
CA LEU A 122 5.01 -24.71 16.30
C LEU A 122 6.10 -25.55 16.92
N PHE A 123 6.69 -26.39 16.10
CA PHE A 123 7.75 -27.29 16.49
C PHE A 123 8.71 -27.41 15.31
N ILE A 124 9.99 -27.57 15.57
CA ILE A 124 10.98 -27.52 14.50
C ILE A 124 11.12 -28.90 13.84
N ALA A 125 10.53 -29.03 12.66
CA ALA A 125 10.44 -30.31 11.95
C ALA A 125 11.58 -30.48 10.98
N THR A 126 11.88 -31.73 10.64
CA THR A 126 12.97 -32.02 9.75
C THR A 126 12.50 -32.75 8.51
N LYS A 127 12.93 -32.23 7.38
CA LYS A 127 12.54 -32.74 6.07
C LYS A 127 13.70 -33.50 5.44
N GLN A 128 13.38 -34.46 4.57
CA GLN A 128 14.41 -35.25 3.87
C GLN A 128 15.06 -34.47 2.73
N ASP A 129 14.32 -33.57 2.12
CA ASP A 129 14.81 -32.86 0.93
C ASP A 129 14.73 -31.35 1.09
N TYR A 130 13.76 -30.87 1.86
CA TYR A 130 13.56 -29.44 2.03
C TYR A 130 14.26 -28.87 3.25
N TRP A 131 14.17 -27.55 3.38
CA TRP A 131 14.79 -26.82 4.48
C TRP A 131 14.20 -27.21 5.82
N VAL A 132 15.02 -27.16 6.87
CA VAL A 132 14.56 -27.46 8.21
C VAL A 132 13.66 -26.34 8.68
N CYS A 133 12.36 -26.59 8.68
CA CYS A 133 11.39 -25.57 9.00
C CYS A 133 10.80 -25.77 10.40
N LEU A 134 9.59 -25.28 10.57
CA LEU A 134 8.83 -25.45 11.78
C LEU A 134 7.51 -25.94 11.29
N ALA A 135 6.67 -26.50 12.13
CA ALA A 135 5.49 -27.13 11.64
C ALA A 135 4.52 -27.45 12.73
N GLY A 136 3.34 -27.83 12.31
CA GLY A 136 2.55 -28.67 13.09
C GLY A 136 2.83 -30.01 12.51
N GLY A 137 2.99 -30.98 13.34
CA GLY A 137 3.59 -32.21 12.87
C GLY A 137 2.65 -33.37 12.61
N PRO A 138 2.31 -33.60 11.33
CA PRO A 138 1.94 -34.89 10.79
C PRO A 138 3.11 -35.45 9.95
N PRO A 139 3.28 -36.78 9.92
CA PRO A 139 4.51 -37.54 9.60
C PRO A 139 5.84 -36.83 9.23
N SER A 140 5.96 -35.53 9.45
CA SER A 140 7.25 -34.85 9.42
C SER A 140 7.99 -35.18 10.70
N ILE A 141 9.30 -35.37 10.62
CA ILE A 141 10.05 -35.75 11.80
C ILE A 141 10.41 -34.51 12.60
N THR A 142 9.55 -34.14 13.52
CA THR A 142 9.85 -33.02 14.38
C THR A 142 10.58 -33.52 15.64
N ASP A 143 11.43 -34.52 15.41
CA ASP A 143 12.36 -35.05 16.41
C ASP A 143 13.71 -34.40 16.26
N PHE A 144 14.46 -34.29 17.35
CA PHE A 144 15.85 -33.97 17.25
C PHE A 144 16.69 -34.79 18.22
N GLN A 145 17.98 -34.70 18.03
CA GLN A 145 18.98 -35.42 18.81
C GLN A 145 20.27 -34.64 18.66
N ILE A 146 21.04 -34.45 19.71
CA ILE A 146 22.23 -33.65 19.56
C ILE A 146 23.44 -34.55 19.35
N LEU A 147 23.98 -34.51 18.14
CA LEU A 147 25.20 -35.23 17.82
C LEU A 147 26.34 -34.28 17.49
N GLU A 148 27.43 -34.37 18.22
CA GLU A 148 28.58 -33.53 17.99
C GLU A 148 29.49 -34.15 16.94
N ASN A 149 30.25 -33.33 16.25
CA ASN A 149 31.27 -33.81 15.32
C ASN A 149 32.59 -34.00 16.07
N GLN A 150 33.55 -34.61 15.41
CA GLN A 150 34.83 -34.90 16.06
C GLN A 150 35.66 -33.63 16.18
N ALA A 151 35.86 -32.96 15.05
CA ALA A 151 36.61 -31.72 15.00
C ALA A 151 36.38 -31.01 13.67
N MET B 1 18.00 -15.20 -4.23
CA MET B 1 17.49 -14.71 -2.93
C MET B 1 17.58 -13.18 -2.85
N ALA B 2 17.77 -12.54 -4.01
CA ALA B 2 17.90 -11.09 -4.05
C ALA B 2 17.15 -10.49 -5.22
N ALA B 3 16.15 -9.68 -4.91
CA ALA B 3 15.43 -8.90 -5.91
C ALA B 3 16.34 -7.88 -6.58
N GLU B 4 16.84 -8.21 -7.76
CA GLU B 4 17.61 -7.26 -8.55
C GLU B 4 16.65 -6.23 -9.16
N PRO B 5 17.14 -5.09 -9.71
CA PRO B 5 16.28 -4.00 -10.19
C PRO B 5 15.06 -4.49 -10.96
N LEU B 6 13.94 -3.79 -10.81
CA LEU B 6 12.69 -4.28 -11.28
C LEU B 6 12.02 -3.37 -12.31
N THR B 7 10.89 -3.87 -12.81
CA THR B 7 10.00 -3.12 -13.71
C THR B 7 9.40 -1.91 -12.95
N GLU B 8 8.57 -1.10 -13.59
CA GLU B 8 8.25 0.23 -13.04
C GLU B 8 7.32 0.17 -11.82
N LEU B 9 6.19 -0.52 -11.92
CA LEU B 9 5.32 -0.60 -10.75
C LEU B 9 6.01 -1.34 -9.63
N GLU B 10 6.94 -2.19 -10.02
CA GLU B 10 7.78 -2.88 -9.06
C GLU B 10 8.75 -1.91 -8.46
N GLU B 11 9.30 -1.03 -9.29
CA GLU B 11 10.24 -0.02 -8.85
C GLU B 11 9.59 0.76 -7.74
N SER B 12 8.31 1.00 -7.92
CA SER B 12 7.58 1.76 -6.91
C SER B 12 7.28 0.94 -5.65
N ILE B 13 6.89 -0.34 -5.80
CA ILE B 13 6.59 -1.16 -4.62
C ILE B 13 7.84 -1.78 -3.95
N GLU B 14 8.85 -2.16 -4.73
CA GLU B 14 10.13 -2.63 -4.19
C GLU B 14 10.74 -1.56 -3.29
N THR B 15 10.74 -0.35 -3.80
CA THR B 15 11.21 0.82 -3.07
C THR B 15 10.57 0.91 -1.67
N VAL B 16 9.31 0.52 -1.57
CA VAL B 16 8.61 0.51 -0.29
C VAL B 16 9.20 -0.53 0.64
N VAL B 17 9.68 -1.62 0.04
CA VAL B 17 10.21 -2.76 0.79
C VAL B 17 11.53 -2.41 1.44
N THR B 18 12.44 -1.89 0.63
CA THR B 18 13.81 -1.70 1.03
C THR B 18 13.93 -0.81 2.25
N THR B 19 13.20 0.29 2.24
CA THR B 19 13.22 1.21 3.37
C THR B 19 12.70 0.50 4.61
N PHE B 20 11.51 -0.03 4.44
CA PHE B 20 10.83 -0.89 5.42
C PHE B 20 11.77 -1.94 6.03
N PHE B 21 12.44 -2.71 5.16
CA PHE B 21 13.34 -3.80 5.56
C PHE B 21 14.54 -3.30 6.34
N THR B 22 15.01 -2.10 6.03
CA THR B 22 16.14 -1.52 6.72
C THR B 22 15.85 -1.41 8.22
N PHE B 23 14.61 -1.11 8.55
CA PHE B 23 14.20 -1.01 9.95
C PHE B 23 13.79 -2.38 10.50
N ALA B 24 13.08 -3.14 9.68
CA ALA B 24 12.66 -4.50 10.07
C ALA B 24 13.87 -5.36 10.44
N ARG B 25 14.98 -5.17 9.72
CA ARG B 25 16.20 -5.93 9.98
C ARG B 25 16.95 -5.44 11.22
N GLN B 26 16.71 -4.20 11.64
CA GLN B 26 17.37 -3.61 12.80
C GLN B 26 17.18 -4.45 14.07
N GLU B 27 15.93 -4.64 14.48
CA GLU B 27 15.62 -5.40 15.70
C GLU B 27 15.25 -6.85 15.36
N GLY B 28 14.66 -7.54 16.33
CA GLY B 28 14.24 -8.93 16.14
C GLY B 28 13.30 -9.11 14.97
N ARG B 29 13.47 -10.24 14.26
CA ARG B 29 12.66 -10.55 13.08
C ARG B 29 12.91 -9.51 11.98
N LYS B 30 13.83 -9.84 11.07
CA LYS B 30 14.18 -8.93 9.98
C LYS B 30 13.08 -8.81 8.93
N ASP B 31 11.99 -9.57 9.14
CA ASP B 31 10.87 -9.56 8.21
C ASP B 31 9.71 -8.73 8.76
N SER B 32 9.86 -8.19 9.96
CA SER B 32 8.80 -7.39 10.58
C SER B 32 9.35 -6.32 11.52
N LEU B 33 8.66 -5.19 11.58
CA LEU B 33 9.07 -4.08 12.46
C LEU B 33 8.35 -4.20 13.78
N SER B 34 9.02 -3.85 14.88
CA SER B 34 8.41 -3.94 16.20
C SER B 34 7.60 -2.69 16.51
N VAL B 35 7.04 -2.62 17.72
CA VAL B 35 6.24 -1.48 18.15
C VAL B 35 7.13 -0.27 18.41
N ASN B 36 8.44 -0.50 18.51
CA ASN B 36 9.39 0.56 18.76
C ASN B 36 9.76 1.24 17.45
N GLU B 37 9.82 0.46 16.36
CA GLU B 37 10.16 1.00 15.04
C GLU B 37 8.97 1.73 14.45
N PHE B 38 7.76 1.32 14.87
CA PHE B 38 6.55 1.95 14.41
C PHE B 38 6.48 3.27 15.09
N LYS B 39 6.71 3.24 16.39
CA LYS B 39 6.71 4.44 17.20
C LYS B 39 7.80 5.39 16.74
N GLU B 40 8.98 4.86 16.38
CA GLU B 40 10.06 5.73 15.90
C GLU B 40 9.66 6.46 14.63
N LEU B 41 9.07 5.75 13.68
CA LEU B 41 8.71 6.36 12.41
C LEU B 41 7.52 7.27 12.59
N VAL B 42 6.57 6.85 13.37
CA VAL B 42 5.36 7.59 13.56
C VAL B 42 5.70 8.92 14.24
N THR B 43 6.46 8.82 15.31
CA THR B 43 6.99 9.98 16.03
C THR B 43 7.95 10.82 15.16
N GLN B 44 8.97 10.18 14.60
CA GLN B 44 10.05 10.86 13.91
C GLN B 44 9.74 11.10 12.43
N GLN B 45 9.36 10.04 11.72
CA GLN B 45 9.20 10.10 10.27
C GLN B 45 7.79 10.58 9.86
N LEU B 46 6.81 10.38 10.71
CA LEU B 46 5.42 10.59 10.32
C LEU B 46 4.79 11.92 10.77
N PRO B 47 5.39 12.77 11.66
CA PRO B 47 4.77 14.04 12.07
C PRO B 47 4.21 14.84 10.89
N HIS B 48 4.93 14.80 9.78
CA HIS B 48 4.50 15.46 8.57
C HIS B 48 3.38 14.68 7.88
N LEU B 49 3.53 13.36 7.82
CA LEU B 49 2.54 12.50 7.18
C LEU B 49 1.32 12.26 8.08
N LEU B 50 1.52 11.41 9.06
CA LEU B 50 0.48 11.04 10.01
C LEU B 50 0.53 11.93 11.22
N LYS B 51 -0.18 13.02 11.10
CA LYS B 51 -0.39 14.00 12.16
C LYS B 51 -1.10 13.40 13.38
N ASP B 52 -0.49 12.39 13.91
CA ASP B 52 -0.97 11.70 15.10
C ASP B 52 0.17 10.87 15.63
N VAL B 53 1.22 11.58 15.99
CA VAL B 53 2.46 10.98 16.44
C VAL B 53 2.36 10.56 17.89
N GLY B 54 1.28 10.97 18.54
CA GLY B 54 1.07 10.62 19.92
C GLY B 54 0.52 9.22 20.07
N SER B 55 -0.78 9.09 19.90
CA SER B 55 -1.48 7.83 20.12
C SER B 55 -1.32 6.88 18.94
N LEU B 56 -0.08 6.55 18.64
CA LEU B 56 0.25 5.53 17.66
C LEU B 56 -0.56 4.27 17.91
N ASP B 57 -0.89 4.08 19.19
CA ASP B 57 -1.59 2.90 19.69
C ASP B 57 -2.74 2.49 18.78
N GLU B 58 -3.66 3.41 18.50
CA GLU B 58 -4.90 3.05 17.79
C GLU B 58 -4.61 2.34 16.46
N LYS B 59 -3.70 2.91 15.72
CA LYS B 59 -3.31 2.41 14.42
C LYS B 59 -2.55 1.12 14.60
N MET B 60 -1.65 1.14 15.56
CA MET B 60 -0.88 -0.03 15.94
C MET B 60 -1.81 -1.21 16.20
N LYS B 61 -2.84 -1.00 17.03
CA LYS B 61 -3.79 -2.05 17.37
C LYS B 61 -4.49 -2.61 16.14
N SER B 62 -4.80 -1.72 15.20
CA SER B 62 -5.52 -2.12 13.98
C SER B 62 -4.64 -3.02 13.10
N LEU B 63 -3.35 -2.77 13.15
CA LEU B 63 -2.37 -3.52 12.37
C LEU B 63 -1.92 -4.77 13.12
N ASP B 64 -1.58 -4.54 14.38
CA ASP B 64 -1.16 -5.56 15.34
C ASP B 64 -2.21 -6.64 15.55
N VAL B 65 -3.43 -6.37 15.08
CA VAL B 65 -4.70 -6.97 15.56
C VAL B 65 -4.63 -8.41 16.09
N ASN B 66 -3.77 -9.24 15.54
CA ASN B 66 -3.65 -10.61 16.01
C ASN B 66 -2.84 -10.68 17.32
N GLN B 67 -2.43 -9.51 17.86
CA GLN B 67 -1.63 -9.44 19.09
C GLN B 67 -0.32 -10.09 18.74
N ASP B 68 0.15 -9.59 17.60
CA ASP B 68 1.41 -9.92 17.00
C ASP B 68 2.12 -8.58 16.79
N SER B 69 3.03 -8.24 17.71
CA SER B 69 3.76 -6.95 17.65
C SER B 69 4.71 -6.87 16.46
N GLU B 70 4.52 -7.76 15.50
CA GLU B 70 5.33 -7.78 14.32
C GLU B 70 4.53 -7.31 13.11
N LEU B 71 4.76 -6.05 12.71
CA LEU B 71 4.13 -5.46 11.58
C LEU B 71 4.63 -6.14 10.30
N LYS B 72 4.06 -7.31 10.04
CA LYS B 72 4.53 -8.17 8.96
C LYS B 72 3.75 -8.10 7.66
N PHE B 73 3.96 -9.17 6.87
CA PHE B 73 3.36 -9.37 5.54
C PHE B 73 1.93 -8.91 5.44
N ASN B 74 1.76 -7.65 5.03
CA ASN B 74 0.44 -7.07 4.81
C ASN B 74 -0.55 -7.16 5.99
N GLU B 75 -0.02 -7.30 7.18
CA GLU B 75 -0.75 -6.82 8.38
C GLU B 75 -0.50 -5.31 8.52
N TYR B 76 0.77 -4.94 8.37
CA TYR B 76 1.20 -3.53 8.34
C TYR B 76 0.42 -2.78 7.28
N TRP B 77 0.26 -3.45 6.15
CA TRP B 77 -0.31 -2.90 4.92
C TRP B 77 -1.46 -1.94 5.13
N ARG B 78 -2.36 -2.23 6.06
CA ARG B 78 -3.49 -1.35 6.27
C ARG B 78 -2.98 0.07 6.44
N LEU B 79 -1.99 0.24 7.31
CA LEU B 79 -1.38 1.55 7.53
C LEU B 79 -0.73 2.04 6.24
N ILE B 80 -0.03 1.14 5.55
CA ILE B 80 0.67 1.48 4.30
C ILE B 80 -0.30 2.05 3.28
N GLY B 81 -1.52 1.55 3.32
CA GLY B 81 -2.54 2.05 2.43
C GLY B 81 -3.08 3.35 2.91
N GLU B 82 -3.26 3.44 4.21
CA GLU B 82 -3.65 4.67 4.82
C GLU B 82 -2.58 5.71 4.52
N LEU B 83 -1.31 5.27 4.42
CA LEU B 83 -0.18 6.17 4.16
C LEU B 83 -0.29 6.81 2.78
N ALA B 84 -0.36 5.97 1.75
CA ALA B 84 -0.41 6.45 0.37
C ALA B 84 -1.67 7.28 0.11
N LYS B 85 -2.71 6.99 0.86
CA LYS B 85 -3.94 7.74 0.76
C LYS B 85 -3.81 9.08 1.46
N GLU B 86 -3.32 9.04 2.70
CA GLU B 86 -3.17 10.23 3.53
C GLU B 86 -2.34 11.30 2.84
N ILE B 87 -1.22 10.92 2.25
CA ILE B 87 -0.38 11.87 1.51
C ILE B 87 -1.21 12.59 0.44
N ARG B 88 -2.21 11.91 -0.09
CA ARG B 88 -3.02 12.48 -1.15
C ARG B 88 -4.22 13.23 -0.58
N LYS B 89 -5.11 12.57 0.13
CA LYS B 89 -6.31 13.28 0.61
C LYS B 89 -6.24 13.61 2.09
N LYS B 90 -5.03 13.95 2.57
CA LYS B 90 -4.84 14.31 3.99
C LYS B 90 -5.92 15.26 4.46
N LYS B 91 -5.86 16.47 3.96
CA LYS B 91 -6.99 17.39 3.97
C LYS B 91 -6.99 18.05 2.60
N ASP B 92 -6.43 17.34 1.62
CA ASP B 92 -6.31 17.88 0.25
C ASP B 92 -7.64 17.98 -0.51
N LEU B 93 -8.69 18.43 0.18
CA LEU B 93 -9.97 18.68 -0.46
C LEU B 93 -10.16 20.18 -0.42
N LYS B 94 -9.01 20.86 -0.46
CA LYS B 94 -8.90 22.30 -0.45
C LYS B 94 -7.44 22.69 -0.68
N ILE B 95 -6.51 22.04 0.06
CA ILE B 95 -5.06 22.29 -0.07
C ILE B 95 -4.25 21.56 1.03
N ARG B 96 -3.14 20.92 0.62
CA ARG B 96 -2.26 20.20 1.57
C ARG B 96 -0.83 20.08 1.01
N LYS B 97 -0.70 20.13 -0.30
CA LYS B 97 0.61 20.08 -0.96
C LYS B 97 0.93 21.49 -1.48
N LYS B 98 2.16 22.01 -1.25
CA LYS B 98 2.44 23.38 -1.65
C LYS B 98 3.93 23.66 -1.58
N MET C 1 0.53 23.97 -4.65
CA MET C 1 -0.19 22.75 -5.10
C MET C 1 0.78 21.71 -5.61
N ALA C 2 1.99 21.69 -5.04
CA ALA C 2 3.02 20.76 -5.46
C ALA C 2 3.80 20.20 -4.28
N ALA C 3 3.67 18.89 -4.10
CA ALA C 3 4.48 18.15 -3.13
C ALA C 3 5.96 18.18 -3.49
N GLU C 4 6.70 19.07 -2.86
CA GLU C 4 8.14 19.09 -3.00
C GLU C 4 8.75 17.93 -2.22
N PRO C 5 10.05 17.57 -2.44
CA PRO C 5 10.66 16.37 -1.85
C PRO C 5 10.28 16.16 -0.38
N LEU C 6 10.13 14.90 0.01
CA LEU C 6 9.55 14.59 1.27
C LEU C 6 10.47 13.81 2.20
N THR C 7 9.95 13.58 3.41
CA THR C 7 10.58 12.73 4.41
C THR C 7 10.63 11.28 3.91
N GLU C 8 11.18 10.33 4.68
CA GLU C 8 11.55 9.03 4.11
C GLU C 8 10.34 8.14 3.81
N LEU C 9 9.45 7.92 4.78
CA LEU C 9 8.29 7.09 4.50
C LEU C 9 7.43 7.76 3.45
N GLU C 10 7.53 9.07 3.37
CA GLU C 10 6.87 9.83 2.33
C GLU C 10 7.57 9.58 1.02
N GLU C 11 8.90 9.55 1.07
CA GLU C 11 9.69 9.30 -0.12
C GLU C 11 9.21 8.01 -0.73
N SER C 12 8.90 7.06 0.13
CA SER C 12 8.45 5.76 -0.35
C SER C 12 7.01 5.82 -0.87
N ILE C 13 6.10 6.51 -0.19
CA ILE C 13 4.71 6.57 -0.64
C ILE C 13 4.46 7.62 -1.75
N GLU C 14 5.14 8.77 -1.71
CA GLU C 14 5.07 9.76 -2.78
C GLU C 14 5.49 9.13 -4.10
N THR C 15 6.59 8.41 -4.05
CA THR C 15 7.10 7.67 -5.20
C THR C 15 6.01 6.80 -5.85
N VAL C 16 5.13 6.24 -5.03
CA VAL C 16 4.02 5.44 -5.52
C VAL C 16 3.04 6.31 -6.29
N VAL C 17 2.92 7.56 -5.87
CA VAL C 17 1.96 8.49 -6.45
C VAL C 17 2.37 8.91 -7.84
N THR C 18 3.61 9.34 -7.95
CA THR C 18 4.10 9.98 -9.15
C THR C 18 3.99 9.07 -10.37
N THR C 19 4.37 7.82 -10.19
CA THR C 19 4.28 6.84 -11.27
C THR C 19 2.82 6.67 -11.67
N PHE C 20 2.05 6.34 -10.65
CA PHE C 20 0.58 6.24 -10.72
C PHE C 20 -0.04 7.42 -11.48
N PHE C 21 0.29 8.65 -11.05
CA PHE C 21 -0.25 9.88 -11.61
C PHE C 21 0.13 10.09 -13.07
N THR C 22 1.31 9.61 -13.45
CA THR C 22 1.76 9.71 -14.82
C THR C 22 0.78 9.03 -15.78
N PHE C 23 0.18 7.94 -15.33
CA PHE C 23 -0.79 7.23 -16.13
C PHE C 23 -2.19 7.79 -15.91
N ALA C 24 -2.51 8.10 -14.66
CA ALA C 24 -3.80 8.72 -14.32
C ALA C 24 -4.04 10.00 -15.11
N ARG C 25 -2.96 10.75 -15.36
CA ARG C 25 -3.05 12.01 -16.10
C ARG C 25 -3.21 11.79 -17.61
N GLN C 26 -2.80 10.63 -18.10
CA GLN C 26 -2.87 10.32 -19.53
C GLN C 26 -4.29 10.45 -20.10
N GLU C 27 -5.20 9.58 -19.65
CA GLU C 27 -6.58 9.59 -20.14
C GLU C 27 -7.47 10.47 -19.28
N GLY C 28 -8.80 10.28 -19.40
CA GLY C 28 -9.76 11.06 -18.63
C GLY C 28 -9.55 10.93 -17.15
N ARG C 29 -9.81 12.04 -16.42
CA ARG C 29 -9.62 12.09 -14.97
C ARG C 29 -8.14 11.88 -14.63
N LYS C 30 -7.41 12.98 -14.50
CA LYS C 30 -5.98 12.93 -14.21
C LYS C 30 -5.68 12.45 -12.78
N ASP C 31 -6.73 12.16 -12.03
CA ASP C 31 -6.58 11.70 -10.66
C ASP C 31 -6.92 10.22 -10.51
N SER C 32 -7.29 9.56 -11.60
CA SER C 32 -7.63 8.13 -11.56
C SER C 32 -7.32 7.43 -12.88
N LEU C 33 -6.90 6.17 -12.77
CA LEU C 33 -6.59 5.36 -13.96
C LEU C 33 -7.84 4.63 -14.40
N SER C 34 -8.03 4.48 -15.71
CA SER C 34 -9.20 3.80 -16.23
C SER C 34 -8.95 2.30 -16.37
N VAL C 35 -9.92 1.58 -16.93
CA VAL C 35 -9.79 0.14 -17.13
C VAL C 35 -8.75 -0.17 -18.20
N ASN C 36 -8.38 0.85 -18.99
CA ASN C 36 -7.41 0.67 -20.05
C ASN C 36 -5.98 0.82 -19.53
N GLU C 37 -5.77 1.69 -18.54
CA GLU C 37 -4.45 1.88 -17.97
C GLU C 37 -4.10 0.74 -17.02
N PHE C 38 -5.13 0.15 -16.42
CA PHE C 38 -4.99 -0.96 -15.53
C PHE C 38 -4.61 -2.14 -16.38
N LYS C 39 -5.35 -2.30 -17.45
CA LYS C 39 -5.10 -3.37 -18.41
C LYS C 39 -3.71 -3.22 -19.01
N GLU C 40 -3.31 -1.98 -19.33
CA GLU C 40 -1.97 -1.77 -19.90
C GLU C 40 -0.87 -2.22 -18.93
N LEU C 41 -0.99 -1.86 -17.67
CA LEU C 41 0.04 -2.19 -16.71
C LEU C 41 -0.02 -3.66 -16.36
N VAL C 42 -1.21 -4.18 -16.23
CA VAL C 42 -1.39 -5.55 -15.85
C VAL C 42 -0.83 -6.44 -16.95
N THR C 43 -1.23 -6.16 -18.18
CA THR C 43 -0.71 -6.82 -19.36
C THR C 43 0.80 -6.58 -19.56
N GLN C 44 1.20 -5.31 -19.59
CA GLN C 44 2.55 -4.93 -19.96
C GLN C 44 3.50 -4.91 -18.74
N GLN C 45 3.12 -4.21 -17.68
CA GLN C 45 4.00 -3.99 -16.54
C GLN C 45 3.93 -5.14 -15.53
N LEU C 46 2.82 -5.85 -15.48
CA LEU C 46 2.58 -6.81 -14.40
C LEU C 46 2.85 -8.29 -14.74
N PRO C 47 3.11 -8.73 -16.01
CA PRO C 47 3.38 -10.16 -16.30
C PRO C 47 4.38 -10.77 -15.33
N HIS C 48 5.37 -9.98 -14.95
CA HIS C 48 6.38 -10.43 -13.99
C HIS C 48 5.80 -10.44 -12.59
N LEU C 49 5.07 -9.37 -12.24
CA LEU C 49 4.49 -9.24 -10.90
C LEU C 49 3.23 -10.08 -10.74
N LEU C 50 2.15 -9.60 -11.33
CA LEU C 50 0.87 -10.27 -11.27
C LEU C 50 0.69 -11.18 -12.45
N LYS C 51 1.14 -12.40 -12.25
CA LYS C 51 1.00 -13.50 -13.19
C LYS C 51 -0.46 -13.85 -13.46
N ASP C 52 -1.17 -12.88 -13.93
CA ASP C 52 -2.57 -13.00 -14.29
C ASP C 52 -2.93 -11.80 -15.15
N VAL C 53 -2.23 -11.72 -16.27
CA VAL C 53 -2.35 -10.59 -17.19
C VAL C 53 -3.59 -10.74 -18.06
N GLY C 54 -4.21 -11.91 -18.00
CA GLY C 54 -5.40 -12.15 -18.78
C GLY C 54 -6.63 -11.54 -18.13
N SER C 55 -7.18 -12.26 -17.17
CA SER C 55 -8.43 -11.87 -16.53
C SER C 55 -8.22 -10.78 -15.47
N LEU C 56 -7.68 -9.67 -15.92
CA LEU C 56 -7.56 -8.47 -15.10
C LEU C 56 -8.89 -8.17 -14.42
N ASP C 57 -9.95 -8.58 -15.09
CA ASP C 57 -11.33 -8.31 -14.67
C ASP C 57 -11.54 -8.54 -13.18
N GLU C 58 -11.19 -9.72 -12.67
CA GLU C 58 -11.53 -10.09 -11.30
C GLU C 58 -11.02 -9.04 -10.29
N LYS C 59 -9.76 -8.67 -10.48
CA LYS C 59 -9.09 -7.72 -9.62
C LYS C 59 -9.68 -6.35 -9.83
N MET C 60 -9.88 -6.02 -11.11
CA MET C 60 -10.52 -4.79 -11.49
C MET C 60 -11.84 -4.63 -10.77
N LYS C 61 -12.69 -5.66 -10.80
CA LYS C 61 -14.00 -5.61 -10.16
C LYS C 61 -13.88 -5.35 -8.66
N SER C 62 -12.87 -5.95 -8.04
CA SER C 62 -12.68 -5.82 -6.60
C SER C 62 -12.31 -4.38 -6.23
N LEU C 63 -11.59 -3.72 -7.13
CA LEU C 63 -11.14 -2.34 -6.94
C LEU C 63 -12.22 -1.36 -7.40
N ASP C 64 -12.72 -1.63 -8.60
CA ASP C 64 -13.78 -0.88 -9.25
C ASP C 64 -15.06 -0.83 -8.45
N VAL C 65 -15.13 -1.71 -7.42
CA VAL C 65 -16.39 -2.24 -6.82
C VAL C 65 -17.61 -1.29 -6.83
N ASN C 66 -17.39 0.01 -6.70
CA ASN C 66 -18.48 0.97 -6.73
C ASN C 66 -19.00 1.20 -8.16
N GLN C 67 -18.49 0.40 -9.14
CA GLN C 67 -18.88 0.54 -10.54
C GLN C 67 -18.47 1.92 -10.94
N ASP C 68 -17.25 2.18 -10.51
CA ASP C 68 -16.49 3.37 -10.78
C ASP C 68 -15.18 2.90 -11.39
N SER C 69 -15.09 2.91 -12.72
CA SER C 69 -13.91 2.43 -13.46
C SER C 69 -12.68 3.30 -13.22
N GLU C 70 -12.72 4.09 -12.16
CA GLU C 70 -11.63 4.95 -11.80
C GLU C 70 -10.92 4.43 -10.56
N LEU C 71 -9.73 3.87 -10.77
CA LEU C 71 -8.91 3.37 -9.71
C LEU C 71 -8.39 4.52 -8.86
N LYS C 72 -9.26 5.01 -7.99
CA LYS C 72 -8.97 6.23 -7.23
C LYS C 72 -8.52 6.02 -5.80
N PHE C 73 -8.70 7.10 -5.03
CA PHE C 73 -8.34 7.21 -3.62
C PHE C 73 -8.59 5.96 -2.81
N ASN C 74 -7.59 5.08 -2.77
CA ASN C 74 -7.63 3.85 -1.99
C ASN C 74 -8.83 2.92 -2.25
N GLU C 75 -9.43 3.06 -3.42
CA GLU C 75 -10.15 1.92 -4.02
C GLU C 75 -9.12 1.01 -4.72
N TYR C 76 -8.23 1.65 -5.47
CA TYR C 76 -7.09 0.99 -6.11
C TYR C 76 -6.28 0.22 -5.08
N TRP C 77 -6.11 0.89 -3.95
CA TRP C 77 -5.24 0.46 -2.84
C TRP C 77 -5.23 -1.03 -2.59
N ARG C 78 -6.38 -1.70 -2.66
CA ARG C 78 -6.41 -3.12 -2.42
C ARG C 78 -5.34 -3.80 -3.25
N LEU C 79 -5.33 -3.48 -4.55
CA LEU C 79 -4.33 -4.02 -5.46
C LEU C 79 -2.94 -3.57 -5.04
N ILE C 80 -2.82 -2.30 -4.66
CA ILE C 80 -1.53 -1.72 -4.26
C ILE C 80 -0.95 -2.49 -3.08
N GLY C 81 -1.83 -2.99 -2.24
CA GLY C 81 -1.40 -3.77 -1.11
C GLY C 81 -1.06 -5.16 -1.53
N GLU C 82 -1.88 -5.69 -2.42
CA GLU C 82 -1.60 -6.97 -3.01
C GLU C 82 -0.25 -6.89 -3.72
N LEU C 83 0.06 -5.70 -4.27
CA LEU C 83 1.30 -5.47 -5.01
C LEU C 83 2.52 -5.62 -4.11
N ALA C 84 2.57 -4.81 -3.05
CA ALA C 84 3.70 -4.80 -2.13
C ALA C 84 3.86 -6.15 -1.43
N LYS C 85 2.76 -6.86 -1.29
CA LYS C 85 2.80 -8.17 -0.70
C LYS C 85 3.32 -9.19 -1.68
N GLU C 86 2.75 -9.16 -2.89
CA GLU C 86 3.11 -10.12 -3.96
C GLU C 86 4.60 -10.10 -4.25
N ILE C 87 5.19 -8.92 -4.36
CA ILE C 87 6.63 -8.82 -4.59
C ILE C 87 7.41 -9.58 -3.51
N ARG C 88 6.85 -9.64 -2.31
CA ARG C 88 7.51 -10.30 -1.22
C ARG C 88 7.14 -11.78 -1.13
N LYS C 89 5.87 -12.11 -0.95
CA LYS C 89 5.51 -13.52 -0.80
C LYS C 89 4.88 -14.11 -2.05
N LYS C 90 5.35 -13.66 -3.22
CA LYS C 90 4.81 -14.16 -4.51
C LYS C 90 4.68 -15.68 -4.48
N LYS C 91 5.82 -16.34 -4.50
CA LYS C 91 5.95 -17.73 -4.11
C LYS C 91 7.22 -17.80 -3.27
N ASP C 92 7.61 -16.66 -2.72
CA ASP C 92 8.84 -16.57 -1.95
C ASP C 92 8.82 -17.32 -0.61
N LEU C 93 7.92 -18.29 -0.46
CA LEU C 93 7.89 -19.11 0.75
C LEU C 93 8.93 -20.21 0.57
N LYS C 94 9.72 -20.05 -0.49
CA LYS C 94 10.80 -20.96 -0.85
C LYS C 94 11.85 -20.17 -1.63
N ILE C 95 11.39 -19.40 -2.64
CA ILE C 95 12.28 -18.57 -3.47
C ILE C 95 11.56 -18.02 -4.72
N ARG C 96 11.65 -16.70 -4.91
CA ARG C 96 11.06 -16.05 -6.09
C ARG C 96 11.71 -14.69 -6.37
N LYS C 97 13.02 -14.65 -6.13
CA LYS C 97 13.89 -13.49 -6.38
C LYS C 97 15.27 -14.07 -6.68
N LYS C 98 15.97 -13.57 -7.71
CA LYS C 98 17.19 -14.26 -8.11
C LYS C 98 17.81 -13.56 -9.31
N ASN D 1 -16.68 -1.01 -30.53
CA ASN D 1 -17.21 -0.78 -29.16
C ASN D 1 -18.36 0.23 -29.26
N VAL D 2 -18.92 0.64 -28.13
CA VAL D 2 -19.95 1.65 -28.14
C VAL D 2 -19.30 3.01 -27.93
N LYS D 3 -19.49 3.89 -28.89
CA LYS D 3 -18.95 5.22 -28.79
C LYS D 3 -20.04 6.20 -28.43
N TYR D 4 -19.68 7.22 -27.68
CA TYR D 4 -20.60 8.30 -27.41
C TYR D 4 -20.20 9.42 -28.35
N ASN D 5 -21.05 9.70 -29.31
CA ASN D 5 -20.65 10.51 -30.45
C ASN D 5 -21.12 11.93 -30.25
N PHE D 6 -20.25 12.86 -30.62
CA PHE D 6 -20.52 14.27 -30.38
C PHE D 6 -21.77 14.70 -31.14
N MET D 7 -22.66 15.34 -30.40
CA MET D 7 -23.98 15.69 -30.88
C MET D 7 -23.98 17.08 -31.49
N ARG D 8 -23.72 18.12 -30.70
CA ARG D 8 -23.71 19.46 -31.28
C ARG D 8 -22.96 20.46 -30.41
N ILE D 9 -22.34 21.41 -31.10
CA ILE D 9 -21.63 22.51 -30.48
C ILE D 9 -22.60 23.62 -30.07
N ILE D 10 -22.65 23.90 -28.78
CA ILE D 10 -23.50 24.94 -28.26
C ILE D 10 -22.71 26.25 -28.29
N LYS D 11 -22.65 26.92 -27.17
CA LYS D 11 -22.09 28.25 -27.10
C LYS D 11 -20.71 28.16 -26.49
N TYR D 12 -19.89 29.18 -26.68
CA TYR D 12 -18.49 29.08 -26.33
C TYR D 12 -17.95 30.39 -25.81
N GLU D 13 -16.92 30.27 -24.97
CA GLU D 13 -16.26 31.38 -24.30
C GLU D 13 -17.25 32.28 -23.55
N PHE D 14 -18.35 31.68 -23.12
CA PHE D 14 -19.31 32.38 -22.27
C PHE D 14 -19.15 31.91 -20.83
N ILE D 15 -19.33 32.82 -19.89
CA ILE D 15 -19.10 32.50 -18.49
C ILE D 15 -20.41 32.40 -17.70
N LEU D 16 -20.46 31.41 -16.83
CA LEU D 16 -21.59 31.17 -15.96
C LEU D 16 -21.31 31.68 -14.55
N ASN D 17 -22.29 32.36 -14.01
CA ASN D 17 -22.27 32.89 -12.65
C ASN D 17 -23.49 32.37 -11.93
N ASP D 18 -23.37 32.12 -10.65
CA ASP D 18 -24.40 31.43 -9.89
C ASP D 18 -25.34 32.43 -9.23
N ALA D 19 -26.27 31.96 -8.42
CA ALA D 19 -27.19 32.84 -7.72
C ALA D 19 -26.45 33.76 -6.72
N LEU D 20 -25.22 33.40 -6.36
CA LEU D 20 -24.38 34.26 -5.53
C LEU D 20 -23.86 35.38 -6.40
N ASN D 21 -23.95 35.12 -7.70
CA ASN D 21 -23.46 35.99 -8.74
C ASN D 21 -21.96 36.17 -8.59
N GLN D 22 -21.24 35.13 -8.99
CA GLN D 22 -19.80 35.14 -8.94
C GLN D 22 -19.26 34.52 -10.20
N SER D 23 -18.42 35.25 -10.90
CA SER D 23 -17.81 34.76 -12.10
C SER D 23 -16.83 33.66 -11.77
N ILE D 24 -16.90 32.58 -12.50
CA ILE D 24 -16.00 31.47 -12.25
C ILE D 24 -14.59 31.87 -12.71
N ILE D 25 -13.77 32.33 -11.77
CA ILE D 25 -12.52 32.96 -12.11
C ILE D 25 -11.36 31.95 -12.00
N ARG D 26 -10.38 32.14 -12.86
CA ARG D 26 -9.25 31.23 -12.93
C ARG D 26 -8.20 31.59 -11.88
N ALA D 27 -8.05 30.76 -10.87
CA ALA D 27 -7.04 30.96 -9.86
C ALA D 27 -5.81 30.15 -10.21
N ASN D 28 -6.05 28.94 -10.70
CA ASN D 28 -4.98 28.03 -11.12
C ASN D 28 -5.51 27.07 -12.19
N ASP D 29 -4.61 26.26 -12.74
CA ASP D 29 -4.99 25.28 -13.77
C ASP D 29 -5.49 23.98 -13.15
N GLN D 30 -5.89 24.06 -11.88
CA GLN D 30 -6.39 22.91 -11.14
C GLN D 30 -7.44 23.37 -10.13
N TYR D 31 -7.25 24.58 -9.61
CA TYR D 31 -8.17 25.16 -8.63
C TYR D 31 -8.81 26.45 -9.16
N LEU D 32 -10.12 26.56 -8.99
CA LEU D 32 -10.86 27.72 -9.43
C LEU D 32 -11.79 28.22 -8.33
N THR D 33 -11.78 29.53 -8.12
CA THR D 33 -12.61 30.17 -7.12
C THR D 33 -13.59 31.12 -7.78
N ALA D 34 -14.80 31.20 -7.26
CA ALA D 34 -15.80 32.07 -7.83
C ALA D 34 -15.72 33.46 -7.20
N ALA D 35 -15.58 34.46 -8.05
CA ALA D 35 -15.52 35.85 -7.63
C ALA D 35 -16.00 36.72 -8.78
N ALA D 36 -16.74 37.76 -8.48
CA ALA D 36 -17.25 38.65 -9.52
C ALA D 36 -16.09 39.22 -10.32
N LEU D 37 -16.16 39.11 -11.65
CA LEU D 37 -15.06 39.51 -12.49
C LEU D 37 -14.83 41.01 -12.41
N HIS D 38 -13.60 41.39 -12.59
CA HIS D 38 -13.21 42.78 -12.53
C HIS D 38 -12.15 43.07 -13.58
N ASN D 39 -11.54 42.01 -14.11
CA ASN D 39 -10.69 42.14 -15.28
C ASN D 39 -11.41 41.58 -16.51
N LEU D 40 -12.61 41.03 -16.27
CA LEU D 40 -13.50 40.48 -17.32
C LEU D 40 -12.87 39.30 -18.03
N ASP D 41 -11.81 39.52 -18.80
CA ASP D 41 -11.04 38.41 -19.33
C ASP D 41 -10.15 37.95 -18.20
N GLU D 42 -10.80 37.29 -17.27
CA GLU D 42 -10.19 36.91 -16.00
C GLU D 42 -10.78 35.58 -15.54
N ALA D 43 -12.04 35.38 -15.87
CA ALA D 43 -12.71 34.13 -15.62
C ALA D 43 -12.41 33.17 -16.76
N VAL D 44 -12.57 31.88 -16.51
CA VAL D 44 -12.28 30.88 -17.50
C VAL D 44 -13.44 30.80 -18.46
N LYS D 45 -13.16 30.86 -19.74
CA LYS D 45 -14.22 30.88 -20.70
C LYS D 45 -14.49 29.48 -21.16
N PHE D 46 -15.69 29.04 -20.87
CA PHE D 46 -16.06 27.69 -21.18
C PHE D 46 -16.88 27.62 -22.45
N ASP D 47 -16.90 26.43 -22.98
CA ASP D 47 -17.63 26.09 -24.19
C ASP D 47 -18.21 24.72 -24.02
N MET D 48 -19.42 24.57 -24.52
CA MET D 48 -20.15 23.34 -24.32
C MET D 48 -20.12 22.50 -25.59
N GLY D 49 -19.82 21.24 -25.40
CA GLY D 49 -19.83 20.29 -26.50
C GLY D 49 -20.55 19.04 -26.09
N ALA D 50 -21.65 18.75 -26.73
CA ALA D 50 -22.52 17.69 -26.28
C ALA D 50 -22.07 16.36 -26.84
N TYR D 51 -22.30 15.31 -26.10
CA TYR D 51 -21.98 13.97 -26.54
C TYR D 51 -23.25 13.17 -26.40
N LYS D 52 -23.37 12.04 -27.05
CA LYS D 52 -24.61 11.33 -26.97
C LYS D 52 -24.43 9.84 -26.74
N SER D 53 -25.00 9.41 -25.64
CA SER D 53 -25.27 8.01 -25.36
C SER D 53 -26.62 8.00 -24.67
N SER D 54 -27.31 6.88 -24.64
CA SER D 54 -28.59 6.86 -23.95
C SER D 54 -28.39 6.49 -22.49
N LYS D 55 -27.40 7.12 -21.88
CA LYS D 55 -27.14 6.95 -20.46
C LYS D 55 -27.16 8.28 -19.73
N ASP D 56 -27.96 9.24 -20.17
CA ASP D 56 -28.05 10.49 -19.44
C ASP D 56 -29.01 10.33 -18.27
N ASP D 57 -29.99 11.22 -18.16
CA ASP D 57 -31.22 10.92 -17.45
C ASP D 57 -32.41 11.23 -18.34
N ALA D 58 -32.76 12.52 -18.37
CA ALA D 58 -33.79 13.05 -19.26
C ALA D 58 -33.28 14.29 -20.01
N LYS D 59 -31.96 14.46 -20.05
CA LYS D 59 -31.33 15.70 -20.51
C LYS D 59 -30.02 15.38 -21.19
N ILE D 60 -29.65 16.20 -22.16
CA ILE D 60 -28.53 15.90 -23.03
C ILE D 60 -27.29 16.56 -22.46
N THR D 61 -26.17 15.93 -22.67
CA THR D 61 -24.99 16.18 -21.87
C THR D 61 -23.86 16.77 -22.70
N VAL D 62 -23.19 17.75 -22.14
CA VAL D 62 -22.12 18.44 -22.85
C VAL D 62 -20.86 18.50 -21.97
N ILE D 63 -19.71 18.81 -22.56
CA ILE D 63 -18.47 18.88 -21.84
C ILE D 63 -18.06 20.33 -21.71
N LEU D 64 -17.63 20.73 -20.54
CA LEU D 64 -17.26 22.12 -20.30
C LEU D 64 -15.74 22.27 -20.31
N ARG D 65 -15.29 23.03 -21.28
CA ARG D 65 -13.88 23.20 -21.57
C ARG D 65 -13.56 24.66 -21.81
N ILE D 66 -12.33 25.08 -21.55
CA ILE D 66 -11.95 26.45 -21.80
C ILE D 66 -11.62 26.58 -23.29
N SER D 67 -12.24 27.55 -23.94
CA SER D 67 -12.20 27.65 -25.40
C SER D 67 -10.80 27.53 -26.01
N LYS D 68 -9.76 27.85 -25.24
CA LYS D 68 -8.40 27.82 -25.75
C LYS D 68 -7.75 26.44 -25.54
N THR D 69 -7.74 25.98 -24.30
CA THR D 69 -7.15 24.68 -23.99
C THR D 69 -8.21 23.72 -23.52
N GLN D 70 -7.92 22.45 -23.40
CA GLN D 70 -8.99 21.55 -23.05
C GLN D 70 -8.92 21.23 -21.58
N LEU D 71 -9.34 22.22 -20.80
CA LEU D 71 -9.47 22.09 -19.37
C LEU D 71 -10.91 21.77 -19.04
N TYR D 72 -11.16 20.58 -18.55
CA TYR D 72 -12.51 20.20 -18.21
C TYR D 72 -12.65 20.19 -16.71
N VAL D 73 -13.81 20.56 -16.20
CA VAL D 73 -14.05 20.35 -14.79
C VAL D 73 -14.63 18.96 -14.62
N THR D 74 -13.93 18.15 -13.83
CA THR D 74 -14.37 16.78 -13.56
C THR D 74 -15.01 16.66 -12.18
N ALA D 75 -15.87 15.67 -12.04
CA ALA D 75 -16.55 15.42 -10.77
C ALA D 75 -15.72 14.46 -9.92
N GLN D 76 -15.34 14.91 -8.74
CA GLN D 76 -14.52 14.09 -7.84
C GLN D 76 -15.39 13.19 -6.96
N ASP D 77 -15.80 13.69 -5.79
CA ASP D 77 -16.62 12.92 -4.86
C ASP D 77 -17.25 13.84 -3.82
N GLU D 78 -18.56 14.07 -3.96
CA GLU D 78 -19.31 14.94 -3.06
C GLU D 78 -18.66 16.32 -3.01
N ASP D 79 -18.46 16.84 -1.78
CA ASP D 79 -17.88 18.16 -1.59
C ASP D 79 -16.35 18.15 -1.69
N GLN D 80 -15.84 17.91 -2.89
CA GLN D 80 -14.40 17.91 -3.14
C GLN D 80 -14.12 18.78 -4.36
N PRO D 81 -13.27 19.81 -4.21
CA PRO D 81 -12.94 20.77 -5.27
C PRO D 81 -12.62 20.13 -6.62
N VAL D 82 -13.31 20.65 -7.64
CA VAL D 82 -13.15 20.20 -9.02
C VAL D 82 -11.71 20.30 -9.49
N LEU D 83 -11.25 19.24 -10.12
CA LEU D 83 -9.89 19.18 -10.61
C LEU D 83 -9.87 19.49 -12.11
N LEU D 84 -9.27 20.61 -12.46
CA LEU D 84 -9.18 21.03 -13.85
C LEU D 84 -8.13 20.21 -14.59
N LYS D 85 -8.59 19.31 -15.46
CA LYS D 85 -7.70 18.45 -16.24
C LYS D 85 -7.42 19.05 -17.61
N GLU D 86 -6.21 18.88 -18.11
CA GLU D 86 -5.83 19.42 -19.41
C GLU D 86 -5.33 18.32 -20.34
N MET D 87 -6.10 18.04 -21.38
CA MET D 87 -5.74 17.03 -22.37
C MET D 87 -5.82 17.62 -23.78
N PRO D 88 -4.66 17.71 -24.47
CA PRO D 88 -4.59 18.27 -25.84
C PRO D 88 -5.60 17.67 -26.81
N GLU D 89 -6.37 18.55 -27.47
CA GLU D 89 -7.38 18.18 -28.45
C GLU D 89 -8.60 17.49 -27.83
N ILE D 90 -9.78 17.92 -28.26
CA ILE D 90 -11.06 17.37 -27.81
C ILE D 90 -11.34 16.00 -28.44
N PRO D 91 -11.67 15.00 -27.60
CA PRO D 91 -12.07 13.68 -28.08
C PRO D 91 -13.39 13.73 -28.85
N LYS D 92 -13.49 12.90 -29.88
CA LYS D 92 -14.69 12.83 -30.69
C LYS D 92 -15.53 11.63 -30.27
N THR D 93 -14.86 10.68 -29.65
CA THR D 93 -15.47 9.45 -29.19
C THR D 93 -15.11 9.22 -27.74
N ILE D 94 -16.11 9.17 -26.90
CA ILE D 94 -15.95 9.20 -25.47
C ILE D 94 -16.00 7.80 -24.90
N THR D 95 -15.00 7.46 -24.07
CA THR D 95 -14.93 6.15 -23.44
C THR D 95 -15.41 6.22 -21.99
N GLY D 96 -15.03 5.21 -21.19
CA GLY D 96 -15.45 5.17 -19.79
C GLY D 96 -14.38 5.68 -18.84
N SER D 97 -13.78 6.79 -19.19
CA SER D 97 -12.73 7.39 -18.37
C SER D 97 -13.00 8.89 -18.19
N GLU D 98 -13.65 9.47 -19.19
CA GLU D 98 -13.96 10.89 -19.16
C GLU D 98 -15.41 11.12 -18.69
N THR D 99 -15.92 10.21 -17.87
CA THR D 99 -17.30 10.30 -17.38
C THR D 99 -17.45 11.36 -16.27
N ASN D 100 -16.34 11.94 -15.84
CA ASN D 100 -16.36 12.94 -14.78
C ASN D 100 -16.58 14.35 -15.33
N LEU D 101 -16.03 14.60 -16.53
CA LEU D 101 -16.17 15.90 -17.16
C LEU D 101 -17.45 16.01 -17.99
N LEU D 102 -18.37 15.08 -17.75
CA LEU D 102 -19.64 15.08 -18.49
C LEU D 102 -20.70 15.76 -17.64
N PHE D 103 -21.63 16.50 -18.26
CA PHE D 103 -22.54 17.30 -17.45
C PHE D 103 -23.96 17.31 -17.98
N PHE D 104 -24.84 16.86 -17.09
CA PHE D 104 -26.26 16.80 -17.33
C PHE D 104 -26.85 18.17 -16.99
N TRP D 105 -27.12 18.95 -18.01
CA TRP D 105 -27.57 20.31 -17.76
C TRP D 105 -29.09 20.44 -17.81
N GLU D 106 -29.66 20.77 -16.66
CA GLU D 106 -31.10 20.98 -16.55
C GLU D 106 -31.39 22.48 -16.48
N THR D 107 -31.95 23.02 -17.55
CA THR D 107 -32.19 24.45 -17.66
C THR D 107 -33.64 24.80 -17.32
N HIS D 108 -33.81 25.76 -16.43
CA HIS D 108 -35.14 26.23 -16.06
C HIS D 108 -35.26 27.73 -16.32
N GLY D 109 -35.84 28.08 -17.45
CA GLY D 109 -36.00 29.49 -17.80
C GLY D 109 -34.66 30.20 -17.99
N THR D 110 -34.24 30.89 -16.94
CA THR D 110 -32.98 31.63 -16.97
C THR D 110 -31.90 30.86 -16.20
N LYS D 111 -32.28 30.29 -15.07
CA LYS D 111 -31.34 29.55 -14.25
C LYS D 111 -31.15 28.15 -14.82
N ASN D 112 -30.06 27.53 -14.42
CA ASN D 112 -29.71 26.21 -14.91
C ASN D 112 -28.87 25.47 -13.90
N TYR D 113 -28.99 24.15 -13.93
CA TYR D 113 -28.22 23.31 -13.03
C TYR D 113 -27.18 22.51 -13.81
N PHE D 114 -26.17 22.04 -13.11
CA PHE D 114 -25.16 21.18 -13.70
C PHE D 114 -25.00 19.91 -12.87
N THR D 115 -25.63 18.86 -13.36
CA THR D 115 -25.65 17.57 -12.68
C THR D 115 -24.51 16.68 -13.17
N SER D 116 -23.84 16.01 -12.23
CA SER D 116 -22.77 15.09 -12.59
C SER D 116 -23.33 13.80 -13.18
N VAL D 117 -22.82 13.42 -14.35
CA VAL D 117 -23.22 12.17 -15.00
C VAL D 117 -22.51 10.99 -14.35
N ALA D 118 -21.37 11.26 -13.70
CA ALA D 118 -20.61 10.19 -13.03
C ALA D 118 -21.38 9.69 -11.81
N HIS D 119 -21.49 10.54 -10.80
CA HIS D 119 -22.22 10.21 -9.58
C HIS D 119 -23.44 11.14 -9.49
N PRO D 120 -24.65 10.54 -9.50
CA PRO D 120 -25.93 11.27 -9.53
C PRO D 120 -26.07 12.33 -8.42
N ASN D 121 -25.68 11.97 -7.20
CA ASN D 121 -25.91 12.84 -6.04
C ASN D 121 -25.01 14.08 -6.06
N LEU D 122 -24.18 14.20 -7.08
CA LEU D 122 -23.26 15.31 -7.18
C LEU D 122 -23.88 16.43 -8.01
N PHE D 123 -23.68 17.63 -7.53
CA PHE D 123 -24.19 18.83 -8.15
C PHE D 123 -23.16 19.93 -7.94
N ILE D 124 -23.01 20.85 -8.88
CA ILE D 124 -21.93 21.83 -8.80
C ILE D 124 -22.36 23.03 -7.96
N ALA D 125 -21.85 23.07 -6.72
CA ALA D 125 -22.26 24.06 -5.73
C ALA D 125 -21.35 25.26 -5.73
N THR D 126 -21.86 26.39 -5.25
CA THR D 126 -21.09 27.61 -5.26
C THR D 126 -20.90 28.14 -3.85
N LYS D 127 -19.66 28.45 -3.53
CA LYS D 127 -19.27 28.92 -2.22
C LYS D 127 -18.96 30.42 -2.27
N GLN D 128 -19.13 31.10 -1.14
CA GLN D 128 -18.84 32.53 -1.04
C GLN D 128 -17.35 32.81 -0.96
N ASP D 129 -16.59 31.90 -0.38
CA ASP D 129 -15.16 32.14 -0.15
C ASP D 129 -14.28 31.05 -0.74
N TYR D 130 -14.82 29.84 -0.81
CA TYR D 130 -14.06 28.69 -1.29
C TYR D 130 -14.18 28.48 -2.80
N TRP D 131 -13.51 27.42 -3.26
CA TRP D 131 -13.49 27.04 -4.66
C TRP D 131 -14.85 26.50 -5.11
N VAL D 132 -15.20 26.74 -6.38
CA VAL D 132 -16.44 26.22 -6.92
C VAL D 132 -16.32 24.70 -7.06
N CYS D 133 -16.95 23.99 -6.15
CA CYS D 133 -16.81 22.55 -6.11
C CYS D 133 -18.06 21.85 -6.64
N LEU D 134 -18.27 20.64 -6.15
CA LEU D 134 -19.46 19.87 -6.45
C LEU D 134 -19.93 19.43 -5.10
N ALA D 135 -21.16 18.97 -4.97
CA ALA D 135 -21.68 18.73 -3.66
C ALA D 135 -22.96 17.94 -3.70
N GLY D 136 -23.35 17.51 -2.54
CA GLY D 136 -24.71 17.28 -2.28
C GLY D 136 -25.13 18.53 -1.61
N GLY D 137 -26.25 19.03 -1.95
CA GLY D 137 -26.56 20.40 -1.59
C GLY D 137 -27.50 20.60 -0.41
N PRO D 138 -26.93 20.90 0.77
CA PRO D 138 -27.59 21.67 1.81
C PRO D 138 -26.99 23.09 1.84
N PRO D 139 -27.81 24.09 2.20
CA PRO D 139 -27.67 25.55 1.91
C PRO D 139 -26.48 26.10 1.08
N SER D 140 -25.70 25.25 0.41
CA SER D 140 -24.77 25.70 -0.60
C SER D 140 -25.56 26.04 -1.86
N ILE D 141 -25.18 27.09 -2.56
CA ILE D 141 -25.93 27.49 -3.73
C ILE D 141 -25.49 26.69 -4.94
N THR D 142 -26.16 25.57 -5.17
CA THR D 142 -25.86 24.77 -6.33
C THR D 142 -26.75 25.23 -7.51
N ASP D 143 -26.97 26.54 -7.54
CA ASP D 143 -27.65 27.22 -8.65
C ASP D 143 -26.64 27.78 -9.62
N PHE D 144 -27.01 27.87 -10.87
CA PHE D 144 -26.23 28.65 -11.81
C PHE D 144 -27.12 29.47 -12.73
N GLN D 145 -26.47 30.37 -13.44
CA GLN D 145 -27.10 31.29 -14.38
C GLN D 145 -26.02 31.72 -15.35
N ILE D 146 -26.32 31.78 -16.63
CA ILE D 146 -25.26 32.13 -17.56
C ILE D 146 -25.30 33.62 -17.87
N LEU D 147 -24.28 34.32 -17.39
CA LEU D 147 -24.12 35.73 -17.70
C LEU D 147 -22.86 35.99 -18.52
N GLU D 148 -23.02 36.58 -19.67
CA GLU D 148 -21.89 36.88 -20.53
C GLU D 148 -21.30 38.24 -20.16
N ASN D 149 -20.02 38.44 -20.45
CA ASN D 149 -19.38 39.72 -20.29
C ASN D 149 -19.53 40.53 -21.58
N GLN D 150 -19.17 41.80 -21.52
CA GLN D 150 -19.32 42.67 -22.68
C GLN D 150 -18.26 42.36 -23.73
N ALA D 151 -17.00 42.40 -23.30
CA ALA D 151 -15.87 42.11 -24.16
C ALA D 151 -14.62 41.89 -23.33
N ASN A 1 11.62 -0.90 32.18
CA ASN A 1 10.69 -1.82 31.49
C ASN A 1 10.92 -3.23 32.04
N VAL A 2 10.24 -4.22 31.50
CA VAL A 2 10.47 -5.59 31.91
C VAL A 2 11.50 -6.20 30.97
N LYS A 3 12.60 -6.66 31.54
CA LYS A 3 13.63 -7.29 30.77
C LYS A 3 13.58 -8.79 30.97
N TYR A 4 13.92 -9.52 29.93
CA TYR A 4 14.08 -10.94 30.05
C TYR A 4 15.56 -11.21 30.15
N ASN A 5 16.00 -11.64 31.31
CA ASN A 5 17.40 -11.60 31.65
C ASN A 5 18.02 -12.97 31.43
N PHE A 6 19.22 -12.97 30.89
CA PHE A 6 19.87 -14.21 30.51
C PHE A 6 20.10 -15.06 31.76
N MET A 7 19.68 -16.31 31.63
CA MET A 7 19.65 -17.25 32.74
C MET A 7 20.94 -18.04 32.81
N ARG A 8 21.24 -18.87 31.80
CA ARG A 8 22.48 -19.63 31.85
C ARG A 8 22.90 -20.13 30.48
N ILE A 9 24.22 -20.21 30.31
CA ILE A 9 24.85 -20.74 29.11
C ILE A 9 24.90 -22.26 29.16
N ILE A 10 24.25 -22.89 28.21
CA ILE A 10 24.25 -24.33 28.11
C ILE A 10 25.45 -24.74 27.27
N LYS A 11 25.20 -25.53 26.25
CA LYS A 11 26.27 -26.15 25.49
C LYS A 11 26.40 -25.41 24.18
N TYR A 12 27.53 -25.56 23.51
CA TYR A 12 27.83 -24.72 22.38
C TYR A 12 28.58 -25.47 21.30
N GLU A 13 28.41 -24.98 20.07
CA GLU A 13 28.99 -25.57 18.86
C GLU A 13 28.70 -27.07 18.74
N PHE A 14 27.57 -27.48 19.30
CA PHE A 14 27.09 -28.84 19.15
C PHE A 14 25.93 -28.86 18.14
N ILE A 15 25.86 -29.91 17.36
CA ILE A 15 24.87 -29.98 16.29
C ILE A 15 23.75 -30.97 16.60
N LEU A 16 22.54 -30.57 16.28
CA LEU A 16 21.37 -31.40 16.47
C LEU A 16 20.93 -32.02 15.15
N ASN A 17 20.62 -33.30 15.23
CA ASN A 17 20.10 -34.07 14.10
C ASN A 17 18.80 -34.71 14.52
N ASP A 18 17.88 -34.84 13.60
CA ASP A 18 16.52 -35.25 13.92
C ASP A 18 16.36 -36.76 13.78
N ALA A 19 15.15 -37.26 13.94
CA ALA A 19 14.89 -38.69 13.81
C ALA A 19 15.17 -39.19 12.38
N LEU A 20 15.24 -38.27 11.42
CA LEU A 20 15.63 -38.61 10.05
C LEU A 20 17.12 -38.81 10.03
N ASN A 21 17.73 -38.27 11.09
CA ASN A 21 19.16 -38.25 11.27
C ASN A 21 19.82 -37.48 10.15
N GLN A 22 19.70 -36.16 10.23
CA GLN A 22 20.29 -35.28 9.26
C GLN A 22 20.90 -34.10 9.96
N SER A 23 22.17 -33.86 9.72
CA SER A 23 22.86 -32.76 10.31
C SER A 23 22.35 -31.46 9.73
N ILE A 24 22.07 -30.51 10.59
CA ILE A 24 21.58 -29.23 10.11
C ILE A 24 22.72 -28.48 9.41
N ILE A 25 22.76 -28.59 8.10
CA ILE A 25 23.93 -28.13 7.35
C ILE A 25 23.69 -26.74 6.79
N ARG A 26 24.76 -25.96 6.70
CA ARG A 26 24.68 -24.59 6.26
C ARG A 26 24.70 -24.52 4.74
N ALA A 27 23.59 -24.15 4.15
CA ALA A 27 23.51 -23.96 2.71
C ALA A 27 23.72 -22.51 2.38
N ASN A 28 23.13 -21.66 3.20
CA ASN A 28 23.24 -20.24 3.06
C ASN A 28 23.04 -19.62 4.43
N ASP A 29 23.40 -18.36 4.57
CA ASP A 29 23.24 -17.65 5.85
C ASP A 29 21.77 -17.37 6.12
N GLN A 30 20.89 -17.77 5.21
CA GLN A 30 19.46 -17.54 5.37
C GLN A 30 18.69 -18.86 5.21
N TYR A 31 19.17 -19.72 4.30
CA TYR A 31 18.53 -21.02 4.05
C TYR A 31 19.42 -22.17 4.53
N LEU A 32 18.83 -23.10 5.29
CA LEU A 32 19.57 -24.25 5.77
C LEU A 32 18.81 -25.54 5.47
N THR A 33 19.54 -26.53 4.98
CA THR A 33 18.97 -27.83 4.63
C THR A 33 19.60 -28.91 5.49
N ALA A 34 18.81 -29.89 5.89
CA ALA A 34 19.33 -30.96 6.72
C ALA A 34 19.88 -32.08 5.85
N ALA A 35 21.12 -32.44 6.11
CA ALA A 35 21.80 -33.51 5.41
C ALA A 35 22.88 -34.06 6.30
N ALA A 36 23.07 -35.37 6.30
CA ALA A 36 24.09 -35.99 7.15
C ALA A 36 25.45 -35.41 6.80
N LEU A 37 26.18 -34.95 7.82
CA LEU A 37 27.44 -34.27 7.59
C LEU A 37 28.46 -35.23 7.00
N HIS A 38 29.34 -34.66 6.20
CA HIS A 38 30.38 -35.42 5.55
C HIS A 38 31.68 -34.63 5.54
N ASN A 39 31.57 -33.32 5.77
CA ASN A 39 32.75 -32.50 6.02
C ASN A 39 32.85 -32.17 7.52
N LEU A 40 31.84 -32.62 8.28
CA LEU A 40 31.77 -32.45 9.75
C LEU A 40 31.69 -30.99 10.16
N ASP A 41 32.77 -30.24 9.94
CA ASP A 41 32.70 -28.80 10.12
C ASP A 41 32.06 -28.26 8.86
N GLU A 42 30.78 -28.50 8.78
CA GLU A 42 29.98 -28.27 7.59
C GLU A 42 28.58 -27.83 8.00
N ALA A 43 28.12 -28.38 9.10
CA ALA A 43 26.86 -27.99 9.70
C ALA A 43 27.08 -26.77 10.57
N VAL A 44 26.02 -26.02 10.82
CA VAL A 44 26.10 -24.82 11.61
C VAL A 44 26.16 -25.19 13.06
N LYS A 45 27.12 -24.64 13.77
CA LYS A 45 27.30 -25.02 15.15
C LYS A 45 26.57 -24.05 16.01
N PHE A 46 25.59 -24.59 16.70
CA PHE A 46 24.74 -23.77 17.52
C PHE A 46 25.15 -23.84 18.98
N ASP A 47 24.69 -22.84 19.69
CA ASP A 47 24.93 -22.67 21.11
C ASP A 47 23.68 -22.12 21.73
N MET A 48 23.38 -22.61 22.90
CA MET A 48 22.15 -22.27 23.56
C MET A 48 22.40 -21.27 24.67
N GLY A 49 21.60 -20.23 24.67
CA GLY A 49 21.65 -19.22 25.70
C GLY A 49 20.28 -18.92 26.21
N ALA A 50 20.02 -19.20 27.46
CA ALA A 50 18.68 -19.13 27.99
C ALA A 50 18.36 -17.73 28.45
N TYR A 51 17.10 -17.36 28.34
CA TYR A 51 16.64 -16.08 28.80
C TYR A 51 15.49 -16.36 29.74
N LYS A 52 15.11 -15.42 30.57
CA LYS A 52 14.07 -15.73 31.52
C LYS A 52 13.03 -14.63 31.62
N SER A 53 11.82 -15.03 31.34
CA SER A 53 10.62 -14.31 31.66
C SER A 53 9.60 -15.37 32.06
N SER A 54 8.56 -15.02 32.79
CA SER A 54 7.57 -16.03 33.15
C SER A 54 6.50 -16.11 32.08
N LYS A 55 6.95 -16.12 30.82
CA LYS A 55 6.05 -16.28 29.70
C LYS A 55 6.45 -17.47 28.83
N ASP A 56 7.02 -18.52 29.42
CA ASP A 56 7.36 -19.69 28.63
C ASP A 56 6.10 -20.55 28.47
N ASP A 57 6.20 -21.83 28.80
CA ASP A 57 5.05 -22.62 29.17
C ASP A 57 5.31 -23.32 30.51
N ALA A 58 6.03 -24.44 30.42
CA ALA A 58 6.49 -25.18 31.58
C ALA A 58 7.99 -25.50 31.46
N LYS A 59 8.69 -24.78 30.59
CA LYS A 59 10.05 -25.11 30.17
C LYS A 59 10.82 -23.84 29.88
N ILE A 60 12.12 -23.88 30.11
CA ILE A 60 12.94 -22.69 30.07
C ILE A 60 13.54 -22.55 28.69
N THR A 61 13.72 -21.33 28.27
CA THR A 61 13.88 -21.03 26.87
C THR A 61 15.27 -20.46 26.56
N VAL A 62 15.85 -20.91 25.47
CA VAL A 62 17.19 -20.51 25.09
C VAL A 62 17.20 -20.04 23.63
N ILE A 63 18.26 -19.34 23.22
CA ILE A 63 18.37 -18.84 21.87
C ILE A 63 19.41 -19.65 21.14
N LEU A 64 19.11 -20.04 19.91
CA LEU A 64 20.03 -20.86 19.15
C LEU A 64 20.77 -20.01 18.13
N ARG A 65 22.08 -19.95 18.32
CA ARG A 65 22.96 -19.09 17.56
C ARG A 65 24.20 -19.86 17.13
N ILE A 66 24.83 -19.46 16.03
CA ILE A 66 26.04 -20.10 15.61
C ILE A 66 27.21 -19.52 16.42
N SER A 67 27.98 -20.39 17.02
CA SER A 67 29.00 -19.99 18.00
C SER A 67 29.87 -18.81 17.55
N LYS A 68 30.04 -18.63 16.24
CA LYS A 68 30.91 -17.59 15.73
C LYS A 68 30.15 -16.28 15.52
N THR A 69 29.07 -16.32 14.74
CA THR A 69 28.28 -15.14 14.48
C THR A 69 26.90 -15.27 15.10
N GLN A 70 26.12 -14.23 15.15
CA GLN A 70 24.86 -14.36 15.84
C GLN A 70 23.76 -14.56 14.82
N LEU A 71 23.74 -15.78 14.30
CA LEU A 71 22.70 -16.23 13.40
C LEU A 71 21.68 -17.02 14.20
N TYR A 72 20.49 -16.48 14.32
CA TYR A 72 19.45 -17.17 15.07
C TYR A 72 18.44 -17.72 14.10
N VAL A 73 17.88 -18.88 14.39
CA VAL A 73 16.76 -19.33 13.60
C VAL A 73 15.50 -18.77 14.22
N THR A 74 14.75 -18.00 13.43
CA THR A 74 13.51 -17.41 13.90
C THR A 74 12.29 -18.17 13.40
N ALA A 75 11.18 -18.03 14.11
CA ALA A 75 9.94 -18.68 13.74
C ALA A 75 9.06 -17.73 12.96
N GLN A 76 8.74 -18.09 11.72
CA GLN A 76 7.92 -17.25 10.85
C GLN A 76 6.43 -17.52 11.06
N ASP A 77 5.87 -18.47 10.30
CA ASP A 77 4.45 -18.80 10.41
C ASP A 77 4.15 -20.11 9.70
N GLU A 78 3.82 -21.14 10.48
CA GLU A 78 3.51 -22.47 9.95
C GLU A 78 4.66 -22.98 9.09
N ASP A 79 4.34 -23.52 7.91
CA ASP A 79 5.35 -24.06 7.00
C ASP A 79 6.01 -22.97 6.15
N GLN A 80 6.72 -22.07 6.82
CA GLN A 80 7.45 -21.00 6.14
C GLN A 80 8.91 -21.08 6.56
N PRO A 81 9.83 -21.15 5.58
CA PRO A 81 11.28 -21.29 5.82
C PRO A 81 11.84 -20.36 6.88
N VAL A 82 12.63 -20.96 7.76
CA VAL A 82 13.30 -20.25 8.85
C VAL A 82 14.22 -19.17 8.32
N LEU A 83 14.13 -17.99 8.92
CA LEU A 83 14.96 -16.86 8.54
C LEU A 83 16.12 -16.70 9.49
N LEU A 84 17.30 -17.05 9.01
CA LEU A 84 18.52 -16.96 9.82
C LEU A 84 18.99 -15.49 9.89
N LYS A 85 18.68 -14.84 11.01
CA LYS A 85 19.05 -13.44 11.23
C LYS A 85 20.49 -13.31 11.67
N GLU A 86 21.07 -12.12 11.49
CA GLU A 86 22.47 -11.89 11.90
C GLU A 86 22.65 -10.48 12.47
N MET A 87 23.04 -10.42 13.74
CA MET A 87 23.27 -9.14 14.40
C MET A 87 24.44 -9.25 15.39
N PRO A 88 25.43 -8.34 15.27
CA PRO A 88 26.63 -8.32 16.11
C PRO A 88 26.32 -8.37 17.60
N GLU A 89 26.96 -9.33 18.27
CA GLU A 89 26.88 -9.52 19.73
C GLU A 89 25.51 -9.98 20.21
N ILE A 90 25.53 -10.97 21.10
CA ILE A 90 24.31 -11.53 21.70
C ILE A 90 23.70 -10.61 22.75
N PRO A 91 22.40 -10.34 22.64
CA PRO A 91 21.67 -9.54 23.63
C PRO A 91 21.60 -10.27 24.98
N LYS A 92 21.65 -9.49 26.05
CA LYS A 92 21.59 -10.04 27.41
C LYS A 92 20.18 -9.86 27.95
N THR A 93 19.48 -8.89 27.38
CA THR A 93 18.14 -8.54 27.78
C THR A 93 17.25 -8.51 26.55
N ILE A 94 16.25 -9.34 26.57
CA ILE A 94 15.44 -9.61 25.39
C ILE A 94 14.16 -8.79 25.42
N THR A 95 13.88 -8.09 24.32
CA THR A 95 12.68 -7.26 24.22
C THR A 95 11.59 -7.95 23.40
N GLY A 96 10.55 -7.18 23.07
CA GLY A 96 9.45 -7.72 22.28
C GLY A 96 9.68 -7.57 20.78
N SER A 97 10.82 -8.08 20.33
CA SER A 97 11.18 -8.02 18.92
C SER A 97 11.85 -9.32 18.49
N GLU A 98 12.63 -9.87 19.41
CA GLU A 98 13.35 -11.12 19.15
C GLU A 98 12.57 -12.32 19.67
N THR A 99 11.24 -12.18 19.75
CA THR A 99 10.37 -13.24 20.25
C THR A 99 10.27 -14.42 19.27
N ASN A 100 10.81 -14.24 18.06
CA ASN A 100 10.76 -15.28 17.05
C ASN A 100 11.94 -16.25 17.17
N LEU A 101 13.10 -15.74 17.60
CA LEU A 101 14.30 -16.57 17.74
C LEU A 101 14.38 -17.20 19.14
N LEU A 102 13.26 -17.21 19.84
CA LEU A 102 13.21 -17.80 21.19
C LEU A 102 12.68 -19.22 21.11
N PHE A 103 13.18 -20.15 21.93
CA PHE A 103 12.81 -21.53 21.74
C PHE A 103 12.57 -22.28 23.03
N PHE A 104 11.36 -22.79 23.12
CA PHE A 104 10.89 -23.58 24.24
C PHE A 104 11.31 -25.02 24.00
N TRP A 105 12.37 -25.44 24.66
CA TRP A 105 12.91 -26.78 24.38
C TRP A 105 12.40 -27.81 25.38
N GLU A 106 11.64 -28.76 24.86
CA GLU A 106 11.12 -29.87 25.67
C GLU A 106 11.94 -31.13 25.38
N THR A 107 12.74 -31.53 26.34
CA THR A 107 13.64 -32.67 26.16
C THR A 107 13.05 -33.94 26.78
N HIS A 108 13.03 -35.01 25.99
CA HIS A 108 12.55 -36.31 26.46
C HIS A 108 13.64 -37.36 26.29
N GLY A 109 14.37 -37.64 27.36
CA GLY A 109 15.43 -38.61 27.31
C GLY A 109 16.55 -38.21 26.36
N THR A 110 16.49 -38.75 25.14
CA THR A 110 17.49 -38.47 24.13
C THR A 110 16.94 -37.48 23.10
N LYS A 111 15.68 -37.65 22.73
CA LYS A 111 15.05 -36.78 21.76
C LYS A 111 14.60 -35.50 22.42
N ASN A 112 14.38 -34.50 21.61
CA ASN A 112 14.00 -33.19 22.11
C ASN A 112 13.20 -32.43 21.07
N TYR A 113 12.31 -31.57 21.53
CA TYR A 113 11.51 -30.76 20.65
C TYR A 113 11.92 -29.29 20.74
N PHE A 114 11.57 -28.53 19.72
CA PHE A 114 11.81 -27.09 19.71
C PHE A 114 10.52 -26.35 19.41
N THR A 115 9.90 -25.85 20.47
CA THR A 115 8.63 -25.16 20.38
C THR A 115 8.83 -23.65 20.22
N SER A 116 8.06 -23.04 19.33
CA SER A 116 8.13 -21.59 19.14
C SER A 116 7.45 -20.86 20.29
N VAL A 117 8.18 -19.90 20.88
CA VAL A 117 7.63 -19.08 21.95
C VAL A 117 6.75 -17.99 21.37
N ALA A 118 6.95 -17.67 20.09
CA ALA A 118 6.14 -16.65 19.42
C ALA A 118 4.75 -17.21 19.12
N HIS A 119 4.70 -18.21 18.25
CA HIS A 119 3.44 -18.87 17.90
C HIS A 119 3.50 -20.31 18.41
N PRO A 120 2.63 -20.65 19.37
CA PRO A 120 2.61 -21.97 20.03
C PRO A 120 2.54 -23.16 19.09
N ASN A 121 1.71 -23.07 18.05
CA ASN A 121 1.45 -24.20 17.15
C ASN A 121 2.66 -24.50 16.26
N LEU A 122 3.72 -23.72 16.40
CA LEU A 122 4.90 -23.90 15.58
C LEU A 122 5.90 -24.79 16.27
N PHE A 123 6.49 -25.68 15.49
CA PHE A 123 7.46 -26.65 15.95
C PHE A 123 8.47 -26.84 14.82
N ILE A 124 9.73 -27.08 15.16
CA ILE A 124 10.76 -27.11 14.13
C ILE A 124 10.85 -28.51 13.51
N ALA A 125 10.31 -28.63 12.30
CA ALA A 125 10.17 -29.91 11.61
C ALA A 125 11.35 -30.18 10.69
N THR A 126 11.57 -31.45 10.40
CA THR A 126 12.70 -31.82 9.58
C THR A 126 12.24 -32.55 8.32
N LYS A 127 12.75 -32.09 7.21
CA LYS A 127 12.40 -32.60 5.89
C LYS A 127 13.55 -33.45 5.33
N GLN A 128 13.22 -34.40 4.47
CA GLN A 128 14.22 -35.26 3.84
C GLN A 128 14.97 -34.54 2.72
N ASP A 129 14.32 -33.61 2.05
CA ASP A 129 14.92 -32.97 0.88
C ASP A 129 14.93 -31.45 1.00
N TYR A 130 13.95 -30.90 1.71
CA TYR A 130 13.80 -29.46 1.85
C TYR A 130 14.53 -28.91 3.06
N TRP A 131 14.41 -27.60 3.24
CA TRP A 131 15.05 -26.87 4.33
C TRP A 131 14.39 -27.20 5.67
N VAL A 132 15.18 -27.17 6.74
CA VAL A 132 14.66 -27.43 8.07
C VAL A 132 13.80 -26.24 8.49
N CYS A 133 12.50 -26.42 8.45
CA CYS A 133 11.58 -25.33 8.72
C CYS A 133 10.94 -25.47 10.09
N LEU A 134 9.75 -24.90 10.22
CA LEU A 134 8.94 -25.01 11.40
C LEU A 134 7.61 -25.43 10.86
N ALA A 135 6.72 -25.92 11.70
CA ALA A 135 5.51 -26.49 11.17
C ALA A 135 4.49 -26.73 12.24
N GLY A 136 3.32 -27.04 11.79
CA GLY A 136 2.43 -27.82 12.55
C GLY A 136 2.65 -29.19 12.01
N GLY A 137 2.73 -30.15 12.86
CA GLY A 137 3.27 -31.42 12.43
C GLY A 137 2.27 -32.53 12.15
N PRO A 138 1.96 -32.75 10.86
CA PRO A 138 1.53 -34.04 10.33
C PRO A 138 2.69 -34.67 9.54
N PRO A 139 2.79 -36.02 9.55
CA PRO A 139 3.98 -36.86 9.28
C PRO A 139 5.36 -36.23 8.94
N SER A 140 5.55 -34.94 9.14
CA SER A 140 6.88 -34.34 9.14
C SER A 140 7.56 -34.69 10.45
N ILE A 141 8.85 -34.95 10.43
CA ILE A 141 9.53 -35.35 11.63
C ILE A 141 9.95 -34.13 12.43
N THR A 142 9.09 -33.69 13.32
CA THR A 142 9.42 -32.57 14.17
C THR A 142 10.08 -33.09 15.46
N ASP A 143 10.87 -34.14 15.28
CA ASP A 143 11.73 -34.71 16.31
C ASP A 143 13.13 -34.15 16.20
N PHE A 144 13.83 -34.06 17.31
CA PHE A 144 15.26 -33.81 17.26
C PHE A 144 16.00 -34.67 18.27
N GLN A 145 17.30 -34.67 18.11
CA GLN A 145 18.23 -35.43 18.93
C GLN A 145 19.58 -34.73 18.82
N ILE A 146 20.31 -34.58 19.90
CA ILE A 146 21.56 -33.85 19.78
C ILE A 146 22.72 -34.82 19.62
N LEU A 147 23.30 -34.83 18.44
CA LEU A 147 24.49 -35.63 18.16
C LEU A 147 25.69 -34.75 17.86
N GLU A 148 26.74 -34.90 18.64
CA GLU A 148 27.95 -34.13 18.42
C GLU A 148 28.85 -34.83 17.41
N ASN A 149 29.70 -34.06 16.74
CA ASN A 149 30.71 -34.63 15.85
C ASN A 149 31.98 -34.87 16.64
N GLN A 150 32.93 -35.56 16.03
CA GLN A 150 34.17 -35.90 16.72
C GLN A 150 35.06 -34.68 16.86
N ALA A 151 35.34 -34.05 15.72
CA ALA A 151 36.18 -32.85 15.68
C ALA A 151 36.02 -32.17 14.33
N MET B 1 18.17 -15.23 -4.14
CA MET B 1 17.57 -14.72 -2.89
C MET B 1 17.66 -13.20 -2.83
N ALA B 2 17.82 -12.57 -4.00
CA ALA B 2 17.94 -11.12 -4.07
C ALA B 2 17.16 -10.55 -5.24
N ALA B 3 16.16 -9.74 -4.91
CA ALA B 3 15.42 -8.98 -5.91
C ALA B 3 16.30 -7.97 -6.61
N GLU B 4 16.77 -8.31 -7.80
CA GLU B 4 17.52 -7.36 -8.62
C GLU B 4 16.54 -6.35 -9.23
N PRO B 5 17.01 -5.22 -9.80
CA PRO B 5 16.13 -4.14 -10.28
C PRO B 5 14.88 -4.65 -11.01
N LEU B 6 13.78 -3.95 -10.84
CA LEU B 6 12.52 -4.46 -11.29
C LEU B 6 11.81 -3.58 -12.31
N THR B 7 10.68 -4.09 -12.79
CA THR B 7 9.75 -3.36 -13.66
C THR B 7 9.17 -2.15 -12.92
N GLU B 8 8.31 -1.35 -13.55
CA GLU B 8 8.01 -0.02 -13.01
C GLU B 8 7.10 -0.07 -11.77
N LEU B 9 5.98 -0.78 -11.83
CA LEU B 9 5.12 -0.84 -10.65
C LEU B 9 5.84 -1.56 -9.54
N GLU B 10 6.78 -2.41 -9.93
CA GLU B 10 7.64 -3.08 -8.97
C GLU B 10 8.62 -2.08 -8.41
N GLU B 11 9.13 -1.22 -9.28
CA GLU B 11 10.08 -0.19 -8.87
C GLU B 11 9.45 0.59 -7.75
N SER B 12 8.16 0.82 -7.90
CA SER B 12 7.45 1.60 -6.90
C SER B 12 7.19 0.79 -5.62
N ILE B 13 6.80 -0.50 -5.73
CA ILE B 13 6.54 -1.30 -4.53
C ILE B 13 7.80 -1.89 -3.88
N GLU B 14 8.79 -2.28 -4.68
CA GLU B 14 10.10 -2.73 -4.16
C GLU B 14 10.72 -1.65 -3.30
N THR B 15 10.69 -0.43 -3.82
CA THR B 15 11.17 0.74 -3.11
C THR B 15 10.56 0.85 -1.71
N VAL B 16 9.31 0.45 -1.58
CA VAL B 16 8.63 0.45 -0.28
C VAL B 16 9.26 -0.57 0.65
N VAL B 17 9.74 -1.66 0.07
CA VAL B 17 10.28 -2.77 0.81
C VAL B 17 11.61 -2.42 1.43
N THR B 18 12.50 -1.90 0.59
CA THR B 18 13.88 -1.70 0.96
C THR B 18 14.02 -0.79 2.17
N THR B 19 13.28 0.30 2.15
CA THR B 19 13.31 1.25 3.26
C THR B 19 12.82 0.55 4.53
N PHE B 20 11.64 0.00 4.40
CA PHE B 20 10.99 -0.85 5.40
C PHE B 20 11.95 -1.87 6.00
N PHE B 21 12.61 -2.66 5.13
CA PHE B 21 13.53 -3.73 5.54
C PHE B 21 14.75 -3.21 6.28
N THR B 22 15.20 -2.02 5.93
CA THR B 22 16.34 -1.41 6.59
C THR B 22 16.07 -1.27 8.09
N PHE B 23 14.83 -0.96 8.44
CA PHE B 23 14.45 -0.82 9.82
C PHE B 23 14.04 -2.16 10.41
N ALA B 24 13.31 -2.95 9.64
CA ALA B 24 12.90 -4.30 10.06
C ALA B 24 14.11 -5.14 10.44
N ARG B 25 15.22 -4.95 9.72
CA ARG B 25 16.46 -5.71 9.97
C ARG B 25 17.23 -5.20 11.20
N GLN B 26 16.94 -3.97 11.63
CA GLN B 26 17.61 -3.36 12.78
C GLN B 26 17.51 -4.23 14.04
N GLU B 27 16.29 -4.41 14.55
CA GLU B 27 16.08 -5.20 15.76
C GLU B 27 15.65 -6.63 15.42
N GLY B 28 15.08 -7.32 16.42
CA GLY B 28 14.63 -8.70 16.25
C GLY B 28 13.70 -8.87 15.07
N ARG B 29 13.84 -10.02 14.39
CA ARG B 29 13.03 -10.33 13.21
C ARG B 29 13.30 -9.31 12.11
N LYS B 30 14.25 -9.63 11.24
CA LYS B 30 14.62 -8.72 10.15
C LYS B 30 13.53 -8.65 9.07
N ASP B 31 12.45 -9.37 9.28
CA ASP B 31 11.35 -9.39 8.33
C ASP B 31 10.22 -8.47 8.76
N SER B 32 10.27 -7.98 9.99
CA SER B 32 9.22 -7.09 10.50
C SER B 32 9.77 -6.05 11.46
N LEU B 33 9.11 -4.91 11.53
CA LEU B 33 9.51 -3.82 12.43
C LEU B 33 8.90 -4.05 13.80
N SER B 34 9.61 -3.69 14.86
CA SER B 34 9.10 -3.88 16.21
C SER B 34 8.22 -2.70 16.64
N VAL B 35 7.80 -2.70 17.90
CA VAL B 35 6.96 -1.64 18.43
C VAL B 35 7.76 -0.35 18.59
N ASN B 36 9.08 -0.49 18.67
CA ASN B 36 9.96 0.67 18.82
C ASN B 36 10.26 1.29 17.45
N GLU B 37 10.31 0.45 16.41
CA GLU B 37 10.58 0.94 15.05
C GLU B 37 9.36 1.67 14.48
N PHE B 38 8.18 1.24 14.90
CA PHE B 38 6.94 1.85 14.46
C PHE B 38 6.88 3.19 15.12
N LYS B 39 7.12 3.17 16.41
CA LYS B 39 7.12 4.38 17.21
C LYS B 39 8.20 5.33 16.73
N GLU B 40 9.38 4.81 16.37
CA GLU B 40 10.45 5.67 15.87
C GLU B 40 10.03 6.40 14.59
N LEU B 41 9.44 5.67 13.65
CA LEU B 41 9.06 6.26 12.39
C LEU B 41 7.87 7.17 12.56
N VAL B 42 6.92 6.75 13.36
CA VAL B 42 5.70 7.49 13.56
C VAL B 42 6.05 8.82 14.23
N THR B 43 6.82 8.73 15.29
CA THR B 43 7.36 9.91 15.98
C THR B 43 8.30 10.75 15.10
N GLN B 44 9.31 10.11 14.53
CA GLN B 44 10.37 10.79 13.82
C GLN B 44 10.05 11.01 12.34
N GLN B 45 9.67 9.94 11.65
CA GLN B 45 9.50 9.99 10.19
C GLN B 45 8.09 10.45 9.80
N LEU B 46 7.11 10.25 10.66
CA LEU B 46 5.72 10.45 10.29
C LEU B 46 5.07 11.78 10.74
N PRO B 47 5.68 12.64 11.60
CA PRO B 47 5.06 13.92 12.01
C PRO B 47 4.49 14.70 10.83
N HIS B 48 5.19 14.65 9.71
CA HIS B 48 4.74 15.31 8.49
C HIS B 48 3.62 14.50 7.84
N LEU B 49 3.78 13.18 7.79
CA LEU B 49 2.80 12.30 7.16
C LEU B 49 1.59 12.07 8.07
N LEU B 50 1.80 11.22 9.07
CA LEU B 50 0.78 10.86 10.03
C LEU B 50 0.84 11.76 11.23
N LYS B 51 0.10 12.85 11.11
CA LYS B 51 -0.09 13.84 12.16
C LYS B 51 -0.79 13.25 13.38
N ASP B 52 -0.18 12.25 13.92
CA ASP B 52 -0.63 11.56 15.13
C ASP B 52 0.52 10.75 15.66
N VAL B 53 1.57 11.48 15.99
CA VAL B 53 2.83 10.88 16.43
C VAL B 53 2.74 10.48 17.90
N GLY B 54 1.67 10.89 18.55
CA GLY B 54 1.48 10.55 19.95
C GLY B 54 0.94 9.15 20.11
N SER B 55 -0.37 9.01 19.95
CA SER B 55 -1.05 7.75 20.19
C SER B 55 -0.91 6.78 19.03
N LEU B 56 0.33 6.47 18.70
CA LEU B 56 0.66 5.44 17.74
C LEU B 56 -0.14 4.17 18.01
N ASP B 57 -0.45 3.98 19.30
CA ASP B 57 -1.14 2.81 19.81
C ASP B 57 -2.29 2.38 18.92
N GLU B 58 -3.23 3.29 18.64
CA GLU B 58 -4.48 2.92 17.95
C GLU B 58 -4.19 2.20 16.63
N LYS B 59 -3.29 2.77 15.86
CA LYS B 59 -2.92 2.26 14.56
C LYS B 59 -2.14 0.97 14.75
N MET B 60 -1.23 1.00 15.71
CA MET B 60 -0.45 -0.16 16.09
C MET B 60 -1.38 -1.34 16.36
N LYS B 61 -2.39 -1.12 17.19
CA LYS B 61 -3.33 -2.19 17.57
C LYS B 61 -4.05 -2.75 16.35
N SER B 62 -4.38 -1.88 15.40
CA SER B 62 -5.09 -2.29 14.20
C SER B 62 -4.22 -3.19 13.32
N LEU B 63 -2.93 -2.94 13.35
CA LEU B 63 -1.95 -3.70 12.57
C LEU B 63 -1.49 -4.93 13.33
N ASP B 64 -1.14 -4.68 14.58
CA ASP B 64 -0.70 -5.69 15.54
C ASP B 64 -1.73 -6.78 15.77
N VAL B 65 -2.97 -6.52 15.31
CA VAL B 65 -4.23 -7.12 15.81
C VAL B 65 -4.14 -8.56 16.36
N ASN B 66 -3.28 -9.39 15.79
CA ASN B 66 -3.12 -10.76 16.27
C ASN B 66 -2.12 -10.83 17.45
N GLN B 67 -1.85 -9.67 18.10
CA GLN B 67 -0.90 -9.62 19.22
C GLN B 67 0.41 -10.05 18.64
N ASP B 68 0.69 -9.47 17.47
CA ASP B 68 1.92 -9.68 16.75
C ASP B 68 2.63 -8.34 16.67
N SER B 69 3.49 -8.07 17.67
CA SER B 69 4.23 -6.81 17.74
C SER B 69 4.94 -6.51 16.43
N GLU B 70 5.37 -7.56 15.75
CA GLU B 70 6.06 -7.45 14.48
C GLU B 70 5.10 -7.07 13.34
N LEU B 71 5.39 -5.94 12.70
CA LEU B 71 4.63 -5.45 11.60
C LEU B 71 5.00 -6.22 10.33
N LYS B 72 4.46 -7.44 10.25
CA LYS B 72 4.81 -8.39 9.21
C LYS B 72 4.02 -8.27 7.91
N PHE B 73 4.17 -9.34 7.12
CA PHE B 73 3.57 -9.50 5.79
C PHE B 73 2.13 -9.04 5.71
N ASN B 74 1.96 -7.79 5.29
CA ASN B 74 0.66 -7.18 5.07
C ASN B 74 -0.33 -7.24 6.26
N GLU B 75 0.22 -7.38 7.46
CA GLU B 75 -0.47 -6.88 8.65
C GLU B 75 -0.19 -5.37 8.77
N TYR B 76 1.07 -5.02 8.60
CA TYR B 76 1.52 -3.62 8.54
C TYR B 76 0.74 -2.86 7.48
N TRP B 77 0.55 -3.55 6.37
CA TRP B 77 -0.04 -3.01 5.13
C TRP B 77 -1.17 -2.03 5.35
N ARG B 78 -2.06 -2.28 6.30
CA ARG B 78 -3.16 -1.37 6.52
C ARG B 78 -2.63 0.04 6.65
N LEU B 79 -1.62 0.20 7.51
CA LEU B 79 -0.99 1.50 7.70
C LEU B 79 -0.35 1.96 6.40
N ILE B 80 0.32 1.04 5.72
CA ILE B 80 1.01 1.35 4.45
C ILE B 80 0.03 1.92 3.44
N GLY B 81 -1.19 1.45 3.51
CA GLY B 81 -2.22 1.95 2.62
C GLY B 81 -2.74 3.27 3.10
N GLU B 82 -2.89 3.37 4.40
CA GLU B 82 -3.25 4.62 5.01
C GLU B 82 -2.17 5.65 4.66
N LEU B 83 -0.92 5.18 4.55
CA LEU B 83 0.23 6.05 4.26
C LEU B 83 0.11 6.68 2.88
N ALA B 84 0.01 5.84 1.86
CA ALA B 84 -0.06 6.29 0.47
C ALA B 84 -1.30 7.14 0.23
N LYS B 85 -2.34 6.88 1.00
CA LYS B 85 -3.56 7.65 0.90
C LYS B 85 -3.39 9.00 1.58
N GLU B 86 -2.88 8.96 2.81
CA GLU B 86 -2.69 10.16 3.63
C GLU B 86 -1.86 11.21 2.91
N ILE B 87 -0.75 10.79 2.31
CA ILE B 87 0.08 11.73 1.54
C ILE B 87 -0.75 12.45 0.49
N ARG B 88 -1.76 11.77 -0.03
CA ARG B 88 -2.59 12.35 -1.06
C ARG B 88 -3.77 13.13 -0.50
N LYS B 89 -4.65 12.48 0.24
CA LYS B 89 -5.84 13.19 0.74
C LYS B 89 -5.72 13.58 2.20
N LYS B 90 -4.51 13.89 2.65
CA LYS B 90 -4.29 14.27 4.07
C LYS B 90 -5.36 15.25 4.54
N LYS B 91 -5.28 16.45 4.02
CA LYS B 91 -6.39 17.40 4.03
C LYS B 91 -6.40 18.03 2.67
N ASP B 92 -5.82 17.31 1.70
CA ASP B 92 -5.71 17.81 0.33
C ASP B 92 -7.03 17.77 -0.44
N LEU B 93 -8.02 18.46 0.10
CA LEU B 93 -9.31 18.62 -0.52
C LEU B 93 -9.60 20.10 -0.50
N LYS B 94 -8.50 20.84 -0.40
CA LYS B 94 -8.49 22.30 -0.38
C LYS B 94 -7.05 22.78 -0.60
N ILE B 95 -6.09 22.11 0.07
CA ILE B 95 -4.66 22.42 -0.05
C ILE B 95 -3.81 21.69 1.01
N ARG B 96 -2.73 21.05 0.56
CA ARG B 96 -1.80 20.34 1.45
C ARG B 96 -0.42 20.30 0.81
N LYS B 97 -0.30 19.63 -0.34
CA LYS B 97 0.98 19.61 -1.08
C LYS B 97 1.23 21.06 -1.51
N LYS B 98 2.46 21.56 -1.33
CA LYS B 98 2.73 22.96 -1.58
C LYS B 98 4.22 23.25 -1.42
N MET C 1 0.45 23.42 -4.19
CA MET C 1 -0.25 22.37 -4.97
C MET C 1 0.72 21.33 -5.50
N ALA C 2 1.95 21.36 -4.98
CA ALA C 2 2.98 20.42 -5.42
C ALA C 2 3.78 19.87 -4.25
N ALA C 3 3.68 18.57 -4.05
CA ALA C 3 4.51 17.84 -3.11
C ALA C 3 5.97 17.88 -3.50
N GLU C 4 6.73 18.77 -2.87
CA GLU C 4 8.17 18.81 -3.05
C GLU C 4 8.79 17.65 -2.27
N PRO C 5 10.08 17.31 -2.52
CA PRO C 5 10.73 16.12 -1.92
C PRO C 5 10.36 15.90 -0.46
N LEU C 6 10.24 14.64 -0.06
CA LEU C 6 9.69 14.34 1.23
C LEU C 6 10.62 13.57 2.14
N THR C 7 10.13 13.35 3.36
CA THR C 7 10.79 12.50 4.36
C THR C 7 10.84 11.05 3.86
N GLU C 8 11.41 10.11 4.63
CA GLU C 8 11.78 8.82 4.06
C GLU C 8 10.57 7.91 3.79
N LEU C 9 9.71 7.69 4.78
CA LEU C 9 8.54 6.86 4.52
C LEU C 9 7.65 7.51 3.48
N GLU C 10 7.75 8.82 3.40
CA GLU C 10 7.06 9.57 2.36
C GLU C 10 7.73 9.32 1.04
N GLU C 11 9.06 9.29 1.06
CA GLU C 11 9.84 9.04 -0.13
C GLU C 11 9.36 7.75 -0.73
N SER C 12 9.07 6.80 0.14
CA SER C 12 8.62 5.50 -0.32
C SER C 12 7.16 5.54 -0.82
N ILE C 13 6.27 6.24 -0.12
CA ILE C 13 4.87 6.28 -0.56
C ILE C 13 4.59 7.32 -1.66
N GLU C 14 5.26 8.47 -1.63
CA GLU C 14 5.16 9.46 -2.72
C GLU C 14 5.57 8.83 -4.04
N THR C 15 6.67 8.11 -4.01
CA THR C 15 7.16 7.37 -5.16
C THR C 15 6.06 6.49 -5.78
N VAL C 16 5.21 5.93 -4.94
CA VAL C 16 4.09 5.11 -5.40
C VAL C 16 3.10 5.97 -6.17
N VAL C 17 2.97 7.22 -5.75
CA VAL C 17 1.99 8.14 -6.30
C VAL C 17 2.37 8.55 -7.71
N THR C 18 3.61 9.00 -7.85
CA THR C 18 4.08 9.63 -9.07
C THR C 18 3.94 8.71 -10.27
N THR C 19 4.33 7.46 -10.10
CA THR C 19 4.24 6.49 -11.17
C THR C 19 2.76 6.30 -11.54
N PHE C 20 2.02 5.97 -10.51
CA PHE C 20 0.55 5.86 -10.54
C PHE C 20 -0.10 7.03 -11.30
N PHE C 21 0.24 8.26 -10.88
CA PHE C 21 -0.33 9.49 -11.44
C PHE C 21 0.01 9.69 -12.91
N THR C 22 1.18 9.19 -13.32
CA THR C 22 1.60 9.29 -14.70
C THR C 22 0.59 8.61 -15.63
N PHE C 23 0.01 7.52 -15.16
CA PHE C 23 -0.99 6.80 -15.92
C PHE C 23 -2.39 7.36 -15.67
N ALA C 24 -2.66 7.69 -14.42
CA ALA C 24 -3.95 8.30 -14.04
C ALA C 24 -4.20 9.59 -14.84
N ARG C 25 -3.14 10.35 -15.09
CA ARG C 25 -3.24 11.60 -15.83
C ARG C 25 -3.37 11.38 -17.35
N GLN C 26 -2.96 10.20 -17.82
CA GLN C 26 -3.02 9.88 -19.25
C GLN C 26 -4.43 10.04 -19.83
N GLU C 27 -5.38 9.25 -19.31
CA GLU C 27 -6.76 9.31 -19.80
C GLU C 27 -7.63 10.21 -18.92
N GLY C 28 -8.96 10.09 -19.09
CA GLY C 28 -9.90 10.89 -18.33
C GLY C 28 -9.70 10.77 -16.83
N ARG C 29 -9.91 11.88 -16.12
CA ARG C 29 -9.73 11.94 -14.67
C ARG C 29 -8.27 11.65 -14.32
N LYS C 30 -7.48 12.71 -14.16
CA LYS C 30 -6.06 12.57 -13.85
C LYS C 30 -5.84 12.07 -12.43
N ASP C 31 -6.92 11.89 -11.69
CA ASP C 31 -6.84 11.43 -10.31
C ASP C 31 -7.16 9.94 -10.19
N SER C 32 -7.49 9.30 -11.32
CA SER C 32 -7.83 7.87 -11.32
C SER C 32 -7.46 7.19 -12.63
N LEU C 33 -7.06 5.92 -12.54
CA LEU C 33 -6.70 5.12 -13.72
C LEU C 33 -7.92 4.38 -14.21
N SER C 34 -8.06 4.23 -15.52
CA SER C 34 -9.20 3.54 -16.09
C SER C 34 -8.93 2.04 -16.20
N VAL C 35 -9.88 1.31 -16.78
CA VAL C 35 -9.75 -0.13 -16.96
C VAL C 35 -8.71 -0.45 -18.04
N ASN C 36 -8.35 0.56 -18.82
CA ASN C 36 -7.37 0.38 -19.88
C ASN C 36 -5.96 0.51 -19.33
N GLU C 37 -5.78 1.41 -18.36
CA GLU C 37 -4.47 1.61 -17.75
C GLU C 37 -4.13 0.48 -16.79
N PHE C 38 -5.17 -0.15 -16.23
CA PHE C 38 -5.01 -1.26 -15.34
C PHE C 38 -4.59 -2.42 -16.19
N LYS C 39 -5.34 -2.61 -17.27
CA LYS C 39 -5.06 -3.67 -18.21
C LYS C 39 -3.68 -3.49 -18.83
N GLU C 40 -3.30 -2.25 -19.14
CA GLU C 40 -1.97 -2.01 -19.71
C GLU C 40 -0.86 -2.43 -18.76
N LEU C 41 -0.98 -2.07 -17.50
CA LEU C 41 0.05 -2.38 -16.53
C LEU C 41 0.03 -3.85 -16.18
N VAL C 42 -1.14 -4.40 -16.04
CA VAL C 42 -1.30 -5.78 -15.66
C VAL C 42 -0.73 -6.66 -16.75
N THR C 43 -1.14 -6.38 -17.98
CA THR C 43 -0.60 -7.04 -19.16
C THR C 43 0.91 -6.77 -19.38
N GLN C 44 1.29 -5.48 -19.40
CA GLN C 44 2.62 -5.07 -19.76
C GLN C 44 3.58 -5.03 -18.57
N GLN C 45 3.17 -4.33 -17.50
CA GLN C 45 4.05 -4.08 -16.36
C GLN C 45 4.02 -5.23 -15.35
N LEU C 46 2.92 -5.97 -15.29
CA LEU C 46 2.70 -6.93 -14.22
C LEU C 46 3.01 -8.41 -14.55
N PRO C 47 3.26 -8.85 -15.81
CA PRO C 47 3.57 -10.27 -16.11
C PRO C 47 4.59 -10.86 -15.13
N HIS C 48 5.56 -10.05 -14.76
CA HIS C 48 6.57 -10.46 -13.81
C HIS C 48 6.01 -10.49 -12.39
N LEU C 49 5.26 -9.44 -12.04
CA LEU C 49 4.67 -9.31 -10.71
C LEU C 49 3.44 -10.18 -10.54
N LEU C 50 2.34 -9.73 -11.14
CA LEU C 50 1.07 -10.42 -11.07
C LEU C 50 0.91 -11.34 -12.25
N LYS C 51 1.39 -12.55 -12.04
CA LYS C 51 1.27 -13.66 -12.98
C LYS C 51 -0.19 -14.04 -13.25
N ASP C 52 -0.92 -13.08 -13.71
CA ASP C 52 -2.31 -13.24 -14.08
C ASP C 52 -2.70 -12.05 -14.93
N VAL C 53 -2.00 -11.96 -16.05
CA VAL C 53 -2.15 -10.84 -16.97
C VAL C 53 -3.38 -11.01 -17.84
N GLY C 54 -3.98 -12.20 -17.78
CA GLY C 54 -5.17 -12.46 -18.56
C GLY C 54 -6.41 -11.88 -17.91
N SER C 55 -6.94 -12.61 -16.94
CA SER C 55 -8.20 -12.24 -16.30
C SER C 55 -8.01 -11.15 -15.25
N LEU C 56 -7.49 -10.02 -15.70
CA LEU C 56 -7.40 -8.82 -14.88
C LEU C 56 -8.73 -8.55 -14.20
N ASP C 57 -9.80 -8.98 -14.87
CA ASP C 57 -11.17 -8.75 -14.45
C ASP C 57 -11.37 -8.97 -12.96
N GLU C 58 -11.00 -10.14 -12.45
CA GLU C 58 -11.32 -10.51 -11.06
C GLU C 58 -10.83 -9.45 -10.07
N LYS C 59 -9.59 -9.06 -10.26
CA LYS C 59 -8.93 -8.08 -9.40
C LYS C 59 -9.56 -6.73 -9.62
N MET C 60 -9.76 -6.41 -10.89
CA MET C 60 -10.44 -5.19 -11.29
C MET C 60 -11.76 -5.06 -10.55
N LYS C 61 -12.59 -6.11 -10.59
CA LYS C 61 -13.90 -6.09 -9.93
C LYS C 61 -13.78 -5.82 -8.44
N SER C 62 -12.76 -6.39 -7.82
CA SER C 62 -12.56 -6.26 -6.39
C SER C 62 -12.21 -4.81 -6.02
N LEU C 63 -11.52 -4.13 -6.92
CA LEU C 63 -11.10 -2.74 -6.73
C LEU C 63 -12.20 -1.79 -7.20
N ASP C 64 -12.69 -2.08 -8.39
CA ASP C 64 -13.78 -1.34 -9.05
C ASP C 64 -15.06 -1.33 -8.24
N VAL C 65 -15.11 -2.20 -7.22
CA VAL C 65 -16.35 -2.75 -6.60
C VAL C 65 -17.59 -1.83 -6.61
N ASN C 66 -17.39 -0.53 -6.48
CA ASN C 66 -18.51 0.42 -6.52
C ASN C 66 -19.03 0.62 -7.96
N GLN C 67 -18.48 -0.12 -8.93
CA GLN C 67 -18.86 0.00 -10.34
C GLN C 67 -18.54 1.41 -10.73
N ASP C 68 -17.30 1.70 -10.37
CA ASP C 68 -16.62 2.94 -10.63
C ASP C 68 -15.30 2.54 -11.28
N SER C 69 -15.24 2.61 -12.62
CA SER C 69 -14.05 2.21 -13.38
C SER C 69 -12.86 3.15 -13.15
N GLU C 70 -12.91 3.88 -12.05
CA GLU C 70 -11.84 4.79 -11.70
C GLU C 70 -11.11 4.28 -10.46
N LEU C 71 -9.95 3.67 -10.68
CA LEU C 71 -9.11 3.18 -9.63
C LEU C 71 -8.54 4.33 -8.82
N LYS C 72 -9.38 4.85 -7.93
CA LYS C 72 -9.09 6.06 -7.19
C LYS C 72 -8.51 5.87 -5.80
N PHE C 73 -8.63 6.96 -5.03
CA PHE C 73 -8.15 7.09 -3.66
C PHE C 73 -8.39 5.85 -2.80
N ASN C 74 -7.38 4.98 -2.77
CA ASN C 74 -7.39 3.77 -1.95
C ASN C 74 -8.61 2.84 -2.13
N GLU C 75 -9.24 2.94 -3.28
CA GLU C 75 -9.99 1.78 -3.82
C GLU C 75 -9.00 0.86 -4.52
N TYR C 76 -8.12 1.45 -5.33
CA TYR C 76 -7.01 0.77 -5.99
C TYR C 76 -6.16 0.03 -4.95
N TRP C 77 -5.96 0.74 -3.86
CA TRP C 77 -5.05 0.34 -2.76
C TRP C 77 -5.04 -1.14 -2.47
N ARG C 78 -6.19 -1.80 -2.47
CA ARG C 78 -6.22 -3.22 -2.17
C ARG C 78 -5.18 -3.93 -3.02
N LEU C 79 -5.21 -3.65 -4.32
CA LEU C 79 -4.24 -4.23 -5.25
C LEU C 79 -2.84 -3.77 -4.89
N ILE C 80 -2.71 -2.48 -4.57
CA ILE C 80 -1.41 -1.90 -4.24
C ILE C 80 -0.78 -2.63 -3.06
N GLY C 81 -1.64 -3.09 -2.16
CA GLY C 81 -1.17 -3.84 -1.02
C GLY C 81 -0.85 -5.25 -1.40
N GLU C 82 -1.70 -5.80 -2.24
CA GLU C 82 -1.44 -7.10 -2.79
C GLU C 82 -0.12 -7.05 -3.56
N LEU C 83 0.17 -5.88 -4.16
CA LEU C 83 1.39 -5.69 -4.95
C LEU C 83 2.65 -5.81 -4.09
N ALA C 84 2.73 -4.97 -3.06
CA ALA C 84 3.89 -4.93 -2.19
C ALA C 84 4.07 -6.25 -1.44
N LYS C 85 2.98 -6.95 -1.24
CA LYS C 85 3.03 -8.24 -0.60
C LYS C 85 3.51 -9.31 -1.57
N GLU C 86 2.91 -9.31 -2.76
CA GLU C 86 3.21 -10.30 -3.80
C GLU C 86 4.69 -10.30 -4.15
N ILE C 87 5.28 -9.13 -4.32
CA ILE C 87 6.72 -9.03 -4.59
C ILE C 87 7.53 -9.77 -3.52
N ARG C 88 7.01 -9.78 -2.31
CA ARG C 88 7.72 -10.41 -1.21
C ARG C 88 7.33 -11.89 -1.06
N LYS C 89 6.09 -12.21 -0.81
CA LYS C 89 5.74 -13.62 -0.61
C LYS C 89 5.06 -14.24 -1.82
N LYS C 90 5.48 -13.82 -3.01
CA LYS C 90 4.89 -14.36 -4.27
C LYS C 90 4.75 -15.88 -4.19
N LYS C 91 5.89 -16.55 -4.23
CA LYS C 91 6.03 -17.93 -3.79
C LYS C 91 7.33 -17.97 -3.00
N ASP C 92 7.73 -16.81 -2.48
CA ASP C 92 8.99 -16.70 -1.74
C ASP C 92 8.96 -17.36 -0.35
N LEU C 93 8.65 -18.65 -0.36
CA LEU C 93 8.67 -19.48 0.84
C LEU C 93 9.57 -20.66 0.47
N LYS C 94 10.33 -20.40 -0.58
CA LYS C 94 11.28 -21.34 -1.16
C LYS C 94 12.27 -20.57 -2.03
N ILE C 95 11.73 -19.64 -2.86
CA ILE C 95 12.52 -18.80 -3.76
C ILE C 95 11.63 -18.17 -4.85
N ARG C 96 11.83 -16.85 -5.10
CA ARG C 96 11.05 -16.14 -6.13
C ARG C 96 11.70 -14.78 -6.46
N LYS C 97 13.01 -14.70 -6.23
CA LYS C 97 13.81 -13.51 -6.45
C LYS C 97 15.27 -13.91 -6.31
N LYS C 98 16.10 -13.45 -7.22
CA LYS C 98 17.39 -14.06 -7.45
C LYS C 98 18.17 -13.28 -8.50
N ASN D 1 -15.86 -0.85 -30.30
CA ASN D 1 -16.46 -0.61 -28.96
C ASN D 1 -17.61 0.36 -29.12
N VAL D 2 -18.25 0.77 -28.03
CA VAL D 2 -19.28 1.77 -28.10
C VAL D 2 -18.66 3.13 -27.85
N LYS D 3 -18.80 4.02 -28.82
CA LYS D 3 -18.29 5.36 -28.70
C LYS D 3 -19.40 6.33 -28.39
N TYR D 4 -19.10 7.34 -27.63
CA TYR D 4 -20.04 8.42 -27.42
C TYR D 4 -19.61 9.55 -28.33
N ASN D 5 -20.41 9.82 -29.34
CA ASN D 5 -19.95 10.62 -30.46
C ASN D 5 -20.45 12.04 -30.28
N PHE D 6 -19.58 12.98 -30.61
CA PHE D 6 -19.88 14.39 -30.38
C PHE D 6 -21.08 14.79 -31.21
N MET D 7 -22.01 15.44 -30.52
CA MET D 7 -23.31 15.77 -31.06
C MET D 7 -23.29 17.15 -31.69
N ARG D 8 -23.09 18.20 -30.88
CA ARG D 8 -23.07 19.54 -31.47
C ARG D 8 -22.38 20.55 -30.56
N ILE D 9 -21.73 21.51 -31.21
CA ILE D 9 -21.07 22.62 -30.55
C ILE D 9 -22.06 23.72 -30.20
N ILE D 10 -22.20 24.00 -28.92
CA ILE D 10 -23.09 25.03 -28.45
C ILE D 10 -22.31 26.34 -28.43
N LYS D 11 -22.32 27.00 -27.31
CA LYS D 11 -21.78 28.35 -27.21
C LYS D 11 -20.44 28.28 -26.52
N TYR D 12 -19.63 29.31 -26.67
CA TYR D 12 -18.25 29.22 -26.24
C TYR D 12 -17.75 30.54 -25.69
N GLU D 13 -16.76 30.43 -24.80
CA GLU D 13 -16.15 31.55 -24.09
C GLU D 13 -17.19 32.44 -23.41
N PHE D 14 -18.31 31.84 -23.02
CA PHE D 14 -19.32 32.51 -22.24
C PHE D 14 -19.24 32.05 -20.79
N ILE D 15 -19.49 32.96 -19.87
CA ILE D 15 -19.33 32.64 -18.45
C ILE D 15 -20.67 32.53 -17.74
N LEU D 16 -20.76 31.54 -16.87
CA LEU D 16 -21.94 31.29 -16.07
C LEU D 16 -21.74 31.80 -14.64
N ASN D 17 -22.76 32.47 -14.16
CA ASN D 17 -22.82 32.99 -12.80
C ASN D 17 -24.08 32.46 -12.15
N ASP D 18 -24.02 32.22 -10.87
CA ASP D 18 -25.09 31.52 -10.16
C ASP D 18 -26.07 32.51 -9.56
N ALA D 19 -27.04 32.02 -8.80
CA ALA D 19 -28.01 32.89 -8.15
C ALA D 19 -27.34 33.82 -7.11
N LEU D 20 -26.12 33.48 -6.69
CA LEU D 20 -25.35 34.36 -5.81
C LEU D 20 -24.79 35.48 -6.65
N ASN D 21 -24.81 35.21 -7.95
CA ASN D 21 -24.27 36.08 -8.96
C ASN D 21 -22.78 36.28 -8.74
N GLN D 22 -22.03 35.26 -9.09
CA GLN D 22 -20.59 35.29 -8.97
C GLN D 22 -19.97 34.66 -10.19
N SER D 23 -19.10 35.40 -10.83
CA SER D 23 -18.42 34.91 -12.01
C SER D 23 -17.45 33.82 -11.62
N ILE D 24 -17.47 32.75 -12.35
CA ILE D 24 -16.56 31.65 -12.06
C ILE D 24 -15.14 32.06 -12.43
N ILE D 25 -14.39 32.53 -11.45
CA ILE D 25 -13.11 33.18 -11.73
C ILE D 25 -11.96 32.19 -11.55
N ARG D 26 -10.93 32.39 -12.34
CA ARG D 26 -9.79 31.48 -12.34
C ARG D 26 -8.81 31.87 -11.24
N ALA D 27 -8.71 31.02 -10.22
CA ALA D 27 -7.74 31.25 -9.15
C ALA D 27 -6.49 30.44 -9.44
N ASN D 28 -6.71 29.25 -9.93
CA ASN D 28 -5.64 28.35 -10.29
C ASN D 28 -6.18 27.36 -11.30
N ASP D 29 -5.29 26.70 -12.02
CA ASP D 29 -5.69 25.71 -13.01
C ASP D 29 -6.24 24.44 -12.34
N GLN D 30 -6.28 24.44 -11.01
CA GLN D 30 -6.79 23.30 -10.26
C GLN D 30 -7.91 23.72 -9.31
N TYR D 31 -7.85 24.98 -8.86
CA TYR D 31 -8.85 25.51 -7.92
C TYR D 31 -9.48 26.79 -8.47
N LEU D 32 -10.82 26.84 -8.47
CA LEU D 32 -11.54 28.00 -8.96
C LEU D 32 -12.55 28.50 -7.92
N THR D 33 -12.57 29.81 -7.72
CA THR D 33 -13.46 30.44 -6.76
C THR D 33 -14.40 31.38 -7.49
N ALA D 34 -15.64 31.45 -7.04
CA ALA D 34 -16.61 32.32 -7.68
C ALA D 34 -16.57 33.70 -7.05
N ALA D 35 -16.39 34.70 -7.89
CA ALA D 35 -16.36 36.09 -7.49
C ALA D 35 -16.78 36.95 -8.66
N ALA D 36 -17.54 38.00 -8.41
CA ALA D 36 -18.00 38.87 -9.48
C ALA D 36 -16.80 39.45 -10.21
N LEU D 37 -16.78 39.33 -11.54
CA LEU D 37 -15.63 39.74 -12.31
C LEU D 37 -15.43 41.24 -12.22
N HIS D 38 -14.18 41.63 -12.32
CA HIS D 38 -13.81 43.03 -12.24
C HIS D 38 -12.70 43.32 -13.24
N ASN D 39 -12.04 42.26 -13.72
CA ASN D 39 -11.12 42.40 -14.83
C ASN D 39 -11.76 41.83 -16.11
N LEU D 40 -12.97 41.27 -15.94
CA LEU D 40 -13.79 40.71 -17.04
C LEU D 40 -13.11 39.53 -17.71
N ASP D 41 -12.01 39.76 -18.41
CA ASP D 41 -11.20 38.65 -18.88
C ASP D 41 -10.37 38.20 -17.71
N GLU D 42 -11.07 37.54 -16.81
CA GLU D 42 -10.55 37.17 -15.51
C GLU D 42 -11.14 35.83 -15.08
N ALA D 43 -12.38 35.63 -15.48
CA ALA D 43 -13.06 34.37 -15.27
C ALA D 43 -12.69 33.41 -16.40
N VAL D 44 -12.84 32.12 -16.14
CA VAL D 44 -12.48 31.12 -17.12
C VAL D 44 -13.58 31.03 -18.14
N LYS D 45 -13.22 31.08 -19.40
CA LYS D 45 -14.22 31.10 -20.42
C LYS D 45 -14.45 29.69 -20.90
N PHE D 46 -15.66 29.24 -20.68
CA PHE D 46 -16.00 27.89 -21.00
C PHE D 46 -16.75 27.81 -22.32
N ASP D 47 -16.72 26.62 -22.85
CA ASP D 47 -17.37 26.27 -24.10
C ASP D 47 -17.96 24.89 -23.96
N MET D 48 -19.12 24.71 -24.53
CA MET D 48 -19.86 23.49 -24.37
C MET D 48 -19.75 22.65 -25.63
N GLY D 49 -19.45 21.39 -25.43
CA GLY D 49 -19.38 20.44 -26.52
C GLY D 49 -20.11 19.18 -26.14
N ALA D 50 -21.18 18.88 -26.85
CA ALA D 50 -22.06 17.81 -26.45
C ALA D 50 -21.56 16.49 -26.98
N TYR D 51 -21.83 15.44 -26.25
CA TYR D 51 -21.48 14.10 -26.67
C TYR D 51 -22.75 13.29 -26.60
N LYS D 52 -22.82 12.15 -27.26
CA LYS D 52 -24.05 11.43 -27.25
C LYS D 52 -23.86 9.95 -27.00
N SER D 53 -24.51 9.51 -25.94
CA SER D 53 -24.78 8.13 -25.66
C SER D 53 -26.18 8.10 -25.06
N SER D 54 -26.86 6.98 -25.07
CA SER D 54 -28.18 6.94 -24.46
C SER D 54 -28.07 6.58 -23.00
N LYS D 55 -27.12 7.22 -22.32
CA LYS D 55 -26.95 7.05 -20.89
C LYS D 55 -27.01 8.39 -20.15
N ASP D 56 -27.79 9.34 -20.66
CA ASP D 56 -27.93 10.60 -19.94
C ASP D 56 -28.97 10.43 -18.83
N ASP D 57 -29.97 11.31 -18.79
CA ASP D 57 -31.23 11.00 -18.14
C ASP D 57 -32.37 11.30 -19.12
N ALA D 58 -32.73 12.59 -19.17
CA ALA D 58 -33.70 13.11 -20.13
C ALA D 58 -33.17 14.35 -20.85
N LYS D 59 -31.85 14.53 -20.81
CA LYS D 59 -31.19 15.78 -21.23
C LYS D 59 -29.84 15.46 -21.83
N ILE D 60 -29.42 16.28 -22.77
CA ILE D 60 -28.24 15.99 -23.58
C ILE D 60 -27.06 16.66 -22.92
N THR D 61 -25.91 16.04 -23.07
CA THR D 61 -24.79 16.30 -22.19
C THR D 61 -23.61 16.89 -22.96
N VAL D 62 -22.98 17.89 -22.37
CA VAL D 62 -21.88 18.59 -23.01
C VAL D 62 -20.68 18.66 -22.05
N ILE D 63 -19.49 18.97 -22.58
CA ILE D 63 -18.30 19.05 -21.77
C ILE D 63 -17.92 20.51 -21.63
N LEU D 64 -17.56 20.91 -20.43
CA LEU D 64 -17.22 22.30 -20.18
C LEU D 64 -15.71 22.47 -20.10
N ARG D 65 -15.19 23.24 -21.05
CA ARG D 65 -13.77 23.42 -21.24
C ARG D 65 -13.45 24.87 -21.46
N ILE D 66 -12.24 25.31 -21.13
CA ILE D 66 -11.85 26.68 -21.37
C ILE D 66 -11.44 26.80 -22.83
N SER D 67 -12.02 27.77 -23.52
CA SER D 67 -11.89 27.88 -24.97
C SER D 67 -10.45 27.76 -25.49
N LYS D 68 -9.47 28.08 -24.66
CA LYS D 68 -8.08 28.06 -25.10
C LYS D 68 -7.44 26.69 -24.84
N THR D 69 -7.49 26.23 -23.60
CA THR D 69 -6.92 24.94 -23.25
C THR D 69 -8.00 23.97 -22.84
N GLN D 70 -7.70 22.70 -22.69
CA GLN D 70 -8.78 21.79 -22.41
C GLN D 70 -8.79 21.48 -20.93
N LEU D 71 -9.31 22.45 -20.19
CA LEU D 71 -9.48 22.37 -18.76
C LEU D 71 -10.94 22.05 -18.46
N TYR D 72 -11.22 20.82 -18.05
CA TYR D 72 -12.59 20.43 -17.80
C TYR D 72 -12.82 20.42 -16.31
N VAL D 73 -14.01 20.79 -15.87
CA VAL D 73 -14.34 20.59 -14.47
C VAL D 73 -14.92 19.19 -14.33
N THR D 74 -14.26 18.37 -13.51
CA THR D 74 -14.71 17.00 -13.27
C THR D 74 -15.41 16.86 -11.93
N ALA D 75 -16.19 15.80 -11.79
CA ALA D 75 -16.91 15.52 -10.56
C ALA D 75 -16.14 14.52 -9.71
N GLN D 76 -15.80 14.91 -8.49
CA GLN D 76 -15.05 14.05 -7.58
C GLN D 76 -15.99 13.19 -6.73
N ASP D 77 -16.51 13.77 -5.64
CA ASP D 77 -17.41 13.06 -4.74
C ASP D 77 -18.22 14.04 -3.92
N GLU D 78 -19.33 14.52 -4.50
CA GLU D 78 -20.21 15.48 -3.86
C GLU D 78 -19.43 16.70 -3.41
N ASP D 79 -19.65 17.13 -2.16
CA ASP D 79 -18.95 18.29 -1.59
C ASP D 79 -17.44 18.05 -1.57
N GLN D 80 -16.81 18.37 -2.70
CA GLN D 80 -15.38 18.22 -2.91
C GLN D 80 -15.00 19.07 -4.10
N PRO D 81 -13.96 19.92 -3.95
CA PRO D 81 -13.52 20.83 -5.01
C PRO D 81 -13.25 20.17 -6.36
N VAL D 82 -13.94 20.69 -7.36
CA VAL D 82 -13.80 20.27 -8.75
C VAL D 82 -12.34 20.23 -9.18
N LEU D 83 -11.97 19.15 -9.85
CA LEU D 83 -10.61 18.98 -10.34
C LEU D 83 -10.50 19.37 -11.80
N LEU D 84 -9.88 20.52 -12.05
CA LEU D 84 -9.71 21.01 -13.40
C LEU D 84 -8.58 20.26 -14.11
N LYS D 85 -8.97 19.36 -15.03
CA LYS D 85 -8.01 18.54 -15.77
C LYS D 85 -7.55 19.25 -17.04
N GLU D 86 -6.37 18.90 -17.55
CA GLU D 86 -5.85 19.51 -18.75
C GLU D 86 -5.17 18.49 -19.66
N MET D 87 -5.78 18.24 -20.81
CA MET D 87 -5.24 17.30 -21.79
C MET D 87 -5.36 17.91 -23.19
N PRO D 88 -4.21 18.01 -23.92
CA PRO D 88 -4.15 18.60 -25.27
C PRO D 88 -5.19 18.03 -26.25
N GLU D 89 -5.90 18.94 -26.92
CA GLU D 89 -6.92 18.60 -27.92
C GLU D 89 -8.15 17.90 -27.32
N ILE D 90 -9.32 18.37 -27.75
CA ILE D 90 -10.61 17.81 -27.31
C ILE D 90 -10.92 16.48 -27.97
N PRO D 91 -11.26 15.47 -27.16
CA PRO D 91 -11.68 14.15 -27.66
C PRO D 91 -12.98 14.24 -28.44
N LYS D 92 -13.09 13.44 -29.48
CA LYS D 92 -14.29 13.39 -30.32
C LYS D 92 -15.15 12.20 -29.92
N THR D 93 -14.49 11.22 -29.31
CA THR D 93 -15.12 9.99 -28.88
C THR D 93 -14.77 9.74 -27.43
N ILE D 94 -15.79 9.68 -26.60
CA ILE D 94 -15.63 9.68 -25.17
C ILE D 94 -15.70 8.26 -24.62
N THR D 95 -14.71 7.91 -23.79
CA THR D 95 -14.65 6.59 -23.18
C THR D 95 -15.28 6.59 -21.79
N GLY D 96 -15.04 5.53 -21.02
CA GLY D 96 -15.58 5.43 -19.68
C GLY D 96 -14.66 6.04 -18.64
N SER D 97 -13.61 6.71 -19.11
CA SER D 97 -12.64 7.36 -18.24
C SER D 97 -13.03 8.80 -17.99
N GLU D 98 -13.50 9.45 -19.06
CA GLU D 98 -13.93 10.84 -18.99
C GLU D 98 -15.42 10.94 -18.71
N THR D 99 -15.86 10.38 -17.59
CA THR D 99 -17.27 10.42 -17.23
C THR D 99 -17.54 11.45 -16.13
N ASN D 100 -16.47 12.07 -15.63
CA ASN D 100 -16.58 13.05 -14.56
C ASN D 100 -16.76 14.46 -15.13
N LEU D 101 -16.14 14.73 -16.28
CA LEU D 101 -16.23 16.04 -16.92
C LEU D 101 -17.44 16.14 -17.84
N LEU D 102 -18.40 15.25 -17.67
CA LEU D 102 -19.60 15.24 -18.50
C LEU D 102 -20.74 15.91 -17.73
N PHE D 103 -21.62 16.65 -18.40
CA PHE D 103 -22.60 17.44 -17.67
C PHE D 103 -23.96 17.44 -18.31
N PHE D 104 -24.91 16.99 -17.51
CA PHE D 104 -26.30 16.93 -17.87
C PHE D 104 -26.92 18.28 -17.56
N TRP D 105 -27.13 19.08 -18.58
CA TRP D 105 -27.60 20.44 -18.36
C TRP D 105 -29.11 20.56 -18.53
N GLU D 106 -29.78 20.87 -17.43
CA GLU D 106 -31.21 21.07 -17.44
C GLU D 106 -31.52 22.58 -17.38
N THR D 107 -31.99 23.12 -18.48
CA THR D 107 -32.23 24.55 -18.59
C THR D 107 -33.70 24.89 -18.36
N HIS D 108 -33.95 25.85 -17.48
CA HIS D 108 -35.31 26.31 -17.21
C HIS D 108 -35.41 27.80 -17.46
N GLY D 109 -35.91 28.18 -18.63
CA GLY D 109 -36.03 29.57 -18.99
C GLY D 109 -34.69 30.29 -19.04
N THR D 110 -34.36 30.98 -17.96
CA THR D 110 -33.11 31.72 -17.88
C THR D 110 -32.09 30.95 -17.03
N LYS D 111 -32.56 30.36 -15.95
CA LYS D 111 -31.69 29.61 -15.06
C LYS D 111 -31.44 28.22 -15.62
N ASN D 112 -30.38 27.61 -15.14
CA ASN D 112 -30.00 26.29 -15.62
C ASN D 112 -29.23 25.54 -14.56
N TYR D 113 -29.35 24.22 -14.60
CA TYR D 113 -28.65 23.37 -13.65
C TYR D 113 -27.55 22.59 -14.36
N PHE D 114 -26.60 22.11 -13.58
CA PHE D 114 -25.53 21.26 -14.10
C PHE D 114 -25.44 19.98 -13.28
N THR D 115 -26.02 18.93 -13.84
CA THR D 115 -26.09 17.64 -13.17
C THR D 115 -24.91 16.75 -13.58
N SER D 116 -24.31 16.08 -12.60
CA SER D 116 -23.21 15.17 -12.87
C SER D 116 -23.72 13.87 -13.53
N VAL D 117 -23.11 13.52 -14.66
CA VAL D 117 -23.45 12.28 -15.35
C VAL D 117 -22.78 11.09 -14.66
N ALA D 118 -21.71 11.36 -13.91
CA ALA D 118 -21.00 10.29 -13.19
C ALA D 118 -21.84 9.80 -12.02
N HIS D 119 -21.96 10.64 -10.99
CA HIS D 119 -22.76 10.31 -9.82
C HIS D 119 -23.99 11.22 -9.81
N PRO D 120 -25.19 10.62 -9.89
CA PRO D 120 -26.47 11.36 -10.00
C PRO D 120 -26.69 12.41 -8.92
N ASN D 121 -26.37 12.07 -7.67
CA ASN D 121 -26.66 12.94 -6.53
C ASN D 121 -25.77 14.18 -6.50
N LEU D 122 -24.88 14.29 -7.47
CA LEU D 122 -23.96 15.41 -7.52
C LEU D 122 -24.52 16.52 -8.38
N PHE D 123 -24.36 17.73 -7.90
CA PHE D 123 -24.83 18.93 -8.56
C PHE D 123 -23.82 20.03 -8.28
N ILE D 124 -23.60 20.94 -9.22
CA ILE D 124 -22.53 21.92 -9.07
C ILE D 124 -23.03 23.13 -8.26
N ALA D 125 -22.60 23.17 -7.01
CA ALA D 125 -23.07 24.16 -6.04
C ALA D 125 -22.15 25.37 -6.00
N THR D 126 -22.69 26.50 -5.55
CA THR D 126 -21.93 27.72 -5.52
C THR D 126 -21.84 28.26 -4.09
N LYS D 127 -20.61 28.57 -3.71
CA LYS D 127 -20.30 29.04 -2.38
C LYS D 127 -20.00 30.54 -2.41
N GLN D 128 -20.24 31.22 -1.29
CA GLN D 128 -19.96 32.66 -1.18
C GLN D 128 -18.47 32.95 -1.01
N ASP D 129 -17.75 32.04 -0.39
CA ASP D 129 -16.34 32.27 -0.06
C ASP D 129 -15.42 31.19 -0.59
N TYR D 130 -15.94 29.96 -0.70
CA TYR D 130 -15.13 28.83 -1.13
C TYR D 130 -15.21 28.60 -2.63
N TRP D 131 -14.50 27.55 -3.06
CA TRP D 131 -14.43 27.17 -4.45
C TRP D 131 -15.76 26.61 -4.96
N VAL D 132 -16.04 26.82 -6.24
CA VAL D 132 -17.24 26.30 -6.85
C VAL D 132 -17.12 24.78 -6.98
N CYS D 133 -17.79 24.06 -6.11
CA CYS D 133 -17.66 22.62 -6.06
C CYS D 133 -18.88 21.92 -6.65
N LEU D 134 -19.11 20.71 -6.19
CA LEU D 134 -20.27 19.94 -6.54
C LEU D 134 -20.82 19.50 -5.23
N ALA D 135 -22.04 19.03 -5.15
CA ALA D 135 -22.64 18.79 -3.87
C ALA D 135 -23.90 17.99 -3.99
N GLY D 136 -24.36 17.57 -2.85
CA GLY D 136 -25.72 17.33 -2.67
C GLY D 136 -26.18 18.58 -2.02
N GLY D 137 -27.30 19.08 -2.42
CA GLY D 137 -27.62 20.44 -2.07
C GLY D 137 -28.62 20.64 -0.95
N PRO D 138 -28.13 20.94 0.26
CA PRO D 138 -28.83 21.71 1.27
C PRO D 138 -28.25 23.13 1.34
N PRO D 139 -29.08 24.13 1.65
CA PRO D 139 -28.94 25.59 1.37
C PRO D 139 -27.70 26.14 0.60
N SER D 140 -26.89 25.30 -0.02
CA SER D 140 -25.91 25.75 -1.00
C SER D 140 -26.64 26.10 -2.29
N ILE D 141 -26.21 27.14 -2.97
CA ILE D 141 -26.90 27.54 -4.19
C ILE D 141 -26.40 26.74 -5.35
N THR D 142 -27.05 25.62 -5.62
CA THR D 142 -26.69 24.82 -6.76
C THR D 142 -27.51 25.27 -7.98
N ASP D 143 -27.74 26.58 -8.03
CA ASP D 143 -28.36 27.27 -9.18
C ASP D 143 -27.29 27.82 -10.08
N PHE D 144 -27.59 27.92 -11.37
CA PHE D 144 -26.77 28.71 -12.26
C PHE D 144 -27.61 29.52 -13.22
N GLN D 145 -26.93 30.42 -13.90
CA GLN D 145 -27.51 31.33 -14.86
C GLN D 145 -26.39 31.77 -15.78
N ILE D 146 -26.61 31.84 -17.08
CA ILE D 146 -25.50 32.19 -17.94
C ILE D 146 -25.53 33.68 -18.26
N LEU D 147 -24.54 34.39 -17.72
CA LEU D 147 -24.37 35.79 -18.02
C LEU D 147 -23.07 36.05 -18.77
N GLU D 148 -23.17 36.65 -19.94
CA GLU D 148 -21.99 36.95 -20.73
C GLU D 148 -21.43 38.31 -20.33
N ASN D 149 -20.14 38.51 -20.55
CA ASN D 149 -19.52 39.80 -20.35
C ASN D 149 -19.59 40.61 -21.64
N GLN D 150 -19.24 41.88 -21.58
CA GLN D 150 -19.33 42.75 -22.74
C GLN D 150 -18.22 42.44 -23.73
N ALA D 151 -16.98 42.48 -23.23
CA ALA D 151 -15.81 42.21 -24.03
C ALA D 151 -14.60 41.97 -23.13
N ASN A 1 11.50 -1.48 32.94
CA ASN A 1 10.57 -2.36 32.20
C ASN A 1 10.78 -3.79 32.69
N VAL A 2 10.10 -4.76 32.09
CA VAL A 2 10.31 -6.14 32.45
C VAL A 2 11.35 -6.73 31.52
N LYS A 3 12.43 -7.21 32.09
CA LYS A 3 13.48 -7.83 31.31
C LYS A 3 13.40 -9.34 31.44
N TYR A 4 13.77 -10.02 30.39
CA TYR A 4 13.89 -11.46 30.45
C TYR A 4 15.38 -11.74 30.57
N ASN A 5 15.77 -12.22 31.73
CA ASN A 5 17.19 -12.22 32.10
C ASN A 5 17.78 -13.58 31.84
N PHE A 6 18.99 -13.57 31.32
CA PHE A 6 19.64 -14.80 30.91
C PHE A 6 19.83 -15.71 32.11
N MET A 7 19.41 -16.95 31.93
CA MET A 7 19.34 -17.93 33.00
C MET A 7 20.62 -18.74 33.06
N ARG A 8 20.93 -19.52 32.03
CA ARG A 8 22.17 -20.31 32.07
C ARG A 8 22.61 -20.76 30.70
N ILE A 9 23.93 -20.84 30.55
CA ILE A 9 24.57 -21.33 29.34
C ILE A 9 24.61 -22.85 29.33
N ILE A 10 23.97 -23.44 28.34
CA ILE A 10 23.96 -24.87 28.18
C ILE A 10 25.17 -25.27 27.35
N LYS A 11 24.93 -26.01 26.30
CA LYS A 11 26.01 -26.61 25.53
C LYS A 11 26.19 -25.81 24.26
N TYR A 12 27.33 -25.94 23.61
CA TYR A 12 27.66 -25.07 22.51
C TYR A 12 28.43 -25.78 21.43
N GLU A 13 28.29 -25.25 20.22
CA GLU A 13 28.88 -25.79 18.99
C GLU A 13 28.57 -27.27 18.81
N PHE A 14 27.43 -27.69 19.33
CA PHE A 14 26.94 -29.04 19.11
C PHE A 14 25.81 -29.01 18.08
N ILE A 15 25.74 -30.03 17.24
CA ILE A 15 24.77 -30.04 16.16
C ILE A 15 23.64 -31.04 16.40
N LEU A 16 22.43 -30.61 16.08
CA LEU A 16 21.25 -31.42 16.20
C LEU A 16 20.83 -31.99 14.86
N ASN A 17 20.51 -33.26 14.87
CA ASN A 17 20.01 -33.99 13.70
C ASN A 17 18.69 -34.62 14.07
N ASP A 18 17.79 -34.72 13.13
CA ASP A 18 16.42 -35.12 13.40
C ASP A 18 16.25 -36.62 13.20
N ALA A 19 15.02 -37.11 13.31
CA ALA A 19 14.76 -38.53 13.12
C ALA A 19 15.06 -38.98 11.68
N LEU A 20 15.16 -38.02 10.76
CA LEU A 20 15.57 -38.31 9.38
C LEU A 20 17.07 -38.52 9.39
N ASN A 21 17.65 -38.03 10.47
CA ASN A 21 19.08 -38.03 10.69
C ASN A 21 19.77 -37.23 9.62
N GLN A 22 19.66 -35.93 9.75
CA GLN A 22 20.28 -35.00 8.82
C GLN A 22 20.89 -33.86 9.59
N SER A 23 22.16 -33.64 9.38
CA SER A 23 22.86 -32.55 10.03
C SER A 23 22.37 -31.22 9.49
N ILE A 24 22.08 -30.32 10.37
CA ILE A 24 21.62 -29.01 9.95
C ILE A 24 22.78 -28.25 9.31
N ILE A 25 22.85 -28.30 7.99
CA ILE A 25 24.03 -27.83 7.28
C ILE A 25 23.83 -26.41 6.78
N ARG A 26 24.91 -25.65 6.74
CA ARG A 26 24.86 -24.25 6.35
C ARG A 26 24.90 -24.12 4.84
N ALA A 27 23.80 -23.71 4.24
CA ALA A 27 23.76 -23.47 2.80
C ALA A 27 24.00 -22.00 2.54
N ASN A 28 23.37 -21.17 3.38
CA ASN A 28 23.49 -19.72 3.27
C ASN A 28 23.24 -19.10 4.65
N ASP A 29 23.37 -17.77 4.74
CA ASP A 29 23.15 -17.07 6.00
C ASP A 29 21.67 -16.70 6.17
N GLN A 30 20.81 -17.39 5.43
CA GLN A 30 19.37 -17.16 5.49
C GLN A 30 18.62 -18.47 5.26
N TYR A 31 19.20 -19.34 4.44
CA TYR A 31 18.60 -20.64 4.13
C TYR A 31 19.49 -21.79 4.59
N LEU A 32 18.89 -22.76 5.28
CA LEU A 32 19.62 -23.94 5.74
C LEU A 32 18.86 -25.21 5.38
N THR A 33 19.59 -26.19 4.87
CA THR A 33 19.02 -27.47 4.47
C THR A 33 19.64 -28.57 5.30
N ALA A 34 18.84 -29.57 5.65
CA ALA A 34 19.35 -30.67 6.46
C ALA A 34 19.90 -31.76 5.56
N ALA A 35 21.15 -32.13 5.82
CA ALA A 35 21.82 -33.18 5.09
C ALA A 35 22.90 -33.77 5.99
N ALA A 36 23.08 -35.07 5.94
CA ALA A 36 24.08 -35.73 6.78
C ALA A 36 25.45 -35.14 6.48
N LEU A 37 26.17 -34.73 7.52
CA LEU A 37 27.44 -34.04 7.33
C LEU A 37 28.46 -34.97 6.72
N HIS A 38 29.35 -34.39 5.97
CA HIS A 38 30.41 -35.13 5.30
C HIS A 38 31.71 -34.33 5.33
N ASN A 39 31.60 -33.04 5.62
CA ASN A 39 32.78 -32.24 5.90
C ASN A 39 32.85 -31.95 7.42
N LEU A 40 31.83 -32.42 8.14
CA LEU A 40 31.74 -32.30 9.61
C LEU A 40 31.67 -30.86 10.07
N ASP A 41 32.74 -30.10 9.90
CA ASP A 41 32.67 -28.67 10.12
C ASP A 41 32.06 -28.09 8.86
N GLU A 42 30.77 -28.32 8.77
CA GLU A 42 30.00 -28.03 7.58
C GLU A 42 28.59 -27.61 7.97
N ALA A 43 28.11 -28.20 9.05
CA ALA A 43 26.85 -27.83 9.64
C ALA A 43 27.05 -26.64 10.56
N VAL A 44 25.98 -25.90 10.82
CA VAL A 44 26.07 -24.72 11.64
C VAL A 44 26.11 -25.14 13.09
N LYS A 45 27.06 -24.62 13.83
CA LYS A 45 27.21 -25.05 15.19
C LYS A 45 26.46 -24.11 16.07
N PHE A 46 25.48 -24.66 16.73
CA PHE A 46 24.63 -23.87 17.57
C PHE A 46 25.01 -23.98 19.02
N ASP A 47 24.55 -23.00 19.76
CA ASP A 47 24.76 -22.88 21.19
C ASP A 47 23.50 -22.35 21.81
N MET A 48 23.19 -22.87 22.97
CA MET A 48 21.95 -22.55 23.62
C MET A 48 22.18 -21.58 24.77
N GLY A 49 21.38 -20.55 24.79
CA GLY A 49 21.43 -19.57 25.85
C GLY A 49 20.04 -19.28 26.34
N ALA A 50 19.77 -19.61 27.58
CA ALA A 50 18.42 -19.55 28.09
C ALA A 50 18.10 -18.16 28.59
N TYR A 51 16.85 -17.79 28.48
CA TYR A 51 16.38 -16.52 28.98
C TYR A 51 15.22 -16.82 29.89
N LYS A 52 14.83 -15.92 30.75
CA LYS A 52 13.78 -16.25 31.67
C LYS A 52 12.74 -15.15 31.80
N SER A 53 11.52 -15.54 31.47
CA SER A 53 10.32 -14.83 31.81
C SER A 53 9.30 -15.89 32.16
N SER A 54 8.25 -15.56 32.89
CA SER A 54 7.25 -16.58 33.19
C SER A 54 6.20 -16.61 32.11
N LYS A 55 6.66 -16.59 30.86
CA LYS A 55 5.78 -16.72 29.72
C LYS A 55 6.19 -17.87 28.82
N ASP A 56 6.76 -18.94 29.38
CA ASP A 56 7.09 -20.09 28.56
C ASP A 56 5.84 -20.95 28.34
N ASP A 57 5.93 -22.24 28.64
CA ASP A 57 4.76 -23.03 28.97
C ASP A 57 5.01 -23.77 30.28
N ALA A 58 5.72 -24.89 30.16
CA ALA A 58 6.18 -25.67 31.32
C ALA A 58 7.67 -26.00 31.20
N LYS A 59 8.37 -25.24 30.36
CA LYS A 59 9.75 -25.57 29.95
C LYS A 59 10.52 -24.30 29.71
N ILE A 60 11.82 -24.35 29.97
CA ILE A 60 12.64 -23.16 29.98
C ILE A 60 13.26 -22.98 28.61
N THR A 61 13.46 -21.74 28.23
CA THR A 61 13.64 -21.40 26.85
C THR A 61 15.03 -20.83 26.58
N VAL A 62 15.62 -21.24 25.48
CA VAL A 62 16.97 -20.82 25.12
C VAL A 62 17.00 -20.31 23.69
N ILE A 63 18.07 -19.61 23.32
CA ILE A 63 18.20 -19.05 21.99
C ILE A 63 19.25 -19.85 21.24
N LEU A 64 18.97 -20.19 20.01
CA LEU A 64 19.90 -20.98 19.22
C LEU A 64 20.66 -20.11 18.23
N ARG A 65 21.97 -20.06 18.45
CA ARG A 65 22.86 -19.18 17.73
C ARG A 65 24.10 -19.94 17.30
N ILE A 66 24.74 -19.50 16.23
CA ILE A 66 25.96 -20.14 15.80
C ILE A 66 27.11 -19.58 16.64
N SER A 67 27.89 -20.48 17.23
CA SER A 67 28.88 -20.11 18.25
C SER A 67 29.77 -18.92 17.84
N LYS A 68 29.95 -18.71 16.54
CA LYS A 68 30.84 -17.65 16.08
C LYS A 68 30.09 -16.33 15.90
N THR A 69 29.01 -16.34 15.11
CA THR A 69 28.23 -15.14 14.87
C THR A 69 26.84 -15.30 15.47
N GLN A 70 26.07 -14.25 15.54
CA GLN A 70 24.80 -14.41 16.21
C GLN A 70 23.71 -14.57 15.17
N LEU A 71 23.67 -15.78 14.62
CA LEU A 71 22.68 -16.19 13.65
C LEU A 71 21.62 -17.02 14.34
N TYR A 72 20.44 -16.45 14.55
CA TYR A 72 19.40 -17.15 15.25
C TYR A 72 18.40 -17.69 14.25
N VAL A 73 17.83 -18.85 14.50
CA VAL A 73 16.72 -19.27 13.68
C VAL A 73 15.45 -18.72 14.31
N THR A 74 14.73 -17.92 13.53
CA THR A 74 13.48 -17.31 13.98
C THR A 74 12.28 -18.00 13.37
N ALA A 75 11.13 -17.86 14.03
CA ALA A 75 9.89 -18.45 13.56
C ALA A 75 9.15 -17.48 12.65
N GLN A 76 9.01 -17.84 11.38
CA GLN A 76 8.33 -16.99 10.41
C GLN A 76 6.81 -17.14 10.51
N ASP A 77 6.27 -18.17 9.84
CA ASP A 77 4.83 -18.42 9.85
C ASP A 77 4.56 -19.87 9.44
N GLU A 78 4.72 -20.78 10.41
CA GLU A 78 4.53 -22.21 10.19
C GLU A 78 5.40 -22.69 9.04
N ASP A 79 4.81 -23.45 8.11
CA ASP A 79 5.53 -23.96 6.94
C ASP A 79 6.07 -22.82 6.07
N GLN A 80 7.24 -22.33 6.46
CA GLN A 80 7.93 -21.25 5.78
C GLN A 80 9.37 -21.24 6.27
N PRO A 81 10.35 -21.22 5.35
CA PRO A 81 11.77 -21.29 5.68
C PRO A 81 12.23 -20.31 6.75
N VAL A 82 12.85 -20.86 7.79
CA VAL A 82 13.44 -20.11 8.89
C VAL A 82 14.33 -19.00 8.40
N LEU A 83 14.19 -17.83 9.00
CA LEU A 83 14.99 -16.68 8.63
C LEU A 83 16.16 -16.51 9.59
N LEU A 84 17.35 -16.76 9.10
CA LEU A 84 18.55 -16.65 9.90
C LEU A 84 18.97 -15.18 10.06
N LYS A 85 18.78 -14.64 11.27
CA LYS A 85 19.13 -13.24 11.55
C LYS A 85 20.55 -13.13 12.08
N GLU A 86 21.18 -11.98 11.87
CA GLU A 86 22.54 -11.77 12.33
C GLU A 86 22.71 -10.38 12.94
N MET A 87 22.92 -10.35 14.26
CA MET A 87 23.13 -9.09 14.97
C MET A 87 24.32 -9.21 15.91
N PRO A 88 25.32 -8.31 15.75
CA PRO A 88 26.55 -8.31 16.56
C PRO A 88 26.31 -8.34 18.07
N GLU A 89 26.97 -9.30 18.73
CA GLU A 89 26.91 -9.49 20.19
C GLU A 89 25.53 -9.98 20.67
N ILE A 90 25.57 -10.98 21.55
CA ILE A 90 24.37 -11.57 22.16
C ILE A 90 23.77 -10.66 23.22
N PRO A 91 22.44 -10.40 23.11
CA PRO A 91 21.71 -9.63 24.12
C PRO A 91 21.67 -10.37 25.46
N LYS A 92 21.72 -9.61 26.54
CA LYS A 92 21.67 -10.17 27.89
C LYS A 92 20.26 -10.01 28.45
N THR A 93 19.55 -9.04 27.90
CA THR A 93 18.21 -8.72 28.31
C THR A 93 17.31 -8.69 27.09
N ILE A 94 16.31 -9.53 27.10
CA ILE A 94 15.51 -9.80 25.92
C ILE A 94 14.21 -8.99 25.97
N THR A 95 13.96 -8.27 24.90
CA THR A 95 12.88 -7.31 24.81
C THR A 95 11.79 -7.83 23.88
N GLY A 96 10.81 -6.97 23.58
CA GLY A 96 9.70 -7.36 22.73
C GLY A 96 10.03 -7.28 21.24
N SER A 97 11.32 -7.39 20.91
CA SER A 97 11.76 -7.35 19.53
C SER A 97 12.24 -8.73 19.09
N GLU A 98 12.78 -9.48 20.06
CA GLU A 98 13.28 -10.82 19.80
C GLU A 98 12.41 -11.86 20.50
N THR A 99 11.39 -12.35 19.79
CA THR A 99 10.49 -13.36 20.34
C THR A 99 10.34 -14.55 19.40
N ASN A 100 10.91 -14.44 18.21
CA ASN A 100 10.83 -15.51 17.22
C ASN A 100 12.02 -16.45 17.34
N LEU A 101 13.15 -15.92 17.83
CA LEU A 101 14.35 -16.72 17.99
C LEU A 101 14.38 -17.39 19.36
N LEU A 102 13.23 -17.40 20.03
CA LEU A 102 13.14 -18.02 21.36
C LEU A 102 12.60 -19.45 21.20
N PHE A 103 13.07 -20.40 22.02
CA PHE A 103 12.70 -21.78 21.76
C PHE A 103 12.42 -22.57 23.02
N PHE A 104 11.19 -23.07 23.05
CA PHE A 104 10.70 -23.89 24.13
C PHE A 104 11.11 -25.33 23.86
N TRP A 105 12.14 -25.78 24.54
CA TRP A 105 12.68 -27.10 24.24
C TRP A 105 12.13 -28.17 25.19
N GLU A 106 11.38 -29.10 24.61
CA GLU A 106 10.84 -30.22 25.36
C GLU A 106 11.65 -31.48 25.06
N THR A 107 12.42 -31.93 26.03
CA THR A 107 13.32 -33.05 25.84
C THR A 107 12.70 -34.35 26.39
N HIS A 108 12.71 -35.39 25.57
CA HIS A 108 12.20 -36.70 25.98
C HIS A 108 13.28 -37.74 25.82
N GLY A 109 13.97 -38.07 26.91
CA GLY A 109 15.04 -39.05 26.86
C GLY A 109 16.19 -38.63 25.95
N THR A 110 16.17 -39.13 24.72
CA THR A 110 17.20 -38.81 23.75
C THR A 110 16.70 -37.78 22.74
N LYS A 111 15.45 -37.93 22.32
CA LYS A 111 14.85 -37.04 21.35
C LYS A 111 14.39 -35.77 22.04
N ASN A 112 14.21 -34.73 21.26
CA ASN A 112 13.81 -33.45 21.79
C ASN A 112 13.06 -32.65 20.75
N TYR A 113 12.16 -31.80 21.21
CA TYR A 113 11.38 -30.95 20.32
C TYR A 113 11.80 -29.50 20.49
N PHE A 114 11.49 -28.70 19.48
CA PHE A 114 11.74 -27.26 19.53
C PHE A 114 10.46 -26.50 19.20
N THR A 115 9.82 -26.03 20.25
CA THR A 115 8.55 -25.33 20.15
C THR A 115 8.76 -23.82 20.05
N SER A 116 8.03 -23.17 19.15
CA SER A 116 8.12 -21.72 19.01
C SER A 116 7.40 -21.02 20.16
N VAL A 117 8.11 -20.10 20.81
CA VAL A 117 7.54 -19.30 21.89
C VAL A 117 6.67 -18.19 21.31
N ALA A 118 6.92 -17.81 20.05
CA ALA A 118 6.13 -16.77 19.39
C ALA A 118 4.72 -17.29 19.10
N HIS A 119 4.64 -18.23 18.16
CA HIS A 119 3.37 -18.85 17.80
C HIS A 119 3.40 -20.31 18.24
N PRO A 120 2.51 -20.68 19.16
CA PRO A 120 2.45 -22.02 19.78
C PRO A 120 2.39 -23.18 18.78
N ASN A 121 1.58 -23.02 17.73
CA ASN A 121 1.32 -24.11 16.79
C ASN A 121 2.54 -24.39 15.89
N LEU A 122 3.61 -23.64 16.09
CA LEU A 122 4.80 -23.80 15.28
C LEU A 122 5.78 -24.74 15.96
N PHE A 123 6.36 -25.60 15.15
CA PHE A 123 7.31 -26.59 15.58
C PHE A 123 8.34 -26.75 14.48
N ILE A 124 9.59 -27.03 14.81
CA ILE A 124 10.64 -27.03 13.80
C ILE A 124 10.72 -28.41 13.12
N ALA A 125 10.20 -28.46 11.90
CA ALA A 125 10.06 -29.71 11.16
C ALA A 125 11.25 -29.96 10.25
N THR A 126 11.47 -31.22 9.91
CA THR A 126 12.60 -31.57 9.09
C THR A 126 12.15 -32.24 7.79
N LYS A 127 12.69 -31.73 6.71
CA LYS A 127 12.35 -32.19 5.37
C LYS A 127 13.50 -33.03 4.80
N GLN A 128 13.16 -33.94 3.88
CA GLN A 128 14.16 -34.79 3.23
C GLN A 128 14.95 -34.04 2.17
N ASP A 129 14.32 -33.07 1.52
CA ASP A 129 14.95 -32.39 0.39
C ASP A 129 14.98 -30.87 0.58
N TYR A 130 14.00 -30.34 1.30
CA TYR A 130 13.89 -28.89 1.49
C TYR A 130 14.60 -28.41 2.74
N TRP A 131 14.55 -27.10 2.94
CA TRP A 131 15.17 -26.43 4.07
C TRP A 131 14.49 -26.78 5.38
N VAL A 132 15.26 -26.82 6.46
CA VAL A 132 14.72 -27.10 7.78
C VAL A 132 13.87 -25.92 8.23
N CYS A 133 12.56 -26.08 8.16
CA CYS A 133 11.66 -24.99 8.45
C CYS A 133 10.99 -25.17 9.81
N LEU A 134 9.82 -24.59 9.94
CA LEU A 134 8.98 -24.73 11.10
C LEU A 134 7.65 -25.11 10.54
N ALA A 135 6.74 -25.61 11.34
CA ALA A 135 5.54 -26.16 10.79
C ALA A 135 4.50 -26.42 11.83
N GLY A 136 3.32 -26.70 11.34
CA GLY A 136 2.42 -27.50 12.08
C GLY A 136 2.65 -28.85 11.49
N GLY A 137 2.69 -29.83 12.31
CA GLY A 137 3.22 -31.10 11.85
C GLY A 137 2.21 -32.18 11.52
N PRO A 138 1.92 -32.36 10.22
CA PRO A 138 1.49 -33.63 9.65
C PRO A 138 2.65 -34.25 8.86
N PRO A 139 2.73 -35.60 8.82
CA PRO A 139 3.91 -36.44 8.54
C PRO A 139 5.31 -35.82 8.25
N SER A 140 5.52 -34.53 8.49
CA SER A 140 6.84 -33.95 8.53
C SER A 140 7.50 -34.36 9.84
N ILE A 141 8.79 -34.64 9.82
CA ILE A 141 9.46 -35.08 11.02
C ILE A 141 9.87 -33.88 11.85
N THR A 142 9.00 -33.47 12.75
CA THR A 142 9.33 -32.37 13.64
C THR A 142 9.97 -32.94 14.92
N ASP A 143 10.75 -34.00 14.73
CA ASP A 143 11.59 -34.61 15.75
C ASP A 143 12.99 -34.05 15.67
N PHE A 144 13.68 -34.01 16.79
CA PHE A 144 15.12 -33.79 16.77
C PHE A 144 15.83 -34.69 17.76
N GLN A 145 17.14 -34.69 17.63
CA GLN A 145 18.04 -35.48 18.44
C GLN A 145 19.40 -34.80 18.37
N ILE A 146 20.12 -34.68 19.45
CA ILE A 146 21.37 -33.97 19.37
C ILE A 146 22.53 -34.95 19.20
N LEU A 147 23.12 -34.93 18.02
CA LEU A 147 24.30 -35.73 17.75
C LEU A 147 25.53 -34.86 17.49
N GLU A 148 26.57 -35.05 18.27
CA GLU A 148 27.79 -34.28 18.10
C GLU A 148 28.70 -34.97 17.07
N ASN A 149 29.55 -34.19 16.44
CA ASN A 149 30.56 -34.73 15.55
C ASN A 149 31.83 -35.02 16.35
N GLN A 150 32.78 -35.70 15.74
CA GLN A 150 34.01 -36.08 16.43
C GLN A 150 34.92 -34.88 16.62
N ALA A 151 35.22 -34.21 15.51
CA ALA A 151 36.07 -33.02 15.52
C ALA A 151 35.93 -32.29 14.19
N MET B 1 19.71 -13.77 -4.53
CA MET B 1 18.89 -13.36 -3.36
C MET B 1 18.85 -11.84 -3.23
N ALA B 2 19.07 -11.14 -4.33
CA ALA B 2 19.07 -9.68 -4.33
C ALA B 2 18.27 -9.11 -5.49
N ALA B 3 17.20 -8.41 -5.16
CA ALA B 3 16.42 -7.66 -6.13
C ALA B 3 17.23 -6.53 -6.75
N GLU B 4 17.77 -6.77 -7.93
CA GLU B 4 18.45 -5.73 -8.68
C GLU B 4 17.41 -4.77 -9.27
N PRO B 5 17.80 -3.56 -9.77
CA PRO B 5 16.85 -2.53 -10.22
C PRO B 5 15.67 -3.11 -11.02
N LEU B 6 14.50 -2.52 -10.85
CA LEU B 6 13.30 -3.10 -11.35
C LEU B 6 12.56 -2.22 -12.35
N THR B 7 11.48 -2.80 -12.89
CA THR B 7 10.53 -2.10 -13.75
C THR B 7 9.82 -0.98 -12.97
N GLU B 8 8.91 -0.22 -13.58
CA GLU B 8 8.48 1.04 -12.99
C GLU B 8 7.55 0.85 -11.77
N LEU B 9 6.49 0.06 -11.91
CA LEU B 9 5.62 -0.14 -10.76
C LEU B 9 6.38 -0.86 -9.66
N GLU B 10 7.37 -1.60 -10.07
CA GLU B 10 8.26 -2.25 -9.12
C GLU B 10 9.14 -1.21 -8.48
N GLU B 11 9.61 -0.26 -9.28
CA GLU B 11 10.46 0.81 -8.79
C GLU B 11 9.73 1.49 -7.66
N SER B 12 8.43 1.62 -7.83
CA SER B 12 7.62 2.27 -6.82
C SER B 12 7.40 1.37 -5.58
N ILE B 13 7.14 0.07 -5.78
CA ILE B 13 6.90 -0.81 -4.63
C ILE B 13 8.19 -1.33 -3.97
N GLU B 14 9.24 -1.60 -4.76
CA GLU B 14 10.55 -1.97 -4.22
C GLU B 14 11.06 -0.88 -3.29
N THR B 15 10.94 0.34 -3.75
CA THR B 15 11.30 1.52 -2.96
C THR B 15 10.65 1.50 -1.57
N VAL B 16 9.43 0.99 -1.50
CA VAL B 16 8.72 0.87 -0.23
C VAL B 16 9.41 -0.15 0.66
N VAL B 17 9.99 -1.17 0.03
CA VAL B 17 10.60 -2.28 0.74
C VAL B 17 11.89 -1.84 1.42
N THR B 18 12.75 -1.21 0.64
CA THR B 18 14.11 -0.92 1.06
C THR B 18 14.13 -0.06 2.31
N THR B 19 13.30 0.97 2.33
CA THR B 19 13.22 1.85 3.50
C THR B 19 12.76 1.05 4.71
N PHE B 20 11.63 0.41 4.51
CA PHE B 20 11.02 -0.54 5.44
C PHE B 20 12.06 -1.52 6.03
N PHE B 21 12.80 -2.20 5.13
CA PHE B 21 13.79 -3.22 5.51
C PHE B 21 14.94 -2.64 6.32
N THR B 22 15.29 -1.40 6.07
CA THR B 22 16.35 -0.73 6.81
C THR B 22 16.02 -0.71 8.31
N PHE B 23 14.75 -0.55 8.64
CA PHE B 23 14.31 -0.53 10.02
C PHE B 23 14.01 -1.95 10.49
N ALA B 24 13.38 -2.75 9.64
CA ALA B 24 13.08 -4.14 9.96
C ALA B 24 14.35 -4.90 10.32
N ARG B 25 15.48 -4.59 9.67
CA ARG B 25 16.74 -5.26 9.93
C ARG B 25 17.44 -4.75 11.21
N GLN B 26 17.09 -3.55 11.64
CA GLN B 26 17.70 -2.94 12.83
C GLN B 26 17.62 -3.84 14.08
N GLU B 27 16.41 -4.04 14.60
CA GLU B 27 16.23 -4.86 15.79
C GLU B 27 15.95 -6.32 15.44
N GLY B 28 15.48 -7.08 16.43
CA GLY B 28 15.17 -8.49 16.23
C GLY B 28 14.20 -8.71 15.09
N ARG B 29 14.42 -9.80 14.34
CA ARG B 29 13.60 -10.14 13.17
C ARG B 29 13.76 -9.10 12.07
N LYS B 30 14.67 -9.38 11.14
CA LYS B 30 14.96 -8.46 10.04
C LYS B 30 13.83 -8.39 9.01
N ASP B 31 12.75 -9.14 9.25
CA ASP B 31 11.62 -9.16 8.34
C ASP B 31 10.38 -8.52 8.97
N SER B 32 10.51 -8.07 10.22
CA SER B 32 9.38 -7.45 10.92
C SER B 32 9.83 -6.33 11.86
N LEU B 33 9.04 -5.27 11.91
CA LEU B 33 9.32 -4.11 12.78
C LEU B 33 8.60 -4.29 14.10
N SER B 34 9.21 -3.85 15.18
CA SER B 34 8.63 -3.98 16.52
C SER B 34 7.80 -2.74 16.87
N VAL B 35 7.28 -2.71 18.10
CA VAL B 35 6.49 -1.58 18.56
C VAL B 35 7.36 -0.34 18.78
N ASN B 36 8.67 -0.57 18.91
CA ASN B 36 9.60 0.53 19.12
C ASN B 36 9.93 1.22 17.81
N GLU B 37 9.99 0.44 16.72
CA GLU B 37 10.29 0.99 15.39
C GLU B 37 9.05 1.69 14.82
N PHE B 38 7.87 1.25 15.26
CA PHE B 38 6.64 1.83 14.82
C PHE B 38 6.52 3.16 15.51
N LYS B 39 6.76 3.12 16.81
CA LYS B 39 6.72 4.31 17.62
C LYS B 39 7.77 5.31 17.16
N GLU B 40 8.96 4.83 16.79
CA GLU B 40 10.01 5.74 16.32
C GLU B 40 9.58 6.46 15.06
N LEU B 41 9.00 5.74 14.10
CA LEU B 41 8.63 6.34 12.84
C LEU B 41 7.41 7.20 13.02
N VAL B 42 6.47 6.74 13.80
CA VAL B 42 5.23 7.44 14.01
C VAL B 42 5.53 8.77 14.70
N THR B 43 6.31 8.69 15.77
CA THR B 43 6.79 9.86 16.48
C THR B 43 7.71 10.75 15.63
N GLN B 44 8.75 10.15 15.05
CA GLN B 44 9.80 10.88 14.36
C GLN B 44 9.47 11.12 12.87
N GLN B 45 9.14 10.04 12.16
CA GLN B 45 8.97 10.11 10.71
C GLN B 45 7.55 10.54 10.31
N LEU B 46 6.58 10.30 11.17
CA LEU B 46 5.17 10.46 10.79
C LEU B 46 4.49 11.77 11.25
N PRO B 47 5.06 12.63 12.14
CA PRO B 47 4.40 13.87 12.56
C PRO B 47 3.81 14.65 11.38
N HIS B 48 4.53 14.64 10.27
CA HIS B 48 4.07 15.31 9.07
C HIS B 48 2.97 14.49 8.38
N LEU B 49 3.17 13.17 8.31
CA LEU B 49 2.22 12.28 7.67
C LEU B 49 1.01 11.99 8.57
N LEU B 50 1.24 11.13 9.56
CA LEU B 50 0.23 10.72 10.50
C LEU B 50 0.24 11.61 11.71
N LYS B 51 -0.52 12.69 11.61
CA LYS B 51 -0.75 13.64 12.68
C LYS B 51 -1.43 13.01 13.89
N ASP B 52 -0.79 12.02 14.41
CA ASP B 52 -1.24 11.30 15.60
C ASP B 52 -0.06 10.51 16.13
N VAL B 53 0.96 11.27 16.47
CA VAL B 53 2.22 10.71 16.92
C VAL B 53 2.15 10.27 18.37
N GLY B 54 1.06 10.64 19.03
CA GLY B 54 0.87 10.27 20.41
C GLY B 54 0.37 8.85 20.55
N SER B 55 -0.93 8.67 20.39
CA SER B 55 -1.58 7.38 20.59
C SER B 55 -1.38 6.44 19.42
N LEU B 56 -0.14 6.17 19.10
CA LEU B 56 0.23 5.16 18.11
C LEU B 56 -0.54 3.87 18.36
N ASP B 57 -0.85 3.66 19.64
CA ASP B 57 -1.51 2.46 20.13
C ASP B 57 -2.65 2.01 19.23
N GLU B 58 -3.60 2.89 18.96
CA GLU B 58 -4.84 2.50 18.25
C GLU B 58 -4.52 1.80 16.91
N LYS B 59 -3.64 2.42 16.17
CA LYS B 59 -3.24 1.94 14.87
C LYS B 59 -2.42 0.67 15.04
N MET B 60 -1.51 0.71 16.00
CA MET B 60 -0.72 -0.43 16.36
C MET B 60 -1.60 -1.64 16.61
N LYS B 61 -2.63 -1.46 17.45
CA LYS B 61 -3.54 -2.56 17.79
C LYS B 61 -4.22 -3.13 16.56
N SER B 62 -4.57 -2.25 15.63
CA SER B 62 -5.27 -2.67 14.40
C SER B 62 -4.37 -3.53 13.52
N LEU B 63 -3.08 -3.23 13.57
CA LEU B 63 -2.08 -3.94 12.77
C LEU B 63 -1.58 -5.18 13.53
N ASP B 64 -1.25 -4.95 14.78
CA ASP B 64 -0.78 -5.95 15.73
C ASP B 64 -1.79 -7.07 15.93
N VAL B 65 -3.04 -6.84 15.47
CA VAL B 65 -4.28 -7.49 15.95
C VAL B 65 -4.14 -8.94 16.47
N ASN B 66 -3.25 -9.74 15.89
CA ASN B 66 -3.05 -11.10 16.35
C ASN B 66 -2.20 -11.15 17.64
N GLN B 67 -1.90 -9.97 18.22
CA GLN B 67 -1.07 -9.88 19.44
C GLN B 67 0.26 -10.45 19.06
N ASP B 68 0.63 -9.99 17.87
CA ASP B 68 1.87 -10.26 17.20
C ASP B 68 2.36 -8.89 16.73
N SER B 69 3.03 -8.19 17.65
CA SER B 69 3.53 -6.82 17.42
C SER B 69 4.56 -6.74 16.31
N GLU B 70 4.72 -7.81 15.57
CA GLU B 70 5.65 -7.84 14.46
C GLU B 70 4.97 -7.29 13.21
N LEU B 71 5.25 -6.02 12.92
CA LEU B 71 4.74 -5.37 11.77
C LEU B 71 5.38 -5.95 10.50
N LYS B 72 4.88 -7.12 10.10
CA LYS B 72 5.49 -7.89 9.03
C LYS B 72 4.76 -7.87 7.69
N PHE B 73 5.00 -8.96 6.93
CA PHE B 73 4.46 -9.16 5.59
C PHE B 73 2.97 -8.93 5.48
N ASN B 74 2.65 -7.69 5.16
CA ASN B 74 1.29 -7.21 4.92
C ASN B 74 0.28 -7.43 6.07
N GLU B 75 0.80 -7.57 7.28
CA GLU B 75 0.02 -7.20 8.48
C GLU B 75 0.13 -5.68 8.67
N TYR B 76 1.36 -5.19 8.57
CA TYR B 76 1.66 -3.76 8.60
C TYR B 76 0.84 -3.03 7.54
N TRP B 77 0.77 -3.67 6.40
CA TRP B 77 0.16 -3.13 5.16
C TRP B 77 -1.07 -2.29 5.38
N ARG B 78 -1.96 -2.68 6.27
CA ARG B 78 -3.16 -1.91 6.50
C ARG B 78 -2.78 -0.45 6.72
N LEU B 79 -1.82 -0.24 7.62
CA LEU B 79 -1.34 1.11 7.90
C LEU B 79 -0.70 1.70 6.65
N ILE B 80 0.08 0.88 5.94
CA ILE B 80 0.77 1.34 4.73
C ILE B 80 -0.22 1.86 3.71
N GLY B 81 -1.40 1.26 3.70
CA GLY B 81 -2.43 1.70 2.81
C GLY B 81 -3.10 2.94 3.32
N GLU B 82 -3.31 2.95 4.62
CA GLU B 82 -3.82 4.12 5.26
C GLU B 82 -2.84 5.27 5.02
N LEU B 83 -1.54 4.94 4.94
CA LEU B 83 -0.49 5.93 4.73
C LEU B 83 -0.63 6.61 3.38
N ALA B 84 -0.60 5.82 2.32
CA ALA B 84 -0.67 6.34 0.95
C ALA B 84 -1.99 7.06 0.70
N LYS B 85 -3.01 6.66 1.41
CA LYS B 85 -4.30 7.30 1.31
C LYS B 85 -4.30 8.63 2.05
N GLU B 86 -3.83 8.58 3.30
CA GLU B 86 -3.80 9.75 4.18
C GLU B 86 -3.06 10.92 3.55
N ILE B 87 -1.89 10.65 2.97
CA ILE B 87 -1.14 11.69 2.29
C ILE B 87 -2.00 12.38 1.23
N ARG B 88 -2.93 11.64 0.63
CA ARG B 88 -3.76 12.18 -0.40
C ARG B 88 -5.05 12.79 0.16
N LYS B 89 -5.84 12.03 0.90
CA LYS B 89 -7.15 12.52 1.31
C LYS B 89 -7.15 13.05 2.74
N LYS B 90 -5.96 13.32 3.31
CA LYS B 90 -5.82 13.65 4.75
C LYS B 90 -7.01 14.47 5.24
N LYS B 91 -7.04 15.71 4.77
CA LYS B 91 -8.25 16.53 4.79
C LYS B 91 -8.27 17.23 3.45
N ASP B 92 -7.63 16.61 2.46
CA ASP B 92 -7.53 17.16 1.11
C ASP B 92 -8.86 17.13 0.34
N LEU B 93 -9.98 16.88 1.03
CA LEU B 93 -11.28 16.90 0.35
C LEU B 93 -11.61 18.35 -0.01
N LYS B 94 -10.69 19.23 0.39
CA LYS B 94 -10.75 20.65 0.13
C LYS B 94 -9.34 21.16 -0.19
N ILE B 95 -8.35 20.74 0.63
CA ILE B 95 -6.94 21.12 0.45
C ILE B 95 -6.07 20.67 1.65
N ARG B 96 -4.89 20.07 1.35
CA ARG B 96 -3.96 19.60 2.40
C ARG B 96 -2.52 19.48 1.87
N LYS B 97 -2.34 19.56 0.55
CA LYS B 97 -1.00 19.52 -0.03
C LYS B 97 -0.63 20.96 -0.40
N LYS B 98 0.59 21.39 -0.08
CA LYS B 98 0.92 22.80 -0.32
C LYS B 98 2.42 23.03 -0.14
N MET C 1 0.11 23.84 -3.76
CA MET C 1 -0.62 22.70 -4.35
C MET C 1 0.36 21.67 -4.91
N ALA C 2 1.58 21.70 -4.39
CA ALA C 2 2.63 20.79 -4.83
C ALA C 2 3.43 20.22 -3.67
N ALA C 3 3.34 18.91 -3.51
CA ALA C 3 4.16 18.17 -2.55
C ALA C 3 5.64 18.25 -2.93
N GLU C 4 6.37 19.13 -2.28
CA GLU C 4 7.82 19.19 -2.44
C GLU C 4 8.45 18.02 -1.69
N PRO C 5 9.74 17.70 -1.92
CA PRO C 5 10.39 16.50 -1.34
C PRO C 5 10.02 16.25 0.11
N LEU C 6 9.91 14.99 0.49
CA LEU C 6 9.34 14.64 1.76
C LEU C 6 10.29 13.87 2.66
N THR C 7 9.79 13.62 3.87
CA THR C 7 10.43 12.76 4.85
C THR C 7 10.51 11.32 4.34
N GLU C 8 11.08 10.38 5.08
CA GLU C 8 11.48 9.09 4.49
C GLU C 8 10.29 8.18 4.19
N LEU C 9 9.42 7.93 5.16
CA LEU C 9 8.27 7.08 4.87
C LEU C 9 7.38 7.75 3.84
N GLU C 10 7.46 9.06 3.79
CA GLU C 10 6.77 9.82 2.77
C GLU C 10 7.47 9.61 1.45
N GLU C 11 8.79 9.59 1.47
CA GLU C 11 9.58 9.38 0.28
C GLU C 11 9.13 8.09 -0.34
N SER C 12 8.85 7.12 0.50
CA SER C 12 8.41 5.83 0.01
C SER C 12 6.96 5.85 -0.50
N ILE C 13 6.04 6.53 0.20
CA ILE C 13 4.65 6.57 -0.24
C ILE C 13 4.37 7.62 -1.33
N GLU C 14 5.02 8.79 -1.27
CA GLU C 14 4.93 9.80 -2.34
C GLU C 14 5.36 9.19 -3.67
N THR C 15 6.47 8.49 -3.64
CA THR C 15 6.97 7.78 -4.80
C THR C 15 5.90 6.90 -5.45
N VAL C 16 5.03 6.32 -4.63
CA VAL C 16 3.94 5.49 -5.13
C VAL C 16 2.94 6.35 -5.89
N VAL C 17 2.79 7.59 -5.44
CA VAL C 17 1.81 8.51 -5.99
C VAL C 17 2.20 8.96 -7.38
N THR C 18 3.43 9.42 -7.50
CA THR C 18 3.90 10.08 -8.70
C THR C 18 3.79 9.19 -9.92
N THR C 19 4.20 7.95 -9.76
CA THR C 19 4.12 6.99 -10.86
C THR C 19 2.66 6.79 -11.26
N PHE C 20 1.91 6.42 -10.24
CA PHE C 20 0.45 6.30 -10.28
C PHE C 20 -0.21 7.48 -11.03
N PHE C 21 0.10 8.71 -10.58
CA PHE C 21 -0.48 9.94 -11.12
C PHE C 21 -0.13 10.16 -12.58
N THR C 22 1.07 9.75 -12.99
CA THR C 22 1.49 9.88 -14.37
C THR C 22 0.53 9.14 -15.30
N PHE C 23 0.02 8.01 -14.84
CA PHE C 23 -0.92 7.22 -15.61
C PHE C 23 -2.35 7.70 -15.37
N ALA C 24 -2.67 8.00 -14.12
CA ALA C 24 -3.99 8.52 -13.75
C ALA C 24 -4.32 9.79 -14.54
N ARG C 25 -3.32 10.62 -14.80
CA ARG C 25 -3.52 11.87 -15.54
C ARG C 25 -3.62 11.65 -17.06
N GLN C 26 -3.15 10.50 -17.53
CA GLN C 26 -3.18 10.19 -18.98
C GLN C 26 -4.58 10.33 -19.59
N GLU C 27 -5.50 9.46 -19.20
CA GLU C 27 -6.86 9.49 -19.73
C GLU C 27 -7.80 10.28 -18.81
N GLY C 28 -9.11 10.03 -18.95
CA GLY C 28 -10.10 10.71 -18.14
C GLY C 28 -9.90 10.49 -16.65
N ARG C 29 -10.18 11.52 -15.86
CA ARG C 29 -10.02 11.47 -14.40
C ARG C 29 -8.55 11.31 -14.03
N LYS C 30 -7.86 12.44 -13.84
CA LYS C 30 -6.44 12.42 -13.50
C LYS C 30 -6.20 12.00 -12.05
N ASP C 31 -7.27 11.61 -11.38
CA ASP C 31 -7.20 11.18 -10.00
C ASP C 31 -7.30 9.66 -9.88
N SER C 32 -7.61 8.99 -10.99
CA SER C 32 -7.74 7.53 -10.99
C SER C 32 -7.41 6.92 -12.35
N LEU C 33 -6.99 5.66 -12.33
CA LEU C 33 -6.65 4.94 -13.56
C LEU C 33 -7.86 4.16 -14.04
N SER C 34 -8.03 4.05 -15.35
CA SER C 34 -9.18 3.34 -15.90
C SER C 34 -8.86 1.86 -16.11
N VAL C 35 -9.79 1.13 -16.73
CA VAL C 35 -9.60 -0.29 -17.00
C VAL C 35 -8.54 -0.52 -18.07
N ASN C 36 -8.28 0.50 -18.88
CA ASN C 36 -7.28 0.41 -19.94
C ASN C 36 -5.88 0.66 -19.38
N GLU C 37 -5.79 1.49 -18.35
CA GLU C 37 -4.50 1.82 -17.72
C GLU C 37 -4.06 0.69 -16.82
N PHE C 38 -5.04 0.03 -16.23
CA PHE C 38 -4.82 -1.08 -15.35
C PHE C 38 -4.34 -2.21 -16.21
N LYS C 39 -5.09 -2.42 -17.29
CA LYS C 39 -4.76 -3.46 -18.25
C LYS C 39 -3.38 -3.20 -18.86
N GLU C 40 -3.07 -1.93 -19.16
CA GLU C 40 -1.75 -1.62 -19.73
C GLU C 40 -0.63 -2.01 -18.78
N LEU C 41 -0.77 -1.67 -17.51
CA LEU C 41 0.28 -1.94 -16.54
C LEU C 41 0.34 -3.40 -16.22
N VAL C 42 -0.81 -4.02 -16.09
CA VAL C 42 -0.91 -5.40 -15.72
C VAL C 42 -0.29 -6.25 -16.84
N THR C 43 -0.71 -5.97 -18.05
CA THR C 43 -0.15 -6.58 -19.25
C THR C 43 1.35 -6.23 -19.46
N GLN C 44 1.66 -4.94 -19.47
CA GLN C 44 2.98 -4.45 -19.83
C GLN C 44 3.93 -4.39 -18.62
N GLN C 45 3.49 -3.73 -17.55
CA GLN C 45 4.36 -3.45 -16.40
C GLN C 45 4.38 -4.62 -15.41
N LEU C 46 3.33 -5.41 -15.37
CA LEU C 46 3.15 -6.39 -14.30
C LEU C 46 3.54 -7.85 -14.66
N PRO C 47 3.81 -8.25 -15.93
CA PRO C 47 4.18 -9.65 -16.24
C PRO C 47 5.23 -10.21 -15.28
N HIS C 48 6.17 -9.36 -14.89
CA HIS C 48 7.20 -9.74 -13.95
C HIS C 48 6.62 -9.80 -12.53
N LEU C 49 5.84 -8.81 -12.17
CA LEU C 49 5.24 -8.72 -10.83
C LEU C 49 4.05 -9.66 -10.68
N LEU C 50 2.94 -9.25 -11.27
CA LEU C 50 1.70 -10.00 -11.21
C LEU C 50 1.58 -10.91 -12.40
N LYS C 51 2.12 -12.09 -12.21
CA LYS C 51 2.06 -13.20 -13.17
C LYS C 51 0.62 -13.64 -13.44
N ASP C 52 -0.16 -12.71 -13.90
CA ASP C 52 -1.55 -12.93 -14.27
C ASP C 52 -1.98 -11.75 -15.09
N VAL C 53 -1.30 -11.61 -16.21
CA VAL C 53 -1.50 -10.49 -17.12
C VAL C 53 -2.73 -10.71 -17.99
N GLY C 54 -3.27 -11.91 -17.94
CA GLY C 54 -4.44 -12.23 -18.72
C GLY C 54 -5.71 -11.72 -18.08
N SER C 55 -6.21 -12.49 -17.11
CA SER C 55 -7.47 -12.18 -16.46
C SER C 55 -7.34 -11.11 -15.40
N LEU C 56 -6.87 -9.94 -15.83
CA LEU C 56 -6.85 -8.75 -15.00
C LEU C 56 -8.19 -8.55 -14.31
N ASP C 57 -9.23 -9.03 -14.98
CA ASP C 57 -10.62 -8.87 -14.56
C ASP C 57 -10.81 -9.13 -13.08
N GLU C 58 -10.38 -10.28 -12.58
CA GLU C 58 -10.68 -10.68 -11.20
C GLU C 58 -10.24 -9.63 -10.19
N LYS C 59 -9.01 -9.16 -10.37
CA LYS C 59 -8.41 -8.18 -9.51
C LYS C 59 -9.09 -6.85 -9.70
N MET C 60 -9.32 -6.52 -10.97
CA MET C 60 -10.05 -5.34 -11.35
C MET C 60 -11.38 -5.27 -10.61
N LYS C 61 -12.15 -6.36 -10.66
CA LYS C 61 -13.46 -6.42 -10.01
C LYS C 61 -13.36 -6.17 -8.51
N SER C 62 -12.31 -6.70 -7.90
CA SER C 62 -12.11 -6.57 -6.46
C SER C 62 -11.85 -5.11 -6.07
N LEU C 63 -11.19 -4.39 -6.97
CA LEU C 63 -10.83 -3.00 -6.76
C LEU C 63 -11.97 -2.08 -7.20
N ASP C 64 -12.45 -2.37 -8.40
CA ASP C 64 -13.57 -1.69 -9.05
C ASP C 64 -14.86 -1.74 -8.24
N VAL C 65 -14.86 -2.63 -7.23
CA VAL C 65 -16.07 -3.25 -6.63
C VAL C 65 -17.35 -2.39 -6.62
N ASN C 66 -17.24 -1.09 -6.49
CA ASN C 66 -18.41 -0.24 -6.48
C ASN C 66 -18.89 0.05 -7.92
N GLN C 67 -18.35 -0.69 -8.92
CA GLN C 67 -18.70 -0.50 -10.33
C GLN C 67 -18.20 0.88 -10.67
N ASP C 68 -16.97 1.10 -10.20
CA ASP C 68 -16.22 2.32 -10.46
C ASP C 68 -14.92 1.92 -11.16
N SER C 69 -14.89 2.04 -12.49
CA SER C 69 -13.70 1.68 -13.27
C SER C 69 -12.46 2.42 -12.77
N GLU C 70 -12.71 3.54 -12.12
CA GLU C 70 -11.67 4.38 -11.56
C GLU C 70 -11.07 3.75 -10.31
N LEU C 71 -9.77 3.44 -10.37
CA LEU C 71 -9.08 2.90 -9.25
C LEU C 71 -8.66 4.03 -8.29
N LYS C 72 -9.68 4.48 -7.56
CA LYS C 72 -9.57 5.66 -6.70
C LYS C 72 -9.00 5.43 -5.31
N PHE C 73 -9.19 6.46 -4.49
CA PHE C 73 -8.72 6.55 -3.11
C PHE C 73 -8.86 5.24 -2.33
N ASN C 74 -7.78 4.46 -2.31
CA ASN C 74 -7.70 3.22 -1.57
C ASN C 74 -8.84 2.21 -1.84
N GLU C 75 -9.46 2.32 -2.99
CA GLU C 75 -10.11 1.14 -3.61
C GLU C 75 -9.03 0.35 -4.35
N TYR C 76 -8.20 1.07 -5.10
CA TYR C 76 -7.02 0.51 -5.77
C TYR C 76 -6.14 -0.22 -4.77
N TRP C 77 -6.00 0.44 -3.63
CA TRP C 77 -5.09 0.04 -2.54
C TRP C 77 -4.96 -1.46 -2.34
N ARG C 78 -6.05 -2.21 -2.41
CA ARG C 78 -5.97 -3.63 -2.20
C ARG C 78 -4.87 -4.20 -3.07
N LEU C 79 -4.91 -3.85 -4.36
CA LEU C 79 -3.87 -4.29 -5.31
C LEU C 79 -2.52 -3.74 -4.88
N ILE C 80 -2.49 -2.47 -4.48
CA ILE C 80 -1.25 -1.80 -4.08
C ILE C 80 -0.59 -2.57 -2.93
N GLY C 81 -1.42 -3.15 -2.08
CA GLY C 81 -0.91 -3.94 -0.99
C GLY C 81 -0.47 -5.29 -1.45
N GLU C 82 -1.26 -5.84 -2.35
CA GLU C 82 -0.89 -7.08 -2.98
C GLU C 82 0.44 -6.87 -3.70
N LEU C 83 0.64 -5.66 -4.22
CA LEU C 83 1.86 -5.31 -4.98
C LEU C 83 3.09 -5.40 -4.09
N ALA C 84 3.09 -4.61 -3.02
CA ALA C 84 4.24 -4.54 -2.11
C ALA C 84 4.52 -5.89 -1.45
N LYS C 85 3.47 -6.69 -1.32
CA LYS C 85 3.62 -8.01 -0.75
C LYS C 85 4.20 -8.96 -1.78
N GLU C 86 3.62 -8.94 -2.98
CA GLU C 86 4.02 -9.82 -4.08
C GLU C 86 5.50 -9.70 -4.39
N ILE C 87 6.00 -8.48 -4.48
CA ILE C 87 7.42 -8.25 -4.72
C ILE C 87 8.28 -8.98 -3.68
N ARG C 88 7.74 -9.12 -2.47
CA ARG C 88 8.48 -9.76 -1.40
C ARG C 88 8.22 -11.26 -1.37
N LYS C 89 6.99 -11.69 -1.15
CA LYS C 89 6.74 -13.13 -1.04
C LYS C 89 6.12 -13.72 -2.30
N LYS C 90 6.55 -13.22 -3.47
CA LYS C 90 6.02 -13.72 -4.76
C LYS C 90 6.01 -15.24 -4.78
N LYS C 91 7.20 -15.81 -4.83
CA LYS C 91 7.44 -17.20 -4.48
C LYS C 91 8.72 -17.20 -3.67
N ASP C 92 9.04 -16.01 -3.13
CA ASP C 92 10.28 -15.82 -2.38
C ASP C 92 10.24 -16.45 -0.98
N LEU C 93 10.24 -17.77 -1.00
CA LEU C 93 10.32 -18.59 0.19
C LEU C 93 11.31 -19.69 -0.14
N LYS C 94 12.00 -19.43 -1.24
CA LYS C 94 13.02 -20.28 -1.79
C LYS C 94 13.98 -19.42 -2.60
N ILE C 95 13.42 -18.58 -3.49
CA ILE C 95 14.19 -17.67 -4.32
C ILE C 95 13.34 -17.05 -5.45
N ARG C 96 13.29 -15.71 -5.47
CA ARG C 96 12.58 -14.96 -6.50
C ARG C 96 13.16 -13.56 -6.70
N LYS C 97 14.47 -13.50 -6.75
CA LYS C 97 15.22 -12.27 -6.98
C LYS C 97 16.70 -12.59 -6.85
N LYS C 98 17.49 -12.08 -7.77
CA LYS C 98 18.81 -12.63 -8.02
C LYS C 98 19.53 -11.79 -9.07
N ASN D 1 -18.53 -1.68 -29.66
CA ASN D 1 -19.03 -1.35 -28.29
C ASN D 1 -20.11 -0.29 -28.42
N VAL D 2 -20.63 0.20 -27.31
CA VAL D 2 -21.59 1.29 -27.35
C VAL D 2 -20.86 2.60 -27.21
N LYS D 3 -21.00 3.45 -28.20
CA LYS D 3 -20.38 4.75 -28.17
C LYS D 3 -21.40 5.81 -27.84
N TYR D 4 -20.97 6.84 -27.14
CA TYR D 4 -21.81 7.99 -26.92
C TYR D 4 -21.35 9.04 -27.90
N ASN D 5 -22.21 9.32 -28.86
CA ASN D 5 -21.77 10.06 -30.04
C ASN D 5 -22.15 11.51 -29.90
N PHE D 6 -21.23 12.37 -30.32
CA PHE D 6 -21.41 13.80 -30.13
C PHE D 6 -22.64 14.27 -30.90
N MET D 7 -23.47 15.01 -30.17
CA MET D 7 -24.77 15.42 -30.65
C MET D 7 -24.70 16.77 -31.32
N ARG D 8 -24.36 17.83 -30.60
CA ARG D 8 -24.28 19.14 -31.23
C ARG D 8 -23.45 20.12 -30.41
N ILE D 9 -22.79 21.01 -31.15
CA ILE D 9 -22.00 22.09 -30.59
C ILE D 9 -22.89 23.27 -30.22
N ILE D 10 -22.91 23.61 -28.94
CA ILE D 10 -23.67 24.73 -28.46
C ILE D 10 -22.81 25.97 -28.55
N LYS D 11 -22.69 26.68 -27.46
CA LYS D 11 -22.05 27.99 -27.45
C LYS D 11 -20.67 27.83 -26.85
N TYR D 12 -19.79 28.80 -27.10
CA TYR D 12 -18.40 28.62 -26.76
C TYR D 12 -17.77 29.92 -26.31
N GLU D 13 -16.74 29.76 -25.48
CA GLU D 13 -15.99 30.86 -24.87
C GLU D 13 -16.92 31.85 -24.15
N PHE D 14 -18.04 31.35 -23.67
CA PHE D 14 -18.95 32.13 -22.85
C PHE D 14 -18.80 31.72 -21.39
N ILE D 15 -18.91 32.68 -20.48
CA ILE D 15 -18.68 32.41 -19.07
C ILE D 15 -19.97 32.42 -18.26
N LEU D 16 -20.08 31.48 -17.35
CA LEU D 16 -21.20 31.35 -16.47
C LEU D 16 -20.87 31.90 -15.08
N ASN D 17 -21.81 32.67 -14.55
CA ASN D 17 -21.72 33.24 -13.22
C ASN D 17 -22.97 32.84 -12.47
N ASP D 18 -22.85 32.63 -11.18
CA ASP D 18 -23.91 32.04 -10.38
C ASP D 18 -24.76 33.13 -9.75
N ALA D 19 -25.72 32.75 -8.91
CA ALA D 19 -26.57 33.72 -8.24
C ALA D 19 -25.77 34.63 -7.29
N LEU D 20 -24.55 34.22 -6.93
CA LEU D 20 -23.65 35.06 -6.15
C LEU D 20 -23.07 36.10 -7.07
N ASN D 21 -23.19 35.78 -8.35
CA ASN D 21 -22.67 36.58 -9.44
C ASN D 21 -21.16 36.67 -9.32
N GLN D 22 -20.51 35.58 -9.67
CA GLN D 22 -19.07 35.50 -9.65
C GLN D 22 -18.59 34.78 -10.89
N SER D 23 -17.71 35.43 -11.61
CA SER D 23 -17.15 34.85 -12.81
C SER D 23 -16.23 33.70 -12.44
N ILE D 24 -16.39 32.60 -13.12
CA ILE D 24 -15.55 31.44 -12.84
C ILE D 24 -14.13 31.73 -13.33
N ILE D 25 -13.28 32.18 -12.42
CA ILE D 25 -11.98 32.72 -12.80
C ILE D 25 -10.90 31.66 -12.66
N ARG D 26 -9.91 31.74 -13.54
CA ARG D 26 -8.84 30.75 -13.58
C ARG D 26 -7.76 31.10 -12.56
N ALA D 27 -7.66 30.29 -11.51
CA ALA D 27 -6.60 30.48 -10.53
C ALA D 27 -5.44 29.57 -10.85
N ASN D 28 -5.77 28.37 -11.30
CA ASN D 28 -4.78 27.37 -11.68
C ASN D 28 -5.40 26.38 -12.68
N ASP D 29 -4.60 25.45 -13.19
CA ASP D 29 -5.09 24.46 -14.14
C ASP D 29 -5.64 23.23 -13.40
N GLN D 30 -5.95 23.42 -12.12
CA GLN D 30 -6.49 22.35 -11.28
C GLN D 30 -7.51 22.94 -10.31
N TYR D 31 -7.29 24.18 -9.89
CA TYR D 31 -8.17 24.86 -8.95
C TYR D 31 -8.72 26.17 -9.55
N LEU D 32 -10.02 26.37 -9.37
CA LEU D 32 -10.70 27.56 -9.87
C LEU D 32 -11.58 28.17 -8.77
N THR D 33 -11.50 29.48 -8.63
CA THR D 33 -12.27 30.21 -7.64
C THR D 33 -13.20 31.20 -8.34
N ALA D 34 -14.39 31.38 -7.81
CA ALA D 34 -15.35 32.29 -8.41
C ALA D 34 -15.17 33.68 -7.85
N ALA D 35 -14.98 34.63 -8.75
CA ALA D 35 -14.83 36.02 -8.40
C ALA D 35 -15.27 36.87 -9.58
N ALA D 36 -15.94 37.98 -9.32
CA ALA D 36 -16.42 38.84 -10.39
C ALA D 36 -15.23 39.30 -11.23
N LEU D 37 -15.33 39.14 -12.55
CA LEU D 37 -14.21 39.44 -13.42
C LEU D 37 -13.89 40.92 -13.41
N HIS D 38 -12.64 41.21 -13.62
CA HIS D 38 -12.16 42.59 -13.63
C HIS D 38 -11.11 42.75 -14.71
N ASN D 39 -10.56 41.63 -15.18
CA ASN D 39 -9.72 41.65 -16.37
C ASN D 39 -10.50 41.08 -17.56
N LEU D 40 -11.73 40.62 -17.29
CA LEU D 40 -12.65 40.08 -18.31
C LEU D 40 -12.12 38.83 -18.97
N ASP D 41 -11.06 38.95 -19.75
CA ASP D 41 -10.36 37.78 -20.24
C ASP D 41 -9.48 37.31 -19.11
N GLU D 42 -10.15 36.74 -18.14
CA GLU D 42 -9.57 36.38 -16.86
C GLU D 42 -10.21 35.11 -16.32
N ALA D 43 -11.49 34.97 -16.62
CA ALA D 43 -12.24 33.78 -16.32
C ALA D 43 -12.01 32.75 -17.42
N VAL D 44 -12.23 31.48 -17.10
CA VAL D 44 -12.03 30.42 -18.06
C VAL D 44 -13.20 30.37 -18.99
N LYS D 45 -12.93 30.36 -20.28
CA LYS D 45 -14.00 30.39 -21.23
C LYS D 45 -14.36 29.00 -21.62
N PHE D 46 -15.57 28.65 -21.30
CA PHE D 46 -16.04 27.31 -21.54
C PHE D 46 -16.88 27.23 -22.80
N ASP D 47 -16.98 26.02 -23.27
CA ASP D 47 -17.74 25.67 -24.46
C ASP D 47 -18.41 24.34 -24.22
N MET D 48 -19.61 24.24 -24.70
CA MET D 48 -20.42 23.07 -24.44
C MET D 48 -20.47 22.18 -25.65
N GLY D 49 -20.23 20.91 -25.42
CA GLY D 49 -20.31 19.92 -26.47
C GLY D 49 -21.10 18.73 -25.99
N ALA D 50 -22.23 18.48 -26.61
CA ALA D 50 -23.15 17.49 -26.10
C ALA D 50 -22.79 16.12 -26.61
N TYR D 51 -23.07 15.12 -25.81
CA TYR D 51 -22.84 13.74 -26.19
C TYR D 51 -24.16 13.02 -26.00
N LYS D 52 -24.35 11.88 -26.61
CA LYS D 52 -25.64 11.24 -26.48
C LYS D 52 -25.53 9.77 -26.18
N SER D 53 -26.12 9.42 -25.05
CA SER D 53 -26.46 8.06 -24.70
C SER D 53 -27.81 8.16 -24.00
N SER D 54 -28.57 7.08 -23.91
CA SER D 54 -29.84 7.17 -23.21
C SER D 54 -29.64 6.85 -21.74
N LYS D 55 -28.61 7.45 -21.17
CA LYS D 55 -28.34 7.33 -19.75
C LYS D 55 -28.26 8.69 -19.07
N ASP D 56 -29.02 9.67 -19.55
CA ASP D 56 -29.02 10.97 -18.88
C ASP D 56 -29.97 10.92 -17.69
N ASP D 57 -30.90 11.87 -17.62
CA ASP D 57 -32.13 11.67 -16.87
C ASP D 57 -33.31 12.03 -17.78
N ALA D 58 -33.59 13.32 -17.86
CA ALA D 58 -34.59 13.88 -18.76
C ALA D 58 -34.02 15.05 -19.57
N LYS D 59 -32.70 15.13 -19.64
CA LYS D 59 -31.99 16.31 -20.16
C LYS D 59 -30.72 15.88 -20.84
N ILE D 60 -30.32 16.63 -21.84
CA ILE D 60 -29.22 16.23 -22.71
C ILE D 60 -27.94 16.83 -22.19
N THR D 61 -26.85 16.12 -22.37
CA THR D 61 -25.66 16.35 -21.60
C THR D 61 -24.51 16.82 -22.47
N VAL D 62 -23.76 17.79 -21.97
CA VAL D 62 -22.66 18.38 -22.71
C VAL D 62 -21.40 18.40 -21.85
N ILE D 63 -20.24 18.61 -22.47
CA ILE D 63 -18.98 18.64 -21.77
C ILE D 63 -18.48 20.07 -21.71
N LEU D 64 -18.02 20.49 -20.55
CA LEU D 64 -17.56 21.86 -20.40
C LEU D 64 -16.03 21.92 -20.42
N ARG D 65 -15.55 22.62 -21.44
CA ARG D 65 -14.13 22.68 -21.75
C ARG D 65 -13.74 24.11 -22.05
N ILE D 66 -12.47 24.46 -21.82
CA ILE D 66 -12.02 25.79 -22.15
C ILE D 66 -11.70 25.83 -23.64
N SER D 67 -12.26 26.80 -24.33
CA SER D 67 -12.24 26.85 -25.79
C SER D 67 -10.85 26.60 -26.40
N LYS D 68 -9.79 26.90 -25.66
CA LYS D 68 -8.45 26.76 -26.19
C LYS D 68 -7.88 25.36 -25.92
N THR D 69 -7.87 24.95 -24.65
CA THR D 69 -7.36 23.63 -24.29
C THR D 69 -8.48 22.77 -23.77
N GLN D 70 -8.25 21.48 -23.59
CA GLN D 70 -9.37 20.66 -23.20
C GLN D 70 -9.31 20.41 -21.71
N LEU D 71 -9.68 21.45 -20.97
CA LEU D 71 -9.75 21.42 -19.52
C LEU D 71 -11.20 21.23 -19.10
N TYR D 72 -11.54 20.04 -18.63
CA TYR D 72 -12.90 19.75 -18.26
C TYR D 72 -13.04 19.82 -16.76
N VAL D 73 -14.15 20.29 -16.26
CA VAL D 73 -14.39 20.16 -14.83
C VAL D 73 -15.05 18.82 -14.59
N THR D 74 -14.41 18.00 -13.76
CA THR D 74 -14.94 16.68 -13.44
C THR D 74 -15.55 16.63 -12.05
N ALA D 75 -16.35 15.60 -11.82
CA ALA D 75 -16.99 15.39 -10.53
C ALA D 75 -16.17 14.42 -9.69
N GLN D 76 -15.66 14.91 -8.55
CA GLN D 76 -14.85 14.09 -7.67
C GLN D 76 -15.72 13.20 -6.77
N ASP D 77 -16.19 13.76 -5.66
CA ASP D 77 -17.03 13.01 -4.72
C ASP D 77 -17.74 13.96 -3.77
N GLU D 78 -19.03 14.20 -4.04
CA GLU D 78 -19.86 15.11 -3.24
C GLU D 78 -19.23 16.49 -3.19
N ASP D 79 -19.22 17.10 -2.00
CA ASP D 79 -18.66 18.43 -1.81
C ASP D 79 -17.13 18.38 -1.80
N GLN D 80 -16.55 18.36 -3.00
CA GLN D 80 -15.11 18.34 -3.18
C GLN D 80 -14.73 19.16 -4.41
N PRO D 81 -13.73 20.04 -4.29
CA PRO D 81 -13.28 20.92 -5.37
C PRO D 81 -13.02 20.20 -6.70
N VAL D 82 -13.74 20.67 -7.73
CA VAL D 82 -13.61 20.15 -9.09
C VAL D 82 -12.17 20.14 -9.56
N LEU D 83 -11.78 19.04 -10.18
CA LEU D 83 -10.42 18.89 -10.67
C LEU D 83 -10.39 19.14 -12.17
N LEU D 84 -9.67 20.18 -12.57
CA LEU D 84 -9.55 20.54 -13.97
C LEU D 84 -8.57 19.61 -14.69
N LYS D 85 -9.09 18.73 -15.54
CA LYS D 85 -8.27 17.77 -16.28
C LYS D 85 -7.87 18.31 -17.64
N GLU D 86 -6.63 18.07 -18.04
CA GLU D 86 -6.14 18.54 -19.34
C GLU D 86 -5.69 17.37 -20.21
N MET D 87 -6.56 16.98 -21.14
CA MET D 87 -6.26 15.89 -22.06
C MET D 87 -6.29 16.41 -23.50
N PRO D 88 -5.15 16.34 -24.21
CA PRO D 88 -5.03 16.83 -25.60
C PRO D 88 -6.09 16.27 -26.55
N GLU D 89 -6.75 17.19 -27.27
CA GLU D 89 -7.79 16.86 -28.26
C GLU D 89 -9.07 16.30 -27.63
N ILE D 90 -10.20 16.83 -28.09
CA ILE D 90 -11.53 16.41 -27.64
C ILE D 90 -11.93 15.05 -28.21
N PRO D 91 -12.35 14.13 -27.34
CA PRO D 91 -12.87 12.83 -27.77
C PRO D 91 -14.17 12.96 -28.57
N LYS D 92 -14.33 12.10 -29.55
CA LYS D 92 -15.53 12.10 -30.39
C LYS D 92 -16.48 11.00 -29.92
N THR D 93 -15.90 10.02 -29.26
CA THR D 93 -16.62 8.87 -28.75
C THR D 93 -16.30 8.69 -27.29
N ILE D 94 -17.32 8.75 -26.47
CA ILE D 94 -17.17 8.83 -25.04
C ILE D 94 -17.36 7.46 -24.40
N THR D 95 -16.34 7.07 -23.66
CA THR D 95 -16.37 5.81 -22.97
C THR D 95 -16.90 6.04 -21.59
N GLY D 96 -17.13 4.94 -20.87
CA GLY D 96 -17.68 5.01 -19.53
C GLY D 96 -16.69 5.57 -18.51
N SER D 97 -15.42 5.64 -18.88
CA SER D 97 -14.38 6.17 -18.00
C SER D 97 -14.53 7.69 -17.86
N GLU D 98 -14.98 8.32 -18.94
CA GLU D 98 -15.17 9.77 -18.96
C GLU D 98 -16.63 10.11 -18.64
N THR D 99 -17.00 9.92 -17.38
CA THR D 99 -18.37 10.21 -16.95
C THR D 99 -18.41 11.35 -15.93
N ASN D 100 -17.23 11.78 -15.50
CA ASN D 100 -17.11 12.85 -14.51
C ASN D 100 -17.20 14.22 -15.16
N LEU D 101 -16.76 14.30 -16.42
CA LEU D 101 -16.78 15.57 -17.16
C LEU D 101 -18.08 15.73 -17.94
N LEU D 102 -19.06 14.88 -17.66
CA LEU D 102 -20.35 14.94 -18.34
C LEU D 102 -21.34 15.72 -17.49
N PHE D 103 -22.24 16.50 -18.08
CA PHE D 103 -23.06 17.38 -17.28
C PHE D 103 -24.50 17.47 -17.75
N PHE D 104 -25.36 17.11 -16.83
CA PHE D 104 -26.80 17.14 -17.01
C PHE D 104 -27.28 18.55 -16.70
N TRP D 105 -27.54 19.32 -17.73
CA TRP D 105 -27.89 20.71 -17.52
C TRP D 105 -29.40 20.94 -17.51
N GLU D 106 -29.91 21.34 -16.36
CA GLU D 106 -31.32 21.67 -16.21
C GLU D 106 -31.50 23.18 -16.19
N THR D 107 -32.08 23.71 -17.26
CA THR D 107 -32.22 25.15 -17.41
C THR D 107 -33.63 25.60 -17.03
N HIS D 108 -33.70 26.62 -16.17
CA HIS D 108 -34.99 27.19 -15.76
C HIS D 108 -35.02 28.68 -16.07
N GLY D 109 -35.62 29.03 -17.20
CA GLY D 109 -35.69 30.42 -17.60
C GLY D 109 -34.33 31.04 -17.85
N THR D 110 -33.81 31.74 -16.85
CA THR D 110 -32.51 32.38 -16.95
C THR D 110 -31.45 31.58 -16.20
N LYS D 111 -31.82 31.07 -15.04
CA LYS D 111 -30.92 30.30 -14.22
C LYS D 111 -30.83 28.87 -14.74
N ASN D 112 -29.77 28.19 -14.36
CA ASN D 112 -29.53 26.84 -14.82
C ASN D 112 -28.70 26.07 -13.81
N TYR D 113 -28.90 24.77 -13.78
CA TYR D 113 -28.16 23.90 -12.87
C TYR D 113 -27.21 23.02 -13.67
N PHE D 114 -26.20 22.51 -12.99
CA PHE D 114 -25.27 21.56 -13.58
C PHE D 114 -25.17 20.31 -12.71
N THR D 115 -25.88 19.29 -13.14
CA THR D 115 -25.96 18.03 -12.41
C THR D 115 -24.90 17.04 -12.91
N SER D 116 -24.24 16.36 -11.98
CA SER D 116 -23.24 15.36 -12.34
C SER D 116 -23.92 14.09 -12.86
N VAL D 117 -23.47 13.64 -14.04
CA VAL D 117 -23.98 12.40 -14.62
C VAL D 117 -23.32 11.20 -13.95
N ALA D 118 -22.16 11.43 -13.35
CA ALA D 118 -21.44 10.38 -12.64
C ALA D 118 -22.17 9.99 -11.36
N HIS D 119 -22.65 11.02 -10.66
CA HIS D 119 -23.42 10.84 -9.43
C HIS D 119 -24.55 11.87 -9.40
N PRO D 120 -25.81 11.39 -9.44
CA PRO D 120 -27.02 12.23 -9.50
C PRO D 120 -27.09 13.34 -8.45
N ASN D 121 -26.74 13.00 -7.20
CA ASN D 121 -26.90 13.93 -6.08
C ASN D 121 -25.90 15.09 -6.14
N LEU D 122 -25.05 15.09 -7.16
CA LEU D 122 -24.04 16.12 -7.29
C LEU D 122 -24.54 17.24 -8.18
N PHE D 123 -24.26 18.45 -7.74
CA PHE D 123 -24.64 19.66 -8.42
C PHE D 123 -23.53 20.68 -8.24
N ILE D 124 -23.29 21.53 -9.20
CA ILE D 124 -22.13 22.41 -9.15
C ILE D 124 -22.47 23.69 -8.36
N ALA D 125 -21.97 23.73 -7.13
CA ALA D 125 -22.30 24.80 -6.18
C ALA D 125 -21.29 25.92 -6.21
N THR D 126 -21.70 27.10 -5.79
CA THR D 126 -20.84 28.25 -5.84
C THR D 126 -20.63 28.82 -4.44
N LYS D 127 -19.37 29.03 -4.13
CA LYS D 127 -18.94 29.53 -2.82
C LYS D 127 -18.51 30.99 -2.92
N GLN D 128 -18.63 31.72 -1.82
CA GLN D 128 -18.23 33.13 -1.78
C GLN D 128 -16.71 33.29 -1.70
N ASP D 129 -16.03 32.33 -1.07
CA ASP D 129 -14.59 32.47 -0.82
C ASP D 129 -13.80 31.28 -1.36
N TYR D 130 -14.43 30.11 -1.38
CA TYR D 130 -13.76 28.90 -1.82
C TYR D 130 -13.92 28.62 -3.30
N TRP D 131 -13.29 27.54 -3.74
CA TRP D 131 -13.31 27.11 -5.13
C TRP D 131 -14.70 26.63 -5.55
N VAL D 132 -15.03 26.82 -6.82
CA VAL D 132 -16.30 26.38 -7.36
C VAL D 132 -16.30 24.85 -7.44
N CYS D 133 -16.99 24.22 -6.50
CA CYS D 133 -16.97 22.78 -6.40
C CYS D 133 -18.27 22.17 -6.91
N LEU D 134 -18.58 21.00 -6.39
CA LEU D 134 -19.81 20.30 -6.67
C LEU D 134 -20.33 19.96 -5.32
N ALA D 135 -21.58 19.60 -5.17
CA ALA D 135 -22.14 19.45 -3.86
C ALA D 135 -23.47 18.76 -3.89
N GLY D 136 -23.91 18.41 -2.71
CA GLY D 136 -25.28 18.30 -2.46
C GLY D 136 -25.61 19.61 -1.85
N GLY D 137 -26.69 20.18 -2.23
CA GLY D 137 -26.89 21.58 -1.92
C GLY D 137 -27.82 21.90 -0.77
N PRO D 138 -27.24 22.20 0.41
CA PRO D 138 -27.84 23.06 1.41
C PRO D 138 -27.14 24.43 1.40
N PRO D 139 -27.88 25.52 1.70
CA PRO D 139 -27.64 26.94 1.36
C PRO D 139 -26.39 27.36 0.51
N SER D 140 -25.68 26.43 -0.11
CA SER D 140 -24.71 26.76 -1.13
C SER D 140 -25.46 27.12 -2.41
N ILE D 141 -24.98 28.10 -3.15
CA ILE D 141 -25.70 28.51 -4.35
C ILE D 141 -25.31 27.63 -5.51
N THR D 142 -26.06 26.56 -5.70
CA THR D 142 -25.81 25.69 -6.83
C THR D 142 -26.65 26.17 -8.03
N ASP D 143 -26.77 27.49 -8.13
CA ASP D 143 -27.39 28.16 -9.26
C ASP D 143 -26.32 28.60 -10.25
N PHE D 144 -26.68 28.68 -11.51
CA PHE D 144 -25.83 29.36 -12.46
C PHE D 144 -26.64 30.20 -13.42
N GLN D 145 -25.93 31.02 -14.17
CA GLN D 145 -26.47 31.94 -15.14
C GLN D 145 -25.36 32.24 -16.12
N ILE D 146 -25.63 32.29 -17.40
CA ILE D 146 -24.54 32.51 -18.34
C ILE D 146 -24.45 33.98 -18.71
N LEU D 147 -23.40 34.63 -18.24
CA LEU D 147 -23.13 36.01 -18.60
C LEU D 147 -21.84 36.13 -19.42
N GLU D 148 -21.95 36.69 -20.60
CA GLU D 148 -20.79 36.86 -21.45
C GLU D 148 -20.10 38.19 -21.13
N ASN D 149 -18.81 38.27 -21.42
CA ASN D 149 -18.07 39.52 -21.29
C ASN D 149 -18.13 40.28 -22.62
N GLN D 150 -17.68 41.50 -22.61
CA GLN D 150 -17.76 42.34 -23.80
C GLN D 150 -16.71 41.90 -24.82
N ALA D 151 -15.46 41.87 -24.38
CA ALA D 151 -14.35 41.46 -25.22
C ALA D 151 -13.12 41.17 -24.36
N ASN A 1 11.21 -0.89 32.21
CA ASN A 1 10.28 -1.79 31.49
C ASN A 1 10.48 -3.21 32.01
N VAL A 2 9.80 -4.18 31.44
CA VAL A 2 10.01 -5.56 31.83
C VAL A 2 11.05 -6.18 30.91
N LYS A 3 12.13 -6.65 31.49
CA LYS A 3 13.17 -7.28 30.74
C LYS A 3 13.10 -8.79 30.90
N TYR A 4 13.46 -9.50 29.86
CA TYR A 4 13.59 -10.94 29.95
C TYR A 4 15.07 -11.22 30.09
N ASN A 5 15.46 -11.67 31.26
CA ASN A 5 16.87 -11.67 31.63
C ASN A 5 17.47 -13.03 31.40
N PHE A 6 18.67 -13.04 30.88
CA PHE A 6 19.32 -14.29 30.51
C PHE A 6 19.50 -15.16 31.74
N MET A 7 19.09 -16.41 31.58
CA MET A 7 19.01 -17.35 32.67
C MET A 7 20.29 -18.17 32.76
N ARG A 8 20.60 -18.97 31.74
CA ARG A 8 21.82 -19.76 31.81
C ARG A 8 22.27 -20.24 30.44
N ILE A 9 23.60 -20.34 30.30
CA ILE A 9 24.24 -20.85 29.11
C ILE A 9 24.28 -22.38 29.13
N ILE A 10 23.64 -22.99 28.15
CA ILE A 10 23.61 -24.42 28.03
C ILE A 10 24.83 -24.84 27.20
N LYS A 11 24.60 -25.61 26.18
CA LYS A 11 25.66 -26.22 25.42
C LYS A 11 25.85 -25.46 24.13
N TYR A 12 26.99 -25.61 23.48
CA TYR A 12 27.33 -24.76 22.38
C TYR A 12 28.10 -25.50 21.30
N GLU A 13 27.96 -24.99 20.08
CA GLU A 13 28.56 -25.57 18.87
C GLU A 13 28.24 -27.06 18.72
N PHE A 14 27.10 -27.46 19.25
CA PHE A 14 26.59 -28.81 19.06
C PHE A 14 25.48 -28.80 18.03
N ILE A 15 25.40 -29.84 17.21
CA ILE A 15 24.44 -29.87 16.13
C ILE A 15 23.30 -30.86 16.39
N LEU A 16 22.10 -30.44 16.05
CA LEU A 16 20.91 -31.24 16.20
C LEU A 16 20.50 -31.84 14.85
N ASN A 17 20.16 -33.12 14.91
CA ASN A 17 19.67 -33.86 13.76
C ASN A 17 18.35 -34.48 14.15
N ASP A 18 17.45 -34.60 13.19
CA ASP A 18 16.07 -34.99 13.48
C ASP A 18 15.90 -36.49 13.31
N ALA A 19 14.68 -36.99 13.44
CA ALA A 19 14.41 -38.40 13.28
C ALA A 19 14.71 -38.89 11.84
N LEU A 20 14.81 -37.94 10.90
CA LEU A 20 15.23 -38.27 9.53
C LEU A 20 16.72 -38.49 9.54
N ASN A 21 17.31 -37.98 10.61
CA ASN A 21 18.74 -37.97 10.84
C ASN A 21 19.43 -37.20 9.75
N GLN A 22 19.32 -35.89 9.84
CA GLN A 22 19.94 -34.99 8.89
C GLN A 22 20.56 -33.83 9.65
N SER A 23 21.83 -33.61 9.43
CA SER A 23 22.53 -32.52 10.05
C SER A 23 22.04 -31.21 9.48
N ILE A 24 21.76 -30.27 10.35
CA ILE A 24 21.31 -28.98 9.89
C ILE A 24 22.46 -28.23 9.23
N ILE A 25 22.54 -28.32 7.91
CA ILE A 25 23.73 -27.87 7.20
C ILE A 25 23.51 -26.45 6.66
N ARG A 26 24.60 -25.70 6.61
CA ARG A 26 24.55 -24.31 6.18
C ARG A 26 24.62 -24.22 4.67
N ALA A 27 23.50 -23.83 4.06
CA ALA A 27 23.47 -23.62 2.62
C ALA A 27 23.71 -22.15 2.32
N ASN A 28 23.12 -21.30 3.16
CA ASN A 28 23.26 -19.85 3.03
C ASN A 28 23.06 -19.19 4.40
N ASP A 29 23.26 -17.87 4.47
CA ASP A 29 23.09 -17.14 5.73
C ASP A 29 21.63 -16.70 5.91
N GLN A 30 20.74 -17.35 5.18
CA GLN A 30 19.31 -17.06 5.24
C GLN A 30 18.50 -18.34 5.05
N TYR A 31 19.04 -19.24 4.22
CA TYR A 31 18.39 -20.51 3.94
C TYR A 31 19.27 -21.69 4.37
N LEU A 32 18.66 -22.64 5.09
CA LEU A 32 19.36 -23.82 5.57
C LEU A 32 18.57 -25.09 5.22
N THR A 33 19.29 -26.08 4.72
CA THR A 33 18.70 -27.36 4.34
C THR A 33 19.29 -28.47 5.20
N ALA A 34 18.47 -29.45 5.56
CA ALA A 34 18.96 -30.54 6.37
C ALA A 34 19.49 -31.65 5.50
N ALA A 35 20.72 -32.04 5.77
CA ALA A 35 21.38 -33.13 5.06
C ALA A 35 22.44 -33.72 5.97
N ALA A 36 22.60 -35.03 5.93
CA ALA A 36 23.58 -35.68 6.78
C ALA A 36 24.97 -35.12 6.48
N LEU A 37 25.70 -34.71 7.52
CA LEU A 37 26.97 -34.06 7.32
C LEU A 37 27.98 -35.01 6.72
N HIS A 38 28.88 -34.46 5.96
CA HIS A 38 29.92 -35.23 5.31
C HIS A 38 31.23 -34.47 5.33
N ASN A 39 31.14 -33.16 5.59
CA ASN A 39 32.34 -32.37 5.88
C ASN A 39 32.42 -32.08 7.38
N LEU A 40 31.40 -32.51 8.12
CA LEU A 40 31.30 -32.37 9.58
C LEU A 40 31.26 -30.92 10.02
N ASP A 41 32.35 -30.19 9.84
CA ASP A 41 32.31 -28.75 10.03
C ASP A 41 31.71 -28.17 8.76
N GLU A 42 30.41 -28.38 8.68
CA GLU A 42 29.65 -28.10 7.48
C GLU A 42 28.25 -27.65 7.86
N ALA A 43 27.76 -28.20 8.95
CA ALA A 43 26.51 -27.80 9.54
C ALA A 43 26.72 -26.59 10.43
N VAL A 44 25.68 -25.83 10.68
CA VAL A 44 25.78 -24.64 11.49
C VAL A 44 25.81 -25.04 12.94
N LYS A 45 26.77 -24.53 13.67
CA LYS A 45 26.91 -24.94 15.03
C LYS A 45 26.19 -23.97 15.91
N PHE A 46 25.18 -24.50 16.58
CA PHE A 46 24.34 -23.67 17.40
C PHE A 46 24.72 -23.77 18.86
N ASP A 47 24.28 -22.78 19.58
CA ASP A 47 24.49 -22.64 21.00
C ASP A 47 23.25 -22.08 21.62
N MET A 48 22.92 -22.57 22.79
CA MET A 48 21.68 -22.22 23.42
C MET A 48 21.94 -21.24 24.55
N GLY A 49 21.16 -20.18 24.56
CA GLY A 49 21.22 -19.19 25.61
C GLY A 49 19.84 -18.87 26.10
N ALA A 50 19.56 -19.17 27.34
CA ALA A 50 18.22 -19.09 27.85
C ALA A 50 17.92 -17.68 28.33
N TYR A 51 16.67 -17.29 28.20
CA TYR A 51 16.22 -15.99 28.69
C TYR A 51 15.05 -16.27 29.59
N LYS A 52 14.69 -15.33 30.44
CA LYS A 52 13.63 -15.63 31.36
C LYS A 52 12.61 -14.52 31.47
N SER A 53 11.39 -14.89 31.15
CA SER A 53 10.20 -14.14 31.48
C SER A 53 9.16 -15.18 31.84
N SER A 54 8.11 -14.83 32.56
CA SER A 54 7.10 -15.82 32.88
C SER A 54 6.04 -15.85 31.79
N LYS A 55 6.50 -15.85 30.55
CA LYS A 55 5.63 -15.97 29.41
C LYS A 55 6.01 -17.15 28.52
N ASP A 56 6.55 -18.22 29.10
CA ASP A 56 6.87 -19.39 28.30
C ASP A 56 5.60 -20.22 28.09
N ASP A 57 5.67 -21.51 28.41
CA ASP A 57 4.49 -22.28 28.75
C ASP A 57 4.72 -23.00 30.07
N ALA A 58 5.40 -24.14 29.97
CA ALA A 58 5.84 -24.91 31.13
C ALA A 58 7.33 -25.26 31.02
N LYS A 59 8.05 -24.54 30.17
CA LYS A 59 9.42 -24.90 29.77
C LYS A 59 10.22 -23.64 29.52
N ILE A 60 11.51 -23.72 29.77
CA ILE A 60 12.36 -22.54 29.78
C ILE A 60 12.98 -22.40 28.40
N THR A 61 13.21 -21.16 28.01
CA THR A 61 13.40 -20.85 26.62
C THR A 61 14.79 -20.31 26.34
N VAL A 62 15.38 -20.76 25.25
CA VAL A 62 16.74 -20.36 24.90
C VAL A 62 16.79 -19.87 23.44
N ILE A 63 17.86 -19.20 23.07
CA ILE A 63 18.01 -18.67 21.73
C ILE A 63 19.05 -19.49 21.00
N LEU A 64 18.76 -19.85 19.77
CA LEU A 64 19.67 -20.68 19.00
C LEU A 64 20.46 -19.83 18.01
N ARG A 65 21.76 -19.80 18.22
CA ARG A 65 22.67 -18.95 17.48
C ARG A 65 23.89 -19.74 17.07
N ILE A 66 24.55 -19.34 16.00
CA ILE A 66 25.75 -20.00 15.58
C ILE A 66 26.91 -19.46 16.41
N SER A 67 27.67 -20.36 17.01
CA SER A 67 28.67 -19.99 18.02
C SER A 67 29.58 -18.84 17.61
N LYS A 68 29.77 -18.63 16.31
CA LYS A 68 30.68 -17.60 15.82
C LYS A 68 29.96 -16.27 15.62
N THR A 69 28.89 -16.28 14.84
CA THR A 69 28.12 -15.06 14.58
C THR A 69 26.74 -15.18 15.17
N GLN A 70 25.98 -14.12 15.23
CA GLN A 70 24.71 -14.24 15.89
C GLN A 70 23.62 -14.40 14.86
N LEU A 71 23.55 -15.62 14.33
CA LEU A 71 22.55 -16.01 13.35
C LEU A 71 21.48 -16.82 14.07
N TYR A 72 20.31 -16.23 14.26
CA TYR A 72 19.25 -16.90 14.97
C TYR A 72 18.25 -17.42 13.98
N VAL A 73 17.66 -18.56 14.24
CA VAL A 73 16.53 -18.98 13.43
C VAL A 73 15.27 -18.40 14.03
N THR A 74 14.59 -17.58 13.25
CA THR A 74 13.35 -16.94 13.69
C THR A 74 12.13 -17.65 13.12
N ALA A 75 11.04 -17.65 13.89
CA ALA A 75 9.81 -18.28 13.46
C ALA A 75 9.02 -17.34 12.56
N GLN A 76 8.65 -17.82 11.38
CA GLN A 76 7.92 -17.00 10.43
C GLN A 76 6.41 -17.11 10.66
N ASP A 77 5.77 -18.11 10.05
CA ASP A 77 4.33 -18.32 10.19
C ASP A 77 3.93 -19.70 9.67
N GLU A 78 3.56 -20.59 10.59
CA GLU A 78 3.17 -21.96 10.25
C GLU A 78 4.28 -22.64 9.46
N ASP A 79 3.91 -23.33 8.38
CA ASP A 79 4.87 -24.05 7.55
C ASP A 79 5.59 -23.10 6.57
N GLN A 80 6.54 -22.33 7.10
CA GLN A 80 7.31 -21.41 6.29
C GLN A 80 8.77 -21.45 6.72
N PRO A 81 9.67 -21.83 5.78
CA PRO A 81 11.12 -21.95 6.04
C PRO A 81 11.71 -20.84 6.90
N VAL A 82 12.36 -21.27 7.97
CA VAL A 82 13.03 -20.39 8.92
C VAL A 82 14.02 -19.48 8.24
N LEU A 83 13.99 -18.21 8.63
CA LEU A 83 14.89 -17.21 8.07
C LEU A 83 16.00 -16.90 9.06
N LEU A 84 17.24 -17.15 8.65
CA LEU A 84 18.40 -16.91 9.49
C LEU A 84 18.73 -15.41 9.57
N LYS A 85 18.50 -14.83 10.75
CA LYS A 85 18.75 -13.41 10.96
C LYS A 85 20.12 -13.19 11.59
N GLU A 86 20.73 -12.04 11.32
CA GLU A 86 22.06 -11.73 11.86
C GLU A 86 22.11 -10.32 12.44
N MET A 87 22.45 -10.23 13.72
CA MET A 87 22.57 -8.96 14.41
C MET A 87 23.83 -8.95 15.27
N PRO A 88 24.73 -7.96 15.05
CA PRO A 88 25.99 -7.84 15.80
C PRO A 88 25.80 -7.77 17.30
N GLU A 89 26.53 -8.64 18.01
CA GLU A 89 26.52 -8.73 19.47
C GLU A 89 25.20 -9.25 20.04
N ILE A 90 25.32 -10.18 20.99
CA ILE A 90 24.17 -10.79 21.67
C ILE A 90 23.54 -9.85 22.69
N PRO A 91 22.22 -9.66 22.60
CA PRO A 91 21.47 -8.86 23.58
C PRO A 91 21.50 -9.50 24.97
N LYS A 92 21.55 -8.66 25.99
CA LYS A 92 21.57 -9.12 27.38
C LYS A 92 20.17 -9.00 27.97
N THR A 93 19.38 -8.13 27.36
CA THR A 93 18.03 -7.85 27.80
C THR A 93 17.10 -7.94 26.60
N ILE A 94 16.15 -8.85 26.71
CA ILE A 94 15.33 -9.25 25.58
C ILE A 94 14.00 -8.51 25.62
N THR A 95 13.63 -7.89 24.50
CA THR A 95 12.38 -7.15 24.40
C THR A 95 11.36 -7.88 23.53
N GLY A 96 10.41 -7.12 22.98
CA GLY A 96 9.39 -7.71 22.12
C GLY A 96 9.80 -7.72 20.67
N SER A 97 11.04 -7.32 20.42
CA SER A 97 11.58 -7.29 19.06
C SER A 97 12.09 -8.67 18.67
N GLU A 98 12.76 -9.30 19.61
CA GLU A 98 13.29 -10.65 19.41
C GLU A 98 12.39 -11.66 20.09
N THR A 99 11.31 -12.04 19.42
CA THR A 99 10.35 -12.99 19.97
C THR A 99 10.18 -14.20 19.05
N ASN A 100 10.79 -14.13 17.87
CA ASN A 100 10.70 -15.21 16.89
C ASN A 100 11.86 -16.18 17.06
N LEU A 101 12.99 -15.66 17.52
CA LEU A 101 14.19 -16.46 17.72
C LEU A 101 14.19 -17.11 19.10
N LEU A 102 13.05 -17.06 19.78
CA LEU A 102 12.93 -17.65 21.12
C LEU A 102 12.37 -19.06 21.00
N PHE A 103 12.81 -20.00 21.83
CA PHE A 103 12.41 -21.38 21.61
C PHE A 103 12.10 -22.13 22.88
N PHE A 104 10.88 -22.62 22.91
CA PHE A 104 10.35 -23.40 24.00
C PHE A 104 10.74 -24.85 23.77
N TRP A 105 11.76 -25.31 24.48
CA TRP A 105 12.28 -26.64 24.22
C TRP A 105 11.71 -27.67 25.18
N GLU A 106 10.94 -28.61 24.62
CA GLU A 106 10.37 -29.69 25.39
C GLU A 106 11.17 -30.97 25.13
N THR A 107 11.91 -31.41 26.12
CA THR A 107 12.79 -32.56 25.97
C THR A 107 12.15 -33.82 26.54
N HIS A 108 12.15 -34.89 25.75
CA HIS A 108 11.62 -36.18 26.19
C HIS A 108 12.69 -37.25 26.05
N GLY A 109 13.36 -37.55 27.16
CA GLY A 109 14.41 -38.55 27.14
C GLY A 109 15.57 -38.18 26.24
N THR A 110 15.56 -38.70 25.03
CA THR A 110 16.60 -38.43 24.06
C THR A 110 16.13 -37.42 23.02
N LYS A 111 14.88 -37.56 22.58
CA LYS A 111 14.31 -36.68 21.60
C LYS A 111 13.86 -35.38 22.25
N ASN A 112 13.70 -34.37 21.44
CA ASN A 112 13.32 -33.05 21.93
C ASN A 112 12.60 -32.27 20.86
N TYR A 113 11.70 -31.40 21.29
CA TYR A 113 10.95 -30.55 20.38
C TYR A 113 11.39 -29.11 20.51
N PHE A 114 11.11 -28.32 19.48
CA PHE A 114 11.38 -26.90 19.50
C PHE A 114 10.12 -26.12 19.15
N THR A 115 9.47 -25.62 20.17
CA THR A 115 8.22 -24.89 20.03
C THR A 115 8.46 -23.39 19.90
N SER A 116 7.75 -22.75 18.98
CA SER A 116 7.86 -21.31 18.80
C SER A 116 7.14 -20.57 19.93
N VAL A 117 7.87 -19.64 20.56
CA VAL A 117 7.30 -18.81 21.61
C VAL A 117 6.45 -17.69 21.01
N ALA A 118 6.72 -17.38 19.73
CA ALA A 118 5.95 -16.35 19.03
C ALA A 118 4.52 -16.86 18.79
N HIS A 119 4.44 -18.09 18.28
CA HIS A 119 3.17 -18.74 18.02
C HIS A 119 3.26 -20.20 18.49
N PRO A 120 2.42 -20.57 19.47
CA PRO A 120 2.41 -21.91 20.10
C PRO A 120 2.34 -23.07 19.12
N ASN A 121 1.49 -22.96 18.10
CA ASN A 121 1.22 -24.07 17.18
C ASN A 121 2.42 -24.34 16.26
N LEU A 122 3.48 -23.57 16.41
CA LEU A 122 4.64 -23.72 15.56
C LEU A 122 5.67 -24.63 16.22
N PHE A 123 6.23 -25.49 15.42
CA PHE A 123 7.21 -26.47 15.84
C PHE A 123 8.22 -26.63 14.71
N ILE A 124 9.47 -26.88 15.01
CA ILE A 124 10.50 -26.88 13.96
C ILE A 124 10.58 -28.26 13.31
N ALA A 125 10.02 -28.35 12.11
CA ALA A 125 9.88 -29.61 11.39
C ALA A 125 11.05 -29.86 10.45
N THR A 126 11.28 -31.12 10.13
CA THR A 126 12.39 -31.47 9.27
C THR A 126 11.91 -32.17 8.01
N LYS A 127 12.41 -31.67 6.90
CA LYS A 127 12.05 -32.16 5.58
C LYS A 127 13.19 -32.98 4.98
N GLN A 128 12.85 -33.92 4.10
CA GLN A 128 13.83 -34.76 3.44
C GLN A 128 14.58 -34.02 2.33
N ASP A 129 13.91 -33.07 1.69
CA ASP A 129 14.49 -32.39 0.53
C ASP A 129 14.51 -30.88 0.69
N TYR A 130 13.54 -30.36 1.44
CA TYR A 130 13.40 -28.91 1.61
C TYR A 130 14.12 -28.39 2.85
N TRP A 131 14.00 -27.09 3.05
CA TRP A 131 14.63 -26.40 4.18
C TRP A 131 13.95 -26.76 5.48
N VAL A 132 14.74 -26.77 6.56
CA VAL A 132 14.22 -27.05 7.89
C VAL A 132 13.37 -25.88 8.35
N CYS A 133 12.07 -26.06 8.30
CA CYS A 133 11.15 -24.97 8.61
C CYS A 133 10.51 -25.15 9.98
N LEU A 134 9.32 -24.59 10.11
CA LEU A 134 8.52 -24.73 11.29
C LEU A 134 7.18 -25.13 10.76
N ALA A 135 6.29 -25.64 11.58
CA ALA A 135 5.08 -26.20 11.03
C ALA A 135 4.05 -26.47 12.09
N GLY A 136 2.88 -26.76 11.63
CA GLY A 136 2.00 -27.57 12.38
C GLY A 136 2.22 -28.92 11.80
N GLY A 137 2.29 -29.90 12.62
CA GLY A 137 2.83 -31.15 12.15
C GLY A 137 1.83 -32.26 11.84
N PRO A 138 1.51 -32.44 10.54
CA PRO A 138 1.09 -33.71 9.99
C PRO A 138 2.25 -34.32 9.18
N PRO A 139 2.34 -35.67 9.14
CA PRO A 139 3.53 -36.50 8.84
C PRO A 139 4.91 -35.87 8.53
N SER A 140 5.10 -34.58 8.76
CA SER A 140 6.43 -33.99 8.78
C SER A 140 7.11 -34.37 10.08
N ILE A 141 8.40 -34.64 10.03
CA ILE A 141 9.10 -35.07 11.24
C ILE A 141 9.51 -33.87 12.06
N THR A 142 8.65 -33.46 12.96
CA THR A 142 8.98 -32.37 13.84
C THR A 142 9.64 -32.92 15.12
N ASP A 143 10.44 -33.98 14.91
CA ASP A 143 11.29 -34.56 15.93
C ASP A 143 12.69 -34.02 15.83
N PHE A 144 13.40 -33.95 16.94
CA PHE A 144 14.83 -33.72 16.89
C PHE A 144 15.57 -34.60 17.88
N GLN A 145 16.87 -34.59 17.72
CA GLN A 145 17.79 -35.37 18.52
C GLN A 145 19.14 -34.68 18.42
N ILE A 146 19.88 -34.54 19.50
CA ILE A 146 21.13 -33.82 19.40
C ILE A 146 22.29 -34.79 19.21
N LEU A 147 22.86 -34.77 18.02
CA LEU A 147 24.05 -35.56 17.73
C LEU A 147 25.26 -34.67 17.45
N GLU A 148 26.31 -34.85 18.22
CA GLU A 148 27.52 -34.08 18.03
C GLU A 148 28.42 -34.75 16.99
N ASN A 149 29.26 -33.96 16.34
CA ASN A 149 30.26 -34.50 15.43
C ASN A 149 31.55 -34.77 16.22
N GLN A 150 32.49 -35.44 15.60
CA GLN A 150 33.73 -35.82 16.27
C GLN A 150 34.63 -34.59 16.43
N ALA A 151 34.90 -33.93 15.32
CA ALA A 151 35.75 -32.74 15.31
C ALA A 151 35.59 -32.01 13.98
N MET B 1 18.81 -14.59 -4.26
CA MET B 1 17.97 -14.10 -3.14
C MET B 1 17.99 -12.57 -3.07
N ALA B 2 18.28 -11.94 -4.20
CA ALA B 2 18.36 -10.48 -4.25
C ALA B 2 17.58 -9.90 -5.42
N ALA B 3 16.55 -9.13 -5.10
CA ALA B 3 15.79 -8.38 -6.09
C ALA B 3 16.67 -7.32 -6.76
N GLU B 4 17.17 -7.63 -7.94
CA GLU B 4 17.90 -6.65 -8.74
C GLU B 4 16.90 -5.66 -9.35
N PRO B 5 17.34 -4.50 -9.89
CA PRO B 5 16.45 -3.44 -10.36
C PRO B 5 15.23 -3.98 -11.12
N LEU B 6 14.09 -3.32 -10.97
CA LEU B 6 12.86 -3.86 -11.44
C LEU B 6 12.15 -2.97 -12.46
N THR B 7 11.04 -3.51 -12.96
CA THR B 7 10.11 -2.79 -13.84
C THR B 7 9.47 -1.61 -13.08
N GLU B 8 8.60 -0.82 -13.72
CA GLU B 8 8.25 0.48 -13.17
C GLU B 8 7.33 0.38 -11.94
N LEU B 9 6.22 -0.35 -12.03
CA LEU B 9 5.35 -0.47 -10.87
C LEU B 9 6.08 -1.18 -9.75
N GLU B 10 7.04 -2.00 -10.14
CA GLU B 10 7.91 -2.66 -9.18
C GLU B 10 8.85 -1.64 -8.58
N GLU B 11 9.36 -0.74 -9.42
CA GLU B 11 10.25 0.30 -8.98
C GLU B 11 9.59 1.05 -7.87
N SER B 12 8.30 1.24 -8.04
CA SER B 12 7.54 1.98 -7.04
C SER B 12 7.29 1.13 -5.77
N ILE B 13 6.95 -0.15 -5.91
CA ILE B 13 6.68 -0.98 -4.74
C ILE B 13 7.95 -1.54 -4.07
N GLU B 14 8.97 -1.90 -4.86
CA GLU B 14 10.27 -2.32 -4.32
C GLU B 14 10.85 -1.23 -3.43
N THR B 15 10.79 -0.02 -3.93
CA THR B 15 11.22 1.16 -3.19
C THR B 15 10.59 1.23 -1.80
N VAL B 16 9.35 0.79 -1.69
CA VAL B 16 8.64 0.75 -0.42
C VAL B 16 9.29 -0.27 0.50
N VAL B 17 9.80 -1.34 -0.09
CA VAL B 17 10.38 -2.45 0.65
C VAL B 17 11.68 -2.06 1.30
N THR B 18 12.57 -1.50 0.48
CA THR B 18 13.95 -1.27 0.88
C THR B 18 14.03 -0.37 2.10
N THR B 19 13.26 0.69 2.09
CA THR B 19 13.24 1.62 3.23
C THR B 19 12.76 0.88 4.47
N PHE B 20 11.59 0.30 4.30
CA PHE B 20 10.95 -0.58 5.28
C PHE B 20 11.94 -1.59 5.89
N PHE B 21 12.63 -2.33 5.00
CA PHE B 21 13.58 -3.39 5.40
C PHE B 21 14.76 -2.85 6.18
N THR B 22 15.15 -1.61 5.91
CA THR B 22 16.25 -0.98 6.61
C THR B 22 15.98 -0.95 8.11
N PHE B 23 14.72 -0.73 8.48
CA PHE B 23 14.33 -0.71 9.87
C PHE B 23 14.01 -2.11 10.38
N ALA B 24 13.33 -2.88 9.55
CA ALA B 24 13.00 -4.27 9.89
C ALA B 24 14.25 -5.08 10.21
N ARG B 25 15.34 -4.80 9.50
CA ARG B 25 16.61 -5.50 9.72
C ARG B 25 17.35 -5.00 10.98
N GLN B 26 17.05 -3.78 11.42
CA GLN B 26 17.69 -3.20 12.59
C GLN B 26 17.53 -4.06 13.85
N GLU B 27 16.28 -4.30 14.26
CA GLU B 27 16.01 -5.10 15.46
C GLU B 27 15.72 -6.56 15.10
N GLY B 28 15.26 -7.32 16.10
CA GLY B 28 14.95 -8.73 15.90
C GLY B 28 14.01 -8.98 14.75
N ARG B 29 14.30 -10.04 13.98
CA ARG B 29 13.51 -10.41 12.80
C ARG B 29 13.63 -9.32 11.73
N LYS B 30 14.52 -9.55 10.77
CA LYS B 30 14.76 -8.58 9.69
C LYS B 30 13.61 -8.54 8.70
N ASP B 31 12.55 -9.29 8.98
CA ASP B 31 11.40 -9.33 8.10
C ASP B 31 10.21 -8.56 8.70
N SER B 32 10.37 -8.05 9.91
CA SER B 32 9.30 -7.31 10.56
C SER B 32 9.83 -6.20 11.48
N LEU B 33 9.04 -5.14 11.61
CA LEU B 33 9.38 -4.00 12.46
C LEU B 33 8.67 -4.13 13.79
N SER B 34 9.32 -3.70 14.88
CA SER B 34 8.71 -3.80 16.21
C SER B 34 7.93 -2.53 16.54
N VAL B 35 7.41 -2.45 17.76
CA VAL B 35 6.64 -1.29 18.21
C VAL B 35 7.55 -0.08 18.41
N ASN B 36 8.84 -0.33 18.59
CA ASN B 36 9.81 0.74 18.79
C ASN B 36 10.13 1.40 17.45
N GLU B 37 10.14 0.61 16.37
CA GLU B 37 10.43 1.13 15.05
C GLU B 37 9.22 1.85 14.48
N PHE B 38 8.03 1.47 14.93
CA PHE B 38 6.81 2.09 14.50
C PHE B 38 6.75 3.43 15.17
N LYS B 39 7.00 3.39 16.47
CA LYS B 39 7.01 4.59 17.28
C LYS B 39 8.10 5.54 16.82
N GLU B 40 9.28 5.00 16.45
CA GLU B 40 10.36 5.86 15.96
C GLU B 40 9.94 6.60 14.69
N LEU B 41 9.35 5.90 13.75
CA LEU B 41 8.98 6.50 12.49
C LEU B 41 7.80 7.42 12.66
N VAL B 42 6.84 7.00 13.46
CA VAL B 42 5.64 7.76 13.67
C VAL B 42 5.99 9.07 14.34
N THR B 43 6.77 8.97 15.41
CA THR B 43 7.30 10.13 16.12
C THR B 43 8.26 10.97 15.25
N GLN B 44 9.27 10.32 14.67
CA GLN B 44 10.35 11.00 13.98
C GLN B 44 10.03 11.25 12.49
N GLN B 45 9.64 10.19 11.79
CA GLN B 45 9.46 10.25 10.33
C GLN B 45 8.07 10.74 9.94
N LEU B 46 7.09 10.54 10.80
CA LEU B 46 5.70 10.76 10.43
C LEU B 46 5.06 12.10 10.88
N PRO B 47 5.68 12.94 11.77
CA PRO B 47 5.07 14.21 12.18
C PRO B 47 4.50 15.01 11.01
N HIS B 48 5.22 14.96 9.89
CA HIS B 48 4.78 15.64 8.68
C HIS B 48 3.65 14.86 8.01
N LEU B 49 3.79 13.55 7.94
CA LEU B 49 2.79 12.68 7.31
C LEU B 49 1.58 12.45 8.22
N LEU B 50 1.78 11.60 9.21
CA LEU B 50 0.76 11.23 10.16
C LEU B 50 0.82 12.12 11.37
N LYS B 51 0.10 13.22 11.25
CA LYS B 51 -0.08 14.19 12.32
C LYS B 51 -0.79 13.60 13.54
N ASP B 52 -0.18 12.58 14.07
CA ASP B 52 -0.66 11.89 15.26
C ASP B 52 0.48 11.06 15.79
N VAL B 53 1.54 11.76 16.13
CA VAL B 53 2.79 11.15 16.57
C VAL B 53 2.70 10.73 18.02
N GLY B 54 1.63 11.14 18.68
CA GLY B 54 1.42 10.79 20.07
C GLY B 54 0.87 9.40 20.22
N SER B 55 -0.44 9.28 20.06
CA SER B 55 -1.14 8.02 20.28
C SER B 55 -0.99 7.06 19.10
N LEU B 56 0.24 6.73 18.78
CA LEU B 56 0.56 5.71 17.80
C LEU B 56 -0.26 4.46 18.07
N ASP B 57 -0.57 4.26 19.35
CA ASP B 57 -1.28 3.08 19.84
C ASP B 57 -2.44 2.68 18.94
N GLU B 58 -3.36 3.60 18.67
CA GLU B 58 -4.61 3.25 17.97
C GLU B 58 -4.33 2.54 16.64
N LYS B 59 -3.42 3.12 15.89
CA LYS B 59 -3.05 2.61 14.58
C LYS B 59 -2.28 1.32 14.75
N MET B 60 -1.38 1.33 15.71
CA MET B 60 -0.62 0.15 16.09
C MET B 60 -1.55 -1.02 16.35
N LYS B 61 -2.57 -0.80 17.17
CA LYS B 61 -3.52 -1.86 17.54
C LYS B 61 -4.24 -2.41 16.30
N SER B 62 -4.55 -1.52 15.37
CA SER B 62 -5.28 -1.91 14.16
C SER B 62 -4.41 -2.81 13.27
N LEU B 63 -3.11 -2.56 13.30
CA LEU B 63 -2.15 -3.32 12.51
C LEU B 63 -1.70 -4.57 13.27
N ASP B 64 -1.35 -4.35 14.52
CA ASP B 64 -0.92 -5.37 15.47
C ASP B 64 -1.97 -6.45 15.68
N VAL B 65 -3.21 -6.16 15.23
CA VAL B 65 -4.48 -6.75 15.71
C VAL B 65 -4.40 -8.21 16.24
N ASN B 66 -3.54 -9.04 15.67
CA ASN B 66 -3.41 -10.41 16.13
C ASN B 66 -2.53 -10.49 17.40
N GLN B 67 -2.21 -9.33 18.02
CA GLN B 67 -1.37 -9.27 19.21
C GLN B 67 -0.03 -9.78 18.78
N ASP B 68 0.29 -9.37 17.54
CA ASP B 68 1.56 -9.64 16.90
C ASP B 68 2.20 -8.29 16.66
N SER B 69 3.00 -7.86 17.64
CA SER B 69 3.69 -6.55 17.59
C SER B 69 4.51 -6.37 16.33
N GLU B 70 4.79 -7.46 15.64
CA GLU B 70 5.57 -7.42 14.41
C GLU B 70 4.75 -6.92 13.23
N LEU B 71 5.15 -5.76 12.71
CA LEU B 71 4.52 -5.17 11.56
C LEU B 71 5.00 -5.87 10.29
N LYS B 72 4.44 -7.06 10.08
CA LYS B 72 4.87 -7.96 9.02
C LYS B 72 4.12 -7.84 7.70
N PHE B 73 4.30 -8.90 6.90
CA PHE B 73 3.73 -9.05 5.56
C PHE B 73 2.28 -8.61 5.44
N ASN B 74 2.10 -7.35 5.03
CA ASN B 74 0.77 -6.78 4.80
C ASN B 74 -0.22 -6.88 5.97
N GLU B 75 0.31 -7.03 7.18
CA GLU B 75 -0.43 -6.57 8.37
C GLU B 75 -0.19 -5.06 8.52
N TYR B 76 1.07 -4.66 8.38
CA TYR B 76 1.49 -3.26 8.37
C TYR B 76 0.71 -2.50 7.31
N TRP B 77 0.56 -3.16 6.17
CA TRP B 77 -0.02 -2.62 4.94
C TRP B 77 -1.18 -1.67 5.15
N ARG B 78 -2.08 -1.97 6.07
CA ARG B 78 -3.21 -1.10 6.30
C ARG B 78 -2.72 0.33 6.46
N LEU B 79 -1.72 0.50 7.35
CA LEU B 79 -1.13 1.81 7.57
C LEU B 79 -0.47 2.31 6.30
N ILE B 80 0.23 1.42 5.61
CA ILE B 80 0.93 1.77 4.36
C ILE B 80 -0.04 2.35 3.35
N GLY B 81 -1.26 1.85 3.37
CA GLY B 81 -2.27 2.34 2.48
C GLY B 81 -2.83 3.63 2.98
N GLU B 82 -3.01 3.70 4.28
CA GLU B 82 -3.41 4.92 4.90
C GLU B 82 -2.35 5.99 4.60
N LEU B 83 -1.09 5.55 4.51
CA LEU B 83 0.04 6.45 4.25
C LEU B 83 -0.07 7.11 2.88
N ALA B 84 -0.13 6.28 1.84
CA ALA B 84 -0.18 6.77 0.47
C ALA B 84 -1.44 7.59 0.21
N LYS B 85 -2.48 7.29 0.95
CA LYS B 85 -3.72 8.02 0.85
C LYS B 85 -3.59 9.36 1.55
N GLU B 86 -3.11 9.32 2.79
CA GLU B 86 -2.97 10.50 3.64
C GLU B 86 -2.15 11.59 2.96
N ILE B 87 -1.03 11.21 2.37
CA ILE B 87 -0.20 12.18 1.64
C ILE B 87 -1.02 12.90 0.58
N ARG B 88 -1.98 12.20 -0.02
CA ARG B 88 -2.77 12.76 -1.10
C ARG B 88 -4.03 13.50 -0.64
N LYS B 89 -4.83 12.89 0.23
CA LYS B 89 -6.07 13.53 0.68
C LYS B 89 -6.05 13.87 2.18
N LYS B 90 -4.86 14.21 2.70
CA LYS B 90 -4.67 14.56 4.12
C LYS B 90 -5.78 15.50 4.60
N LYS B 91 -5.72 16.72 4.11
CA LYS B 91 -6.85 17.64 4.11
C LYS B 91 -6.85 18.30 2.75
N ASP B 92 -6.27 17.60 1.77
CA ASP B 92 -6.14 18.13 0.41
C ASP B 92 -7.47 18.49 -0.27
N LEU B 93 -8.59 18.27 0.40
CA LEU B 93 -9.88 18.65 -0.16
C LEU B 93 -10.06 20.18 -0.05
N LYS B 94 -8.92 20.84 0.11
CA LYS B 94 -8.81 22.29 0.20
C LYS B 94 -7.35 22.68 -0.03
N ILE B 95 -6.42 22.00 0.69
CA ILE B 95 -4.96 22.23 0.55
C ILE B 95 -4.16 21.59 1.72
N ARG B 96 -2.97 21.04 1.40
CA ARG B 96 -2.10 20.42 2.41
C ARG B 96 -0.63 20.34 1.94
N LYS B 97 -0.42 20.52 0.63
CA LYS B 97 0.93 20.53 0.05
C LYS B 97 1.17 21.93 -0.52
N LYS B 98 2.36 22.53 -0.29
CA LYS B 98 2.55 23.90 -0.74
C LYS B 98 4.02 24.29 -0.61
N MET C 1 0.65 23.79 -4.30
CA MET C 1 -0.08 22.70 -5.00
C MET C 1 0.88 21.64 -5.51
N ALA C 2 2.14 21.72 -5.07
CA ALA C 2 3.16 20.77 -5.48
C ALA C 2 3.93 20.21 -4.29
N ALA C 3 3.81 18.92 -4.09
CA ALA C 3 4.60 18.18 -3.12
C ALA C 3 6.08 18.20 -3.48
N GLU C 4 6.84 19.09 -2.85
CA GLU C 4 8.28 19.10 -3.01
C GLU C 4 8.88 17.93 -2.21
N PRO C 5 10.17 17.57 -2.43
CA PRO C 5 10.78 16.38 -1.81
C PRO C 5 10.40 16.18 -0.35
N LEU C 6 10.24 14.93 0.06
CA LEU C 6 9.66 14.65 1.33
C LEU C 6 10.58 13.87 2.27
N THR C 7 10.06 13.67 3.48
CA THR C 7 10.68 12.84 4.50
C THR C 7 10.72 11.37 4.01
N GLU C 8 11.27 10.43 4.80
CA GLU C 8 11.63 9.12 4.25
C GLU C 8 10.41 8.23 3.96
N LEU C 9 9.53 8.03 4.94
CA LEU C 9 8.36 7.21 4.67
C LEU C 9 7.49 7.87 3.61
N GLU C 10 7.61 9.18 3.52
CA GLU C 10 6.95 9.93 2.46
C GLU C 10 7.64 9.65 1.16
N GLU C 11 8.97 9.60 1.21
CA GLU C 11 9.76 9.33 0.02
C GLU C 11 9.28 8.04 -0.57
N SER C 12 8.97 7.11 0.31
CA SER C 12 8.51 5.81 -0.15
C SER C 12 7.06 5.86 -0.68
N ILE C 13 6.15 6.58 0.00
CA ILE C 13 4.76 6.64 -0.46
C ILE C 13 4.52 7.66 -1.58
N GLU C 14 5.20 8.82 -1.55
CA GLU C 14 5.15 9.79 -2.65
C GLU C 14 5.56 9.15 -3.95
N THR C 15 6.65 8.41 -3.89
CA THR C 15 7.15 7.65 -5.02
C THR C 15 6.06 6.78 -5.67
N VAL C 16 5.17 6.25 -4.84
CA VAL C 16 4.06 5.44 -5.32
C VAL C 16 3.09 6.30 -6.10
N VAL C 17 2.97 7.56 -5.70
CA VAL C 17 2.02 8.49 -6.28
C VAL C 17 2.43 8.88 -7.68
N THR C 18 3.67 9.31 -7.80
CA THR C 18 4.16 9.93 -9.01
C THR C 18 4.04 8.99 -10.21
N THR C 19 4.41 7.75 -10.02
CA THR C 19 4.32 6.76 -11.09
C THR C 19 2.86 6.59 -11.48
N PHE C 20 2.08 6.28 -10.47
CA PHE C 20 0.62 6.20 -10.52
C PHE C 20 -0.01 7.36 -11.30
N PHE C 21 0.35 8.59 -10.88
CA PHE C 21 -0.19 9.83 -11.46
C PHE C 21 0.15 9.99 -12.93
N THR C 22 1.32 9.50 -13.33
CA THR C 22 1.75 9.57 -14.72
C THR C 22 0.75 8.85 -15.62
N PHE C 23 0.19 7.76 -15.12
CA PHE C 23 -0.80 7.00 -15.88
C PHE C 23 -2.20 7.56 -15.64
N ALA C 24 -2.50 7.91 -14.40
CA ALA C 24 -3.78 8.51 -14.05
C ALA C 24 -4.06 9.77 -14.88
N ARG C 25 -3.00 10.53 -15.17
CA ARG C 25 -3.12 11.76 -15.95
C ARG C 25 -3.25 11.48 -17.46
N GLN C 26 -2.84 10.28 -17.89
CA GLN C 26 -2.90 9.90 -19.31
C GLN C 26 -4.31 10.06 -19.89
N GLU C 27 -5.25 9.26 -19.41
CA GLU C 27 -6.62 9.33 -19.93
C GLU C 27 -7.49 10.23 -19.06
N GLY C 28 -8.82 10.13 -19.25
CA GLY C 28 -9.77 10.94 -18.48
C GLY C 28 -9.57 10.82 -16.98
N ARG C 29 -9.75 11.94 -16.28
CA ARG C 29 -9.59 12.00 -14.83
C ARG C 29 -8.13 11.74 -14.46
N LYS C 30 -7.35 12.82 -14.26
CA LYS C 30 -5.93 12.70 -13.93
C LYS C 30 -5.72 12.25 -12.48
N ASP C 31 -6.82 11.99 -11.77
CA ASP C 31 -6.74 11.55 -10.39
C ASP C 31 -6.95 10.04 -10.26
N SER C 32 -7.35 9.39 -11.35
CA SER C 32 -7.59 7.95 -11.32
C SER C 32 -7.28 7.29 -12.65
N LEU C 33 -6.81 6.04 -12.59
CA LEU C 33 -6.50 5.26 -13.80
C LEU C 33 -7.73 4.50 -14.24
N SER C 34 -7.92 4.37 -15.54
CA SER C 34 -9.08 3.66 -16.07
C SER C 34 -8.78 2.17 -16.20
N VAL C 35 -9.72 1.44 -16.77
CA VAL C 35 -9.57 0.00 -16.97
C VAL C 35 -8.59 -0.30 -18.09
N ASN C 36 -8.24 0.73 -18.87
CA ASN C 36 -7.31 0.59 -19.97
C ASN C 36 -5.87 0.70 -19.47
N GLU C 37 -5.64 1.61 -18.53
CA GLU C 37 -4.30 1.82 -17.97
C GLU C 37 -3.96 0.69 -16.99
N PHE C 38 -5.00 0.06 -16.43
CA PHE C 38 -4.82 -1.03 -15.53
C PHE C 38 -4.38 -2.20 -16.36
N LYS C 39 -5.12 -2.41 -17.43
CA LYS C 39 -4.82 -3.48 -18.36
C LYS C 39 -3.44 -3.29 -18.98
N GLU C 40 -3.08 -2.04 -19.30
CA GLU C 40 -1.75 -1.80 -19.88
C GLU C 40 -0.65 -2.20 -18.91
N LEU C 41 -0.77 -1.81 -17.65
CA LEU C 41 0.26 -2.09 -16.68
C LEU C 41 0.26 -3.56 -16.31
N VAL C 42 -0.91 -4.13 -16.17
CA VAL C 42 -1.05 -5.50 -15.77
C VAL C 42 -0.46 -6.39 -16.86
N THR C 43 -0.86 -6.13 -18.08
CA THR C 43 -0.32 -6.80 -19.25
C THR C 43 1.19 -6.51 -19.46
N GLN C 44 1.55 -5.22 -19.50
CA GLN C 44 2.89 -4.79 -19.86
C GLN C 44 3.83 -4.72 -18.66
N GLN C 45 3.40 -4.02 -17.61
CA GLN C 45 4.28 -3.75 -16.46
C GLN C 45 4.25 -4.88 -15.44
N LEU C 46 3.17 -5.64 -15.38
CA LEU C 46 2.96 -6.59 -14.30
C LEU C 46 3.30 -8.06 -14.60
N PRO C 47 3.56 -8.51 -15.86
CA PRO C 47 3.89 -9.92 -16.13
C PRO C 47 4.91 -10.50 -15.16
N HIS C 48 5.87 -9.67 -14.78
CA HIS C 48 6.88 -10.06 -13.82
C HIS C 48 6.30 -10.07 -12.41
N LEU C 49 5.54 -9.03 -12.08
CA LEU C 49 4.94 -8.88 -10.74
C LEU C 49 3.71 -9.78 -10.58
N LEU C 50 2.62 -9.35 -11.18
CA LEU C 50 1.36 -10.05 -11.11
C LEU C 50 1.22 -10.99 -12.28
N LYS C 51 1.71 -12.19 -12.05
CA LYS C 51 1.62 -13.32 -12.97
C LYS C 51 0.17 -13.72 -13.26
N ASP C 52 -0.57 -12.77 -13.73
CA ASP C 52 -1.96 -12.96 -14.10
C ASP C 52 -2.37 -11.79 -14.97
N VAL C 53 -1.67 -11.70 -16.09
CA VAL C 53 -1.82 -10.59 -17.03
C VAL C 53 -3.05 -10.79 -17.90
N GLY C 54 -3.63 -11.97 -17.83
CA GLY C 54 -4.81 -12.27 -18.61
C GLY C 54 -6.06 -11.71 -17.97
N SER C 55 -6.59 -12.43 -17.00
CA SER C 55 -7.85 -12.07 -16.36
C SER C 55 -7.69 -10.96 -15.33
N LEU C 56 -7.18 -9.83 -15.79
CA LEU C 56 -7.12 -8.62 -14.99
C LEU C 56 -8.46 -8.36 -14.31
N ASP C 57 -9.51 -8.81 -14.99
CA ASP C 57 -10.89 -8.60 -14.57
C ASP C 57 -11.09 -8.80 -13.09
N GLU C 58 -10.71 -9.96 -12.56
CA GLU C 58 -11.03 -10.32 -11.17
C GLU C 58 -10.55 -9.25 -10.19
N LYS C 59 -9.32 -8.83 -10.38
CA LYS C 59 -8.69 -7.85 -9.52
C LYS C 59 -9.33 -6.50 -9.77
N MET C 60 -9.53 -6.20 -11.05
CA MET C 60 -10.22 -5.00 -11.46
C MET C 60 -11.55 -4.88 -10.72
N LYS C 61 -12.35 -5.93 -10.75
CA LYS C 61 -13.68 -5.93 -10.12
C LYS C 61 -13.57 -5.64 -8.62
N SER C 62 -12.54 -6.18 -7.99
CA SER C 62 -12.35 -6.03 -6.56
C SER C 62 -12.03 -4.58 -6.20
N LEU C 63 -11.35 -3.90 -7.11
CA LEU C 63 -10.95 -2.50 -6.94
C LEU C 63 -12.05 -1.57 -7.42
N ASP C 64 -12.54 -1.87 -8.60
CA ASP C 64 -13.63 -1.17 -9.28
C ASP C 64 -14.91 -1.16 -8.47
N VAL C 65 -14.96 -2.02 -7.44
CA VAL C 65 -16.19 -2.59 -6.83
C VAL C 65 -17.44 -1.67 -6.86
N ASN C 66 -17.27 -0.37 -6.75
CA ASN C 66 -18.40 0.55 -6.80
C ASN C 66 -18.89 0.77 -8.23
N GLN C 67 -18.33 0.01 -9.21
CA GLN C 67 -18.69 0.13 -10.62
C GLN C 67 -18.34 1.54 -11.00
N ASP C 68 -17.11 1.83 -10.62
CA ASP C 68 -16.41 3.05 -10.90
C ASP C 68 -15.11 2.63 -11.58
N SER C 69 -15.08 2.76 -12.91
CA SER C 69 -13.92 2.34 -13.70
C SER C 69 -12.68 3.17 -13.40
N GLU C 70 -12.75 4.00 -12.38
CA GLU C 70 -11.64 4.82 -11.99
C GLU C 70 -11.00 4.31 -10.70
N LEU C 71 -9.82 3.69 -10.83
CA LEU C 71 -9.06 3.20 -9.72
C LEU C 71 -8.54 4.37 -8.90
N LYS C 72 -9.44 4.92 -8.08
CA LYS C 72 -9.19 6.15 -7.35
C LYS C 72 -8.65 5.98 -5.94
N PHE C 73 -8.81 7.08 -5.18
CA PHE C 73 -8.37 7.22 -3.79
C PHE C 73 -8.59 5.98 -2.95
N ASN C 74 -7.57 5.14 -2.92
CA ASN C 74 -7.56 3.92 -2.10
C ASN C 74 -8.75 2.97 -2.31
N GLU C 75 -9.37 3.05 -3.47
CA GLU C 75 -10.09 1.89 -4.03
C GLU C 75 -9.05 0.99 -4.72
N TYR C 76 -8.19 1.63 -5.51
CA TYR C 76 -7.05 0.96 -6.16
C TYR C 76 -6.20 0.25 -5.12
N TRP C 77 -6.02 0.95 -4.01
CA TRP C 77 -5.13 0.57 -2.91
C TRP C 77 -5.08 -0.93 -2.63
N ARG C 78 -6.21 -1.61 -2.66
CA ARG C 78 -6.21 -3.03 -2.38
C ARG C 78 -5.14 -3.71 -3.22
N LEU C 79 -5.16 -3.42 -4.52
CA LEU C 79 -4.17 -3.96 -5.45
C LEU C 79 -2.78 -3.47 -5.06
N ILE C 80 -2.69 -2.18 -4.73
CA ILE C 80 -1.40 -1.57 -4.36
C ILE C 80 -0.78 -2.30 -3.19
N GLY C 81 -1.63 -2.80 -2.30
CA GLY C 81 -1.15 -3.54 -1.16
C GLY C 81 -0.80 -4.93 -1.56
N GLU C 82 -1.63 -5.51 -2.42
CA GLU C 82 -1.33 -6.79 -2.98
C GLU C 82 0.01 -6.69 -3.73
N LEU C 83 0.27 -5.52 -4.31
CA LEU C 83 1.50 -5.28 -5.09
C LEU C 83 2.74 -5.38 -4.20
N ALA C 84 2.79 -4.55 -3.17
CA ALA C 84 3.95 -4.49 -2.27
C ALA C 84 4.14 -5.81 -1.55
N LYS C 85 3.07 -6.54 -1.36
CA LYS C 85 3.14 -7.84 -0.73
C LYS C 85 3.66 -8.88 -1.71
N GLU C 86 3.07 -8.89 -2.90
CA GLU C 86 3.42 -9.85 -3.96
C GLU C 86 4.91 -9.82 -4.28
N ILE C 87 5.47 -8.62 -4.44
CA ILE C 87 6.90 -8.49 -4.69
C ILE C 87 7.72 -9.22 -3.61
N ARG C 88 7.19 -9.26 -2.40
CA ARG C 88 7.89 -9.88 -1.31
C ARG C 88 7.55 -11.37 -1.18
N LYS C 89 6.30 -11.73 -0.95
CA LYS C 89 5.99 -13.14 -0.76
C LYS C 89 5.35 -13.77 -1.98
N LYS C 90 5.76 -13.34 -3.17
CA LYS C 90 5.21 -13.87 -4.44
C LYS C 90 5.11 -15.39 -4.38
N LYS C 91 6.26 -16.03 -4.41
CA LYS C 91 6.43 -17.41 -3.98
C LYS C 91 7.71 -17.44 -3.17
N ASP C 92 8.09 -16.25 -2.68
CA ASP C 92 9.32 -16.12 -1.92
C ASP C 92 9.23 -16.72 -0.53
N LEU C 93 9.63 -17.98 -0.48
CA LEU C 93 9.69 -18.79 0.72
C LEU C 93 10.71 -19.86 0.42
N LYS C 94 10.80 -20.14 -0.88
CA LYS C 94 11.75 -21.09 -1.42
C LYS C 94 12.76 -20.30 -2.27
N ILE C 95 12.22 -19.33 -3.05
CA ILE C 95 13.04 -18.45 -3.91
C ILE C 95 12.17 -17.70 -4.94
N ARG C 96 12.44 -16.39 -5.14
CA ARG C 96 11.70 -15.57 -6.11
C ARG C 96 12.53 -14.35 -6.54
N LYS C 97 13.51 -13.99 -5.73
CA LYS C 97 14.42 -12.88 -6.05
C LYS C 97 15.79 -13.51 -6.28
N LYS C 98 16.53 -13.10 -7.33
CA LYS C 98 17.79 -13.75 -7.61
C LYS C 98 18.56 -12.96 -8.67
N ASN D 1 -16.31 -1.25 -30.50
CA ASN D 1 -16.83 -1.04 -29.13
C ASN D 1 -17.99 -0.06 -29.20
N VAL D 2 -18.55 0.33 -28.07
CA VAL D 2 -19.59 1.33 -28.06
C VAL D 2 -18.97 2.69 -27.85
N LYS D 3 -19.18 3.58 -28.80
CA LYS D 3 -18.66 4.93 -28.70
C LYS D 3 -19.78 5.87 -28.32
N TYR D 4 -19.43 6.90 -27.57
CA TYR D 4 -20.36 7.96 -27.28
C TYR D 4 -19.99 9.10 -28.21
N ASN D 5 -20.85 9.36 -29.17
CA ASN D 5 -20.49 10.19 -30.30
C ASN D 5 -20.97 11.61 -30.09
N PHE D 6 -20.13 12.55 -30.46
CA PHE D 6 -20.42 13.95 -30.20
C PHE D 6 -21.68 14.36 -30.94
N MET D 7 -22.57 14.98 -30.20
CA MET D 7 -23.90 15.31 -30.65
C MET D 7 -23.94 16.71 -31.26
N ARG D 8 -23.69 17.75 -30.47
CA ARG D 8 -23.71 19.08 -31.04
C ARG D 8 -22.97 20.09 -30.17
N ILE D 9 -22.37 21.07 -30.86
CA ILE D 9 -21.67 22.18 -30.23
C ILE D 9 -22.66 23.26 -29.81
N ILE D 10 -22.71 23.54 -28.52
CA ILE D 10 -23.56 24.56 -27.98
C ILE D 10 -22.80 25.87 -28.01
N LYS D 11 -22.75 26.53 -26.88
CA LYS D 11 -22.21 27.87 -26.80
C LYS D 11 -20.83 27.81 -26.20
N TYR D 12 -20.03 28.85 -26.40
CA TYR D 12 -18.63 28.78 -26.06
C TYR D 12 -18.10 30.08 -25.54
N GLU D 13 -17.06 29.97 -24.72
CA GLU D 13 -16.42 31.10 -24.03
C GLU D 13 -17.41 31.97 -23.28
N PHE D 14 -18.49 31.35 -22.83
CA PHE D 14 -19.46 32.02 -21.98
C PHE D 14 -19.29 31.54 -20.54
N ILE D 15 -19.47 32.44 -19.58
CA ILE D 15 -19.22 32.12 -18.20
C ILE D 15 -20.51 31.99 -17.38
N LEU D 16 -20.53 31.00 -16.53
CA LEU D 16 -21.66 30.73 -15.66
C LEU D 16 -21.37 31.24 -14.25
N ASN D 17 -22.37 31.90 -13.68
CA ASN D 17 -22.34 32.40 -12.32
C ASN D 17 -23.55 31.86 -11.59
N ASP D 18 -23.41 31.61 -10.31
CA ASP D 18 -24.42 30.89 -9.55
C ASP D 18 -25.36 31.87 -8.88
N ALA D 19 -26.28 31.38 -8.07
CA ALA D 19 -27.21 32.24 -7.35
C ALA D 19 -26.49 33.15 -6.35
N LEU D 20 -25.24 32.82 -6.01
CA LEU D 20 -24.41 33.69 -5.18
C LEU D 20 -23.92 34.83 -6.04
N ASN D 21 -24.03 34.57 -7.34
CA ASN D 21 -23.55 35.45 -8.38
C ASN D 21 -22.06 35.66 -8.24
N GLN D 22 -21.33 34.65 -8.65
CA GLN D 22 -19.88 34.69 -8.62
C GLN D 22 -19.33 34.08 -9.89
N SER D 23 -18.51 34.83 -10.59
CA SER D 23 -17.90 34.36 -11.80
C SER D 23 -16.90 33.27 -11.48
N ILE D 24 -16.97 32.19 -12.23
CA ILE D 24 -16.04 31.10 -12.00
C ILE D 24 -14.65 31.52 -12.46
N ILE D 25 -13.84 31.99 -11.52
CA ILE D 25 -12.59 32.65 -11.88
C ILE D 25 -11.42 31.67 -11.78
N ARG D 26 -10.43 31.87 -12.64
CA ARG D 26 -9.30 30.99 -12.73
C ARG D 26 -8.24 31.36 -11.69
N ALA D 27 -8.08 30.52 -10.68
CA ALA D 27 -7.05 30.74 -9.68
C ALA D 27 -5.82 29.95 -10.05
N ASN D 28 -6.04 28.74 -10.55
CA ASN D 28 -4.96 27.84 -10.97
C ASN D 28 -5.47 26.91 -12.06
N ASP D 29 -4.57 26.10 -12.63
CA ASP D 29 -4.94 25.16 -13.68
C ASP D 29 -5.44 23.84 -13.08
N GLN D 30 -5.82 23.88 -11.81
CA GLN D 30 -6.33 22.71 -11.10
C GLN D 30 -7.38 23.14 -10.08
N TYR D 31 -7.19 24.34 -9.51
CA TYR D 31 -8.11 24.88 -8.52
C TYR D 31 -8.78 26.16 -9.04
N LEU D 32 -10.09 26.25 -8.85
CA LEU D 32 -10.86 27.41 -9.29
C LEU D 32 -11.79 27.88 -8.17
N THR D 33 -11.82 29.19 -7.96
CA THR D 33 -12.64 29.80 -6.93
C THR D 33 -13.65 30.74 -7.60
N ALA D 34 -14.85 30.80 -7.05
CA ALA D 34 -15.86 31.66 -7.63
C ALA D 34 -15.80 33.04 -6.99
N ALA D 35 -15.69 34.04 -7.83
CA ALA D 35 -15.65 35.42 -7.41
C ALA D 35 -16.15 36.29 -8.54
N ALA D 36 -16.90 37.33 -8.23
CA ALA D 36 -17.44 38.20 -9.26
C ALA D 36 -16.30 38.81 -10.07
N LEU D 37 -16.37 38.70 -11.40
CA LEU D 37 -15.28 39.13 -12.25
C LEU D 37 -15.09 40.63 -12.15
N HIS D 38 -13.85 41.04 -12.33
CA HIS D 38 -13.49 42.44 -12.28
C HIS D 38 -12.45 42.75 -13.34
N ASN D 39 -11.82 41.70 -13.86
CA ASN D 39 -10.97 41.85 -15.04
C ASN D 39 -11.70 41.28 -16.27
N LEU D 40 -12.89 40.72 -16.03
CA LEU D 40 -13.77 40.16 -17.07
C LEU D 40 -13.14 38.99 -17.80
N ASP D 41 -12.08 39.24 -18.57
CA ASP D 41 -11.30 38.14 -19.11
C ASP D 41 -10.38 37.68 -17.99
N GLU D 42 -11.01 37.01 -17.07
CA GLU D 42 -10.41 36.64 -15.80
C GLU D 42 -10.95 35.30 -15.34
N ALA D 43 -12.21 35.08 -15.66
CA ALA D 43 -12.87 33.81 -15.42
C ALA D 43 -12.56 32.86 -16.57
N VAL D 44 -12.68 31.57 -16.32
CA VAL D 44 -12.39 30.58 -17.33
C VAL D 44 -13.54 30.48 -18.28
N LYS D 45 -13.27 30.55 -19.56
CA LYS D 45 -14.35 30.56 -20.51
C LYS D 45 -14.58 29.17 -20.98
N PHE D 46 -15.78 28.70 -20.68
CA PHE D 46 -16.13 27.34 -21.00
C PHE D 46 -16.96 27.27 -22.26
N ASP D 47 -16.96 26.08 -22.79
CA ASP D 47 -17.69 25.73 -24.01
C ASP D 47 -18.25 24.35 -23.85
N MET D 48 -19.45 24.17 -24.34
CA MET D 48 -20.16 22.94 -24.14
C MET D 48 -20.14 22.11 -25.41
N GLY D 49 -19.79 20.85 -25.24
CA GLY D 49 -19.80 19.92 -26.33
C GLY D 49 -20.49 18.65 -25.93
N ALA D 50 -21.59 18.34 -26.57
CA ALA D 50 -22.43 17.26 -26.11
C ALA D 50 -21.96 15.94 -26.69
N TYR D 51 -22.18 14.88 -25.95
CA TYR D 51 -21.84 13.55 -26.40
C TYR D 51 -23.09 12.73 -26.26
N LYS D 52 -23.19 11.59 -26.92
CA LYS D 52 -24.42 10.87 -26.83
C LYS D 52 -24.20 9.38 -26.62
N SER D 53 -24.77 8.93 -25.51
CA SER D 53 -25.01 7.53 -25.23
C SER D 53 -26.35 7.49 -24.53
N SER D 54 -27.02 6.35 -24.51
CA SER D 54 -28.30 6.31 -23.82
C SER D 54 -28.09 5.93 -22.36
N LYS D 55 -27.10 6.58 -21.75
CA LYS D 55 -26.83 6.40 -20.34
C LYS D 55 -26.86 7.73 -19.59
N ASP D 56 -27.68 8.67 -20.02
CA ASP D 56 -27.79 9.93 -19.29
C ASP D 56 -28.75 9.74 -18.11
N ASP D 57 -29.74 10.60 -18.00
CA ASP D 57 -30.96 10.28 -17.28
C ASP D 57 -32.16 10.57 -18.15
N ALA D 58 -32.53 11.85 -18.17
CA ALA D 58 -33.58 12.38 -19.06
C ALA D 58 -33.10 13.63 -19.80
N LYS D 59 -31.79 13.82 -19.85
CA LYS D 59 -31.18 15.08 -20.30
C LYS D 59 -29.86 14.79 -21.00
N ILE D 60 -29.52 15.62 -21.96
CA ILE D 60 -28.40 15.34 -22.83
C ILE D 60 -27.17 16.01 -22.27
N THR D 61 -26.03 15.41 -22.49
CA THR D 61 -24.85 15.68 -21.69
C THR D 61 -23.75 16.29 -22.53
N VAL D 62 -23.08 17.29 -21.98
CA VAL D 62 -22.02 18.01 -22.68
C VAL D 62 -20.77 18.08 -21.81
N ILE D 63 -19.63 18.40 -22.41
CA ILE D 63 -18.38 18.49 -21.69
C ILE D 63 -18.00 19.96 -21.56
N LEU D 64 -17.57 20.35 -20.39
CA LEU D 64 -17.22 21.74 -20.15
C LEU D 64 -15.71 21.93 -20.16
N ARG D 65 -15.27 22.70 -21.13
CA ARG D 65 -13.87 22.90 -21.43
C ARG D 65 -13.58 24.37 -21.66
N ILE D 66 -12.36 24.80 -21.41
CA ILE D 66 -12.00 26.18 -21.66
C ILE D 66 -11.69 26.32 -23.15
N SER D 67 -12.32 27.29 -23.78
CA SER D 67 -12.30 27.42 -25.24
C SER D 67 -10.90 27.31 -25.85
N LYS D 68 -9.86 27.64 -25.09
CA LYS D 68 -8.51 27.64 -25.61
C LYS D 68 -7.83 26.28 -25.42
N THR D 69 -7.80 25.80 -24.18
CA THR D 69 -7.18 24.51 -23.87
C THR D 69 -8.23 23.53 -23.41
N GLN D 70 -7.91 22.27 -23.29
CA GLN D 70 -8.95 21.34 -22.96
C GLN D 70 -8.87 21.02 -21.48
N LEU D 71 -9.35 21.98 -20.69
CA LEU D 71 -9.41 21.87 -19.25
C LEU D 71 -10.84 21.55 -18.86
N TYR D 72 -11.08 20.30 -18.44
CA TYR D 72 -12.42 19.89 -18.09
C TYR D 72 -12.56 19.87 -16.59
N VAL D 73 -13.72 20.22 -16.08
CA VAL D 73 -13.94 20.00 -14.66
C VAL D 73 -14.50 18.59 -14.50
N THR D 74 -13.80 17.80 -13.71
CA THR D 74 -14.21 16.42 -13.45
C THR D 74 -14.91 16.29 -12.11
N ALA D 75 -15.77 15.27 -11.99
CA ALA D 75 -16.49 15.01 -10.76
C ALA D 75 -15.71 14.02 -9.90
N GLN D 76 -15.29 14.49 -8.72
CA GLN D 76 -14.51 13.67 -7.80
C GLN D 76 -15.41 12.77 -6.94
N ASP D 77 -15.79 13.26 -5.76
CA ASP D 77 -16.65 12.49 -4.86
C ASP D 77 -17.17 13.38 -3.73
N GLU D 78 -18.49 13.53 -3.67
CA GLU D 78 -19.14 14.36 -2.65
C GLU D 78 -18.57 15.77 -2.67
N ASP D 79 -18.27 16.31 -1.47
CA ASP D 79 -17.75 17.66 -1.34
C ASP D 79 -16.21 17.69 -1.43
N GLN D 80 -15.70 17.56 -2.65
CA GLN D 80 -14.28 17.61 -2.89
C GLN D 80 -14.01 18.49 -4.11
N PRO D 81 -13.18 19.54 -3.95
CA PRO D 81 -12.87 20.51 -5.01
C PRO D 81 -12.52 19.88 -6.35
N VAL D 82 -13.22 20.37 -7.38
CA VAL D 82 -13.03 19.95 -8.75
C VAL D 82 -11.60 20.13 -9.21
N LEU D 83 -11.07 19.13 -9.89
CA LEU D 83 -9.71 19.19 -10.41
C LEU D 83 -9.74 19.43 -11.91
N LEU D 84 -9.15 20.54 -12.32
CA LEU D 84 -9.10 20.91 -13.73
C LEU D 84 -8.05 20.08 -14.48
N LYS D 85 -8.52 19.19 -15.36
CA LYS D 85 -7.65 18.32 -16.13
C LYS D 85 -7.37 18.88 -17.52
N GLU D 86 -6.11 18.83 -17.94
CA GLU D 86 -5.72 19.34 -19.26
C GLU D 86 -5.20 18.21 -20.14
N MET D 87 -5.99 17.84 -21.14
CA MET D 87 -5.60 16.79 -22.07
C MET D 87 -5.56 17.35 -23.50
N PRO D 88 -4.37 17.32 -24.14
CA PRO D 88 -4.18 17.84 -25.50
C PRO D 88 -5.14 17.23 -26.52
N GLU D 89 -5.84 18.11 -27.23
CA GLU D 89 -6.79 17.75 -28.28
C GLU D 89 -8.06 17.08 -27.74
N ILE D 90 -9.21 17.54 -28.26
CA ILE D 90 -10.52 17.01 -27.87
C ILE D 90 -10.80 15.65 -28.50
N PRO D 91 -11.20 14.67 -27.68
CA PRO D 91 -11.59 13.34 -28.16
C PRO D 91 -12.86 13.41 -29.02
N LYS D 92 -12.91 12.57 -30.04
CA LYS D 92 -14.05 12.51 -30.94
C LYS D 92 -14.95 11.33 -30.55
N THR D 93 -14.33 10.38 -29.88
CA THR D 93 -14.99 9.16 -29.45
C THR D 93 -14.73 8.96 -27.97
N ILE D 94 -15.79 8.93 -27.20
CA ILE D 94 -15.72 8.98 -25.76
C ILE D 94 -15.84 7.58 -25.16
N THR D 95 -14.91 7.26 -24.27
CA THR D 95 -14.89 5.96 -23.61
C THR D 95 -15.39 6.07 -22.17
N GLY D 96 -15.11 5.03 -21.37
CA GLY D 96 -15.52 5.03 -19.97
C GLY D 96 -14.40 5.46 -19.06
N SER D 97 -13.67 6.49 -19.48
CA SER D 97 -12.54 7.01 -18.71
C SER D 97 -12.79 8.46 -18.35
N GLU D 98 -13.49 9.15 -19.22
CA GLU D 98 -13.80 10.56 -19.02
C GLU D 98 -15.22 10.74 -18.49
N THR D 99 -15.74 9.74 -17.79
CA THR D 99 -17.10 9.78 -17.25
C THR D 99 -17.24 10.78 -16.10
N ASN D 100 -16.13 11.36 -15.66
CA ASN D 100 -16.15 12.33 -14.57
C ASN D 100 -16.39 13.74 -15.08
N LEU D 101 -15.84 14.07 -16.24
CA LEU D 101 -15.99 15.41 -16.83
C LEU D 101 -17.27 15.51 -17.67
N LEU D 102 -18.20 14.58 -17.47
CA LEU D 102 -19.45 14.58 -18.21
C LEU D 102 -20.53 15.24 -17.37
N PHE D 103 -21.47 15.98 -17.98
CA PHE D 103 -22.39 16.76 -17.17
C PHE D 103 -23.80 16.75 -17.71
N PHE D 104 -24.68 16.29 -16.84
CA PHE D 104 -26.10 16.22 -17.09
C PHE D 104 -26.70 17.57 -16.75
N TRP D 105 -26.98 18.37 -17.75
CA TRP D 105 -27.45 19.73 -17.49
C TRP D 105 -28.96 19.84 -17.56
N GLU D 106 -29.55 20.15 -16.41
CA GLU D 106 -30.99 20.35 -16.31
C GLU D 106 -31.29 21.84 -16.24
N THR D 107 -31.86 22.39 -17.30
CA THR D 107 -32.10 23.81 -17.40
C THR D 107 -33.55 24.15 -17.06
N HIS D 108 -33.74 25.10 -16.17
CA HIS D 108 -35.09 25.56 -15.80
C HIS D 108 -35.21 27.05 -16.04
N GLY D 109 -35.79 27.42 -17.18
CA GLY D 109 -35.95 28.82 -17.52
C GLY D 109 -34.63 29.55 -17.68
N THR D 110 -34.22 30.23 -16.62
CA THR D 110 -32.97 30.98 -16.63
C THR D 110 -31.89 30.21 -15.87
N LYS D 111 -32.27 29.62 -14.74
CA LYS D 111 -31.34 28.88 -13.92
C LYS D 111 -31.12 27.49 -14.50
N ASN D 112 -30.03 26.88 -14.10
CA ASN D 112 -29.67 25.57 -14.61
C ASN D 112 -28.82 24.83 -13.60
N TYR D 113 -28.92 23.51 -13.62
CA TYR D 113 -28.16 22.66 -12.73
C TYR D 113 -27.11 21.88 -13.52
N PHE D 114 -26.10 21.41 -12.81
CA PHE D 114 -25.07 20.58 -13.40
C PHE D 114 -24.92 19.29 -12.59
N THR D 115 -25.53 18.24 -13.10
CA THR D 115 -25.54 16.95 -12.43
C THR D 115 -24.38 16.07 -12.91
N SER D 116 -23.72 15.40 -11.98
CA SER D 116 -22.64 14.49 -12.34
C SER D 116 -23.18 13.20 -12.96
N VAL D 117 -22.65 12.84 -14.11
CA VAL D 117 -23.03 11.60 -14.78
C VAL D 117 -22.31 10.41 -14.15
N ALA D 118 -21.20 10.69 -13.47
CA ALA D 118 -20.43 9.63 -12.80
C ALA D 118 -21.19 9.15 -11.57
N HIS D 119 -21.24 10.00 -10.55
CA HIS D 119 -21.97 9.68 -9.32
C HIS D 119 -23.19 10.59 -9.23
N PRO D 120 -24.39 10.00 -9.23
CA PRO D 120 -25.68 10.73 -9.26
C PRO D 120 -25.82 11.78 -8.17
N ASN D 121 -25.42 11.43 -6.94
CA ASN D 121 -25.66 12.32 -5.78
C ASN D 121 -24.76 13.56 -5.81
N LEU D 122 -23.94 13.67 -6.85
CA LEU D 122 -23.03 14.80 -6.96
C LEU D 122 -23.66 15.91 -7.79
N PHE D 123 -23.48 17.11 -7.32
CA PHE D 123 -24.00 18.31 -7.94
C PHE D 123 -22.98 19.42 -7.75
N ILE D 124 -22.84 20.33 -8.69
CA ILE D 124 -21.76 21.32 -8.62
C ILE D 124 -22.20 22.52 -7.78
N ALA D 125 -21.69 22.57 -6.55
CA ALA D 125 -22.10 23.57 -5.57
C ALA D 125 -21.20 24.78 -5.58
N THR D 126 -21.72 25.89 -5.11
CA THR D 126 -20.96 27.13 -5.12
C THR D 126 -20.77 27.67 -3.71
N LYS D 127 -19.54 27.99 -3.41
CA LYS D 127 -19.13 28.47 -2.10
C LYS D 127 -18.84 29.98 -2.16
N GLN D 128 -19.01 30.66 -1.03
CA GLN D 128 -18.74 32.09 -0.94
C GLN D 128 -17.25 32.39 -0.87
N ASP D 129 -16.47 31.49 -0.29
CA ASP D 129 -15.05 31.74 -0.06
C ASP D 129 -14.16 30.65 -0.66
N TYR D 130 -14.69 29.43 -0.73
CA TYR D 130 -13.91 28.30 -1.20
C TYR D 130 -14.07 28.05 -2.70
N TRP D 131 -13.40 27.01 -3.16
CA TRP D 131 -13.40 26.61 -4.56
C TRP D 131 -14.75 26.03 -4.97
N VAL D 132 -15.15 26.27 -6.21
CA VAL D 132 -16.40 25.73 -6.72
C VAL D 132 -16.26 24.23 -6.88
N CYS D 133 -16.86 23.49 -5.96
CA CYS D 133 -16.70 22.05 -5.93
C CYS D 133 -17.95 21.35 -6.43
N LEU D 134 -18.14 20.13 -5.96
CA LEU D 134 -19.30 19.33 -6.23
C LEU D 134 -19.75 18.89 -4.87
N ALA D 135 -20.95 18.40 -4.71
CA ALA D 135 -21.44 18.14 -3.38
C ALA D 135 -22.70 17.33 -3.40
N GLY D 136 -23.05 16.88 -2.23
CA GLY D 136 -24.40 16.63 -1.94
C GLY D 136 -24.83 17.88 -1.25
N GLY D 137 -25.97 18.36 -1.56
CA GLY D 137 -26.28 19.72 -1.18
C GLY D 137 -27.20 19.90 0.03
N PRO D 138 -26.60 20.20 1.20
CA PRO D 138 -27.24 20.95 2.26
C PRO D 138 -26.67 22.38 2.29
N PRO D 139 -27.49 23.37 2.68
CA PRO D 139 -27.38 24.83 2.40
C PRO D 139 -26.22 25.40 1.53
N SER D 140 -25.45 24.58 0.84
CA SER D 140 -24.55 25.05 -0.20
C SER D 140 -25.39 25.39 -1.43
N ILE D 141 -25.03 26.44 -2.13
CA ILE D 141 -25.82 26.84 -3.29
C ILE D 141 -25.41 26.05 -4.50
N THR D 142 -26.07 24.93 -4.72
CA THR D 142 -25.78 24.14 -5.90
C THR D 142 -26.71 24.59 -7.04
N ASP D 143 -26.95 25.90 -7.07
CA ASP D 143 -27.67 26.58 -8.15
C ASP D 143 -26.68 27.15 -9.14
N PHE D 144 -27.09 27.26 -10.39
CA PHE D 144 -26.35 28.06 -11.34
C PHE D 144 -27.28 28.87 -12.23
N GLN D 145 -26.67 29.77 -12.96
CA GLN D 145 -27.33 30.69 -13.86
C GLN D 145 -26.29 31.15 -14.86
N ILE D 146 -26.62 31.22 -16.13
CA ILE D 146 -25.59 31.59 -17.08
C ILE D 146 -25.65 33.08 -17.39
N LEU D 147 -24.64 33.79 -16.92
CA LEU D 147 -24.51 35.21 -17.22
C LEU D 147 -23.27 35.49 -18.07
N GLU D 148 -23.48 36.09 -19.23
CA GLU D 148 -22.38 36.42 -20.11
C GLU D 148 -21.79 37.79 -19.74
N ASN D 149 -20.52 37.99 -20.07
CA ASN D 149 -19.91 39.29 -19.91
C ASN D 149 -20.10 40.11 -21.19
N GLN D 150 -19.75 41.38 -21.13
CA GLN D 150 -19.96 42.25 -22.28
C GLN D 150 -18.91 41.97 -23.36
N ALA D 151 -17.65 42.02 -22.96
CA ALA D 151 -16.54 41.77 -23.86
C ALA D 151 -15.25 41.55 -23.06
N ASN A 1 11.87 -1.07 32.52
CA ASN A 1 10.92 -1.97 31.84
C ASN A 1 11.14 -3.39 32.38
N VAL A 2 10.43 -4.37 31.83
CA VAL A 2 10.66 -5.74 32.23
C VAL A 2 11.65 -6.36 31.27
N LYS A 3 12.76 -6.82 31.82
CA LYS A 3 13.77 -7.48 31.03
C LYS A 3 13.70 -8.97 31.21
N TYR A 4 14.02 -9.70 30.17
CA TYR A 4 14.15 -11.14 30.27
C TYR A 4 15.64 -11.41 30.35
N ASN A 5 16.08 -11.86 31.50
CA ASN A 5 17.50 -11.86 31.82
C ASN A 5 18.08 -13.21 31.58
N PHE A 6 19.27 -13.24 31.03
CA PHE A 6 19.90 -14.49 30.63
C PHE A 6 20.13 -15.36 31.85
N MET A 7 19.70 -16.59 31.73
CA MET A 7 19.67 -17.53 32.83
C MET A 7 20.96 -18.34 32.88
N ARG A 8 21.23 -19.17 31.86
CA ARG A 8 22.45 -19.95 31.89
C ARG A 8 22.85 -20.45 30.51
N ILE A 9 24.16 -20.54 30.31
CA ILE A 9 24.76 -21.06 29.10
C ILE A 9 24.79 -22.59 29.14
N ILE A 10 24.12 -23.21 28.19
CA ILE A 10 24.09 -24.65 28.09
C ILE A 10 25.27 -25.07 27.22
N LYS A 11 25.00 -25.86 26.20
CA LYS A 11 26.03 -26.49 25.42
C LYS A 11 26.17 -25.73 24.11
N TYR A 12 27.28 -25.89 23.43
CA TYR A 12 27.58 -25.04 22.30
C TYR A 12 28.31 -25.80 21.20
N GLU A 13 28.13 -25.30 19.98
CA GLU A 13 28.68 -25.89 18.76
C GLU A 13 28.36 -27.38 18.63
N PHE A 14 27.23 -27.77 19.20
CA PHE A 14 26.72 -29.12 19.05
C PHE A 14 25.56 -29.13 18.07
N ILE A 15 25.46 -30.18 17.26
CA ILE A 15 24.44 -30.22 16.21
C ILE A 15 23.32 -31.20 16.54
N LEU A 16 22.11 -30.78 16.24
CA LEU A 16 20.93 -31.58 16.43
C LEU A 16 20.46 -32.19 15.12
N ASN A 17 20.12 -33.46 15.19
CA ASN A 17 19.59 -34.22 14.07
C ASN A 17 18.28 -34.84 14.51
N ASP A 18 17.35 -34.97 13.60
CA ASP A 18 15.99 -35.35 13.94
C ASP A 18 15.80 -36.85 13.79
N ALA A 19 14.58 -37.33 13.97
CA ALA A 19 14.31 -38.76 13.83
C ALA A 19 14.56 -39.25 12.39
N LEU A 20 14.62 -38.33 11.44
CA LEU A 20 14.99 -38.66 10.06
C LEU A 20 16.48 -38.88 10.01
N ASN A 21 17.11 -38.37 11.06
CA ASN A 21 18.54 -38.36 11.22
C ASN A 21 19.19 -37.60 10.10
N GLN A 22 19.09 -36.29 10.19
CA GLN A 22 19.68 -35.41 9.21
C GLN A 22 20.32 -34.23 9.92
N SER A 23 21.58 -34.02 9.66
CA SER A 23 22.30 -32.92 10.24
C SER A 23 21.81 -31.62 9.68
N ILE A 24 21.55 -30.67 10.55
CA ILE A 24 21.07 -29.37 10.10
C ILE A 24 22.21 -28.63 9.38
N ILE A 25 22.24 -28.74 8.06
CA ILE A 25 23.39 -28.30 7.30
C ILE A 25 23.16 -26.89 6.75
N ARG A 26 24.25 -26.13 6.66
CA ARG A 26 24.19 -24.76 6.23
C ARG A 26 24.19 -24.67 4.70
N ALA A 27 23.06 -24.28 4.13
CA ALA A 27 22.97 -24.09 2.70
C ALA A 27 23.19 -22.63 2.37
N ASN A 28 22.64 -21.76 3.23
CA ASN A 28 22.76 -20.32 3.07
C ASN A 28 22.62 -19.64 4.43
N ASP A 29 22.77 -18.32 4.47
CA ASP A 29 22.63 -17.57 5.73
C ASP A 29 21.17 -17.16 5.95
N GLN A 30 20.28 -17.81 5.22
CA GLN A 30 18.84 -17.55 5.32
C GLN A 30 18.06 -18.85 5.13
N TYR A 31 18.64 -19.78 4.36
CA TYR A 31 18.00 -21.07 4.09
C TYR A 31 18.90 -22.22 4.54
N LEU A 32 18.33 -23.16 5.29
CA LEU A 32 19.06 -24.33 5.77
C LEU A 32 18.28 -25.61 5.47
N THR A 33 18.98 -26.60 4.95
CA THR A 33 18.39 -27.89 4.61
C THR A 33 19.03 -28.98 5.46
N ALA A 34 18.24 -29.96 5.86
CA ALA A 34 18.75 -31.03 6.68
C ALA A 34 19.27 -32.16 5.80
N ALA A 35 20.51 -32.53 6.03
CA ALA A 35 21.16 -33.61 5.31
C ALA A 35 22.25 -34.18 6.19
N ALA A 36 22.42 -35.49 6.17
CA ALA A 36 23.45 -36.13 7.00
C ALA A 36 24.82 -35.57 6.63
N LEU A 37 25.57 -35.12 7.64
CA LEU A 37 26.83 -34.46 7.39
C LEU A 37 27.84 -35.42 6.78
N HIS A 38 28.71 -34.87 5.97
CA HIS A 38 29.73 -35.63 5.29
C HIS A 38 31.03 -34.86 5.26
N ASN A 39 30.94 -33.55 5.51
CA ASN A 39 32.13 -32.75 5.74
C ASN A 39 32.26 -32.43 7.23
N LEU A 40 31.26 -32.86 8.01
CA LEU A 40 31.23 -32.70 9.47
C LEU A 40 31.18 -31.24 9.90
N ASP A 41 32.26 -30.51 9.68
CA ASP A 41 32.21 -29.07 9.84
C ASP A 41 31.56 -28.51 8.60
N GLU A 42 30.27 -28.74 8.55
CA GLU A 42 29.45 -28.48 7.37
C GLU A 42 28.06 -28.02 7.80
N ALA A 43 27.62 -28.58 8.91
CA ALA A 43 26.38 -28.18 9.54
C ALA A 43 26.63 -26.96 10.41
N VAL A 44 25.57 -26.21 10.69
CA VAL A 44 25.69 -25.00 11.48
C VAL A 44 25.78 -25.38 12.92
N LYS A 45 26.75 -24.85 13.62
CA LYS A 45 26.95 -25.24 14.98
C LYS A 45 26.24 -24.27 15.87
N PHE A 46 25.27 -24.79 16.57
CA PHE A 46 24.45 -23.97 17.42
C PHE A 46 24.88 -24.05 18.87
N ASP A 47 24.45 -23.04 19.58
CA ASP A 47 24.72 -22.89 21.00
C ASP A 47 23.49 -22.33 21.65
N MET A 48 23.21 -22.81 22.83
CA MET A 48 21.99 -22.46 23.51
C MET A 48 22.27 -21.46 24.61
N GLY A 49 21.48 -20.42 24.64
CA GLY A 49 21.57 -19.42 25.67
C GLY A 49 20.20 -19.10 26.20
N ALA A 50 19.97 -19.38 27.46
CA ALA A 50 18.63 -19.30 28.01
C ALA A 50 18.35 -17.89 28.47
N TYR A 51 17.10 -17.52 28.39
CA TYR A 51 16.65 -16.22 28.88
C TYR A 51 15.51 -16.50 29.83
N LYS A 52 15.17 -15.55 30.67
CA LYS A 52 14.14 -15.85 31.63
C LYS A 52 13.11 -14.74 31.76
N SER A 53 11.89 -15.13 31.49
CA SER A 53 10.70 -14.38 31.86
C SER A 53 9.69 -15.43 32.26
N SER A 54 8.66 -15.08 33.02
CA SER A 54 7.67 -16.08 33.39
C SER A 54 6.58 -16.12 32.33
N LYS A 55 7.00 -16.15 31.07
CA LYS A 55 6.09 -16.29 29.96
C LYS A 55 6.45 -17.47 29.08
N ASP A 56 7.02 -18.53 29.66
CA ASP A 56 7.32 -19.71 28.85
C ASP A 56 6.06 -20.56 28.71
N ASP A 57 6.15 -21.84 29.04
CA ASP A 57 4.99 -22.61 29.43
C ASP A 57 5.26 -23.31 30.75
N ALA A 58 5.97 -24.44 30.64
CA ALA A 58 6.45 -25.20 31.80
C ALA A 58 7.94 -25.54 31.65
N LYS A 59 8.62 -24.82 30.77
CA LYS A 59 9.98 -25.17 30.32
C LYS A 59 10.75 -23.91 30.02
N ILE A 60 12.06 -23.97 30.23
CA ILE A 60 12.89 -22.79 30.18
C ILE A 60 13.46 -22.66 28.79
N THR A 61 13.66 -21.43 28.36
CA THR A 61 13.80 -21.13 26.97
C THR A 61 15.18 -20.58 26.65
N VAL A 62 15.74 -21.03 25.54
CA VAL A 62 17.07 -20.64 25.12
C VAL A 62 17.07 -20.16 23.68
N ILE A 63 18.14 -19.48 23.25
CA ILE A 63 18.22 -18.97 21.91
C ILE A 63 19.24 -19.79 21.15
N LEU A 64 18.91 -20.16 19.93
CA LEU A 64 19.81 -21.00 19.13
C LEU A 64 20.54 -20.16 18.11
N ARG A 65 21.86 -20.12 18.28
CA ARG A 65 22.74 -19.26 17.50
C ARG A 65 23.96 -20.05 17.05
N ILE A 66 24.57 -19.65 15.95
CA ILE A 66 25.77 -20.30 15.50
C ILE A 66 26.94 -19.74 16.29
N SER A 67 27.73 -20.63 16.87
CA SER A 67 28.75 -20.24 17.83
C SER A 67 29.65 -19.08 17.37
N LYS A 68 29.79 -18.90 16.06
CA LYS A 68 30.67 -17.86 15.54
C LYS A 68 29.92 -16.54 15.35
N THR A 69 28.83 -16.57 14.60
CA THR A 69 28.04 -15.36 14.36
C THR A 69 26.68 -15.49 14.99
N GLN A 70 25.92 -14.43 15.06
CA GLN A 70 24.67 -14.56 15.77
C GLN A 70 23.54 -14.73 14.79
N LEU A 71 23.50 -15.95 14.25
CA LEU A 71 22.43 -16.39 13.37
C LEU A 71 21.42 -17.15 14.17
N TYR A 72 20.24 -16.60 14.32
CA TYR A 72 19.21 -17.28 15.08
C TYR A 72 18.18 -17.82 14.13
N VAL A 73 17.61 -18.98 14.43
CA VAL A 73 16.46 -19.40 13.66
C VAL A 73 15.22 -18.83 14.30
N THR A 74 14.47 -18.06 13.52
CA THR A 74 13.24 -17.44 14.01
C THR A 74 12.00 -18.14 13.46
N ALA A 75 10.87 -17.91 14.11
CA ALA A 75 9.60 -18.49 13.69
C ALA A 75 8.83 -17.50 12.83
N GLN A 76 8.55 -17.88 11.59
CA GLN A 76 7.82 -17.01 10.67
C GLN A 76 6.31 -17.17 10.83
N ASP A 77 5.74 -18.19 10.20
CA ASP A 77 4.31 -18.45 10.27
C ASP A 77 4.01 -19.90 9.92
N GLU A 78 4.16 -20.79 10.91
CA GLU A 78 3.95 -22.23 10.74
C GLU A 78 4.78 -22.75 9.58
N ASP A 79 4.16 -23.54 8.69
CA ASP A 79 4.84 -24.10 7.53
C ASP A 79 5.39 -22.99 6.61
N GLN A 80 6.57 -22.52 6.97
CA GLN A 80 7.25 -21.45 6.25
C GLN A 80 8.73 -21.52 6.65
N PRO A 81 9.65 -21.51 5.67
CA PRO A 81 11.08 -21.62 5.92
C PRO A 81 11.64 -20.64 6.95
N VAL A 82 12.28 -21.21 7.97
CA VAL A 82 12.96 -20.46 9.02
C VAL A 82 13.87 -19.39 8.46
N LEU A 83 13.77 -18.20 9.03
CA LEU A 83 14.56 -17.06 8.60
C LEU A 83 15.76 -16.87 9.51
N LEU A 84 16.95 -17.14 8.98
CA LEU A 84 18.17 -17.01 9.75
C LEU A 84 18.59 -15.55 9.83
N LYS A 85 18.40 -14.94 11.00
CA LYS A 85 18.74 -13.54 11.23
C LYS A 85 20.17 -13.42 11.77
N GLU A 86 20.85 -12.35 11.38
CA GLU A 86 22.22 -12.12 11.83
C GLU A 86 22.39 -10.72 12.40
N MET A 87 22.52 -10.63 13.72
CA MET A 87 22.70 -9.35 14.40
C MET A 87 23.96 -9.38 15.26
N PRO A 88 24.92 -8.47 14.99
CA PRO A 88 26.19 -8.40 15.72
C PRO A 88 26.05 -8.33 17.24
N GLU A 89 26.79 -9.24 17.91
CA GLU A 89 26.82 -9.33 19.37
C GLU A 89 25.48 -9.82 19.97
N ILE A 90 25.60 -10.76 20.91
CA ILE A 90 24.47 -11.33 21.62
C ILE A 90 23.90 -10.38 22.66
N PRO A 91 22.58 -10.15 22.63
CA PRO A 91 21.90 -9.33 23.64
C PRO A 91 21.94 -9.99 25.01
N LYS A 92 22.05 -9.16 26.05
CA LYS A 92 22.10 -9.64 27.42
C LYS A 92 20.73 -9.48 28.06
N THR A 93 19.96 -8.56 27.50
CA THR A 93 18.63 -8.24 27.98
C THR A 93 17.66 -8.29 26.81
N ILE A 94 16.69 -9.15 26.94
CA ILE A 94 15.81 -9.50 25.83
C ILE A 94 14.50 -8.72 25.92
N THR A 95 14.14 -8.07 24.82
CA THR A 95 12.92 -7.27 24.76
C THR A 95 11.79 -7.99 24.03
N GLY A 96 10.79 -7.23 23.59
CA GLY A 96 9.67 -7.81 22.86
C GLY A 96 9.90 -7.76 21.36
N SER A 97 11.12 -7.46 20.96
CA SER A 97 11.48 -7.38 19.56
C SER A 97 11.95 -8.75 19.07
N GLU A 98 12.64 -9.47 19.96
CA GLU A 98 13.14 -10.80 19.66
C GLU A 98 12.32 -11.85 20.38
N THR A 99 11.23 -12.30 19.75
CA THR A 99 10.36 -13.30 20.36
C THR A 99 10.17 -14.50 19.43
N ASN A 100 10.73 -14.42 18.23
CA ASN A 100 10.62 -15.49 17.26
C ASN A 100 11.79 -16.46 17.37
N LEU A 101 12.93 -15.94 17.83
CA LEU A 101 14.13 -16.74 17.99
C LEU A 101 14.19 -17.38 19.38
N LEU A 102 13.06 -17.37 20.09
CA LEU A 102 13.01 -17.96 21.43
C LEU A 102 12.48 -19.39 21.33
N PHE A 103 12.98 -20.32 22.16
CA PHE A 103 12.60 -21.71 21.94
C PHE A 103 12.37 -22.46 23.23
N PHE A 104 11.16 -22.97 23.32
CA PHE A 104 10.70 -23.77 24.43
C PHE A 104 11.11 -25.21 24.18
N TRP A 105 12.17 -25.64 24.84
CA TRP A 105 12.71 -26.97 24.56
C TRP A 105 12.20 -28.01 25.54
N GLU A 106 11.44 -28.96 25.02
CA GLU A 106 10.92 -30.06 25.81
C GLU A 106 11.73 -31.32 25.52
N THR A 107 12.54 -31.74 26.48
CA THR A 107 13.44 -32.87 26.28
C THR A 107 12.85 -34.15 26.89
N HIS A 108 12.83 -35.21 26.10
CA HIS A 108 12.35 -36.51 26.56
C HIS A 108 13.43 -37.55 26.38
N GLY A 109 14.17 -37.85 27.45
CA GLY A 109 15.23 -38.82 27.39
C GLY A 109 16.35 -38.42 26.44
N THR A 110 16.29 -38.95 25.23
CA THR A 110 17.29 -38.65 24.22
C THR A 110 16.74 -37.65 23.19
N LYS A 111 15.48 -37.83 22.82
CA LYS A 111 14.85 -36.95 21.86
C LYS A 111 14.40 -35.67 22.52
N ASN A 112 14.19 -34.66 21.73
CA ASN A 112 13.80 -33.36 22.23
C ASN A 112 13.00 -32.60 21.20
N TYR A 113 12.12 -31.74 21.66
CA TYR A 113 11.31 -30.92 20.79
C TYR A 113 11.72 -29.46 20.89
N PHE A 114 11.37 -28.68 19.88
CA PHE A 114 11.61 -27.25 19.88
C PHE A 114 10.32 -26.51 19.59
N THR A 115 9.71 -26.02 20.63
CA THR A 115 8.42 -25.32 20.55
C THR A 115 8.63 -23.81 20.41
N SER A 116 7.86 -23.19 19.53
CA SER A 116 7.93 -21.75 19.34
C SER A 116 7.26 -21.02 20.50
N VAL A 117 7.98 -20.08 21.09
CA VAL A 117 7.44 -19.26 22.17
C VAL A 117 6.55 -18.15 21.60
N ALA A 118 6.74 -17.82 20.33
CA ALA A 118 5.94 -16.79 19.67
C ALA A 118 4.52 -17.30 19.44
N HIS A 119 4.38 -18.26 18.53
CA HIS A 119 3.09 -18.87 18.25
C HIS A 119 3.13 -20.33 18.73
N PRO A 120 2.26 -20.66 19.70
CA PRO A 120 2.22 -21.98 20.35
C PRO A 120 2.13 -23.17 19.39
N ASN A 121 1.29 -23.05 18.37
CA ASN A 121 1.00 -24.17 17.46
C ASN A 121 2.19 -24.47 16.54
N LEU A 122 3.26 -23.72 16.68
CA LEU A 122 4.42 -23.90 15.83
C LEU A 122 5.43 -24.82 16.50
N PHE A 123 5.97 -25.71 15.70
CA PHE A 123 6.94 -26.69 16.15
C PHE A 123 7.94 -26.89 15.01
N ILE A 124 9.20 -27.15 15.31
CA ILE A 124 10.22 -27.19 14.27
C ILE A 124 10.27 -28.58 13.63
N ALA A 125 9.71 -28.68 12.44
CA ALA A 125 9.55 -29.94 11.73
C ALA A 125 10.70 -30.23 10.80
N THR A 126 10.91 -31.50 10.49
CA THR A 126 12.02 -31.88 9.64
C THR A 126 11.53 -32.58 8.38
N LYS A 127 12.04 -32.10 7.26
CA LYS A 127 11.66 -32.60 5.95
C LYS A 127 12.78 -33.46 5.36
N GLN A 128 12.42 -34.40 4.50
CA GLN A 128 13.40 -35.27 3.85
C GLN A 128 14.15 -34.56 2.72
N ASP A 129 13.50 -33.60 2.07
CA ASP A 129 14.09 -32.94 0.90
C ASP A 129 14.13 -31.43 1.03
N TYR A 130 13.17 -30.88 1.77
CA TYR A 130 13.07 -29.43 1.92
C TYR A 130 13.82 -28.90 3.14
N TRP A 131 13.77 -27.58 3.28
CA TRP A 131 14.43 -26.89 4.38
C TRP A 131 13.78 -27.21 5.72
N VAL A 132 14.60 -27.20 6.78
CA VAL A 132 14.10 -27.44 8.12
C VAL A 132 13.27 -26.25 8.57
N CYS A 133 11.96 -26.40 8.55
CA CYS A 133 11.07 -25.31 8.84
C CYS A 133 10.44 -25.44 10.22
N LEU A 134 9.27 -24.85 10.37
CA LEU A 134 8.48 -24.95 11.56
C LEU A 134 7.12 -25.35 11.06
N ALA A 135 6.24 -25.82 11.90
CA ALA A 135 5.02 -26.38 11.39
C ALA A 135 4.01 -26.60 12.48
N GLY A 136 2.83 -26.90 12.05
CA GLY A 136 1.95 -27.67 12.82
C GLY A 136 2.15 -29.04 12.28
N GLY A 137 2.21 -30.00 13.12
CA GLY A 137 2.73 -31.28 12.68
C GLY A 137 1.71 -32.37 12.41
N PRO A 138 1.37 -32.58 11.13
CA PRO A 138 0.92 -33.87 10.62
C PRO A 138 2.05 -34.52 9.80
N PRO A 139 2.13 -35.87 9.80
CA PRO A 139 3.30 -36.72 9.51
C PRO A 139 4.69 -36.11 9.16
N SER A 140 4.90 -34.81 9.35
CA SER A 140 6.23 -34.24 9.33
C SER A 140 6.93 -34.61 10.63
N ILE A 141 8.22 -34.89 10.57
CA ILE A 141 8.93 -35.30 11.77
C ILE A 141 9.36 -34.08 12.55
N THR A 142 8.52 -33.64 13.46
CA THR A 142 8.89 -32.53 14.31
C THR A 142 9.57 -33.05 15.58
N ASP A 143 10.34 -34.12 15.39
CA ASP A 143 11.21 -34.69 16.42
C ASP A 143 12.61 -34.16 16.28
N PHE A 144 13.34 -34.08 17.37
CA PHE A 144 14.77 -33.86 17.30
C PHE A 144 15.51 -34.73 18.29
N GLN A 145 16.82 -34.74 18.12
CA GLN A 145 17.74 -35.52 18.92
C GLN A 145 19.09 -34.84 18.78
N ILE A 146 19.86 -34.69 19.85
CA ILE A 146 21.11 -33.99 19.69
C ILE A 146 22.25 -34.98 19.52
N LEU A 147 22.81 -34.99 18.32
CA LEU A 147 23.98 -35.81 18.04
C LEU A 147 25.19 -34.95 17.71
N GLU A 148 26.25 -35.11 18.46
CA GLU A 148 27.47 -34.37 18.23
C GLU A 148 28.34 -35.08 17.20
N ASN A 149 29.18 -34.32 16.52
CA ASN A 149 30.17 -34.89 15.62
C ASN A 149 31.46 -35.17 16.38
N GLN A 150 32.39 -35.86 15.75
CA GLN A 150 33.63 -36.22 16.42
C GLN A 150 34.55 -35.02 16.54
N ALA A 151 34.82 -34.38 15.40
CA ALA A 151 35.67 -33.21 15.35
C ALA A 151 35.50 -32.51 14.01
N MET B 1 18.22 -14.90 -4.38
CA MET B 1 17.67 -14.40 -3.10
C MET B 1 17.76 -12.88 -3.03
N ALA B 2 17.99 -12.25 -4.18
CA ALA B 2 18.12 -10.79 -4.23
C ALA B 2 17.37 -10.18 -5.40
N ALA B 3 16.37 -9.38 -5.08
CA ALA B 3 15.65 -8.61 -6.08
C ALA B 3 16.56 -7.58 -6.75
N GLU B 4 17.05 -7.91 -7.93
CA GLU B 4 17.82 -6.96 -8.73
C GLU B 4 16.85 -5.94 -9.33
N PRO B 5 17.34 -4.79 -9.88
CA PRO B 5 16.49 -3.69 -10.36
C PRO B 5 15.26 -4.19 -11.12
N LEU B 6 14.15 -3.48 -10.98
CA LEU B 6 12.90 -3.98 -11.44
C LEU B 6 12.23 -3.07 -12.47
N THR B 7 11.10 -3.56 -12.98
CA THR B 7 10.19 -2.81 -13.86
C THR B 7 9.61 -1.61 -13.11
N GLU B 8 8.76 -0.79 -13.74
CA GLU B 8 8.46 0.53 -13.20
C GLU B 8 7.53 0.47 -11.97
N LEU B 9 6.40 -0.22 -12.07
CA LEU B 9 5.52 -0.30 -10.90
C LEU B 9 6.22 -1.04 -9.78
N GLU B 10 7.15 -1.88 -10.16
CA GLU B 10 7.99 -2.58 -9.21
C GLU B 10 8.97 -1.60 -8.61
N GLU B 11 9.51 -0.73 -9.44
CA GLU B 11 10.45 0.28 -9.01
C GLU B 11 9.81 1.06 -7.90
N SER B 12 8.52 1.30 -8.07
CA SER B 12 7.79 2.07 -7.07
C SER B 12 7.50 1.23 -5.80
N ILE B 13 7.12 -0.04 -5.95
CA ILE B 13 6.82 -0.85 -4.76
C ILE B 13 8.06 -1.48 -4.10
N GLU B 14 9.07 -1.86 -4.88
CA GLU B 14 10.35 -2.33 -4.34
C GLU B 14 10.96 -1.26 -3.45
N THR B 15 10.96 -0.04 -3.95
CA THR B 15 11.43 1.11 -3.23
C THR B 15 10.81 1.21 -1.82
N VAL B 16 9.54 0.82 -1.72
CA VAL B 16 8.83 0.81 -0.44
C VAL B 16 9.44 -0.24 0.48
N VAL B 17 9.91 -1.32 -0.11
CA VAL B 17 10.44 -2.45 0.64
C VAL B 17 11.76 -2.11 1.28
N THR B 18 12.67 -1.60 0.47
CA THR B 18 14.05 -1.41 0.86
C THR B 18 14.17 -0.52 2.09
N THR B 19 13.43 0.58 2.08
CA THR B 19 13.45 1.51 3.21
C THR B 19 12.94 0.80 4.44
N PHE B 20 11.75 0.27 4.28
CA PHE B 20 11.07 -0.59 5.26
C PHE B 20 12.02 -1.64 5.87
N PHE B 21 12.68 -2.42 5.00
CA PHE B 21 13.59 -3.51 5.40
C PHE B 21 14.78 -3.02 6.20
N THR B 22 15.25 -1.81 5.90
CA THR B 22 16.37 -1.23 6.62
C THR B 22 16.04 -1.12 8.11
N PHE B 23 14.79 -0.82 8.42
CA PHE B 23 14.36 -0.70 9.79
C PHE B 23 13.92 -2.06 10.33
N ALA B 24 13.21 -2.82 9.51
CA ALA B 24 12.79 -4.17 9.88
C ALA B 24 13.97 -5.04 10.28
N ARG B 25 15.11 -4.85 9.62
CA ARG B 25 16.33 -5.63 9.89
C ARG B 25 17.04 -5.18 11.17
N GLN B 26 16.84 -3.92 11.57
CA GLN B 26 17.48 -3.34 12.76
C GLN B 26 17.33 -4.22 14.00
N GLU B 27 16.09 -4.46 14.43
CA GLU B 27 15.84 -5.26 15.63
C GLU B 27 15.48 -6.70 15.26
N GLY B 28 14.95 -7.44 16.24
CA GLY B 28 14.56 -8.82 16.03
C GLY B 28 13.57 -8.98 14.89
N ARG B 29 13.71 -10.08 14.14
CA ARG B 29 12.86 -10.36 12.98
C ARG B 29 13.08 -9.31 11.91
N LYS B 30 14.02 -9.60 11.00
CA LYS B 30 14.35 -8.67 9.92
C LYS B 30 13.24 -8.58 8.88
N ASP B 31 12.14 -9.29 9.11
CA ASP B 31 11.02 -9.28 8.19
C ASP B 31 9.86 -8.46 8.75
N SER B 32 10.01 -7.94 9.97
CA SER B 32 8.95 -7.14 10.59
C SER B 32 9.53 -6.06 11.51
N LEU B 33 8.82 -4.93 11.60
CA LEU B 33 9.24 -3.82 12.46
C LEU B 33 8.56 -3.96 13.82
N SER B 34 9.27 -3.60 14.87
CA SER B 34 8.74 -3.70 16.23
C SER B 34 7.91 -2.45 16.57
N VAL B 35 7.39 -2.41 17.78
CA VAL B 35 6.59 -1.27 18.25
C VAL B 35 7.47 -0.04 18.48
N ASN B 36 8.78 -0.27 18.55
CA ASN B 36 9.72 0.82 18.76
C ASN B 36 10.07 1.49 17.43
N GLU B 37 10.14 0.70 16.36
CA GLU B 37 10.46 1.23 15.03
C GLU B 37 9.26 1.96 14.44
N PHE B 38 8.05 1.56 14.87
CA PHE B 38 6.84 2.18 14.42
C PHE B 38 6.76 3.51 15.10
N LYS B 39 6.99 3.46 16.40
CA LYS B 39 6.98 4.66 17.22
C LYS B 39 8.07 5.62 16.77
N GLU B 40 9.25 5.10 16.41
CA GLU B 40 10.33 5.97 15.93
C GLU B 40 9.92 6.71 14.67
N LEU B 41 9.34 6.01 13.72
CA LEU B 41 8.98 6.62 12.46
C LEU B 41 7.79 7.52 12.62
N VAL B 42 6.84 7.09 13.40
CA VAL B 42 5.62 7.84 13.59
C VAL B 42 5.95 9.15 14.29
N THR B 43 6.72 9.05 15.37
CA THR B 43 7.24 10.20 16.08
C THR B 43 8.19 11.06 15.22
N GLN B 44 9.22 10.42 14.66
CA GLN B 44 10.29 11.12 13.98
C GLN B 44 9.99 11.37 12.50
N GLN B 45 9.61 10.31 11.77
CA GLN B 45 9.46 10.38 10.33
C GLN B 45 8.05 10.85 9.92
N LEU B 46 7.07 10.64 10.77
CA LEU B 46 5.68 10.85 10.38
C LEU B 46 5.03 12.17 10.83
N PRO B 47 5.64 13.02 11.72
CA PRO B 47 5.00 14.29 12.14
C PRO B 47 4.45 15.09 10.97
N HIS B 48 5.16 15.05 9.85
CA HIS B 48 4.73 15.73 8.65
C HIS B 48 3.62 14.94 7.97
N LEU B 49 3.78 13.62 7.89
CA LEU B 49 2.80 12.76 7.24
C LEU B 49 1.59 12.51 8.14
N LEU B 50 1.78 11.65 9.12
CA LEU B 50 0.74 11.27 10.05
C LEU B 50 0.78 12.16 11.27
N LYS B 51 0.06 13.25 11.16
CA LYS B 51 -0.16 14.21 12.22
C LYS B 51 -0.86 13.60 13.43
N ASP B 52 -0.26 12.60 13.96
CA ASP B 52 -0.73 11.89 15.14
C ASP B 52 0.41 11.07 15.68
N VAL B 53 1.45 11.79 16.04
CA VAL B 53 2.70 11.19 16.49
C VAL B 53 2.59 10.75 17.95
N GLY B 54 1.52 11.15 18.60
CA GLY B 54 1.31 10.79 19.97
C GLY B 54 0.77 9.39 20.10
N SER B 55 -0.55 9.25 19.93
CA SER B 55 -1.23 8.00 20.14
C SER B 55 -1.07 7.05 18.96
N LEU B 56 0.19 6.74 18.66
CA LEU B 56 0.52 5.72 17.67
C LEU B 56 -0.29 4.45 17.92
N ASP B 57 -0.62 4.25 19.20
CA ASP B 57 -1.32 3.06 19.68
C ASP B 57 -2.46 2.65 18.77
N GLU B 58 -3.39 3.57 18.49
CA GLU B 58 -4.62 3.20 17.78
C GLU B 58 -4.33 2.51 16.45
N LYS B 59 -3.42 3.09 15.71
CA LYS B 59 -3.03 2.60 14.40
C LYS B 59 -2.25 1.30 14.57
N MET B 60 -1.35 1.33 15.55
CA MET B 60 -0.59 0.15 15.92
C MET B 60 -1.51 -1.03 16.17
N LYS B 61 -2.54 -0.82 16.98
CA LYS B 61 -3.48 -1.89 17.33
C LYS B 61 -4.18 -2.43 16.09
N SER B 62 -4.50 -1.55 15.15
CA SER B 62 -5.20 -1.94 13.94
C SER B 62 -4.32 -2.83 13.05
N LEU B 63 -3.03 -2.58 13.10
CA LEU B 63 -2.04 -3.32 12.31
C LEU B 63 -1.59 -4.57 13.07
N ASP B 64 -1.26 -4.34 14.32
CA ASP B 64 -0.83 -5.37 15.27
C ASP B 64 -1.87 -6.45 15.48
N VAL B 65 -3.11 -6.19 15.00
CA VAL B 65 -4.37 -6.79 15.48
C VAL B 65 -4.28 -8.25 16.00
N ASN B 66 -3.41 -9.05 15.42
CA ASN B 66 -3.24 -10.44 15.88
C ASN B 66 -2.50 -10.50 17.24
N GLN B 67 -2.18 -9.33 17.82
CA GLN B 67 -1.47 -9.25 19.11
C GLN B 67 -0.14 -9.90 18.85
N ASP B 68 0.41 -9.41 17.74
CA ASP B 68 1.72 -9.75 17.23
C ASP B 68 2.42 -8.40 17.01
N SER B 69 3.37 -8.06 17.88
CA SER B 69 4.09 -6.77 17.80
C SER B 69 5.01 -6.70 16.59
N GLU B 70 4.76 -7.57 15.62
CA GLU B 70 5.53 -7.61 14.41
C GLU B 70 4.70 -7.12 13.22
N LEU B 71 4.94 -5.88 12.80
CA LEU B 71 4.29 -5.30 11.68
C LEU B 71 4.75 -5.98 10.39
N LYS B 72 4.17 -7.15 10.14
CA LYS B 72 4.63 -8.01 9.05
C LYS B 72 3.84 -7.90 7.75
N PHE B 73 4.05 -8.95 6.94
CA PHE B 73 3.47 -9.11 5.61
C PHE B 73 2.03 -8.63 5.49
N ASN B 74 1.90 -7.37 5.10
CA ASN B 74 0.60 -6.74 4.86
C ASN B 74 -0.41 -6.79 6.03
N GLU B 75 0.12 -6.94 7.24
CA GLU B 75 -0.59 -6.43 8.43
C GLU B 75 -0.30 -4.94 8.55
N TYR B 76 0.98 -4.58 8.41
CA TYR B 76 1.44 -3.20 8.36
C TYR B 76 0.69 -2.43 7.29
N TRP B 77 0.52 -3.11 6.17
CA TRP B 77 -0.04 -2.57 4.93
C TRP B 77 -1.16 -1.57 5.13
N ARG B 78 -2.07 -1.82 6.06
CA ARG B 78 -3.17 -0.90 6.25
C ARG B 78 -2.63 0.51 6.41
N LEU B 79 -1.62 0.66 7.28
CA LEU B 79 -0.98 1.95 7.49
C LEU B 79 -0.30 2.41 6.21
N ILE B 80 0.36 1.47 5.53
CA ILE B 80 1.08 1.79 4.29
C ILE B 80 0.13 2.38 3.25
N GLY B 81 -1.11 1.92 3.30
CA GLY B 81 -2.10 2.44 2.40
C GLY B 81 -2.61 3.76 2.86
N GLU B 82 -2.80 3.86 4.17
CA GLU B 82 -3.15 5.10 4.76
C GLU B 82 -2.06 6.12 4.44
N LEU B 83 -0.80 5.64 4.36
CA LEU B 83 0.36 6.49 4.09
C LEU B 83 0.28 7.13 2.71
N ALA B 84 0.18 6.29 1.69
CA ALA B 84 0.15 6.76 0.30
C ALA B 84 -1.08 7.61 0.04
N LYS B 85 -2.14 7.36 0.78
CA LYS B 85 -3.35 8.14 0.66
C LYS B 85 -3.17 9.50 1.35
N GLU B 86 -2.69 9.44 2.60
CA GLU B 86 -2.51 10.65 3.41
C GLU B 86 -1.64 11.69 2.73
N ILE B 87 -0.53 11.26 2.15
CA ILE B 87 0.33 12.17 1.39
C ILE B 87 -0.47 12.92 0.32
N ARG B 88 -1.49 12.26 -0.22
CA ARG B 88 -2.28 12.85 -1.27
C ARG B 88 -3.46 13.64 -0.72
N LYS B 89 -4.38 13.02 0.00
CA LYS B 89 -5.55 13.75 0.46
C LYS B 89 -5.47 14.13 1.92
N LYS B 90 -4.26 14.40 2.41
CA LYS B 90 -4.05 14.77 3.84
C LYS B 90 -5.12 15.75 4.30
N LYS B 91 -5.02 16.96 3.78
CA LYS B 91 -6.12 17.92 3.77
C LYS B 91 -6.09 18.56 2.41
N ASP B 92 -5.49 17.84 1.45
CA ASP B 92 -5.34 18.34 0.08
C ASP B 92 -6.65 18.36 -0.70
N LEU B 93 -7.53 19.26 -0.29
CA LEU B 93 -8.80 19.51 -0.93
C LEU B 93 -8.97 21.02 -0.89
N LYS B 94 -7.81 21.67 -0.84
CA LYS B 94 -7.67 23.10 -0.79
C LYS B 94 -6.19 23.45 -0.95
N ILE B 95 -5.33 22.67 -0.28
CA ILE B 95 -3.87 22.84 -0.33
C ILE B 95 -3.18 22.10 0.84
N ARG B 96 -2.13 21.32 0.52
CA ARG B 96 -1.38 20.58 1.53
C ARG B 96 -0.03 20.09 0.98
N LYS B 97 0.53 20.89 0.09
CA LYS B 97 1.79 20.64 -0.58
C LYS B 97 2.11 21.83 -1.44
N LYS B 98 3.35 22.27 -1.43
CA LYS B 98 3.68 23.62 -1.85
C LYS B 98 5.19 23.85 -1.77
N MET C 1 1.37 24.12 -4.52
CA MET C 1 0.62 22.98 -5.11
C MET C 1 1.59 21.90 -5.62
N ALA C 2 2.82 21.92 -5.10
CA ALA C 2 3.82 20.95 -5.52
C ALA C 2 4.60 20.38 -4.34
N ALA C 3 4.45 19.08 -4.16
CA ALA C 3 5.25 18.32 -3.20
C ALA C 3 6.73 18.33 -3.58
N GLU C 4 7.50 19.19 -2.95
CA GLU C 4 8.94 19.19 -3.11
C GLU C 4 9.53 18.00 -2.33
N PRO C 5 10.81 17.62 -2.57
CA PRO C 5 11.41 16.41 -1.96
C PRO C 5 11.03 16.22 -0.50
N LEU C 6 10.86 14.96 -0.10
CA LEU C 6 10.28 14.67 1.17
C LEU C 6 11.20 13.87 2.09
N THR C 7 10.69 13.66 3.31
CA THR C 7 11.30 12.80 4.31
C THR C 7 11.32 11.34 3.81
N GLU C 8 11.86 10.39 4.58
CA GLU C 8 12.20 9.09 4.02
C GLU C 8 10.96 8.21 3.73
N LEU C 9 10.09 8.02 4.71
CA LEU C 9 8.90 7.22 4.45
C LEU C 9 8.04 7.89 3.40
N GLU C 10 8.17 9.21 3.32
CA GLU C 10 7.51 9.97 2.28
C GLU C 10 8.20 9.71 0.96
N GLU C 11 9.51 9.64 1.00
CA GLU C 11 10.30 9.37 -0.20
C GLU C 11 9.79 8.09 -0.80
N SER C 12 9.47 7.15 0.08
CA SER C 12 8.98 5.87 -0.39
C SER C 12 7.53 5.94 -0.91
N ILE C 13 6.64 6.67 -0.21
CA ILE C 13 5.25 6.75 -0.66
C ILE C 13 5.01 7.80 -1.76
N GLU C 14 5.71 8.93 -1.73
CA GLU C 14 5.66 9.93 -2.82
C GLU C 14 6.05 9.28 -4.13
N THR C 15 7.13 8.54 -4.10
CA THR C 15 7.62 7.78 -5.23
C THR C 15 6.49 6.93 -5.88
N VAL C 16 5.61 6.40 -5.04
CA VAL C 16 4.48 5.61 -5.52
C VAL C 16 3.52 6.50 -6.29
N VAL C 17 3.42 7.75 -5.87
CA VAL C 17 2.48 8.70 -6.44
C VAL C 17 2.88 9.10 -7.84
N THR C 18 4.14 9.52 -7.96
CA THR C 18 4.62 10.14 -9.18
C THR C 18 4.47 9.22 -10.38
N THR C 19 4.83 7.96 -10.21
CA THR C 19 4.72 6.99 -11.28
C THR C 19 3.24 6.85 -11.66
N PHE C 20 2.47 6.53 -10.64
CA PHE C 20 1.01 6.47 -10.69
C PHE C 20 0.40 7.66 -11.45
N PHE C 21 0.76 8.89 -11.02
CA PHE C 21 0.23 10.13 -11.59
C PHE C 21 0.60 10.31 -13.06
N THR C 22 1.75 9.78 -13.46
CA THR C 22 2.18 9.86 -14.84
C THR C 22 1.15 9.21 -15.77
N PHE C 23 0.53 8.13 -15.29
CA PHE C 23 -0.48 7.44 -16.06
C PHE C 23 -1.85 8.05 -15.82
N ALA C 24 -2.13 8.38 -14.56
CA ALA C 24 -3.39 9.03 -14.20
C ALA C 24 -3.62 10.31 -14.99
N ARG C 25 -2.54 11.05 -15.26
CA ARG C 25 -2.62 12.32 -15.99
C ARG C 25 -2.72 12.11 -17.51
N GLN C 26 -2.34 10.92 -17.99
CA GLN C 26 -2.37 10.61 -19.42
C GLN C 26 -3.77 10.83 -20.03
N GLU C 27 -4.74 10.04 -19.59
CA GLU C 27 -6.10 10.16 -20.11
C GLU C 27 -6.97 11.02 -19.20
N GLY C 28 -8.30 10.90 -19.37
CA GLY C 28 -9.23 11.68 -18.57
C GLY C 28 -9.07 11.44 -17.08
N ARG C 29 -9.27 12.51 -16.29
CA ARG C 29 -9.12 12.45 -14.84
C ARG C 29 -7.67 12.15 -14.47
N LYS C 30 -6.89 13.22 -14.29
CA LYS C 30 -5.47 13.09 -13.95
C LYS C 30 -5.27 12.60 -12.52
N ASP C 31 -6.35 12.21 -11.86
CA ASP C 31 -6.28 11.74 -10.50
C ASP C 31 -6.54 10.25 -10.39
N SER C 32 -6.96 9.63 -11.49
CA SER C 32 -7.27 8.21 -11.50
C SER C 32 -6.93 7.55 -12.83
N LEU C 33 -6.61 6.26 -12.78
CA LEU C 33 -6.29 5.49 -13.99
C LEU C 33 -7.54 4.77 -14.46
N SER C 34 -7.70 4.64 -15.78
CA SER C 34 -8.87 3.97 -16.34
C SER C 34 -8.62 2.47 -16.51
N VAL C 35 -9.57 1.77 -17.14
CA VAL C 35 -9.46 0.34 -17.37
C VAL C 35 -8.38 0.03 -18.39
N ASN C 36 -8.07 1.02 -19.23
CA ASN C 36 -7.06 0.86 -20.25
C ASN C 36 -5.66 1.00 -19.66
N GLU C 37 -5.52 1.88 -18.67
CA GLU C 37 -4.23 2.09 -18.02
C GLU C 37 -3.91 0.96 -17.05
N PHE C 38 -4.95 0.33 -16.51
CA PHE C 38 -4.79 -0.77 -15.60
C PHE C 38 -4.37 -1.95 -16.45
N LYS C 39 -5.11 -2.13 -17.52
CA LYS C 39 -4.82 -3.21 -18.46
C LYS C 39 -3.43 -3.03 -19.07
N GLU C 40 -3.06 -1.78 -19.39
CA GLU C 40 -1.72 -1.54 -19.95
C GLU C 40 -0.63 -1.96 -18.99
N LEU C 41 -0.75 -1.58 -17.73
CA LEU C 41 0.28 -1.88 -16.76
C LEU C 41 0.26 -3.35 -16.40
N VAL C 42 -0.91 -3.91 -16.26
CA VAL C 42 -1.07 -5.27 -15.87
C VAL C 42 -0.49 -6.17 -16.96
N THR C 43 -0.89 -5.89 -18.19
CA THR C 43 -0.35 -6.55 -19.36
C THR C 43 1.15 -6.28 -19.57
N GLN C 44 1.53 -5.00 -19.60
CA GLN C 44 2.87 -4.58 -19.97
C GLN C 44 3.82 -4.53 -18.76
N GLN C 45 3.40 -3.83 -17.70
CA GLN C 45 4.28 -3.58 -16.55
C GLN C 45 4.24 -4.72 -15.54
N LEU C 46 3.15 -5.46 -15.48
CA LEU C 46 2.93 -6.41 -14.41
C LEU C 46 3.25 -7.89 -14.71
N PRO C 47 3.51 -8.34 -15.98
CA PRO C 47 3.82 -9.75 -16.26
C PRO C 47 4.84 -10.33 -15.29
N HIS C 48 5.81 -9.52 -14.90
CA HIS C 48 6.81 -9.93 -13.95
C HIS C 48 6.23 -9.93 -12.53
N LEU C 49 5.48 -8.90 -12.20
CA LEU C 49 4.88 -8.75 -10.87
C LEU C 49 3.65 -9.63 -10.70
N LEU C 50 2.56 -9.19 -11.31
CA LEU C 50 1.29 -9.87 -11.25
C LEU C 50 1.14 -10.81 -12.41
N LYS C 51 1.63 -12.01 -12.20
CA LYS C 51 1.51 -13.13 -13.12
C LYS C 51 0.06 -13.52 -13.40
N ASP C 52 -0.67 -12.57 -13.88
CA ASP C 52 -2.06 -12.74 -14.25
C ASP C 52 -2.45 -11.56 -15.11
N VAL C 53 -1.75 -11.46 -16.23
CA VAL C 53 -1.89 -10.35 -17.16
C VAL C 53 -3.12 -10.53 -18.03
N GLY C 54 -3.71 -11.72 -17.97
CA GLY C 54 -4.90 -12.00 -18.75
C GLY C 54 -6.14 -11.41 -18.11
N SER C 55 -6.68 -12.14 -17.14
CA SER C 55 -7.93 -11.77 -16.50
C SER C 55 -7.76 -10.67 -15.47
N LEU C 56 -7.25 -9.55 -15.92
CA LEU C 56 -7.17 -8.33 -15.11
C LEU C 56 -8.50 -8.06 -14.43
N ASP C 57 -9.56 -8.50 -15.11
CA ASP C 57 -10.94 -8.28 -14.70
C ASP C 57 -11.15 -8.49 -13.21
N GLU C 58 -10.78 -9.66 -12.69
CA GLU C 58 -11.10 -10.02 -11.30
C GLU C 58 -10.62 -8.95 -10.32
N LYS C 59 -9.37 -8.55 -10.50
CA LYS C 59 -8.73 -7.57 -9.64
C LYS C 59 -9.35 -6.22 -9.88
N MET C 60 -9.55 -5.92 -11.15
CA MET C 60 -10.24 -4.70 -11.56
C MET C 60 -11.56 -4.56 -10.83
N LYS C 61 -12.38 -5.62 -10.86
CA LYS C 61 -13.70 -5.60 -10.22
C LYS C 61 -13.59 -5.33 -8.73
N SER C 62 -12.57 -5.88 -8.10
CA SER C 62 -12.37 -5.74 -6.66
C SER C 62 -12.04 -4.29 -6.29
N LEU C 63 -11.34 -3.62 -7.21
CA LEU C 63 -10.93 -2.23 -7.02
C LEU C 63 -12.03 -1.27 -7.50
N ASP C 64 -12.51 -1.57 -8.69
CA ASP C 64 -13.59 -0.85 -9.36
C ASP C 64 -14.89 -0.83 -8.55
N VAL C 65 -14.95 -1.70 -7.53
CA VAL C 65 -16.18 -2.25 -6.92
C VAL C 65 -17.42 -1.34 -6.94
N ASN C 66 -17.23 -0.03 -6.82
CA ASN C 66 -18.36 0.89 -6.86
C ASN C 66 -18.76 1.23 -8.31
N GLN C 67 -18.28 0.42 -9.29
CA GLN C 67 -18.57 0.66 -10.71
C GLN C 67 -17.95 1.98 -11.03
N ASP C 68 -16.80 2.15 -10.39
CA ASP C 68 -15.93 3.29 -10.54
C ASP C 68 -14.61 2.77 -11.09
N SER C 69 -14.56 2.55 -12.41
CA SER C 69 -13.37 2.01 -13.07
C SER C 69 -12.12 2.83 -12.79
N GLU C 70 -12.33 4.04 -12.31
CA GLU C 70 -11.25 4.94 -11.98
C GLU C 70 -10.50 4.46 -10.75
N LEU C 71 -9.25 4.08 -10.93
CA LEU C 71 -8.43 3.62 -9.86
C LEU C 71 -7.94 4.82 -9.02
N LYS C 72 -8.86 5.33 -8.22
CA LYS C 72 -8.64 6.56 -7.47
C LYS C 72 -8.12 6.40 -6.05
N PHE C 73 -8.34 7.48 -5.29
CA PHE C 73 -7.91 7.62 -3.90
C PHE C 73 -8.20 6.40 -3.04
N ASN C 74 -7.19 5.51 -2.99
CA ASN C 74 -7.22 4.30 -2.17
C ASN C 74 -8.44 3.39 -2.37
N GLU C 75 -9.08 3.49 -3.52
CA GLU C 75 -9.83 2.35 -4.07
C GLU C 75 -8.83 1.41 -4.76
N TYR C 76 -7.95 2.02 -5.56
CA TYR C 76 -6.85 1.31 -6.22
C TYR C 76 -6.02 0.58 -5.18
N TRP C 77 -5.80 1.27 -4.08
CA TRP C 77 -4.91 0.86 -2.98
C TRP C 77 -4.91 -0.62 -2.69
N ARG C 78 -6.07 -1.27 -2.71
CA ARG C 78 -6.11 -2.70 -2.42
C ARG C 78 -5.08 -3.40 -3.27
N LEU C 79 -5.09 -3.13 -4.58
CA LEU C 79 -4.12 -3.70 -5.50
C LEU C 79 -2.72 -3.26 -5.13
N ILE C 80 -2.58 -1.97 -4.80
CA ILE C 80 -1.27 -1.40 -4.44
C ILE C 80 -0.67 -2.16 -3.27
N GLY C 81 -1.53 -2.61 -2.38
CA GLY C 81 -1.07 -3.36 -1.24
C GLY C 81 -0.76 -4.78 -1.63
N GLU C 82 -1.61 -5.32 -2.48
CA GLU C 82 -1.37 -6.61 -3.04
C GLU C 82 -0.03 -6.57 -3.80
N LEU C 83 0.27 -5.40 -4.39
CA LEU C 83 1.50 -5.21 -5.17
C LEU C 83 2.74 -5.35 -4.30
N ALA C 84 2.82 -4.52 -3.27
CA ALA C 84 3.98 -4.49 -2.38
C ALA C 84 4.15 -5.82 -1.64
N LYS C 85 3.05 -6.51 -1.46
CA LYS C 85 3.08 -7.81 -0.83
C LYS C 85 3.56 -8.87 -1.80
N GLU C 86 2.96 -8.86 -2.99
CA GLU C 86 3.27 -9.85 -4.03
C GLU C 86 4.75 -9.86 -4.37
N ILE C 87 5.35 -8.69 -4.53
CA ILE C 87 6.79 -8.61 -4.80
C ILE C 87 7.59 -9.35 -3.74
N ARG C 88 7.07 -9.37 -2.52
CA ARG C 88 7.75 -10.02 -1.41
C ARG C 88 7.36 -11.49 -1.29
N LYS C 89 6.10 -11.78 -1.02
CA LYS C 89 5.70 -13.17 -0.84
C LYS C 89 5.00 -13.74 -2.07
N LYS C 90 5.50 -13.40 -3.26
CA LYS C 90 4.91 -13.93 -4.52
C LYS C 90 4.77 -15.44 -4.44
N LYS C 91 5.90 -16.12 -4.48
CA LYS C 91 6.02 -17.50 -4.05
C LYS C 91 7.31 -17.56 -3.25
N ASP C 92 7.74 -16.40 -2.75
CA ASP C 92 8.99 -16.29 -2.01
C ASP C 92 8.95 -16.91 -0.60
N LEU C 93 8.63 -18.19 -0.57
CA LEU C 93 8.64 -18.97 0.65
C LEU C 93 9.57 -20.14 0.36
N LYS C 94 10.44 -19.87 -0.61
CA LYS C 94 11.43 -20.80 -1.10
C LYS C 94 12.40 -20.05 -2.02
N ILE C 95 11.83 -19.17 -2.87
CA ILE C 95 12.60 -18.33 -3.81
C ILE C 95 11.70 -17.75 -4.91
N ARG C 96 11.88 -16.47 -5.22
CA ARG C 96 11.08 -15.79 -6.26
C ARG C 96 11.72 -14.44 -6.66
N LYS C 97 13.00 -14.32 -6.37
CA LYS C 97 13.80 -13.13 -6.64
C LYS C 97 15.26 -13.50 -6.51
N LYS C 98 16.07 -13.06 -7.46
CA LYS C 98 17.36 -13.67 -7.69
C LYS C 98 18.11 -12.89 -8.77
N ASN D 1 -15.31 -0.87 -30.75
CA ASN D 1 -15.84 -0.69 -29.38
C ASN D 1 -17.06 0.22 -29.44
N VAL D 2 -17.62 0.58 -28.30
CA VAL D 2 -18.73 1.52 -28.29
C VAL D 2 -18.18 2.91 -28.07
N LYS D 3 -18.44 3.79 -29.01
CA LYS D 3 -18.00 5.16 -28.92
C LYS D 3 -19.15 6.05 -28.52
N TYR D 4 -18.86 7.08 -27.77
CA TYR D 4 -19.85 8.09 -27.47
C TYR D 4 -19.55 9.25 -28.39
N ASN D 5 -20.43 9.48 -29.34
CA ASN D 5 -20.11 10.33 -30.48
C ASN D 5 -20.66 11.71 -30.26
N PHE D 6 -19.89 12.70 -30.63
CA PHE D 6 -20.25 14.08 -30.36
C PHE D 6 -21.54 14.42 -31.10
N MET D 7 -22.45 15.00 -30.35
CA MET D 7 -23.80 15.25 -30.79
C MET D 7 -23.91 16.65 -31.40
N ARG D 8 -23.72 17.70 -30.60
CA ARG D 8 -23.82 19.03 -31.15
C ARG D 8 -23.13 20.07 -30.29
N ILE D 9 -22.59 21.09 -30.97
CA ILE D 9 -21.95 22.23 -30.34
C ILE D 9 -22.99 23.25 -29.92
N ILE D 10 -23.05 23.52 -28.62
CA ILE D 10 -23.96 24.49 -28.07
C ILE D 10 -23.27 25.85 -28.10
N LYS D 11 -23.24 26.50 -26.98
CA LYS D 11 -22.78 27.88 -26.89
C LYS D 11 -21.38 27.87 -26.30
N TYR D 12 -20.65 28.96 -26.49
CA TYR D 12 -19.25 28.95 -26.15
C TYR D 12 -18.79 30.29 -25.63
N GLU D 13 -17.75 30.24 -24.81
CA GLU D 13 -17.15 31.39 -24.13
C GLU D 13 -18.19 32.21 -23.36
N PHE D 14 -19.24 31.53 -22.91
CA PHE D 14 -20.24 32.14 -22.05
C PHE D 14 -20.03 31.67 -20.61
N ILE D 15 -20.26 32.55 -19.66
CA ILE D 15 -19.98 32.23 -18.26
C ILE D 15 -21.27 32.03 -17.46
N LEU D 16 -21.23 31.03 -16.61
CA LEU D 16 -22.32 30.70 -15.73
C LEU D 16 -22.07 31.21 -14.31
N ASN D 17 -23.09 31.82 -13.75
CA ASN D 17 -23.08 32.33 -12.38
C ASN D 17 -24.27 31.71 -11.66
N ASP D 18 -24.10 31.46 -10.38
CA ASP D 18 -25.07 30.69 -9.62
C ASP D 18 -26.06 31.61 -8.93
N ALA D 19 -26.94 31.06 -8.11
CA ALA D 19 -27.92 31.86 -7.39
C ALA D 19 -27.25 32.82 -6.38
N LEU D 20 -25.98 32.55 -6.06
CA LEU D 20 -25.19 33.46 -5.22
C LEU D 20 -24.77 34.63 -6.08
N ASN D 21 -24.86 34.37 -7.38
CA ASN D 21 -24.44 35.29 -8.42
C ASN D 21 -22.96 35.56 -8.30
N GLN D 22 -22.18 34.61 -8.70
CA GLN D 22 -20.74 34.72 -8.69
C GLN D 22 -20.17 34.14 -9.96
N SER D 23 -19.39 34.94 -10.66
CA SER D 23 -18.77 34.51 -11.87
C SER D 23 -17.70 33.47 -11.57
N ILE D 24 -17.71 32.40 -12.31
CA ILE D 24 -16.72 31.36 -12.10
C ILE D 24 -15.35 31.86 -12.57
N ILE D 25 -14.56 32.37 -11.63
CA ILE D 25 -13.35 33.09 -11.98
C ILE D 25 -12.13 32.19 -11.90
N ARG D 26 -11.17 32.45 -12.76
CA ARG D 26 -9.99 31.62 -12.86
C ARG D 26 -8.95 32.05 -11.82
N ALA D 27 -8.74 31.21 -10.83
CA ALA D 27 -7.72 31.48 -9.82
C ALA D 27 -6.44 30.76 -10.20
N ASN D 28 -6.60 29.54 -10.68
CA ASN D 28 -5.49 28.69 -11.10
C ASN D 28 -5.99 27.68 -12.14
N ASP D 29 -5.07 26.87 -12.68
CA ASP D 29 -5.43 25.86 -13.67
C ASP D 29 -5.80 24.55 -12.99
N GLN D 30 -6.14 24.62 -11.70
CA GLN D 30 -6.52 23.45 -10.92
C GLN D 30 -7.60 23.82 -9.91
N TYR D 31 -7.59 25.09 -9.47
CA TYR D 31 -8.56 25.59 -8.50
C TYR D 31 -9.30 26.81 -9.03
N LEU D 32 -10.62 26.84 -8.85
CA LEU D 32 -11.44 27.95 -9.30
C LEU D 32 -12.41 28.38 -8.19
N THR D 33 -12.49 29.68 -7.98
CA THR D 33 -13.36 30.26 -6.97
C THR D 33 -14.41 31.14 -7.63
N ALA D 34 -15.61 31.15 -7.11
CA ALA D 34 -16.67 31.96 -7.68
C ALA D 34 -16.67 33.33 -7.05
N ALA D 35 -16.61 34.35 -7.89
CA ALA D 35 -16.64 35.73 -7.48
C ALA D 35 -17.18 36.57 -8.62
N ALA D 36 -17.99 37.56 -8.31
CA ALA D 36 -18.55 38.41 -9.35
C ALA D 36 -17.43 39.07 -10.15
N LEU D 37 -17.49 38.95 -11.48
CA LEU D 37 -16.41 39.44 -12.31
C LEU D 37 -16.29 40.95 -12.22
N HIS D 38 -15.08 41.41 -12.39
CA HIS D 38 -14.79 42.83 -12.33
C HIS D 38 -13.76 43.18 -13.38
N ASN D 39 -13.06 42.18 -13.90
CA ASN D 39 -12.22 42.37 -15.08
C ASN D 39 -12.91 41.76 -16.31
N LEU D 40 -14.07 41.13 -16.08
CA LEU D 40 -14.91 40.54 -17.13
C LEU D 40 -14.21 39.39 -17.85
N ASP D 41 -13.16 39.69 -18.61
CA ASP D 41 -12.33 38.64 -19.14
C ASP D 41 -11.39 38.23 -18.02
N GLU D 42 -12.00 37.53 -17.09
CA GLU D 42 -11.38 37.19 -15.82
C GLU D 42 -11.87 35.82 -15.36
N ALA D 43 -13.12 35.54 -15.70
CA ALA D 43 -13.70 34.24 -15.46
C ALA D 43 -13.34 33.31 -16.60
N VAL D 44 -13.41 32.01 -16.35
CA VAL D 44 -13.05 31.04 -17.35
C VAL D 44 -14.19 30.88 -18.32
N LYS D 45 -13.91 30.96 -19.58
CA LYS D 45 -14.97 30.92 -20.56
C LYS D 45 -15.14 29.51 -21.03
N PHE D 46 -16.31 28.99 -20.74
CA PHE D 46 -16.59 27.61 -21.06
C PHE D 46 -17.41 27.49 -22.32
N ASP D 47 -17.35 26.31 -22.87
CA ASP D 47 -18.04 25.92 -24.07
C ASP D 47 -18.54 24.52 -23.92
N MET D 48 -19.72 24.28 -24.41
CA MET D 48 -20.37 23.01 -24.22
C MET D 48 -20.29 22.18 -25.49
N GLY D 49 -19.89 20.94 -25.32
CA GLY D 49 -19.84 20.00 -26.41
C GLY D 49 -20.47 18.70 -26.01
N ALA D 50 -21.55 18.34 -26.66
CA ALA D 50 -22.34 17.21 -26.21
C ALA D 50 -21.80 15.93 -26.78
N TYR D 51 -21.96 14.85 -26.04
CA TYR D 51 -21.56 13.55 -26.49
C TYR D 51 -22.77 12.66 -26.35
N LYS D 52 -22.81 11.53 -27.02
CA LYS D 52 -24.00 10.74 -26.94
C LYS D 52 -23.72 9.27 -26.71
N SER D 53 -24.27 8.78 -25.62
CA SER D 53 -24.43 7.38 -25.34
C SER D 53 -25.78 7.27 -24.65
N SER D 54 -26.41 6.11 -24.63
CA SER D 54 -27.68 6.00 -23.95
C SER D 54 -27.46 5.63 -22.48
N LYS D 55 -26.52 6.33 -21.87
CA LYS D 55 -26.25 6.16 -20.46
C LYS D 55 -26.35 7.48 -19.71
N ASP D 56 -27.22 8.40 -20.16
CA ASP D 56 -27.40 9.64 -19.43
C ASP D 56 -28.35 9.41 -18.25
N ASP D 57 -29.39 10.23 -18.15
CA ASP D 57 -30.59 9.84 -17.44
C ASP D 57 -31.80 10.07 -18.33
N ALA D 58 -32.23 11.34 -18.35
CA ALA D 58 -33.30 11.80 -19.25
C ALA D 58 -32.87 13.07 -19.98
N LYS D 59 -31.57 13.33 -20.03
CA LYS D 59 -31.01 14.62 -20.48
C LYS D 59 -29.69 14.39 -21.16
N ILE D 60 -29.38 15.24 -22.12
CA ILE D 60 -28.23 15.01 -22.99
C ILE D 60 -27.05 15.75 -22.41
N THR D 61 -25.88 15.20 -22.62
CA THR D 61 -24.73 15.53 -21.81
C THR D 61 -23.63 16.19 -22.64
N VAL D 62 -23.03 17.22 -22.08
CA VAL D 62 -22.00 17.99 -22.77
C VAL D 62 -20.76 18.13 -21.89
N ILE D 63 -19.63 18.51 -22.48
CA ILE D 63 -18.40 18.67 -21.76
C ILE D 63 -18.09 20.14 -21.62
N LEU D 64 -17.69 20.56 -20.44
CA LEU D 64 -17.42 21.96 -20.21
C LEU D 64 -15.91 22.22 -20.21
N ARG D 65 -15.51 23.03 -21.17
CA ARG D 65 -14.11 23.29 -21.46
C ARG D 65 -13.89 24.76 -21.68
N ILE D 66 -12.69 25.26 -21.42
CA ILE D 66 -12.41 26.65 -21.67
C ILE D 66 -12.09 26.82 -23.16
N SER D 67 -12.76 27.73 -23.80
CA SER D 67 -12.73 27.86 -25.26
C SER D 67 -11.33 27.83 -25.86
N LYS D 68 -10.31 28.22 -25.08
CA LYS D 68 -8.95 28.28 -25.60
C LYS D 68 -8.21 26.95 -25.39
N THR D 69 -8.17 26.48 -24.16
CA THR D 69 -7.49 25.23 -23.85
C THR D 69 -8.49 24.20 -23.38
N GLN D 70 -8.11 22.95 -23.27
CA GLN D 70 -9.12 21.97 -22.93
C GLN D 70 -9.02 21.66 -21.46
N LEU D 71 -9.55 22.59 -20.67
CA LEU D 71 -9.62 22.48 -19.22
C LEU D 71 -11.04 22.09 -18.84
N TYR D 72 -11.23 20.83 -18.44
CA TYR D 72 -12.55 20.36 -18.11
C TYR D 72 -12.70 20.34 -16.60
N VAL D 73 -13.88 20.62 -16.10
CA VAL D 73 -14.10 20.40 -14.69
C VAL D 73 -14.59 18.97 -14.52
N THR D 74 -13.86 18.21 -13.72
CA THR D 74 -14.22 16.81 -13.45
C THR D 74 -14.82 16.64 -12.07
N ALA D 75 -15.57 15.55 -11.90
CA ALA D 75 -16.19 15.24 -10.62
C ALA D 75 -15.29 14.33 -9.80
N GLN D 76 -15.02 14.71 -8.56
CA GLN D 76 -14.15 13.94 -7.69
C GLN D 76 -14.96 13.02 -6.77
N ASP D 77 -15.32 13.52 -5.58
CA ASP D 77 -16.08 12.74 -4.62
C ASP D 77 -16.91 13.66 -3.73
N GLU D 78 -18.09 14.03 -4.22
CA GLU D 78 -19.00 14.94 -3.53
C GLU D 78 -18.28 16.21 -3.14
N ASP D 79 -18.38 16.61 -1.87
CA ASP D 79 -17.72 17.83 -1.35
C ASP D 79 -16.19 17.73 -1.44
N GLN D 80 -15.68 17.97 -2.65
CA GLN D 80 -14.26 17.95 -2.94
C GLN D 80 -14.05 18.85 -4.16
N PRO D 81 -13.19 19.87 -4.05
CA PRO D 81 -12.96 20.84 -5.12
C PRO D 81 -12.62 20.22 -6.47
N VAL D 82 -13.38 20.65 -7.47
CA VAL D 82 -13.20 20.23 -8.86
C VAL D 82 -11.76 20.43 -9.32
N LEU D 83 -11.22 19.42 -9.97
CA LEU D 83 -9.85 19.52 -10.47
C LEU D 83 -9.85 19.81 -11.96
N LEU D 84 -9.29 20.95 -12.33
CA LEU D 84 -9.24 21.36 -13.73
C LEU D 84 -8.18 20.56 -14.48
N LYS D 85 -8.65 19.75 -15.43
CA LYS D 85 -7.77 18.89 -16.23
C LYS D 85 -7.39 19.56 -17.55
N GLU D 86 -6.12 19.46 -17.93
CA GLU D 86 -5.65 20.05 -19.17
C GLU D 86 -5.07 19.00 -20.12
N MET D 87 -5.84 18.61 -21.12
CA MET D 87 -5.39 17.64 -22.10
C MET D 87 -5.50 18.22 -23.51
N PRO D 88 -4.36 18.36 -24.20
CA PRO D 88 -4.30 18.94 -25.57
C PRO D 88 -5.28 18.30 -26.56
N GLU D 89 -6.05 19.16 -27.22
CA GLU D 89 -7.04 18.77 -28.23
C GLU D 89 -8.23 18.01 -27.64
N ILE D 90 -9.43 18.41 -28.08
CA ILE D 90 -10.68 17.78 -27.65
C ILE D 90 -10.91 16.42 -28.31
N PRO D 91 -11.20 15.40 -27.50
CA PRO D 91 -11.54 14.07 -28.01
C PRO D 91 -12.84 14.07 -28.80
N LYS D 92 -12.90 13.26 -29.84
CA LYS D 92 -14.08 13.16 -30.68
C LYS D 92 -14.88 11.92 -30.29
N THR D 93 -14.17 10.97 -29.68
CA THR D 93 -14.73 9.72 -29.26
C THR D 93 -14.38 9.48 -27.80
N ILE D 94 -15.40 9.36 -26.98
CA ILE D 94 -15.25 9.38 -25.55
C ILE D 94 -15.25 7.95 -25.00
N THR D 95 -14.24 7.66 -24.18
CA THR D 95 -14.11 6.33 -23.57
C THR D 95 -14.54 6.33 -22.10
N GLY D 96 -14.02 5.38 -21.31
CA GLY D 96 -14.38 5.29 -19.91
C GLY D 96 -13.44 6.08 -18.99
N SER D 97 -12.48 6.78 -19.60
CA SER D 97 -11.53 7.57 -18.83
C SER D 97 -12.09 8.96 -18.57
N GLU D 98 -12.71 9.53 -19.60
CA GLU D 98 -13.30 10.86 -19.50
C GLU D 98 -14.78 10.73 -19.17
N THR D 99 -15.09 10.43 -17.91
CA THR D 99 -16.47 10.28 -17.47
C THR D 99 -16.81 11.21 -16.31
N ASN D 100 -15.79 11.87 -15.79
CA ASN D 100 -15.95 12.80 -14.68
C ASN D 100 -16.24 14.21 -15.18
N LEU D 101 -15.75 14.51 -16.37
CA LEU D 101 -15.94 15.83 -16.98
C LEU D 101 -17.21 15.86 -17.83
N LEU D 102 -18.09 14.90 -17.61
CA LEU D 102 -19.35 14.82 -18.36
C LEU D 102 -20.47 15.41 -17.53
N PHE D 103 -21.44 16.09 -18.14
CA PHE D 103 -22.42 16.81 -17.34
C PHE D 103 -23.83 16.72 -17.88
N PHE D 104 -24.68 16.20 -17.03
CA PHE D 104 -26.09 16.04 -17.29
C PHE D 104 -26.78 17.35 -16.95
N TRP D 105 -27.09 18.14 -17.97
CA TRP D 105 -27.65 19.46 -17.69
C TRP D 105 -29.17 19.47 -17.77
N GLU D 106 -29.79 19.74 -16.63
CA GLU D 106 -31.23 19.86 -16.54
C GLU D 106 -31.63 21.33 -16.46
N THR D 107 -32.21 21.83 -17.53
CA THR D 107 -32.54 23.25 -17.63
C THR D 107 -34.02 23.49 -17.31
N HIS D 108 -34.28 24.43 -16.41
CA HIS D 108 -35.65 24.80 -16.05
C HIS D 108 -35.86 26.28 -16.29
N GLY D 109 -36.46 26.62 -17.43
CA GLY D 109 -36.70 28.00 -17.76
C GLY D 109 -35.42 28.81 -17.91
N THR D 110 -35.06 29.51 -16.85
CA THR D 110 -33.86 30.34 -16.83
C THR D 110 -32.74 29.65 -16.07
N LYS D 111 -33.09 29.03 -14.95
CA LYS D 111 -32.12 28.33 -14.12
C LYS D 111 -31.82 26.97 -14.70
N ASN D 112 -30.70 26.42 -14.30
CA ASN D 112 -30.25 25.14 -14.81
C ASN D 112 -29.37 24.44 -13.79
N TYR D 113 -29.39 23.12 -13.83
CA TYR D 113 -28.58 22.33 -12.93
C TYR D 113 -27.48 21.61 -13.71
N PHE D 114 -26.45 21.20 -12.99
CA PHE D 114 -25.36 20.43 -13.58
C PHE D 114 -25.13 19.16 -12.77
N THR D 115 -25.67 18.07 -13.28
CA THR D 115 -25.62 16.78 -12.63
C THR D 115 -24.40 15.98 -13.11
N SER D 116 -23.71 15.34 -12.17
CA SER D 116 -22.57 14.50 -12.52
C SER D 116 -23.03 13.19 -13.14
N VAL D 117 -22.46 12.87 -14.30
CA VAL D 117 -22.77 11.61 -14.98
C VAL D 117 -21.98 10.46 -14.34
N ALA D 118 -20.88 10.80 -13.66
CA ALA D 118 -20.06 9.79 -12.99
C ALA D 118 -20.78 9.23 -11.77
N HIS D 119 -20.93 10.08 -10.75
CA HIS D 119 -21.64 9.70 -9.53
C HIS D 119 -22.92 10.54 -9.44
N PRO D 120 -24.09 9.88 -9.45
CA PRO D 120 -25.41 10.54 -9.47
C PRO D 120 -25.62 11.57 -8.37
N ASN D 121 -25.20 11.25 -7.14
CA ASN D 121 -25.48 12.09 -5.98
C ASN D 121 -24.65 13.38 -5.99
N LEU D 122 -23.83 13.55 -7.01
CA LEU D 122 -22.98 14.72 -7.12
C LEU D 122 -23.66 15.80 -7.94
N PHE D 123 -23.54 17.01 -7.45
CA PHE D 123 -24.12 18.19 -8.07
C PHE D 123 -23.15 19.34 -7.85
N ILE D 124 -23.05 20.27 -8.78
CA ILE D 124 -22.04 21.31 -8.69
C ILE D 124 -22.54 22.48 -7.85
N ALA D 125 -22.05 22.54 -6.61
CA ALA D 125 -22.51 23.51 -5.61
C ALA D 125 -21.67 24.76 -5.61
N THR D 126 -22.24 25.85 -5.13
CA THR D 126 -21.55 27.12 -5.13
C THR D 126 -21.40 27.65 -3.72
N LYS D 127 -20.18 28.03 -3.40
CA LYS D 127 -19.80 28.52 -2.08
C LYS D 127 -19.60 30.03 -2.12
N GLN D 128 -19.80 30.69 -0.99
CA GLN D 128 -19.62 32.14 -0.88
C GLN D 128 -18.13 32.52 -0.81
N ASP D 129 -17.32 31.64 -0.23
CA ASP D 129 -15.90 31.97 0.01
C ASP D 129 -14.96 30.93 -0.59
N TYR D 130 -15.43 29.69 -0.66
CA TYR D 130 -14.60 28.59 -1.14
C TYR D 130 -14.71 28.38 -2.66
N TRP D 131 -13.97 27.39 -3.12
CA TRP D 131 -13.93 27.02 -4.53
C TRP D 131 -15.24 26.37 -4.98
N VAL D 132 -15.62 26.60 -6.24
CA VAL D 132 -16.82 26.00 -6.78
C VAL D 132 -16.60 24.50 -6.94
N CYS D 133 -17.19 23.74 -6.04
CA CYS D 133 -16.95 22.30 -6.00
C CYS D 133 -18.16 21.54 -6.53
N LEU D 134 -18.28 20.31 -6.06
CA LEU D 134 -19.41 19.46 -6.37
C LEU D 134 -19.85 18.97 -5.02
N ALA D 135 -21.03 18.43 -4.90
CA ALA D 135 -21.54 18.15 -3.58
C ALA D 135 -22.76 17.27 -3.63
N GLY D 136 -23.12 16.80 -2.48
CA GLY D 136 -24.46 16.49 -2.21
C GLY D 136 -24.96 17.70 -1.53
N GLY D 137 -26.12 18.12 -1.86
CA GLY D 137 -26.52 19.46 -1.48
C GLY D 137 -27.46 19.58 -0.31
N PRO D 138 -26.92 19.91 0.88
CA PRO D 138 -27.61 20.62 1.93
C PRO D 138 -27.11 22.07 1.98
N PRO D 139 -28.00 23.03 2.35
CA PRO D 139 -27.96 24.48 2.08
C PRO D 139 -26.81 25.13 1.24
N SER D 140 -25.98 24.35 0.57
CA SER D 140 -25.08 24.86 -0.46
C SER D 140 -25.90 25.17 -1.70
N ILE D 141 -25.59 26.24 -2.39
CA ILE D 141 -26.37 26.60 -3.56
C ILE D 141 -25.88 25.84 -4.77
N THR D 142 -26.47 24.69 -5.01
CA THR D 142 -26.13 23.92 -6.18
C THR D 142 -27.05 24.33 -7.35
N ASP D 143 -27.36 25.62 -7.38
CA ASP D 143 -28.09 26.26 -8.47
C ASP D 143 -27.11 26.89 -9.44
N PHE D 144 -27.49 26.98 -10.70
CA PHE D 144 -26.77 27.82 -11.62
C PHE D 144 -27.72 28.59 -12.53
N GLN D 145 -27.14 29.53 -13.24
CA GLN D 145 -27.83 30.42 -14.15
C GLN D 145 -26.79 30.92 -15.13
N ILE D 146 -27.09 30.99 -16.41
CA ILE D 146 -26.05 31.41 -17.34
C ILE D 146 -26.19 32.91 -17.64
N LEU D 147 -25.23 33.67 -17.15
CA LEU D 147 -25.17 35.09 -17.44
C LEU D 147 -23.93 35.44 -18.26
N GLU D 148 -24.13 36.03 -19.41
CA GLU D 148 -23.03 36.42 -20.27
C GLU D 148 -22.53 37.80 -19.89
N ASN D 149 -21.27 38.08 -20.18
CA ASN D 149 -20.71 39.42 -19.99
C ASN D 149 -20.92 40.23 -21.28
N GLN D 150 -20.64 41.51 -21.22
CA GLN D 150 -20.86 42.38 -22.36
C GLN D 150 -19.78 42.15 -23.41
N ALA D 151 -18.54 42.27 -22.99
CA ALA D 151 -17.38 42.08 -23.86
C ALA D 151 -16.12 41.93 -23.03
N ASN A 1 11.89 -0.68 32.30
CA ASN A 1 10.94 -1.59 31.61
C ASN A 1 11.13 -3.00 32.13
N VAL A 2 10.44 -3.98 31.57
CA VAL A 2 10.65 -5.35 31.97
C VAL A 2 11.66 -5.98 31.03
N LYS A 3 12.75 -6.44 31.59
CA LYS A 3 13.78 -7.09 30.81
C LYS A 3 13.70 -8.60 30.98
N TYR A 4 14.02 -9.31 29.94
CA TYR A 4 14.15 -10.76 30.04
C TYR A 4 15.64 -11.04 30.14
N ASN A 5 16.06 -11.49 31.30
CA ASN A 5 17.46 -11.49 31.64
C ASN A 5 18.04 -12.87 31.40
N PHE A 6 19.25 -12.88 30.86
CA PHE A 6 19.87 -14.13 30.47
C PHE A 6 20.08 -15.01 31.70
N MET A 7 19.65 -16.25 31.56
CA MET A 7 19.59 -17.20 32.65
C MET A 7 20.87 -18.02 32.72
N ARG A 8 21.15 -18.83 31.70
CA ARG A 8 22.38 -19.62 31.74
C ARG A 8 22.79 -20.12 30.37
N ILE A 9 24.10 -20.22 30.20
CA ILE A 9 24.72 -20.74 28.98
C ILE A 9 24.75 -22.26 29.02
N ILE A 10 24.09 -22.88 28.06
CA ILE A 10 24.05 -24.30 27.94
C ILE A 10 25.25 -24.73 27.10
N LYS A 11 24.98 -25.51 26.07
CA LYS A 11 26.03 -26.14 25.30
C LYS A 11 26.19 -25.38 24.00
N TYR A 12 27.31 -25.54 23.34
CA TYR A 12 27.64 -24.69 22.21
C TYR A 12 28.38 -25.44 21.13
N GLU A 13 28.21 -24.94 19.91
CA GLU A 13 28.79 -25.52 18.69
C GLU A 13 28.46 -27.01 18.55
N PHE A 14 27.32 -27.40 19.10
CA PHE A 14 26.81 -28.75 18.93
C PHE A 14 25.66 -28.74 17.92
N ILE A 15 25.56 -29.78 17.11
CA ILE A 15 24.57 -29.81 16.05
C ILE A 15 23.44 -30.79 16.35
N LEU A 16 22.24 -30.36 16.03
CA LEU A 16 21.05 -31.16 16.21
C LEU A 16 20.59 -31.77 14.88
N ASN A 17 20.25 -33.03 14.94
CA ASN A 17 19.74 -33.78 13.81
C ASN A 17 18.41 -34.40 14.21
N ASP A 18 17.50 -34.51 13.30
CA ASP A 18 16.12 -34.88 13.60
C ASP A 18 15.94 -36.39 13.45
N ALA A 19 14.72 -36.86 13.60
CA ALA A 19 14.44 -38.29 13.46
C ALA A 19 14.71 -38.78 12.01
N LEU A 20 14.79 -37.85 11.07
CA LEU A 20 15.17 -38.18 9.69
C LEU A 20 16.67 -38.41 9.67
N ASN A 21 17.28 -37.89 10.73
CA ASN A 21 18.71 -37.90 10.92
C ASN A 21 19.38 -37.13 9.81
N GLN A 22 19.29 -35.82 9.91
CA GLN A 22 19.89 -34.94 8.95
C GLN A 22 20.54 -33.78 9.67
N SER A 23 21.81 -33.57 9.43
CA SER A 23 22.53 -32.47 10.03
C SER A 23 22.04 -31.16 9.47
N ILE A 24 21.77 -30.23 10.34
CA ILE A 24 21.31 -28.92 9.88
C ILE A 24 22.46 -28.18 9.19
N ILE A 25 22.51 -28.28 7.87
CA ILE A 25 23.68 -27.84 7.13
C ILE A 25 23.47 -26.43 6.58
N ARG A 26 24.56 -25.68 6.51
CA ARG A 26 24.51 -24.30 6.09
C ARG A 26 24.53 -24.21 4.57
N ALA A 27 23.41 -23.81 3.98
CA ALA A 27 23.35 -23.60 2.54
C ALA A 27 23.59 -22.14 2.23
N ASN A 28 23.03 -21.28 3.07
CA ASN A 28 23.17 -19.83 2.93
C ASN A 28 23.15 -19.17 4.31
N ASP A 29 23.14 -17.84 4.31
CA ASP A 29 23.10 -17.08 5.56
C ASP A 29 21.66 -16.68 5.89
N GLN A 30 20.71 -17.36 5.24
CA GLN A 30 19.29 -17.13 5.43
C GLN A 30 18.52 -18.43 5.24
N TYR A 31 19.01 -19.26 4.31
CA TYR A 31 18.39 -20.54 4.01
C TYR A 31 19.26 -21.71 4.46
N LEU A 32 18.64 -22.68 5.13
CA LEU A 32 19.35 -23.86 5.61
C LEU A 32 18.56 -25.12 5.29
N THR A 33 19.25 -26.13 4.78
CA THR A 33 18.66 -27.40 4.42
C THR A 33 19.26 -28.50 5.27
N ALA A 34 18.45 -29.48 5.64
CA ALA A 34 18.94 -30.57 6.47
C ALA A 34 19.46 -31.69 5.58
N ALA A 35 20.69 -32.08 5.83
CA ALA A 35 21.34 -33.16 5.12
C ALA A 35 22.41 -33.76 6.00
N ALA A 36 22.57 -35.07 5.98
CA ALA A 36 23.57 -35.72 6.82
C ALA A 36 24.95 -35.17 6.49
N LEU A 37 25.69 -34.75 7.51
CA LEU A 37 26.96 -34.10 7.29
C LEU A 37 27.96 -35.07 6.68
N HIS A 38 28.86 -34.51 5.90
CA HIS A 38 29.88 -35.28 5.24
C HIS A 38 31.19 -34.52 5.24
N ASN A 39 31.12 -33.22 5.49
CA ASN A 39 32.32 -32.43 5.76
C ASN A 39 32.43 -32.12 7.25
N LEU A 40 31.39 -32.56 8.01
CA LEU A 40 31.34 -32.41 9.48
C LEU A 40 31.30 -30.95 9.91
N ASP A 41 32.39 -30.22 9.71
CA ASP A 41 32.35 -28.79 9.90
C ASP A 41 31.74 -28.22 8.64
N GLU A 42 30.44 -28.42 8.56
CA GLU A 42 29.66 -28.15 7.38
C GLU A 42 28.27 -27.69 7.79
N ALA A 43 27.80 -28.24 8.89
CA ALA A 43 26.55 -27.84 9.49
C ALA A 43 26.79 -26.62 10.38
N VAL A 44 25.74 -25.85 10.64
CA VAL A 44 25.86 -24.66 11.44
C VAL A 44 25.91 -25.06 12.89
N LYS A 45 26.89 -24.54 13.60
CA LYS A 45 27.05 -24.95 14.97
C LYS A 45 26.34 -23.97 15.85
N PHE A 46 25.35 -24.49 16.54
CA PHE A 46 24.51 -23.66 17.37
C PHE A 46 24.91 -23.77 18.82
N ASP A 47 24.49 -22.77 19.54
CA ASP A 47 24.73 -22.61 20.96
C ASP A 47 23.49 -22.05 21.60
N MET A 48 23.18 -22.54 22.77
CA MET A 48 21.95 -22.18 23.42
C MET A 48 22.24 -21.19 24.55
N GLY A 49 21.45 -20.14 24.57
CA GLY A 49 21.54 -19.15 25.61
C GLY A 49 20.16 -18.81 26.11
N ALA A 50 19.91 -19.11 27.37
CA ALA A 50 18.57 -19.01 27.89
C ALA A 50 18.28 -17.62 28.36
N TYR A 51 17.03 -17.22 28.26
CA TYR A 51 16.60 -15.92 28.74
C TYR A 51 15.45 -16.19 29.68
N LYS A 52 15.09 -15.25 30.52
CA LYS A 52 14.04 -15.54 31.46
C LYS A 52 13.03 -14.43 31.58
N SER A 53 11.80 -14.79 31.29
CA SER A 53 10.63 -14.05 31.63
C SER A 53 9.58 -15.08 32.01
N SER A 54 8.54 -14.72 32.75
CA SER A 54 7.54 -15.71 33.09
C SER A 54 6.46 -15.75 32.01
N LYS A 55 6.91 -15.76 30.76
CA LYS A 55 6.02 -15.88 29.63
C LYS A 55 6.38 -17.06 28.75
N ASP A 56 6.93 -18.13 29.33
CA ASP A 56 7.23 -19.30 28.52
C ASP A 56 5.97 -20.13 28.35
N ASP A 57 6.03 -21.43 28.67
CA ASP A 57 4.85 -22.18 29.02
C ASP A 57 5.09 -22.91 30.35
N ALA A 58 5.78 -24.04 30.24
CA ALA A 58 6.24 -24.81 31.40
C ALA A 58 7.73 -25.17 31.27
N LYS A 59 8.43 -24.45 30.41
CA LYS A 59 9.79 -24.81 29.98
C LYS A 59 10.59 -23.56 29.71
N ILE A 60 11.89 -23.64 29.95
CA ILE A 60 12.74 -22.46 29.93
C ILE A 60 13.33 -22.33 28.54
N THR A 61 13.56 -21.10 28.14
CA THR A 61 13.72 -20.78 26.74
C THR A 61 15.12 -20.25 26.45
N VAL A 62 15.69 -20.70 25.34
CA VAL A 62 17.04 -20.32 24.96
C VAL A 62 17.07 -19.83 23.52
N ILE A 63 18.14 -19.15 23.12
CA ILE A 63 18.27 -18.63 21.78
C ILE A 63 19.29 -19.46 21.04
N LEU A 64 18.98 -19.82 19.81
CA LEU A 64 19.88 -20.65 19.02
C LEU A 64 20.64 -19.81 18.02
N ARG A 65 21.95 -19.80 18.21
CA ARG A 65 22.85 -18.94 17.46
C ARG A 65 24.08 -19.74 17.03
N ILE A 66 24.72 -19.34 15.93
CA ILE A 66 25.91 -20.00 15.50
C ILE A 66 27.09 -19.46 16.32
N SER A 67 27.84 -20.36 16.91
CA SER A 67 28.86 -19.99 17.90
C SER A 67 29.77 -18.84 17.47
N LYS A 68 29.95 -18.64 16.16
CA LYS A 68 30.84 -17.61 15.66
C LYS A 68 30.11 -16.28 15.46
N THR A 69 29.04 -16.29 14.70
CA THR A 69 28.27 -15.08 14.45
C THR A 69 26.89 -15.19 15.06
N GLN A 70 26.14 -14.13 15.13
CA GLN A 70 24.87 -14.24 15.81
C GLN A 70 23.77 -14.40 14.80
N LEU A 71 23.72 -15.60 14.25
CA LEU A 71 22.67 -16.03 13.35
C LEU A 71 21.63 -16.79 14.13
N TYR A 72 20.45 -16.23 14.26
CA TYR A 72 19.40 -16.90 14.99
C TYR A 72 18.38 -17.42 14.02
N VAL A 73 17.79 -18.56 14.30
CA VAL A 73 16.65 -18.97 13.50
C VAL A 73 15.40 -18.39 14.13
N THR A 74 14.69 -17.60 13.34
CA THR A 74 13.46 -16.96 13.81
C THR A 74 12.23 -17.71 13.32
N ALA A 75 11.16 -17.62 14.10
CA ALA A 75 9.90 -18.27 13.75
C ALA A 75 9.05 -17.31 12.92
N GLN A 76 8.85 -17.64 11.66
CA GLN A 76 8.06 -16.81 10.75
C GLN A 76 6.57 -16.98 11.00
N ASP A 77 5.94 -17.93 10.30
CA ASP A 77 4.51 -18.18 10.45
C ASP A 77 4.12 -19.47 9.72
N GLU A 78 3.68 -20.47 10.50
CA GLU A 78 3.28 -21.76 9.96
C GLU A 78 4.43 -22.40 9.20
N ASP A 79 4.14 -22.93 8.00
CA ASP A 79 5.15 -23.59 7.17
C ASP A 79 5.87 -22.60 6.26
N GLN A 80 6.65 -21.71 6.85
CA GLN A 80 7.44 -20.74 6.10
C GLN A 80 8.90 -20.83 6.54
N PRO A 81 9.82 -21.05 5.57
CA PRO A 81 11.25 -21.23 5.83
C PRO A 81 11.84 -20.19 6.78
N VAL A 82 12.54 -20.71 7.77
CA VAL A 82 13.22 -19.91 8.79
C VAL A 82 14.20 -18.94 8.17
N LEU A 83 14.15 -17.71 8.65
CA LEU A 83 15.03 -16.66 8.18
C LEU A 83 16.18 -16.45 9.15
N LEU A 84 17.37 -16.81 8.72
CA LEU A 84 18.57 -16.67 9.55
C LEU A 84 19.01 -15.21 9.63
N LYS A 85 18.74 -14.57 10.76
CA LYS A 85 19.09 -13.16 10.96
C LYS A 85 20.49 -13.04 11.54
N GLU A 86 21.19 -11.96 11.18
CA GLU A 86 22.55 -11.74 11.67
C GLU A 86 22.69 -10.36 12.31
N MET A 87 22.84 -10.33 13.63
CA MET A 87 23.01 -9.09 14.38
C MET A 87 24.25 -9.19 15.27
N PRO A 88 25.25 -8.32 15.03
CA PRO A 88 26.52 -8.31 15.80
C PRO A 88 26.33 -8.27 17.31
N GLU A 89 27.01 -9.20 17.99
CA GLU A 89 27.00 -9.33 19.46
C GLU A 89 25.63 -9.78 20.01
N ILE A 90 25.70 -10.74 20.93
CA ILE A 90 24.51 -11.30 21.59
C ILE A 90 23.94 -10.34 22.63
N PRO A 91 22.63 -10.07 22.55
CA PRO A 91 21.93 -9.26 23.55
C PRO A 91 21.92 -9.93 24.92
N LYS A 92 22.02 -9.13 25.97
CA LYS A 92 22.00 -9.63 27.34
C LYS A 92 20.60 -9.43 27.94
N THR A 93 19.88 -8.48 27.36
CA THR A 93 18.55 -8.13 27.80
C THR A 93 17.62 -8.14 26.60
N ILE A 94 16.62 -8.97 26.67
CA ILE A 94 15.78 -9.28 25.54
C ILE A 94 14.49 -8.47 25.59
N THR A 95 14.17 -7.81 24.48
CA THR A 95 12.96 -6.99 24.38
C THR A 95 11.86 -7.74 23.64
N GLY A 96 10.83 -7.00 23.22
CA GLY A 96 9.73 -7.59 22.48
C GLY A 96 9.92 -7.47 20.98
N SER A 97 11.15 -7.65 20.54
CA SER A 97 11.49 -7.56 19.12
C SER A 97 12.09 -8.87 18.63
N GLU A 98 12.83 -9.53 19.52
CA GLU A 98 13.47 -10.80 19.20
C GLU A 98 12.66 -11.97 19.73
N THR A 99 11.33 -11.82 19.72
CA THR A 99 10.43 -12.86 20.22
C THR A 99 10.24 -14.02 19.23
N ASN A 100 10.89 -13.93 18.07
CA ASN A 100 10.77 -14.97 17.06
C ASN A 100 11.91 -15.98 17.17
N LEU A 101 13.08 -15.51 17.58
CA LEU A 101 14.26 -16.37 17.72
C LEU A 101 14.33 -17.01 19.11
N LEU A 102 13.20 -17.05 19.80
CA LEU A 102 13.12 -17.62 21.14
C LEU A 102 12.57 -19.04 21.05
N PHE A 103 13.04 -19.97 21.89
CA PHE A 103 12.66 -21.35 21.70
C PHE A 103 12.39 -22.08 22.99
N PHE A 104 11.17 -22.58 23.07
CA PHE A 104 10.68 -23.36 24.18
C PHE A 104 11.10 -24.80 23.95
N TRP A 105 12.13 -25.24 24.63
CA TRP A 105 12.66 -26.57 24.37
C TRP A 105 12.13 -27.60 25.37
N GLU A 106 11.36 -28.55 24.85
CA GLU A 106 10.83 -29.64 25.64
C GLU A 106 11.62 -30.91 25.38
N THR A 107 12.41 -31.32 26.35
CA THR A 107 13.30 -32.47 26.20
C THR A 107 12.69 -33.73 26.81
N HIS A 108 12.66 -34.80 26.02
CA HIS A 108 12.16 -36.09 26.50
C HIS A 108 13.25 -37.15 26.35
N GLY A 109 13.95 -37.43 27.44
CA GLY A 109 15.01 -38.42 27.40
C GLY A 109 16.14 -38.04 26.47
N THR A 110 16.10 -38.58 25.26
CA THR A 110 17.12 -38.31 24.26
C THR A 110 16.60 -37.33 23.22
N LYS A 111 15.34 -37.49 22.83
CA LYS A 111 14.75 -36.62 21.84
C LYS A 111 14.30 -35.32 22.49
N ASN A 112 14.10 -34.33 21.67
CA ASN A 112 13.72 -33.01 22.16
C ASN A 112 12.95 -32.25 21.10
N TYR A 113 12.06 -31.38 21.54
CA TYR A 113 11.28 -30.57 20.63
C TYR A 113 11.71 -29.10 20.73
N PHE A 114 11.39 -28.34 19.70
CA PHE A 114 11.64 -26.91 19.69
C PHE A 114 10.36 -26.16 19.36
N THR A 115 9.73 -25.64 20.39
CA THR A 115 8.47 -24.94 20.28
C THR A 115 8.69 -23.44 20.12
N SER A 116 7.94 -22.82 19.21
CA SER A 116 8.03 -21.38 19.02
C SER A 116 7.34 -20.63 20.15
N VAL A 117 8.06 -19.68 20.75
CA VAL A 117 7.51 -18.84 21.81
C VAL A 117 6.65 -17.75 21.20
N ALA A 118 6.87 -17.42 19.93
CA ALA A 118 6.09 -16.40 19.25
C ALA A 118 4.65 -16.90 19.03
N HIS A 119 4.50 -17.86 18.12
CA HIS A 119 3.21 -18.46 17.84
C HIS A 119 3.23 -19.91 18.32
N PRO A 120 2.34 -20.25 19.27
CA PRO A 120 2.28 -21.57 19.90
C PRO A 120 2.21 -22.75 18.92
N ASN A 121 1.38 -22.61 17.89
CA ASN A 121 1.11 -23.72 16.97
C ASN A 121 2.31 -24.02 16.07
N LEU A 122 3.39 -23.27 16.23
CA LEU A 122 4.56 -23.45 15.41
C LEU A 122 5.55 -24.38 16.09
N PHE A 123 6.12 -25.25 15.29
CA PHE A 123 7.07 -26.25 15.73
C PHE A 123 8.08 -26.44 14.61
N ILE A 124 9.33 -26.71 14.94
CA ILE A 124 10.38 -26.74 13.91
C ILE A 124 10.44 -28.13 13.26
N ALA A 125 9.90 -28.20 12.04
CA ALA A 125 9.75 -29.47 11.33
C ALA A 125 10.92 -29.74 10.41
N THR A 126 11.12 -31.00 10.09
CA THR A 126 12.25 -31.38 9.26
C THR A 126 11.78 -32.06 7.99
N LYS A 127 12.31 -31.58 6.89
CA LYS A 127 11.96 -32.06 5.55
C LYS A 127 13.08 -32.92 4.99
N GLN A 128 12.74 -33.84 4.10
CA GLN A 128 13.72 -34.70 3.45
C GLN A 128 14.49 -33.99 2.35
N ASP A 129 13.86 -33.02 1.71
CA ASP A 129 14.48 -32.35 0.55
C ASP A 129 14.52 -30.84 0.71
N TYR A 130 13.55 -30.30 1.43
CA TYR A 130 13.43 -28.86 1.60
C TYR A 130 14.19 -28.34 2.81
N TRP A 131 14.09 -27.03 3.01
CA TRP A 131 14.74 -26.33 4.10
C TRP A 131 14.09 -26.66 5.44
N VAL A 132 14.90 -26.69 6.51
CA VAL A 132 14.37 -26.93 7.83
C VAL A 132 13.54 -25.74 8.28
N CYS A 133 12.24 -25.89 8.23
CA CYS A 133 11.34 -24.79 8.52
C CYS A 133 10.69 -24.92 9.89
N LEU A 134 9.51 -24.35 10.02
CA LEU A 134 8.70 -24.44 11.20
C LEU A 134 7.36 -24.83 10.67
N ALA A 135 6.45 -25.31 11.48
CA ALA A 135 5.24 -25.86 10.95
C ALA A 135 4.21 -26.08 12.01
N GLY A 136 3.03 -26.37 11.54
CA GLY A 136 2.13 -27.14 12.30
C GLY A 136 2.33 -28.51 11.75
N GLY A 137 2.37 -29.48 12.58
CA GLY A 137 2.89 -30.76 12.13
C GLY A 137 1.87 -31.84 11.83
N PRO A 138 1.55 -32.04 10.54
CA PRO A 138 1.11 -33.31 10.00
C PRO A 138 2.24 -33.95 9.21
N PRO A 139 2.32 -35.30 9.20
CA PRO A 139 3.48 -36.17 8.91
C PRO A 139 4.89 -35.56 8.59
N SER A 140 5.11 -34.27 8.80
CA SER A 140 6.44 -33.71 8.81
C SER A 140 7.11 -34.09 10.12
N ILE A 141 8.40 -34.38 10.09
CA ILE A 141 9.07 -34.80 11.30
C ILE A 141 9.51 -33.60 12.10
N THR A 142 8.66 -33.16 13.00
CA THR A 142 9.01 -32.06 13.86
C THR A 142 9.66 -32.61 15.15
N ASP A 143 10.43 -33.68 14.96
CA ASP A 143 11.28 -34.27 15.99
C ASP A 143 12.69 -33.73 15.88
N PHE A 144 13.39 -33.67 16.99
CA PHE A 144 14.82 -33.46 16.94
C PHE A 144 15.54 -34.35 17.95
N GLN A 145 16.85 -34.37 17.79
CA GLN A 145 17.76 -35.15 18.61
C GLN A 145 19.11 -34.49 18.50
N ILE A 146 19.86 -34.36 19.58
CA ILE A 146 21.12 -33.66 19.46
C ILE A 146 22.26 -34.66 19.30
N LEU A 147 22.84 -34.66 18.11
CA LEU A 147 24.00 -35.48 17.83
C LEU A 147 25.23 -34.62 17.54
N GLU A 148 26.27 -34.81 18.32
CA GLU A 148 27.50 -34.06 18.12
C GLU A 148 28.39 -34.77 17.10
N ASN A 149 29.25 -34.00 16.43
CA ASN A 149 30.25 -34.57 15.54
C ASN A 149 31.53 -34.87 16.33
N GLN A 150 32.46 -35.56 15.72
CA GLN A 150 33.68 -35.94 16.40
C GLN A 150 34.61 -34.74 16.55
N ALA A 151 34.90 -34.10 15.43
CA ALA A 151 35.75 -32.92 15.40
C ALA A 151 35.62 -32.20 14.06
N MET B 1 18.18 -15.01 -4.23
CA MET B 1 17.66 -14.51 -2.92
C MET B 1 17.72 -12.99 -2.87
N ALA B 2 17.98 -12.36 -4.01
CA ALA B 2 18.08 -10.91 -4.08
C ALA B 2 17.29 -10.34 -5.25
N ALA B 3 16.28 -9.56 -4.93
CA ALA B 3 15.53 -8.80 -5.92
C ALA B 3 16.40 -7.76 -6.61
N GLU B 4 16.89 -8.10 -7.80
CA GLU B 4 17.62 -7.14 -8.61
C GLU B 4 16.62 -6.14 -9.23
N PRO B 5 17.08 -5.00 -9.79
CA PRO B 5 16.19 -3.92 -10.27
C PRO B 5 14.96 -4.45 -11.01
N LEU B 6 13.83 -3.78 -10.84
CA LEU B 6 12.58 -4.30 -11.29
C LEU B 6 11.87 -3.43 -12.31
N THR B 7 10.75 -3.95 -12.80
CA THR B 7 9.82 -3.24 -13.68
C THR B 7 9.21 -2.03 -12.93
N GLU B 8 8.34 -1.25 -13.56
CA GLU B 8 8.01 0.08 -13.01
C GLU B 8 7.10 0.00 -11.78
N LEU B 9 5.99 -0.71 -11.84
CA LEU B 9 5.13 -0.79 -10.67
C LEU B 9 5.86 -1.51 -9.55
N GLU B 10 6.81 -2.34 -9.94
CA GLU B 10 7.68 -3.00 -8.98
C GLU B 10 8.64 -1.99 -8.42
N GLU B 11 9.14 -1.12 -9.28
CA GLU B 11 10.07 -0.08 -8.86
C GLU B 11 9.42 0.69 -7.75
N SER B 12 8.13 0.90 -7.90
CA SER B 12 7.40 1.66 -6.90
C SER B 12 7.16 0.85 -5.62
N ILE B 13 6.79 -0.44 -5.74
CA ILE B 13 6.54 -1.26 -4.55
C ILE B 13 7.81 -1.84 -3.90
N GLU B 14 8.80 -2.21 -4.69
CA GLU B 14 10.11 -2.64 -4.17
C GLU B 14 10.71 -1.55 -3.30
N THR B 15 10.67 -0.34 -3.82
CA THR B 15 11.12 0.85 -3.10
C THR B 15 10.51 0.94 -1.70
N VAL B 16 9.26 0.52 -1.57
CA VAL B 16 8.58 0.51 -0.27
C VAL B 16 9.22 -0.51 0.65
N VAL B 17 9.71 -1.60 0.06
CA VAL B 17 10.28 -2.70 0.81
C VAL B 17 11.60 -2.32 1.43
N THR B 18 12.49 -1.79 0.60
CA THR B 18 13.87 -1.57 0.97
C THR B 18 13.98 -0.66 2.18
N THR B 19 13.22 0.42 2.17
CA THR B 19 13.24 1.36 3.29
C THR B 19 12.76 0.65 4.55
N PHE B 20 11.58 0.09 4.41
CA PHE B 20 10.94 -0.78 5.40
C PHE B 20 11.92 -1.79 6.01
N PHE B 21 12.59 -2.56 5.13
CA PHE B 21 13.52 -3.62 5.53
C PHE B 21 14.73 -3.09 6.26
N THR B 22 15.15 -1.87 5.93
CA THR B 22 16.29 -1.25 6.58
C THR B 22 16.05 -1.15 8.10
N PHE B 23 14.81 -0.89 8.48
CA PHE B 23 14.45 -0.80 9.88
C PHE B 23 14.10 -2.16 10.45
N ALA B 24 13.37 -2.95 9.66
CA ALA B 24 13.02 -4.33 10.06
C ALA B 24 14.26 -5.15 10.39
N ARG B 25 15.35 -4.90 9.66
CA ARG B 25 16.61 -5.62 9.86
C ARG B 25 17.38 -5.13 11.11
N GLN B 26 17.09 -3.91 11.55
CA GLN B 26 17.79 -3.32 12.72
C GLN B 26 17.66 -4.19 13.97
N GLU B 27 16.43 -4.34 14.47
CA GLU B 27 16.19 -5.13 15.67
C GLU B 27 15.83 -6.57 15.33
N GLY B 28 15.26 -7.29 16.32
CA GLY B 28 14.89 -8.68 16.12
C GLY B 28 13.93 -8.87 14.96
N ARG B 29 14.07 -10.00 14.27
CA ARG B 29 13.25 -10.31 13.09
C ARG B 29 13.50 -9.29 12.00
N LYS B 30 14.46 -9.60 11.11
CA LYS B 30 14.83 -8.69 10.03
C LYS B 30 13.74 -8.59 8.95
N ASP B 31 12.64 -9.29 9.16
CA ASP B 31 11.54 -9.29 8.21
C ASP B 31 10.33 -8.51 8.75
N SER B 32 10.45 -7.97 9.96
CA SER B 32 9.35 -7.21 10.56
C SER B 32 9.85 -6.13 11.51
N LEU B 33 9.12 -5.02 11.54
CA LEU B 33 9.47 -3.89 12.42
C LEU B 33 8.73 -4.04 13.74
N SER B 34 9.38 -3.66 14.84
CA SER B 34 8.77 -3.77 16.15
C SER B 34 7.99 -2.51 16.50
N VAL B 35 7.49 -2.44 17.73
CA VAL B 35 6.73 -1.28 18.19
C VAL B 35 7.64 -0.08 18.43
N ASN B 36 8.95 -0.34 18.47
CA ASN B 36 9.93 0.72 18.69
C ASN B 36 10.26 1.41 17.37
N GLU B 37 10.31 0.62 16.29
CA GLU B 37 10.61 1.16 14.96
C GLU B 37 9.38 1.87 14.39
N PHE B 38 8.21 1.46 14.85
CA PHE B 38 6.97 2.06 14.42
C PHE B 38 6.89 3.40 15.10
N LYS B 39 7.14 3.36 16.40
CA LYS B 39 7.13 4.57 17.20
C LYS B 39 8.20 5.54 16.72
N GLU B 40 9.37 5.03 16.35
CA GLU B 40 10.44 5.92 15.85
C GLU B 40 10.00 6.64 14.59
N LEU B 41 9.41 5.93 13.64
CA LEU B 41 9.02 6.52 12.39
C LEU B 41 7.82 7.41 12.57
N VAL B 42 6.88 6.97 13.38
CA VAL B 42 5.65 7.70 13.59
C VAL B 42 5.99 9.03 14.26
N THR B 43 6.77 8.94 15.33
CA THR B 43 7.28 10.10 16.03
C THR B 43 8.22 10.97 15.15
N GLN B 44 9.24 10.34 14.57
CA GLN B 44 10.29 11.05 13.87
C GLN B 44 9.95 11.29 12.38
N GLN B 45 9.58 10.22 11.68
CA GLN B 45 9.39 10.27 10.23
C GLN B 45 7.98 10.73 9.84
N LEU B 46 7.01 10.52 10.72
CA LEU B 46 5.61 10.70 10.36
C LEU B 46 4.95 12.01 10.82
N PRO B 47 5.56 12.87 11.69
CA PRO B 47 4.92 14.13 12.11
C PRO B 47 4.34 14.92 10.94
N HIS B 48 5.03 14.89 9.82
CA HIS B 48 4.58 15.55 8.61
C HIS B 48 3.45 14.74 7.95
N LEU B 49 3.62 13.43 7.88
CA LEU B 49 2.65 12.55 7.26
C LEU B 49 1.45 12.29 8.18
N LEU B 50 1.67 11.44 9.17
CA LEU B 50 0.67 11.05 10.13
C LEU B 50 0.72 11.94 11.34
N LYS B 51 -0.02 13.02 11.23
CA LYS B 51 -0.23 14.00 12.29
C LYS B 51 -0.91 13.38 13.52
N ASP B 52 -0.27 12.39 14.04
CA ASP B 52 -0.73 11.68 15.23
C ASP B 52 0.45 10.87 15.75
N VAL B 53 1.49 11.61 16.09
CA VAL B 53 2.75 11.03 16.52
C VAL B 53 2.68 10.61 17.98
N GLY B 54 1.61 11.00 18.65
CA GLY B 54 1.43 10.64 20.03
C GLY B 54 0.91 9.23 20.19
N SER B 55 -0.40 9.07 20.03
CA SER B 55 -1.06 7.80 20.26
C SER B 55 -0.91 6.85 19.09
N LEU B 56 0.33 6.56 18.76
CA LEU B 56 0.66 5.54 17.78
C LEU B 56 -0.12 4.26 18.04
N ASP B 57 -0.43 4.07 19.33
CA ASP B 57 -1.09 2.87 19.82
C ASP B 57 -2.25 2.45 18.95
N GLU B 58 -3.20 3.34 18.68
CA GLU B 58 -4.44 2.96 17.99
C GLU B 58 -4.16 2.25 16.66
N LYS B 59 -3.27 2.85 15.90
CA LYS B 59 -2.90 2.35 14.59
C LYS B 59 -2.11 1.07 14.75
N MET B 60 -1.18 1.11 15.71
CA MET B 60 -0.40 -0.05 16.07
C MET B 60 -1.31 -1.24 16.34
N LYS B 61 -2.32 -1.05 17.19
CA LYS B 61 -3.24 -2.12 17.55
C LYS B 61 -3.96 -2.69 16.32
N SER B 62 -4.30 -1.80 15.39
CA SER B 62 -5.03 -2.22 14.19
C SER B 62 -4.14 -3.10 13.30
N LEU B 63 -2.85 -2.83 13.32
CA LEU B 63 -1.87 -3.57 12.52
C LEU B 63 -1.40 -4.80 13.27
N ASP B 64 -1.04 -4.57 14.52
CA ASP B 64 -0.58 -5.58 15.47
C ASP B 64 -1.60 -6.68 15.69
N VAL B 65 -2.84 -6.42 15.24
CA VAL B 65 -4.10 -7.05 15.75
C VAL B 65 -3.98 -8.50 16.28
N ASN B 66 -3.11 -9.31 15.69
CA ASN B 66 -2.93 -10.68 16.15
C ASN B 66 -2.10 -10.73 17.46
N GLN B 67 -1.80 -9.54 18.04
CA GLN B 67 -0.99 -9.46 19.28
C GLN B 67 0.33 -10.06 18.93
N ASP B 68 0.80 -9.53 17.80
CA ASP B 68 2.08 -9.81 17.20
C ASP B 68 2.73 -8.45 16.96
N SER B 69 3.66 -8.07 17.85
CA SER B 69 4.32 -6.76 17.78
C SER B 69 5.18 -6.60 16.52
N GLU B 70 5.12 -7.58 15.64
CA GLU B 70 5.87 -7.54 14.41
C GLU B 70 5.00 -7.12 13.22
N LEU B 71 5.16 -5.86 12.80
CA LEU B 71 4.48 -5.32 11.67
C LEU B 71 4.97 -5.99 10.38
N LYS B 72 4.43 -7.18 10.15
CA LYS B 72 4.90 -8.04 9.07
C LYS B 72 4.09 -8.00 7.79
N PHE B 73 4.30 -9.08 7.01
CA PHE B 73 3.69 -9.32 5.71
C PHE B 73 2.23 -8.87 5.61
N ASN B 74 2.07 -7.61 5.21
CA ASN B 74 0.75 -7.02 4.99
C ASN B 74 -0.23 -7.09 6.17
N GLU B 75 0.32 -7.23 7.37
CA GLU B 75 -0.40 -6.73 8.57
C GLU B 75 -0.13 -5.22 8.69
N TYR B 76 1.12 -4.84 8.52
CA TYR B 76 1.55 -3.44 8.46
C TYR B 76 0.76 -2.70 7.40
N TRP B 77 0.59 -3.39 6.29
CA TRP B 77 0.00 -2.86 5.05
C TRP B 77 -1.15 -1.89 5.27
N ARG B 78 -2.04 -2.16 6.21
CA ARG B 78 -3.15 -1.28 6.43
C ARG B 78 -2.65 0.14 6.57
N LEU B 79 -1.64 0.32 7.43
CA LEU B 79 -1.02 1.63 7.62
C LEU B 79 -0.39 2.10 6.33
N ILE B 80 0.30 1.19 5.63
CA ILE B 80 0.98 1.51 4.38
C ILE B 80 0.00 2.07 3.37
N GLY B 81 -1.22 1.59 3.42
CA GLY B 81 -2.25 2.08 2.54
C GLY B 81 -2.78 3.38 3.01
N GLU B 82 -2.95 3.47 4.31
CA GLU B 82 -3.32 4.72 4.92
C GLU B 82 -2.26 5.77 4.58
N LEU B 83 -1.00 5.31 4.47
CA LEU B 83 0.13 6.19 4.18
C LEU B 83 0.01 6.83 2.81
N ALA B 84 -0.08 5.99 1.78
CA ALA B 84 -0.15 6.44 0.39
C ALA B 84 -1.41 7.26 0.15
N LYS B 85 -2.44 6.99 0.92
CA LYS B 85 -3.67 7.74 0.82
C LYS B 85 -3.53 9.09 1.49
N GLU B 86 -3.01 9.07 2.73
CA GLU B 86 -2.85 10.27 3.54
C GLU B 86 -2.03 11.33 2.83
N ILE B 87 -0.92 10.93 2.23
CA ILE B 87 -0.10 11.87 1.46
C ILE B 87 -0.93 12.58 0.40
N ARG B 88 -1.91 11.88 -0.17
CA ARG B 88 -2.71 12.42 -1.26
C ARG B 88 -3.95 13.21 -0.83
N LYS B 89 -4.74 12.67 0.11
CA LYS B 89 -5.96 13.36 0.55
C LYS B 89 -5.93 13.74 2.03
N LYS B 90 -4.72 13.97 2.55
CA LYS B 90 -4.51 14.35 3.97
C LYS B 90 -5.59 15.30 4.45
N LYS B 91 -5.53 16.52 3.93
CA LYS B 91 -6.66 17.44 3.94
C LYS B 91 -6.67 18.07 2.57
N ASP B 92 -6.10 17.35 1.60
CA ASP B 92 -6.00 17.83 0.23
C ASP B 92 -7.35 17.83 -0.50
N LEU B 93 -8.23 18.67 -0.02
CA LEU B 93 -9.54 18.90 -0.59
C LEU B 93 -9.81 20.39 -0.45
N LYS B 94 -8.68 21.09 -0.35
CA LYS B 94 -8.62 22.53 -0.22
C LYS B 94 -7.18 22.98 -0.47
N ILE B 95 -6.23 22.26 0.14
CA ILE B 95 -4.79 22.54 -0.01
C ILE B 95 -3.94 21.75 1.00
N ARG B 96 -2.90 21.05 0.51
CA ARG B 96 -1.98 20.28 1.36
C ARG B 96 -0.60 20.21 0.72
N LYS B 97 -0.49 19.54 -0.44
CA LYS B 97 0.79 19.50 -1.17
C LYS B 97 1.09 20.96 -1.55
N LYS B 98 2.29 21.46 -1.23
CA LYS B 98 2.55 22.87 -1.42
C LYS B 98 4.02 23.19 -1.16
N MET C 1 0.24 23.29 -4.24
CA MET C 1 -0.41 22.38 -5.21
C MET C 1 0.57 21.34 -5.73
N ALA C 2 1.78 21.36 -5.20
CA ALA C 2 2.83 20.42 -5.60
C ALA C 2 3.62 19.90 -4.41
N ALA C 3 3.53 18.60 -4.21
CA ALA C 3 4.34 17.90 -3.23
C ALA C 3 5.82 17.95 -3.61
N GLU C 4 6.55 18.86 -2.98
CA GLU C 4 8.00 18.92 -3.13
C GLU C 4 8.63 17.76 -2.34
N PRO C 5 9.93 17.44 -2.56
CA PRO C 5 10.58 16.26 -1.94
C PRO C 5 10.19 16.07 -0.47
N LEU C 6 10.08 14.82 -0.05
CA LEU C 6 9.51 14.52 1.23
C LEU C 6 10.44 13.78 2.16
N THR C 7 9.94 13.58 3.37
CA THR C 7 10.59 12.75 4.40
C THR C 7 10.65 11.28 3.92
N GLU C 8 11.22 10.37 4.71
CA GLU C 8 11.62 9.07 4.17
C GLU C 8 10.42 8.14 3.89
N LEU C 9 9.56 7.93 4.86
CA LEU C 9 8.40 7.07 4.60
C LEU C 9 7.52 7.70 3.55
N GLU C 10 7.60 9.02 3.45
CA GLU C 10 6.91 9.74 2.40
C GLU C 10 7.62 9.48 1.08
N GLU C 11 8.94 9.46 1.13
CA GLU C 11 9.74 9.20 -0.06
C GLU C 11 9.29 7.89 -0.65
N SER C 12 9.00 6.96 0.24
CA SER C 12 8.56 5.65 -0.21
C SER C 12 7.12 5.66 -0.73
N ILE C 13 6.20 6.36 -0.05
CA ILE C 13 4.81 6.39 -0.51
C ILE C 13 4.54 7.40 -1.62
N GLU C 14 5.19 8.56 -1.60
CA GLU C 14 5.10 9.53 -2.71
C GLU C 14 5.52 8.89 -4.01
N THR C 15 6.64 8.18 -3.96
CA THR C 15 7.15 7.43 -5.09
C THR C 15 6.07 6.52 -5.72
N VAL C 16 5.21 5.97 -4.88
CA VAL C 16 4.11 5.13 -5.35
C VAL C 16 3.11 5.97 -6.14
N VAL C 17 2.97 7.22 -5.74
CA VAL C 17 1.99 8.12 -6.33
C VAL C 17 2.39 8.52 -7.73
N THR C 18 3.62 8.98 -7.85
CA THR C 18 4.10 9.60 -9.07
C THR C 18 3.99 8.66 -10.27
N THR C 19 4.40 7.42 -10.07
CA THR C 19 4.32 6.42 -11.14
C THR C 19 2.86 6.22 -11.52
N PHE C 20 2.10 5.89 -10.50
CA PHE C 20 0.64 5.77 -10.54
C PHE C 20 -0.02 6.92 -11.34
N PHE C 21 0.30 8.16 -10.93
CA PHE C 21 -0.27 9.38 -11.51
C PHE C 21 0.10 9.55 -12.98
N THR C 22 1.26 9.06 -13.36
CA THR C 22 1.71 9.14 -14.74
C THR C 22 0.71 8.44 -15.67
N PHE C 23 0.13 7.35 -15.20
CA PHE C 23 -0.86 6.63 -15.96
C PHE C 23 -2.26 7.19 -15.74
N ALA C 24 -2.56 7.53 -14.50
CA ALA C 24 -3.85 8.14 -14.15
C ALA C 24 -4.10 9.41 -14.96
N ARG C 25 -3.02 10.16 -15.21
CA ARG C 25 -3.09 11.40 -15.98
C ARG C 25 -3.11 11.15 -17.50
N GLN C 26 -2.72 9.94 -17.91
CA GLN C 26 -2.69 9.58 -19.33
C GLN C 26 -4.05 9.74 -20.00
N GLU C 27 -5.09 9.15 -19.40
CA GLU C 27 -6.44 9.21 -19.97
C GLU C 27 -7.36 10.09 -19.12
N GLY C 28 -8.68 9.92 -19.33
CA GLY C 28 -9.68 10.70 -18.60
C GLY C 28 -9.53 10.58 -17.09
N ARG C 29 -9.74 11.70 -16.40
CA ARG C 29 -9.60 11.77 -14.94
C ARG C 29 -8.16 11.47 -14.54
N LYS C 30 -7.36 12.52 -14.34
CA LYS C 30 -5.95 12.36 -14.00
C LYS C 30 -5.75 11.88 -12.57
N ASP C 31 -6.84 11.66 -11.85
CA ASP C 31 -6.78 11.20 -10.47
C ASP C 31 -7.15 9.73 -10.35
N SER C 32 -7.49 9.10 -11.47
CA SER C 32 -7.88 7.69 -11.46
C SER C 32 -7.53 6.99 -12.78
N LEU C 33 -7.11 5.73 -12.67
CA LEU C 33 -6.76 4.92 -13.84
C LEU C 33 -7.99 4.16 -14.31
N SER C 34 -8.14 4.01 -15.62
CA SER C 34 -9.30 3.32 -16.17
C SER C 34 -9.03 1.82 -16.28
N VAL C 35 -9.98 1.09 -16.87
CA VAL C 35 -9.85 -0.36 -17.04
C VAL C 35 -8.82 -0.68 -18.12
N ASN C 36 -8.48 0.30 -18.93
CA ASN C 36 -7.50 0.12 -19.99
C ASN C 36 -6.09 0.29 -19.43
N GLU C 37 -5.94 1.20 -18.48
CA GLU C 37 -4.63 1.45 -17.86
C GLU C 37 -4.27 0.34 -16.89
N PHE C 38 -5.30 -0.31 -16.33
CA PHE C 38 -5.11 -1.39 -15.41
C PHE C 38 -4.67 -2.57 -16.23
N LYS C 39 -5.40 -2.79 -17.31
CA LYS C 39 -5.10 -3.87 -18.24
C LYS C 39 -3.72 -3.66 -18.86
N GLU C 40 -3.36 -2.42 -19.19
CA GLU C 40 -2.04 -2.15 -19.76
C GLU C 40 -0.93 -2.53 -18.80
N LEU C 41 -1.05 -2.14 -17.53
CA LEU C 41 -0.02 -2.40 -16.56
C LEU C 41 -0.01 -3.86 -16.19
N VAL C 42 -1.17 -4.45 -16.05
CA VAL C 42 -1.30 -5.82 -15.64
C VAL C 42 -0.69 -6.71 -16.72
N THR C 43 -1.11 -6.46 -17.94
CA THR C 43 -0.55 -7.13 -19.12
C THR C 43 0.94 -6.82 -19.33
N GLN C 44 1.29 -5.54 -19.38
CA GLN C 44 2.62 -5.09 -19.75
C GLN C 44 3.57 -5.00 -18.55
N GLN C 45 3.14 -4.31 -17.49
CA GLN C 45 4.02 -4.01 -16.36
C GLN C 45 4.01 -5.14 -15.32
N LEU C 46 2.94 -5.91 -15.26
CA LEU C 46 2.74 -6.85 -14.16
C LEU C 46 3.09 -8.32 -14.46
N PRO C 47 3.35 -8.78 -15.72
CA PRO C 47 3.69 -10.19 -15.98
C PRO C 47 4.73 -10.74 -15.01
N HIS C 48 5.67 -9.89 -14.63
CA HIS C 48 6.70 -10.28 -13.68
C HIS C 48 6.12 -10.27 -12.26
N LEU C 49 5.35 -9.25 -11.94
CA LEU C 49 4.75 -9.10 -10.61
C LEU C 49 3.53 -10.02 -10.42
N LEU C 50 2.43 -9.59 -11.03
CA LEU C 50 1.18 -10.31 -10.96
C LEU C 50 1.05 -11.26 -12.11
N LYS C 51 1.55 -12.45 -11.88
CA LYS C 51 1.47 -13.58 -12.80
C LYS C 51 0.03 -14.01 -13.07
N ASP C 52 -0.73 -13.07 -13.55
CA ASP C 52 -2.13 -13.28 -13.91
C ASP C 52 -2.53 -12.11 -14.80
N VAL C 53 -1.84 -12.02 -15.91
CA VAL C 53 -2.01 -10.93 -16.85
C VAL C 53 -3.23 -11.15 -17.73
N GLY C 54 -3.80 -12.34 -17.64
CA GLY C 54 -4.98 -12.65 -18.42
C GLY C 54 -6.23 -12.10 -17.79
N SER C 55 -6.76 -12.82 -16.81
CA SER C 55 -8.02 -12.47 -16.17
C SER C 55 -7.86 -11.35 -15.14
N LEU C 56 -7.37 -10.22 -15.62
CA LEU C 56 -7.32 -9.00 -14.82
C LEU C 56 -8.66 -8.76 -14.14
N ASP C 57 -9.71 -9.22 -14.81
CA ASP C 57 -11.09 -9.02 -14.39
C ASP C 57 -11.29 -9.22 -12.90
N GLU C 58 -10.89 -10.37 -12.37
CA GLU C 58 -11.20 -10.72 -10.98
C GLU C 58 -10.75 -9.63 -10.01
N LYS C 59 -9.51 -9.20 -10.20
CA LYS C 59 -8.89 -8.21 -9.36
C LYS C 59 -9.54 -6.86 -9.60
N MET C 60 -9.76 -6.58 -10.88
CA MET C 60 -10.46 -5.39 -11.30
C MET C 60 -11.78 -5.27 -10.57
N LYS C 61 -12.58 -6.35 -10.59
CA LYS C 61 -13.89 -6.35 -9.95
C LYS C 61 -13.79 -6.05 -8.46
N SER C 62 -12.76 -6.58 -7.82
CA SER C 62 -12.57 -6.41 -6.39
C SER C 62 -12.26 -4.95 -6.04
N LEU C 63 -11.58 -4.28 -6.96
CA LEU C 63 -11.20 -2.88 -6.80
C LEU C 63 -12.32 -1.96 -7.28
N ASP C 64 -12.80 -2.28 -8.47
CA ASP C 64 -13.89 -1.59 -9.15
C ASP C 64 -15.19 -1.59 -8.33
N VAL C 65 -15.21 -2.44 -7.30
CA VAL C 65 -16.45 -3.01 -6.68
C VAL C 65 -17.70 -2.12 -6.71
N ASN C 66 -17.56 -0.81 -6.60
CA ASN C 66 -18.72 0.07 -6.65
C ASN C 66 -19.17 0.32 -8.10
N GLN C 67 -18.59 -0.42 -9.07
CA GLN C 67 -18.92 -0.26 -10.49
C GLN C 67 -18.53 1.15 -10.83
N ASP C 68 -17.47 1.53 -10.17
CA ASP C 68 -16.83 2.80 -10.34
C ASP C 68 -15.47 2.39 -10.80
N SER C 69 -15.42 1.95 -12.06
CA SER C 69 -14.14 1.39 -12.63
C SER C 69 -13.01 2.38 -12.86
N GLU C 70 -12.86 3.21 -11.84
CA GLU C 70 -11.83 4.22 -11.73
C GLU C 70 -11.01 3.87 -10.49
N LEU C 71 -9.79 3.38 -10.72
CA LEU C 71 -8.92 2.96 -9.67
C LEU C 71 -8.41 4.17 -8.89
N LYS C 72 -9.28 4.67 -8.01
CA LYS C 72 -9.03 5.92 -7.31
C LYS C 72 -8.52 5.78 -5.89
N PHE C 73 -8.71 6.89 -5.15
CA PHE C 73 -8.30 7.05 -3.76
C PHE C 73 -8.56 5.83 -2.89
N ASN C 74 -7.55 4.96 -2.84
CA ASN C 74 -7.56 3.77 -2.01
C ASN C 74 -8.78 2.84 -2.18
N GLU C 75 -9.41 2.92 -3.34
CA GLU C 75 -10.16 1.76 -3.87
C GLU C 75 -9.15 0.83 -4.56
N TYR C 76 -8.28 1.43 -5.37
CA TYR C 76 -7.18 0.73 -6.02
C TYR C 76 -6.33 0.01 -4.99
N TRP C 77 -6.12 0.73 -3.88
CA TRP C 77 -5.22 0.34 -2.79
C TRP C 77 -5.20 -1.15 -2.48
N ARG C 78 -6.35 -1.81 -2.49
CA ARG C 78 -6.38 -3.22 -2.18
C ARG C 78 -5.34 -3.94 -3.02
N LEU C 79 -5.37 -3.67 -4.34
CA LEU C 79 -4.40 -4.25 -5.25
C LEU C 79 -3.00 -3.79 -4.90
N ILE C 80 -2.86 -2.49 -4.59
CA ILE C 80 -1.57 -1.91 -4.24
C ILE C 80 -0.94 -2.64 -3.06
N GLY C 81 -1.80 -3.10 -2.16
CA GLY C 81 -1.32 -3.84 -1.02
C GLY C 81 -1.01 -5.24 -1.39
N GLU C 82 -1.86 -5.80 -2.23
CA GLU C 82 -1.60 -7.11 -2.77
C GLU C 82 -0.28 -7.05 -3.54
N LEU C 83 0.01 -5.89 -4.15
CA LEU C 83 1.23 -5.70 -4.94
C LEU C 83 2.49 -5.82 -4.07
N ALA C 84 2.57 -4.97 -3.05
CA ALA C 84 3.73 -4.92 -2.17
C ALA C 84 3.91 -6.24 -1.42
N LYS C 85 2.82 -6.94 -1.21
CA LYS C 85 2.87 -8.22 -0.56
C LYS C 85 3.35 -9.29 -1.53
N GLU C 86 2.76 -9.31 -2.72
CA GLU C 86 3.07 -10.31 -3.76
C GLU C 86 4.55 -10.31 -4.10
N ILE C 87 5.13 -9.14 -4.28
CA ILE C 87 6.57 -9.04 -4.55
C ILE C 87 7.38 -9.77 -3.48
N ARG C 88 6.86 -9.77 -2.25
CA ARG C 88 7.55 -10.39 -1.15
C ARG C 88 7.19 -11.87 -1.00
N LYS C 89 5.94 -12.18 -0.75
CA LYS C 89 5.56 -13.58 -0.53
C LYS C 89 4.88 -14.19 -1.74
N LYS C 90 5.33 -13.82 -2.94
CA LYS C 90 4.75 -14.37 -4.19
C LYS C 90 4.61 -15.89 -4.11
N LYS C 91 5.75 -16.55 -4.14
CA LYS C 91 5.89 -17.93 -3.69
C LYS C 91 7.18 -17.97 -2.90
N ASP C 92 7.58 -16.83 -2.36
CA ASP C 92 8.85 -16.72 -1.63
C ASP C 92 8.87 -17.46 -0.27
N LEU C 93 8.17 -18.58 -0.18
CA LEU C 93 8.21 -19.41 1.02
C LEU C 93 9.09 -20.61 0.68
N LYS C 94 9.99 -20.35 -0.27
CA LYS C 94 10.95 -21.31 -0.78
C LYS C 94 11.97 -20.58 -1.64
N ILE C 95 11.47 -19.74 -2.59
CA ILE C 95 12.32 -18.94 -3.48
C ILE C 95 11.49 -18.27 -4.60
N ARG C 96 11.78 -16.97 -4.87
CA ARG C 96 11.08 -16.23 -5.93
C ARG C 96 11.92 -15.04 -6.43
N LYS C 97 12.87 -14.60 -5.61
CA LYS C 97 13.79 -13.51 -6.00
C LYS C 97 15.18 -14.11 -6.17
N LYS C 98 15.91 -13.75 -7.24
CA LYS C 98 17.20 -14.39 -7.46
C LYS C 98 17.97 -13.65 -8.53
N ASN D 1 -15.72 -0.74 -30.85
CA ASN D 1 -16.30 -0.55 -29.50
C ASN D 1 -17.46 0.43 -29.62
N VAL D 2 -18.07 0.80 -28.50
CA VAL D 2 -19.11 1.80 -28.53
C VAL D 2 -18.49 3.16 -28.26
N LYS D 3 -18.67 4.06 -29.21
CA LYS D 3 -18.15 5.40 -29.06
C LYS D 3 -19.27 6.36 -28.71
N TYR D 4 -18.96 7.37 -27.93
CA TYR D 4 -19.90 8.42 -27.67
C TYR D 4 -19.50 9.57 -28.56
N ASN D 5 -20.31 9.86 -29.54
CA ASN D 5 -19.90 10.70 -30.65
C ASN D 5 -20.38 12.11 -30.44
N PHE D 6 -19.53 13.07 -30.75
CA PHE D 6 -19.83 14.45 -30.49
C PHE D 6 -21.05 14.88 -31.28
N MET D 7 -21.98 15.51 -30.56
CA MET D 7 -23.29 15.84 -31.07
C MET D 7 -23.29 17.23 -31.66
N ARG D 8 -23.08 18.26 -30.84
CA ARG D 8 -23.07 19.62 -31.39
C ARG D 8 -22.36 20.61 -30.47
N ILE D 9 -21.74 21.59 -31.11
CA ILE D 9 -21.07 22.68 -30.44
C ILE D 9 -22.07 23.76 -30.04
N ILE D 10 -22.18 24.02 -28.75
CA ILE D 10 -23.07 25.03 -28.24
C ILE D 10 -22.29 26.35 -28.20
N LYS D 11 -22.28 26.99 -27.06
CA LYS D 11 -21.76 28.33 -26.94
C LYS D 11 -20.40 28.24 -26.28
N TYR D 12 -19.59 29.29 -26.43
CA TYR D 12 -18.21 29.20 -26.02
C TYR D 12 -17.70 30.51 -25.45
N GLU D 13 -16.70 30.38 -24.58
CA GLU D 13 -16.08 31.50 -23.86
C GLU D 13 -17.12 32.36 -23.13
N PHE D 14 -18.22 31.73 -22.74
CA PHE D 14 -19.23 32.38 -21.93
C PHE D 14 -19.11 31.89 -20.49
N ILE D 15 -19.34 32.77 -19.53
CA ILE D 15 -19.16 32.43 -18.14
C ILE D 15 -20.49 32.28 -17.39
N LEU D 16 -20.55 31.27 -16.55
CA LEU D 16 -21.71 31.00 -15.74
C LEU D 16 -21.49 31.48 -14.30
N ASN D 17 -22.51 32.13 -13.77
CA ASN D 17 -22.54 32.62 -12.41
C ASN D 17 -23.78 32.07 -11.74
N ASP D 18 -23.70 31.79 -10.47
CA ASP D 18 -24.75 31.06 -9.76
C ASP D 18 -25.72 32.03 -9.11
N ALA D 19 -26.68 31.52 -8.35
CA ALA D 19 -27.64 32.37 -7.66
C ALA D 19 -26.95 33.27 -6.62
N LEU D 20 -25.72 32.94 -6.23
CA LEU D 20 -24.94 33.79 -5.34
C LEU D 20 -24.40 34.94 -6.16
N ASN D 21 -24.44 34.70 -7.47
CA ASN D 21 -23.92 35.60 -8.47
C ASN D 21 -22.44 35.80 -8.27
N GLN D 22 -21.69 34.80 -8.66
CA GLN D 22 -20.25 34.83 -8.56
C GLN D 22 -19.64 34.24 -9.81
N SER D 23 -18.80 35.00 -10.46
CA SER D 23 -18.13 34.55 -11.66
C SER D 23 -17.15 33.46 -11.32
N ILE D 24 -17.18 32.39 -12.06
CA ILE D 24 -16.26 31.30 -11.82
C ILE D 24 -14.85 31.73 -12.21
N ILE D 25 -14.08 32.17 -11.23
CA ILE D 25 -12.81 32.84 -11.51
C ILE D 25 -11.65 31.85 -11.38
N ARG D 26 -10.64 32.07 -12.19
CA ARG D 26 -9.50 31.18 -12.24
C ARG D 26 -8.49 31.54 -11.15
N ALA D 27 -8.37 30.68 -10.15
CA ALA D 27 -7.39 30.88 -9.10
C ALA D 27 -6.13 30.09 -9.43
N ASN D 28 -6.35 28.88 -9.93
CA ASN D 28 -5.28 27.97 -10.31
C ASN D 28 -5.77 27.04 -11.41
N ASP D 29 -4.90 26.16 -11.90
CA ASP D 29 -5.25 25.20 -12.94
C ASP D 29 -5.79 23.90 -12.32
N GLN D 30 -6.15 23.96 -11.05
CA GLN D 30 -6.67 22.80 -10.33
C GLN D 30 -7.76 23.24 -9.34
N TYR D 31 -7.65 24.48 -8.86
CA TYR D 31 -8.61 25.02 -7.91
C TYR D 31 -9.25 26.31 -8.45
N LEU D 32 -10.57 26.39 -8.34
CA LEU D 32 -11.31 27.56 -8.80
C LEU D 32 -12.30 28.02 -7.74
N THR D 33 -12.33 29.32 -7.51
CA THR D 33 -13.21 29.93 -6.53
C THR D 33 -14.17 30.88 -7.23
N ALA D 34 -15.41 30.95 -6.77
CA ALA D 34 -16.39 31.82 -7.38
C ALA D 34 -16.35 33.19 -6.72
N ALA D 35 -16.19 34.21 -7.55
CA ALA D 35 -16.16 35.58 -7.11
C ALA D 35 -16.60 36.47 -8.26
N ALA D 36 -17.36 37.50 -7.98
CA ALA D 36 -17.84 38.40 -9.04
C ALA D 36 -16.64 38.99 -9.76
N LEU D 37 -16.64 38.91 -11.09
CA LEU D 37 -15.50 39.34 -11.87
C LEU D 37 -15.31 40.84 -11.74
N HIS D 38 -14.06 41.25 -11.86
CA HIS D 38 -13.70 42.63 -11.76
C HIS D 38 -12.60 42.95 -12.75
N ASN D 39 -11.94 41.92 -13.25
CA ASN D 39 -11.03 42.08 -14.38
C ASN D 39 -11.68 41.52 -15.66
N LEU D 40 -12.89 40.96 -15.49
CA LEU D 40 -13.71 40.42 -16.59
C LEU D 40 -13.04 39.25 -17.30
N ASP D 41 -11.94 39.50 -17.99
CA ASP D 41 -11.12 38.41 -18.50
C ASP D 41 -10.28 37.94 -17.34
N GLU D 42 -10.96 37.27 -16.46
CA GLU D 42 -10.44 36.87 -15.17
C GLU D 42 -11.01 35.52 -14.76
N ALA D 43 -12.25 35.31 -15.15
CA ALA D 43 -12.92 34.05 -14.97
C ALA D 43 -12.55 33.11 -16.11
N VAL D 44 -12.70 31.82 -15.88
CA VAL D 44 -12.35 30.84 -16.88
C VAL D 44 -13.45 30.75 -17.90
N LYS D 45 -13.11 30.83 -19.16
CA LYS D 45 -14.11 30.86 -20.18
C LYS D 45 -14.34 29.48 -20.67
N PHE D 46 -15.54 29.02 -20.46
CA PHE D 46 -15.89 27.67 -20.80
C PHE D 46 -16.63 27.60 -22.11
N ASP D 47 -16.62 26.42 -22.67
CA ASP D 47 -17.27 26.09 -23.92
C ASP D 47 -17.85 24.72 -23.81
N MET D 48 -19.02 24.55 -24.36
CA MET D 48 -19.74 23.32 -24.22
C MET D 48 -19.65 22.50 -25.50
N GLY D 49 -19.32 21.24 -25.33
CA GLY D 49 -19.26 20.32 -26.44
C GLY D 49 -19.99 19.05 -26.09
N ALA D 50 -21.05 18.75 -26.79
CA ALA D 50 -21.93 17.67 -26.41
C ALA D 50 -21.42 16.36 -26.97
N TYR D 51 -21.68 15.30 -26.25
CA TYR D 51 -21.33 13.97 -26.71
C TYR D 51 -22.58 13.14 -26.64
N LYS D 52 -22.66 12.03 -27.33
CA LYS D 52 -23.89 11.29 -27.32
C LYS D 52 -23.69 9.81 -27.11
N SER D 53 -24.33 9.35 -26.04
CA SER D 53 -24.58 7.95 -25.79
C SER D 53 -25.97 7.90 -25.18
N SER D 54 -26.65 6.78 -25.20
CA SER D 54 -27.96 6.72 -24.58
C SER D 54 -27.83 6.33 -23.12
N LYS D 55 -26.88 6.97 -22.45
CA LYS D 55 -26.70 6.77 -21.03
C LYS D 55 -26.77 8.08 -20.27
N ASP D 56 -27.56 9.04 -20.74
CA ASP D 56 -27.70 10.28 -19.99
C ASP D 56 -28.72 10.09 -18.87
N ASP D 57 -29.72 10.96 -18.80
CA ASP D 57 -30.97 10.63 -18.16
C ASP D 57 -32.13 10.94 -19.11
N ALA D 58 -32.49 12.23 -19.13
CA ALA D 58 -33.48 12.76 -20.07
C ALA D 58 -32.95 14.02 -20.76
N LYS D 59 -31.64 14.20 -20.74
CA LYS D 59 -31.00 15.46 -21.14
C LYS D 59 -29.65 15.17 -21.75
N ILE D 60 -29.24 16.01 -22.69
CA ILE D 60 -28.07 15.74 -23.50
C ILE D 60 -26.88 16.41 -22.86
N THR D 61 -25.73 15.80 -23.02
CA THR D 61 -24.61 16.05 -22.15
C THR D 61 -23.45 16.66 -22.92
N VAL D 62 -22.81 17.66 -22.31
CA VAL D 62 -21.71 18.37 -22.94
C VAL D 62 -20.50 18.43 -21.99
N ILE D 63 -19.34 18.76 -22.53
CA ILE D 63 -18.13 18.84 -21.74
C ILE D 63 -17.75 20.30 -21.56
N LEU D 64 -17.39 20.68 -20.36
CA LEU D 64 -17.05 22.06 -20.08
C LEU D 64 -15.54 22.24 -20.01
N ARG D 65 -15.05 23.02 -20.95
CA ARG D 65 -13.62 23.21 -21.16
C ARG D 65 -13.32 24.68 -21.35
N ILE D 66 -12.11 25.11 -21.02
CA ILE D 66 -11.73 26.49 -21.23
C ILE D 66 -11.33 26.65 -22.69
N SER D 67 -11.92 27.62 -23.36
CA SER D 67 -11.81 27.77 -24.82
C SER D 67 -10.38 27.66 -25.34
N LYS D 68 -9.38 27.99 -24.52
CA LYS D 68 -8.00 27.98 -24.96
C LYS D 68 -7.35 26.61 -24.74
N THR D 69 -7.39 26.13 -23.51
CA THR D 69 -6.80 24.82 -23.19
C THR D 69 -7.88 23.84 -22.79
N GLN D 70 -7.56 22.57 -22.68
CA GLN D 70 -8.63 21.65 -22.41
C GLN D 70 -8.64 21.31 -20.94
N LEU D 71 -9.15 22.26 -20.17
CA LEU D 71 -9.30 22.13 -18.72
C LEU D 71 -10.75 21.81 -18.42
N TYR D 72 -11.03 20.58 -18.04
CA TYR D 72 -12.39 20.17 -17.78
C TYR D 72 -12.61 20.12 -16.29
N VAL D 73 -13.79 20.47 -15.84
CA VAL D 73 -14.10 20.24 -14.45
C VAL D 73 -14.67 18.84 -14.33
N THR D 74 -14.01 18.02 -13.52
CA THR D 74 -14.43 16.64 -13.30
C THR D 74 -15.09 16.46 -11.93
N ALA D 75 -15.82 15.36 -11.79
CA ALA D 75 -16.49 15.04 -10.54
C ALA D 75 -15.65 14.07 -9.72
N GLN D 76 -15.50 14.35 -8.43
CA GLN D 76 -14.70 13.50 -7.55
C GLN D 76 -15.59 12.60 -6.69
N ASP D 77 -16.10 13.15 -5.59
CA ASP D 77 -16.96 12.39 -4.68
C ASP D 77 -17.80 13.34 -3.82
N GLU D 78 -18.93 13.76 -4.38
CA GLU D 78 -19.85 14.69 -3.72
C GLU D 78 -19.11 15.94 -3.28
N ASP D 79 -19.31 16.35 -2.02
CA ASP D 79 -18.65 17.53 -1.45
C ASP D 79 -17.12 17.36 -1.43
N GLN D 80 -16.52 17.67 -2.57
CA GLN D 80 -15.08 17.59 -2.78
C GLN D 80 -14.75 18.49 -3.96
N PRO D 81 -13.76 19.38 -3.81
CA PRO D 81 -13.39 20.34 -4.85
C PRO D 81 -13.11 19.74 -6.22
N VAL D 82 -13.80 20.28 -7.23
CA VAL D 82 -13.63 19.91 -8.62
C VAL D 82 -12.17 19.97 -9.05
N LEU D 83 -11.76 18.93 -9.76
CA LEU D 83 -10.39 18.82 -10.23
C LEU D 83 -10.30 19.24 -11.70
N LEU D 84 -9.60 20.33 -11.95
CA LEU D 84 -9.42 20.84 -13.31
C LEU D 84 -8.34 20.04 -14.03
N LYS D 85 -8.76 19.22 -15.00
CA LYS D 85 -7.84 18.38 -15.76
C LYS D 85 -7.39 19.06 -17.05
N GLU D 86 -6.09 18.99 -17.32
CA GLU D 86 -5.53 19.59 -18.53
C GLU D 86 -5.03 18.52 -19.49
N MET D 87 -5.76 18.32 -20.58
CA MET D 87 -5.40 17.32 -21.59
C MET D 87 -5.37 17.97 -22.97
N PRO D 88 -4.19 18.06 -23.61
CA PRO D 88 -4.05 18.66 -24.94
C PRO D 88 -5.04 18.10 -25.96
N GLU D 89 -5.77 19.01 -26.60
CA GLU D 89 -6.71 18.71 -27.69
C GLU D 89 -7.96 17.96 -27.19
N ILE D 90 -9.11 18.41 -27.69
CA ILE D 90 -10.41 17.81 -27.36
C ILE D 90 -10.64 16.50 -28.10
N PRO D 91 -11.01 15.44 -27.36
CA PRO D 91 -11.35 14.15 -27.95
C PRO D 91 -12.61 14.24 -28.81
N LYS D 92 -12.65 13.49 -29.90
CA LYS D 92 -13.78 13.47 -30.81
C LYS D 92 -14.63 12.23 -30.51
N THR D 93 -13.99 11.25 -29.92
CA THR D 93 -14.61 9.98 -29.59
C THR D 93 -14.35 9.66 -28.14
N ILE D 94 -15.42 9.54 -27.38
CA ILE D 94 -15.35 9.47 -25.94
C ILE D 94 -15.42 8.03 -25.47
N THR D 95 -14.47 7.65 -24.60
CA THR D 95 -14.41 6.30 -24.05
C THR D 95 -15.03 6.23 -22.65
N GLY D 96 -14.77 5.12 -21.94
CA GLY D 96 -15.30 4.95 -20.61
C GLY D 96 -14.39 5.55 -19.55
N SER D 97 -13.27 6.12 -19.99
CA SER D 97 -12.31 6.74 -19.09
C SER D 97 -12.80 8.12 -18.69
N GLU D 98 -13.33 8.85 -19.66
CA GLU D 98 -13.85 10.18 -19.44
C GLU D 98 -15.33 10.12 -19.10
N THR D 99 -15.66 10.20 -17.82
CA THR D 99 -17.05 10.14 -17.37
C THR D 99 -17.31 11.14 -16.23
N ASN D 100 -16.23 11.71 -15.71
CA ASN D 100 -16.32 12.67 -14.62
C ASN D 100 -16.50 14.09 -15.15
N LEU D 101 -15.91 14.35 -16.32
CA LEU D 101 -16.00 15.66 -16.95
C LEU D 101 -17.23 15.78 -17.83
N LEU D 102 -18.18 14.86 -17.66
CA LEU D 102 -19.40 14.88 -18.45
C LEU D 102 -20.51 15.55 -17.65
N PHE D 103 -21.41 16.31 -18.29
CA PHE D 103 -22.36 17.09 -17.53
C PHE D 103 -23.74 17.11 -18.12
N PHE D 104 -24.66 16.64 -17.30
CA PHE D 104 -26.08 16.60 -17.62
C PHE D 104 -26.68 17.94 -17.28
N TRP D 105 -26.90 18.77 -18.28
CA TRP D 105 -27.36 20.13 -18.03
C TRP D 105 -28.87 20.26 -18.15
N GLU D 106 -29.51 20.56 -17.03
CA GLU D 106 -30.94 20.78 -17.00
C GLU D 106 -31.23 22.27 -16.91
N THR D 107 -31.73 22.84 -18.00
CA THR D 107 -31.96 24.27 -18.09
C THR D 107 -33.42 24.62 -17.81
N HIS D 108 -33.64 25.57 -16.90
CA HIS D 108 -34.99 26.03 -16.59
C HIS D 108 -35.09 27.54 -16.82
N GLY D 109 -35.61 27.92 -17.97
CA GLY D 109 -35.74 29.33 -18.30
C GLY D 109 -34.40 30.04 -18.39
N THR D 110 -34.03 30.71 -17.30
CA THR D 110 -32.78 31.43 -17.24
C THR D 110 -31.73 30.65 -16.43
N LYS D 111 -32.18 30.04 -15.34
CA LYS D 111 -31.30 29.28 -14.49
C LYS D 111 -31.06 27.89 -15.08
N ASN D 112 -30.01 27.27 -14.64
CA ASN D 112 -29.64 25.96 -15.15
C ASN D 112 -28.86 25.18 -14.11
N TYR D 113 -28.97 23.87 -14.17
CA TYR D 113 -28.26 22.99 -13.26
C TYR D 113 -27.18 22.21 -14.00
N PHE D 114 -26.21 21.72 -13.26
CA PHE D 114 -25.16 20.87 -13.81
C PHE D 114 -25.07 19.58 -13.02
N THR D 115 -25.66 18.55 -13.56
CA THR D 115 -25.72 17.24 -12.92
C THR D 115 -24.55 16.36 -13.37
N SER D 116 -23.94 15.66 -12.42
CA SER D 116 -22.86 14.74 -12.73
C SER D 116 -23.39 13.48 -13.40
N VAL D 117 -22.82 13.12 -14.54
CA VAL D 117 -23.18 11.90 -15.25
C VAL D 117 -22.51 10.69 -14.59
N ALA D 118 -21.41 10.94 -13.87
CA ALA D 118 -20.70 9.86 -13.18
C ALA D 118 -21.52 9.36 -11.99
N HIS D 119 -21.70 10.23 -11.01
CA HIS D 119 -22.51 9.91 -9.83
C HIS D 119 -23.72 10.83 -9.80
N PRO D 120 -24.93 10.24 -9.90
CA PRO D 120 -26.20 10.98 -9.99
C PRO D 120 -26.42 12.02 -8.89
N ASN D 121 -26.09 11.65 -7.65
CA ASN D 121 -26.39 12.51 -6.49
C ASN D 121 -25.49 13.74 -6.44
N LEU D 122 -24.60 13.86 -7.41
CA LEU D 122 -23.67 14.98 -7.45
C LEU D 122 -24.23 16.11 -8.29
N PHE D 123 -24.07 17.31 -7.79
CA PHE D 123 -24.53 18.52 -8.43
C PHE D 123 -23.52 19.61 -8.13
N ILE D 124 -23.31 20.54 -9.06
CA ILE D 124 -22.24 21.52 -8.90
C ILE D 124 -22.72 22.71 -8.06
N ALA D 125 -22.29 22.73 -6.80
CA ALA D 125 -22.75 23.71 -5.83
C ALA D 125 -21.84 24.92 -5.76
N THR D 126 -22.38 26.03 -5.30
CA THR D 126 -21.60 27.25 -5.25
C THR D 126 -21.51 27.77 -3.81
N LYS D 127 -20.29 28.06 -3.43
CA LYS D 127 -19.97 28.52 -2.08
C LYS D 127 -19.66 30.02 -2.09
N GLN D 128 -19.89 30.68 -0.97
CA GLN D 128 -19.62 32.11 -0.83
C GLN D 128 -18.13 32.39 -0.66
N ASP D 129 -17.40 31.47 -0.05
CA ASP D 129 -15.99 31.71 0.27
C ASP D 129 -15.08 30.63 -0.28
N TYR D 130 -15.61 29.41 -0.39
CA TYR D 130 -14.82 28.27 -0.84
C TYR D 130 -14.88 28.06 -2.36
N TRP D 131 -14.16 27.03 -2.80
CA TRP D 131 -14.09 26.67 -4.21
C TRP D 131 -15.42 26.10 -4.71
N VAL D 132 -15.73 26.37 -5.98
CA VAL D 132 -16.94 25.85 -6.58
C VAL D 132 -16.81 24.34 -6.75
N CYS D 133 -17.47 23.59 -5.89
CA CYS D 133 -17.33 22.15 -5.87
C CYS D 133 -18.56 21.47 -6.46
N LEU D 134 -18.78 20.25 -6.03
CA LEU D 134 -19.94 19.47 -6.39
C LEU D 134 -20.47 19.01 -5.07
N ALA D 135 -21.69 18.53 -5.01
CA ALA D 135 -22.27 18.26 -3.71
C ALA D 135 -23.54 17.46 -3.83
N GLY D 136 -23.97 17.00 -2.69
CA GLY D 136 -25.35 16.76 -2.49
C GLY D 136 -25.80 18.00 -1.81
N GLY D 137 -26.92 18.49 -2.20
CA GLY D 137 -27.24 19.85 -1.81
C GLY D 137 -28.22 20.01 -0.67
N PRO D 138 -27.71 20.29 0.54
CA PRO D 138 -28.41 21.03 1.57
C PRO D 138 -27.83 22.45 1.66
N PRO D 139 -28.66 23.45 2.01
CA PRO D 139 -28.53 24.91 1.77
C PRO D 139 -27.30 25.48 0.99
N SER D 140 -26.50 24.66 0.34
CA SER D 140 -25.53 25.14 -0.63
C SER D 140 -26.27 25.51 -1.91
N ILE D 141 -25.86 26.57 -2.58
CA ILE D 141 -26.57 27.00 -3.77
C ILE D 141 -26.07 26.22 -4.97
N THR D 142 -26.73 25.12 -5.25
CA THR D 142 -26.37 24.34 -6.41
C THR D 142 -27.22 24.82 -7.61
N ASP D 143 -27.45 26.13 -7.63
CA ASP D 143 -28.08 26.83 -8.74
C ASP D 143 -27.03 27.41 -9.66
N PHE D 144 -27.36 27.55 -10.93
CA PHE D 144 -26.54 28.35 -11.81
C PHE D 144 -27.39 29.18 -12.75
N GLN D 145 -26.72 30.10 -13.42
CA GLN D 145 -27.33 31.04 -14.34
C GLN D 145 -26.21 31.48 -15.27
N ILE D 146 -26.45 31.60 -16.56
CA ILE D 146 -25.35 31.96 -17.43
C ILE D 146 -25.39 33.46 -17.71
N LEU D 147 -24.40 34.16 -17.18
CA LEU D 147 -24.24 35.58 -17.44
C LEU D 147 -22.94 35.86 -18.20
N GLU D 148 -23.06 36.48 -19.36
CA GLU D 148 -21.90 36.80 -20.15
C GLU D 148 -21.34 38.16 -19.73
N ASN D 149 -20.04 38.36 -19.96
CA ASN D 149 -19.42 39.65 -19.73
C ASN D 149 -19.51 40.50 -21.01
N GLN D 150 -19.16 41.75 -20.92
CA GLN D 150 -19.28 42.66 -22.05
C GLN D 150 -18.17 42.38 -23.06
N ALA D 151 -16.93 42.42 -22.58
CA ALA D 151 -15.76 42.15 -23.41
C ALA D 151 -14.55 41.91 -22.53
N ASN A 1 10.88 -1.60 33.00
CA ASN A 1 9.97 -2.51 32.27
C ASN A 1 10.20 -3.93 32.75
N VAL A 2 9.55 -4.91 32.15
CA VAL A 2 9.80 -6.29 32.51
C VAL A 2 10.85 -6.85 31.57
N LYS A 3 11.94 -7.31 32.14
CA LYS A 3 13.00 -7.90 31.36
C LYS A 3 12.97 -9.41 31.48
N TYR A 4 13.34 -10.09 30.42
CA TYR A 4 13.50 -11.52 30.48
C TYR A 4 14.98 -11.76 30.60
N ASN A 5 15.40 -12.23 31.76
CA ASN A 5 16.81 -12.21 32.12
C ASN A 5 17.44 -13.55 31.85
N PHE A 6 18.65 -13.51 31.32
CA PHE A 6 19.32 -14.73 30.91
C PHE A 6 19.54 -15.63 32.11
N MET A 7 19.15 -16.88 31.93
CA MET A 7 19.11 -17.86 33.00
C MET A 7 20.41 -18.64 33.05
N ARG A 8 20.74 -19.42 32.02
CA ARG A 8 21.98 -20.17 32.06
C ARG A 8 22.44 -20.61 30.67
N ILE A 9 23.75 -20.66 30.53
CA ILE A 9 24.41 -21.13 29.31
C ILE A 9 24.48 -22.65 29.30
N ILE A 10 23.86 -23.26 28.31
CA ILE A 10 23.87 -24.69 28.15
C ILE A 10 25.09 -25.04 27.31
N LYS A 11 24.87 -25.80 26.27
CA LYS A 11 25.95 -26.36 25.49
C LYS A 11 26.10 -25.57 24.21
N TYR A 12 27.25 -25.67 23.57
CA TYR A 12 27.55 -24.78 22.47
C TYR A 12 28.34 -25.48 21.38
N GLU A 13 28.18 -24.94 20.16
CA GLU A 13 28.79 -25.46 18.95
C GLU A 13 28.51 -26.95 18.76
N PHE A 14 27.38 -27.40 19.27
CA PHE A 14 26.92 -28.76 19.06
C PHE A 14 25.78 -28.75 18.03
N ILE A 15 25.72 -29.77 17.19
CA ILE A 15 24.76 -29.81 16.12
C ILE A 15 23.65 -30.83 16.36
N LEU A 16 22.44 -30.43 16.04
CA LEU A 16 21.27 -31.26 16.17
C LEU A 16 20.86 -31.85 14.82
N ASN A 17 20.57 -33.13 14.83
CA ASN A 17 20.09 -33.86 13.66
C ASN A 17 18.78 -34.53 14.04
N ASP A 18 17.88 -34.65 13.09
CA ASP A 18 16.52 -35.07 13.38
C ASP A 18 16.39 -36.58 13.17
N ALA A 19 15.17 -37.10 13.29
CA ALA A 19 14.94 -38.53 13.09
C ALA A 19 15.25 -38.95 11.65
N LEU A 20 15.32 -38.00 10.73
CA LEU A 20 15.73 -38.27 9.35
C LEU A 20 17.24 -38.45 9.35
N ASN A 21 17.81 -37.95 10.43
CA ASN A 21 19.25 -37.92 10.64
C ASN A 21 19.91 -37.10 9.57
N GLN A 22 19.77 -35.80 9.70
CA GLN A 22 20.36 -34.85 8.78
C GLN A 22 20.95 -33.70 9.55
N SER A 23 22.22 -33.44 9.34
CA SER A 23 22.89 -32.35 9.98
C SER A 23 22.37 -31.04 9.45
N ILE A 24 22.06 -30.13 10.34
CA ILE A 24 21.57 -28.83 9.92
C ILE A 24 22.70 -28.04 9.27
N ILE A 25 22.77 -28.09 7.95
CA ILE A 25 23.94 -27.59 7.25
C ILE A 25 23.69 -26.18 6.74
N ARG A 26 24.76 -25.39 6.70
CA ARG A 26 24.68 -23.99 6.32
C ARG A 26 24.72 -23.86 4.80
N ALA A 27 23.60 -23.48 4.20
CA ALA A 27 23.55 -23.23 2.77
C ALA A 27 23.75 -21.75 2.51
N ASN A 28 23.11 -20.94 3.35
CA ASN A 28 23.19 -19.49 3.25
C ASN A 28 22.93 -18.86 4.63
N ASP A 29 22.97 -17.53 4.70
CA ASP A 29 22.75 -16.83 5.96
C ASP A 29 21.26 -16.50 6.16
N GLN A 30 20.40 -17.23 5.46
CA GLN A 30 18.96 -17.03 5.55
C GLN A 30 18.24 -18.36 5.29
N TYR A 31 18.89 -19.25 4.55
CA TYR A 31 18.34 -20.56 4.22
C TYR A 31 19.27 -21.69 4.66
N LEU A 32 18.69 -22.70 5.31
CA LEU A 32 19.45 -23.87 5.77
C LEU A 32 18.73 -25.16 5.42
N THR A 33 19.47 -26.11 4.90
CA THR A 33 18.94 -27.41 4.50
C THR A 33 19.59 -28.50 5.34
N ALA A 34 18.83 -29.52 5.70
CA ALA A 34 19.36 -30.60 6.50
C ALA A 34 19.94 -31.68 5.60
N ALA A 35 21.19 -32.01 5.85
CA ALA A 35 21.89 -33.05 5.13
C ALA A 35 22.99 -33.61 6.01
N ALA A 36 23.20 -34.91 5.96
CA ALA A 36 24.22 -35.54 6.80
C ALA A 36 25.58 -34.91 6.48
N LEU A 37 26.29 -34.47 7.52
CA LEU A 37 27.54 -33.76 7.33
C LEU A 37 28.59 -34.67 6.70
N HIS A 38 29.46 -34.06 5.94
CA HIS A 38 30.52 -34.77 5.27
C HIS A 38 31.79 -33.94 5.30
N ASN A 39 31.65 -32.65 5.58
CA ASN A 39 32.81 -31.81 5.86
C ASN A 39 32.89 -31.53 7.37
N LEU A 40 31.89 -32.02 8.10
CA LEU A 40 31.80 -31.91 9.57
C LEU A 40 31.70 -30.47 10.03
N ASP A 41 32.76 -29.68 9.86
CA ASP A 41 32.65 -28.25 10.06
C ASP A 41 32.02 -27.69 8.81
N GLU A 42 30.73 -27.96 8.73
CA GLU A 42 29.94 -27.69 7.54
C GLU A 42 28.53 -27.30 7.94
N ALA A 43 28.07 -27.90 9.03
CA ALA A 43 26.80 -27.57 9.63
C ALA A 43 26.98 -26.35 10.53
N VAL A 44 25.90 -25.65 10.81
CA VAL A 44 25.95 -24.47 11.63
C VAL A 44 26.02 -24.88 13.07
N LYS A 45 26.95 -24.34 13.81
CA LYS A 45 27.13 -24.76 15.17
C LYS A 45 26.37 -23.84 16.06
N PHE A 46 25.40 -24.42 16.73
CA PHE A 46 24.52 -23.64 17.57
C PHE A 46 24.91 -23.76 19.02
N ASP A 47 24.44 -22.79 19.75
CA ASP A 47 24.65 -22.66 21.18
C ASP A 47 23.39 -22.15 21.82
N MET A 48 23.10 -22.68 22.97
CA MET A 48 21.86 -22.39 23.63
C MET A 48 22.07 -21.42 24.77
N GLY A 49 21.25 -20.41 24.80
CA GLY A 49 21.28 -19.43 25.87
C GLY A 49 19.89 -19.16 26.37
N ALA A 50 19.63 -19.50 27.62
CA ALA A 50 18.29 -19.49 28.13
C ALA A 50 17.93 -18.10 28.62
N TYR A 51 16.66 -17.76 28.52
CA TYR A 51 16.17 -16.50 29.02
C TYR A 51 15.02 -16.84 29.93
N LYS A 52 14.61 -15.94 30.80
CA LYS A 52 13.57 -16.29 31.73
C LYS A 52 12.52 -15.22 31.86
N SER A 53 11.30 -15.65 31.55
CA SER A 53 10.09 -14.96 31.90
C SER A 53 9.09 -16.05 32.25
N SER A 54 8.04 -15.75 32.98
CA SER A 54 7.08 -16.79 33.29
C SER A 54 6.01 -16.86 32.21
N LYS A 55 6.47 -16.82 30.97
CA LYS A 55 5.59 -16.97 29.83
C LYS A 55 6.02 -18.12 28.93
N ASP A 56 6.61 -19.17 29.49
CA ASP A 56 6.97 -20.32 28.67
C ASP A 56 5.74 -21.20 28.46
N ASP A 57 5.87 -22.49 28.76
CA ASP A 57 4.73 -23.31 29.09
C ASP A 57 4.99 -24.05 30.40
N ALA A 58 5.74 -25.14 30.28
CA ALA A 58 6.22 -25.91 31.43
C ALA A 58 7.72 -26.19 31.31
N LYS A 59 8.40 -25.43 30.47
CA LYS A 59 9.78 -25.72 30.04
C LYS A 59 10.52 -24.42 29.80
N ILE A 60 11.82 -24.45 30.05
CA ILE A 60 12.61 -23.23 30.05
C ILE A 60 13.21 -23.04 28.68
N THR A 61 13.38 -21.80 28.30
CA THR A 61 13.55 -21.45 26.91
C THR A 61 14.91 -20.85 26.64
N VAL A 62 15.52 -21.24 25.53
CA VAL A 62 16.85 -20.80 25.17
C VAL A 62 16.85 -20.28 23.73
N ILE A 63 17.90 -19.55 23.35
CA ILE A 63 18.01 -19.00 22.02
C ILE A 63 19.08 -19.76 21.27
N LEU A 64 18.80 -20.12 20.04
CA LEU A 64 19.74 -20.90 19.25
C LEU A 64 20.47 -19.99 18.26
N ARG A 65 21.78 -19.92 18.46
CA ARG A 65 22.64 -19.01 17.73
C ARG A 65 23.89 -19.73 17.29
N ILE A 66 24.52 -19.29 16.22
CA ILE A 66 25.76 -19.89 15.78
C ILE A 66 26.90 -19.30 16.62
N SER A 67 27.70 -20.18 17.20
CA SER A 67 28.69 -19.78 18.20
C SER A 67 29.54 -18.57 17.80
N LYS A 68 29.71 -18.35 16.50
CA LYS A 68 30.57 -17.27 16.03
C LYS A 68 29.78 -15.97 15.85
N THR A 69 28.71 -16.02 15.07
CA THR A 69 27.88 -14.84 14.84
C THR A 69 26.51 -15.03 15.44
N GLN A 70 25.71 -14.00 15.51
CA GLN A 70 24.45 -14.19 16.19
C GLN A 70 23.36 -14.38 15.16
N LEU A 71 23.35 -15.59 14.61
CA LEU A 71 22.36 -16.03 13.64
C LEU A 71 21.33 -16.90 14.34
N TYR A 72 20.13 -16.35 14.56
CA TYR A 72 19.11 -17.08 15.27
C TYR A 72 18.12 -17.63 14.28
N VAL A 73 17.59 -18.81 14.54
CA VAL A 73 16.48 -19.26 13.72
C VAL A 73 15.20 -18.75 14.35
N THR A 74 14.44 -17.97 13.57
CA THR A 74 13.19 -17.40 14.02
C THR A 74 11.99 -18.17 13.47
N ALA A 75 10.83 -17.95 14.09
CA ALA A 75 9.60 -18.59 13.67
C ALA A 75 8.78 -17.63 12.81
N GLN A 76 8.55 -18.00 11.56
CA GLN A 76 7.79 -17.16 10.63
C GLN A 76 6.29 -17.33 10.82
N ASP A 77 5.73 -18.37 10.20
CA ASP A 77 4.29 -18.64 10.32
C ASP A 77 3.96 -20.03 9.78
N GLU A 78 3.72 -20.97 10.71
CA GLU A 78 3.40 -22.35 10.35
C GLU A 78 4.49 -22.94 9.47
N ASP A 79 4.11 -23.61 8.38
CA ASP A 79 5.05 -24.22 7.46
C ASP A 79 5.70 -23.18 6.53
N GLN A 80 6.64 -22.43 7.08
CA GLN A 80 7.36 -21.42 6.33
C GLN A 80 8.82 -21.45 6.75
N PRO A 81 9.74 -21.61 5.78
CA PRO A 81 11.19 -21.71 6.05
C PRO A 81 11.72 -20.68 7.03
N VAL A 82 12.41 -21.20 8.04
CA VAL A 82 13.05 -20.40 9.08
C VAL A 82 13.98 -19.37 8.48
N LEU A 83 13.90 -18.15 9.00
CA LEU A 83 14.74 -17.06 8.54
C LEU A 83 15.87 -16.81 9.53
N LEU A 84 17.10 -16.89 9.04
CA LEU A 84 18.28 -16.68 9.87
C LEU A 84 18.58 -15.18 10.03
N LYS A 85 18.47 -14.69 11.27
CA LYS A 85 18.71 -13.27 11.56
C LYS A 85 20.12 -13.05 12.10
N GLU A 86 20.74 -11.95 11.71
CA GLU A 86 22.10 -11.65 12.17
C GLU A 86 22.17 -10.28 12.86
N MET A 87 22.29 -10.30 14.18
CA MET A 87 22.39 -9.09 14.98
C MET A 87 23.64 -9.14 15.86
N PRO A 88 24.58 -8.19 15.68
CA PRO A 88 25.84 -8.13 16.45
C PRO A 88 25.63 -8.15 17.98
N GLU A 89 26.35 -9.07 18.63
CA GLU A 89 26.34 -9.25 20.08
C GLU A 89 24.99 -9.79 20.61
N ILE A 90 25.09 -10.78 21.50
CA ILE A 90 23.93 -11.41 22.13
C ILE A 90 23.31 -10.51 23.20
N PRO A 91 21.99 -10.30 23.12
CA PRO A 91 21.25 -9.55 24.15
C PRO A 91 21.26 -10.28 25.49
N LYS A 92 21.32 -9.50 26.57
CA LYS A 92 21.31 -10.06 27.91
C LYS A 92 19.91 -9.95 28.51
N THR A 93 19.15 -9.02 27.96
CA THR A 93 17.81 -8.74 28.41
C THR A 93 16.88 -8.75 27.20
N ILE A 94 15.91 -9.62 27.24
CA ILE A 94 15.09 -9.93 26.09
C ILE A 94 13.76 -9.18 26.16
N THR A 95 13.47 -8.47 25.08
CA THR A 95 12.35 -7.56 25.02
C THR A 95 11.46 -7.90 23.83
N GLY A 96 10.14 -7.83 24.08
CA GLY A 96 9.06 -8.11 23.10
C GLY A 96 9.50 -8.40 21.67
N SER A 97 10.14 -7.42 21.02
CA SER A 97 10.63 -7.54 19.64
C SER A 97 11.16 -8.94 19.32
N GLU A 98 12.11 -9.40 20.13
CA GLU A 98 12.69 -10.73 19.94
C GLU A 98 11.83 -11.77 20.64
N THR A 99 10.98 -12.45 19.88
CA THR A 99 10.09 -13.47 20.44
C THR A 99 9.96 -14.66 19.48
N ASN A 100 10.47 -14.48 18.26
CA ASN A 100 10.42 -15.52 17.25
C ASN A 100 11.62 -16.46 17.36
N LEU A 101 12.75 -15.90 17.80
CA LEU A 101 13.98 -16.67 17.96
C LEU A 101 14.03 -17.35 19.32
N LEU A 102 12.89 -17.43 20.01
CA LEU A 102 12.85 -18.06 21.32
C LEU A 102 12.35 -19.49 21.18
N PHE A 103 12.86 -20.44 21.98
CA PHE A 103 12.52 -21.82 21.73
C PHE A 103 12.30 -22.62 22.99
N PHE A 104 11.09 -23.16 23.05
CA PHE A 104 10.64 -24.00 24.14
C PHE A 104 11.10 -25.42 23.85
N TRP A 105 12.16 -25.85 24.51
CA TRP A 105 12.74 -27.14 24.20
C TRP A 105 12.25 -28.23 25.15
N GLU A 106 11.51 -29.19 24.59
CA GLU A 106 11.02 -30.32 25.35
C GLU A 106 11.86 -31.55 25.03
N THR A 107 12.67 -31.97 25.99
CA THR A 107 13.60 -33.07 25.78
C THR A 107 13.04 -34.39 26.34
N HIS A 108 13.06 -35.42 25.52
CA HIS A 108 12.61 -36.75 25.95
C HIS A 108 13.72 -37.76 25.74
N GLY A 109 14.44 -38.06 26.82
CA GLY A 109 15.54 -39.00 26.75
C GLY A 109 16.65 -38.55 25.82
N THR A 110 16.62 -39.05 24.59
CA THR A 110 17.63 -38.70 23.60
C THR A 110 17.06 -37.69 22.60
N LYS A 111 15.81 -37.89 22.21
CA LYS A 111 15.17 -37.00 21.26
C LYS A 111 14.68 -35.75 21.96
N ASN A 112 14.45 -34.72 21.18
CA ASN A 112 14.03 -33.44 21.72
C ASN A 112 13.22 -32.67 20.69
N TYR A 113 12.30 -31.85 21.18
CA TYR A 113 11.48 -31.04 20.31
C TYR A 113 11.85 -29.57 20.46
N PHE A 114 11.50 -28.77 19.46
CA PHE A 114 11.71 -27.33 19.51
C PHE A 114 10.39 -26.61 19.22
N THR A 115 9.76 -26.16 20.27
CA THR A 115 8.45 -25.51 20.19
C THR A 115 8.62 -23.99 20.09
N SER A 116 7.85 -23.37 19.21
CA SER A 116 7.89 -21.92 19.07
C SER A 116 7.18 -21.24 20.24
N VAL A 117 7.86 -20.28 20.87
CA VAL A 117 7.30 -19.51 21.96
C VAL A 117 6.37 -18.42 21.41
N ALA A 118 6.59 -18.05 20.15
CA ALA A 118 5.77 -17.03 19.51
C ALA A 118 4.37 -17.58 19.20
N HIS A 119 4.33 -18.55 18.29
CA HIS A 119 3.08 -19.21 17.93
C HIS A 119 3.16 -20.67 18.37
N PRO A 120 2.28 -21.08 19.31
CA PRO A 120 2.28 -22.42 19.92
C PRO A 120 2.27 -23.58 18.91
N ASN A 121 1.43 -23.45 17.88
CA ASN A 121 1.21 -24.56 16.93
C ASN A 121 2.43 -24.79 16.03
N LEU A 122 3.47 -23.99 16.21
CA LEU A 122 4.66 -24.11 15.39
C LEU A 122 5.68 -25.01 16.06
N PHE A 123 6.28 -25.84 15.24
CA PHE A 123 7.27 -26.80 15.68
C PHE A 123 8.30 -26.93 14.56
N ILE A 124 9.57 -27.15 14.88
CA ILE A 124 10.61 -27.11 13.87
C ILE A 124 10.73 -28.48 13.18
N ALA A 125 10.20 -28.56 11.97
CA ALA A 125 10.10 -29.81 11.22
C ALA A 125 11.29 -30.02 10.31
N THR A 126 11.56 -31.27 9.96
CA THR A 126 12.70 -31.57 9.13
C THR A 126 12.27 -32.25 7.84
N LYS A 127 12.78 -31.73 6.75
CA LYS A 127 12.45 -32.19 5.41
C LYS A 127 13.62 -32.98 4.83
N GLN A 128 13.31 -33.90 3.92
CA GLN A 128 14.34 -34.71 3.26
C GLN A 128 15.09 -33.94 2.18
N ASP A 129 14.42 -32.99 1.55
CA ASP A 129 15.01 -32.27 0.41
C ASP A 129 14.99 -30.77 0.60
N TYR A 130 13.99 -30.28 1.33
CA TYR A 130 13.82 -28.85 1.53
C TYR A 130 14.51 -28.34 2.79
N TRP A 131 14.38 -27.04 3.00
CA TRP A 131 14.99 -26.36 4.14
C TRP A 131 14.31 -26.76 5.44
N VAL A 132 15.08 -26.75 6.53
CA VAL A 132 14.54 -27.07 7.85
C VAL A 132 13.66 -25.92 8.32
N CYS A 133 12.36 -26.13 8.26
CA CYS A 133 11.42 -25.07 8.56
C CYS A 133 10.76 -25.30 9.92
N LEU A 134 9.56 -24.75 10.05
CA LEU A 134 8.74 -24.93 11.22
C LEU A 134 7.43 -25.35 10.66
N ALA A 135 6.53 -25.90 11.46
CA ALA A 135 5.35 -26.48 10.90
C ALA A 135 4.32 -26.79 11.94
N GLY A 136 3.15 -27.10 11.45
CA GLY A 136 2.29 -27.93 12.17
C GLY A 136 2.55 -29.27 11.58
N GLY A 137 2.63 -30.27 12.38
CA GLY A 137 3.21 -31.51 11.90
C GLY A 137 2.23 -32.62 11.56
N PRO A 138 1.93 -32.80 10.26
CA PRO A 138 1.55 -34.06 9.68
C PRO A 138 2.72 -34.64 8.87
N PRO A 139 2.85 -35.97 8.81
CA PRO A 139 4.06 -36.78 8.52
C PRO A 139 5.44 -36.11 8.23
N SER A 140 5.60 -34.81 8.48
CA SER A 140 6.91 -34.19 8.53
C SER A 140 7.58 -34.59 9.83
N ILE A 141 8.88 -34.83 9.81
CA ILE A 141 9.57 -35.26 11.00
C ILE A 141 9.94 -34.07 11.85
N THR A 142 9.05 -33.69 12.75
CA THR A 142 9.36 -32.60 13.65
C THR A 142 10.02 -33.16 14.92
N ASP A 143 10.83 -34.19 14.71
CA ASP A 143 11.69 -34.78 15.74
C ASP A 143 13.08 -34.19 15.65
N PHE A 144 13.77 -34.13 16.77
CA PHE A 144 15.20 -33.86 16.75
C PHE A 144 15.94 -34.74 17.73
N GLN A 145 17.25 -34.70 17.60
CA GLN A 145 18.18 -35.48 18.39
C GLN A 145 19.51 -34.75 18.32
N ILE A 146 20.24 -34.62 19.41
CA ILE A 146 21.47 -33.87 19.33
C ILE A 146 22.65 -34.80 19.15
N LEU A 147 23.24 -34.75 17.96
CA LEU A 147 24.45 -35.50 17.68
C LEU A 147 25.64 -34.59 17.42
N GLU A 148 26.68 -34.75 18.20
CA GLU A 148 27.88 -33.95 18.04
C GLU A 148 28.81 -34.58 17.01
N ASN A 149 29.63 -33.76 16.37
CA ASN A 149 30.67 -34.26 15.48
C ASN A 149 31.95 -34.52 16.27
N GLN A 150 32.91 -35.15 15.64
CA GLN A 150 34.15 -35.51 16.33
C GLN A 150 35.02 -34.28 16.53
N ALA A 151 35.29 -33.59 15.43
CA ALA A 151 36.11 -32.37 15.45
C ALA A 151 35.94 -31.62 14.13
N MET B 1 18.35 -15.06 -4.35
CA MET B 1 17.63 -14.54 -3.17
C MET B 1 17.72 -13.02 -3.10
N ALA B 2 17.95 -12.39 -4.23
CA ALA B 2 18.08 -10.94 -4.28
C ALA B 2 17.31 -10.33 -5.45
N ALA B 3 16.31 -9.53 -5.12
CA ALA B 3 15.58 -8.74 -6.10
C ALA B 3 16.49 -7.71 -6.77
N GLU B 4 16.97 -8.04 -7.96
CA GLU B 4 17.72 -7.08 -8.76
C GLU B 4 16.75 -6.05 -9.35
N PRO B 5 17.23 -4.91 -9.90
CA PRO B 5 16.36 -3.81 -10.36
C PRO B 5 15.13 -4.30 -11.11
N LEU B 6 14.01 -3.60 -10.95
CA LEU B 6 12.76 -4.10 -11.41
C LEU B 6 12.07 -3.19 -12.42
N THR B 7 10.94 -3.68 -12.91
CA THR B 7 10.02 -2.94 -13.78
C THR B 7 9.43 -1.73 -13.02
N GLU B 8 8.59 -0.91 -13.65
CA GLU B 8 8.29 0.40 -13.08
C GLU B 8 7.37 0.33 -11.85
N LEU B 9 6.24 -0.36 -11.93
CA LEU B 9 5.38 -0.44 -10.76
C LEU B 9 6.08 -1.20 -9.65
N GLU B 10 7.01 -2.04 -10.05
CA GLU B 10 7.87 -2.73 -9.10
C GLU B 10 8.85 -1.76 -8.52
N GLU B 11 9.37 -0.87 -9.36
CA GLU B 11 10.32 0.14 -8.91
C GLU B 11 9.68 0.91 -7.80
N SER B 12 8.40 1.14 -7.96
CA SER B 12 7.68 1.90 -6.94
C SER B 12 7.41 1.07 -5.68
N ILE B 13 7.02 -0.20 -5.82
CA ILE B 13 6.74 -1.03 -4.64
C ILE B 13 7.99 -1.65 -4.00
N GLU B 14 9.00 -2.03 -4.79
CA GLU B 14 10.29 -2.50 -4.26
C GLU B 14 10.90 -1.43 -3.38
N THR B 15 10.89 -0.21 -3.88
CA THR B 15 11.37 0.95 -3.14
C THR B 15 10.75 1.03 -1.74
N VAL B 16 9.49 0.63 -1.62
CA VAL B 16 8.80 0.62 -0.34
C VAL B 16 9.41 -0.43 0.58
N VAL B 17 9.89 -1.51 -0.03
CA VAL B 17 10.43 -2.64 0.71
C VAL B 17 11.76 -2.30 1.34
N THR B 18 12.65 -1.78 0.52
CA THR B 18 14.03 -1.59 0.90
C THR B 18 14.16 -0.70 2.13
N THR B 19 13.43 0.39 2.14
CA THR B 19 13.46 1.32 3.26
C THR B 19 12.95 0.60 4.51
N PHE B 20 11.76 0.06 4.36
CA PHE B 20 11.10 -0.81 5.33
C PHE B 20 12.07 -1.85 5.93
N PHE B 21 12.72 -2.62 5.04
CA PHE B 21 13.63 -3.71 5.44
C PHE B 21 14.82 -3.22 6.23
N THR B 22 15.30 -2.02 5.92
CA THR B 22 16.42 -1.44 6.64
C THR B 22 16.09 -1.33 8.13
N PHE B 23 14.85 -1.02 8.45
CA PHE B 23 14.41 -0.90 9.82
C PHE B 23 13.98 -2.26 10.37
N ALA B 24 13.27 -3.02 9.54
CA ALA B 24 12.84 -4.37 9.92
C ALA B 24 14.02 -5.24 10.32
N ARG B 25 15.16 -5.04 9.66
CA ARG B 25 16.38 -5.81 9.95
C ARG B 25 17.12 -5.31 11.19
N GLN B 26 16.84 -4.06 11.61
CA GLN B 26 17.50 -3.46 12.78
C GLN B 26 17.35 -4.32 14.03
N GLU B 27 16.12 -4.45 14.54
CA GLU B 27 15.86 -5.21 15.75
C GLU B 27 15.44 -6.65 15.41
N GLY B 28 14.87 -7.34 16.42
CA GLY B 28 14.43 -8.72 16.24
C GLY B 28 13.47 -8.88 15.08
N ARG B 29 13.62 -10.01 14.36
CA ARG B 29 12.78 -10.31 13.20
C ARG B 29 13.05 -9.32 12.08
N LYS B 30 13.98 -9.66 11.18
CA LYS B 30 14.33 -8.78 10.06
C LYS B 30 13.23 -8.72 9.02
N ASP B 31 12.10 -9.36 9.31
CA ASP B 31 10.98 -9.39 8.39
C ASP B 31 9.83 -8.52 8.87
N SER B 32 9.89 -8.07 10.13
CA SER B 32 8.82 -7.24 10.69
C SER B 32 9.37 -6.22 11.69
N LEU B 33 8.78 -5.04 11.68
CA LEU B 33 9.18 -3.96 12.61
C LEU B 33 8.41 -4.12 13.91
N SER B 34 9.06 -3.82 15.03
CA SER B 34 8.42 -3.94 16.33
C SER B 34 7.65 -2.67 16.68
N VAL B 35 7.07 -2.65 17.88
CA VAL B 35 6.31 -1.49 18.36
C VAL B 35 7.24 -0.32 18.67
N ASN B 36 8.54 -0.60 18.77
CA ASN B 36 9.53 0.43 19.06
C ASN B 36 9.95 1.13 17.76
N GLU B 37 10.05 0.35 16.68
CA GLU B 37 10.43 0.90 15.39
C GLU B 37 9.28 1.67 14.76
N PHE B 38 8.06 1.30 15.15
CA PHE B 38 6.87 1.96 14.67
C PHE B 38 6.83 3.29 15.36
N LYS B 39 7.02 3.25 16.66
CA LYS B 39 7.04 4.45 17.47
C LYS B 39 8.17 5.37 17.03
N GLU B 40 9.34 4.81 16.70
CA GLU B 40 10.46 5.64 16.25
C GLU B 40 10.11 6.39 14.97
N LEU B 41 9.51 5.70 14.00
CA LEU B 41 9.21 6.31 12.73
C LEU B 41 8.04 7.25 12.88
N VAL B 42 7.05 6.87 13.63
CA VAL B 42 5.86 7.65 13.81
C VAL B 42 6.23 8.96 14.50
N THR B 43 6.97 8.83 15.59
CA THR B 43 7.51 9.97 16.31
C THR B 43 8.51 10.80 15.47
N GLN B 44 9.52 10.13 14.93
CA GLN B 44 10.64 10.78 14.27
C GLN B 44 10.36 11.02 12.77
N GLN B 45 9.98 9.98 12.05
CA GLN B 45 9.85 10.05 10.60
C GLN B 45 8.47 10.56 10.16
N LEU B 46 7.46 10.39 10.99
CA LEU B 46 6.09 10.64 10.58
C LEU B 46 5.48 11.99 11.01
N PRO B 47 6.08 12.81 11.91
CA PRO B 47 5.49 14.11 12.31
C PRO B 47 4.99 14.92 11.12
N HIS B 48 5.73 14.85 10.02
CA HIS B 48 5.34 15.54 8.81
C HIS B 48 4.22 14.79 8.10
N LEU B 49 4.33 13.47 8.04
CA LEU B 49 3.33 12.63 7.37
C LEU B 49 2.09 12.43 8.25
N LEU B 50 2.24 11.56 9.24
CA LEU B 50 1.17 11.23 10.15
C LEU B 50 1.22 12.12 11.36
N LYS B 51 0.54 13.24 11.23
CA LYS B 51 0.33 14.22 12.29
C LYS B 51 -0.42 13.64 13.48
N ASP B 52 0.15 12.61 14.03
CA ASP B 52 -0.39 11.93 15.21
C ASP B 52 0.73 11.07 15.77
N VAL B 53 1.79 11.76 16.15
CA VAL B 53 3.00 11.11 16.62
C VAL B 53 2.85 10.70 18.07
N GLY B 54 1.78 11.14 18.70
CA GLY B 54 1.53 10.78 20.08
C GLY B 54 0.94 9.40 20.22
N SER B 55 -0.37 9.31 20.01
CA SER B 55 -1.10 8.07 20.21
C SER B 55 -0.95 7.12 19.04
N LEU B 56 0.29 6.76 18.76
CA LEU B 56 0.62 5.72 17.79
C LEU B 56 -0.25 4.49 18.03
N ASP B 57 -0.60 4.31 19.30
CA ASP B 57 -1.35 3.14 19.77
C ASP B 57 -2.49 2.77 18.84
N GLU B 58 -3.38 3.71 18.54
CA GLU B 58 -4.62 3.40 17.80
C GLU B 58 -4.32 2.68 16.49
N LYS B 59 -3.37 3.23 15.75
CA LYS B 59 -2.97 2.71 14.46
C LYS B 59 -2.24 1.40 14.66
N MET B 60 -1.36 1.39 15.65
CA MET B 60 -0.65 0.19 16.04
C MET B 60 -1.62 -0.95 16.27
N LYS B 61 -2.66 -0.71 17.07
CA LYS B 61 -3.64 -1.74 17.40
C LYS B 61 -4.33 -2.28 16.15
N SER B 62 -4.60 -1.38 15.21
CA SER B 62 -5.29 -1.75 13.97
C SER B 62 -4.43 -2.67 13.11
N LEU B 63 -3.12 -2.46 13.19
CA LEU B 63 -2.15 -3.24 12.42
C LEU B 63 -1.76 -4.51 13.20
N ASP B 64 -1.44 -4.29 14.46
CA ASP B 64 -1.06 -5.32 15.42
C ASP B 64 -2.15 -6.37 15.60
N VAL B 65 -3.36 -6.06 15.10
CA VAL B 65 -4.66 -6.61 15.56
C VAL B 65 -4.63 -8.07 16.09
N ASN B 66 -3.77 -8.93 15.53
CA ASN B 66 -3.68 -10.29 16.00
C ASN B 66 -2.84 -10.40 17.29
N GLN B 67 -2.47 -9.24 17.88
CA GLN B 67 -1.65 -9.20 19.11
C GLN B 67 -0.35 -9.86 18.73
N ASP B 68 0.14 -9.31 17.64
CA ASP B 68 1.41 -9.63 17.07
C ASP B 68 2.17 -8.32 17.00
N SER B 69 3.09 -8.10 17.95
CA SER B 69 3.85 -6.85 18.04
C SER B 69 4.85 -6.71 16.89
N GLU B 70 4.62 -7.47 15.84
CA GLU B 70 5.46 -7.45 14.68
C GLU B 70 4.66 -6.97 13.48
N LEU B 71 4.88 -5.73 13.06
CA LEU B 71 4.26 -5.16 11.92
C LEU B 71 4.73 -5.88 10.65
N LYS B 72 4.15 -7.04 10.42
CA LYS B 72 4.60 -7.96 9.37
C LYS B 72 3.90 -7.82 8.03
N PHE B 73 4.08 -8.90 7.24
CA PHE B 73 3.55 -9.04 5.88
C PHE B 73 2.12 -8.56 5.73
N ASN B 74 2.00 -7.30 5.33
CA ASN B 74 0.72 -6.66 5.06
C ASN B 74 -0.30 -6.69 6.20
N GLU B 75 0.17 -6.85 7.42
CA GLU B 75 -0.57 -6.33 8.59
C GLU B 75 -0.25 -4.83 8.72
N TYR B 76 1.04 -4.50 8.60
CA TYR B 76 1.51 -3.12 8.57
C TYR B 76 0.80 -2.34 7.48
N TRP B 77 0.65 -3.02 6.36
CA TRP B 77 0.14 -2.47 5.10
C TRP B 77 -0.97 -1.46 5.26
N ARG B 78 -1.92 -1.69 6.16
CA ARG B 78 -3.00 -0.76 6.34
C ARG B 78 -2.45 0.64 6.50
N LEU B 79 -1.47 0.77 7.40
CA LEU B 79 -0.82 2.05 7.62
C LEU B 79 -0.10 2.50 6.35
N ILE B 80 0.57 1.56 5.69
CA ILE B 80 1.33 1.86 4.47
C ILE B 80 0.41 2.45 3.41
N GLY B 81 -0.83 2.02 3.41
CA GLY B 81 -1.80 2.54 2.48
C GLY B 81 -2.30 3.87 2.94
N GLU B 82 -2.52 3.98 4.24
CA GLU B 82 -2.87 5.24 4.83
C GLU B 82 -1.75 6.23 4.53
N LEU B 83 -0.51 5.74 4.48
CA LEU B 83 0.67 6.57 4.24
C LEU B 83 0.63 7.20 2.86
N ALA B 84 0.57 6.36 1.83
CA ALA B 84 0.57 6.83 0.44
C ALA B 84 -0.64 7.70 0.14
N LYS B 85 -1.72 7.47 0.86
CA LYS B 85 -2.91 8.25 0.71
C LYS B 85 -2.74 9.61 1.40
N GLU B 86 -2.29 9.56 2.65
CA GLU B 86 -2.12 10.76 3.48
C GLU B 86 -1.23 11.79 2.80
N ILE B 87 -0.10 11.34 2.25
CA ILE B 87 0.79 12.25 1.53
C ILE B 87 0.03 13.00 0.42
N ARG B 88 -0.97 12.35 -0.18
CA ARG B 88 -1.70 12.95 -1.29
C ARG B 88 -2.94 13.73 -0.85
N LYS B 89 -3.79 13.16 -0.01
CA LYS B 89 -5.01 13.86 0.40
C LYS B 89 -4.98 14.24 1.89
N LYS B 90 -3.79 14.53 2.41
CA LYS B 90 -3.61 14.90 3.84
C LYS B 90 -4.69 15.91 4.27
N LYS B 91 -4.56 17.11 3.76
CA LYS B 91 -5.64 18.09 3.72
C LYS B 91 -5.57 18.72 2.35
N ASP B 92 -4.90 17.98 1.45
CA ASP B 92 -4.65 18.42 0.08
C ASP B 92 -5.88 18.33 -0.81
N LEU B 93 -6.81 19.21 -0.55
CA LEU B 93 -8.03 19.37 -1.34
C LEU B 93 -8.16 20.86 -1.59
N LYS B 94 -7.11 21.54 -1.12
CA LYS B 94 -6.96 22.98 -1.21
C LYS B 94 -5.48 23.30 -1.35
N ILE B 95 -4.66 22.63 -0.51
CA ILE B 95 -3.19 22.82 -0.52
C ILE B 95 -2.52 22.18 0.71
N ARG B 96 -1.55 21.29 0.46
CA ARG B 96 -0.77 20.64 1.53
C ARG B 96 0.56 20.11 1.01
N LYS B 97 1.21 20.94 0.22
CA LYS B 97 2.52 20.66 -0.36
C LYS B 97 2.86 21.80 -1.30
N LYS B 98 4.10 22.24 -1.25
CA LYS B 98 4.44 23.58 -1.74
C LYS B 98 5.94 23.82 -1.60
N MET C 1 2.01 24.07 -4.64
CA MET C 1 1.23 22.87 -5.02
C MET C 1 2.14 21.75 -5.52
N ALA C 2 3.40 21.78 -5.10
CA ALA C 2 4.37 20.77 -5.54
C ALA C 2 5.15 20.19 -4.38
N ALA C 3 4.96 18.89 -4.17
CA ALA C 3 5.76 18.12 -3.23
C ALA C 3 7.22 18.07 -3.64
N GLU C 4 8.04 18.92 -3.04
CA GLU C 4 9.49 18.86 -3.24
C GLU C 4 10.05 17.67 -2.47
N PRO C 5 11.31 17.24 -2.73
CA PRO C 5 11.88 16.02 -2.14
C PRO C 5 11.53 15.84 -0.66
N LEU C 6 11.34 14.61 -0.24
CA LEU C 6 10.79 14.35 1.05
C LEU C 6 11.70 13.54 1.96
N THR C 7 11.22 13.36 3.19
CA THR C 7 11.84 12.49 4.19
C THR C 7 11.78 11.03 3.71
N GLU C 8 12.30 10.07 4.48
CA GLU C 8 12.58 8.74 3.93
C GLU C 8 11.31 7.91 3.69
N LEU C 9 10.46 7.76 4.69
CA LEU C 9 9.23 7.00 4.47
C LEU C 9 8.36 7.70 3.44
N GLU C 10 8.55 8.99 3.34
CA GLU C 10 7.89 9.77 2.30
C GLU C 10 8.52 9.46 0.98
N GLU C 11 9.85 9.35 0.97
CA GLU C 11 10.58 9.03 -0.24
C GLU C 11 10.01 7.77 -0.81
N SER C 12 9.68 6.86 0.09
CA SER C 12 9.14 5.59 -0.35
C SER C 12 7.68 5.70 -0.82
N ILE C 13 6.83 6.46 -0.12
CA ILE C 13 5.43 6.60 -0.53
C ILE C 13 5.20 7.64 -1.64
N GLU C 14 5.95 8.74 -1.64
CA GLU C 14 5.89 9.73 -2.73
C GLU C 14 6.22 9.05 -4.06
N THR C 15 7.28 8.26 -4.03
CA THR C 15 7.69 7.48 -5.19
C THR C 15 6.54 6.67 -5.78
N VAL C 16 5.66 6.17 -4.91
CA VAL C 16 4.49 5.43 -5.34
C VAL C 16 3.53 6.33 -6.11
N VAL C 17 3.49 7.59 -5.69
CA VAL C 17 2.58 8.57 -6.25
C VAL C 17 2.95 8.94 -7.67
N THR C 18 4.21 9.31 -7.83
CA THR C 18 4.69 9.89 -9.07
C THR C 18 4.47 8.97 -10.26
N THR C 19 4.79 7.70 -10.07
CA THR C 19 4.60 6.71 -11.13
C THR C 19 3.12 6.62 -11.47
N PHE C 20 2.37 6.35 -10.42
CA PHE C 20 0.90 6.34 -10.42
C PHE C 20 0.32 7.54 -11.18
N PHE C 21 0.73 8.76 -10.80
CA PHE C 21 0.21 10.01 -11.38
C PHE C 21 0.55 10.16 -12.85
N THR C 22 1.70 9.64 -13.26
CA THR C 22 2.11 9.70 -14.65
C THR C 22 1.06 8.99 -15.53
N PHE C 23 0.48 7.92 -15.02
CA PHE C 23 -0.54 7.19 -15.74
C PHE C 23 -1.92 7.77 -15.48
N ALA C 24 -2.17 8.14 -14.23
CA ALA C 24 -3.44 8.78 -13.85
C ALA C 24 -3.71 10.03 -14.68
N ARG C 25 -2.65 10.76 -15.00
CA ARG C 25 -2.79 12.00 -15.78
C ARG C 25 -2.88 11.73 -17.30
N GLN C 26 -2.50 10.53 -17.72
CA GLN C 26 -2.52 10.17 -19.15
C GLN C 26 -3.91 10.31 -19.78
N GLU C 27 -4.85 9.47 -19.35
CA GLU C 27 -6.21 9.50 -19.90
C GLU C 27 -7.15 10.32 -19.01
N GLY C 28 -8.46 10.13 -19.20
CA GLY C 28 -9.46 10.86 -18.43
C GLY C 28 -9.26 10.76 -16.93
N ARG C 29 -9.56 11.86 -16.23
CA ARG C 29 -9.40 11.93 -14.78
C ARG C 29 -7.92 11.80 -14.41
N LYS C 30 -7.23 12.93 -14.32
CA LYS C 30 -5.79 12.95 -14.02
C LYS C 30 -5.50 12.56 -12.57
N ASP C 31 -6.54 12.25 -11.80
CA ASP C 31 -6.36 11.88 -10.40
C ASP C 31 -6.51 10.37 -10.19
N SER C 32 -7.00 9.66 -11.20
CA SER C 32 -7.21 8.22 -11.08
C SER C 32 -6.99 7.50 -12.40
N LEU C 33 -6.53 6.26 -12.32
CA LEU C 33 -6.29 5.44 -13.53
C LEU C 33 -7.59 4.78 -13.95
N SER C 34 -7.82 4.66 -15.25
CA SER C 34 -9.04 4.05 -15.73
C SER C 34 -8.87 2.54 -15.90
N VAL C 35 -9.90 1.89 -16.42
CA VAL C 35 -9.85 0.44 -16.64
C VAL C 35 -8.90 0.07 -17.77
N ASN C 36 -8.53 1.06 -18.57
CA ASN C 36 -7.62 0.86 -19.69
C ASN C 36 -6.18 0.93 -19.21
N GLU C 37 -5.90 1.83 -18.27
CA GLU C 37 -4.55 2.00 -17.72
C GLU C 37 -4.23 0.86 -16.76
N PHE C 38 -5.26 0.27 -16.17
CA PHE C 38 -5.10 -0.83 -15.26
C PHE C 38 -4.72 -2.01 -16.10
N LYS C 39 -5.50 -2.20 -17.16
CA LYS C 39 -5.26 -3.28 -18.09
C LYS C 39 -3.89 -3.14 -18.75
N GLU C 40 -3.49 -1.91 -19.09
CA GLU C 40 -2.17 -1.70 -19.68
C GLU C 40 -1.05 -2.12 -18.74
N LEU C 41 -1.14 -1.74 -17.49
CA LEU C 41 -0.09 -2.04 -16.53
C LEU C 41 -0.13 -3.52 -16.17
N VAL C 42 -1.32 -4.04 -16.00
CA VAL C 42 -1.49 -5.41 -15.59
C VAL C 42 -0.96 -6.32 -16.69
N THR C 43 -1.38 -6.05 -17.91
CA THR C 43 -0.88 -6.74 -19.09
C THR C 43 0.62 -6.49 -19.34
N GLN C 44 1.02 -5.22 -19.39
CA GLN C 44 2.36 -4.84 -19.78
C GLN C 44 3.34 -4.79 -18.61
N GLN C 45 2.97 -4.08 -17.54
CA GLN C 45 3.88 -3.83 -16.43
C GLN C 45 3.85 -4.97 -15.40
N LEU C 46 2.74 -5.69 -15.31
CA LEU C 46 2.53 -6.63 -14.22
C LEU C 46 2.80 -8.11 -14.53
N PRO C 47 3.02 -8.57 -15.80
CA PRO C 47 3.30 -10.00 -16.08
C PRO C 47 4.32 -10.60 -15.12
N HIS C 48 5.32 -9.79 -14.78
CA HIS C 48 6.34 -10.23 -13.83
C HIS C 48 5.80 -10.21 -12.41
N LEU C 49 5.08 -9.14 -12.06
CA LEU C 49 4.52 -8.98 -10.72
C LEU C 49 3.28 -9.83 -10.52
N LEU C 50 2.18 -9.36 -11.09
CA LEU C 50 0.90 -10.04 -10.99
C LEU C 50 0.70 -10.97 -12.15
N LYS C 51 1.16 -12.18 -11.93
CA LYS C 51 1.01 -13.30 -12.85
C LYS C 51 -0.46 -13.66 -13.09
N ASP C 52 -1.19 -12.70 -13.55
CA ASP C 52 -2.60 -12.83 -13.88
C ASP C 52 -2.98 -11.66 -14.75
N VAL C 53 -2.30 -11.59 -15.88
CA VAL C 53 -2.45 -10.48 -16.81
C VAL C 53 -3.70 -10.65 -17.66
N GLY C 54 -4.32 -11.82 -17.56
CA GLY C 54 -5.53 -12.07 -18.31
C GLY C 54 -6.74 -11.46 -17.65
N SER C 55 -7.27 -12.16 -16.65
CA SER C 55 -8.51 -11.76 -15.99
C SER C 55 -8.28 -10.66 -14.96
N LEU C 56 -7.75 -9.55 -15.44
CA LEU C 56 -7.62 -8.34 -14.65
C LEU C 56 -8.93 -8.03 -13.93
N ASP C 57 -10.02 -8.45 -14.57
CA ASP C 57 -11.39 -8.19 -14.13
C ASP C 57 -11.55 -8.39 -12.64
N GLU C 58 -11.19 -9.56 -12.13
CA GLU C 58 -11.49 -9.90 -10.72
C GLU C 58 -10.95 -8.84 -9.76
N LYS C 59 -9.71 -8.47 -9.97
CA LYS C 59 -9.03 -7.51 -9.15
C LYS C 59 -9.63 -6.14 -9.36
N MET C 60 -9.86 -5.83 -10.65
CA MET C 60 -10.52 -4.61 -11.04
C MET C 60 -11.82 -4.45 -10.27
N LYS C 61 -12.66 -5.48 -10.28
CA LYS C 61 -13.97 -5.42 -9.61
C LYS C 61 -13.81 -5.14 -8.12
N SER C 62 -12.78 -5.72 -7.51
CA SER C 62 -12.55 -5.56 -6.08
C SER C 62 -12.18 -4.12 -5.74
N LEU C 63 -11.49 -3.47 -6.67
CA LEU C 63 -11.05 -2.09 -6.51
C LEU C 63 -12.13 -1.12 -6.96
N ASP C 64 -12.65 -1.41 -8.14
CA ASP C 64 -13.74 -0.67 -8.79
C ASP C 64 -15.00 -0.62 -7.95
N VAL C 65 -15.05 -1.48 -6.91
CA VAL C 65 -16.28 -2.00 -6.27
C VAL C 65 -17.50 -1.05 -6.27
N ASN C 66 -17.29 0.24 -6.06
CA ASN C 66 -18.38 1.21 -6.01
C ASN C 66 -18.92 1.50 -7.42
N GLN C 67 -18.66 0.55 -8.34
CA GLN C 67 -19.08 0.64 -9.73
C GLN C 67 -18.38 1.78 -10.46
N ASP C 68 -17.39 2.36 -9.78
CA ASP C 68 -16.61 3.45 -10.31
C ASP C 68 -15.40 2.90 -11.06
N SER C 69 -15.31 3.19 -12.35
CA SER C 69 -14.22 2.70 -13.19
C SER C 69 -12.94 3.52 -13.04
N GLU C 70 -12.79 4.19 -11.89
CA GLU C 70 -11.62 5.00 -11.63
C GLU C 70 -10.88 4.46 -10.41
N LEU C 71 -9.61 4.09 -10.58
CA LEU C 71 -8.83 3.59 -9.50
C LEU C 71 -8.28 4.76 -8.67
N LYS C 72 -9.18 5.32 -7.87
CA LYS C 72 -8.91 6.55 -7.12
C LYS C 72 -8.32 6.36 -5.73
N PHE C 73 -8.43 7.46 -4.96
CA PHE C 73 -7.93 7.58 -3.60
C PHE C 73 -8.21 6.36 -2.73
N ASN C 74 -7.22 5.48 -2.70
CA ASN C 74 -7.23 4.26 -1.88
C ASN C 74 -8.45 3.35 -2.06
N GLU C 75 -9.10 3.46 -3.21
CA GLU C 75 -9.86 2.31 -3.74
C GLU C 75 -8.88 1.38 -4.46
N TYR C 76 -8.01 1.99 -5.27
CA TYR C 76 -6.91 1.29 -5.94
C TYR C 76 -6.06 0.54 -4.92
N TRP C 77 -5.84 1.24 -3.82
CA TRP C 77 -4.94 0.83 -2.74
C TRP C 77 -4.93 -0.67 -2.45
N ARG C 78 -6.08 -1.32 -2.45
CA ARG C 78 -6.12 -2.73 -2.16
C ARG C 78 -5.11 -3.44 -3.03
N LEU C 79 -5.15 -3.16 -4.33
CA LEU C 79 -4.19 -3.74 -5.28
C LEU C 79 -2.78 -3.29 -4.92
N ILE C 80 -2.62 -2.00 -4.59
CA ILE C 80 -1.31 -1.44 -4.25
C ILE C 80 -0.69 -2.19 -3.09
N GLY C 81 -1.54 -2.65 -2.18
CA GLY C 81 -1.07 -3.41 -1.06
C GLY C 81 -0.76 -4.82 -1.46
N GLU C 82 -1.63 -5.37 -2.30
CA GLU C 82 -1.39 -6.66 -2.86
C GLU C 82 -0.07 -6.61 -3.64
N LEU C 83 0.22 -5.45 -4.22
CA LEU C 83 1.44 -5.25 -5.03
C LEU C 83 2.69 -5.38 -4.17
N ALA C 84 2.79 -4.55 -3.14
CA ALA C 84 3.97 -4.53 -2.27
C ALA C 84 4.14 -5.87 -1.54
N LYS C 85 3.04 -6.56 -1.33
CA LYS C 85 3.08 -7.85 -0.70
C LYS C 85 3.56 -8.91 -1.69
N GLU C 86 2.94 -8.91 -2.88
CA GLU C 86 3.23 -9.89 -3.93
C GLU C 86 4.71 -9.91 -4.28
N ILE C 87 5.30 -8.74 -4.45
CA ILE C 87 6.74 -8.65 -4.74
C ILE C 87 7.55 -9.40 -3.68
N ARG C 88 7.05 -9.41 -2.46
CA ARG C 88 7.75 -10.07 -1.37
C ARG C 88 7.36 -11.54 -1.23
N LYS C 89 6.10 -11.83 -0.98
CA LYS C 89 5.71 -13.23 -0.77
C LYS C 89 5.02 -13.83 -1.99
N LYS C 90 5.46 -13.44 -3.18
CA LYS C 90 4.86 -13.96 -4.43
C LYS C 90 4.72 -15.48 -4.37
N LYS C 91 5.85 -16.16 -4.42
CA LYS C 91 5.97 -17.54 -3.99
C LYS C 91 7.27 -17.60 -3.21
N ASP C 92 7.70 -16.44 -2.74
CA ASP C 92 8.97 -16.32 -2.02
C ASP C 92 8.94 -16.89 -0.61
N LEU C 93 8.80 -18.20 -0.55
CA LEU C 93 8.84 -18.97 0.68
C LEU C 93 9.72 -20.16 0.35
N LYS C 94 10.49 -19.94 -0.72
CA LYS C 94 11.44 -20.88 -1.26
C LYS C 94 12.46 -20.11 -2.11
N ILE C 95 11.95 -19.31 -3.05
CA ILE C 95 12.80 -18.48 -3.93
C ILE C 95 12.02 -17.91 -5.14
N ARG C 96 12.04 -16.58 -5.29
CA ARG C 96 11.41 -15.92 -6.45
C ARG C 96 11.99 -14.53 -6.70
N LYS C 97 13.31 -14.47 -6.66
CA LYS C 97 14.08 -13.27 -6.93
C LYS C 97 15.55 -13.65 -7.00
N LYS C 98 16.22 -13.21 -8.05
CA LYS C 98 17.46 -13.83 -8.45
C LYS C 98 18.06 -13.08 -9.63
N ASN D 1 -16.56 -1.33 -30.34
CA ASN D 1 -17.12 -1.10 -29.00
C ASN D 1 -18.27 -0.11 -29.11
N VAL D 2 -18.85 0.31 -28.00
CA VAL D 2 -19.88 1.31 -28.04
C VAL D 2 -19.25 2.67 -27.82
N LYS D 3 -19.42 3.55 -28.79
CA LYS D 3 -18.89 4.89 -28.69
C LYS D 3 -20.00 5.86 -28.34
N TYR D 4 -19.65 6.88 -27.59
CA TYR D 4 -20.58 7.96 -27.35
C TYR D 4 -20.17 9.09 -28.28
N ASN D 5 -21.01 9.35 -29.26
CA ASN D 5 -20.60 10.16 -30.39
C ASN D 5 -21.07 11.58 -30.21
N PHE D 6 -20.21 12.51 -30.57
CA PHE D 6 -20.49 13.92 -30.33
C PHE D 6 -21.72 14.33 -31.12
N MET D 7 -22.62 14.99 -30.40
CA MET D 7 -23.94 15.31 -30.89
C MET D 7 -23.93 16.70 -31.52
N ARG D 8 -23.70 17.75 -30.74
CA ARG D 8 -23.68 19.09 -31.32
C ARG D 8 -22.96 20.09 -30.44
N ILE D 9 -22.33 21.05 -31.12
CA ILE D 9 -21.63 22.16 -30.48
C ILE D 9 -22.62 23.26 -30.11
N ILE D 10 -22.70 23.55 -28.82
CA ILE D 10 -23.55 24.59 -28.32
C ILE D 10 -22.77 25.89 -28.34
N LYS D 11 -22.74 26.57 -27.22
CA LYS D 11 -22.19 27.91 -27.15
C LYS D 11 -20.82 27.83 -26.51
N TYR D 12 -20.01 28.85 -26.70
CA TYR D 12 -18.61 28.77 -26.31
C TYR D 12 -18.09 30.08 -25.78
N GLU D 13 -17.07 29.96 -24.94
CA GLU D 13 -16.42 31.09 -24.25
C GLU D 13 -17.43 31.98 -23.53
N PHE D 14 -18.54 31.38 -23.11
CA PHE D 14 -19.51 32.06 -22.29
C PHE D 14 -19.39 31.60 -20.84
N ILE D 15 -19.59 32.52 -19.90
CA ILE D 15 -19.37 32.21 -18.50
C ILE D 15 -20.69 32.10 -17.72
N LEU D 16 -20.75 31.12 -16.86
CA LEU D 16 -21.90 30.87 -16.01
C LEU D 16 -21.65 31.39 -14.60
N ASN D 17 -22.65 32.08 -14.08
CA ASN D 17 -22.64 32.60 -12.72
C ASN D 17 -23.89 32.08 -12.02
N ASP D 18 -23.78 31.84 -10.74
CA ASP D 18 -24.83 31.14 -9.99
C ASP D 18 -25.77 32.15 -9.35
N ALA D 19 -26.72 31.67 -8.56
CA ALA D 19 -27.66 32.55 -7.88
C ALA D 19 -26.95 33.47 -6.87
N LEU D 20 -25.72 33.13 -6.49
CA LEU D 20 -24.89 33.99 -5.65
C LEU D 20 -24.37 35.12 -6.52
N ASN D 21 -24.44 34.84 -7.81
CA ASN D 21 -23.92 35.71 -8.84
C ASN D 21 -22.44 35.90 -8.68
N GLN D 22 -21.70 34.87 -9.05
CA GLN D 22 -20.26 34.89 -8.98
C GLN D 22 -19.69 34.26 -10.22
N SER D 23 -18.85 34.99 -10.90
CA SER D 23 -18.21 34.50 -12.10
C SER D 23 -17.23 33.41 -11.75
N ILE D 24 -17.29 32.32 -12.47
CA ILE D 24 -16.38 31.22 -12.21
C ILE D 24 -14.96 31.62 -12.64
N ILE D 25 -14.17 32.09 -11.69
CA ILE D 25 -12.91 32.72 -12.01
C ILE D 25 -11.76 31.74 -11.87
N ARG D 26 -10.75 31.91 -12.71
CA ARG D 26 -9.62 31.01 -12.76
C ARG D 26 -8.59 31.39 -11.70
N ALA D 27 -8.47 30.56 -10.67
CA ALA D 27 -7.46 30.77 -9.64
C ALA D 27 -6.22 29.96 -9.96
N ASN D 28 -6.46 28.74 -10.44
CA ASN D 28 -5.38 27.82 -10.82
C ASN D 28 -5.88 26.86 -11.89
N ASP D 29 -5.01 25.96 -12.34
CA ASP D 29 -5.38 24.97 -13.36
C ASP D 29 -5.94 23.69 -12.73
N GLN D 30 -6.37 23.79 -11.48
CA GLN D 30 -6.93 22.66 -10.76
C GLN D 30 -7.97 23.15 -9.74
N TYR D 31 -7.81 24.41 -9.31
CA TYR D 31 -8.72 25.02 -8.34
C TYR D 31 -9.37 26.28 -8.91
N LEU D 32 -10.69 26.40 -8.74
CA LEU D 32 -11.43 27.57 -9.22
C LEU D 32 -12.39 28.07 -8.16
N THR D 33 -12.41 29.38 -7.95
CA THR D 33 -13.28 30.02 -6.97
C THR D 33 -14.24 30.96 -7.68
N ALA D 34 -15.46 31.04 -7.19
CA ALA D 34 -16.44 31.91 -7.81
C ALA D 34 -16.38 33.29 -7.19
N ALA D 35 -16.23 34.28 -8.05
CA ALA D 35 -16.19 35.67 -7.64
C ALA D 35 -16.64 36.53 -8.81
N ALA D 36 -17.40 37.58 -8.54
CA ALA D 36 -17.88 38.45 -9.61
C ALA D 36 -16.69 39.03 -10.38
N LEU D 37 -16.72 38.90 -11.71
CA LEU D 37 -15.58 39.31 -12.51
C LEU D 37 -15.38 40.80 -12.43
N HIS D 38 -14.13 41.19 -12.57
CA HIS D 38 -13.76 42.58 -12.51
C HIS D 38 -12.67 42.87 -13.54
N ASN D 39 -12.04 41.81 -14.02
CA ASN D 39 -11.14 41.93 -15.18
C ASN D 39 -11.83 41.36 -16.43
N LEU D 40 -13.03 40.80 -16.22
CA LEU D 40 -13.88 40.25 -17.30
C LEU D 40 -13.23 39.05 -17.98
N ASP D 41 -12.15 39.28 -18.71
CA ASP D 41 -11.35 38.16 -19.20
C ASP D 41 -10.48 37.71 -18.05
N GLU D 42 -11.16 37.07 -17.14
CA GLU D 42 -10.61 36.70 -15.84
C GLU D 42 -11.19 35.37 -15.38
N ALA D 43 -12.44 35.16 -15.74
CA ALA D 43 -13.11 33.91 -15.52
C ALA D 43 -12.77 32.94 -16.64
N VAL D 44 -12.92 31.65 -16.38
CA VAL D 44 -12.60 30.64 -17.36
C VAL D 44 -13.73 30.55 -18.35
N LYS D 45 -13.40 30.59 -19.62
CA LYS D 45 -14.42 30.60 -20.62
C LYS D 45 -14.68 29.20 -21.07
N PHE D 46 -15.88 28.75 -20.82
CA PHE D 46 -16.24 27.39 -21.13
C PHE D 46 -17.01 27.31 -22.42
N ASP D 47 -17.01 26.12 -22.95
CA ASP D 47 -17.69 25.76 -24.18
C ASP D 47 -18.28 24.39 -24.01
N MET D 48 -19.46 24.22 -24.55
CA MET D 48 -20.19 23.00 -24.36
C MET D 48 -20.13 22.15 -25.62
N GLY D 49 -19.81 20.88 -25.42
CA GLY D 49 -19.78 19.94 -26.51
C GLY D 49 -20.50 18.68 -26.10
N ALA D 50 -21.59 18.38 -26.79
CA ALA D 50 -22.46 17.32 -26.35
C ALA D 50 -21.98 15.99 -26.89
N TYR D 51 -22.23 14.94 -26.14
CA TYR D 51 -21.89 13.60 -26.57
C TYR D 51 -23.16 12.78 -26.45
N LYS D 52 -23.25 11.65 -27.10
CA LYS D 52 -24.49 10.94 -27.06
C LYS D 52 -24.30 9.45 -26.80
N SER D 53 -24.91 9.02 -25.72
CA SER D 53 -25.18 7.63 -25.44
C SER D 53 -26.55 7.61 -24.79
N SER D 54 -27.24 6.49 -24.77
CA SER D 54 -28.54 6.47 -24.12
C SER D 54 -28.39 6.11 -22.66
N LYS D 55 -27.42 6.75 -22.02
CA LYS D 55 -27.21 6.59 -20.60
C LYS D 55 -27.25 7.93 -19.87
N ASP D 56 -28.05 8.88 -20.35
CA ASP D 56 -28.17 10.14 -19.64
C ASP D 56 -29.16 9.98 -18.50
N ASP D 57 -30.16 10.87 -18.43
CA ASP D 57 -31.40 10.56 -17.75
C ASP D 57 -32.57 10.86 -18.68
N ALA D 58 -32.93 12.15 -18.74
CA ALA D 58 -33.93 12.66 -19.67
C ALA D 58 -33.40 13.90 -20.41
N LYS D 59 -32.09 14.07 -20.42
CA LYS D 59 -31.45 15.32 -20.85
C LYS D 59 -30.11 15.01 -21.49
N ILE D 60 -29.72 15.81 -22.45
CA ILE D 60 -28.57 15.51 -23.28
C ILE D 60 -27.35 16.18 -22.68
N THR D 61 -26.22 15.56 -22.85
CA THR D 61 -25.07 15.83 -22.01
C THR D 61 -23.92 16.41 -22.82
N VAL D 62 -23.26 17.42 -22.24
CA VAL D 62 -22.17 18.11 -22.91
C VAL D 62 -20.95 18.17 -21.98
N ILE D 63 -19.79 18.49 -22.55
CA ILE D 63 -18.57 18.57 -21.78
C ILE D 63 -18.17 20.03 -21.66
N LEU D 64 -17.79 20.43 -20.47
CA LEU D 64 -17.43 21.83 -20.24
C LEU D 64 -15.92 21.98 -20.20
N ARG D 65 -15.43 22.75 -21.17
CA ARG D 65 -14.01 22.92 -21.41
C ARG D 65 -13.70 24.38 -21.65
N ILE D 66 -12.48 24.81 -21.35
CA ILE D 66 -12.09 26.18 -21.60
C ILE D 66 -11.72 26.29 -23.08
N SER D 67 -12.32 27.25 -23.76
CA SER D 67 -12.24 27.36 -25.22
C SER D 67 -10.82 27.23 -25.77
N LYS D 68 -9.81 27.57 -24.97
CA LYS D 68 -8.43 27.54 -25.45
C LYS D 68 -7.78 26.17 -25.20
N THR D 69 -7.80 25.71 -23.96
CA THR D 69 -7.22 24.43 -23.61
C THR D 69 -8.29 23.46 -23.17
N GLN D 70 -7.99 22.20 -23.03
CA GLN D 70 -9.06 21.28 -22.71
C GLN D 70 -9.04 20.98 -21.23
N LEU D 71 -9.53 21.96 -20.48
CA LEU D 71 -9.65 21.88 -19.03
C LEU D 71 -11.10 21.58 -18.68
N TYR D 72 -11.38 20.34 -18.27
CA TYR D 72 -12.73 19.95 -17.98
C TYR D 72 -12.93 19.96 -16.48
N VAL D 73 -14.10 20.32 -16.01
CA VAL D 73 -14.39 20.13 -14.61
C VAL D 73 -14.97 18.73 -14.44
N THR D 74 -14.26 17.92 -13.66
CA THR D 74 -14.68 16.56 -13.40
C THR D 74 -15.32 16.43 -12.03
N ALA D 75 -16.26 15.50 -11.91
CA ALA D 75 -16.95 15.27 -10.64
C ALA D 75 -16.18 14.26 -9.80
N GLN D 76 -15.70 14.71 -8.63
CA GLN D 76 -14.95 13.84 -7.74
C GLN D 76 -15.86 12.91 -6.94
N ASP D 77 -16.38 13.40 -5.83
CA ASP D 77 -17.26 12.60 -4.98
C ASP D 77 -17.97 13.48 -3.95
N GLU D 78 -19.27 13.69 -4.15
CA GLU D 78 -20.07 14.53 -3.25
C GLU D 78 -19.47 15.92 -3.16
N ASP D 79 -19.33 16.44 -1.94
CA ASP D 79 -18.82 17.79 -1.70
C ASP D 79 -17.32 17.76 -1.44
N GLN D 80 -16.63 17.75 -2.59
CA GLN D 80 -15.19 17.76 -2.70
C GLN D 80 -14.84 18.57 -3.96
N PRO D 81 -13.92 19.53 -3.85
CA PRO D 81 -13.54 20.44 -4.97
C PRO D 81 -13.32 19.77 -6.32
N VAL D 82 -13.85 20.41 -7.36
CA VAL D 82 -13.71 19.98 -8.75
C VAL D 82 -12.26 19.98 -9.20
N LEU D 83 -11.87 18.93 -9.89
CA LEU D 83 -10.51 18.79 -10.39
C LEU D 83 -10.46 19.13 -11.88
N LEU D 84 -9.73 20.20 -12.20
CA LEU D 84 -9.60 20.63 -13.58
C LEU D 84 -8.55 19.80 -14.31
N LYS D 85 -9.01 18.98 -15.26
CA LYS D 85 -8.13 18.10 -16.03
C LYS D 85 -7.76 18.73 -17.36
N GLU D 86 -6.51 18.55 -17.79
CA GLU D 86 -6.05 19.13 -19.06
C GLU D 86 -5.46 18.06 -19.98
N MET D 87 -6.08 17.90 -21.15
CA MET D 87 -5.63 16.93 -22.14
C MET D 87 -5.75 17.51 -23.55
N PRO D 88 -4.64 17.54 -24.31
CA PRO D 88 -4.61 18.06 -25.69
C PRO D 88 -5.70 17.46 -26.58
N GLU D 89 -6.47 18.35 -27.21
CA GLU D 89 -7.51 18.01 -28.18
C GLU D 89 -8.72 17.31 -27.54
N ILE D 90 -9.90 17.76 -27.95
CA ILE D 90 -11.18 17.20 -27.48
C ILE D 90 -11.49 15.85 -28.11
N PRO D 91 -11.81 14.84 -27.29
CA PRO D 91 -12.22 13.53 -27.77
C PRO D 91 -13.55 13.60 -28.52
N LYS D 92 -13.68 12.78 -29.54
CA LYS D 92 -14.90 12.73 -30.35
C LYS D 92 -15.74 11.52 -29.92
N THR D 93 -15.06 10.57 -29.32
CA THR D 93 -15.67 9.33 -28.87
C THR D 93 -15.29 9.09 -27.42
N ILE D 94 -16.27 9.03 -26.57
CA ILE D 94 -16.08 9.05 -25.14
C ILE D 94 -16.14 7.63 -24.57
N THR D 95 -15.05 7.30 -23.91
CA THR D 95 -14.91 6.01 -23.30
C THR D 95 -15.20 6.15 -21.83
N GLY D 96 -14.96 5.07 -21.08
CA GLY D 96 -15.21 5.07 -19.64
C GLY D 96 -14.11 5.77 -18.84
N SER D 97 -13.25 6.52 -19.53
CA SER D 97 -12.17 7.25 -18.89
C SER D 97 -12.60 8.67 -18.56
N GLU D 98 -13.36 9.25 -19.49
CA GLU D 98 -13.86 10.62 -19.34
C GLU D 98 -15.35 10.61 -18.99
N THR D 99 -15.69 10.01 -17.85
CA THR D 99 -17.08 9.94 -17.42
C THR D 99 -17.38 10.92 -16.29
N ASN D 100 -16.34 11.61 -15.82
CA ASN D 100 -16.50 12.58 -14.73
C ASN D 100 -16.75 13.98 -15.27
N LEU D 101 -16.18 14.27 -16.44
CA LEU D 101 -16.33 15.59 -17.06
C LEU D 101 -17.61 15.67 -17.90
N LEU D 102 -18.52 14.73 -17.70
CA LEU D 102 -19.77 14.72 -18.46
C LEU D 102 -20.85 15.41 -17.64
N PHE D 103 -21.77 16.15 -18.28
CA PHE D 103 -22.69 16.95 -17.50
C PHE D 103 -24.10 16.96 -18.05
N PHE D 104 -24.99 16.51 -17.19
CA PHE D 104 -26.42 16.46 -17.47
C PHE D 104 -27.01 17.82 -17.14
N TRP D 105 -27.26 18.61 -18.17
CA TRP D 105 -27.71 19.98 -17.94
C TRP D 105 -29.23 20.09 -18.01
N GLU D 106 -29.83 20.43 -16.88
CA GLU D 106 -31.26 20.65 -16.81
C GLU D 106 -31.56 22.15 -16.76
N THR D 107 -32.09 22.68 -17.84
CA THR D 107 -32.33 24.11 -17.96
C THR D 107 -33.78 24.46 -17.66
N HIS D 108 -33.98 25.44 -16.77
CA HIS D 108 -35.31 25.91 -16.43
C HIS D 108 -35.42 27.40 -16.69
N GLY D 109 -35.98 27.75 -17.84
CA GLY D 109 -36.13 29.15 -18.21
C GLY D 109 -34.78 29.86 -18.35
N THR D 110 -34.38 30.56 -17.30
CA THR D 110 -33.12 31.29 -17.30
C THR D 110 -32.06 30.54 -16.51
N LYS D 111 -32.47 29.96 -15.38
CA LYS D 111 -31.55 29.21 -14.53
C LYS D 111 -31.34 27.82 -15.09
N ASN D 112 -30.27 27.20 -14.67
CA ASN D 112 -29.91 25.88 -15.16
C ASN D 112 -29.09 25.14 -14.12
N TYR D 113 -29.21 23.83 -14.14
CA TYR D 113 -28.47 22.98 -13.22
C TYR D 113 -27.41 22.18 -13.98
N PHE D 114 -26.42 21.70 -13.25
CA PHE D 114 -25.39 20.85 -13.81
C PHE D 114 -25.26 19.57 -12.98
N THR D 115 -25.88 18.52 -13.49
CA THR D 115 -25.91 17.24 -12.81
C THR D 115 -24.76 16.35 -13.26
N SER D 116 -24.11 15.67 -12.31
CA SER D 116 -23.04 14.74 -12.63
C SER D 116 -23.59 13.46 -13.24
N VAL D 117 -23.05 13.07 -14.39
CA VAL D 117 -23.44 11.83 -15.05
C VAL D 117 -22.74 10.64 -14.38
N ALA D 118 -21.63 10.92 -13.70
CA ALA D 118 -20.88 9.87 -13.00
C ALA D 118 -21.68 9.39 -11.78
N HIS D 119 -21.78 10.27 -10.79
CA HIS D 119 -22.55 9.97 -9.57
C HIS D 119 -23.76 10.88 -9.54
N PRO D 120 -24.97 10.30 -9.58
CA PRO D 120 -26.25 11.02 -9.65
C PRO D 120 -26.43 12.08 -8.56
N ASN D 121 -26.07 11.75 -7.33
CA ASN D 121 -26.33 12.61 -6.17
C ASN D 121 -25.44 13.86 -6.18
N LEU D 122 -24.58 13.97 -7.18
CA LEU D 122 -23.66 15.09 -7.26
C LEU D 122 -24.26 16.20 -8.12
N PHE D 123 -24.08 17.40 -7.64
CA PHE D 123 -24.58 18.60 -8.29
C PHE D 123 -23.56 19.71 -8.05
N ILE D 124 -23.39 20.61 -8.99
CA ILE D 124 -22.31 21.60 -8.88
C ILE D 124 -22.77 22.80 -8.06
N ALA D 125 -22.31 22.85 -6.81
CA ALA D 125 -22.75 23.86 -5.84
C ALA D 125 -21.84 25.06 -5.83
N THR D 126 -22.38 26.19 -5.37
CA THR D 126 -21.61 27.41 -5.37
C THR D 126 -21.47 27.95 -3.95
N LYS D 127 -20.24 28.27 -3.60
CA LYS D 127 -19.88 28.75 -2.28
C LYS D 127 -19.58 30.25 -2.33
N GLN D 128 -19.78 30.93 -1.21
CA GLN D 128 -19.52 32.37 -1.11
C GLN D 128 -18.01 32.67 -0.99
N ASP D 129 -17.27 31.76 -0.38
CA ASP D 129 -15.86 32.01 -0.11
C ASP D 129 -14.95 30.91 -0.67
N TYR D 130 -15.47 29.69 -0.73
CA TYR D 130 -14.68 28.55 -1.20
C TYR D 130 -14.79 28.31 -2.69
N TRP D 131 -14.07 27.29 -3.15
CA TRP D 131 -14.03 26.90 -4.55
C TRP D 131 -15.37 26.34 -5.02
N VAL D 132 -15.68 26.56 -6.29
CA VAL D 132 -16.90 26.02 -6.87
C VAL D 132 -16.77 24.51 -7.00
N CYS D 133 -17.42 23.80 -6.10
CA CYS D 133 -17.28 22.36 -6.05
C CYS D 133 -18.52 21.65 -6.61
N LEU D 134 -18.73 20.45 -6.13
CA LEU D 134 -19.90 19.66 -6.45
C LEU D 134 -20.41 19.23 -5.11
N ALA D 135 -21.63 18.76 -5.02
CA ALA D 135 -22.19 18.52 -3.72
C ALA D 135 -23.47 17.72 -3.80
N GLY D 136 -23.88 17.30 -2.64
CA GLY D 136 -25.25 17.06 -2.42
C GLY D 136 -25.69 18.33 -1.77
N GLY D 137 -26.82 18.81 -2.15
CA GLY D 137 -27.14 20.18 -1.80
C GLY D 137 -28.12 20.39 -0.65
N PRO D 138 -27.59 20.69 0.54
CA PRO D 138 -28.27 21.46 1.56
C PRO D 138 -27.69 22.89 1.61
N PRO D 139 -28.52 23.90 1.93
CA PRO D 139 -28.38 25.34 1.65
C PRO D 139 -27.17 25.89 0.83
N SER D 140 -26.37 25.06 0.20
CA SER D 140 -25.41 25.50 -0.80
C SER D 140 -26.18 25.83 -2.08
N ILE D 141 -25.77 26.87 -2.78
CA ILE D 141 -26.48 27.27 -3.97
C ILE D 141 -26.01 26.45 -5.15
N THR D 142 -26.67 25.33 -5.40
CA THR D 142 -26.32 24.53 -6.55
C THR D 142 -27.19 24.98 -7.74
N ASP D 143 -27.42 26.29 -7.80
CA ASP D 143 -28.07 26.95 -8.93
C ASP D 143 -27.03 27.51 -9.87
N PHE D 144 -27.36 27.61 -11.14
CA PHE D 144 -26.55 28.38 -12.06
C PHE D 144 -27.43 29.19 -13.01
N GLN D 145 -26.77 30.07 -13.71
CA GLN D 145 -27.37 30.99 -14.66
C GLN D 145 -26.28 31.41 -15.61
N ILE D 146 -26.52 31.49 -16.90
CA ILE D 146 -25.44 31.83 -17.80
C ILE D 146 -25.48 33.32 -18.12
N LEU D 147 -24.48 34.03 -17.62
CA LEU D 147 -24.32 35.44 -17.92
C LEU D 147 -23.04 35.70 -18.71
N GLU D 148 -23.17 36.28 -19.88
CA GLU D 148 -22.02 36.58 -20.69
C GLU D 148 -21.45 37.95 -20.32
N ASN D 149 -20.16 38.14 -20.58
CA ASN D 149 -19.54 39.44 -20.39
C ASN D 149 -19.65 40.24 -21.69
N GLN D 150 -19.30 41.51 -21.64
CA GLN D 150 -19.42 42.37 -22.81
C GLN D 150 -18.33 42.06 -23.82
N ALA D 151 -17.09 42.10 -23.36
CA ALA D 151 -15.93 41.83 -24.19
C ALA D 151 -14.69 41.61 -23.31
#